data_7L06
#
_entry.id   7L06
#
_cell.length_a   1.00
_cell.length_b   1.00
_cell.length_c   1.00
_cell.angle_alpha   90.00
_cell.angle_beta   90.00
_cell.angle_gamma   90.00
#
_symmetry.space_group_name_H-M   'P 1'
#
loop_
_entity.id
_entity.type
_entity.pdbx_description
1 polymer 'Spike glycoprotein'
2 polymer '2G12 heavy chain'
3 polymer '2G12 light chain'
4 branched 2-acetamido-2-deoxy-beta-D-glucopyranose-(1-4)-2-acetamido-2-deoxy-beta-D-glucopyranose
5 branched alpha-D-mannopyranose-(1-3)-[alpha-D-mannopyranose-(1-6)]beta-D-mannopyranose-(1-4)-2-acetamido-2-deoxy-beta-D-glucopyranose-(1-4)-2-acetamido-2-deoxy-beta-D-glucopyranose
6 branched alpha-D-mannopyranose-(1-2)-alpha-D-mannopyranose-(1-6)-[beta-D-mannopyranose-(1-3)]alpha-D-mannopyranose-(1-6)-[beta-D-mannopyranose-(1-3)]beta-D-mannopyranose-(1-4)-2-acetamido-2-deoxy-beta-D-glucopyranose-(1-4)-2-acetamido-2-deoxy-beta-D-glucopyranose
7 branched alpha-D-mannopyranose-(1-3)-[beta-D-mannopyranose-(1-6)]beta-D-mannopyranose-(1-4)-2-acetamido-2-deoxy-beta-D-glucopyranose-(1-4)-2-acetamido-2-deoxy-beta-D-glucopyranose
8 non-polymer 2-acetamido-2-deoxy-beta-D-glucopyranose
#
loop_
_entity_poly.entity_id
_entity_poly.type
_entity_poly.pdbx_seq_one_letter_code
_entity_poly.pdbx_strand_id
1 'polypeptide(L)'
;AYTNSFTRGVYYPDKVFRSSVLHSTQDLFLPFFSNVTWFHAIHVSGTNGTKRFDNPVLPFNDGVYFASTEKSNIIRGWIF
GTTLDSKTQSLLIVNNATNVVIKVCEFQFCNDPFLGVYYHKNNKSWMESEFRVYSSANNCTFEYVSQPFLMDLEGKQGNF
KNLREFVFKNIDGYFKIYSKHTPINLVRDLPQGFSALEPLVDLPIGINITRFQTLLALHRSYLTPGDSSSGWTAGAAAYY
VGYLQPRTFLLKYNENGTITDAVDCALDPLSETKCTLKSFTVEKGIYQTSNFRVQPTESIVRFPNITNLCPFGEVFNATR
FASVYAWNRKRISNCVADYSVLYNSASFSTFKCYGVSPTKLNDLCFTNVYADSFVIRGDEVRQIAPGQTGKIADYNYKLP
DDFTGCVIAWNSNNLDSKVGGNYNYLYRLFRKSNLKPFERDISTEIYQAGSTPCNGVEGFNCYFPLQSYGFQPTNGVGYQ
PYRVVVLSFELLHAPATVCGPKKSTNLVKNKCVNFNFNGLTGTGVLTESNKKFLPFQQFGRDIADTTDAVRDPQTLEILD
ITPCSFGGVSVITPGTNTSNQVAVLYQDVNCTEVPVAIHADQLTPTWRVYSTGSNVFQTRAGCLIGAEHVNNSYECDIPI
GAGICASYQTQTNSPRRARSVASQSIIAYTMSLGAENSVAYSNNSIAIPTNFTISVTTEILPVSMTKTSVDCTMYICGDS
TECSNLLLQYGSFCTQLNRALTGIAVEQDKNTQEVFAQVKQIYKTPPIKDFGGFNFSQILPDPSKPSKRSFIEDLLFNKV
TLADAGFIKQYGDCLGDIAARDLICAQKFNGLTVLPPLLTDEMIAQYTSALLAGTITSGWTFGAGAALQIPFAMQMAYRF
NGIGVTQNVLYENQKLIANQFNSAIGKIQDSLSSTASALGKLQDVVNQNAQALNTLVKQLSSNFGAISSVLNDILSRLDP
PEAEVQIDRLITGRLQSLQTYVTQQLIRAAEIRASANLAATKMSECVLGQSKRVDFCGKGYHLMSFPQSAPHGVVFLHVT
YVPAQEKNFTTAPAICHDGKAHFPREGVFVSNGTHWFVTQRNFYEPQIITTDNTFVSGNCDVVIGIVNNTVYDPLQPELD
S
;
A,B,C
2 'polypeptide(L)'
;EVQLVESGGGLVKAGGSLILSCGVSNFRISAHTMNWVRRVPGGGLEWVASISTSSTYRDYADAVKGRFTVSRDDLEDFVY
LQMHKMRVEDTAIYYCARKGSDRLSDNDPFDAWGPGTVVTVSPASTKGPSVFPLAPS(UNK)(UNK)(UNK)(UNK)
(UNK)(UNK)(UNK)(UNK)GTAALGCLVKDYFPEPVTVSWNSGALTSGVHTFPAVLQSSGLYSLSSVVTVPSSSLGTQT
YICNVNHKPSNTKVDKKVEPK
;
D,G,H,M
3 'polypeptide(L)'
;DVVMTQSPSTLSASVGDTITITCRASQSIETWLAWYQQKPGKAPKLLIYKASTLKTGVPSRFSGSGSGTEFTLTISGLQF
DDFATYHCQHYAGYSATFGQGTRVEIKRTVAAPSVFIFPPSDEQLKSGTASVVCLLNNFYPREAKVQWKVDNALQSGNSQ
ESVTEQDSKDSTYSLSSTLTLSKADYEKHKVYACEVTHQGLSSPVTKSFNRGE
;
E,F,K,L
#
loop_
_chem_comp.id
_chem_comp.type
_chem_comp.name
_chem_comp.formula
BMA D-saccharide, beta linking beta-D-mannopyranose 'C6 H12 O6'
MAN D-saccharide, alpha linking alpha-D-mannopyranose 'C6 H12 O6'
NAG D-saccharide, beta linking 2-acetamido-2-deoxy-beta-D-glucopyranose 'C8 H15 N O6'
#
# COMPACT_ATOMS: atom_id res chain seq x y z
N ALA A 1 49.54 -19.09 -23.16
CA ALA A 1 48.26 -19.78 -23.08
C ALA A 1 47.57 -19.45 -21.75
N TYR A 2 46.22 -19.41 -21.79
CA TYR A 2 45.37 -19.14 -20.63
C TYR A 2 44.22 -20.12 -20.59
N THR A 3 43.71 -20.38 -19.39
CA THR A 3 42.50 -21.16 -19.26
C THR A 3 41.51 -20.54 -18.28
N ASN A 4 40.35 -21.17 -18.21
CA ASN A 4 39.23 -20.79 -17.37
C ASN A 4 39.32 -21.45 -16.00
N SER A 5 39.47 -20.61 -14.97
CA SER A 5 39.54 -21.00 -13.55
C SER A 5 38.28 -21.68 -13.05
N PHE A 6 37.17 -21.47 -13.75
CA PHE A 6 35.85 -21.92 -13.35
C PHE A 6 35.56 -21.57 -11.89
N THR A 7 35.25 -22.61 -11.11
CA THR A 7 34.83 -22.64 -9.72
C THR A 7 35.93 -23.24 -8.83
N ARG A 8 37.11 -23.50 -9.38
CA ARG A 8 38.27 -24.01 -8.63
C ARG A 8 38.91 -22.89 -7.80
N GLY A 9 39.65 -23.26 -6.76
CA GLY A 9 40.42 -22.30 -5.95
C GLY A 9 39.65 -21.66 -4.80
N VAL A 10 38.77 -22.42 -4.16
CA VAL A 10 38.17 -22.09 -2.86
C VAL A 10 38.68 -23.07 -1.81
N TYR A 11 38.95 -22.57 -0.62
CA TYR A 11 39.54 -23.31 0.48
C TYR A 11 38.75 -23.07 1.76
N TYR A 12 38.83 -24.01 2.71
CA TYR A 12 38.22 -23.84 4.02
C TYR A 12 38.91 -22.68 4.75
N PRO A 13 38.23 -21.54 4.99
CA PRO A 13 38.91 -20.30 5.33
C PRO A 13 39.41 -20.26 6.78
N ASP A 14 38.90 -21.13 7.66
CA ASP A 14 39.22 -21.14 9.10
C ASP A 14 39.12 -22.55 9.70
N LYS A 15 39.68 -22.72 10.91
CA LYS A 15 39.62 -24.03 11.63
C LYS A 15 38.33 -24.06 12.45
N VAL A 16 37.21 -23.61 11.88
CA VAL A 16 35.88 -23.59 12.57
C VAL A 16 34.99 -24.58 11.83
N PHE A 17 34.40 -25.55 12.53
CA PHE A 17 33.51 -26.57 11.91
C PHE A 17 32.12 -25.97 11.70
N ARG A 18 31.52 -26.19 10.52
CA ARG A 18 30.15 -25.70 10.19
C ARG A 18 29.45 -26.80 9.40
N SER A 19 28.11 -26.86 9.40
CA SER A 19 27.36 -27.84 8.58
C SER A 19 25.93 -27.38 8.31
N SER A 20 25.38 -27.81 7.18
CA SER A 20 24.04 -27.45 6.69
C SER A 20 23.75 -25.93 6.69
N VAL A 21 24.76 -25.09 6.49
CA VAL A 21 24.67 -23.62 6.59
C VAL A 21 25.27 -22.93 5.36
N LEU A 22 24.62 -21.87 4.90
CA LEU A 22 25.10 -21.03 3.81
C LEU A 22 25.89 -19.87 4.40
N HIS A 23 27.08 -20.17 4.90
CA HIS A 23 27.97 -19.17 5.51
C HIS A 23 28.67 -18.32 4.46
N SER A 24 29.00 -17.07 4.78
CA SER A 24 29.68 -16.15 3.88
C SER A 24 30.98 -15.61 4.48
N THR A 25 32.01 -15.45 3.65
CA THR A 25 33.40 -15.18 4.09
C THR A 25 34.11 -14.25 3.12
N GLN A 26 35.00 -13.40 3.62
CA GLN A 26 35.94 -12.60 2.82
C GLN A 26 37.37 -13.06 3.08
N ASP A 27 38.06 -13.56 2.04
CA ASP A 27 39.47 -13.96 2.08
C ASP A 27 40.05 -13.88 0.66
N LEU A 28 41.37 -14.02 0.52
CA LEU A 28 42.08 -14.01 -0.75
C LEU A 28 41.81 -15.33 -1.50
N PHE A 29 40.71 -15.39 -2.25
CA PHE A 29 40.33 -16.49 -3.15
C PHE A 29 40.68 -16.18 -4.61
N LEU A 30 40.78 -17.22 -5.45
CA LEU A 30 40.80 -17.04 -6.90
C LEU A 30 39.39 -16.59 -7.39
N PRO A 31 39.24 -15.44 -8.09
CA PRO A 31 37.94 -15.00 -8.59
C PRO A 31 37.34 -16.00 -9.59
N PHE A 32 36.07 -16.33 -9.47
CA PHE A 32 35.43 -17.32 -10.35
C PHE A 32 35.40 -16.89 -11.83
N PHE A 33 35.59 -17.87 -12.71
CA PHE A 33 35.66 -17.74 -14.18
C PHE A 33 36.68 -16.70 -14.69
N SER A 34 37.62 -16.24 -13.87
CA SER A 34 38.79 -15.48 -14.32
C SER A 34 39.82 -16.34 -15.08
N ASN A 35 40.74 -15.73 -15.82
CA ASN A 35 41.79 -16.46 -16.53
C ASN A 35 42.99 -16.79 -15.60
N VAL A 36 43.59 -17.95 -15.76
CA VAL A 36 44.86 -18.36 -15.11
C VAL A 36 45.89 -18.74 -16.16
N THR A 37 47.17 -18.41 -15.95
CA THR A 37 48.14 -18.65 -16.99
C THR A 37 48.47 -20.14 -17.05
N TRP A 38 48.45 -20.68 -18.25
CA TRP A 38 48.66 -22.10 -18.49
C TRP A 38 50.06 -22.39 -19.04
N PHE A 39 50.85 -23.14 -18.27
CA PHE A 39 52.23 -23.48 -18.61
C PHE A 39 52.31 -24.95 -19.00
N HIS A 40 53.30 -25.29 -19.83
CA HIS A 40 53.42 -26.68 -20.34
C HIS A 40 54.75 -27.36 -20.02
N ALA A 41 54.76 -28.68 -19.94
CA ALA A 41 56.00 -29.40 -19.69
C ALA A 41 56.17 -30.55 -20.67
N ILE A 42 56.18 -30.23 -21.95
CA ILE A 42 56.32 -31.21 -23.02
C ILE A 42 57.43 -30.80 -24.00
N HIS A 43 57.95 -31.77 -24.77
CA HIS A 43 58.97 -31.57 -25.82
C HIS A 43 60.16 -30.72 -25.34
N ASP A 54 59.26 -25.28 -19.02
CA ASP A 54 58.49 -24.04 -18.88
C ASP A 54 58.34 -23.74 -17.38
N ASN A 55 59.42 -23.21 -16.80
CA ASN A 55 59.54 -22.85 -15.39
C ASN A 55 60.04 -21.42 -15.18
N PRO A 56 59.35 -20.41 -15.71
CA PRO A 56 59.68 -19.00 -15.64
C PRO A 56 59.44 -18.48 -14.24
N VAL A 57 59.95 -17.30 -13.97
CA VAL A 57 59.65 -16.67 -12.69
C VAL A 57 58.38 -15.84 -12.85
N LEU A 58 57.42 -16.08 -11.97
CA LEU A 58 56.15 -15.38 -12.02
C LEU A 58 56.05 -14.43 -10.84
N PRO A 59 55.31 -13.33 -10.95
CA PRO A 59 54.94 -12.46 -9.86
C PRO A 59 54.14 -13.24 -8.84
N PHE A 60 54.25 -12.87 -7.57
CA PHE A 60 53.47 -13.47 -6.51
C PHE A 60 52.24 -12.62 -6.21
N ASN A 61 52.34 -11.30 -6.45
CA ASN A 61 51.34 -10.27 -6.12
C ASN A 61 50.84 -10.40 -4.68
N ASP A 62 49.54 -10.18 -4.44
CA ASP A 62 48.93 -10.35 -3.11
C ASP A 62 48.77 -11.82 -2.71
N GLY A 63 48.94 -12.77 -3.65
CA GLY A 63 48.87 -14.20 -3.41
C GLY A 63 48.51 -15.02 -4.65
N VAL A 64 48.73 -16.32 -4.57
CA VAL A 64 48.67 -17.25 -5.72
C VAL A 64 47.84 -18.49 -5.42
N TYR A 65 46.91 -18.83 -6.31
CA TYR A 65 46.44 -20.20 -6.51
C TYR A 65 47.37 -20.85 -7.53
N PHE A 66 47.78 -22.07 -7.25
CA PHE A 66 48.59 -22.90 -8.10
C PHE A 66 47.91 -24.22 -8.33
N ALA A 67 47.98 -24.74 -9.52
CA ALA A 67 47.42 -26.06 -9.74
C ALA A 67 48.22 -26.80 -10.75
N SER A 68 48.25 -28.10 -10.63
CA SER A 68 48.96 -28.86 -11.63
C SER A 68 48.33 -30.20 -11.92
N THR A 69 48.61 -30.69 -13.11
CA THR A 69 48.11 -31.99 -13.51
C THR A 69 49.29 -32.92 -13.75
N GLU A 70 49.17 -34.13 -13.20
CA GLU A 70 50.25 -35.10 -13.23
C GLU A 70 49.87 -36.48 -13.72
N LYS A 71 50.87 -37.17 -14.22
CA LYS A 71 50.77 -38.57 -14.60
C LYS A 71 52.03 -39.30 -14.15
N SER A 72 53.07 -38.52 -13.86
CA SER A 72 54.38 -39.07 -13.51
C SER A 72 55.13 -38.27 -12.44
N ASN A 73 54.42 -37.40 -11.71
CA ASN A 73 55.03 -36.60 -10.64
C ASN A 73 56.24 -35.76 -11.10
N ILE A 74 56.06 -35.02 -12.19
CA ILE A 74 57.11 -34.15 -12.73
C ILE A 74 57.31 -32.91 -11.89
N ILE A 75 56.24 -32.29 -11.42
CA ILE A 75 56.40 -31.09 -10.63
C ILE A 75 56.70 -31.49 -9.22
N ARG A 76 57.85 -31.08 -8.72
CA ARG A 76 58.25 -31.52 -7.41
C ARG A 76 58.54 -30.40 -6.44
N GLY A 77 58.45 -29.15 -6.88
CA GLY A 77 58.74 -28.11 -5.90
C GLY A 77 58.49 -26.67 -6.32
N TRP A 78 58.75 -25.78 -5.37
CA TRP A 78 58.54 -24.35 -5.52
C TRP A 78 59.64 -23.52 -4.87
N ILE A 79 59.90 -22.34 -5.43
CA ILE A 79 60.83 -21.38 -4.87
C ILE A 79 60.14 -20.03 -4.65
N PHE A 80 60.21 -19.46 -3.46
CA PHE A 80 59.58 -18.16 -3.23
C PHE A 80 60.55 -17.13 -2.66
N GLY A 81 60.55 -15.91 -3.20
CA GLY A 81 61.43 -14.87 -2.71
C GLY A 81 61.35 -13.61 -3.58
N THR A 82 62.41 -12.81 -3.60
CA THR A 82 62.39 -11.60 -4.42
C THR A 82 63.39 -11.71 -5.58
N THR A 83 64.58 -12.24 -5.29
CA THR A 83 65.61 -12.37 -6.30
C THR A 83 66.00 -13.83 -6.60
N LEU A 84 65.71 -14.74 -5.66
CA LEU A 84 65.97 -16.17 -5.85
C LEU A 84 67.41 -16.49 -6.31
N ASP A 85 68.39 -15.81 -5.76
CA ASP A 85 69.78 -15.96 -6.21
C ASP A 85 70.83 -15.97 -5.10
N SER A 86 70.48 -16.43 -3.90
CA SER A 86 71.37 -16.46 -2.73
C SER A 86 71.60 -15.10 -2.10
N LYS A 87 70.95 -14.05 -2.61
CA LYS A 87 71.11 -12.72 -2.01
C LYS A 87 70.07 -12.48 -0.92
N THR A 88 68.99 -13.23 -0.95
CA THR A 88 67.94 -13.09 0.05
C THR A 88 67.47 -14.47 0.48
N GLN A 89 66.62 -14.52 1.50
CA GLN A 89 66.10 -15.80 1.95
C GLN A 89 65.01 -16.23 1.01
N SER A 90 65.00 -17.50 0.64
CA SER A 90 64.01 -18.00 -0.30
C SER A 90 63.47 -19.35 0.10
N LEU A 91 62.15 -19.41 0.23
CA LEU A 91 61.49 -20.64 0.64
C LEU A 91 61.60 -21.68 -0.46
N LEU A 92 62.03 -22.87 -0.09
CA LEU A 92 62.17 -23.97 -1.01
C LEU A 92 61.40 -25.19 -0.55
N ILE A 93 60.51 -25.66 -1.39
CA ILE A 93 59.74 -26.86 -1.08
C ILE A 93 60.02 -27.91 -2.13
N VAL A 94 60.49 -29.09 -1.72
CA VAL A 94 60.78 -30.17 -2.65
C VAL A 94 60.21 -31.51 -2.21
N ASN A 95 59.55 -32.22 -3.10
CA ASN A 95 59.05 -33.55 -2.76
C ASN A 95 59.71 -34.63 -3.63
N ASN A 96 60.73 -35.34 -3.08
CA ASN A 96 61.51 -36.31 -3.81
C ASN A 96 61.21 -37.74 -3.30
N ALA A 97 60.50 -38.54 -4.15
CA ALA A 97 60.00 -39.89 -3.80
C ALA A 97 58.96 -39.79 -2.69
N THR A 98 59.34 -40.15 -1.47
CA THR A 98 58.41 -40.12 -0.35
C THR A 98 58.79 -39.09 0.71
N ASN A 99 59.75 -38.20 0.43
CA ASN A 99 60.17 -37.24 1.45
C ASN A 99 59.98 -35.78 1.09
N VAL A 100 59.05 -35.15 1.78
CA VAL A 100 58.82 -33.71 1.61
C VAL A 100 59.85 -32.92 2.39
N VAL A 101 60.53 -32.01 1.72
CA VAL A 101 61.58 -31.21 2.31
C VAL A 101 61.28 -29.72 2.21
N ILE A 102 61.32 -29.03 3.34
CA ILE A 102 61.09 -27.58 3.35
C ILE A 102 62.27 -26.86 3.96
N LYS A 103 62.81 -25.89 3.25
CA LYS A 103 63.93 -25.09 3.75
C LYS A 103 63.75 -23.62 3.43
N VAL A 104 64.31 -22.72 4.24
CA VAL A 104 64.23 -21.28 3.92
C VAL A 104 65.58 -20.56 3.86
N CYS A 105 66.60 -21.27 3.38
CA CYS A 105 67.99 -20.81 3.31
C CYS A 105 68.18 -19.78 2.18
N GLU A 106 69.33 -19.07 2.23
CA GLU A 106 69.72 -18.16 1.16
C GLU A 106 70.40 -19.00 0.09
N PHE A 107 69.57 -19.76 -0.59
CA PHE A 107 70.01 -20.77 -1.54
C PHE A 107 70.61 -20.22 -2.79
N GLN A 108 71.65 -20.87 -3.27
CA GLN A 108 72.17 -20.51 -4.57
C GLN A 108 71.49 -21.38 -5.59
N PHE A 109 70.60 -20.77 -6.32
CA PHE A 109 69.83 -21.46 -7.32
C PHE A 109 70.55 -21.36 -8.64
N CYS A 110 70.30 -22.32 -9.50
CA CYS A 110 70.89 -22.35 -10.82
C CYS A 110 70.33 -21.22 -11.68
N ASN A 111 71.00 -20.95 -12.80
CA ASN A 111 70.50 -19.95 -13.74
C ASN A 111 69.11 -20.34 -14.22
N ASP A 112 68.91 -21.65 -14.33
CA ASP A 112 67.64 -22.25 -14.71
C ASP A 112 67.45 -23.49 -13.84
N PRO A 113 66.85 -23.36 -12.65
CA PRO A 113 66.66 -24.41 -11.67
C PRO A 113 65.82 -25.57 -12.18
N PHE A 114 66.27 -26.77 -11.91
CA PHE A 114 65.52 -27.96 -12.25
C PHE A 114 66.07 -29.12 -11.45
N LEU A 115 65.33 -30.20 -11.40
CA LEU A 115 65.79 -31.41 -10.77
C LEU A 115 65.91 -32.50 -11.82
N GLY A 116 67.01 -33.21 -11.85
CA GLY A 116 67.12 -34.30 -12.81
C GLY A 116 66.52 -35.58 -12.24
N VAL A 117 66.12 -36.50 -13.12
CA VAL A 117 65.64 -37.83 -12.74
C VAL A 117 66.82 -38.79 -12.72
N ASN A 139 72.90 -19.16 6.36
CA ASN A 139 71.94 -18.25 6.98
C ASN A 139 70.51 -18.80 6.86
N CYS A 140 70.33 -20.09 7.28
CA CYS A 140 69.05 -20.80 7.27
C CYS A 140 68.31 -20.53 8.59
N THR A 141 66.98 -20.31 8.51
CA THR A 141 66.13 -20.09 9.69
C THR A 141 65.10 -21.19 9.90
N PHE A 142 65.05 -22.15 8.99
CA PHE A 142 64.06 -23.24 9.10
C PHE A 142 64.38 -24.42 8.21
N GLU A 143 64.18 -25.62 8.74
CA GLU A 143 64.26 -26.85 7.97
C GLU A 143 63.28 -27.91 8.49
N TYR A 144 62.63 -28.59 7.56
CA TYR A 144 61.75 -29.71 7.88
C TYR A 144 61.84 -30.83 6.86
N VAL A 145 61.87 -32.06 7.33
CA VAL A 145 61.83 -33.21 6.43
C VAL A 145 60.80 -34.25 6.89
N SER A 146 59.92 -34.70 5.97
CA SER A 146 58.95 -35.77 6.24
C SER A 146 59.65 -37.13 6.13
N PHE A 160 45.84 -36.73 -17.88
CA PHE A 160 46.51 -36.82 -16.59
C PHE A 160 45.61 -37.57 -15.60
N LYS A 161 46.23 -38.10 -14.53
CA LYS A 161 45.55 -38.93 -13.51
C LYS A 161 45.40 -38.23 -12.16
N ASN A 162 46.25 -37.24 -11.88
CA ASN A 162 46.22 -36.60 -10.58
C ASN A 162 46.25 -35.08 -10.63
N LEU A 163 45.26 -34.45 -10.01
CA LEU A 163 45.20 -33.00 -9.91
C LEU A 163 45.58 -32.56 -8.51
N ARG A 164 46.57 -31.69 -8.43
CA ARG A 164 47.05 -31.22 -7.14
C ARG A 164 46.96 -29.71 -7.05
N GLU A 165 45.99 -29.23 -6.30
CA GLU A 165 45.72 -27.80 -6.19
C GLU A 165 46.31 -27.25 -4.91
N PHE A 166 46.86 -26.05 -4.99
CA PHE A 166 47.48 -25.40 -3.86
C PHE A 166 47.11 -23.93 -3.76
N VAL A 167 47.14 -23.35 -2.57
CA VAL A 167 47.01 -21.90 -2.38
C VAL A 167 48.15 -21.40 -1.52
N PHE A 168 48.83 -20.37 -2.00
CA PHE A 168 49.94 -19.69 -1.34
C PHE A 168 49.56 -18.24 -1.05
N LYS A 169 49.65 -17.84 0.22
CA LYS A 169 49.52 -16.43 0.61
C LYS A 169 50.43 -16.11 1.79
N ASN A 170 50.84 -14.84 1.89
CA ASN A 170 51.94 -14.40 2.73
C ASN A 170 51.49 -13.21 3.59
N ILE A 171 50.81 -13.51 4.70
CA ILE A 171 50.08 -12.54 5.53
C ILE A 171 50.87 -12.28 6.82
N ASP A 172 51.30 -11.04 7.03
CA ASP A 172 52.13 -10.60 8.14
C ASP A 172 53.33 -11.52 8.42
N GLY A 173 53.96 -12.02 7.36
CA GLY A 173 55.14 -12.86 7.50
C GLY A 173 54.83 -14.35 7.57
N TYR A 174 53.55 -14.72 7.56
CA TYR A 174 53.18 -16.13 7.63
C TYR A 174 52.81 -16.68 6.27
N PHE A 175 53.53 -17.72 5.86
CA PHE A 175 53.30 -18.35 4.57
C PHE A 175 52.33 -19.50 4.74
N LYS A 176 51.08 -19.28 4.35
CA LYS A 176 49.97 -20.22 4.60
C LYS A 176 49.73 -21.08 3.35
N ILE A 177 49.79 -22.40 3.51
CA ILE A 177 49.64 -23.36 2.43
C ILE A 177 48.37 -24.20 2.58
N TYR A 178 47.48 -24.13 1.62
CA TYR A 178 46.28 -24.97 1.55
C TYR A 178 46.44 -25.88 0.32
N SER A 179 45.91 -27.10 0.35
CA SER A 179 46.01 -27.95 -0.83
C SER A 179 44.96 -29.03 -0.87
N LYS A 180 44.76 -29.59 -2.06
CA LYS A 180 43.87 -30.72 -2.24
C LYS A 180 44.33 -31.61 -3.37
N HIS A 181 44.38 -32.91 -3.10
CA HIS A 181 44.72 -33.86 -4.15
C HIS A 181 43.48 -34.64 -4.54
N THR A 182 43.24 -34.77 -5.83
CA THR A 182 42.10 -35.53 -6.31
C THR A 182 42.44 -36.25 -7.60
N PRO A 183 41.90 -37.46 -7.83
CA PRO A 183 42.04 -38.21 -9.07
C PRO A 183 41.28 -37.52 -10.18
N ILE A 184 41.87 -37.53 -11.37
CA ILE A 184 41.25 -36.98 -12.57
C ILE A 184 41.40 -37.89 -13.77
N ASN A 185 40.63 -37.63 -14.81
CA ASN A 185 40.75 -38.32 -16.09
C ASN A 185 40.66 -37.31 -17.22
N LEU A 186 41.70 -36.50 -17.37
CA LEU A 186 41.69 -35.40 -18.34
C LEU A 186 43.09 -34.89 -18.62
N VAL A 187 43.46 -34.81 -19.89
CA VAL A 187 44.81 -34.36 -20.22
C VAL A 187 44.88 -32.92 -20.70
N ARG A 188 43.86 -32.47 -21.42
CA ARG A 188 43.93 -31.17 -22.08
C ARG A 188 43.99 -29.95 -21.17
N ASP A 189 43.21 -29.94 -20.10
CA ASP A 189 43.07 -28.71 -19.31
C ASP A 189 42.61 -29.00 -17.88
N LEU A 190 42.42 -27.96 -17.07
CA LEU A 190 41.88 -28.12 -15.72
C LEU A 190 40.47 -28.67 -15.81
N PRO A 191 40.11 -29.71 -15.06
CA PRO A 191 38.78 -30.23 -14.94
C PRO A 191 37.86 -29.18 -14.35
N GLN A 192 36.63 -29.15 -14.81
CA GLN A 192 35.62 -28.25 -14.26
C GLN A 192 34.92 -28.93 -13.10
N GLY A 193 34.67 -28.19 -12.03
CA GLY A 193 34.01 -28.74 -10.86
C GLY A 193 34.39 -27.95 -9.62
N PHE A 194 33.90 -28.42 -8.47
CA PHE A 194 34.14 -27.84 -7.16
C PHE A 194 34.51 -28.94 -6.13
N SER A 195 35.51 -28.65 -5.31
CA SER A 195 35.91 -29.34 -4.09
C SER A 195 36.93 -28.45 -3.36
N ALA A 196 36.67 -28.11 -2.10
CA ALA A 196 37.48 -27.13 -1.37
C ALA A 196 38.77 -27.73 -0.77
N LEU A 197 39.75 -26.88 -0.49
CA LEU A 197 41.08 -27.24 0.03
C LEU A 197 41.20 -26.98 1.55
N GLU A 198 41.63 -27.96 2.32
CA GLU A 198 42.09 -27.78 3.71
C GLU A 198 43.42 -27.01 3.82
N PRO A 199 43.64 -26.23 4.91
CA PRO A 199 44.96 -25.74 5.28
C PRO A 199 45.83 -26.88 5.82
N LEU A 200 47.08 -26.96 5.37
CA LEU A 200 48.03 -27.98 5.83
C LEU A 200 49.21 -27.40 6.61
N VAL A 201 49.82 -26.30 6.15
CA VAL A 201 51.05 -25.76 6.72
C VAL A 201 51.00 -24.25 6.90
N ASP A 202 51.66 -23.74 7.92
CA ASP A 202 51.73 -22.30 8.18
C ASP A 202 53.14 -21.95 8.68
N LEU A 203 53.99 -21.45 7.78
CA LEU A 203 55.40 -21.23 8.09
C LEU A 203 55.70 -19.76 8.44
N PRO A 204 56.16 -19.45 9.65
CA PRO A 204 56.47 -18.13 10.14
C PRO A 204 57.84 -17.71 9.64
N ILE A 205 57.97 -17.58 8.33
CA ILE A 205 59.24 -17.33 7.69
C ILE A 205 59.67 -15.87 7.73
N GLY A 206 58.71 -14.95 7.66
CA GLY A 206 59.04 -13.53 7.73
C GLY A 206 59.76 -13.06 6.47
N ILE A 207 59.52 -13.74 5.37
CA ILE A 207 60.17 -13.43 4.10
C ILE A 207 59.26 -12.59 3.21
N ASN A 208 59.82 -11.52 2.64
CA ASN A 208 59.12 -10.65 1.68
C ASN A 208 59.15 -11.32 0.31
N ILE A 209 58.02 -11.89 -0.12
CA ILE A 209 57.89 -12.65 -1.35
C ILE A 209 57.14 -11.85 -2.41
N THR A 210 57.80 -11.65 -3.54
CA THR A 210 57.25 -10.87 -4.64
C THR A 210 57.23 -11.68 -5.91
N ARG A 211 58.05 -12.73 -5.96
CA ARG A 211 58.20 -13.58 -7.13
C ARG A 211 58.31 -15.04 -6.72
N PHE A 212 57.97 -15.94 -7.62
CA PHE A 212 58.18 -17.35 -7.33
C PHE A 212 58.47 -18.13 -8.60
N GLN A 213 59.00 -19.34 -8.43
CA GLN A 213 59.34 -20.18 -9.56
C GLN A 213 59.04 -21.64 -9.23
N THR A 214 58.73 -22.46 -10.23
CA THR A 214 58.51 -23.87 -9.93
C THR A 214 59.73 -24.72 -10.25
N LEU A 215 59.69 -25.97 -9.80
CA LEU A 215 60.76 -26.95 -10.02
C LEU A 215 60.23 -28.23 -10.67
N LEU A 216 60.77 -28.54 -11.85
CA LEU A 216 60.37 -29.69 -12.64
C LEU A 216 61.42 -30.79 -12.66
N ALA A 217 60.98 -32.05 -12.69
CA ALA A 217 61.82 -33.23 -12.80
C ALA A 217 62.03 -33.62 -14.25
N LEU A 218 63.27 -33.55 -14.72
CA LEU A 218 63.55 -33.79 -16.12
C LEU A 218 64.30 -35.09 -16.36
N HIS A 219 63.86 -35.86 -17.38
CA HIS A 219 64.50 -37.13 -17.76
C HIS A 219 65.73 -36.87 -18.63
N ALA A 237 53.30 -32.43 -17.93
CA ALA A 237 52.84 -31.96 -16.63
C ALA A 237 52.68 -30.44 -16.65
N ALA A 238 51.52 -30.00 -17.15
CA ALA A 238 51.11 -28.61 -17.20
C ALA A 238 50.76 -28.09 -15.82
N TYR A 239 50.89 -26.80 -15.64
CA TYR A 239 50.49 -26.18 -14.38
C TYR A 239 49.90 -24.82 -14.63
N TYR A 240 49.17 -24.33 -13.65
CA TYR A 240 48.45 -23.10 -13.80
C TYR A 240 48.76 -22.14 -12.68
N VAL A 241 48.86 -20.87 -13.00
CA VAL A 241 49.07 -19.86 -11.98
C VAL A 241 48.00 -18.79 -12.03
N GLY A 242 47.22 -18.65 -10.95
CA GLY A 242 46.11 -17.70 -10.87
C GLY A 242 46.21 -16.79 -9.67
N TYR A 243 46.02 -15.48 -9.85
CA TYR A 243 46.15 -14.52 -8.76
C TYR A 243 44.91 -14.43 -7.87
N LEU A 244 45.13 -14.59 -6.56
CA LEU A 244 44.13 -14.42 -5.52
C LEU A 244 43.74 -12.94 -5.37
N GLN A 245 42.48 -12.69 -5.03
CA GLN A 245 41.97 -11.33 -4.81
C GLN A 245 40.98 -11.33 -3.63
N PRO A 246 40.81 -10.19 -2.95
CA PRO A 246 39.89 -10.05 -1.81
C PRO A 246 38.41 -10.03 -2.27
N ARG A 247 37.88 -11.20 -2.64
CA ARG A 247 36.49 -11.39 -3.09
C ARG A 247 35.67 -12.12 -2.04
N THR A 248 34.54 -11.54 -1.61
CA THR A 248 33.62 -12.19 -0.67
C THR A 248 32.89 -13.34 -1.36
N PHE A 249 32.68 -14.44 -0.64
CA PHE A 249 32.03 -15.65 -1.13
C PHE A 249 30.84 -16.05 -0.26
N LEU A 250 29.90 -16.78 -0.84
CA LEU A 250 28.88 -17.56 -0.12
C LEU A 250 29.19 -19.06 -0.32
N LEU A 251 29.29 -19.83 0.76
CA LEU A 251 29.74 -21.23 0.76
C LEU A 251 28.68 -22.15 1.34
N LYS A 252 28.27 -23.17 0.59
CA LYS A 252 27.27 -24.17 0.98
C LYS A 252 27.95 -25.30 1.75
N TYR A 253 28.00 -25.22 3.08
CA TYR A 253 28.44 -26.34 3.91
C TYR A 253 27.34 -27.39 3.96
N ASN A 254 27.62 -28.64 3.58
CA ASN A 254 26.63 -29.72 3.62
C ASN A 254 26.50 -30.36 5.02
N GLU A 255 25.77 -31.47 5.13
CA GLU A 255 25.55 -32.16 6.44
C GLU A 255 26.90 -32.62 7.01
N ASN A 256 27.82 -33.12 6.17
CA ASN A 256 29.16 -33.60 6.62
C ASN A 256 30.04 -32.40 6.94
N GLY A 257 29.65 -31.17 6.55
CA GLY A 257 30.43 -29.95 6.79
C GLY A 257 31.41 -29.69 5.67
N THR A 258 31.33 -30.47 4.58
CA THR A 258 32.19 -30.30 3.38
C THR A 258 31.58 -29.20 2.53
N ILE A 259 32.33 -28.16 2.12
CA ILE A 259 31.79 -27.12 1.22
C ILE A 259 31.46 -27.77 -0.12
N THR A 260 30.19 -27.88 -0.51
CA THR A 260 29.79 -28.56 -1.77
C THR A 260 29.41 -27.63 -2.91
N ASP A 261 29.27 -26.33 -2.66
CA ASP A 261 29.03 -25.30 -3.69
C ASP A 261 29.48 -23.91 -3.20
N ALA A 262 29.67 -22.96 -4.12
CA ALA A 262 30.18 -21.62 -3.84
C ALA A 262 29.61 -20.54 -4.80
N VAL A 263 29.54 -19.27 -4.38
CA VAL A 263 29.08 -18.14 -5.26
C VAL A 263 30.00 -16.93 -5.07
N ASP A 264 30.89 -16.63 -6.03
CA ASP A 264 31.74 -15.42 -5.95
C ASP A 264 30.82 -14.20 -5.99
N CYS A 265 30.97 -13.25 -5.08
CA CYS A 265 30.08 -12.05 -4.99
C CYS A 265 30.20 -11.15 -6.20
N ALA A 266 31.41 -10.89 -6.71
CA ALA A 266 31.64 -9.91 -7.80
C ALA A 266 31.69 -10.59 -9.17
N LEU A 267 31.14 -11.79 -9.33
CA LEU A 267 31.09 -12.47 -10.61
C LEU A 267 30.12 -11.79 -11.57
N ASP A 268 28.84 -11.76 -11.26
CA ASP A 268 27.77 -11.22 -12.11
C ASP A 268 26.53 -10.87 -11.25
N PRO A 269 25.57 -10.07 -11.73
CA PRO A 269 24.44 -9.62 -10.92
C PRO A 269 23.56 -10.72 -10.29
N LEU A 270 23.41 -11.90 -10.88
CA LEU A 270 22.73 -12.99 -10.18
C LEU A 270 23.56 -13.48 -8.99
N SER A 271 24.89 -13.56 -9.13
CA SER A 271 25.78 -13.90 -8.02
C SER A 271 25.75 -12.85 -6.92
N GLU A 272 25.68 -11.55 -7.24
CA GLU A 272 25.41 -10.50 -6.23
C GLU A 272 24.09 -10.79 -5.50
N THR A 273 23.06 -11.23 -6.22
CA THR A 273 21.73 -11.52 -5.65
C THR A 273 21.80 -12.72 -4.72
N LYS A 274 22.54 -13.76 -5.09
CA LYS A 274 22.74 -14.92 -4.18
C LYS A 274 23.54 -14.45 -2.95
N CYS A 275 24.54 -13.58 -3.11
CA CYS A 275 25.34 -13.02 -1.96
C CYS A 275 24.44 -12.19 -1.05
N THR A 276 23.49 -11.42 -1.61
CA THR A 276 22.60 -10.51 -0.83
C THR A 276 21.53 -11.30 -0.07
N LEU A 277 20.95 -12.33 -0.67
CA LEU A 277 19.90 -13.15 -0.04
C LEU A 277 20.42 -14.31 0.80
N LYS A 278 21.74 -14.52 0.88
CA LYS A 278 22.39 -15.67 1.52
C LYS A 278 21.80 -17.01 1.03
N SER A 279 21.46 -17.12 -0.24
CA SER A 279 20.80 -18.31 -0.79
C SER A 279 21.31 -18.70 -2.17
N PHE A 280 21.53 -19.99 -2.39
CA PHE A 280 21.86 -20.57 -3.70
C PHE A 280 20.66 -20.63 -4.65
N THR A 281 19.45 -20.46 -4.14
CA THR A 281 18.20 -20.39 -4.93
C THR A 281 17.65 -18.97 -4.81
N VAL A 282 17.24 -18.35 -5.92
CA VAL A 282 16.63 -17.01 -5.91
C VAL A 282 15.25 -17.07 -6.54
N GLU A 283 14.29 -16.48 -5.85
CA GLU A 283 12.90 -16.41 -6.25
C GLU A 283 12.67 -15.34 -7.33
N LYS A 284 11.57 -15.41 -8.07
CA LYS A 284 11.19 -14.42 -9.10
C LYS A 284 10.95 -13.04 -8.48
N GLY A 285 11.68 -12.00 -8.92
CA GLY A 285 11.50 -10.65 -8.38
C GLY A 285 12.55 -9.64 -8.81
N ILE A 286 12.61 -8.53 -8.08
CA ILE A 286 13.58 -7.45 -8.24
C ILE A 286 14.25 -7.17 -6.89
N TYR A 287 15.58 -7.25 -6.84
CA TYR A 287 16.36 -7.26 -5.59
C TYR A 287 17.41 -6.16 -5.57
N GLN A 288 17.45 -5.33 -4.54
CA GLN A 288 18.38 -4.20 -4.45
C GLN A 288 19.78 -4.63 -3.98
N THR A 289 20.54 -5.31 -4.84
CA THR A 289 21.81 -5.95 -4.47
C THR A 289 22.94 -5.01 -4.05
N SER A 290 22.97 -3.78 -4.54
CA SER A 290 24.13 -2.88 -4.41
C SER A 290 23.73 -1.43 -4.60
N ASN A 291 24.62 -0.49 -4.30
CA ASN A 291 24.53 0.88 -4.81
C ASN A 291 25.68 1.16 -5.79
N PHE A 292 25.33 1.48 -7.03
CA PHE A 292 26.23 2.00 -8.05
C PHE A 292 26.67 3.39 -7.65
N ARG A 293 27.97 3.65 -7.55
CA ARG A 293 28.53 5.00 -7.36
C ARG A 293 29.71 5.20 -8.31
N VAL A 294 29.76 6.29 -9.06
CA VAL A 294 30.86 6.61 -9.97
C VAL A 294 32.16 6.89 -9.20
N GLN A 295 33.29 6.34 -9.63
CA GLN A 295 34.60 6.57 -9.05
C GLN A 295 35.31 7.82 -9.64
N PRO A 296 36.19 8.49 -8.87
CA PRO A 296 37.04 9.56 -9.38
C PRO A 296 38.16 9.03 -10.29
N THR A 297 38.80 9.92 -11.04
CA THR A 297 39.86 9.53 -12.00
C THR A 297 41.28 9.82 -11.52
N GLU A 298 41.48 11.01 -10.98
CA GLU A 298 42.72 11.63 -10.55
C GLU A 298 42.44 12.57 -9.39
N SER A 299 43.47 12.89 -8.62
CA SER A 299 43.30 13.85 -7.54
C SER A 299 43.66 15.26 -7.97
N ILE A 300 43.02 16.23 -7.32
CA ILE A 300 43.28 17.65 -7.54
C ILE A 300 43.73 18.30 -6.25
N VAL A 301 44.94 18.83 -6.23
CA VAL A 301 45.43 19.46 -5.01
C VAL A 301 45.68 20.95 -5.20
N ARG A 302 44.99 21.77 -4.42
CA ARG A 302 45.12 23.20 -4.56
C ARG A 302 45.51 23.90 -3.25
N PHE A 303 46.55 24.72 -3.34
CA PHE A 303 47.03 25.57 -2.26
C PHE A 303 47.47 26.90 -2.88
N PRO A 304 47.46 28.02 -2.13
CA PRO A 304 47.96 29.29 -2.59
C PRO A 304 49.39 29.09 -3.07
N ASN A 305 49.78 29.69 -4.24
CA ASN A 305 51.10 29.44 -4.79
C ASN A 305 52.17 30.39 -4.18
N ILE A 306 52.40 30.16 -2.86
CA ILE A 306 53.34 30.93 -2.04
C ILE A 306 54.60 30.12 -1.75
N THR A 307 55.76 30.76 -1.89
CA THR A 307 57.05 30.09 -1.69
C THR A 307 57.82 30.54 -0.45
N ASN A 308 57.25 31.45 0.33
CA ASN A 308 57.92 31.93 1.53
C ASN A 308 57.96 30.81 2.54
N LEU A 309 59.04 30.68 3.30
CA LEU A 309 59.08 29.65 4.32
C LEU A 309 58.79 30.26 5.69
N CYS A 310 58.08 29.49 6.55
CA CYS A 310 57.69 29.99 7.88
C CYS A 310 58.91 30.02 8.84
N PRO A 311 59.09 31.15 9.61
CA PRO A 311 60.22 31.43 10.48
C PRO A 311 60.17 30.66 11.81
N PHE A 312 60.22 29.34 11.71
CA PHE A 312 60.22 28.53 12.93
C PHE A 312 61.57 28.63 13.60
N GLY A 313 62.63 28.79 12.81
CA GLY A 313 63.97 28.88 13.38
C GLY A 313 64.08 30.06 14.34
N GLU A 314 63.34 31.13 14.04
CA GLU A 314 63.36 32.35 14.83
C GLU A 314 62.63 32.19 16.16
N VAL A 315 61.93 31.06 16.32
CA VAL A 315 61.21 30.77 17.54
C VAL A 315 61.96 29.73 18.36
N PHE A 316 62.33 28.65 17.69
CA PHE A 316 62.97 27.51 18.34
C PHE A 316 64.47 27.70 18.67
N ASN A 317 65.19 28.47 17.82
CA ASN A 317 66.64 28.74 17.97
C ASN A 317 66.87 30.18 18.43
N ALA A 318 65.91 30.80 19.12
CA ALA A 318 65.98 32.17 19.64
C ALA A 318 67.10 32.32 20.66
N THR A 319 67.73 33.48 20.69
CA THR A 319 68.81 33.71 21.63
C THR A 319 68.30 33.58 23.07
N ARG A 320 67.15 34.18 23.34
CA ARG A 320 66.55 34.11 24.67
C ARG A 320 65.04 33.91 24.62
N PHE A 321 64.56 33.02 25.47
CA PHE A 321 63.14 32.84 25.67
C PHE A 321 62.62 33.77 26.75
N ALA A 322 61.36 34.14 26.63
CA ALA A 322 60.68 34.98 27.62
C ALA A 322 60.30 34.17 28.85
N SER A 323 60.05 34.88 29.94
CA SER A 323 59.57 34.27 31.17
C SER A 323 58.12 33.84 31.01
N VAL A 324 57.70 32.87 31.79
CA VAL A 324 56.33 32.37 31.70
C VAL A 324 55.29 33.38 32.19
N TYR A 325 55.66 34.29 33.10
CA TYR A 325 54.70 35.31 33.51
C TYR A 325 54.42 36.30 32.38
N ALA A 326 55.34 36.38 31.42
CA ALA A 326 55.26 37.32 30.32
C ALA A 326 55.66 36.62 29.04
N TRP A 327 54.90 35.60 28.67
CA TRP A 327 55.25 34.76 27.55
C TRP A 327 55.02 35.48 26.23
N ASN A 328 55.83 35.14 25.22
CA ASN A 328 55.69 35.79 23.93
C ASN A 328 54.71 35.05 23.06
N ARG A 329 54.04 35.77 22.16
CA ARG A 329 53.14 35.15 21.21
C ARG A 329 53.44 35.62 19.80
N LYS A 330 54.15 34.80 19.04
CA LYS A 330 54.53 35.20 17.69
C LYS A 330 53.55 34.71 16.65
N ARG A 331 53.17 35.60 15.74
CA ARG A 331 52.27 35.21 14.68
C ARG A 331 53.01 34.68 13.46
N ILE A 332 52.58 33.52 13.00
CA ILE A 332 53.12 32.90 11.80
C ILE A 332 52.06 32.95 10.71
N SER A 333 52.38 33.59 9.60
CA SER A 333 51.43 33.78 8.52
C SER A 333 52.11 33.98 7.18
N ASN A 334 51.33 33.85 6.11
CA ASN A 334 51.79 34.09 4.74
C ASN A 334 53.08 33.34 4.42
N CYS A 335 53.09 32.02 4.64
CA CYS A 335 54.28 31.18 4.49
C CYS A 335 53.95 29.69 4.33
N VAL A 336 54.98 28.90 3.99
CA VAL A 336 54.94 27.45 3.89
C VAL A 336 55.53 26.83 5.15
N ALA A 337 54.72 26.05 5.84
CA ALA A 337 55.13 25.49 7.11
C ALA A 337 55.49 24.03 6.99
N ASP A 338 56.78 23.74 7.03
CA ASP A 338 57.25 22.38 6.94
C ASP A 338 57.42 21.83 8.34
N TYR A 339 56.51 20.97 8.76
CA TYR A 339 56.52 20.49 10.13
C TYR A 339 57.28 19.18 10.25
N SER A 340 57.85 18.72 9.14
CA SER A 340 58.62 17.50 9.17
C SER A 340 59.94 17.77 9.85
N VAL A 341 60.42 18.99 9.74
CA VAL A 341 61.67 19.35 10.35
C VAL A 341 61.55 19.31 11.86
N LEU A 342 60.49 19.92 12.38
CA LEU A 342 60.30 19.94 13.82
C LEU A 342 59.99 18.56 14.37
N TYR A 343 59.20 17.78 13.64
CA TYR A 343 58.83 16.45 14.10
C TYR A 343 59.97 15.45 14.07
N ASN A 344 60.74 15.46 12.98
CA ASN A 344 61.84 14.51 12.81
C ASN A 344 63.06 14.86 13.68
N SER A 345 63.23 16.14 13.99
CA SER A 345 64.35 16.56 14.83
C SER A 345 64.38 15.81 16.14
N ALA A 346 65.57 15.31 16.49
CA ALA A 346 65.76 14.53 17.72
C ALA A 346 66.07 15.41 18.93
N SER A 347 66.17 16.71 18.71
CA SER A 347 66.53 17.64 19.77
C SER A 347 65.43 17.87 20.80
N PHE A 348 64.21 17.48 20.47
CA PHE A 348 63.09 17.75 21.36
C PHE A 348 62.90 16.67 22.40
N SER A 349 62.60 17.07 23.64
CA SER A 349 62.35 16.11 24.70
C SER A 349 60.94 15.57 24.54
N THR A 350 60.07 16.43 24.06
CA THR A 350 58.69 16.03 23.82
C THR A 350 58.09 16.79 22.64
N PHE A 351 57.15 16.14 21.97
CA PHE A 351 56.41 16.72 20.88
C PHE A 351 55.02 16.11 20.95
N LYS A 352 54.17 16.67 21.80
CA LYS A 352 52.87 16.08 22.04
C LYS A 352 51.76 16.90 21.42
N CYS A 353 50.97 16.28 20.53
CA CYS A 353 49.86 16.93 19.87
C CYS A 353 48.53 16.53 20.50
N TYR A 354 47.69 17.54 20.76
CA TYR A 354 46.37 17.40 21.34
C TYR A 354 45.30 17.70 20.30
N GLY A 355 45.69 18.46 19.28
CA GLY A 355 44.79 18.85 18.21
C GLY A 355 44.74 17.82 17.10
N VAL A 356 45.81 17.78 16.31
CA VAL A 356 45.86 16.89 15.17
C VAL A 356 47.11 16.05 15.24
N SER A 357 47.16 14.95 14.53
CA SER A 357 48.36 14.12 14.53
C SER A 357 49.48 14.86 13.81
N PRO A 358 50.73 14.78 14.29
CA PRO A 358 51.90 15.50 13.81
C PRO A 358 52.31 15.18 12.39
N THR A 359 51.86 14.05 11.86
CA THR A 359 52.25 13.67 10.51
C THR A 359 51.24 14.16 9.48
N LYS A 360 50.11 14.68 9.97
CA LYS A 360 49.06 15.17 9.10
C LYS A 360 49.25 16.66 8.83
N LEU A 361 50.16 17.27 9.58
CA LEU A 361 50.40 18.71 9.54
C LEU A 361 50.96 19.15 8.20
N ASN A 362 51.54 18.21 7.46
CA ASN A 362 52.09 18.51 6.16
C ASN A 362 51.02 18.71 5.09
N ASP A 363 49.85 18.09 5.25
CA ASP A 363 48.79 18.19 4.26
C ASP A 363 47.80 19.28 4.65
N LEU A 364 47.47 19.29 5.93
CA LEU A 364 46.52 20.17 6.56
C LEU A 364 47.06 21.59 6.60
N CYS A 365 46.21 22.64 6.49
CA CYS A 365 46.72 24.00 6.68
C CYS A 365 45.75 24.91 7.38
N PHE A 366 46.29 26.06 7.84
CA PHE A 366 45.68 26.91 8.87
C PHE A 366 45.47 28.35 8.44
N THR A 367 44.52 29.00 9.11
CA THR A 367 44.26 30.42 8.86
C THR A 367 45.38 31.24 9.49
N ASN A 368 45.85 30.77 10.65
CA ASN A 368 46.95 31.36 11.38
C ASN A 368 47.60 30.31 12.28
N VAL A 369 48.87 30.49 12.57
CA VAL A 369 49.55 29.68 13.58
C VAL A 369 50.26 30.59 14.56
N TYR A 370 50.11 30.35 15.85
CA TYR A 370 50.80 31.18 16.82
C TYR A 370 51.75 30.38 17.68
N ALA A 371 52.92 30.94 17.94
CA ALA A 371 53.91 30.26 18.74
C ALA A 371 54.11 30.94 20.08
N ASP A 372 53.68 30.27 21.14
CA ASP A 372 53.79 30.81 22.48
C ASP A 372 55.10 30.34 23.09
N SER A 373 56.02 31.26 23.32
CA SER A 373 57.40 30.92 23.71
C SER A 373 57.83 31.42 25.08
N PHE A 374 58.20 30.47 25.95
CA PHE A 374 58.62 30.80 27.31
C PHE A 374 59.42 29.69 28.02
N VAL A 375 60.05 30.05 29.15
CA VAL A 375 60.78 29.09 29.98
C VAL A 375 60.08 28.67 31.27
N ILE A 376 60.03 27.36 31.49
CA ILE A 376 59.46 26.73 32.69
C ILE A 376 60.43 25.74 33.32
N ARG A 377 60.11 25.27 34.52
CA ARG A 377 60.87 24.19 35.13
C ARG A 377 60.43 22.85 34.54
N GLY A 378 61.37 21.91 34.38
CA GLY A 378 61.13 20.61 33.76
C GLY A 378 59.92 19.82 34.26
N ASP A 379 59.73 19.72 35.55
CA ASP A 379 58.59 18.95 36.05
C ASP A 379 57.23 19.57 35.72
N GLU A 380 57.24 20.83 35.27
CA GLU A 380 56.01 21.54 34.95
C GLU A 380 55.60 21.38 33.49
N VAL A 381 56.41 20.67 32.69
CA VAL A 381 56.09 20.49 31.28
C VAL A 381 54.74 19.78 31.15
N ARG A 382 54.48 18.85 32.04
CA ARG A 382 53.25 18.08 32.05
C ARG A 382 51.99 18.93 32.21
N GLN A 383 52.13 20.13 32.80
CA GLN A 383 50.98 20.98 33.04
C GLN A 383 50.55 21.76 31.80
N ILE A 384 51.38 21.84 30.77
CA ILE A 384 50.94 22.60 29.62
C ILE A 384 50.18 21.69 28.66
N ALA A 385 48.91 21.55 28.95
CA ALA A 385 48.02 20.68 28.19
C ALA A 385 46.57 21.04 28.52
N PRO A 386 45.63 20.82 27.61
CA PRO A 386 44.21 21.00 27.83
C PRO A 386 43.77 20.01 28.87
N GLY A 387 42.90 20.44 29.78
CA GLY A 387 42.39 19.54 30.81
C GLY A 387 43.26 19.47 32.05
N GLN A 388 44.43 20.12 32.05
CA GLN A 388 45.30 20.06 33.21
C GLN A 388 45.11 21.24 34.14
N THR A 389 45.38 21.01 35.40
CA THR A 389 45.33 22.04 36.42
C THR A 389 46.59 21.98 37.24
N GLY A 390 46.86 23.02 37.99
CA GLY A 390 48.06 23.06 38.82
C GLY A 390 48.50 24.50 38.98
N LYS A 391 49.60 24.69 39.68
CA LYS A 391 50.10 26.05 39.93
C LYS A 391 50.60 26.77 38.68
N ILE A 392 50.95 26.05 37.62
CA ILE A 392 51.34 26.73 36.38
C ILE A 392 50.14 26.81 35.44
N ALA A 393 49.46 25.69 35.28
CA ALA A 393 48.30 25.62 34.40
C ALA A 393 47.22 26.60 34.80
N ASP A 394 47.06 26.83 36.12
CA ASP A 394 46.03 27.73 36.58
C ASP A 394 46.52 29.17 36.80
N TYR A 395 47.79 29.35 37.18
CA TYR A 395 48.20 30.69 37.60
C TYR A 395 48.96 31.51 36.56
N ASN A 396 49.80 30.89 35.72
CA ASN A 396 50.60 31.69 34.81
C ASN A 396 50.44 31.38 33.33
N TYR A 397 50.07 30.15 32.98
CA TYR A 397 49.90 29.84 31.56
C TYR A 397 48.81 28.82 31.32
N LYS A 398 47.66 29.32 30.89
CA LYS A 398 46.47 28.50 30.69
C LYS A 398 46.16 28.24 29.21
N LEU A 399 45.90 26.98 28.88
CA LEU A 399 45.43 26.63 27.55
C LEU A 399 43.93 26.38 27.60
N PRO A 400 43.21 26.59 26.49
CA PRO A 400 41.83 26.20 26.32
C PRO A 400 41.74 24.69 26.46
N ASP A 401 40.62 24.18 26.96
CA ASP A 401 40.51 22.74 27.12
C ASP A 401 40.12 22.10 25.79
N ASP A 402 39.82 22.96 24.81
CA ASP A 402 39.52 22.56 23.45
C ASP A 402 40.69 22.96 22.54
N PHE A 403 41.85 23.16 23.15
CA PHE A 403 43.07 23.55 22.45
C PHE A 403 43.41 22.65 21.30
N THR A 404 43.71 23.28 20.17
CA THR A 404 44.12 22.56 18.99
C THR A 404 45.55 22.90 18.69
N GLY A 405 46.40 21.88 18.70
CA GLY A 405 47.80 22.10 18.42
C GLY A 405 48.73 21.14 19.12
N CYS A 406 50.02 21.54 19.18
CA CYS A 406 51.11 20.71 19.68
C CYS A 406 52.00 21.51 20.65
N VAL A 407 52.43 20.85 21.74
CA VAL A 407 53.34 21.40 22.74
C VAL A 407 54.71 20.78 22.58
N ILE A 408 55.69 21.60 22.23
CA ILE A 408 57.03 21.14 21.96
C ILE A 408 58.00 21.68 22.98
N ALA A 409 58.80 20.81 23.58
CA ALA A 409 59.74 21.31 24.58
C ALA A 409 61.04 20.53 24.60
N TRP A 410 62.09 21.22 25.04
CA TRP A 410 63.42 20.63 25.18
C TRP A 410 64.15 21.31 26.33
N ASN A 411 65.12 20.64 26.93
CA ASN A 411 65.80 21.28 28.03
C ASN A 411 66.80 22.30 27.50
N SER A 412 67.11 23.28 28.34
CA SER A 412 68.11 24.28 28.04
C SER A 412 69.16 24.29 29.14
N ASN A 413 69.48 23.10 29.64
CA ASN A 413 70.41 22.98 30.74
C ASN A 413 71.81 23.38 30.32
N ASN A 414 72.08 23.31 29.02
CA ASN A 414 73.38 23.67 28.48
C ASN A 414 73.33 25.02 27.81
N LEU A 415 72.33 25.83 28.13
CA LEU A 415 72.24 27.15 27.51
C LEU A 415 71.73 28.22 28.49
N ASP A 416 70.58 27.99 29.13
CA ASP A 416 70.03 29.02 30.02
C ASP A 416 70.57 28.88 31.44
N SER A 417 70.86 27.66 31.86
CA SER A 417 71.36 27.45 33.22
C SER A 417 72.76 28.06 33.37
N LYS A 418 73.10 28.53 34.57
CA LYS A 418 74.41 29.14 34.87
C LYS A 418 74.99 28.60 36.17
N GLY A 421 73.77 31.15 39.17
CA GLY A 421 72.52 30.62 38.65
C GLY A 421 71.82 31.67 37.79
N ASN A 422 70.95 31.22 36.87
CA ASN A 422 70.15 32.08 36.00
C ASN A 422 68.83 32.45 36.67
N TYR A 423 68.73 33.70 37.11
CA TYR A 423 67.58 34.19 37.85
C TYR A 423 66.73 35.13 37.04
N ASN A 424 66.81 35.03 35.72
CA ASN A 424 66.06 35.93 34.85
C ASN A 424 64.68 35.38 34.50
N TYR A 425 64.33 34.21 35.04
CA TYR A 425 63.05 33.60 34.72
C TYR A 425 62.07 33.63 35.87
N LEU A 426 61.01 34.41 35.68
CA LEU A 426 59.98 34.65 36.69
C LEU A 426 58.64 34.06 36.27
N TYR A 427 57.91 33.56 37.24
CA TYR A 427 56.59 32.97 37.05
C TYR A 427 55.64 33.52 38.10
N ARG A 428 54.31 33.46 37.83
CA ARG A 428 53.29 33.98 38.74
C ARG A 428 52.11 33.00 38.82
N LYS A 436 42.28 33.16 32.51
CA LYS A 436 41.67 32.81 31.24
C LYS A 436 42.74 32.23 30.28
N PRO A 437 42.35 31.44 29.23
CA PRO A 437 43.24 30.92 28.20
C PRO A 437 43.97 32.02 27.48
N PHE A 438 45.26 31.83 27.29
CA PHE A 438 46.13 32.78 26.63
C PHE A 438 46.18 34.16 27.31
N GLU A 439 45.93 34.19 28.62
CA GLU A 439 46.09 35.42 29.38
C GLU A 439 47.56 35.68 29.71
N ARG A 440 48.00 36.94 29.56
CA ARG A 440 49.36 37.33 29.92
C ARG A 440 49.31 38.25 31.14
N ASP A 441 49.52 37.69 32.33
CA ASP A 441 49.37 38.50 33.54
C ASP A 441 50.65 39.26 33.85
N ILE A 442 50.81 40.43 33.19
CA ILE A 442 52.01 41.27 33.27
C ILE A 442 51.95 42.10 34.56
N TYR A 463 53.40 40.47 50.70
CA TYR A 463 53.45 39.08 50.24
C TYR A 463 53.04 39.06 48.75
N PHE A 464 54.03 38.85 47.86
CA PHE A 464 53.80 38.87 46.41
C PHE A 464 53.48 37.49 45.84
N PRO A 465 52.63 37.42 44.81
CA PRO A 465 52.38 36.27 43.93
C PRO A 465 53.56 35.94 43.01
N LEU A 466 54.56 36.83 42.95
CA LEU A 466 55.67 36.67 42.01
C LEU A 466 56.83 35.87 42.59
N GLN A 467 57.22 34.81 41.88
CA GLN A 467 58.33 33.95 42.27
C GLN A 467 59.25 33.68 41.08
N SER A 468 60.50 33.32 41.34
CA SER A 468 61.42 33.04 40.24
C SER A 468 62.33 31.85 40.52
N TYR A 469 62.98 31.36 39.47
CA TYR A 469 63.89 30.22 39.59
C TYR A 469 65.34 30.63 39.43
N GLY A 470 66.23 29.92 40.13
CA GLY A 470 67.66 30.04 39.92
C GLY A 470 68.14 28.79 39.22
N PHE A 471 68.21 28.83 37.91
CA PHE A 471 68.55 27.62 37.18
C PHE A 471 70.05 27.39 37.10
N GLN A 472 70.46 26.19 37.52
CA GLN A 472 71.86 25.79 37.55
C GLN A 472 72.01 24.46 36.83
N PRO A 473 73.14 24.21 36.15
CA PRO A 473 73.42 23.03 35.35
C PRO A 473 73.46 21.75 36.17
N THR A 474 73.60 21.91 37.48
CA THR A 474 73.67 20.77 38.40
C THR A 474 72.33 20.40 39.07
N ASN A 475 71.23 21.11 38.72
CA ASN A 475 69.90 20.85 39.27
C ASN A 475 69.26 19.62 38.62
N VAL A 477 67.22 16.94 36.72
CA VAL A 477 66.49 16.87 35.45
C VAL A 477 65.16 17.65 35.60
N GLY A 478 64.35 17.29 36.62
CA GLY A 478 63.04 17.92 36.86
C GLY A 478 63.18 19.36 37.33
N TYR A 479 64.40 19.73 37.73
CA TYR A 479 64.67 21.06 38.23
C TYR A 479 65.48 21.89 37.23
N GLN A 480 65.65 21.36 36.03
CA GLN A 480 66.36 22.06 34.97
C GLN A 480 65.35 22.89 34.21
N PRO A 481 65.76 23.98 33.56
CA PRO A 481 64.92 24.81 32.72
C PRO A 481 64.59 24.11 31.44
N TYR A 482 63.37 24.34 30.96
CA TYR A 482 62.93 23.88 29.66
C TYR A 482 62.37 25.00 28.82
N ARG A 483 62.72 24.95 27.56
CA ARG A 483 62.20 25.88 26.58
C ARG A 483 61.00 25.26 25.92
N VAL A 484 59.86 25.89 26.10
CA VAL A 484 58.64 25.34 25.55
C VAL A 484 57.99 26.29 24.58
N VAL A 485 57.61 25.74 23.44
CA VAL A 485 56.91 26.46 22.42
C VAL A 485 55.58 25.79 22.17
N VAL A 486 54.50 26.52 22.34
CA VAL A 486 53.19 25.93 22.09
C VAL A 486 52.70 26.43 20.75
N LEU A 487 52.39 25.50 19.85
CA LEU A 487 51.89 25.91 18.56
C LEU A 487 50.39 25.77 18.51
N SER A 488 49.73 26.92 18.47
CA SER A 488 48.29 27.02 18.44
C SER A 488 47.83 27.16 17.00
N PHE A 489 46.98 26.24 16.57
CA PHE A 489 46.57 26.23 15.17
C PHE A 489 45.09 26.56 15.01
N GLU A 490 44.78 27.52 14.15
CA GLU A 490 43.38 27.83 13.89
C GLU A 490 42.92 27.20 12.57
N LEU A 491 42.09 26.17 12.71
CA LEU A 491 41.58 25.38 11.58
C LEU A 491 40.19 25.77 11.12
N LEU A 492 39.69 26.89 11.58
CA LEU A 492 38.36 27.31 11.17
C LEU A 492 38.35 27.50 9.66
N HIS A 493 37.27 27.09 9.02
CA HIS A 493 37.20 27.20 7.57
C HIS A 493 37.09 28.65 7.13
N ALA A 494 38.21 29.14 6.66
CA ALA A 494 38.44 30.52 6.26
C ALA A 494 39.67 30.48 5.38
N PRO A 495 40.04 31.54 4.67
CA PRO A 495 41.23 31.56 3.85
C PRO A 495 42.44 31.15 4.66
N ALA A 496 43.22 30.17 4.17
CA ALA A 496 44.37 29.61 4.93
C ALA A 496 45.66 30.32 4.54
N THR A 497 46.35 30.94 5.49
CA THR A 497 47.60 31.71 5.24
C THR A 497 48.80 30.78 5.43
N VAL A 498 48.71 29.82 6.37
CA VAL A 498 49.81 28.85 6.64
C VAL A 498 49.43 27.51 6.01
N CYS A 499 50.04 27.13 4.88
CA CYS A 499 49.85 25.80 4.23
C CYS A 499 51.20 25.12 4.02
N GLY A 500 51.32 23.84 4.40
CA GLY A 500 52.61 23.12 4.41
C GLY A 500 53.23 22.82 3.06
N PRO A 501 54.42 22.16 3.00
CA PRO A 501 55.14 21.87 1.74
C PRO A 501 54.54 20.76 0.88
N LYS A 502 53.47 21.05 0.15
CA LYS A 502 52.83 20.14 -0.78
C LYS A 502 52.55 20.87 -2.08
N LYS A 503 52.99 20.27 -3.18
CA LYS A 503 52.83 20.88 -4.48
C LYS A 503 51.40 20.76 -4.95
N SER A 504 50.94 21.78 -5.63
CA SER A 504 49.61 21.77 -6.22
C SER A 504 49.64 21.07 -7.55
N THR A 505 48.45 20.76 -8.04
CA THR A 505 48.26 20.15 -9.34
C THR A 505 47.35 21.04 -10.14
N ASN A 506 47.16 20.73 -11.41
CA ASN A 506 46.22 21.49 -12.23
C ASN A 506 44.81 21.09 -11.87
N LEU A 507 43.85 21.97 -12.13
CA LEU A 507 42.47 21.64 -11.81
C LEU A 507 41.69 21.23 -13.05
N VAL A 508 40.94 20.14 -12.92
CA VAL A 508 40.16 19.60 -14.01
C VAL A 508 38.67 19.74 -13.76
N LYS A 509 37.99 20.40 -14.68
CA LYS A 509 36.56 20.65 -14.51
C LYS A 509 35.69 19.64 -15.23
N ASN A 510 34.47 19.48 -14.71
CA ASN A 510 33.41 18.64 -15.25
C ASN A 510 33.79 17.17 -15.32
N LYS A 511 34.62 16.72 -14.39
CA LYS A 511 35.00 15.32 -14.30
C LYS A 511 35.01 14.93 -12.82
N CYS A 512 34.67 13.68 -12.50
CA CYS A 512 34.69 13.20 -11.13
C CYS A 512 36.12 13.03 -10.63
N VAL A 513 36.47 13.74 -9.56
CA VAL A 513 37.86 13.91 -9.09
C VAL A 513 37.97 13.87 -7.57
N ASN A 514 39.13 13.49 -7.05
CA ASN A 514 39.38 13.47 -5.62
C ASN A 514 40.09 14.76 -5.25
N PHE A 515 39.39 15.71 -4.65
CA PHE A 515 39.98 17.03 -4.46
C PHE A 515 40.47 17.30 -3.06
N ASN A 516 41.40 18.25 -2.98
CA ASN A 516 41.95 18.77 -1.74
C ASN A 516 42.16 20.27 -1.83
N PHE A 517 41.30 21.04 -1.18
CA PHE A 517 41.43 22.49 -1.22
C PHE A 517 41.84 23.00 0.15
N ASN A 518 43.09 23.43 0.27
CA ASN A 518 43.61 23.90 1.55
C ASN A 518 43.43 22.89 2.68
N GLY A 519 43.59 21.61 2.39
CA GLY A 519 43.46 20.59 3.42
C GLY A 519 42.05 20.00 3.51
N LEU A 520 41.08 20.61 2.82
CA LEU A 520 39.71 20.12 2.83
C LEU A 520 39.50 19.14 1.69
N THR A 521 39.16 17.91 2.03
CA THR A 521 39.06 16.89 1.01
C THR A 521 37.67 16.37 0.80
N GLY A 522 37.48 15.73 -0.35
CA GLY A 522 36.24 15.08 -0.70
C GLY A 522 36.28 14.64 -2.16
N THR A 523 35.19 14.03 -2.63
CA THR A 523 35.09 13.46 -3.99
C THR A 523 33.81 13.92 -4.69
N GLY A 524 33.94 14.40 -5.92
CA GLY A 524 32.81 14.95 -6.68
C GLY A 524 33.26 15.61 -7.99
N VAL A 525 32.36 16.37 -8.61
CA VAL A 525 32.53 17.00 -9.92
C VAL A 525 32.68 18.51 -9.71
N LEU A 526 33.83 19.11 -10.08
CA LEU A 526 34.05 20.54 -9.92
C LEU A 526 33.59 21.28 -11.17
N THR A 527 32.64 22.19 -11.02
CA THR A 527 32.12 22.90 -12.18
C THR A 527 32.16 24.40 -11.97
N GLU A 528 31.97 25.15 -13.05
CA GLU A 528 31.88 26.60 -12.93
C GLU A 528 30.58 26.93 -12.22
N SER A 529 30.56 28.06 -11.51
CA SER A 529 29.35 28.40 -10.77
C SER A 529 29.01 29.87 -10.87
N ASN A 530 27.80 30.18 -10.46
CA ASN A 530 27.31 31.54 -10.40
C ASN A 530 27.03 31.93 -8.94
N LYS A 531 27.74 31.30 -8.02
CA LYS A 531 27.56 31.60 -6.61
C LYS A 531 28.47 32.73 -6.19
N LYS A 532 27.86 33.83 -5.84
CA LYS A 532 28.62 35.03 -5.53
C LYS A 532 29.10 35.03 -4.12
N PHE A 533 30.28 34.45 -3.92
CA PHE A 533 30.86 34.45 -2.60
C PHE A 533 31.29 35.86 -2.30
N LEU A 534 31.16 36.27 -1.05
CA LEU A 534 31.65 37.56 -0.67
C LEU A 534 33.15 37.41 -0.51
N PRO A 535 33.95 38.47 -0.65
CA PRO A 535 35.41 38.46 -0.60
C PRO A 535 36.00 37.79 0.63
N PHE A 536 35.26 37.73 1.73
CA PHE A 536 35.80 37.14 2.94
C PHE A 536 35.46 35.66 3.06
N GLN A 537 34.61 35.16 2.17
CA GLN A 537 34.12 33.79 2.23
C GLN A 537 34.98 32.87 1.40
N GLN A 538 35.34 31.74 1.98
CA GLN A 538 36.22 30.79 1.30
C GLN A 538 35.52 29.50 0.93
N PHE A 539 34.59 29.07 1.77
CA PHE A 539 33.89 27.82 1.58
C PHE A 539 32.41 28.07 1.69
N GLY A 540 31.61 27.30 0.96
CA GLY A 540 30.16 27.32 1.13
C GLY A 540 29.71 26.01 1.72
N ARG A 541 28.52 25.99 2.33
CA ARG A 541 28.02 24.75 2.91
C ARG A 541 26.56 24.47 2.62
N ASP A 542 26.23 23.18 2.62
CA ASP A 542 24.88 22.68 2.42
C ASP A 542 24.21 22.42 3.78
N ILE A 543 22.97 21.95 3.74
CA ILE A 543 22.19 21.69 4.95
C ILE A 543 22.86 20.65 5.85
N ALA A 544 23.49 19.67 5.24
CA ALA A 544 24.17 18.59 5.94
C ALA A 544 25.54 19.01 6.46
N ASP A 545 25.90 20.28 6.27
CA ASP A 545 27.20 20.84 6.68
C ASP A 545 28.33 20.36 5.78
N THR A 546 27.96 19.73 4.67
CA THR A 546 28.94 19.30 3.69
C THR A 546 29.32 20.48 2.82
N THR A 547 30.43 20.38 2.13
CA THR A 547 30.85 21.48 1.29
C THR A 547 29.98 21.58 0.04
N ASP A 548 29.48 22.78 -0.22
CA ASP A 548 28.63 23.03 -1.37
C ASP A 548 29.42 23.57 -2.56
N ALA A 549 30.36 24.46 -2.25
CA ALA A 549 31.19 25.11 -3.24
C ALA A 549 32.46 25.60 -2.57
N VAL A 550 33.51 25.79 -3.36
CA VAL A 550 34.76 26.33 -2.84
C VAL A 550 35.33 27.43 -3.70
N ARG A 551 36.14 28.29 -3.09
CA ARG A 551 36.89 29.26 -3.84
C ARG A 551 38.29 28.74 -4.12
N ASP A 552 38.66 28.64 -5.37
CA ASP A 552 39.99 28.13 -5.69
C ASP A 552 41.05 29.09 -5.11
N PRO A 553 41.97 28.58 -4.26
CA PRO A 553 42.95 29.34 -3.51
C PRO A 553 44.01 30.03 -4.36
N GLN A 554 44.17 29.61 -5.62
CA GLN A 554 45.18 30.21 -6.48
C GLN A 554 44.56 31.25 -7.38
N THR A 555 43.38 30.92 -7.91
CA THR A 555 42.63 31.82 -8.78
C THR A 555 41.25 31.99 -8.16
N LEU A 556 40.90 33.21 -7.80
CA LEU A 556 39.71 33.38 -6.99
C LEU A 556 38.40 33.30 -7.75
N GLU A 557 38.05 32.08 -8.15
CA GLU A 557 36.79 31.77 -8.81
C GLU A 557 36.06 30.73 -7.99
N ILE A 558 34.74 30.67 -8.14
CA ILE A 558 33.96 29.72 -7.35
C ILE A 558 33.57 28.48 -8.13
N LEU A 559 33.86 27.34 -7.54
CA LEU A 559 33.58 26.06 -8.13
C LEU A 559 32.50 25.33 -7.35
N ASP A 560 31.48 24.86 -8.04
CA ASP A 560 30.44 24.08 -7.40
C ASP A 560 30.90 22.66 -7.25
N ILE A 561 30.54 21.99 -6.14
CA ILE A 561 30.88 20.56 -5.89
C ILE A 561 29.59 19.76 -5.89
N THR A 562 29.34 18.94 -6.93
CA THR A 562 28.13 18.06 -7.01
C THR A 562 28.61 16.61 -7.00
N PRO A 563 28.25 15.74 -6.02
CA PRO A 563 28.77 14.38 -5.97
C PRO A 563 28.49 13.61 -7.26
N CYS A 564 29.43 12.81 -7.73
CA CYS A 564 29.33 12.05 -9.02
C CYS A 564 28.09 11.16 -9.01
N SER A 565 27.35 11.07 -10.14
CA SER A 565 26.08 10.30 -10.26
C SER A 565 26.13 8.97 -9.50
N PHE A 566 25.06 8.63 -8.77
CA PHE A 566 24.96 7.35 -8.00
C PHE A 566 23.50 6.92 -7.89
N GLY A 567 23.24 5.67 -7.47
CA GLY A 567 21.90 5.15 -7.27
C GLY A 567 21.90 3.67 -6.92
N GLY A 568 20.77 3.18 -6.41
CA GLY A 568 20.59 1.75 -6.16
C GLY A 568 20.70 0.95 -7.45
N VAL A 569 21.43 -0.15 -7.43
CA VAL A 569 21.28 -1.22 -8.40
C VAL A 569 20.07 -2.06 -8.01
N SER A 570 19.37 -2.67 -8.94
CA SER A 570 18.44 -3.75 -8.64
C SER A 570 18.49 -4.81 -9.70
N VAL A 571 18.35 -6.08 -9.35
CA VAL A 571 18.45 -7.18 -10.29
C VAL A 571 17.07 -7.78 -10.50
N ILE A 572 16.51 -7.58 -11.68
CA ILE A 572 15.30 -8.19 -12.17
C ILE A 572 15.65 -9.61 -12.58
N THR A 573 15.00 -10.60 -11.99
CA THR A 573 15.29 -12.01 -12.22
C THR A 573 14.00 -12.82 -12.23
N PRO A 574 13.82 -13.75 -13.21
CA PRO A 574 12.75 -14.72 -13.13
C PRO A 574 13.50 -15.70 -12.22
N GLY A 575 12.84 -16.50 -11.40
CA GLY A 575 13.56 -17.31 -10.38
C GLY A 575 14.65 -18.17 -10.99
N THR A 576 15.73 -18.46 -10.26
CA THR A 576 16.89 -19.24 -10.79
C THR A 576 16.34 -20.56 -11.30
N ASN A 577 15.33 -21.10 -10.63
CA ASN A 577 14.72 -22.40 -11.04
C ASN A 577 14.23 -22.21 -12.48
N THR A 578 13.61 -21.07 -12.80
CA THR A 578 13.19 -20.75 -14.19
C THR A 578 14.40 -20.48 -15.09
N SER A 579 15.41 -19.70 -14.66
CA SER A 579 16.55 -19.31 -15.52
C SER A 579 17.63 -18.54 -14.78
N ASN A 580 18.91 -18.67 -15.16
CA ASN A 580 20.03 -17.88 -14.63
C ASN A 580 20.21 -16.51 -15.31
N GLN A 581 19.48 -16.19 -16.38
CA GLN A 581 19.53 -14.86 -17.01
C GLN A 581 18.92 -13.80 -16.11
N VAL A 582 19.48 -12.58 -16.07
CA VAL A 582 19.00 -11.45 -15.24
C VAL A 582 19.15 -10.10 -15.96
N ALA A 583 18.41 -9.08 -15.55
CA ALA A 583 18.50 -7.71 -16.06
C ALA A 583 18.69 -6.71 -14.92
N VAL A 584 19.37 -5.59 -15.17
CA VAL A 584 19.88 -4.72 -14.09
C VAL A 584 19.34 -3.30 -14.22
N LEU A 585 18.77 -2.76 -13.15
CA LEU A 585 18.24 -1.40 -13.07
C LEU A 585 19.20 -0.49 -12.30
N TYR A 586 19.59 0.64 -12.87
CA TYR A 586 20.41 1.67 -12.26
C TYR A 586 19.55 2.88 -11.89
N GLN A 587 19.07 2.93 -10.65
CA GLN A 587 18.07 3.95 -10.22
C GLN A 587 18.61 5.38 -10.28
N ASP A 588 17.84 6.31 -10.87
CA ASP A 588 18.20 7.75 -10.91
C ASP A 588 19.55 7.96 -11.59
N VAL A 589 19.90 7.14 -12.58
CA VAL A 589 21.14 7.35 -13.37
C VAL A 589 20.69 7.40 -14.83
N ASN A 590 21.11 8.39 -15.59
CA ASN A 590 20.81 8.44 -17.05
C ASN A 590 21.69 7.35 -17.65
N CYS A 591 21.38 6.89 -18.85
CA CYS A 591 22.13 5.78 -19.48
C CYS A 591 23.52 6.29 -19.93
N THR A 592 23.78 7.61 -19.91
CA THR A 592 25.10 8.22 -20.25
C THR A 592 26.07 8.13 -19.06
N GLU A 593 25.58 8.09 -17.80
CA GLU A 593 26.40 7.86 -16.60
C GLU A 593 26.82 6.39 -16.40
N VAL A 594 26.14 5.42 -17.01
CA VAL A 594 26.59 4.02 -17.01
C VAL A 594 27.71 3.85 -18.04
N ASN A 615 21.90 -5.02 -24.14
CA ASN A 615 20.73 -4.26 -24.56
C ASN A 615 20.34 -3.20 -23.51
N VAL A 616 19.70 -2.09 -23.89
CA VAL A 616 19.37 -0.98 -22.95
C VAL A 616 17.96 -0.44 -23.21
N PHE A 617 17.16 -0.19 -22.16
CA PHE A 617 15.81 0.42 -22.27
C PHE A 617 15.74 1.58 -21.28
N GLN A 618 15.25 2.76 -21.69
CA GLN A 618 15.16 3.97 -20.81
C GLN A 618 13.85 3.94 -20.02
N THR A 619 13.88 4.20 -18.70
CA THR A 619 12.68 4.26 -17.83
C THR A 619 12.77 5.51 -16.96
N ARG A 620 11.65 5.98 -16.38
CA ARG A 620 11.65 7.15 -15.45
C ARG A 620 12.27 6.70 -14.12
N ALA A 621 12.27 5.39 -13.83
CA ALA A 621 12.86 4.81 -12.63
C ALA A 621 14.39 4.68 -12.68
N GLY A 622 15.04 4.92 -13.83
CA GLY A 622 16.51 4.82 -13.96
C GLY A 622 16.88 4.17 -15.26
N CYS A 623 18.04 3.53 -15.40
CA CYS A 623 18.48 2.95 -16.69
C CYS A 623 18.46 1.43 -16.64
N LEU A 624 17.54 0.79 -17.37
CA LEU A 624 17.43 -0.69 -17.39
C LEU A 624 18.45 -1.21 -18.39
N ILE A 625 19.15 -2.30 -18.08
CA ILE A 625 20.14 -2.96 -18.94
C ILE A 625 19.88 -4.45 -18.96
N GLY A 626 19.95 -5.05 -20.13
CA GLY A 626 19.70 -6.48 -20.32
C GLY A 626 18.23 -6.88 -20.36
N ALA A 627 17.29 -5.94 -20.41
CA ALA A 627 15.87 -6.21 -20.65
C ALA A 627 15.43 -5.69 -22.02
N GLU A 628 14.84 -6.56 -22.82
CA GLU A 628 14.35 -6.30 -24.17
C GLU A 628 13.07 -5.46 -24.13
N HIS A 629 13.13 -4.18 -24.51
CA HIS A 629 11.92 -3.34 -24.55
C HIS A 629 10.90 -3.90 -25.54
N VAL A 630 9.67 -4.08 -25.10
CA VAL A 630 8.54 -4.56 -25.89
C VAL A 630 7.48 -3.47 -26.00
N ASN A 631 7.00 -3.19 -27.23
CA ASN A 631 5.98 -2.14 -27.49
C ASN A 631 4.60 -2.61 -27.02
N ASN A 632 4.35 -3.93 -26.97
CA ASN A 632 3.09 -4.48 -26.45
C ASN A 632 2.91 -4.12 -24.96
N SER A 633 1.76 -4.42 -24.38
CA SER A 633 1.54 -4.33 -22.93
C SER A 633 0.84 -5.57 -22.38
N TYR A 634 1.34 -6.07 -21.26
CA TYR A 634 0.90 -7.27 -20.56
C TYR A 634 0.72 -6.96 -19.07
N GLU A 635 0.08 -7.85 -18.31
CA GLU A 635 -0.20 -7.62 -16.86
C GLU A 635 1.12 -7.62 -16.09
N CYS A 636 1.23 -6.86 -15.01
CA CYS A 636 2.50 -6.69 -14.23
C CYS A 636 2.99 -8.05 -13.73
N ASP A 637 4.29 -8.37 -13.89
CA ASP A 637 4.92 -9.62 -13.39
C ASP A 637 5.96 -9.16 -12.38
N ILE A 638 7.08 -8.57 -12.83
CA ILE A 638 8.06 -7.95 -11.94
C ILE A 638 7.91 -6.42 -12.04
N PRO A 639 7.56 -5.69 -10.98
CA PRO A 639 7.36 -4.25 -11.05
C PRO A 639 8.68 -3.46 -11.06
N ILE A 640 8.92 -2.65 -12.10
CA ILE A 640 10.13 -1.82 -12.22
C ILE A 640 9.90 -0.37 -11.78
N GLY A 641 8.66 0.11 -11.82
CA GLY A 641 8.28 1.44 -11.38
C GLY A 641 7.97 2.41 -12.53
N ALA A 642 7.19 3.44 -12.24
CA ALA A 642 6.65 4.37 -13.23
C ALA A 642 5.96 3.66 -14.40
N GLY A 643 5.16 2.61 -14.08
CA GLY A 643 4.39 1.88 -15.09
C GLY A 643 5.11 0.64 -15.61
N ILE A 644 6.41 0.71 -15.89
CA ILE A 644 7.14 -0.41 -16.53
C ILE A 644 7.08 -1.65 -15.63
N CYS A 645 6.85 -2.86 -16.17
CA CYS A 645 6.88 -4.15 -15.44
C CYS A 645 7.66 -5.11 -16.35
N ALA A 646 8.47 -6.05 -15.84
CA ALA A 646 9.33 -6.95 -16.67
C ALA A 646 9.02 -8.43 -16.43
N SER A 647 9.25 -9.31 -17.41
CA SER A 647 8.94 -10.74 -17.33
C SER A 647 9.93 -11.53 -18.17
N TYR A 648 10.01 -12.84 -17.94
CA TYR A 648 10.83 -13.75 -18.75
C TYR A 648 9.93 -14.48 -19.76
N GLN A 649 9.86 -13.94 -20.97
CA GLN A 649 8.94 -14.36 -22.05
C GLN A 649 9.57 -14.11 -23.41
N THR A 650 9.13 -14.82 -24.44
CA THR A 650 9.50 -14.54 -25.84
C THR A 650 8.87 -13.24 -26.35
N SER A 663 14.83 -19.50 -27.12
CA SER A 663 14.15 -18.30 -27.62
C SER A 663 13.73 -17.33 -26.50
N GLN A 664 13.76 -17.74 -25.24
CA GLN A 664 13.37 -16.93 -24.08
C GLN A 664 14.35 -15.80 -23.73
N SER A 665 13.85 -14.69 -23.18
CA SER A 665 14.61 -13.51 -22.77
C SER A 665 13.85 -12.74 -21.69
N ILE A 666 14.50 -11.84 -20.95
CA ILE A 666 13.78 -10.88 -20.09
C ILE A 666 13.33 -9.71 -20.95
N ILE A 667 12.02 -9.49 -21.05
CA ILE A 667 11.40 -8.32 -21.68
C ILE A 667 11.09 -7.26 -20.63
N ALA A 668 10.95 -6.00 -21.05
CA ALA A 668 10.39 -4.94 -20.22
C ALA A 668 9.40 -4.09 -21.02
N TYR A 669 8.28 -3.73 -20.42
CA TYR A 669 7.10 -3.22 -21.11
C TYR A 669 6.33 -2.27 -20.21
N THR A 670 5.52 -1.37 -20.77
CA THR A 670 4.54 -0.60 -20.00
C THR A 670 3.38 -1.51 -19.61
N MET A 671 2.96 -1.53 -18.35
CA MET A 671 1.98 -2.50 -17.88
C MET A 671 0.57 -2.28 -18.43
N SER A 672 -0.12 -3.37 -18.71
CA SER A 672 -1.55 -3.42 -18.93
C SER A 672 -2.26 -3.17 -17.61
N LEU A 673 -3.25 -2.27 -17.63
CA LEU A 673 -4.16 -2.06 -16.50
C LEU A 673 -5.35 -3.01 -16.55
N GLY A 674 -5.62 -3.61 -17.70
CA GLY A 674 -6.75 -4.50 -17.92
C GLY A 674 -7.26 -4.45 -19.36
N ALA A 675 -8.17 -5.36 -19.69
CA ALA A 675 -8.80 -5.37 -21.00
C ALA A 675 -9.70 -4.14 -21.17
N GLU A 676 -9.41 -3.29 -22.14
CA GLU A 676 -10.24 -2.10 -22.42
C GLU A 676 -11.62 -2.50 -22.97
N ASN A 677 -12.66 -1.78 -22.57
CA ASN A 677 -14.05 -2.14 -22.84
C ASN A 677 -14.98 -0.92 -22.87
N SER A 678 -15.61 -0.60 -24.00
CA SER A 678 -16.74 0.32 -24.01
C SER A 678 -18.03 -0.36 -23.56
N VAL A 679 -18.61 0.06 -22.43
CA VAL A 679 -19.95 -0.41 -22.01
C VAL A 679 -20.99 0.11 -23.00
N ALA A 680 -21.85 -0.79 -23.52
CA ALA A 680 -22.85 -0.44 -24.55
C ALA A 680 -23.97 0.36 -23.90
N TYR A 681 -23.67 1.58 -23.43
CA TYR A 681 -24.68 2.45 -22.76
C TYR A 681 -25.56 3.08 -23.83
N SER A 682 -26.89 3.09 -23.61
CA SER A 682 -27.88 3.78 -24.46
C SER A 682 -28.97 4.26 -23.51
N ASN A 683 -29.70 5.35 -23.79
CA ASN A 683 -30.69 5.90 -22.82
C ASN A 683 -31.90 4.97 -22.66
N ASN A 684 -32.26 4.16 -23.66
CA ASN A 684 -33.36 3.16 -23.55
C ASN A 684 -32.79 1.76 -23.81
N SER A 685 -31.99 1.21 -22.88
CA SER A 685 -31.45 -0.16 -22.99
C SER A 685 -30.98 -0.68 -21.62
N ILE A 686 -31.48 -1.82 -21.14
CA ILE A 686 -30.96 -2.45 -19.87
C ILE A 686 -30.50 -3.87 -20.16
N ALA A 687 -29.36 -4.29 -19.61
CA ALA A 687 -28.86 -5.68 -19.77
C ALA A 687 -29.23 -6.46 -18.51
N ILE A 688 -30.08 -7.49 -18.59
CA ILE A 688 -30.54 -8.29 -17.41
C ILE A 688 -29.87 -9.65 -17.49
N PRO A 689 -29.08 -10.12 -16.48
CA PRO A 689 -28.33 -11.35 -16.61
C PRO A 689 -29.28 -12.55 -16.56
N THR A 690 -29.23 -13.48 -17.51
CA THR A 690 -30.21 -14.60 -17.62
C THR A 690 -29.71 -15.85 -16.90
N ASN A 691 -28.52 -15.83 -16.30
CA ASN A 691 -27.92 -17.01 -15.62
C ASN A 691 -27.11 -16.53 -14.44
N PHE A 692 -26.63 -17.45 -13.60
CA PHE A 692 -25.79 -17.14 -12.43
C PHE A 692 -24.62 -18.12 -12.42
N THR A 693 -23.55 -17.80 -11.72
CA THR A 693 -22.40 -18.71 -11.59
C THR A 693 -21.97 -18.63 -10.13
N ILE A 694 -22.28 -19.64 -9.33
CA ILE A 694 -21.96 -19.59 -7.90
C ILE A 694 -20.47 -19.77 -7.75
N SER A 695 -19.74 -18.79 -7.23
CA SER A 695 -18.29 -18.85 -7.11
C SER A 695 -17.88 -18.87 -5.65
N VAL A 696 -17.11 -19.87 -5.27
CA VAL A 696 -16.46 -19.94 -3.95
C VAL A 696 -15.07 -19.34 -4.09
N THR A 697 -14.81 -18.22 -3.42
CA THR A 697 -13.47 -17.61 -3.42
C THR A 697 -12.83 -17.78 -2.06
N THR A 698 -11.64 -18.33 -2.02
CA THR A 698 -10.81 -18.37 -0.82
C THR A 698 -10.34 -16.95 -0.47
N GLU A 699 -10.56 -16.47 0.75
CA GLU A 699 -9.82 -15.35 1.31
C GLU A 699 -9.01 -15.78 2.54
N ILE A 700 -7.71 -15.55 2.52
CA ILE A 700 -6.77 -16.00 3.55
C ILE A 700 -6.33 -14.80 4.38
N LEU A 701 -6.40 -14.90 5.70
CA LEU A 701 -6.07 -13.81 6.62
C LEU A 701 -5.15 -14.29 7.73
N PRO A 702 -4.04 -13.60 8.02
CA PRO A 702 -3.33 -13.77 9.28
C PRO A 702 -4.26 -13.49 10.44
N VAL A 703 -4.14 -14.24 11.52
CA VAL A 703 -4.94 -14.07 12.74
C VAL A 703 -4.07 -13.99 13.96
N SER A 704 -2.88 -14.57 13.95
CA SER A 704 -1.95 -14.44 15.05
C SER A 704 -0.54 -14.56 14.51
N MET A 705 0.45 -14.41 15.37
CA MET A 705 1.82 -14.72 15.02
C MET A 705 2.49 -15.46 16.17
N THR A 706 3.66 -16.04 15.91
CA THR A 706 4.42 -16.83 16.85
C THR A 706 4.60 -16.10 18.18
N LYS A 707 4.11 -16.64 19.30
CA LYS A 707 4.29 -16.07 20.64
C LYS A 707 5.73 -16.23 21.11
N THR A 708 6.67 -15.55 20.47
CA THR A 708 8.06 -15.51 20.95
C THR A 708 8.11 -14.82 22.29
N SER A 709 9.11 -15.15 23.09
CA SER A 709 9.47 -14.37 24.26
C SER A 709 10.94 -14.55 24.52
N VAL A 710 11.61 -13.49 24.95
CA VAL A 710 13.09 -13.51 25.11
C VAL A 710 13.47 -13.15 26.54
N ASP A 711 14.28 -13.99 27.18
CA ASP A 711 14.86 -13.63 28.49
C ASP A 711 15.98 -12.68 28.12
N CYS A 712 15.74 -11.38 28.14
CA CYS A 712 16.69 -10.38 27.69
C CYS A 712 17.96 -10.44 28.54
N THR A 713 17.87 -10.68 29.84
CA THR A 713 19.06 -10.75 30.73
C THR A 713 19.96 -11.93 30.33
N MET A 714 19.43 -12.93 29.63
CA MET A 714 20.25 -14.06 29.11
C MET A 714 20.85 -13.64 27.77
N TYR A 715 20.06 -13.02 26.88
CA TYR A 715 20.54 -12.60 25.54
C TYR A 715 21.63 -11.54 25.67
N ILE A 716 21.42 -10.51 26.48
CA ILE A 716 22.39 -9.37 26.62
C ILE A 716 23.63 -9.87 27.39
N CYS A 717 23.46 -10.64 28.47
CA CYS A 717 24.58 -11.23 29.27
C CYS A 717 24.29 -12.71 29.52
N GLY A 718 25.00 -13.65 28.90
CA GLY A 718 24.72 -15.09 29.04
C GLY A 718 25.59 -15.71 30.11
N ASP A 719 25.02 -16.31 31.16
CA ASP A 719 25.80 -16.95 32.21
C ASP A 719 27.00 -16.15 32.68
N SER A 720 26.86 -14.84 32.79
CA SER A 720 27.96 -14.01 33.27
C SER A 720 27.56 -13.04 34.35
N THR A 721 28.12 -13.25 35.54
CA THR A 721 27.84 -12.41 36.69
C THR A 721 28.42 -11.02 36.50
N GLU A 722 29.61 -10.95 35.93
CA GLU A 722 30.28 -9.67 35.75
C GLU A 722 29.52 -8.77 34.80
N CYS A 723 29.02 -9.34 33.68
CA CYS A 723 28.21 -8.63 32.70
C CYS A 723 26.85 -8.24 33.27
N SER A 724 26.20 -9.16 34.02
CA SER A 724 24.88 -8.90 34.61
C SER A 724 24.91 -7.72 35.56
N ASN A 725 25.95 -7.64 36.39
CA ASN A 725 26.05 -6.52 37.29
C ASN A 725 26.19 -5.20 36.54
N LEU A 726 26.87 -5.20 35.40
CA LEU A 726 26.96 -4.00 34.57
C LEU A 726 25.62 -3.69 33.92
N LEU A 727 24.88 -4.70 33.47
CA LEU A 727 23.56 -4.51 32.84
C LEU A 727 22.55 -3.94 33.83
N LEU A 728 22.73 -4.15 35.13
CA LEU A 728 21.84 -3.56 36.11
C LEU A 728 21.95 -2.05 36.18
N GLN A 729 23.02 -1.49 35.64
CA GLN A 729 23.22 -0.05 35.70
C GLN A 729 22.34 0.66 34.69
N TYR A 730 21.64 -0.12 33.87
CA TYR A 730 20.74 0.41 32.86
C TYR A 730 19.30 0.39 33.36
N GLY A 731 19.12 0.04 34.62
CA GLY A 731 17.82 0.08 35.25
C GLY A 731 16.80 -0.86 34.64
N SER A 732 15.66 -0.31 34.25
CA SER A 732 14.55 -1.08 33.71
C SER A 732 14.65 -1.29 32.21
N PHE A 733 15.74 -0.99 31.50
CA PHE A 733 15.76 -1.25 30.05
C PHE A 733 15.48 -2.72 29.66
N CYS A 734 15.73 -3.69 30.54
CA CYS A 734 15.39 -5.09 30.33
C CYS A 734 13.93 -5.45 30.64
N THR A 735 13.42 -5.09 31.80
CA THR A 735 12.10 -5.54 32.22
C THR A 735 10.99 -4.92 31.42
N GLN A 736 11.18 -3.73 30.83
CA GLN A 736 10.21 -3.18 29.89
C GLN A 736 10.23 -3.87 28.51
N LEU A 737 11.28 -4.63 28.16
CA LEU A 737 11.35 -5.47 26.98
C LEU A 737 10.78 -6.86 27.23
N ASN A 738 11.12 -7.50 28.36
CA ASN A 738 10.34 -8.63 28.86
C ASN A 738 8.86 -8.28 28.92
N ARG A 739 8.53 -7.04 29.29
CA ARG A 739 7.13 -6.65 29.41
C ARG A 739 6.49 -6.45 28.05
N ALA A 740 7.15 -5.77 27.13
CA ALA A 740 6.61 -5.49 25.79
C ALA A 740 6.33 -6.75 24.99
N LEU A 741 7.28 -7.69 24.95
CA LEU A 741 7.11 -9.01 24.34
C LEU A 741 6.03 -9.82 25.03
N THR A 742 5.88 -9.74 26.35
CA THR A 742 4.78 -10.45 27.03
C THR A 742 3.43 -9.87 26.63
N GLY A 743 3.34 -8.57 26.42
CA GLY A 743 2.11 -7.94 25.97
C GLY A 743 1.73 -8.45 24.58
N ILE A 744 2.69 -8.61 23.67
CA ILE A 744 2.43 -9.18 22.35
C ILE A 744 2.00 -10.64 22.46
N ALA A 745 2.73 -11.44 23.26
CA ALA A 745 2.46 -12.86 23.40
C ALA A 745 1.07 -13.13 23.96
N VAL A 746 0.64 -12.39 24.98
CA VAL A 746 -0.68 -12.51 25.62
C VAL A 746 -1.79 -12.17 24.63
N GLU A 747 -1.63 -11.15 23.80
CA GLU A 747 -2.68 -10.76 22.87
C GLU A 747 -2.81 -11.66 21.64
N GLN A 748 -1.87 -12.56 21.35
CA GLN A 748 -2.09 -13.54 20.27
C GLN A 748 -3.24 -14.48 20.59
N ASP A 749 -3.42 -14.84 21.85
CA ASP A 749 -4.56 -15.65 22.28
C ASP A 749 -5.83 -14.83 22.35
N LYS A 750 -5.74 -13.53 22.65
CA LYS A 750 -6.85 -12.61 22.50
C LYS A 750 -7.32 -12.57 21.05
N ASN A 751 -6.43 -12.38 20.08
CA ASN A 751 -6.76 -12.40 18.66
C ASN A 751 -7.41 -13.72 18.26
N THR A 752 -6.82 -14.83 18.65
CA THR A 752 -7.30 -16.16 18.27
C THR A 752 -8.65 -16.48 18.91
N GLN A 753 -8.88 -16.06 20.16
CA GLN A 753 -10.16 -16.18 20.84
C GLN A 753 -11.23 -15.31 20.20
N GLU A 754 -10.94 -14.05 19.87
CA GLU A 754 -11.91 -13.16 19.23
C GLU A 754 -12.31 -13.62 17.83
N VAL A 755 -11.39 -14.15 17.05
CA VAL A 755 -11.69 -14.64 15.70
C VAL A 755 -12.50 -15.92 15.75
N PHE A 756 -12.10 -16.92 16.53
CA PHE A 756 -12.74 -18.23 16.48
C PHE A 756 -13.86 -18.43 17.50
N ALA A 757 -13.74 -17.94 18.73
CA ALA A 757 -14.67 -18.26 19.80
C ALA A 757 -15.95 -17.42 19.78
N GLN A 758 -16.46 -17.12 18.59
CA GLN A 758 -17.67 -16.34 18.39
C GLN A 758 -18.95 -17.15 18.58
N VAL A 759 -18.87 -18.30 19.25
CA VAL A 759 -19.96 -19.25 19.39
C VAL A 759 -20.02 -19.77 20.83
N LYS A 760 -21.21 -19.72 21.44
CA LYS A 760 -21.39 -20.03 22.87
C LYS A 760 -21.45 -21.52 23.20
N GLN A 761 -21.57 -22.36 22.18
CA GLN A 761 -21.73 -23.80 22.23
C GLN A 761 -20.94 -24.44 21.10
N ILE A 762 -20.50 -25.68 21.27
CA ILE A 762 -19.86 -26.44 20.22
C ILE A 762 -20.94 -27.21 19.48
N TYR A 763 -21.45 -26.63 18.38
CA TYR A 763 -22.49 -27.29 17.55
C TYR A 763 -21.85 -28.44 16.79
N LYS A 764 -22.59 -29.52 16.51
CA LYS A 764 -22.08 -30.70 15.78
C LYS A 764 -23.04 -31.01 14.64
N THR A 765 -22.56 -31.57 13.54
CA THR A 765 -23.38 -31.88 12.35
C THR A 765 -24.23 -33.13 12.60
N PRO A 766 -25.43 -33.27 12.00
CA PRO A 766 -26.25 -34.47 12.12
C PRO A 766 -25.55 -35.69 11.50
N PRO A 767 -25.99 -36.92 11.81
CA PRO A 767 -25.40 -38.12 11.22
C PRO A 767 -25.66 -38.19 9.72
N ILE A 768 -26.90 -37.98 9.28
CA ILE A 768 -27.30 -37.93 7.86
C ILE A 768 -26.99 -36.53 7.30
N LYS A 769 -26.46 -36.45 6.07
CA LYS A 769 -26.07 -35.21 5.38
C LYS A 769 -27.12 -34.79 4.35
N ASP A 770 -28.38 -34.69 4.75
CA ASP A 770 -29.56 -34.38 3.92
C ASP A 770 -29.68 -32.88 3.60
N PHE A 771 -28.63 -32.27 3.07
CA PHE A 771 -28.52 -30.83 2.78
C PHE A 771 -29.00 -30.41 1.38
N GLY A 772 -30.08 -30.99 0.87
CA GLY A 772 -30.70 -30.53 -0.39
C GLY A 772 -29.85 -30.65 -1.66
N GLY A 773 -28.78 -31.45 -1.62
CA GLY A 773 -27.87 -31.62 -2.76
C GLY A 773 -26.53 -30.96 -2.46
N PHE A 774 -26.54 -29.85 -1.73
CA PHE A 774 -25.30 -29.11 -1.36
C PHE A 774 -24.43 -30.11 -0.59
N ASN A 775 -23.14 -30.20 -0.91
CA ASN A 775 -22.23 -31.21 -0.32
C ASN A 775 -21.08 -30.47 0.38
N PHE A 776 -20.91 -30.64 1.69
CA PHE A 776 -19.87 -29.94 2.50
C PHE A 776 -18.92 -30.95 3.14
N SER A 777 -18.77 -32.15 2.57
CA SER A 777 -17.89 -33.21 3.12
C SER A 777 -16.40 -32.87 3.04
N GLN A 778 -16.03 -31.94 2.17
CA GLN A 778 -14.65 -31.49 1.99
C GLN A 778 -14.25 -30.35 2.92
N ILE A 779 -15.19 -29.77 3.68
CA ILE A 779 -14.97 -28.66 4.62
C ILE A 779 -15.38 -29.01 6.06
N LEU A 780 -16.19 -30.04 6.25
CA LEU A 780 -16.51 -30.66 7.53
C LEU A 780 -15.39 -31.61 8.02
N PRO A 781 -15.30 -31.92 9.32
CA PRO A 781 -14.29 -32.82 9.89
C PRO A 781 -14.16 -34.16 9.20
N ASP A 782 -12.95 -34.71 9.19
CA ASP A 782 -12.69 -36.11 8.86
C ASP A 782 -12.44 -36.90 10.16
N PRO A 783 -13.41 -37.68 10.67
CA PRO A 783 -13.25 -38.44 11.90
C PRO A 783 -12.09 -39.43 11.89
N SER A 784 -11.57 -39.80 10.71
CA SER A 784 -10.43 -40.70 10.49
C SER A 784 -9.09 -40.14 10.96
N LYS A 785 -8.96 -38.82 11.09
CA LYS A 785 -7.70 -38.12 11.42
C LYS A 785 -7.44 -38.06 12.93
N PRO A 786 -6.16 -37.93 13.37
CA PRO A 786 -5.83 -37.79 14.78
C PRO A 786 -6.25 -36.44 15.37
N SER A 787 -6.01 -35.35 14.64
CA SER A 787 -6.63 -34.05 14.87
C SER A 787 -7.67 -33.87 13.77
N LYS A 788 -8.94 -33.67 14.13
CA LYS A 788 -10.10 -33.88 13.24
C LYS A 788 -10.44 -32.67 12.38
N ARG A 789 -9.42 -32.19 11.67
CA ARG A 789 -9.49 -31.17 10.62
C ARG A 789 -10.32 -31.66 9.44
N SER A 790 -10.86 -30.76 8.63
CA SER A 790 -11.49 -31.13 7.35
C SER A 790 -10.46 -31.54 6.30
N PHE A 791 -10.92 -31.99 5.13
CA PHE A 791 -10.03 -32.23 4.00
C PHE A 791 -9.30 -30.95 3.58
N ILE A 792 -10.02 -29.84 3.37
CA ILE A 792 -9.40 -28.57 2.99
C ILE A 792 -8.53 -27.99 4.12
N GLU A 793 -8.86 -28.17 5.40
CA GLU A 793 -7.96 -27.77 6.49
C GLU A 793 -6.65 -28.56 6.44
N ASP A 794 -6.61 -29.83 6.06
CA ASP A 794 -5.34 -30.56 5.92
C ASP A 794 -4.43 -30.00 4.81
N LEU A 795 -4.99 -29.52 3.69
CA LEU A 795 -4.21 -28.87 2.63
C LEU A 795 -3.55 -27.60 3.15
N LEU A 796 -4.30 -26.81 3.90
CA LEU A 796 -3.83 -25.56 4.49
C LEU A 796 -2.76 -25.81 5.55
N PHE A 797 -2.88 -26.85 6.37
CA PHE A 797 -1.84 -27.21 7.33
C PHE A 797 -0.57 -27.79 6.69
N ASN A 798 -0.66 -28.33 5.47
CA ASN A 798 0.50 -28.82 4.71
C ASN A 798 1.26 -27.71 3.97
N LYS A 799 0.58 -26.74 3.34
CA LYS A 799 1.23 -25.71 2.50
C LYS A 799 2.03 -24.64 3.24
N VAL A 800 1.95 -24.53 4.57
CA VAL A 800 2.75 -23.61 5.40
C VAL A 800 3.86 -24.37 6.13
N THR A 801 5.09 -23.88 6.12
CA THR A 801 6.26 -24.60 6.66
C THR A 801 6.19 -24.81 8.18
N LYS A 828 15.65 -21.50 20.76
CA LYS A 828 17.11 -21.42 20.67
C LYS A 828 17.73 -21.35 22.08
N PHE A 829 19.06 -21.43 22.19
CA PHE A 829 19.72 -21.39 23.49
C PHE A 829 19.89 -19.98 24.07
N ASN A 830 19.83 -18.90 23.29
CA ASN A 830 20.15 -17.53 23.74
C ASN A 830 18.99 -16.76 24.36
N GLY A 831 18.35 -17.30 25.40
CA GLY A 831 17.21 -16.67 26.07
C GLY A 831 15.91 -16.69 25.28
N LEU A 832 15.95 -16.79 23.96
CA LEU A 832 14.79 -16.95 23.07
C LEU A 832 13.96 -18.19 23.44
N THR A 833 12.64 -18.07 23.33
CA THR A 833 11.65 -19.14 23.53
C THR A 833 10.45 -18.95 22.60
N VAL A 834 9.64 -19.97 22.39
CA VAL A 834 8.35 -19.84 21.69
C VAL A 834 7.27 -20.43 22.55
N LEU A 835 6.41 -19.59 23.12
CA LEU A 835 5.31 -20.01 23.97
C LEU A 835 4.21 -20.68 23.11
N PRO A 836 3.51 -21.70 23.59
CA PRO A 836 2.45 -22.31 22.81
C PRO A 836 1.19 -21.43 22.78
N PRO A 837 0.34 -21.52 21.75
CA PRO A 837 -0.95 -20.86 21.78
C PRO A 837 -1.84 -21.48 22.84
N LEU A 838 -2.78 -20.75 23.41
CA LEU A 838 -3.73 -21.31 24.36
C LEU A 838 -4.70 -22.27 23.68
N LEU A 839 -5.18 -21.92 22.49
CA LEU A 839 -6.01 -22.81 21.69
C LEU A 839 -5.08 -23.67 20.82
N THR A 840 -5.04 -24.96 21.07
CA THR A 840 -4.35 -25.90 20.18
C THR A 840 -5.04 -25.94 18.83
N ASP A 841 -4.31 -26.30 17.77
CA ASP A 841 -4.87 -26.43 16.44
C ASP A 841 -5.97 -27.51 16.35
N GLU A 842 -6.10 -28.40 17.34
CA GLU A 842 -7.25 -29.30 17.50
C GLU A 842 -8.48 -28.60 18.11
N MET A 843 -8.30 -27.64 19.03
CA MET A 843 -9.39 -26.81 19.56
C MET A 843 -9.87 -25.76 18.56
N ILE A 844 -8.98 -25.13 17.79
CA ILE A 844 -9.35 -24.27 16.67
C ILE A 844 -10.24 -25.03 15.70
N ALA A 845 -9.94 -26.30 15.44
CA ALA A 845 -10.72 -27.13 14.54
C ALA A 845 -12.07 -27.58 15.14
N GLN A 846 -12.25 -27.58 16.47
CA GLN A 846 -13.58 -27.74 17.07
C GLN A 846 -14.38 -26.45 16.91
N TYR A 847 -13.76 -25.28 17.07
CA TYR A 847 -14.44 -24.01 16.89
C TYR A 847 -14.84 -23.77 15.45
N THR A 848 -13.97 -23.98 14.45
CA THR A 848 -14.40 -23.86 13.06
C THR A 848 -15.44 -24.91 12.71
N SER A 849 -15.36 -26.15 13.19
CA SER A 849 -16.45 -27.12 13.02
C SER A 849 -17.75 -26.69 13.70
N ALA A 850 -17.72 -25.96 14.82
CA ALA A 850 -18.92 -25.47 15.49
C ALA A 850 -19.56 -24.31 14.73
N LEU A 851 -18.74 -23.34 14.33
CA LEU A 851 -19.15 -22.26 13.43
C LEU A 851 -19.77 -22.83 12.16
N LEU A 852 -19.17 -23.86 11.59
CA LEU A 852 -19.58 -24.46 10.34
C LEU A 852 -20.80 -25.38 10.47
N ALA A 853 -20.88 -26.23 11.50
CA ALA A 853 -22.08 -27.02 11.75
C ALA A 853 -23.28 -26.18 12.19
N GLY A 854 -23.03 -25.04 12.83
CA GLY A 854 -24.03 -24.01 13.05
C GLY A 854 -24.46 -23.38 11.74
N THR A 855 -23.51 -22.89 10.92
CA THR A 855 -23.79 -22.23 9.64
C THR A 855 -24.63 -23.08 8.72
N ILE A 856 -24.34 -24.38 8.63
CA ILE A 856 -25.02 -25.33 7.75
C ILE A 856 -26.43 -25.68 8.22
N THR A 857 -26.62 -25.93 9.52
CA THR A 857 -27.92 -26.41 10.03
C THR A 857 -28.88 -25.29 10.43
N SER A 858 -28.39 -24.07 10.67
CA SER A 858 -29.15 -22.99 11.31
C SER A 858 -28.98 -21.61 10.71
N GLY A 859 -28.13 -21.44 9.71
CA GLY A 859 -27.92 -20.18 9.02
C GLY A 859 -27.29 -19.10 9.90
N TRP A 860 -27.84 -17.89 9.90
CA TRP A 860 -27.41 -16.82 10.80
C TRP A 860 -27.96 -16.93 12.22
N THR A 861 -28.97 -17.76 12.46
CA THR A 861 -29.75 -17.70 13.70
C THR A 861 -28.94 -18.03 14.94
N PHE A 862 -27.88 -18.83 14.82
CA PHE A 862 -26.95 -19.12 15.93
C PHE A 862 -26.08 -17.93 16.35
N GLY A 863 -26.01 -16.88 15.53
CA GLY A 863 -25.42 -15.59 15.89
C GLY A 863 -26.39 -14.69 16.66
N ALA A 864 -27.68 -14.73 16.35
CA ALA A 864 -28.71 -13.95 17.04
C ALA A 864 -29.13 -14.53 18.39
N GLY A 865 -29.37 -15.83 18.46
CA GLY A 865 -29.94 -16.51 19.62
C GLY A 865 -29.29 -17.87 19.88
N ALA A 866 -30.09 -18.87 20.21
CA ALA A 866 -29.68 -20.26 20.04
C ALA A 866 -29.90 -20.70 18.59
N ALA A 867 -29.14 -21.67 18.09
CA ALA A 867 -29.34 -22.17 16.74
C ALA A 867 -30.78 -22.65 16.53
N LEU A 868 -31.43 -22.15 15.49
CA LEU A 868 -32.73 -22.58 15.02
C LEU A 868 -32.50 -23.45 13.79
N GLN A 869 -32.89 -24.72 13.77
CA GLN A 869 -32.69 -25.50 12.55
C GLN A 869 -33.55 -24.96 11.41
N ILE A 870 -33.04 -24.99 10.19
CA ILE A 870 -33.78 -24.74 8.94
C ILE A 870 -33.18 -25.61 7.82
N PRO A 871 -33.97 -26.27 6.95
CA PRO A 871 -33.44 -27.08 5.86
C PRO A 871 -32.50 -26.29 4.96
N PHE A 872 -31.43 -26.87 4.44
CA PHE A 872 -30.47 -26.08 3.65
C PHE A 872 -31.04 -25.50 2.36
N ALA A 873 -31.98 -26.19 1.72
CA ALA A 873 -32.71 -25.64 0.57
C ALA A 873 -33.60 -24.43 0.93
N MET A 874 -33.97 -24.27 2.20
CA MET A 874 -34.69 -23.10 2.70
C MET A 874 -33.76 -22.04 3.25
N GLN A 875 -32.56 -22.38 3.68
CA GLN A 875 -31.56 -21.41 4.07
C GLN A 875 -30.98 -20.69 2.87
N MET A 876 -30.67 -21.38 1.79
CA MET A 876 -30.19 -20.69 0.58
C MET A 876 -31.31 -19.90 -0.08
N ALA A 877 -32.55 -20.36 0.00
CA ALA A 877 -33.69 -19.57 -0.51
C ALA A 877 -33.76 -18.25 0.24
N TYR A 878 -33.47 -18.24 1.55
CA TYR A 878 -33.44 -17.01 2.38
C TYR A 878 -32.30 -16.10 1.92
N ARG A 879 -31.13 -16.66 1.58
CA ARG A 879 -29.93 -15.86 1.18
C ARG A 879 -30.16 -15.33 -0.24
N PHE A 880 -30.83 -16.05 -1.12
CA PHE A 880 -31.21 -15.51 -2.42
C PHE A 880 -32.13 -14.29 -2.27
N ASN A 881 -33.11 -14.28 -1.37
CA ASN A 881 -33.86 -13.05 -1.08
C ASN A 881 -32.95 -11.93 -0.55
N GLY A 882 -31.86 -12.24 0.15
CA GLY A 882 -30.90 -11.25 0.65
C GLY A 882 -30.18 -10.48 -0.44
N ILE A 883 -29.80 -11.14 -1.53
CA ILE A 883 -29.23 -10.52 -2.75
C ILE A 883 -30.33 -10.01 -3.71
N GLY A 884 -31.57 -9.99 -3.29
CA GLY A 884 -32.71 -9.51 -4.07
C GLY A 884 -33.16 -10.44 -5.19
N VAL A 885 -32.58 -11.63 -5.33
CA VAL A 885 -33.01 -12.64 -6.31
C VAL A 885 -34.23 -13.39 -5.76
N THR A 886 -35.33 -13.43 -6.50
CA THR A 886 -36.57 -14.06 -6.01
C THR A 886 -36.33 -15.52 -5.68
N GLN A 887 -36.64 -15.99 -4.47
CA GLN A 887 -36.25 -17.32 -4.01
C GLN A 887 -36.69 -18.51 -4.88
N ASN A 888 -37.70 -18.40 -5.74
CA ASN A 888 -38.04 -19.48 -6.67
C ASN A 888 -36.94 -19.71 -7.72
N VAL A 889 -36.11 -18.71 -7.99
CA VAL A 889 -34.90 -18.85 -8.81
C VAL A 889 -33.94 -19.87 -8.21
N LEU A 890 -33.95 -20.09 -6.88
CA LEU A 890 -33.25 -21.22 -6.30
C LEU A 890 -33.97 -22.53 -6.57
N TYR A 891 -35.22 -22.72 -6.14
CA TYR A 891 -35.89 -24.02 -6.25
C TYR A 891 -36.02 -24.54 -7.68
N GLU A 892 -36.34 -23.67 -8.63
CA GLU A 892 -36.39 -24.03 -10.04
C GLU A 892 -35.01 -24.40 -10.63
N ASN A 893 -33.92 -24.10 -9.94
CA ASN A 893 -32.54 -24.39 -10.33
C ASN A 893 -31.77 -25.14 -9.24
N GLN A 894 -32.43 -25.85 -8.32
CA GLN A 894 -31.77 -26.26 -7.08
C GLN A 894 -30.63 -27.25 -7.32
N LYS A 895 -30.81 -28.19 -8.26
CA LYS A 895 -29.73 -29.11 -8.64
C LYS A 895 -28.57 -28.39 -9.33
N LEU A 896 -28.83 -27.47 -10.25
CA LEU A 896 -27.78 -26.66 -10.86
C LEU A 896 -26.98 -25.87 -9.82
N ILE A 897 -27.63 -25.31 -8.80
CA ILE A 897 -26.96 -24.52 -7.78
C ILE A 897 -26.15 -25.42 -6.84
N ALA A 898 -26.73 -26.56 -6.44
CA ALA A 898 -26.01 -27.53 -5.63
C ALA A 898 -24.75 -28.01 -6.37
N ASN A 899 -24.88 -28.37 -7.64
CA ASN A 899 -23.76 -28.78 -8.48
C ASN A 899 -22.70 -27.69 -8.70
N GLN A 900 -23.07 -26.43 -8.86
CA GLN A 900 -22.08 -25.36 -8.95
C GLN A 900 -21.36 -25.12 -7.62
N PHE A 901 -22.05 -25.23 -6.48
CA PHE A 901 -21.36 -25.18 -5.19
C PHE A 901 -20.37 -26.33 -5.04
N ASN A 902 -20.80 -27.57 -5.28
CA ASN A 902 -19.96 -28.77 -5.19
C ASN A 902 -18.76 -28.72 -6.14
N SER A 903 -18.96 -28.27 -7.38
CA SER A 903 -17.88 -28.10 -8.35
C SER A 903 -16.90 -27.00 -7.96
N ALA A 904 -17.40 -25.88 -7.43
CA ALA A 904 -16.57 -24.78 -6.97
C ALA A 904 -15.74 -25.14 -5.74
N ILE A 905 -16.24 -25.97 -4.82
CA ILE A 905 -15.45 -26.53 -3.71
C ILE A 905 -14.37 -27.49 -4.24
N GLY A 906 -14.65 -28.22 -5.30
CA GLY A 906 -13.67 -29.03 -6.00
C GLY A 906 -12.47 -28.22 -6.50
N LYS A 907 -12.70 -27.05 -7.12
CA LYS A 907 -11.61 -26.17 -7.58
C LYS A 907 -10.73 -25.68 -6.45
N ILE A 908 -11.25 -25.53 -5.22
CA ILE A 908 -10.45 -25.10 -4.07
C ILE A 908 -9.35 -26.11 -3.77
N GLN A 909 -9.68 -27.40 -3.81
CA GLN A 909 -8.67 -28.44 -3.59
C GLN A 909 -7.59 -28.41 -4.68
N ASP A 910 -7.98 -28.27 -5.95
CA ASP A 910 -7.04 -28.17 -7.06
C ASP A 910 -6.11 -26.97 -6.90
N SER A 911 -6.64 -25.82 -6.51
CA SER A 911 -5.85 -24.61 -6.24
C SER A 911 -4.86 -24.85 -5.10
N LEU A 912 -5.34 -25.20 -3.92
CA LEU A 912 -4.52 -25.36 -2.71
C LEU A 912 -3.54 -26.53 -2.78
N SER A 913 -3.89 -27.62 -3.47
CA SER A 913 -2.98 -28.77 -3.67
C SER A 913 -1.84 -28.43 -4.63
N SER A 914 -2.13 -27.72 -5.73
CA SER A 914 -1.15 -27.43 -6.78
C SER A 914 -0.26 -26.22 -6.45
N THR A 915 -0.82 -25.18 -5.83
CA THR A 915 -0.24 -23.83 -5.88
C THR A 915 0.10 -23.34 -4.47
N ALA A 916 1.29 -23.68 -3.97
CA ALA A 916 1.72 -23.34 -2.61
C ALA A 916 1.72 -21.83 -2.32
N SER A 917 1.88 -20.99 -3.35
CA SER A 917 1.83 -19.53 -3.28
C SER A 917 0.45 -18.95 -2.95
N ALA A 918 -0.64 -19.74 -2.98
CA ALA A 918 -1.96 -19.33 -2.53
C ALA A 918 -1.98 -18.89 -1.04
N LEU A 919 -1.16 -19.55 -0.19
CA LEU A 919 -1.01 -19.27 1.23
C LEU A 919 -0.05 -18.10 1.53
N GLY A 920 0.27 -17.29 0.53
CA GLY A 920 1.34 -16.29 0.58
C GLY A 920 1.31 -15.38 1.80
N LYS A 921 0.14 -14.96 2.28
CA LYS A 921 0.05 -14.10 3.48
C LYS A 921 0.50 -14.79 4.77
N LEU A 922 0.12 -16.03 5.00
CA LEU A 922 0.47 -16.80 6.19
C LEU A 922 1.93 -17.19 6.17
N GLN A 923 2.46 -17.60 5.01
CA GLN A 923 3.88 -17.90 4.90
C GLN A 923 4.73 -16.63 5.02
N ASP A 924 4.24 -15.48 4.56
CA ASP A 924 4.91 -14.19 4.75
C ASP A 924 5.01 -13.84 6.24
N VAL A 925 3.92 -13.96 7.00
CA VAL A 925 3.92 -13.72 8.46
C VAL A 925 4.88 -14.64 9.20
N VAL A 926 4.92 -15.92 8.83
CA VAL A 926 5.85 -16.89 9.43
C VAL A 926 7.30 -16.61 9.02
N ASN A 927 7.54 -16.15 7.80
CA ASN A 927 8.87 -15.75 7.35
C ASN A 927 9.35 -14.48 8.03
N GLN A 928 8.53 -13.43 8.18
CA GLN A 928 8.93 -12.20 8.86
C GLN A 928 9.34 -12.48 10.31
N ASN A 929 8.58 -13.28 11.03
CA ASN A 929 8.91 -13.66 12.40
C ASN A 929 10.18 -14.51 12.47
N ALA A 930 10.38 -15.44 11.55
CA ALA A 930 11.61 -16.23 11.49
C ALA A 930 12.83 -15.41 11.07
N GLN A 931 12.68 -14.44 10.16
CA GLN A 931 13.75 -13.56 9.72
C GLN A 931 14.19 -12.60 10.82
N ALA A 932 13.25 -12.12 11.62
CA ALA A 932 13.53 -11.26 12.76
C ALA A 932 14.30 -12.01 13.85
N LEU A 933 13.91 -13.25 14.18
CA LEU A 933 14.65 -14.08 15.13
C LEU A 933 16.04 -14.45 14.60
N ASN A 934 16.19 -14.78 13.32
CA ASN A 934 17.50 -15.06 12.75
C ASN A 934 18.37 -13.81 12.78
N THR A 935 17.81 -12.64 12.53
CA THR A 935 18.55 -11.38 12.63
C THR A 935 18.98 -11.12 14.06
N LEU A 936 18.09 -11.34 15.03
CA LEU A 936 18.34 -11.16 16.45
C LEU A 936 19.44 -12.09 16.93
N VAL A 937 19.42 -13.36 16.56
CA VAL A 937 20.46 -14.32 16.93
C VAL A 937 21.78 -14.00 16.24
N LYS A 938 21.80 -13.66 14.96
CA LYS A 938 23.04 -13.28 14.27
C LYS A 938 23.71 -12.07 14.90
N GLN A 939 22.93 -11.12 15.40
CA GLN A 939 23.47 -9.93 16.07
C GLN A 939 24.21 -10.22 17.39
N LEU A 940 24.21 -11.45 17.90
CA LEU A 940 25.10 -11.83 19.01
C LEU A 940 26.57 -11.95 18.59
N SER A 941 26.86 -12.12 17.31
CA SER A 941 28.21 -12.36 16.76
C SER A 941 29.02 -11.10 16.47
N SER A 942 28.43 -9.92 16.64
CA SER A 942 29.05 -8.63 16.37
C SER A 942 29.87 -8.14 17.55
N ASN A 943 30.94 -7.41 17.25
CA ASN A 943 31.82 -6.88 18.27
C ASN A 943 31.35 -5.56 18.86
N PHE A 944 30.72 -4.73 18.05
CA PHE A 944 30.27 -3.42 18.49
C PHE A 944 31.41 -2.56 19.05
N GLY A 945 32.63 -2.81 18.59
CA GLY A 945 33.78 -2.04 19.04
C GLY A 945 34.61 -2.79 20.07
N ALA A 946 34.08 -3.90 20.57
CA ALA A 946 34.78 -4.71 21.55
C ALA A 946 35.86 -5.54 20.87
N ILE A 947 36.81 -6.02 21.67
CA ILE A 947 37.86 -6.91 21.17
C ILE A 947 37.33 -8.25 20.70
N SER A 948 36.17 -8.64 21.20
CA SER A 948 35.54 -9.91 20.85
C SER A 948 34.05 -9.90 21.11
N SER A 949 33.27 -10.58 20.29
CA SER A 949 31.83 -10.81 20.45
C SER A 949 31.49 -11.90 21.45
N VAL A 950 32.48 -12.67 21.89
CA VAL A 950 32.30 -13.76 22.86
C VAL A 950 32.67 -13.20 24.22
N LEU A 951 31.67 -13.07 25.08
CA LEU A 951 31.76 -12.50 26.39
C LEU A 951 32.76 -13.24 27.26
N ASN A 952 32.80 -14.56 27.12
CA ASN A 952 33.71 -15.34 27.93
C ASN A 952 35.16 -15.09 27.56
N ASP A 953 35.44 -14.82 26.28
CA ASP A 953 36.79 -14.49 25.81
C ASP A 953 37.25 -13.16 26.37
N ILE A 954 36.34 -12.21 26.61
CA ILE A 954 36.76 -10.96 27.22
C ILE A 954 37.12 -11.22 28.67
N LEU A 955 36.24 -11.91 29.37
CA LEU A 955 36.43 -12.17 30.79
C LEU A 955 37.63 -13.03 31.11
N SER A 956 37.95 -14.00 30.23
CA SER A 956 39.05 -14.89 30.46
C SER A 956 40.40 -14.24 30.13
N ARG A 957 40.37 -13.05 29.54
CA ARG A 957 41.59 -12.41 29.13
C ARG A 957 41.88 -11.10 29.85
N LEU A 958 40.85 -10.35 30.22
CA LEU A 958 41.08 -9.07 30.87
C LEU A 958 40.67 -9.03 32.33
N ASP A 959 41.44 -8.30 33.11
CA ASP A 959 41.09 -7.99 34.50
C ASP A 959 39.89 -7.05 34.47
N PRO A 960 39.01 -7.07 35.49
CA PRO A 960 37.81 -6.26 35.59
C PRO A 960 37.94 -4.78 35.16
N PRO A 961 38.97 -4.01 35.52
CA PRO A 961 39.09 -2.60 35.17
C PRO A 961 39.10 -2.39 33.66
N GLU A 962 39.47 -3.42 32.90
CA GLU A 962 39.53 -3.34 31.46
C GLU A 962 38.41 -4.16 30.82
N ALA A 963 38.05 -5.27 31.47
CA ALA A 963 37.03 -6.15 30.96
C ALA A 963 35.70 -5.43 30.93
N GLU A 964 35.46 -4.60 31.94
CA GLU A 964 34.20 -3.88 32.04
C GLU A 964 34.00 -2.92 30.87
N VAL A 965 35.09 -2.36 30.37
CA VAL A 965 34.97 -1.44 29.24
C VAL A 965 34.54 -2.20 28.00
N GLN A 966 35.18 -3.34 27.77
CA GLN A 966 34.85 -4.14 26.61
C GLN A 966 33.45 -4.70 26.71
N ILE A 967 33.03 -5.04 27.91
CA ILE A 967 31.70 -5.56 28.11
C ILE A 967 30.67 -4.49 27.91
N ASP A 968 30.90 -3.28 28.41
CA ASP A 968 29.94 -2.21 28.17
C ASP A 968 29.70 -2.00 26.69
N ARG A 969 30.73 -2.18 25.87
CA ARG A 969 30.54 -2.02 24.44
C ARG A 969 29.57 -3.08 23.92
N LEU A 970 29.70 -4.31 24.42
CA LEU A 970 28.80 -5.38 23.99
C LEU A 970 27.41 -5.18 24.55
N ILE A 971 27.30 -4.70 25.77
CA ILE A 971 25.97 -4.50 26.36
C ILE A 971 25.23 -3.45 25.59
N THR A 972 25.87 -2.36 25.25
CA THR A 972 25.18 -1.32 24.52
C THR A 972 24.67 -1.86 23.19
N GLY A 973 25.52 -2.58 22.48
CA GLY A 973 25.13 -3.13 21.18
C GLY A 973 24.01 -4.16 21.27
N ARG A 974 24.04 -5.06 22.26
CA ARG A 974 23.01 -6.10 22.36
C ARG A 974 21.70 -5.54 22.86
N LEU A 975 21.73 -4.49 23.68
CA LEU A 975 20.51 -3.90 24.20
C LEU A 975 19.78 -3.13 23.11
N GLN A 976 20.48 -2.27 22.35
CA GLN A 976 19.94 -1.56 21.20
C GLN A 976 19.41 -2.53 20.13
N SER A 977 20.07 -3.67 19.98
CA SER A 977 19.68 -4.70 19.03
C SER A 977 18.47 -5.50 19.48
N LEU A 978 18.20 -5.59 20.78
CA LEU A 978 16.98 -6.18 21.29
C LEU A 978 15.83 -5.19 21.22
N GLN A 979 16.04 -3.92 21.57
CA GLN A 979 15.01 -2.87 21.43
C GLN A 979 14.55 -2.74 19.99
N THR A 980 15.44 -2.92 19.02
CA THR A 980 15.10 -2.93 17.59
C THR A 980 14.18 -4.08 17.24
N TYR A 981 14.45 -5.29 17.72
CA TYR A 981 13.56 -6.44 17.54
C TYR A 981 12.20 -6.21 18.17
N VAL A 982 12.17 -5.76 19.42
CA VAL A 982 10.91 -5.56 20.14
C VAL A 982 10.09 -4.45 19.50
N THR A 983 10.70 -3.36 19.06
CA THR A 983 9.97 -2.31 18.34
C THR A 983 9.41 -2.84 17.04
N GLN A 984 10.18 -3.60 16.26
CA GLN A 984 9.67 -4.23 15.04
C GLN A 984 8.52 -5.17 15.36
N GLN A 985 8.62 -5.99 16.41
CA GLN A 985 7.53 -6.87 16.80
C GLN A 985 6.31 -6.13 17.30
N LEU A 986 6.44 -5.00 17.97
CA LEU A 986 5.29 -4.23 18.42
C LEU A 986 4.51 -3.65 17.24
N ILE A 987 5.22 -3.17 16.21
CA ILE A 987 4.60 -2.62 15.00
C ILE A 987 4.01 -3.75 14.16
N ARG A 988 4.72 -4.88 14.04
CA ARG A 988 4.27 -6.10 13.37
C ARG A 988 3.07 -6.72 14.09
N ALA A 989 3.00 -6.69 15.42
CA ALA A 989 1.84 -7.10 16.18
C ALA A 989 0.63 -6.20 15.97
N ALA A 990 0.79 -4.88 15.79
CA ALA A 990 -0.31 -4.03 15.39
C ALA A 990 -0.85 -4.35 13.99
N GLU A 991 0.04 -4.74 13.07
CA GLU A 991 -0.30 -5.15 11.72
C GLU A 991 -1.09 -6.47 11.69
N ILE A 992 -0.75 -7.42 12.57
CA ILE A 992 -1.50 -8.67 12.79
C ILE A 992 -2.79 -8.43 13.58
N ARG A 993 -2.80 -7.60 14.62
CA ARG A 993 -4.00 -7.25 15.38
C ARG A 993 -5.07 -6.61 14.52
N ALA A 994 -4.72 -5.68 13.63
CA ALA A 994 -5.66 -5.16 12.65
C ALA A 994 -6.15 -6.23 11.66
N SER A 995 -5.38 -7.28 11.40
CA SER A 995 -5.82 -8.42 10.58
C SER A 995 -6.67 -9.44 11.35
N ALA A 996 -6.43 -9.63 12.65
CA ALA A 996 -7.28 -10.40 13.52
C ALA A 996 -8.65 -9.74 13.71
N ASN A 997 -8.70 -8.42 13.90
CA ASN A 997 -9.96 -7.68 13.98
C ASN A 997 -10.71 -7.67 12.64
N LEU A 998 -10.01 -7.64 11.51
CA LEU A 998 -10.64 -7.81 10.20
C LEU A 998 -11.15 -9.25 9.98
N ALA A 999 -10.41 -10.26 10.43
CA ALA A 999 -10.87 -11.63 10.38
C ALA A 999 -12.04 -11.88 11.34
N ALA A 1000 -12.04 -11.30 12.53
CA ALA A 1000 -13.12 -11.40 13.50
C ALA A 1000 -14.38 -10.72 12.96
N THR A 1001 -14.23 -9.59 12.29
CA THR A 1001 -15.33 -8.87 11.67
C THR A 1001 -15.90 -9.67 10.51
N LYS A 1002 -15.06 -10.25 9.65
CA LYS A 1002 -15.53 -11.14 8.57
C LYS A 1002 -16.17 -12.40 9.10
N MET A 1003 -15.69 -12.96 10.20
CA MET A 1003 -16.35 -14.08 10.84
C MET A 1003 -17.76 -13.70 11.29
N SER A 1004 -17.89 -12.58 11.99
CA SER A 1004 -19.18 -12.12 12.49
C SER A 1004 -20.15 -11.76 11.37
N GLU A 1005 -19.71 -11.04 10.33
CA GLU A 1005 -20.64 -10.52 9.29
C GLU A 1005 -20.84 -11.49 8.13
N CYS A 1006 -19.79 -12.19 7.67
CA CYS A 1006 -19.89 -13.16 6.61
C CYS A 1006 -20.35 -14.55 7.01
N VAL A 1007 -19.81 -15.13 8.11
CA VAL A 1007 -20.12 -16.54 8.51
C VAL A 1007 -21.41 -16.58 9.33
N LEU A 1008 -21.52 -15.78 10.40
CA LEU A 1008 -22.67 -15.73 11.30
C LEU A 1008 -23.87 -15.00 10.69
N GLY A 1009 -23.77 -14.54 9.45
CA GLY A 1009 -24.70 -13.64 8.78
C GLY A 1009 -24.71 -13.77 7.26
N GLN A 1010 -25.19 -12.74 6.60
CA GLN A 1010 -24.99 -12.51 5.18
C GLN A 1010 -24.74 -11.02 4.98
N SER A 1011 -23.68 -10.67 4.28
CA SER A 1011 -23.23 -9.28 4.19
C SER A 1011 -23.87 -8.58 3.00
N LYS A 1012 -24.48 -7.42 3.21
CA LYS A 1012 -24.87 -6.49 2.14
C LYS A 1012 -23.71 -5.60 1.66
N ARG A 1013 -22.56 -5.64 2.34
CA ARG A 1013 -21.37 -4.80 1.99
C ARG A 1013 -20.82 -5.33 0.66
N VAL A 1014 -20.65 -4.47 -0.35
CA VAL A 1014 -20.23 -4.91 -1.72
C VAL A 1014 -18.74 -5.27 -1.72
N ASP A 1015 -18.37 -6.46 -2.22
CA ASP A 1015 -16.96 -6.91 -2.37
C ASP A 1015 -16.32 -7.19 -1.01
N PHE A 1016 -17.08 -7.17 0.09
CA PHE A 1016 -16.56 -7.53 1.44
C PHE A 1016 -16.22 -9.03 1.44
N CYS A 1017 -17.08 -9.86 0.85
CA CYS A 1017 -16.89 -11.35 0.81
C CYS A 1017 -16.50 -11.76 -0.61
N GLY A 1018 -15.45 -11.19 -1.18
CA GLY A 1018 -15.03 -11.46 -2.56
C GLY A 1018 -16.01 -10.96 -3.62
N LYS A 1019 -15.64 -11.07 -4.90
CA LYS A 1019 -16.45 -10.61 -6.03
C LYS A 1019 -17.80 -11.35 -6.08
N GLY A 1020 -18.86 -10.66 -6.45
CA GLY A 1020 -20.22 -11.19 -6.51
C GLY A 1020 -21.10 -10.69 -5.37
N TYR A 1021 -22.39 -11.01 -5.43
CA TYR A 1021 -23.31 -10.76 -4.35
C TYR A 1021 -23.19 -11.87 -3.31
N HIS A 1022 -22.87 -11.55 -2.06
CA HIS A 1022 -22.57 -12.55 -1.04
C HIS A 1022 -23.76 -13.42 -0.67
N LEU A 1023 -23.54 -14.74 -0.59
CA LEU A 1023 -24.55 -15.71 -0.17
C LEU A 1023 -24.26 -16.26 1.21
N MET A 1024 -23.05 -16.75 1.49
CA MET A 1024 -22.62 -17.29 2.78
C MET A 1024 -21.11 -17.52 2.79
N SER A 1025 -20.50 -17.83 3.91
CA SER A 1025 -19.07 -18.14 3.96
C SER A 1025 -18.82 -19.25 4.95
N PHE A 1026 -17.81 -20.07 4.68
CA PHE A 1026 -17.44 -21.16 5.55
C PHE A 1026 -16.01 -20.96 6.05
N PRO A 1027 -15.75 -20.88 7.36
CA PRO A 1027 -14.42 -20.69 7.86
C PRO A 1027 -13.68 -22.01 7.88
N GLN A 1028 -12.41 -22.01 7.51
CA GLN A 1028 -11.48 -23.10 7.68
C GLN A 1028 -10.27 -22.53 8.42
N SER A 1029 -9.64 -23.28 9.31
CA SER A 1029 -8.44 -22.81 9.99
C SER A 1029 -7.18 -23.03 9.16
N ALA A 1030 -6.12 -22.28 9.41
CA ALA A 1030 -4.80 -22.48 8.82
C ALA A 1030 -3.72 -22.07 9.84
N PRO A 1031 -2.47 -22.53 9.73
CA PRO A 1031 -1.43 -22.21 10.70
C PRO A 1031 -1.25 -20.71 10.90
N HIS A 1032 -1.57 -20.22 12.09
CA HIS A 1032 -1.59 -18.80 12.47
C HIS A 1032 -2.50 -17.91 11.61
N GLY A 1033 -3.58 -18.44 11.06
CA GLY A 1033 -4.51 -17.69 10.23
C GLY A 1033 -5.91 -18.27 10.22
N VAL A 1034 -6.75 -17.73 9.36
CA VAL A 1034 -8.07 -18.27 9.02
C VAL A 1034 -8.28 -18.15 7.53
N VAL A 1035 -9.17 -18.95 6.97
CA VAL A 1035 -9.53 -18.94 5.57
C VAL A 1035 -11.03 -18.92 5.46
N PHE A 1036 -11.58 -18.02 4.66
CA PHE A 1036 -13.00 -17.99 4.40
C PHE A 1036 -13.23 -18.49 2.99
N LEU A 1037 -14.09 -19.49 2.84
CA LEU A 1037 -14.56 -19.96 1.55
C LEU A 1037 -15.84 -19.20 1.24
N HIS A 1038 -15.71 -17.97 0.75
CA HIS A 1038 -16.85 -17.08 0.51
C HIS A 1038 -17.63 -17.53 -0.70
N VAL A 1039 -18.89 -17.90 -0.53
CA VAL A 1039 -19.79 -18.30 -1.59
C VAL A 1039 -20.54 -17.08 -2.09
N THR A 1040 -20.46 -16.75 -3.38
CA THR A 1040 -21.11 -15.58 -3.95
C THR A 1040 -21.88 -15.93 -5.22
N TYR A 1041 -23.04 -15.31 -5.41
CA TYR A 1041 -23.77 -15.33 -6.67
C TYR A 1041 -23.10 -14.34 -7.61
N VAL A 1042 -22.71 -14.76 -8.80
CA VAL A 1042 -22.22 -13.87 -9.86
C VAL A 1042 -23.17 -13.97 -11.04
N PRO A 1043 -23.85 -12.90 -11.49
CA PRO A 1043 -24.67 -12.96 -12.69
C PRO A 1043 -23.79 -13.15 -13.94
N ALA A 1044 -24.18 -14.03 -14.88
CA ALA A 1044 -23.26 -14.45 -15.98
C ALA A 1044 -23.73 -14.17 -17.42
N GLN A 1045 -24.80 -14.79 -17.90
CA GLN A 1045 -25.17 -14.71 -19.35
C GLN A 1045 -25.89 -13.41 -19.67
N GLU A 1046 -25.17 -12.30 -19.86
CA GLU A 1046 -25.81 -10.98 -20.10
C GLU A 1046 -26.69 -11.05 -21.34
N LYS A 1047 -27.87 -10.42 -21.33
CA LYS A 1047 -28.78 -10.32 -22.52
C LYS A 1047 -29.05 -8.83 -22.69
N ASN A 1048 -29.49 -8.37 -23.87
CA ASN A 1048 -29.85 -6.95 -24.10
C ASN A 1048 -31.36 -6.78 -24.19
N PHE A 1049 -31.90 -5.68 -23.66
CA PHE A 1049 -33.32 -5.36 -23.78
C PHE A 1049 -33.50 -3.87 -23.91
N THR A 1050 -34.55 -3.44 -24.60
CA THR A 1050 -35.07 -2.08 -24.44
C THR A 1050 -35.72 -1.99 -23.07
N THR A 1051 -35.69 -0.81 -22.43
CA THR A 1051 -36.19 -0.65 -21.04
C THR A 1051 -36.98 0.65 -20.92
N ALA A 1052 -37.91 0.73 -19.95
CA ALA A 1052 -38.76 1.92 -19.73
C ALA A 1052 -38.70 2.35 -18.26
N PRO A 1053 -38.55 3.65 -17.93
CA PRO A 1053 -38.61 4.12 -16.54
C PRO A 1053 -40.00 3.85 -15.95
N ALA A 1054 -41.06 4.06 -16.72
CA ALA A 1054 -42.46 3.85 -16.27
C ALA A 1054 -43.28 3.39 -17.48
N ILE A 1055 -44.57 3.05 -17.30
CA ILE A 1055 -45.48 2.64 -18.40
C ILE A 1055 -46.79 3.40 -18.28
N CYS A 1056 -47.40 3.85 -19.35
CA CYS A 1056 -48.65 4.64 -19.40
C CYS A 1056 -49.87 3.71 -19.63
N HIS A 1057 -50.91 3.70 -18.81
CA HIS A 1057 -52.15 2.93 -19.11
C HIS A 1057 -53.33 3.74 -18.60
N ASP A 1058 -54.38 3.93 -19.40
CA ASP A 1058 -55.55 4.75 -19.05
C ASP A 1058 -55.16 6.11 -18.46
N GLY A 1059 -54.21 6.80 -19.09
CA GLY A 1059 -53.72 8.12 -18.67
C GLY A 1059 -52.81 8.12 -17.43
N LYS A 1060 -52.77 7.05 -16.65
CA LYS A 1060 -51.97 6.92 -15.43
C LYS A 1060 -50.54 6.47 -15.75
N ALA A 1061 -49.55 6.87 -14.97
CA ALA A 1061 -48.21 6.30 -15.02
C ALA A 1061 -48.07 5.17 -14.02
N HIS A 1062 -47.40 4.08 -14.38
CA HIS A 1062 -47.20 2.87 -13.58
C HIS A 1062 -45.72 2.56 -13.45
N PHE A 1063 -45.27 2.14 -12.28
CA PHE A 1063 -43.87 1.80 -12.00
C PHE A 1063 -43.78 0.42 -11.35
N PRO A 1064 -42.68 -0.33 -11.47
CA PRO A 1064 -42.58 -1.66 -10.91
C PRO A 1064 -42.38 -1.65 -9.39
N ARG A 1065 -43.24 -2.34 -8.63
CA ARG A 1065 -43.03 -2.45 -7.16
C ARG A 1065 -41.63 -3.02 -6.99
N GLU A 1066 -41.30 -4.08 -7.74
CA GLU A 1066 -39.94 -4.70 -7.73
C GLU A 1066 -39.65 -5.08 -9.19
N GLY A 1067 -38.39 -5.01 -9.61
CA GLY A 1067 -37.99 -5.43 -10.98
C GLY A 1067 -37.89 -4.28 -11.97
N VAL A 1068 -37.66 -4.58 -13.24
CA VAL A 1068 -37.41 -3.58 -14.32
C VAL A 1068 -38.37 -3.80 -15.49
N PHE A 1069 -39.07 -2.78 -16.00
CA PHE A 1069 -39.87 -2.94 -17.24
C PHE A 1069 -38.86 -3.16 -18.36
N VAL A 1070 -39.00 -4.19 -19.19
CA VAL A 1070 -38.02 -4.54 -20.27
C VAL A 1070 -38.82 -4.89 -21.51
N SER A 1071 -38.22 -4.90 -22.70
CA SER A 1071 -38.91 -5.31 -23.95
C SER A 1071 -37.97 -6.20 -24.74
N ASN A 1072 -38.38 -7.44 -25.08
CA ASN A 1072 -37.53 -8.30 -25.94
C ASN A 1072 -37.54 -7.71 -27.35
N GLY A 1073 -38.50 -6.86 -27.70
CA GLY A 1073 -38.56 -6.16 -28.99
C GLY A 1073 -39.98 -5.96 -29.50
N THR A 1074 -40.99 -6.67 -28.95
CA THR A 1074 -42.39 -6.60 -29.40
C THR A 1074 -43.39 -6.49 -28.25
N HIS A 1075 -43.05 -7.04 -27.08
CA HIS A 1075 -43.88 -7.09 -25.87
C HIS A 1075 -43.12 -6.49 -24.70
N TRP A 1076 -43.82 -6.03 -23.69
CA TRP A 1076 -43.23 -5.48 -22.46
C TRP A 1076 -43.50 -6.38 -21.28
N PHE A 1077 -42.49 -6.57 -20.44
CA PHE A 1077 -42.52 -7.39 -19.24
C PHE A 1077 -41.92 -6.64 -18.07
N VAL A 1078 -42.28 -7.00 -16.85
CA VAL A 1078 -41.55 -6.60 -15.64
C VAL A 1078 -40.75 -7.78 -15.16
N THR A 1079 -39.54 -7.57 -14.62
CA THR A 1079 -38.69 -8.68 -14.10
C THR A 1079 -37.62 -8.23 -13.10
N GLN A 1080 -37.35 -9.04 -12.07
CA GLN A 1080 -36.27 -8.77 -11.08
C GLN A 1080 -34.99 -8.33 -11.82
N ARG A 1081 -34.22 -7.40 -11.23
CA ARG A 1081 -32.98 -6.85 -11.84
C ARG A 1081 -31.88 -7.92 -12.01
N ASN A 1082 -31.70 -8.81 -11.04
CA ASN A 1082 -30.55 -9.76 -11.02
C ASN A 1082 -30.74 -11.04 -11.85
N PHE A 1083 -31.91 -11.37 -12.38
CA PHE A 1083 -32.15 -12.66 -13.09
C PHE A 1083 -33.32 -12.55 -14.07
N TYR A 1084 -33.08 -12.63 -15.39
CA TYR A 1084 -34.15 -12.47 -16.35
C TYR A 1084 -35.24 -13.52 -16.16
N GLU A 1085 -36.42 -13.05 -15.77
CA GLU A 1085 -37.60 -13.84 -15.50
C GLU A 1085 -38.83 -12.99 -15.82
N PRO A 1086 -39.28 -12.96 -17.08
CA PRO A 1086 -40.28 -12.00 -17.53
C PRO A 1086 -41.65 -12.30 -16.93
N GLN A 1087 -42.41 -11.27 -16.59
CA GLN A 1087 -43.77 -11.36 -16.11
C GLN A 1087 -44.67 -10.42 -16.91
N ILE A 1088 -45.86 -10.90 -17.28
CA ILE A 1088 -46.96 -10.06 -17.78
C ILE A 1088 -47.21 -8.96 -16.76
N ILE A 1089 -47.30 -7.71 -17.21
CA ILE A 1089 -47.37 -6.54 -16.33
C ILE A 1089 -48.80 -6.36 -15.82
N THR A 1090 -48.98 -6.38 -14.49
CA THR A 1090 -50.28 -6.23 -13.86
C THR A 1090 -50.23 -5.26 -12.69
N THR A 1091 -51.41 -4.84 -12.22
CA THR A 1091 -51.60 -4.03 -11.01
C THR A 1091 -50.97 -4.62 -9.74
N ASP A 1092 -50.55 -5.88 -9.77
CA ASP A 1092 -49.92 -6.55 -8.64
C ASP A 1092 -48.38 -6.41 -8.69
N ASN A 1093 -47.78 -6.32 -9.88
CA ASN A 1093 -46.37 -6.04 -10.06
C ASN A 1093 -46.05 -4.54 -10.02
N THR A 1094 -47.04 -3.66 -10.17
CA THR A 1094 -46.84 -2.22 -10.38
C THR A 1094 -47.82 -1.37 -9.58
N PHE A 1095 -47.48 -0.11 -9.32
CA PHE A 1095 -48.33 0.84 -8.60
C PHE A 1095 -48.57 2.13 -9.40
N VAL A 1096 -49.72 2.80 -9.25
CA VAL A 1096 -49.97 4.02 -9.97
C VAL A 1096 -49.63 5.27 -9.21
N SER A 1097 -48.94 6.17 -9.86
CA SER A 1097 -48.67 7.47 -9.29
C SER A 1097 -48.53 8.53 -10.35
N GLY A 1098 -49.38 9.53 -10.30
CA GLY A 1098 -49.33 10.59 -11.28
C GLY A 1098 -49.87 10.11 -12.62
N ASN A 1099 -49.44 10.76 -13.69
CA ASN A 1099 -49.98 10.49 -15.01
C ASN A 1099 -48.89 10.60 -16.09
N CYS A 1100 -49.25 10.25 -17.33
CA CYS A 1100 -48.33 10.21 -18.50
C CYS A 1100 -47.58 11.50 -18.79
N ASP A 1101 -48.11 12.67 -18.44
CA ASP A 1101 -47.52 13.95 -18.86
C ASP A 1101 -46.32 14.35 -18.03
N VAL A 1102 -45.95 13.52 -17.06
CA VAL A 1102 -44.84 13.86 -16.18
C VAL A 1102 -43.56 13.07 -16.43
N VAL A 1103 -43.56 11.76 -16.65
CA VAL A 1103 -42.28 11.02 -16.64
C VAL A 1103 -41.48 11.21 -17.95
N ILE A 1104 -40.17 11.49 -17.88
CA ILE A 1104 -39.30 11.56 -19.05
C ILE A 1104 -38.98 10.15 -19.56
N GLY A 1105 -39.28 9.86 -20.81
CA GLY A 1105 -39.03 8.54 -21.41
C GLY A 1105 -39.99 7.42 -21.04
N ILE A 1106 -41.18 7.72 -20.53
CA ILE A 1106 -42.27 6.75 -20.34
C ILE A 1106 -42.77 6.17 -21.67
N VAL A 1107 -43.35 4.96 -21.66
CA VAL A 1107 -43.85 4.27 -22.87
C VAL A 1107 -45.31 3.83 -22.79
N ASN A 1108 -46.07 3.98 -23.89
CA ASN A 1108 -47.52 3.74 -23.93
C ASN A 1108 -47.86 2.26 -24.16
N ASN A 1109 -47.59 1.40 -23.19
CA ASN A 1109 -47.99 -0.02 -23.20
C ASN A 1109 -49.45 -0.21 -22.72
N THR A 1110 -49.85 -1.40 -22.28
CA THR A 1110 -51.08 -1.65 -21.50
C THR A 1110 -50.75 -2.42 -20.23
N VAL A 1111 -51.47 -2.19 -19.13
CA VAL A 1111 -51.29 -2.90 -17.84
C VAL A 1111 -52.52 -3.70 -17.47
N TYR A 1112 -52.36 -5.00 -17.25
CA TYR A 1112 -53.47 -5.93 -17.12
C TYR A 1112 -54.09 -5.90 -15.71
N ASP A 1113 -55.40 -6.13 -15.64
CA ASP A 1113 -56.21 -6.12 -14.42
C ASP A 1113 -56.75 -7.53 -14.09
N PRO A 1114 -56.23 -8.21 -13.04
CA PRO A 1114 -56.67 -9.55 -12.67
C PRO A 1114 -58.15 -9.69 -12.27
N LEU A 1115 -58.88 -8.62 -11.96
CA LEU A 1115 -60.29 -8.68 -11.53
C LEU A 1115 -61.30 -8.75 -12.67
N GLN A 1116 -61.03 -8.10 -13.80
CA GLN A 1116 -61.96 -7.93 -14.90
C GLN A 1116 -62.63 -9.21 -15.37
N PRO A 1117 -61.92 -10.29 -15.76
CA PRO A 1117 -62.50 -11.52 -16.27
C PRO A 1117 -63.36 -12.25 -15.24
N GLU A 1118 -63.11 -12.01 -13.95
CA GLU A 1118 -63.83 -12.64 -12.83
C GLU A 1118 -65.20 -12.01 -12.67
N LEU A 1119 -65.34 -10.74 -13.03
CA LEU A 1119 -66.60 -10.00 -13.04
C LEU A 1119 -67.21 -9.98 -14.45
N ASP A 1120 -66.41 -10.18 -15.50
CA ASP A 1120 -66.87 -10.22 -16.89
C ASP A 1120 -67.65 -11.52 -17.17
N SER A 1121 -67.14 -12.67 -16.65
CA SER A 1121 -67.76 -13.98 -16.80
C SER A 1121 -68.84 -14.17 -15.73
N ALA B 1 20.90 61.16 25.91
CA ALA B 1 19.96 60.83 24.85
C ALA B 1 20.12 59.37 24.46
N TYR B 2 18.99 58.73 24.08
CA TYR B 2 18.93 57.35 23.62
C TYR B 2 18.09 57.23 22.37
N THR B 3 18.37 56.22 21.56
CA THR B 3 17.51 55.91 20.44
C THR B 3 17.21 54.43 20.32
N ASN B 4 16.35 54.13 19.37
CA ASN B 4 15.87 52.79 19.05
C ASN B 4 16.78 52.12 18.01
N SER B 5 17.42 51.02 18.45
CA SER B 5 18.31 50.19 17.64
C SER B 5 17.61 49.54 16.44
N PHE B 6 16.28 49.44 16.52
CA PHE B 6 15.46 48.73 15.56
C PHE B 6 16.03 47.35 15.25
N THR B 7 16.30 47.10 13.97
CA THR B 7 16.74 45.89 13.32
C THR B 7 18.20 46.01 12.84
N ARG B 8 18.88 47.11 13.18
CA ARG B 8 20.29 47.33 12.85
C ARG B 8 21.20 46.49 13.75
N GLY B 9 22.43 46.24 13.31
CA GLY B 9 23.45 45.55 14.11
C GLY B 9 23.42 44.02 14.03
N VAL B 10 23.12 43.49 12.85
CA VAL B 10 23.33 42.09 12.49
C VAL B 10 24.42 42.01 11.43
N TYR B 11 25.28 41.01 11.53
CA TYR B 11 26.45 40.81 10.70
C TYR B 11 26.51 39.38 10.19
N TYR B 12 27.19 39.15 9.07
CA TYR B 12 27.41 37.79 8.56
C TYR B 12 28.31 37.04 9.55
N PRO B 13 27.80 36.01 10.24
CA PRO B 13 28.46 35.49 11.44
C PRO B 13 29.68 34.62 11.13
N ASP B 14 29.84 34.13 9.89
CA ASP B 14 30.90 33.22 9.49
C ASP B 14 31.28 33.38 8.00
N LYS B 15 32.43 32.83 7.60
CA LYS B 15 32.90 32.89 6.18
C LYS B 15 32.31 31.67 5.46
N VAL B 16 31.03 31.35 5.68
CA VAL B 16 30.32 30.21 5.04
C VAL B 16 29.24 30.80 4.13
N PHE B 17 29.24 30.46 2.84
CA PHE B 17 28.24 30.98 1.87
C PHE B 17 26.93 30.20 2.02
N ARG B 18 25.79 30.89 2.05
CA ARG B 18 24.44 30.27 2.15
C ARG B 18 23.50 31.05 1.23
N SER B 19 22.41 30.45 0.75
CA SER B 19 21.41 31.16 -0.07
C SER B 19 20.04 30.47 -0.04
N SER B 20 18.98 31.26 -0.20
CA SER B 20 17.58 30.82 -0.15
C SER B 20 17.21 29.97 1.09
N VAL B 21 17.87 30.20 2.24
CA VAL B 21 17.75 29.40 3.47
C VAL B 21 17.49 30.26 4.68
N LEU B 22 16.62 29.80 5.57
CA LEU B 22 16.32 30.46 6.84
C LEU B 22 17.22 29.83 7.92
N HIS B 23 18.50 30.16 7.86
CA HIS B 23 19.49 29.65 8.81
C HIS B 23 19.42 30.37 10.16
N SER B 24 19.77 29.70 11.25
CA SER B 24 19.75 30.26 12.59
C SER B 24 21.11 30.17 13.28
N THR B 25 21.48 31.21 14.04
CA THR B 25 22.82 31.40 14.58
C THR B 25 22.80 32.02 15.97
N GLN B 26 23.75 31.67 16.84
CA GLN B 26 24.00 32.33 18.11
C GLN B 26 25.36 33.03 18.09
N ASP B 27 25.37 34.36 18.23
CA ASP B 27 26.58 35.19 18.32
C ASP B 27 26.25 36.49 19.09
N LEU B 28 27.26 37.27 19.45
CA LEU B 28 27.11 38.55 20.12
C LEU B 28 26.57 39.60 19.13
N PHE B 29 25.25 39.68 18.99
CA PHE B 29 24.52 40.69 18.21
C PHE B 29 23.94 41.79 19.10
N LEU B 30 23.63 42.95 18.53
CA LEU B 30 22.82 43.96 19.19
C LEU B 30 21.35 43.45 19.30
N PRO B 31 20.74 43.36 20.51
CA PRO B 31 19.34 42.91 20.65
C PRO B 31 18.37 43.84 19.93
N PHE B 32 17.42 43.30 19.17
CA PHE B 32 16.47 44.13 18.41
C PHE B 32 15.58 45.02 19.30
N PHE B 33 15.30 46.22 18.82
CA PHE B 33 14.53 47.29 19.46
C PHE B 33 14.99 47.66 20.88
N SER B 34 16.19 47.28 21.30
CA SER B 34 16.83 47.81 22.52
C SER B 34 17.31 49.27 22.34
N ASN B 35 17.61 49.96 23.44
CA ASN B 35 18.12 51.33 23.39
C ASN B 35 19.65 51.35 23.17
N VAL B 36 20.14 52.31 22.39
CA VAL B 36 21.58 52.61 22.22
C VAL B 36 21.86 54.06 22.59
N THR B 37 23.00 54.36 23.23
CA THR B 37 23.23 55.71 23.69
C THR B 37 23.58 56.60 22.52
N TRP B 38 22.92 57.74 22.44
CA TRP B 38 23.07 58.69 21.35
C TRP B 38 23.93 59.89 21.74
N PHE B 39 25.07 60.05 21.06
CA PHE B 39 26.03 61.11 21.33
C PHE B 39 26.00 62.13 20.21
N HIS B 40 26.35 63.38 20.51
CA HIS B 40 26.28 64.46 19.51
C HIS B 40 27.60 65.17 19.24
N ALA B 41 27.75 65.75 18.05
CA ALA B 41 28.97 66.48 17.73
C ALA B 41 28.64 67.84 17.11
N ILE B 42 27.89 68.65 17.85
CA ILE B 42 27.48 69.97 17.40
C ILE B 42 27.81 71.02 18.47
N HIS B 43 27.86 72.31 18.06
CA HIS B 43 28.10 73.47 18.93
C HIS B 43 29.27 73.28 19.89
N ASP B 54 31.70 65.57 22.18
CA ASP B 54 31.06 64.54 22.96
C ASP B 54 31.76 63.20 22.66
N ASN B 55 32.94 63.02 23.28
CA ASN B 55 33.81 61.86 23.13
C ASN B 55 34.22 61.27 24.47
N PRO B 56 33.28 60.86 25.34
CA PRO B 56 33.50 60.30 26.65
C PRO B 56 34.04 58.91 26.54
N VAL B 57 34.53 58.38 27.65
CA VAL B 57 34.96 56.99 27.66
C VAL B 57 33.77 56.12 28.02
N LEU B 58 33.49 55.12 27.19
CA LEU B 58 32.36 54.24 27.42
C LEU B 58 32.88 52.86 27.81
N PRO B 59 32.13 52.07 28.57
CA PRO B 59 32.38 50.68 28.83
C PRO B 59 32.36 49.91 27.53
N PHE B 60 33.14 48.84 27.45
CA PHE B 60 33.15 47.97 26.29
C PHE B 60 32.24 46.76 26.55
N ASN B 61 32.09 46.36 27.82
CA ASN B 61 31.37 45.17 28.29
C ASN B 61 31.79 43.91 27.51
N ASP B 62 30.85 43.02 27.20
CA ASP B 62 31.11 41.83 26.39
C ASP B 62 31.32 42.15 24.90
N GLY B 63 31.01 43.36 24.46
CA GLY B 63 31.19 43.82 23.08
C GLY B 63 30.26 44.97 22.68
N VAL B 64 30.58 45.63 21.57
CA VAL B 64 29.95 46.89 21.15
C VAL B 64 29.53 46.85 19.68
N TYR B 65 28.30 47.25 19.39
CA TYR B 65 27.90 47.82 18.11
C TYR B 65 28.14 49.32 18.20
N PHE B 66 28.72 49.87 17.16
CA PHE B 66 28.97 51.29 16.98
C PHE B 66 28.38 51.75 15.68
N ALA B 67 27.79 52.92 15.67
CA ALA B 67 27.32 53.44 14.41
C ALA B 67 27.47 54.93 14.37
N SER B 68 27.66 55.46 13.19
CA SER B 68 27.73 56.90 13.10
C SER B 68 27.15 57.45 11.83
N THR B 69 26.73 58.70 11.90
CA THR B 69 26.21 59.37 10.73
C THR B 69 27.10 60.54 10.38
N GLU B 70 27.41 60.65 9.09
CA GLU B 70 28.36 61.64 8.59
C GLU B 70 27.86 62.47 7.43
N LYS B 71 28.47 63.65 7.32
CA LYS B 71 28.27 64.53 6.19
C LYS B 71 29.61 65.14 5.81
N SER B 72 30.57 65.06 6.73
CA SER B 72 31.89 65.66 6.54
C SER B 72 33.05 64.84 7.12
N ASN B 73 32.82 63.55 7.39
CA ASN B 73 33.86 62.67 7.93
C ASN B 73 34.52 63.18 9.21
N ILE B 74 33.71 63.56 10.18
CA ILE B 74 34.19 64.06 11.47
C ILE B 74 34.75 62.94 12.34
N ILE B 75 34.08 61.80 12.37
CA ILE B 75 34.56 60.72 13.21
C ILE B 75 35.65 59.99 12.45
N ARG B 76 36.84 59.97 13.02
CA ARG B 76 37.95 59.39 12.30
C ARG B 76 38.64 58.27 13.05
N GLY B 77 38.23 57.97 14.28
CA GLY B 77 38.94 56.89 14.93
C GLY B 77 38.39 56.41 16.25
N TRP B 78 39.06 55.40 16.79
CA TRP B 78 38.70 54.74 18.03
C TRP B 78 39.91 54.40 18.90
N ILE B 79 39.71 54.37 20.22
CA ILE B 79 40.73 53.94 21.17
C ILE B 79 40.18 52.81 22.04
N PHE B 80 40.88 51.69 22.15
CA PHE B 80 40.38 50.62 23.02
C PHE B 80 41.42 50.15 24.03
N GLY B 81 41.01 49.99 25.29
CA GLY B 81 41.94 49.54 26.33
C GLY B 81 41.29 49.57 27.70
N THR B 82 42.08 49.70 28.76
CA THR B 82 41.51 49.74 30.10
C THR B 82 41.68 51.12 30.74
N THR B 83 42.86 51.72 30.55
CA THR B 83 43.14 53.03 31.13
C THR B 83 43.40 54.11 30.08
N LEU B 84 43.76 53.71 28.86
CA LEU B 84 43.98 54.64 27.75
C LEU B 84 44.92 55.81 28.09
N ASP B 85 45.99 55.55 28.83
CA ASP B 85 46.88 56.61 29.30
C ASP B 85 48.39 56.29 29.25
N SER B 86 48.81 55.44 28.31
CA SER B 86 50.20 55.01 28.15
C SER B 86 50.64 54.00 29.21
N LYS B 87 49.74 53.58 30.10
CA LYS B 87 50.10 52.59 31.10
C LYS B 87 49.86 51.17 30.61
N THR B 88 49.01 51.02 29.60
CA THR B 88 48.71 49.72 29.02
C THR B 88 48.67 49.82 27.52
N GLN B 89 48.56 48.69 26.84
CA GLN B 89 48.49 48.72 25.39
C GLN B 89 47.08 49.11 24.98
N SER B 90 46.97 49.97 23.99
CA SER B 90 45.66 50.44 23.57
C SER B 90 45.54 50.52 22.06
N LEU B 91 44.54 49.83 21.53
CA LEU B 91 44.33 49.80 20.10
C LEU B 91 43.87 51.15 19.60
N LEU B 92 44.53 51.64 18.57
CA LEU B 92 44.21 52.92 17.97
C LEU B 92 43.93 52.78 16.49
N ILE B 93 42.76 53.21 16.08
CA ILE B 93 42.40 53.17 14.66
C ILE B 93 42.11 54.59 14.19
N VAL B 94 42.82 55.05 13.17
CA VAL B 94 42.61 56.40 12.64
C VAL B 94 42.50 56.43 11.13
N ASN B 95 41.51 57.12 10.60
CA ASN B 95 41.39 57.26 9.16
C ASN B 95 41.52 58.72 8.73
N ASN B 96 42.72 59.13 8.25
CA ASN B 96 43.03 60.50 7.89
C ASN B 96 43.18 60.65 6.36
N ALA B 97 42.19 61.33 5.72
CA ALA B 97 42.08 61.46 4.25
C ALA B 97 41.84 60.10 3.61
N THR B 98 42.87 59.53 3.00
CA THR B 98 42.74 58.25 2.33
C THR B 98 43.58 57.15 2.98
N ASN B 99 44.13 57.40 4.17
CA ASN B 99 44.98 56.39 4.80
C ASN B 99 44.51 55.88 6.15
N VAL B 100 44.09 54.62 6.17
CA VAL B 100 43.69 53.97 7.41
C VAL B 100 44.92 53.50 8.16
N VAL B 101 45.03 53.89 9.42
CA VAL B 101 46.16 53.56 10.25
C VAL B 101 45.75 52.79 11.50
N ILE B 102 46.37 51.65 11.72
CA ILE B 102 46.07 50.86 12.92
C ILE B 102 47.33 50.61 13.72
N LYS B 103 47.30 50.94 15.00
CA LYS B 103 48.44 50.72 15.88
C LYS B 103 47.99 50.18 17.24
N VAL B 104 48.84 49.42 17.92
CA VAL B 104 48.48 48.94 19.28
C VAL B 104 49.50 49.29 20.36
N CYS B 105 50.12 50.47 20.25
CA CYS B 105 51.18 50.95 21.12
C CYS B 105 50.62 51.39 22.49
N GLU B 106 51.54 51.57 23.46
CA GLU B 106 51.18 52.12 24.77
C GLU B 106 51.20 53.63 24.63
N PHE B 107 50.19 54.12 23.92
CA PHE B 107 50.09 55.49 23.50
C PHE B 107 49.83 56.45 24.63
N GLN B 108 50.46 57.60 24.56
CA GLN B 108 50.12 58.65 25.50
C GLN B 108 49.06 59.50 24.87
N PHE B 109 47.85 59.34 25.37
CA PHE B 109 46.72 60.05 24.87
C PHE B 109 46.55 61.33 25.66
N CYS B 110 45.92 62.30 25.03
CA CYS B 110 45.67 63.58 25.66
C CYS B 110 44.63 63.43 26.77
N ASN B 111 44.53 64.46 27.61
CA ASN B 111 43.52 64.44 28.66
C ASN B 111 42.13 64.33 28.03
N ASP B 112 42.00 64.93 26.86
CA ASP B 112 40.79 64.90 26.05
C ASP B 112 41.22 64.75 24.59
N PRO B 113 41.40 63.52 24.09
CA PRO B 113 41.88 63.18 22.76
C PRO B 113 40.99 63.71 21.66
N PHE B 114 41.60 64.30 20.65
CA PHE B 114 40.88 64.76 19.48
C PHE B 114 41.89 64.96 18.36
N LEU B 115 41.38 65.08 17.15
CA LEU B 115 42.21 65.39 16.02
C LEU B 115 41.80 66.75 15.47
N GLY B 116 42.74 67.62 15.21
CA GLY B 116 42.35 68.91 14.62
C GLY B 116 42.30 68.80 13.11
N VAL B 117 41.54 69.71 12.47
CA VAL B 117 41.47 69.81 11.01
C VAL B 117 42.52 70.82 10.54
N ASN B 139 56.83 50.21 23.10
CA ASN B 139 56.31 48.87 23.37
C ASN B 139 55.12 48.54 22.45
N CYS B 140 55.31 48.75 21.13
CA CYS B 140 54.30 48.50 20.09
C CYS B 140 54.42 47.04 19.62
N THR B 141 53.27 46.36 19.42
CA THR B 141 53.23 44.98 18.93
C THR B 141 52.59 44.85 17.56
N PHE B 142 52.10 45.96 17.00
CA PHE B 142 51.44 45.93 15.69
C PHE B 142 51.29 47.30 15.07
N GLU B 143 51.51 47.36 13.76
CA GLU B 143 51.24 48.55 12.97
C GLU B 143 50.80 48.21 11.55
N TYR B 144 49.80 48.91 11.06
CA TYR B 144 49.34 48.79 9.69
C TYR B 144 48.92 50.11 9.09
N VAL B 145 49.31 50.36 7.84
CA VAL B 145 48.85 51.55 7.13
C VAL B 145 48.35 51.21 5.73
N SER B 146 47.15 51.69 5.37
CA SER B 146 46.59 51.55 4.02
C SER B 146 47.19 52.59 3.09
N PHE B 160 22.23 63.80 7.35
CA PHE B 160 23.51 63.19 7.04
C PHE B 160 23.40 62.38 5.74
N LYS B 161 24.55 62.12 5.10
CA LYS B 161 24.64 61.43 3.81
C LYS B 161 25.22 60.03 3.89
N ASN B 162 26.00 59.75 4.94
CA ASN B 162 26.68 58.47 5.04
C ASN B 162 26.56 57.80 6.41
N LEU B 163 26.05 56.58 6.42
CA LEU B 163 25.94 55.79 7.65
C LEU B 163 27.01 54.72 7.67
N ARG B 164 27.81 54.72 8.72
CA ARG B 164 28.89 53.76 8.84
C ARG B 164 28.74 52.94 10.11
N GLU B 165 28.34 51.69 9.94
CA GLU B 165 28.08 50.82 11.09
C GLU B 165 29.25 49.89 11.31
N PHE B 166 29.55 49.64 12.57
CA PHE B 166 30.66 48.78 12.95
C PHE B 166 30.30 47.83 14.08
N VAL B 167 30.96 46.69 14.19
CA VAL B 167 30.84 45.81 15.35
C VAL B 167 32.23 45.47 15.86
N PHE B 168 32.43 45.66 17.15
CA PHE B 168 33.66 45.37 17.87
C PHE B 168 33.42 44.30 18.93
N LYS B 169 34.17 43.20 18.87
CA LYS B 169 34.17 42.18 19.93
C LYS B 169 35.57 41.58 20.09
N ASN B 170 35.86 41.11 21.30
CA ASN B 170 37.20 40.79 21.76
C ASN B 170 37.23 39.37 22.36
N ILE B 171 37.33 38.37 21.48
CA ILE B 171 37.14 36.96 21.81
C ILE B 171 38.49 36.24 21.84
N ASP B 172 38.87 35.70 23.00
CA ASP B 172 40.15 35.06 23.26
C ASP B 172 41.35 35.85 22.74
N GLY B 173 41.31 37.17 22.89
CA GLY B 173 42.42 38.02 22.48
C GLY B 173 42.32 38.53 21.04
N TYR B 174 41.29 38.10 20.30
CA TYR B 174 41.14 38.53 18.93
C TYR B 174 40.10 39.63 18.80
N PHE B 175 40.53 40.77 18.26
CA PHE B 175 39.68 41.93 18.08
C PHE B 175 39.06 41.87 16.70
N LYS B 176 37.79 41.48 16.62
CA LYS B 176 37.10 41.21 15.35
C LYS B 176 36.27 42.43 14.95
N ILE B 177 36.50 42.97 13.75
CA ILE B 177 35.83 44.15 13.23
C ILE B 177 34.95 43.83 12.04
N TYR B 178 33.67 44.09 12.15
CA TYR B 178 32.71 43.99 11.04
C TYR B 178 32.23 45.39 10.73
N SER B 179 31.89 45.70 9.48
CA SER B 179 31.36 47.02 9.17
C SER B 179 30.56 47.07 7.89
N LYS B 180 29.77 48.13 7.76
CA LYS B 180 29.02 48.37 6.54
C LYS B 180 28.83 49.85 6.30
N HIS B 181 29.12 50.29 5.07
CA HIS B 181 28.88 51.68 4.72
C HIS B 181 27.70 51.75 3.77
N THR B 182 26.79 52.67 4.03
CA THR B 182 25.63 52.83 3.16
C THR B 182 25.23 54.31 3.08
N PRO B 183 24.76 54.79 1.93
CA PRO B 183 24.22 56.12 1.74
C PRO B 183 22.92 56.27 2.49
N ILE B 184 22.73 57.44 3.09
CA ILE B 184 21.50 57.78 3.79
C ILE B 184 21.01 59.18 3.46
N ASN B 185 19.76 59.47 3.81
CA ASN B 185 19.20 60.80 3.69
C ASN B 185 18.40 61.13 4.94
N LEU B 186 19.10 61.35 6.04
CA LEU B 186 18.46 61.55 7.34
C LEU B 186 19.41 62.18 8.34
N VAL B 187 18.99 63.27 8.98
CA VAL B 187 19.87 63.95 9.93
C VAL B 187 19.55 63.64 11.39
N ARG B 188 18.27 63.49 11.70
CA ARG B 188 17.85 63.41 13.09
C ARG B 188 18.32 62.19 13.86
N ASP B 189 18.29 61.00 13.25
CA ASP B 189 18.53 59.78 14.01
C ASP B 189 18.99 58.63 13.10
N LEU B 190 19.21 57.45 13.68
CA LEU B 190 19.54 56.27 12.88
C LEU B 190 18.37 55.92 11.98
N PRO B 191 18.60 55.68 10.68
CA PRO B 191 17.61 55.21 9.75
C PRO B 191 17.10 53.84 10.18
N GLN B 192 15.83 53.58 9.96
CA GLN B 192 15.26 52.28 10.23
C GLN B 192 15.39 51.40 8.99
N GLY B 193 15.74 50.14 9.20
CA GLY B 193 15.89 49.21 8.09
C GLY B 193 16.85 48.11 8.47
N PHE B 194 17.13 47.23 7.50
CA PHE B 194 18.04 46.10 7.63
C PHE B 194 19.01 46.02 6.42
N SER B 195 20.27 45.75 6.72
CA SER B 195 21.34 45.34 5.81
C SER B 195 22.52 44.86 6.66
N ALA B 196 23.00 43.64 6.44
CA ALA B 196 24.01 43.02 7.31
C ALA B 196 25.44 43.47 7.00
N LEU B 197 26.35 43.32 7.96
CA LEU B 197 27.75 43.73 7.89
C LEU B 197 28.69 42.54 7.64
N GLU B 198 29.57 42.62 6.64
CA GLU B 198 30.71 41.71 6.46
C GLU B 198 31.82 41.89 7.53
N PRO B 199 32.55 40.82 7.90
CA PRO B 199 33.80 40.94 8.63
C PRO B 199 34.90 41.47 7.73
N LEU B 200 35.68 42.45 8.22
CA LEU B 200 36.80 43.04 7.47
C LEU B 200 38.17 42.73 8.09
N VAL B 201 38.33 42.84 9.41
CA VAL B 201 39.61 42.75 10.09
C VAL B 201 39.55 41.88 11.33
N ASP B 202 40.64 41.19 11.65
CA ASP B 202 40.74 40.35 12.84
C ASP B 202 42.14 40.48 13.42
N LEU B 203 42.30 41.32 14.46
CA LEU B 203 43.62 41.65 15.00
C LEU B 203 43.94 40.84 16.27
N PRO B 204 44.99 39.99 16.25
CA PRO B 204 45.42 39.16 17.36
C PRO B 204 46.23 39.99 18.35
N ILE B 205 45.56 40.96 18.95
CA ILE B 205 46.23 41.92 19.81
C ILE B 205 46.49 41.40 21.22
N GLY B 206 45.60 40.57 21.74
CA GLY B 206 45.80 40.00 23.07
C GLY B 206 45.64 41.06 24.17
N ILE B 207 44.86 42.09 23.88
CA ILE B 207 44.66 43.19 24.80
C ILE B 207 43.34 43.04 25.56
N ASN B 208 43.39 43.23 26.88
CA ASN B 208 42.22 43.19 27.75
C ASN B 208 41.51 44.55 27.64
N ILE B 209 40.39 44.60 26.93
CA ILE B 209 39.63 45.82 26.65
C ILE B 209 38.37 45.88 27.47
N THR B 210 38.25 46.95 28.26
CA THR B 210 37.11 47.12 29.16
C THR B 210 36.43 48.45 28.89
N ARG B 211 37.16 49.37 28.25
CA ARG B 211 36.70 50.72 27.95
C ARG B 211 37.12 51.14 26.56
N PHE B 212 36.40 52.08 25.97
CA PHE B 212 36.84 52.62 24.70
C PHE B 212 36.43 54.08 24.56
N GLN B 213 37.04 54.76 23.62
CA GLN B 213 36.74 56.16 23.36
C GLN B 213 36.79 56.47 21.88
N THR B 214 36.04 57.45 21.40
CA THR B 214 36.13 57.79 19.99
C THR B 214 37.03 59.00 19.75
N LEU B 215 37.34 59.24 18.48
CA LEU B 215 38.15 60.37 18.05
C LEU B 215 37.46 61.21 16.98
N LEU B 216 37.27 62.49 17.30
CA LEU B 216 36.57 63.43 16.43
C LEU B 216 37.51 64.45 15.82
N ALA B 217 37.22 64.86 14.57
CA ALA B 217 37.95 65.90 13.84
C ALA B 217 37.33 67.27 14.08
N LEU B 218 38.06 68.16 14.70
CA LEU B 218 37.51 69.46 15.08
C LEU B 218 38.09 70.60 14.25
N HIS B 219 37.22 71.51 13.79
CA HIS B 219 37.62 72.69 13.01
C HIS B 219 38.11 73.80 13.95
N ALA B 237 27.99 65.33 13.57
CA ALA B 237 28.31 63.92 13.38
C ALA B 237 28.05 63.14 14.67
N ALA B 238 26.78 62.76 14.86
CA ALA B 238 26.31 61.96 15.97
C ALA B 238 26.77 60.52 15.83
N TYR B 239 26.88 59.83 16.95
CA TYR B 239 27.22 58.42 16.92
C TYR B 239 26.49 57.68 18.01
N TYR B 240 26.41 56.37 17.86
CA TYR B 240 25.64 55.56 18.75
C TYR B 240 26.45 54.42 19.30
N VAL B 241 26.25 54.12 20.57
CA VAL B 241 26.92 52.98 21.17
C VAL B 241 25.94 52.00 21.78
N GLY B 242 25.90 50.76 21.27
CA GLY B 242 24.96 49.73 21.72
C GLY B 242 25.66 48.45 22.13
N TYR B 243 25.30 47.90 23.28
CA TYR B 243 25.95 46.68 23.79
C TYR B 243 25.44 45.39 23.15
N LEU B 244 26.37 44.60 22.64
CA LEU B 244 26.13 43.26 22.09
C LEU B 244 25.78 42.28 23.21
N GLN B 245 24.91 41.31 22.91
CA GLN B 245 24.52 40.26 23.84
C GLN B 245 24.38 38.92 23.13
N PRO B 246 24.54 37.79 23.82
CA PRO B 246 24.41 36.45 23.25
C PRO B 246 22.95 36.07 22.95
N ARG B 247 22.39 36.66 21.89
CA ARG B 247 21.01 36.43 21.43
C ARG B 247 20.99 35.59 20.16
N THR B 248 20.27 34.47 20.15
CA THR B 248 20.08 33.64 18.95
C THR B 248 19.19 34.35 17.94
N PHE B 249 19.51 34.24 16.65
CA PHE B 249 18.79 34.87 15.55
C PHE B 249 18.34 33.84 14.51
N LEU B 250 17.30 34.17 13.76
CA LEU B 250 16.93 33.53 12.50
C LEU B 250 17.18 34.53 11.35
N LEU B 251 17.93 34.13 10.32
CA LEU B 251 18.41 35.00 9.25
C LEU B 251 17.95 34.50 7.89
N LYS B 252 17.26 35.35 7.12
CA LYS B 252 16.74 35.06 5.78
C LYS B 252 17.83 35.34 4.74
N TYR B 253 18.61 34.33 4.35
CA TYR B 253 19.53 34.45 3.23
C TYR B 253 18.73 34.39 1.93
N ASN B 254 18.84 35.38 1.06
CA ASN B 254 18.14 35.40 -0.23
C ASN B 254 18.87 34.59 -1.32
N GLU B 255 18.42 34.69 -2.57
CA GLU B 255 19.04 33.94 -3.71
C GLU B 255 20.50 34.37 -3.87
N ASN B 256 20.82 35.66 -3.73
CA ASN B 256 22.21 36.18 -3.87
C ASN B 256 23.02 35.80 -2.63
N GLY B 257 22.38 35.33 -1.56
CA GLY B 257 23.07 34.93 -0.31
C GLY B 257 23.21 36.12 0.62
N THR B 258 22.60 37.25 0.30
CA THR B 258 22.61 38.47 1.15
C THR B 258 21.53 38.31 2.22
N ILE B 259 21.84 38.47 3.51
CA ILE B 259 20.81 38.40 4.57
C ILE B 259 19.82 39.55 4.35
N THR B 260 18.56 39.29 3.99
CA THR B 260 17.58 40.37 3.70
C THR B 260 16.54 40.60 4.80
N ASP B 261 16.47 39.73 5.81
CA ASP B 261 15.60 39.90 6.98
C ASP B 261 16.16 39.10 8.19
N ALA B 262 15.72 39.43 9.41
CA ALA B 262 16.19 38.81 10.65
C ALA B 262 15.10 38.77 11.75
N VAL B 263 15.18 37.82 12.69
CA VAL B 263 14.22 37.73 13.85
C VAL B 263 14.99 37.45 15.15
N ASP B 264 15.14 38.44 16.03
CA ASP B 264 15.80 38.22 17.35
C ASP B 264 14.93 37.24 18.14
N CYS B 265 15.49 36.18 18.71
CA CYS B 265 14.72 35.12 19.42
C CYS B 265 14.06 35.66 20.70
N ALA B 266 14.75 36.49 21.49
CA ALA B 266 14.24 36.95 22.81
C ALA B 266 13.57 38.32 22.70
N LEU B 267 13.12 38.74 21.52
CA LEU B 267 12.40 39.99 21.35
C LEU B 267 10.99 39.94 21.98
N ASP B 268 10.13 39.08 21.48
CA ASP B 268 8.72 38.95 21.89
C ASP B 268 8.17 37.56 21.51
N PRO B 269 7.05 37.09 22.07
CA PRO B 269 6.54 35.75 21.81
C PRO B 269 6.26 35.38 20.35
N LEU B 270 5.91 36.30 19.47
CA LEU B 270 5.83 35.97 18.03
C LEU B 270 7.22 35.71 17.46
N SER B 271 8.23 36.46 17.87
CA SER B 271 9.61 36.23 17.47
C SER B 271 10.14 34.90 18.00
N GLU B 272 9.81 34.49 19.23
CA GLU B 272 10.07 33.13 19.71
C GLU B 272 9.43 32.09 18.78
N THR B 273 8.20 32.34 18.31
CA THR B 273 7.47 31.43 17.42
C THR B 273 8.14 31.34 16.07
N LYS B 274 8.62 32.45 15.52
CA LYS B 274 9.40 32.42 14.25
C LYS B 274 10.70 31.66 14.48
N CYS B 275 11.38 31.83 15.63
CA CYS B 275 12.63 31.10 15.99
C CYS B 275 12.34 29.60 16.10
N THR B 276 11.19 29.21 16.66
CA THR B 276 10.84 27.78 16.91
C THR B 276 10.46 27.08 15.60
N LEU B 277 9.71 27.73 14.71
CA LEU B 277 9.26 27.16 13.44
C LEU B 277 10.26 27.32 12.28
N LYS B 278 11.40 27.98 12.50
CA LYS B 278 12.39 28.35 11.48
C LYS B 278 11.74 29.07 10.28
N SER B 279 10.74 29.92 10.52
CA SER B 279 9.97 30.56 9.45
C SER B 279 9.64 32.02 9.76
N PHE B 280 9.80 32.90 8.76
CA PHE B 280 9.38 34.30 8.83
C PHE B 280 7.85 34.47 8.72
N THR B 281 7.13 33.44 8.29
CA THR B 281 5.66 33.40 8.24
C THR B 281 5.16 32.39 9.27
N VAL B 282 4.16 32.73 10.06
CA VAL B 282 3.56 31.81 11.04
C VAL B 282 2.07 31.65 10.75
N GLU B 283 1.63 30.41 10.71
CA GLU B 283 0.25 30.01 10.48
C GLU B 283 -0.62 30.21 11.72
N LYS B 284 -1.94 30.27 11.56
CA LYS B 284 -2.90 30.39 12.66
C LYS B 284 -2.86 29.17 13.59
N GLY B 285 -2.60 29.35 14.87
CA GLY B 285 -2.54 28.23 15.82
C GLY B 285 -2.00 28.57 17.20
N ILE B 286 -1.63 27.53 17.94
CA ILE B 286 -1.00 27.60 19.26
C ILE B 286 0.29 26.78 19.26
N TYR B 287 1.42 27.41 19.60
CA TYR B 287 2.76 26.85 19.40
C TYR B 287 3.56 26.81 20.70
N GLN B 288 4.11 25.67 21.10
CA GLN B 288 4.84 25.51 22.35
C GLN B 288 6.29 26.02 22.26
N THR B 289 6.47 27.34 22.22
CA THR B 289 7.77 27.97 21.93
C THR B 289 8.86 27.74 22.97
N SER B 290 8.51 27.55 24.24
CA SER B 290 9.47 27.57 25.35
C SER B 290 8.92 26.85 26.57
N ASN B 291 9.75 26.59 27.59
CA ASN B 291 9.28 26.29 28.94
C ASN B 291 9.65 27.44 29.89
N PHE B 292 8.64 28.04 30.50
CA PHE B 292 8.75 28.99 31.60
C PHE B 292 9.23 28.24 32.83
N ARG B 293 10.35 28.66 33.44
CA ARG B 293 10.81 28.14 34.74
C ARG B 293 11.21 29.30 35.64
N VAL B 294 10.74 29.37 36.87
CA VAL B 294 11.11 30.43 37.84
C VAL B 294 12.59 30.33 38.22
N GLN B 295 13.30 31.45 38.27
CA GLN B 295 14.71 31.52 38.69
C GLN B 295 14.86 31.71 40.21
N PRO B 296 15.95 31.23 40.82
CA PRO B 296 16.29 31.51 42.21
C PRO B 296 16.72 32.96 42.43
N THR B 297 16.75 33.41 43.69
CA THR B 297 17.09 34.81 44.02
C THR B 297 18.52 34.99 44.57
N GLU B 298 18.90 34.11 45.49
CA GLU B 298 20.12 34.09 46.29
C GLU B 298 20.48 32.66 46.62
N SER B 299 21.74 32.42 46.98
CA SER B 299 22.13 31.08 47.38
C SER B 299 22.08 30.90 48.88
N ILE B 300 21.84 29.66 49.30
CA ILE B 300 21.82 29.28 50.70
C ILE B 300 22.87 28.21 50.97
N VAL B 301 23.83 28.53 51.82
CA VAL B 301 24.88 27.55 52.12
C VAL B 301 24.86 27.12 53.57
N ARG B 302 24.68 25.82 53.79
CA ARG B 302 24.60 25.30 55.14
C ARG B 302 25.61 24.20 55.43
N PHE B 303 26.34 24.37 56.52
CA PHE B 303 27.29 23.39 57.04
C PHE B 303 27.19 23.41 58.57
N PRO B 304 27.52 22.34 59.29
CA PRO B 304 27.57 22.31 60.74
C PRO B 304 28.49 23.44 61.19
N ASN B 305 28.09 24.21 62.24
CA ASN B 305 28.90 25.36 62.65
C ASN B 305 30.04 24.97 63.61
N ILE B 306 31.00 24.20 63.03
CA ILE B 306 32.17 23.67 63.72
C ILE B 306 33.43 24.43 63.31
N THR B 307 34.25 24.79 64.30
CA THR B 307 35.47 25.56 64.06
C THR B 307 36.77 24.79 64.28
N ASN B 308 36.68 23.52 64.62
CA ASN B 308 37.87 22.71 64.84
C ASN B 308 38.57 22.50 63.51
N LEU B 309 39.90 22.50 63.49
CA LEU B 309 40.58 22.24 62.22
C LEU B 309 41.07 20.79 62.19
N CYS B 310 41.04 20.17 60.99
CA CYS B 310 41.44 18.77 60.83
C CYS B 310 42.98 18.62 60.92
N PRO B 311 43.47 17.59 61.70
CA PRO B 311 44.88 17.35 62.00
C PRO B 311 45.64 16.70 60.86
N PHE B 312 45.73 17.41 59.74
CA PHE B 312 46.48 16.88 58.61
C PHE B 312 47.97 16.98 58.90
N GLY B 313 48.38 17.99 59.66
CA GLY B 313 49.79 18.15 59.97
C GLY B 313 50.33 16.94 60.71
N GLU B 314 49.48 16.31 61.51
CA GLU B 314 49.86 15.15 62.32
C GLU B 314 50.01 13.90 61.47
N VAL B 315 49.62 13.98 60.21
CA VAL B 315 49.74 12.87 59.28
C VAL B 315 50.90 13.11 58.33
N PHE B 316 50.91 14.28 57.73
CA PHE B 316 51.90 14.63 56.71
C PHE B 316 53.29 15.01 57.25
N ASN B 317 53.34 15.62 58.45
CA ASN B 317 54.60 16.05 59.10
C ASN B 317 54.93 15.15 60.30
N ALA B 318 54.49 13.89 60.29
CA ALA B 318 54.74 12.89 61.33
C ALA B 318 56.23 12.58 61.47
N THR B 319 56.68 12.32 62.68
CA THR B 319 58.08 12.01 62.90
C THR B 319 58.48 10.77 62.11
N ARG B 320 57.64 9.73 62.18
CA ARG B 320 57.91 8.49 61.46
C ARG B 320 56.66 7.91 60.81
N PHE B 321 56.82 7.48 59.57
CA PHE B 321 55.79 6.74 58.88
C PHE B 321 55.90 5.25 59.15
N ALA B 322 54.77 4.57 59.12
CA ALA B 322 54.70 3.11 59.28
C ALA B 322 55.16 2.40 58.03
N SER B 323 55.51 1.13 58.19
CA SER B 323 55.86 0.28 57.06
C SER B 323 54.61 -0.09 56.27
N VAL B 324 54.78 -0.42 55.00
CA VAL B 324 53.65 -0.75 54.16
C VAL B 324 53.00 -2.09 54.53
N TYR B 325 53.74 -3.01 55.14
CA TYR B 325 53.12 -4.26 55.57
C TYR B 325 52.17 -4.00 56.75
N ALA B 326 52.38 -2.89 57.45
CA ALA B 326 51.61 -2.55 58.64
C ALA B 326 51.27 -1.09 58.61
N TRP B 327 50.51 -0.69 57.59
CA TRP B 327 50.22 0.71 57.35
C TRP B 327 49.23 1.25 58.37
N ASN B 328 49.36 2.53 58.70
CA ASN B 328 48.45 3.13 59.68
C ASN B 328 47.22 3.66 59.01
N ARG B 329 46.11 3.67 59.73
CA ARG B 329 44.87 4.26 59.24
C ARG B 329 44.29 5.23 60.24
N LYS B 330 44.49 6.52 60.01
CA LYS B 330 44.02 7.51 60.96
C LYS B 330 42.65 8.06 60.57
N ARG B 331 41.76 8.14 61.55
CA ARG B 331 40.44 8.69 61.29
C ARG B 331 40.41 10.19 61.49
N ILE B 332 39.89 10.88 60.49
CA ILE B 332 39.70 12.32 60.53
C ILE B 332 38.20 12.61 60.61
N SER B 333 37.79 13.28 61.68
CA SER B 333 36.38 13.56 61.91
C SER B 333 36.16 14.78 62.78
N ASN B 334 34.92 15.28 62.78
CA ASN B 334 34.51 16.40 63.63
C ASN B 334 35.44 17.60 63.49
N CYS B 335 35.66 18.06 62.25
CA CYS B 335 36.61 19.13 61.97
C CYS B 335 36.37 19.79 60.60
N VAL B 336 37.09 20.91 60.36
CA VAL B 336 37.11 21.64 59.11
C VAL B 336 38.36 21.28 58.32
N ALA B 337 38.14 20.75 57.12
CA ALA B 337 39.24 20.27 56.33
C ALA B 337 39.59 21.21 55.19
N ASP B 338 40.68 21.92 55.36
CA ASP B 338 41.13 22.85 54.33
C ASP B 338 42.10 22.15 53.41
N TYR B 339 41.66 21.81 52.21
CA TYR B 339 42.48 21.01 51.31
C TYR B 339 43.27 21.89 50.38
N SER B 340 43.16 23.21 50.55
CA SER B 340 43.89 24.13 49.71
C SER B 340 45.34 24.12 50.14
N VAL B 341 45.56 23.85 51.41
CA VAL B 341 46.92 23.81 51.92
C VAL B 341 47.68 22.65 51.31
N LEU B 342 47.07 21.48 51.32
CA LEU B 342 47.72 20.31 50.77
C LEU B 342 47.88 20.39 49.26
N TYR B 343 46.89 20.93 48.58
CA TYR B 343 46.94 21.03 47.13
C TYR B 343 47.93 22.07 46.64
N ASN B 344 47.95 23.25 47.27
CA ASN B 344 48.82 24.34 46.85
C ASN B 344 50.28 24.11 47.25
N SER B 345 50.51 23.35 48.33
CA SER B 345 51.86 23.06 48.77
C SER B 345 52.70 22.44 47.66
N ALA B 346 53.91 22.98 47.47
CA ALA B 346 54.82 22.52 46.42
C ALA B 346 55.69 21.36 46.88
N SER B 347 55.55 20.95 48.13
CA SER B 347 56.38 19.89 48.70
C SER B 347 56.04 18.49 48.18
N PHE B 348 54.88 18.34 47.55
CA PHE B 348 54.45 17.02 47.11
C PHE B 348 54.97 16.67 45.73
N SER B 349 55.39 15.42 45.55
CA SER B 349 55.86 14.96 44.26
C SER B 349 54.67 14.66 43.39
N THR B 350 53.60 14.21 44.03
CA THR B 350 52.37 13.93 43.32
C THR B 350 51.15 14.16 44.20
N PHE B 351 50.06 14.53 43.56
CA PHE B 351 48.76 14.73 44.21
C PHE B 351 47.72 14.29 43.20
N LYS B 352 47.47 13.00 43.12
CA LYS B 352 46.58 12.49 42.09
C LYS B 352 45.26 12.04 42.67
N CYS B 353 44.16 12.62 42.18
CA CYS B 353 42.81 12.29 42.63
C CYS B 353 42.12 11.38 41.62
N TYR B 354 41.51 10.31 42.15
CA TYR B 354 40.76 9.31 41.40
C TYR B 354 39.27 9.45 41.68
N GLY B 355 38.96 10.03 42.82
CA GLY B 355 37.57 10.22 43.24
C GLY B 355 36.99 11.52 42.71
N VAL B 356 37.41 12.63 43.30
CA VAL B 356 36.87 13.92 42.94
C VAL B 356 38.02 14.85 42.58
N SER B 357 37.73 15.92 41.86
CA SER B 357 38.78 16.87 41.54
C SER B 357 39.23 17.60 42.81
N PRO B 358 40.54 17.87 42.96
CA PRO B 358 41.17 18.43 44.14
C PRO B 358 40.72 19.84 44.49
N THR B 359 40.14 20.55 43.55
CA THR B 359 39.72 21.93 43.81
C THR B 359 38.27 21.98 44.26
N LYS B 360 37.58 20.85 44.19
CA LYS B 360 36.18 20.76 44.59
C LYS B 360 36.08 20.36 46.05
N LEU B 361 37.20 19.93 46.62
CA LEU B 361 37.27 19.41 47.98
C LEU B 361 36.94 20.47 49.01
N ASN B 362 37.06 21.73 48.63
CA ASN B 362 36.76 22.82 49.53
C ASN B 362 35.25 23.02 49.74
N ASP B 363 34.43 22.64 48.75
CA ASP B 363 32.99 22.81 48.85
C ASP B 363 32.32 21.55 49.35
N LEU B 364 32.77 20.44 48.80
CA LEU B 364 32.28 19.10 49.05
C LEU B 364 32.64 18.67 50.45
N CYS B 365 31.80 17.85 51.13
CA CYS B 365 32.22 17.32 52.43
C CYS B 365 31.74 15.89 52.67
N PHE B 366 32.37 15.26 53.69
CA PHE B 366 32.39 13.82 53.90
C PHE B 366 31.85 13.37 55.24
N THR B 367 31.41 12.11 55.27
CA THR B 367 30.95 11.49 56.51
C THR B 367 32.16 11.18 57.37
N ASN B 368 33.23 10.75 56.71
CA ASN B 368 34.52 10.45 57.33
C ASN B 368 35.63 10.58 56.30
N VAL B 369 36.83 10.88 56.78
CA VAL B 369 38.02 10.83 55.93
C VAL B 369 39.09 10.00 56.63
N TYR B 370 39.71 9.09 55.90
CA TYR B 370 40.78 8.29 56.52
C TYR B 370 42.10 8.48 55.82
N ALA B 371 43.15 8.58 56.59
CA ALA B 371 44.48 8.77 56.05
C ALA B 371 45.35 7.53 56.24
N ASP B 372 45.66 6.86 55.14
CA ASP B 372 46.46 5.65 55.18
C ASP B 372 47.92 6.05 54.98
N SER B 373 48.74 5.88 56.01
CA SER B 373 50.11 6.39 56.02
C SER B 373 51.20 5.34 56.12
N PHE B 374 52.07 5.32 55.10
CA PHE B 374 53.16 4.34 55.06
C PHE B 374 54.30 4.71 54.09
N VAL B 375 55.44 3.99 54.22
CA VAL B 375 56.58 4.18 53.31
C VAL B 375 56.76 3.08 52.27
N ILE B 376 56.95 3.51 51.03
CA ILE B 376 57.21 2.65 49.86
C ILE B 376 58.44 3.10 49.08
N ARG B 377 58.89 2.28 48.15
CA ARG B 377 59.96 2.69 47.24
C ARG B 377 59.36 3.55 46.12
N GLY B 378 60.11 4.55 45.67
CA GLY B 378 59.65 5.52 44.66
C GLY B 378 59.00 4.95 43.40
N ASP B 379 59.59 3.93 42.79
CA ASP B 379 59.00 3.39 41.57
C ASP B 379 57.65 2.70 41.80
N GLU B 380 57.31 2.46 43.06
CA GLU B 380 56.07 1.77 43.40
C GLU B 380 54.92 2.75 43.64
N VAL B 381 55.18 4.05 43.55
CA VAL B 381 54.12 5.04 43.78
C VAL B 381 53.00 4.84 42.78
N ARG B 382 53.36 4.49 41.56
CA ARG B 382 52.41 4.27 40.47
C ARG B 382 51.41 3.14 40.76
N GLN B 383 51.77 2.21 41.65
CA GLN B 383 50.89 1.09 41.94
C GLN B 383 49.78 1.44 42.92
N ILE B 384 49.87 2.56 43.61
CA ILE B 384 48.80 2.86 44.55
C ILE B 384 47.71 3.64 43.85
N ALA B 385 46.83 2.89 43.19
CA ALA B 385 45.75 3.45 42.42
C ALA B 385 44.72 2.35 42.14
N PRO B 386 43.44 2.69 41.97
CA PRO B 386 42.40 1.78 41.59
C PRO B 386 42.70 1.25 40.21
N GLY B 387 42.46 -0.05 39.98
CA GLY B 387 42.69 -0.62 38.68
C GLY B 387 44.13 -1.12 38.46
N GLN B 388 45.03 -0.85 39.41
CA GLN B 388 46.40 -1.29 39.23
C GLN B 388 46.69 -2.62 39.88
N THR B 389 47.65 -3.34 39.33
CA THR B 389 48.10 -4.60 39.86
C THR B 389 49.61 -4.59 39.92
N GLY B 390 50.19 -5.51 40.67
CA GLY B 390 51.63 -5.59 40.80
C GLY B 390 51.98 -6.16 42.15
N LYS B 391 53.26 -6.26 42.45
CA LYS B 391 53.70 -6.85 43.70
C LYS B 391 53.34 -6.02 44.93
N ILE B 392 53.08 -4.72 44.79
CA ILE B 392 52.65 -3.94 45.94
C ILE B 392 51.13 -3.85 45.96
N ALA B 393 50.56 -3.52 44.80
CA ALA B 393 49.12 -3.36 44.67
C ALA B 393 48.39 -4.65 45.04
N ASP B 394 48.98 -5.80 44.74
CA ASP B 394 48.34 -7.06 45.04
C ASP B 394 48.75 -7.67 46.37
N TYR B 395 49.99 -7.44 46.81
CA TYR B 395 50.47 -8.19 47.98
C TYR B 395 50.44 -7.44 49.31
N ASN B 396 50.70 -6.14 49.33
CA ASN B 396 50.77 -5.46 50.62
C ASN B 396 49.82 -4.28 50.80
N TYR B 397 49.42 -3.62 49.72
CA TYR B 397 48.50 -2.49 49.89
C TYR B 397 47.55 -2.34 48.73
N LYS B 398 46.33 -2.80 48.94
CA LYS B 398 45.30 -2.83 47.91
C LYS B 398 44.22 -1.76 48.10
N LEU B 399 43.92 -1.03 47.02
CA LEU B 399 42.80 -0.10 47.03
C LEU B 399 41.62 -0.72 46.31
N PRO B 400 40.39 -0.33 46.64
CA PRO B 400 39.18 -0.67 45.91
C PRO B 400 39.31 -0.11 44.51
N ASP B 401 38.71 -0.78 43.53
CA ASP B 401 38.82 -0.26 42.17
C ASP B 401 37.80 0.85 41.95
N ASP B 402 36.93 1.03 42.93
CA ASP B 402 35.95 2.08 42.97
C ASP B 402 36.35 3.13 44.02
N PHE B 403 37.64 3.13 44.35
CA PHE B 403 38.21 4.03 45.34
C PHE B 403 37.91 5.48 45.07
N THR B 404 37.45 6.17 46.11
CA THR B 404 37.19 7.58 46.02
C THR B 404 38.16 8.33 46.89
N GLY B 405 38.94 9.19 46.27
CA GLY B 405 39.91 9.96 47.01
C GLY B 405 41.14 10.33 46.23
N CYS B 406 42.21 10.70 46.96
CA CYS B 406 43.45 11.24 46.41
C CYS B 406 44.67 10.57 47.07
N VAL B 407 45.68 10.26 46.25
CA VAL B 407 46.96 9.68 46.68
C VAL B 407 48.05 10.74 46.64
N ILE B 408 48.58 11.07 47.80
CA ILE B 408 49.55 12.14 47.92
C ILE B 408 50.89 11.57 48.35
N ALA B 409 51.96 11.91 47.64
CA ALA B 409 53.26 11.37 48.02
C ALA B 409 54.40 12.34 47.76
N TRP B 410 55.45 12.19 48.55
CA TRP B 410 56.66 12.98 48.42
C TRP B 410 57.86 12.15 48.85
N ASN B 411 59.05 12.48 48.36
CA ASN B 411 60.18 11.67 48.77
C ASN B 411 60.63 12.06 50.16
N SER B 412 61.28 11.12 50.83
CA SER B 412 61.86 11.34 52.15
C SER B 412 63.34 11.02 52.12
N ASN B 413 63.98 11.35 50.99
CA ASN B 413 65.38 11.03 50.80
C ASN B 413 66.26 11.81 51.76
N ASN B 414 65.75 12.94 52.24
CA ASN B 414 66.47 13.79 53.16
C ASN B 414 65.95 13.63 54.57
N LEU B 415 65.24 12.53 54.85
CA LEU B 415 64.71 12.33 56.19
C LEU B 415 64.78 10.86 56.63
N ASP B 416 64.22 9.95 55.84
CA ASP B 416 64.19 8.55 56.23
C ASP B 416 65.44 7.80 55.79
N SER B 417 66.02 8.21 54.67
CA SER B 417 67.22 7.52 54.17
C SER B 417 68.40 7.79 55.11
N LYS B 418 69.33 6.82 55.22
CA LYS B 418 70.52 6.94 56.07
C LYS B 418 71.78 6.50 55.33
N GLY B 421 72.29 2.49 56.12
CA GLY B 421 71.01 2.53 55.44
C GLY B 421 69.86 2.35 56.44
N ASN B 422 68.66 2.82 56.07
CA ASN B 422 67.44 2.70 56.88
C ASN B 422 66.73 1.40 56.54
N TYR B 423 66.79 0.45 57.45
CA TYR B 423 66.23 -0.88 57.25
C TYR B 423 64.98 -1.12 58.09
N ASN B 424 64.32 -0.05 58.49
CA ASN B 424 63.14 -0.18 59.34
C ASN B 424 61.85 -0.30 58.53
N TYR B 425 61.97 -0.33 57.20
CA TYR B 425 60.78 -0.41 56.36
C TYR B 425 60.63 -1.75 55.66
N LEU B 426 59.59 -2.47 56.08
CA LEU B 426 59.30 -3.82 55.60
C LEU B 426 58.01 -3.86 54.79
N TYR B 427 58.00 -4.69 53.77
CA TYR B 427 56.85 -4.90 52.90
C TYR B 427 56.62 -6.40 52.71
N ARG B 428 55.39 -6.78 52.32
CA ARG B 428 55.03 -8.19 52.11
C ARG B 428 54.18 -8.34 50.85
N LYS B 436 42.53 -8.35 50.02
CA LYS B 436 41.34 -7.52 49.94
C LYS B 436 41.72 -6.04 50.12
N PRO B 437 40.86 -5.07 49.67
CA PRO B 437 41.04 -3.63 49.85
C PRO B 437 41.15 -3.28 51.32
N PHE B 438 42.12 -2.43 51.63
CA PHE B 438 42.39 -1.97 52.98
C PHE B 438 42.70 -3.11 53.97
N GLU B 439 43.24 -4.21 53.46
CA GLU B 439 43.70 -5.29 54.33
C GLU B 439 45.09 -4.96 54.92
N ARG B 440 45.26 -5.23 56.21
CA ARG B 440 46.54 -5.05 56.88
C ARG B 440 47.13 -6.42 57.24
N ASP B 441 48.01 -6.94 56.41
CA ASP B 441 48.52 -8.29 56.64
C ASP B 441 49.69 -8.28 57.63
N ILE B 442 49.35 -8.26 58.92
CA ILE B 442 50.31 -8.15 60.03
C ILE B 442 50.94 -9.53 60.28
N TYR B 463 61.41 -20.11 53.68
CA TYR B 463 61.29 -19.10 52.64
C TYR B 463 60.12 -18.17 53.01
N PHE B 464 60.44 -16.94 53.45
CA PHE B 464 59.44 -15.97 53.90
C PHE B 464 58.95 -15.06 52.78
N PRO B 465 57.67 -14.64 52.81
CA PRO B 465 57.06 -13.57 52.03
C PRO B 465 57.51 -12.17 52.44
N LEU B 466 58.25 -12.07 53.56
CA LEU B 466 58.63 -10.77 54.12
C LEU B 466 59.98 -10.29 53.59
N GLN B 467 59.97 -9.07 53.04
CA GLN B 467 61.17 -8.44 52.50
C GLN B 467 61.27 -6.98 52.97
N SER B 468 62.47 -6.42 52.98
CA SER B 468 62.62 -5.04 53.42
C SER B 468 63.62 -4.26 52.57
N TYR B 469 63.58 -2.93 52.70
CA TYR B 469 64.49 -2.06 51.96
C TYR B 469 65.55 -1.45 52.84
N GLY B 470 66.73 -1.22 52.26
CA GLY B 470 67.79 -0.44 52.90
C GLY B 470 67.87 0.90 52.20
N PHE B 471 67.19 1.89 52.72
CA PHE B 471 67.14 3.17 52.02
C PHE B 471 68.35 4.05 52.33
N GLN B 472 69.01 4.48 51.27
CA GLN B 472 70.21 5.31 51.36
C GLN B 472 70.02 6.55 50.49
N PRO B 473 70.59 7.70 50.87
CA PRO B 473 70.45 8.99 50.21
C PRO B 473 71.05 8.99 48.81
N THR B 474 71.91 8.02 48.54
CA THR B 474 72.57 7.89 47.24
C THR B 474 71.87 6.94 46.24
N ASN B 475 70.72 6.35 46.63
CA ASN B 475 69.96 5.42 45.78
C ASN B 475 69.15 6.19 44.71
N VAL B 477 66.61 7.91 42.37
CA VAL B 477 65.30 8.54 42.51
C VAL B 477 64.23 7.44 42.71
N GLY B 478 64.17 6.47 41.80
CA GLY B 478 63.19 5.37 41.82
C GLY B 478 63.46 4.40 42.97
N TYR B 479 64.66 4.50 43.55
CA TYR B 479 65.07 3.64 44.63
C TYR B 479 65.10 4.38 45.97
N GLN B 480 64.59 5.61 45.98
CA GLN B 480 64.53 6.39 47.20
C GLN B 480 63.20 6.09 47.87
N PRO B 481 63.08 6.27 49.19
CA PRO B 481 61.86 6.10 49.93
C PRO B 481 60.90 7.23 49.65
N TYR B 482 59.63 6.91 49.63
CA TYR B 482 58.56 7.88 49.55
C TYR B 482 57.54 7.72 50.65
N ARG B 483 57.11 8.85 51.15
CA ARG B 483 56.06 8.89 52.13
C ARG B 483 54.75 9.10 51.44
N VAL B 484 53.86 8.14 51.57
CA VAL B 484 52.60 8.23 50.88
C VAL B 484 51.44 8.21 51.85
N VAL B 485 50.53 9.13 51.63
CA VAL B 485 49.32 9.22 52.40
C VAL B 485 48.13 9.09 51.46
N VAL B 486 47.29 8.12 51.69
CA VAL B 486 46.13 7.98 50.85
C VAL B 486 44.92 8.50 51.59
N LEU B 487 44.23 9.46 51.00
CA LEU B 487 43.05 10.00 51.63
C LEU B 487 41.81 9.38 51.04
N SER B 488 41.16 8.57 51.86
CA SER B 488 39.95 7.86 51.48
C SER B 488 38.75 8.64 51.95
N PHE B 489 37.87 9.01 51.03
CA PHE B 489 36.74 9.85 51.38
C PHE B 489 35.42 9.12 51.24
N GLU B 490 34.60 9.17 52.28
CA GLU B 490 33.28 8.56 52.20
C GLU B 490 32.21 9.62 51.95
N LEU B 491 31.67 9.61 50.73
CA LEU B 491 30.68 10.58 50.27
C LEU B 491 29.24 10.08 50.32
N LEU B 492 29.01 8.97 50.98
CA LEU B 492 27.66 8.46 51.06
C LEU B 492 26.79 9.50 51.75
N HIS B 493 25.56 9.65 51.27
CA HIS B 493 24.68 10.64 51.86
C HIS B 493 24.23 10.23 53.24
N ALA B 494 24.84 10.89 54.21
CA ALA B 494 24.69 10.64 55.62
C ALA B 494 25.21 11.91 56.30
N PRO B 495 25.03 12.11 57.59
CA PRO B 495 25.53 13.28 58.29
C PRO B 495 27.02 13.44 58.03
N ALA B 496 27.45 14.62 57.60
CA ALA B 496 28.87 14.87 57.22
C ALA B 496 29.65 15.44 58.39
N THR B 497 30.71 14.75 58.83
CA THR B 497 31.53 15.17 60.00
C THR B 497 32.70 16.03 59.50
N VAL B 498 33.23 15.74 58.30
CA VAL B 498 34.36 16.51 57.70
C VAL B 498 33.79 17.43 56.63
N CYS B 499 33.68 18.75 56.89
CA CYS B 499 33.25 19.77 55.88
C CYS B 499 34.30 20.88 55.80
N GLY B 500 34.71 21.25 54.58
CA GLY B 500 35.83 22.19 54.36
C GLY B 500 35.59 23.64 54.78
N PRO B 501 36.59 24.55 54.60
CA PRO B 501 36.49 25.96 55.02
C PRO B 501 35.59 26.85 54.15
N LYS B 502 34.27 26.75 54.31
CA LYS B 502 33.29 27.57 53.64
C LYS B 502 32.28 28.07 54.64
N LYS B 503 32.05 29.38 54.63
CA LYS B 503 31.14 29.98 55.57
C LYS B 503 29.71 29.71 55.17
N SER B 504 28.87 29.52 56.16
CA SER B 504 27.45 29.34 55.93
C SER B 504 26.76 30.67 55.78
N THR B 505 25.53 30.62 55.29
CA THR B 505 24.68 31.79 55.15
C THR B 505 23.41 31.54 55.92
N ASN B 506 22.56 32.54 56.03
CA ASN B 506 21.27 32.36 56.68
C ASN B 506 20.36 31.60 55.74
N LEU B 507 19.35 30.94 56.29
CA LEU B 507 18.42 30.21 55.45
C LEU B 507 17.11 30.95 55.27
N VAL B 508 16.66 31.01 54.03
CA VAL B 508 15.44 31.72 53.68
C VAL B 508 14.35 30.76 53.23
N LYS B 509 13.22 30.80 53.91
CA LYS B 509 12.13 29.89 53.60
C LYS B 509 11.08 30.49 52.68
N ASN B 510 10.40 29.61 51.98
CA ASN B 510 9.28 29.90 51.08
C ASN B 510 9.66 30.82 49.92
N LYS B 511 10.91 30.73 49.48
CA LYS B 511 11.37 31.51 48.34
C LYS B 511 12.25 30.60 47.49
N CYS B 512 12.25 30.78 46.17
CA CYS B 512 13.08 29.99 45.27
C CYS B 512 14.55 30.37 45.41
N VAL B 513 15.40 29.40 45.77
CA VAL B 513 16.78 29.64 46.20
C VAL B 513 17.74 28.57 45.68
N ASN B 514 19.02 28.91 45.54
CA ASN B 514 20.04 27.97 45.10
C ASN B 514 20.73 27.42 46.34
N PHE B 515 20.42 26.20 46.72
CA PHE B 515 20.90 25.72 48.02
C PHE B 515 22.08 24.78 47.92
N ASN B 516 22.82 24.71 49.03
CA ASN B 516 23.94 23.79 49.23
C ASN B 516 23.95 23.26 50.65
N PHE B 517 23.54 22.01 50.83
CA PHE B 517 23.52 21.41 52.15
C PHE B 517 24.60 20.35 52.26
N ASN B 518 25.65 20.64 52.99
CA ASN B 518 26.77 19.72 53.13
C ASN B 518 27.34 19.27 51.80
N GLY B 519 27.40 20.16 50.82
CA GLY B 519 27.96 19.81 49.52
C GLY B 519 26.90 19.35 48.51
N LEU B 520 25.67 19.12 48.97
CA LEU B 520 24.58 18.71 48.10
C LEU B 520 23.84 19.90 47.56
N THR B 521 23.85 20.07 46.26
CA THR B 521 23.27 21.27 45.69
C THR B 521 22.05 21.01 44.85
N GLY B 522 21.30 22.08 44.63
CA GLY B 522 20.13 22.07 43.77
C GLY B 522 19.36 23.38 43.90
N THR B 523 18.25 23.50 43.19
CA THR B 523 17.44 24.74 43.13
C THR B 523 15.97 24.44 43.36
N GLY B 524 15.33 25.20 44.26
CA GLY B 524 13.93 24.98 44.64
C GLY B 524 13.50 25.85 45.82
N VAL B 525 12.36 25.53 46.42
CA VAL B 525 11.70 26.28 47.49
C VAL B 525 11.83 25.49 48.79
N LEU B 526 12.52 26.03 49.82
CA LEU B 526 12.68 25.34 51.09
C LEU B 526 11.54 25.70 52.02
N THR B 527 10.78 24.72 52.47
CA THR B 527 9.63 25.01 53.33
C THR B 527 9.67 24.16 54.58
N GLU B 528 8.84 24.52 55.56
CA GLU B 528 8.73 23.71 56.77
C GLU B 528 8.04 22.41 56.39
N SER B 529 8.33 21.34 57.12
CA SER B 529 7.74 20.05 56.77
C SER B 529 7.30 19.28 57.98
N ASN B 530 6.51 18.25 57.72
CA ASN B 530 6.04 17.33 58.73
C ASN B 530 6.61 15.93 58.49
N LYS B 531 7.76 15.87 57.83
CA LYS B 531 8.38 14.60 57.55
C LYS B 531 9.28 14.19 58.69
N LYS B 532 8.89 13.12 59.34
CA LYS B 532 9.59 12.68 60.53
C LYS B 532 10.81 11.86 60.19
N PHE B 533 11.93 12.53 60.00
CA PHE B 533 13.15 11.82 59.72
C PHE B 533 13.57 11.14 60.99
N LEU B 534 14.13 9.96 60.87
CA LEU B 534 14.65 9.29 62.04
C LEU B 534 15.99 9.94 62.33
N PRO B 535 16.47 9.94 63.57
CA PRO B 535 17.70 10.60 64.03
C PRO B 535 18.95 10.27 63.20
N PHE B 536 18.97 9.13 62.53
CA PHE B 536 20.13 8.76 61.74
C PHE B 536 20.05 9.21 60.29
N GLN B 537 18.87 9.70 59.89
CA GLN B 537 18.62 10.08 58.51
C GLN B 537 18.92 11.54 58.27
N GLN B 538 19.63 11.81 57.19
CA GLN B 538 20.04 13.18 56.88
C GLN B 538 19.36 13.72 55.64
N PHE B 539 19.10 12.86 54.67
CA PHE B 539 18.52 13.26 53.41
C PHE B 539 17.34 12.37 53.11
N GLY B 540 16.34 12.89 52.43
CA GLY B 540 15.23 12.08 51.93
C GLY B 540 15.30 12.04 50.42
N ARG B 541 14.69 11.02 49.81
CA ARG B 541 14.69 10.95 48.34
C ARG B 541 13.35 10.59 47.73
N ASP B 542 13.18 11.06 46.50
CA ASP B 542 12.01 10.81 45.68
C ASP B 542 12.24 9.60 44.76
N ILE B 543 11.24 9.26 43.95
CA ILE B 543 11.30 8.12 43.05
C ILE B 543 12.44 8.25 42.05
N ALA B 544 12.69 9.47 41.60
CA ALA B 544 13.73 9.77 40.63
C ALA B 544 15.11 9.82 41.26
N ASP B 545 15.20 9.55 42.56
CA ASP B 545 16.46 9.60 43.33
C ASP B 545 16.91 11.03 43.58
N THR B 546 16.03 11.97 43.30
CA THR B 546 16.32 13.36 43.59
C THR B 546 16.03 13.64 45.04
N THR B 547 16.56 14.72 45.56
CA THR B 547 16.34 15.03 46.97
C THR B 547 14.92 15.50 47.20
N ASP B 548 14.26 14.90 48.18
CA ASP B 548 12.89 15.23 48.54
C ASP B 548 12.83 16.24 49.68
N ALA B 549 13.70 16.04 50.66
CA ALA B 549 13.78 16.85 51.84
C ALA B 549 15.16 16.73 52.45
N VAL B 550 15.55 17.72 53.23
CA VAL B 550 16.83 17.67 53.93
C VAL B 550 16.73 18.06 55.39
N ARG B 551 17.67 17.58 56.18
CA ARG B 551 17.78 18.05 57.55
C ARG B 551 18.82 19.14 57.64
N ASP B 552 18.42 20.31 58.11
CA ASP B 552 19.37 21.41 58.22
C ASP B 552 20.50 21.03 59.18
N PRO B 553 21.77 21.06 58.75
CA PRO B 553 22.94 20.61 59.47
C PRO B 553 23.28 21.43 60.71
N GLN B 554 22.73 22.64 60.84
CA GLN B 554 23.02 23.47 61.99
C GLN B 554 21.91 23.36 63.03
N THR B 555 20.68 23.35 62.54
CA THR B 555 19.50 23.22 63.38
C THR B 555 18.71 22.03 62.88
N LEU B 556 18.52 21.02 63.71
CA LEU B 556 18.00 19.77 63.18
C LEU B 556 16.49 19.76 62.95
N GLU B 557 16.08 20.47 61.91
CA GLU B 557 14.69 20.52 61.46
C GLU B 557 14.64 20.05 60.02
N ILE B 558 13.48 19.56 59.59
CA ILE B 558 13.36 19.06 58.23
C ILE B 558 12.70 20.04 57.29
N LEU B 559 13.36 20.27 56.17
CA LEU B 559 12.88 21.18 55.16
C LEU B 559 12.50 20.44 53.90
N ASP B 560 11.31 20.69 53.40
CA ASP B 560 10.88 20.08 52.14
C ASP B 560 11.45 20.86 51.00
N ILE B 561 11.84 20.18 49.90
CA ILE B 561 12.38 20.84 48.68
C ILE B 561 11.37 20.59 47.54
N THR B 562 10.64 21.63 47.11
CA THR B 562 9.67 21.55 45.97
C THR B 562 10.18 22.44 44.85
N PRO B 563 10.51 21.94 43.62
CA PRO B 563 11.07 22.80 42.59
C PRO B 563 10.16 23.99 42.26
N CYS B 564 10.73 25.17 42.03
CA CYS B 564 9.98 26.43 41.78
C CYS B 564 9.02 26.27 40.60
N SER B 565 7.79 26.80 40.67
CA SER B 565 6.74 26.66 39.63
C SER B 565 7.31 26.72 38.21
N PHE B 566 6.88 25.84 37.31
CA PHE B 566 7.33 25.83 35.89
C PHE B 566 6.23 25.26 34.99
N GLY B 567 6.35 25.41 33.66
CA GLY B 567 5.41 24.86 32.70
C GLY B 567 5.71 25.31 31.27
N GLY B 568 5.12 24.63 30.29
CA GLY B 568 5.22 25.03 28.89
C GLY B 568 4.63 26.42 28.68
N VAL B 569 5.34 27.26 27.94
CA VAL B 569 4.73 28.43 27.29
C VAL B 569 4.04 27.96 26.03
N SER B 570 2.98 28.61 25.59
CA SER B 570 2.47 28.45 24.22
C SER B 570 2.00 29.77 23.68
N VAL B 571 2.18 30.03 22.40
CA VAL B 571 1.80 31.30 21.80
C VAL B 571 0.61 31.08 20.90
N ILE B 572 -0.54 31.61 21.30
CA ILE B 572 -1.77 31.69 20.54
C ILE B 572 -1.60 32.83 19.55
N THR B 573 -1.71 32.54 18.27
CA THR B 573 -1.51 33.52 17.20
C THR B 573 -2.51 33.30 16.07
N PRO B 574 -3.13 34.34 15.51
CA PRO B 574 -3.68 34.27 14.17
C PRO B 574 -2.53 34.15 13.15
N GLY B 575 -2.82 33.93 11.87
CA GLY B 575 -1.77 33.90 10.86
C GLY B 575 -1.08 35.26 10.72
N THR B 576 0.21 35.29 10.39
CA THR B 576 0.94 36.55 10.19
C THR B 576 0.43 37.36 8.98
N ASN B 577 -0.29 36.72 8.06
CA ASN B 577 -1.06 37.38 7.00
C ASN B 577 -2.23 38.23 7.55
N THR B 578 -2.75 37.91 8.74
CA THR B 578 -3.82 38.64 9.43
C THR B 578 -3.31 39.56 10.53
N SER B 579 -2.35 39.14 11.38
CA SER B 579 -1.80 40.01 12.43
C SER B 579 -0.43 39.60 12.99
N ASN B 580 0.31 40.56 13.55
CA ASN B 580 1.47 40.32 14.41
C ASN B 580 1.12 40.27 15.92
N GLN B 581 -0.11 40.56 16.34
CA GLN B 581 -0.53 40.45 17.75
C GLN B 581 -0.60 38.97 18.18
N VAL B 582 -0.22 38.63 19.41
CA VAL B 582 -0.22 37.26 19.96
C VAL B 582 -0.60 37.24 21.44
N ALA B 583 -1.06 36.09 21.94
CA ALA B 583 -1.39 35.87 23.36
C ALA B 583 -0.65 34.65 23.92
N VAL B 584 -0.32 34.62 25.20
CA VAL B 584 0.63 33.65 25.75
C VAL B 584 0.01 32.82 26.86
N LEU B 585 0.11 31.50 26.78
CA LEU B 585 -0.38 30.55 27.77
C LEU B 585 0.77 30.01 28.63
N TYR B 586 0.67 30.08 29.94
CA TYR B 586 1.63 29.53 30.91
C TYR B 586 1.04 28.28 31.56
N GLN B 587 1.33 27.10 31.01
CA GLN B 587 0.68 25.83 31.43
C GLN B 587 0.98 25.45 32.88
N ASP B 588 -0.06 25.10 33.65
CA ASP B 588 0.10 24.61 35.05
C ASP B 588 0.81 25.66 35.91
N VAL B 589 0.60 26.96 35.65
CA VAL B 589 1.15 28.03 36.53
C VAL B 589 -0.05 28.89 36.92
N ASN B 590 -0.21 29.18 38.20
CA ASN B 590 -1.28 30.10 38.65
C ASN B 590 -0.83 31.47 38.20
N CYS B 591 -1.73 32.44 38.10
CA CYS B 591 -1.39 33.79 37.59
C CYS B 591 -0.54 34.54 38.65
N THR B 592 -0.42 34.03 39.88
CA THR B 592 0.43 34.61 40.98
C THR B 592 1.91 34.23 40.78
N GLU B 593 2.22 33.09 40.16
CA GLU B 593 3.59 32.68 39.80
C GLU B 593 4.16 33.41 38.58
N VAL B 594 3.33 34.00 37.72
CA VAL B 594 3.81 34.88 36.63
C VAL B 594 4.16 36.26 37.21
N ASN B 615 -3.39 42.25 29.65
CA ASN B 615 -4.64 41.63 30.10
C ASN B 615 -4.44 40.17 30.53
N VAL B 616 -5.27 39.64 31.44
CA VAL B 616 -5.09 38.25 31.97
C VAL B 616 -6.44 37.53 32.09
N PHE B 617 -6.52 36.26 31.67
CA PHE B 617 -7.73 35.41 31.81
C PHE B 617 -7.33 34.09 32.47
N GLN B 618 -8.04 33.61 33.48
CA GLN B 618 -7.71 32.34 34.21
C GLN B 618 -8.34 31.15 33.48
N THR B 619 -7.59 30.07 33.27
CA THR B 619 -8.08 28.82 32.61
C THR B 619 -7.61 27.61 33.44
N ARG B 620 -8.23 26.44 33.28
CA ARG B 620 -7.80 25.19 33.99
C ARG B 620 -6.50 24.71 33.34
N ALA B 621 -6.23 25.10 32.09
CA ALA B 621 -5.02 24.76 31.34
C ALA B 621 -3.78 25.59 31.74
N GLY B 622 -3.94 26.64 32.55
CA GLY B 622 -2.79 27.47 32.99
C GLY B 622 -3.18 28.93 33.00
N CYS B 623 -2.26 29.88 32.86
CA CYS B 623 -2.58 31.32 32.95
C CYS B 623 -2.46 31.99 31.59
N LEU B 624 -3.58 32.39 30.99
CA LEU B 624 -3.56 33.05 29.65
C LEU B 624 -3.24 34.53 29.87
N ILE B 625 -2.41 35.15 29.04
CA ILE B 625 -2.04 36.55 29.08
C ILE B 625 -2.15 37.16 27.69
N GLY B 626 -2.71 38.35 27.60
CA GLY B 626 -2.91 39.04 26.33
C GLY B 626 -4.11 38.56 25.51
N ALA B 627 -4.98 37.72 26.05
CA ALA B 627 -6.26 37.36 25.44
C ALA B 627 -7.44 37.92 26.24
N GLU B 628 -8.30 38.66 25.56
CA GLU B 628 -9.50 39.30 26.10
C GLU B 628 -10.58 38.27 26.40
N HIS B 629 -10.86 37.98 27.67
CA HIS B 629 -11.92 37.04 28.04
C HIS B 629 -13.28 37.56 27.56
N VAL B 630 -14.03 36.73 26.85
CA VAL B 630 -15.38 37.02 26.35
C VAL B 630 -16.39 36.09 27.00
N ASN B 631 -17.49 36.65 27.52
CA ASN B 631 -18.56 35.87 28.20
C ASN B 631 -19.39 35.10 27.17
N ASN B 632 -19.46 35.56 25.91
CA ASN B 632 -20.16 34.83 24.85
C ASN B 632 -19.50 33.46 24.58
N SER B 633 -20.08 32.63 23.73
CA SER B 633 -19.45 31.40 23.24
C SER B 633 -19.61 31.25 21.73
N TYR B 634 -18.53 30.88 21.06
CA TYR B 634 -18.39 30.72 19.61
C TYR B 634 -17.73 29.38 19.31
N GLU B 635 -17.75 28.93 18.05
CA GLU B 635 -17.18 27.61 17.66
C GLU B 635 -15.66 27.65 17.81
N CYS B 636 -15.01 26.54 18.15
CA CYS B 636 -13.54 26.47 18.43
C CYS B 636 -12.75 26.99 17.22
N ASP B 637 -11.76 27.86 17.42
CA ASP B 637 -10.85 28.36 16.35
C ASP B 637 -9.46 27.90 16.74
N ILE B 638 -8.84 28.48 17.77
CA ILE B 638 -7.58 27.99 18.34
C ILE B 638 -7.89 27.28 19.66
N PRO B 639 -7.63 25.98 19.81
CA PRO B 639 -7.94 25.25 21.05
C PRO B 639 -6.93 25.51 22.16
N ILE B 640 -7.38 26.02 23.32
CA ILE B 640 -6.51 26.29 24.48
C ILE B 640 -6.58 25.17 25.52
N GLY B 641 -7.65 24.39 25.56
CA GLY B 641 -7.81 23.25 26.47
C GLY B 641 -8.79 23.51 27.60
N ALA B 642 -9.35 22.45 28.17
CA ALA B 642 -10.42 22.49 29.15
C ALA B 642 -11.60 23.36 28.70
N GLY B 643 -11.98 23.25 27.43
CA GLY B 643 -13.14 23.99 26.87
C GLY B 643 -12.75 25.29 26.21
N ILE B 644 -11.85 26.07 26.79
CA ILE B 644 -11.52 27.44 26.25
C ILE B 644 -10.97 27.31 24.84
N CYS B 645 -11.38 28.17 23.90
CA CYS B 645 -10.83 28.26 22.50
C CYS B 645 -10.64 29.75 22.24
N ALA B 646 -9.61 30.20 21.49
CA ALA B 646 -9.32 31.64 21.28
C ALA B 646 -9.31 32.02 19.79
N SER B 647 -9.61 33.27 19.43
CA SER B 647 -9.71 33.73 18.04
C SER B 647 -9.31 35.20 17.97
N TYR B 648 -9.02 35.70 16.76
CA TYR B 648 -8.73 37.11 16.51
C TYR B 648 -9.99 37.77 15.93
N GLN B 649 -10.77 38.40 16.80
CA GLN B 649 -12.11 38.95 16.52
C GLN B 649 -12.38 40.15 17.43
N THR B 650 -13.27 41.05 17.01
CA THR B 650 -13.79 42.14 17.87
C THR B 650 -14.69 41.61 18.99
N SER B 663 -9.77 47.94 15.68
CA SER B 663 -10.69 47.42 16.70
C SER B 663 -10.49 45.93 17.02
N GLN B 664 -9.70 45.21 16.23
CA GLN B 664 -9.44 43.77 16.40
C GLN B 664 -8.52 43.44 17.60
N SER B 665 -8.71 42.28 18.20
CA SER B 665 -7.94 41.77 19.35
C SER B 665 -8.01 40.24 19.40
N ILE B 666 -7.12 39.58 20.14
CA ILE B 666 -7.29 38.15 20.46
C ILE B 666 -8.25 38.02 21.64
N ILE B 667 -9.39 37.38 21.43
CA ILE B 667 -10.35 37.00 22.50
C ILE B 667 -10.09 35.58 22.96
N ALA B 668 -10.55 35.22 24.16
CA ALA B 668 -10.60 33.84 24.63
C ALA B 668 -11.94 33.59 25.33
N TYR B 669 -12.55 32.44 25.06
CA TYR B 669 -13.95 32.16 25.38
C TYR B 669 -14.13 30.67 25.65
N THR B 670 -15.18 30.29 26.37
CA THR B 670 -15.60 28.88 26.46
C THR B 670 -16.27 28.47 25.15
N MET B 671 -15.90 27.34 24.56
CA MET B 671 -16.35 26.99 23.21
C MET B 671 -17.84 26.62 23.16
N SER B 672 -18.49 27.03 22.07
CA SER B 672 -19.79 26.53 21.64
C SER B 672 -19.64 25.10 21.17
N LEU B 673 -20.52 24.23 21.64
CA LEU B 673 -20.64 22.86 21.14
C LEU B 673 -21.57 22.77 19.93
N GLY B 674 -22.41 23.79 19.72
CA GLY B 674 -23.39 23.85 18.65
C GLY B 674 -24.62 24.64 19.02
N ALA B 675 -25.49 24.88 18.05
CA ALA B 675 -26.76 25.57 18.29
C ALA B 675 -27.67 24.70 19.15
N GLU B 676 -28.07 25.16 20.33
CA GLU B 676 -28.98 24.42 21.20
C GLU B 676 -30.39 24.37 20.60
N ASN B 677 -31.09 23.24 20.75
CA ASN B 677 -32.34 22.96 20.07
C ASN B 677 -33.22 21.96 20.86
N SER B 678 -34.40 22.36 21.33
CA SER B 678 -35.41 21.39 21.78
C SER B 678 -36.16 20.77 20.59
N VAL B 679 -36.02 19.46 20.38
CA VAL B 679 -36.84 18.73 19.40
C VAL B 679 -38.30 18.75 19.86
N ALA B 680 -39.23 19.15 18.98
CA ALA B 680 -40.67 19.27 19.31
C ALA B 680 -41.27 17.88 19.43
N TYR B 681 -40.86 17.11 20.43
CA TYR B 681 -41.36 15.72 20.63
C TYR B 681 -42.75 15.80 21.28
N SER B 682 -43.71 15.01 20.77
CA SER B 682 -45.06 14.85 21.36
C SER B 682 -45.44 13.40 21.10
N ASN B 683 -46.26 12.62 21.83
CA ASN B 683 -46.78 11.23 21.85
C ASN B 683 -47.57 10.99 20.56
N ASN B 684 -48.23 12.01 20.00
CA ASN B 684 -48.99 11.89 18.72
C ASN B 684 -48.55 12.99 17.76
N SER B 685 -47.33 12.93 17.22
CA SER B 685 -46.85 13.92 16.22
C SER B 685 -45.65 13.37 15.45
N ILE B 686 -45.69 13.31 14.11
CA ILE B 686 -44.50 12.91 13.28
C ILE B 686 -44.18 14.01 12.27
N ALA B 687 -42.90 14.34 12.09
CA ALA B 687 -42.47 15.34 11.09
C ALA B 687 -42.00 14.60 9.84
N ILE B 688 -42.65 14.83 8.69
CA ILE B 688 -42.28 14.17 7.40
C ILE B 688 -41.79 15.27 6.46
N PRO B 689 -40.58 15.18 5.86
CA PRO B 689 -40.03 16.27 5.05
C PRO B 689 -40.69 16.27 3.67
N THR B 690 -41.28 17.38 3.23
CA THR B 690 -42.03 17.44 1.95
C THR B 690 -41.07 17.61 0.76
N ASN B 691 -39.77 17.73 0.99
CA ASN B 691 -38.81 17.96 -0.06
C ASN B 691 -37.42 17.50 0.39
N PHE B 692 -36.47 17.44 -0.54
CA PHE B 692 -35.11 16.99 -0.32
C PHE B 692 -34.11 17.96 -0.92
N THR B 693 -32.85 17.80 -0.57
CA THR B 693 -31.73 18.34 -1.32
C THR B 693 -30.69 17.28 -1.52
N ILE B 694 -30.09 17.24 -2.70
CA ILE B 694 -29.02 16.29 -3.05
C ILE B 694 -27.69 16.96 -2.78
N SER B 695 -26.89 16.47 -1.86
CA SER B 695 -25.62 17.09 -1.49
C SER B 695 -24.45 16.21 -1.88
N VAL B 696 -23.52 16.76 -2.65
CA VAL B 696 -22.25 16.12 -2.96
C VAL B 696 -21.24 16.58 -1.93
N THR B 697 -20.71 15.69 -1.09
CA THR B 697 -19.67 16.04 -0.13
C THR B 697 -18.36 15.39 -0.55
N THR B 698 -17.32 16.20 -0.65
CA THR B 698 -15.95 15.70 -0.83
C THR B 698 -15.48 14.99 0.43
N GLU B 699 -15.01 13.75 0.36
CA GLU B 699 -14.16 13.15 1.40
C GLU B 699 -12.77 12.83 0.84
N ILE B 700 -11.73 13.35 1.48
CA ILE B 700 -10.34 13.24 1.03
C ILE B 700 -9.60 12.26 1.94
N LEU B 701 -8.90 11.28 1.36
CA LEU B 701 -8.20 10.24 2.10
C LEU B 701 -6.77 10.08 1.59
N PRO B 702 -5.75 10.07 2.46
CA PRO B 702 -4.45 9.55 2.10
C PRO B 702 -4.57 8.10 1.64
N VAL B 703 -3.79 7.71 0.64
CA VAL B 703 -3.77 6.35 0.10
C VAL B 703 -2.37 5.80 0.03
N SER B 704 -1.36 6.63 -0.10
CA SER B 704 0.02 6.20 -0.06
C SER B 704 0.88 7.33 0.48
N MET B 705 2.16 7.08 0.63
CA MET B 705 3.12 8.14 0.93
C MET B 705 4.37 7.94 0.08
N THR B 706 5.22 8.95 0.05
CA THR B 706 6.45 8.99 -0.73
C THR B 706 7.29 7.74 -0.48
N LYS B 707 7.57 6.93 -1.52
CA LYS B 707 8.42 5.74 -1.43
C LYS B 707 9.89 6.14 -1.26
N THR B 708 10.24 6.75 -0.14
CA THR B 708 11.65 7.02 0.18
C THR B 708 12.40 5.72 0.34
N SER B 709 13.70 5.75 0.09
CA SER B 709 14.59 4.68 0.48
C SER B 709 15.96 5.27 0.70
N VAL B 710 16.68 4.77 1.71
CA VAL B 710 17.98 5.36 2.11
C VAL B 710 19.07 4.30 2.05
N ASP B 711 20.16 4.60 1.36
CA ASP B 711 21.35 3.73 1.40
C ASP B 711 22.00 4.08 2.73
N CYS B 712 21.71 3.35 3.80
CA CYS B 712 22.17 3.66 5.12
C CYS B 712 23.68 3.65 5.19
N THR B 713 24.36 2.76 4.49
CA THR B 713 25.85 2.69 4.51
C THR B 713 26.45 3.96 3.91
N MET B 714 25.69 4.71 3.09
CA MET B 714 26.16 6.01 2.55
C MET B 714 25.87 7.09 3.59
N TYR B 715 24.66 7.11 4.18
CA TYR B 715 24.26 8.13 5.18
C TYR B 715 25.15 8.05 6.41
N ILE B 716 25.36 6.86 6.98
CA ILE B 716 26.15 6.67 8.23
C ILE B 716 27.64 6.92 7.93
N CYS B 717 28.17 6.40 6.83
CA CYS B 717 29.58 6.61 6.39
C CYS B 717 29.60 6.98 4.90
N GLY B 718 29.90 8.22 4.53
CA GLY B 718 29.87 8.66 3.12
C GLY B 718 31.24 8.57 2.49
N ASP B 719 31.41 7.79 1.40
CA ASP B 719 32.69 7.68 0.71
C ASP B 719 33.89 7.53 1.65
N SER B 720 33.73 6.76 2.72
CA SER B 720 34.84 6.53 3.64
C SER B 720 35.06 5.08 3.98
N THR B 721 36.20 4.55 3.57
CA THR B 721 36.56 3.16 3.82
C THR B 721 36.82 2.92 5.29
N GLU B 722 37.47 3.87 5.93
CA GLU B 722 37.82 3.73 7.33
C GLU B 722 36.58 3.65 8.21
N CYS B 723 35.59 4.52 7.95
CA CYS B 723 34.32 4.54 8.64
C CYS B 723 33.50 3.28 8.35
N SER B 724 33.45 2.84 7.07
CA SER B 724 32.68 1.68 6.66
C SER B 724 33.16 0.43 7.38
N ASN B 725 34.47 0.27 7.50
CA ASN B 725 34.98 -0.90 8.21
C ASN B 725 34.56 -0.90 9.68
N LEU B 726 34.48 0.28 10.28
CA LEU B 726 33.99 0.37 11.66
C LEU B 726 32.50 0.08 11.72
N LEU B 727 31.71 0.54 10.76
CA LEU B 727 30.27 0.30 10.70
C LEU B 727 29.95 -1.18 10.55
N LEU B 728 30.85 -1.96 9.96
CA LEU B 728 30.63 -3.40 9.84
C LEU B 728 30.64 -4.11 11.19
N GLN B 729 31.18 -3.47 12.22
CA GLN B 729 31.26 -4.09 13.52
C GLN B 729 29.91 -4.09 14.21
N TYR B 730 28.93 -3.44 13.59
CA TYR B 730 27.59 -3.36 14.12
C TYR B 730 26.69 -4.40 13.46
N GLY B 731 27.29 -5.27 12.66
CA GLY B 731 26.57 -6.37 12.05
C GLY B 731 25.46 -5.95 11.10
N SER B 732 24.26 -6.46 11.35
CA SER B 732 23.11 -6.22 10.51
C SER B 732 22.35 -4.95 10.88
N PHE B 733 22.82 -4.05 11.74
CA PHE B 733 22.03 -2.84 12.02
C PHE B 733 21.69 -1.98 10.78
N CYS B 734 22.46 -2.06 9.70
CA CYS B 734 22.18 -1.41 8.43
C CYS B 734 21.19 -2.16 7.54
N THR B 735 21.40 -3.43 7.28
CA THR B 735 20.59 -4.17 6.30
C THR B 735 19.17 -4.38 6.79
N GLN B 736 18.91 -4.42 8.09
CA GLN B 736 17.53 -4.42 8.59
C GLN B 736 16.83 -3.06 8.47
N LEU B 737 17.55 -1.96 8.27
CA LEU B 737 17.00 -0.63 7.97
C LEU B 737 16.78 -0.44 6.47
N ASN B 738 17.74 -0.83 5.62
CA ASN B 738 17.48 -1.02 4.20
C ASN B 738 16.27 -1.94 4.01
N ARG B 739 16.12 -2.96 4.86
CA ARG B 739 15.01 -3.89 4.70
C ARG B 739 13.69 -3.28 5.15
N ALA B 740 13.66 -2.58 6.29
CA ALA B 740 12.44 -1.98 6.83
C ALA B 740 11.85 -0.92 5.90
N LEU B 741 12.68 0.00 5.40
CA LEU B 741 12.29 0.99 4.39
C LEU B 741 11.86 0.35 3.09
N THR B 742 12.49 -0.74 2.65
CA THR B 742 12.03 -1.43 1.44
C THR B 742 10.65 -2.04 1.65
N GLY B 743 10.35 -2.55 2.84
CA GLY B 743 9.04 -3.08 3.14
C GLY B 743 7.98 -2.00 3.06
N ILE B 744 8.27 -0.78 3.55
CA ILE B 744 7.35 0.35 3.42
C ILE B 744 7.18 0.75 1.97
N ALA B 745 8.28 0.88 1.22
CA ALA B 745 8.25 1.31 -0.17
C ALA B 745 7.45 0.36 -1.05
N VAL B 746 7.61 -0.95 -0.90
CA VAL B 746 6.90 -1.99 -1.66
C VAL B 746 5.41 -1.94 -1.37
N GLU B 747 4.99 -1.71 -0.12
CA GLU B 747 3.57 -1.71 0.20
C GLU B 747 2.83 -0.43 -0.20
N GLN B 748 3.51 0.65 -0.59
CA GLN B 748 2.80 1.81 -1.14
C GLN B 748 2.09 1.48 -2.45
N ASP B 749 2.70 0.63 -3.26
CA ASP B 749 2.08 0.15 -4.50
C ASP B 749 1.00 -0.89 -4.22
N LYS B 750 1.15 -1.68 -3.15
CA LYS B 750 0.08 -2.53 -2.65
C LYS B 750 -1.12 -1.69 -2.26
N ASN B 751 -0.95 -0.63 -1.46
CA ASN B 751 -2.03 0.28 -1.09
C ASN B 751 -2.70 0.89 -2.32
N THR B 752 -1.90 1.40 -3.24
CA THR B 752 -2.41 2.09 -4.43
C THR B 752 -3.12 1.13 -5.38
N GLN B 753 -2.64 -0.10 -5.53
CA GLN B 753 -3.29 -1.17 -6.28
C GLN B 753 -4.61 -1.61 -5.63
N GLU B 754 -4.66 -1.82 -4.32
CA GLU B 754 -5.89 -2.22 -3.63
C GLU B 754 -6.97 -1.16 -3.67
N VAL B 755 -6.61 0.12 -3.57
CA VAL B 755 -7.58 1.21 -3.63
C VAL B 755 -8.12 1.39 -5.03
N PHE B 756 -7.28 1.48 -6.05
CA PHE B 756 -7.73 1.83 -7.39
C PHE B 756 -8.06 0.64 -8.29
N ALA B 757 -7.30 -0.45 -8.24
CA ALA B 757 -7.43 -1.54 -9.21
C ALA B 757 -8.55 -2.53 -8.87
N GLN B 758 -9.66 -2.02 -8.36
CA GLN B 758 -10.84 -2.81 -8.00
C GLN B 758 -11.71 -3.18 -9.19
N VAL B 759 -11.18 -3.09 -10.41
CA VAL B 759 -11.92 -3.27 -11.66
C VAL B 759 -11.12 -4.13 -12.63
N LYS B 760 -11.74 -5.16 -13.18
CA LYS B 760 -11.06 -6.17 -14.01
C LYS B 760 -10.80 -5.74 -15.46
N GLN B 761 -11.42 -4.65 -15.88
CA GLN B 761 -11.41 -4.07 -17.22
C GLN B 761 -11.36 -2.56 -17.13
N ILE B 762 -10.80 -1.90 -18.13
CA ILE B 762 -10.82 -0.44 -18.22
C ILE B 762 -12.06 -0.05 -18.99
N TYR B 763 -13.15 0.26 -18.27
CA TYR B 763 -14.42 0.69 -18.89
C TYR B 763 -14.24 2.11 -19.42
N LYS B 764 -14.93 2.47 -20.52
CA LYS B 764 -14.83 3.81 -21.14
C LYS B 764 -16.24 4.36 -21.33
N THR B 765 -16.42 5.68 -21.27
CA THR B 765 -17.76 6.31 -21.39
C THR B 765 -18.21 6.31 -22.86
N PRO B 766 -19.53 6.26 -23.16
CA PRO B 766 -20.03 6.35 -24.52
C PRO B 766 -19.72 7.72 -25.15
N PRO B 767 -19.81 7.86 -26.48
CA PRO B 767 -19.57 9.14 -27.15
C PRO B 767 -20.63 10.18 -26.76
N ILE B 768 -21.91 9.81 -26.82
CA ILE B 768 -23.04 10.66 -26.42
C ILE B 768 -23.21 10.57 -24.89
N LYS B 769 -23.49 11.69 -24.22
CA LYS B 769 -23.66 11.81 -22.76
C LYS B 769 -25.14 11.88 -22.37
N ASP B 770 -25.95 10.94 -22.83
CA ASP B 770 -27.40 10.85 -22.65
C ASP B 770 -27.81 10.34 -21.25
N PHE B 771 -27.29 10.93 -20.19
CA PHE B 771 -27.48 10.53 -18.79
C PHE B 771 -28.69 11.15 -18.09
N GLY B 772 -29.83 11.30 -18.76
CA GLY B 772 -31.09 11.73 -18.13
C GLY B 772 -31.09 13.12 -17.51
N GLY B 773 -30.07 13.94 -17.78
CA GLY B 773 -29.90 15.30 -17.27
C GLY B 773 -28.70 15.48 -16.35
N PHE B 774 -28.16 14.42 -15.76
CA PHE B 774 -26.99 14.52 -14.89
C PHE B 774 -25.75 14.86 -15.69
N ASN B 775 -24.85 15.67 -15.14
CA ASN B 775 -23.72 16.23 -15.88
C ASN B 775 -22.38 15.94 -15.19
N PHE B 776 -21.80 14.81 -15.58
CA PHE B 776 -20.52 14.34 -15.07
C PHE B 776 -19.32 14.96 -15.79
N SER B 777 -19.50 15.90 -16.72
CA SER B 777 -18.39 16.40 -17.55
C SER B 777 -17.24 17.01 -16.75
N GLN B 778 -17.49 17.40 -15.50
CA GLN B 778 -16.51 17.98 -14.61
C GLN B 778 -15.73 16.92 -13.79
N ILE B 779 -16.11 15.65 -13.85
CA ILE B 779 -15.49 14.53 -13.13
C ILE B 779 -14.98 13.43 -14.08
N LEU B 780 -15.46 13.39 -15.32
CA LEU B 780 -14.94 12.57 -16.41
C LEU B 780 -13.68 13.18 -17.05
N PRO B 781 -12.84 12.40 -17.75
CA PRO B 781 -11.62 12.87 -18.40
C PRO B 781 -11.80 14.09 -19.31
N ASP B 782 -10.77 14.92 -19.40
CA ASP B 782 -10.64 15.95 -20.43
C ASP B 782 -9.63 15.47 -21.49
N PRO B 783 -10.08 15.00 -22.67
CA PRO B 783 -9.19 14.51 -23.73
C PRO B 783 -8.17 15.54 -24.21
N SER B 784 -8.39 16.84 -23.95
CA SER B 784 -7.52 17.96 -24.30
C SER B 784 -6.18 17.98 -23.54
N LYS B 785 -6.10 17.32 -22.38
CA LYS B 785 -4.95 17.34 -21.47
C LYS B 785 -3.87 16.30 -21.86
N PRO B 786 -2.59 16.53 -21.48
CA PRO B 786 -1.52 15.57 -21.76
C PRO B 786 -1.64 14.29 -20.91
N SER B 787 -1.94 14.44 -19.62
CA SER B 787 -2.43 13.36 -18.76
C SER B 787 -3.91 13.58 -18.54
N LYS B 788 -4.76 12.63 -18.91
CA LYS B 788 -6.19 12.86 -19.16
C LYS B 788 -7.05 12.77 -17.90
N ARG B 789 -6.67 13.55 -16.91
CA ARG B 789 -7.39 13.82 -15.65
C ARG B 789 -8.71 14.54 -15.95
N SER B 790 -9.69 14.47 -15.05
CA SER B 790 -10.90 15.30 -15.13
C SER B 790 -10.61 16.75 -14.78
N PHE B 791 -11.62 17.63 -14.92
CA PHE B 791 -11.51 19.00 -14.45
C PHE B 791 -11.26 19.06 -12.94
N ILE B 792 -12.05 18.35 -12.13
CA ILE B 792 -11.84 18.33 -10.68
C ILE B 792 -10.53 17.62 -10.28
N GLU B 793 -10.07 16.60 -11.00
CA GLU B 793 -8.75 16.02 -10.74
C GLU B 793 -7.63 17.05 -10.98
N ASP B 794 -7.73 17.96 -11.96
CA ASP B 794 -6.71 19.00 -12.14
C ASP B 794 -6.64 19.99 -10.96
N LEU B 795 -7.77 20.34 -10.34
CA LEU B 795 -7.78 21.19 -9.14
C LEU B 795 -7.05 20.52 -7.99
N LEU B 796 -7.28 19.23 -7.80
CA LEU B 796 -6.66 18.42 -6.76
C LEU B 796 -5.16 18.26 -6.99
N PHE B 797 -4.72 18.09 -8.24
CA PHE B 797 -3.28 18.02 -8.55
C PHE B 797 -2.58 19.37 -8.43
N ASN B 798 -3.30 20.50 -8.50
CA ASN B 798 -2.74 21.84 -8.29
C ASN B 798 -2.62 22.22 -6.80
N LYS B 799 -3.61 21.92 -5.95
CA LYS B 799 -3.63 22.37 -4.55
C LYS B 799 -2.64 21.69 -3.61
N VAL B 800 -1.96 20.61 -4.00
CA VAL B 800 -0.91 19.93 -3.22
C VAL B 800 0.48 20.27 -3.79
N THR B 801 1.44 20.64 -2.95
CA THR B 801 2.77 21.11 -3.39
C THR B 801 3.58 20.05 -4.12
N LYS B 828 18.23 13.57 -2.56
CA LYS B 828 19.37 14.28 -1.98
C LYS B 828 20.67 13.49 -2.21
N PHE B 829 21.83 14.08 -1.90
CA PHE B 829 23.12 13.40 -2.10
C PHE B 829 23.47 12.39 -1.00
N ASN B 830 22.89 12.43 0.19
CA ASN B 830 23.30 11.61 1.34
C ASN B 830 22.64 10.23 1.43
N GLY B 831 22.75 9.41 0.39
CA GLY B 831 22.15 8.08 0.34
C GLY B 831 20.64 8.06 0.17
N LEU B 832 19.92 9.11 0.56
CA LEU B 832 18.48 9.29 0.35
C LEU B 832 18.10 9.21 -1.13
N THR B 833 16.95 8.62 -1.42
CA THR B 833 16.34 8.52 -2.75
C THR B 833 14.81 8.55 -2.64
N VAL B 834 14.11 8.80 -3.73
CA VAL B 834 12.65 8.66 -3.79
C VAL B 834 12.29 7.78 -4.97
N LEU B 835 11.85 6.56 -4.70
CA LEU B 835 11.45 5.60 -5.72
C LEU B 835 10.12 6.04 -6.36
N PRO B 836 9.89 5.82 -7.65
CA PRO B 836 8.62 6.20 -8.27
C PRO B 836 7.51 5.21 -7.89
N PRO B 837 6.23 5.62 -7.89
CA PRO B 837 5.15 4.67 -7.73
C PRO B 837 5.07 3.76 -8.95
N LEU B 838 4.56 2.55 -8.80
CA LEU B 838 4.36 1.65 -9.93
C LEU B 838 3.25 2.16 -10.85
N LEU B 839 2.16 2.64 -10.28
CA LEU B 839 1.10 3.28 -11.06
C LEU B 839 1.43 4.76 -11.21
N THR B 840 1.71 5.21 -12.43
CA THR B 840 1.83 6.64 -12.71
C THR B 840 0.50 7.34 -12.50
N ASP B 841 0.53 8.64 -12.20
CA ASP B 841 -0.67 9.44 -12.04
C ASP B 841 -1.55 9.48 -13.31
N GLU B 842 -1.02 9.10 -14.48
CA GLU B 842 -1.80 8.87 -15.69
C GLU B 842 -2.51 7.51 -15.69
N MET B 843 -1.93 6.46 -15.12
CA MET B 843 -2.58 5.15 -14.92
C MET B 843 -3.61 5.18 -13.80
N ILE B 844 -3.37 5.87 -12.69
CA ILE B 844 -4.37 6.13 -11.66
C ILE B 844 -5.60 6.80 -12.27
N ALA B 845 -5.41 7.73 -13.21
CA ALA B 845 -6.49 8.42 -13.88
C ALA B 845 -7.22 7.54 -14.93
N GLN B 846 -6.62 6.48 -15.45
CA GLN B 846 -7.35 5.47 -16.23
C GLN B 846 -8.20 4.61 -15.30
N TYR B 847 -7.69 4.24 -14.14
CA TYR B 847 -8.44 3.45 -13.17
C TYR B 847 -9.61 4.22 -12.58
N THR B 848 -9.45 5.46 -12.14
CA THR B 848 -10.60 6.24 -11.68
C THR B 848 -11.57 6.51 -12.83
N SER B 849 -11.13 6.78 -14.06
CA SER B 849 -12.06 6.83 -15.20
C SER B 849 -12.77 5.51 -15.49
N ALA B 850 -12.16 4.36 -15.22
CA ALA B 850 -12.81 3.07 -15.42
C ALA B 850 -13.84 2.78 -14.34
N LEU B 851 -13.49 3.01 -13.08
CA LEU B 851 -14.40 2.97 -11.95
C LEU B 851 -15.59 3.90 -12.20
N LEU B 852 -15.35 5.09 -12.72
CA LEU B 852 -16.35 6.11 -12.94
C LEU B 852 -17.19 5.87 -14.19
N ALA B 853 -16.63 5.46 -15.32
CA ALA B 853 -17.39 5.09 -16.50
C ALA B 853 -18.20 3.80 -16.29
N GLY B 854 -17.71 2.90 -15.44
CA GLY B 854 -18.49 1.78 -14.94
C GLY B 854 -19.63 2.27 -14.06
N THR B 855 -19.36 3.08 -13.04
CA THR B 855 -20.37 3.59 -12.10
C THR B 855 -21.51 4.30 -12.81
N ILE B 856 -21.23 5.10 -13.81
CA ILE B 856 -22.21 5.89 -14.56
C ILE B 856 -23.06 5.04 -15.49
N THR B 857 -22.48 4.10 -16.23
CA THR B 857 -23.20 3.33 -17.25
C THR B 857 -23.86 2.05 -16.72
N SER B 858 -23.40 1.52 -15.57
CA SER B 858 -23.74 0.18 -15.09
C SER B 858 -24.06 0.06 -13.61
N GLY B 859 -23.95 1.13 -12.84
CA GLY B 859 -24.25 1.15 -11.41
C GLY B 859 -23.32 0.28 -10.58
N TRP B 860 -23.87 -0.55 -9.69
CA TRP B 860 -23.09 -1.52 -8.93
C TRP B 860 -22.72 -2.79 -9.70
N THR B 861 -23.36 -3.05 -10.84
CA THR B 861 -23.29 -4.36 -11.48
C THR B 861 -21.90 -4.76 -11.94
N PHE B 862 -21.03 -3.79 -12.25
CA PHE B 862 -19.63 -4.05 -12.59
C PHE B 862 -18.76 -4.51 -11.41
N GLY B 863 -19.25 -4.36 -10.17
CA GLY B 863 -18.67 -4.95 -8.98
C GLY B 863 -19.10 -6.41 -8.76
N ALA B 864 -20.33 -6.77 -9.13
CA ALA B 864 -20.83 -8.14 -9.00
C ALA B 864 -20.37 -9.07 -10.12
N GLY B 865 -20.42 -8.63 -11.37
CA GLY B 865 -20.18 -9.43 -12.56
C GLY B 865 -19.40 -8.68 -13.63
N ALA B 866 -19.79 -8.83 -14.89
CA ALA B 866 -19.45 -7.87 -15.93
C ALA B 866 -20.41 -6.68 -15.86
N ALA B 867 -19.99 -5.48 -16.30
CA ALA B 867 -20.88 -4.34 -16.34
C ALA B 867 -22.15 -4.64 -17.14
N LEU B 868 -23.30 -4.40 -16.55
CA LEU B 868 -24.61 -4.46 -17.19
C LEU B 868 -25.06 -3.03 -17.45
N GLN B 869 -25.29 -2.60 -18.68
CA GLN B 869 -25.76 -1.23 -18.87
C GLN B 869 -27.15 -1.04 -18.28
N ILE B 870 -27.42 0.13 -17.71
CA ILE B 870 -28.75 0.59 -17.30
C ILE B 870 -28.85 2.11 -17.48
N PRO B 871 -29.93 2.70 -18.01
CA PRO B 871 -30.04 4.15 -18.16
C PRO B 871 -29.85 4.89 -16.85
N PHE B 872 -29.22 6.06 -16.83
CA PHE B 872 -28.93 6.72 -15.55
C PHE B 872 -30.19 7.14 -14.78
N ALA B 873 -31.27 7.49 -15.47
CA ALA B 873 -32.55 7.75 -14.81
C ALA B 873 -33.17 6.50 -14.18
N MET B 874 -32.78 5.30 -14.60
CA MET B 874 -33.17 4.04 -13.98
C MET B 874 -32.18 3.58 -12.92
N GLN B 875 -30.93 3.98 -13.00
CA GLN B 875 -29.96 3.69 -11.95
C GLN B 875 -30.22 4.52 -10.70
N MET B 876 -30.52 5.81 -10.83
CA MET B 876 -30.87 6.61 -9.66
C MET B 876 -32.22 6.20 -9.09
N ALA B 877 -33.16 5.77 -9.92
CA ALA B 877 -34.45 5.24 -9.42
C ALA B 877 -34.17 4.02 -8.55
N TYR B 878 -33.20 3.18 -8.90
CA TYR B 878 -32.79 2.00 -8.10
C TYR B 878 -32.20 2.46 -6.77
N ARG B 879 -31.37 3.52 -6.75
CA ARG B 879 -30.68 4.01 -5.54
C ARG B 879 -31.72 4.71 -4.64
N PHE B 880 -32.71 5.39 -5.19
CA PHE B 880 -33.80 5.93 -4.38
C PHE B 880 -34.57 4.81 -3.67
N ASN B 881 -34.87 3.67 -4.29
CA ASN B 881 -35.40 2.52 -3.55
C ASN B 881 -34.45 2.03 -2.45
N GLY B 882 -33.14 2.17 -2.62
CA GLY B 882 -32.15 1.78 -1.62
C GLY B 882 -32.22 2.57 -0.31
N ILE B 883 -32.48 3.87 -0.39
CA ILE B 883 -32.76 4.76 0.77
C ILE B 883 -34.23 4.72 1.20
N GLY B 884 -35.03 3.80 0.65
CA GLY B 884 -36.43 3.63 0.98
C GLY B 884 -37.37 4.69 0.41
N VAL B 885 -36.88 5.63 -0.39
CA VAL B 885 -37.72 6.62 -1.08
C VAL B 885 -38.34 6.00 -2.33
N THR B 886 -39.66 6.04 -2.46
CA THR B 886 -40.35 5.39 -3.58
C THR B 886 -39.85 5.95 -4.90
N GLN B 887 -39.38 5.12 -5.83
CA GLN B 887 -38.69 5.58 -7.05
C GLN B 887 -39.47 6.59 -7.94
N ASN B 888 -40.79 6.70 -7.86
CA ASN B 888 -41.51 7.74 -8.59
C ASN B 888 -41.19 9.14 -8.07
N VAL B 889 -40.73 9.28 -6.83
CA VAL B 889 -40.19 10.53 -6.28
C VAL B 889 -38.99 11.00 -7.07
N LEU B 890 -38.23 10.11 -7.73
CA LEU B 890 -37.24 10.54 -8.71
C LEU B 890 -37.89 11.03 -10.00
N TYR B 891 -38.66 10.20 -10.71
CA TYR B 891 -39.17 10.58 -12.04
C TYR B 891 -40.03 11.83 -12.03
N GLU B 892 -40.91 11.98 -11.05
CA GLU B 892 -41.72 13.17 -10.88
C GLU B 892 -40.90 14.43 -10.55
N ASN B 893 -39.63 14.30 -10.18
CA ASN B 893 -38.70 15.38 -9.86
C ASN B 893 -37.39 15.27 -10.64
N GLN B 894 -37.36 14.61 -11.80
CA GLN B 894 -36.08 14.20 -12.38
C GLN B 894 -35.21 15.38 -12.80
N LYS B 895 -35.81 16.44 -13.34
CA LYS B 895 -35.08 17.67 -13.68
C LYS B 895 -34.57 18.38 -12.44
N LEU B 896 -35.38 18.51 -11.38
CA LEU B 896 -34.93 19.08 -10.12
C LEU B 896 -33.73 18.31 -9.53
N ILE B 897 -33.74 16.99 -9.60
CA ILE B 897 -32.66 16.17 -9.05
C ILE B 897 -31.41 16.28 -9.91
N ALA B 898 -31.56 16.24 -11.23
CA ALA B 898 -30.45 16.43 -12.13
C ALA B 898 -29.80 17.80 -11.90
N ASN B 899 -30.59 18.86 -11.80
CA ASN B 899 -30.11 20.20 -11.51
C ASN B 899 -29.46 20.36 -10.14
N GLN B 900 -29.95 19.71 -9.08
CA GLN B 900 -29.27 19.74 -7.79
C GLN B 900 -27.95 18.98 -7.82
N PHE B 901 -27.85 17.85 -8.54
CA PHE B 901 -26.56 17.19 -8.73
C PHE B 901 -25.57 18.09 -9.46
N ASN B 902 -25.97 18.66 -10.60
CA ASN B 902 -25.14 19.54 -11.42
C ASN B 902 -24.70 20.79 -10.65
N SER B 903 -25.59 21.40 -9.89
CA SER B 903 -25.27 22.56 -9.05
C SER B 903 -24.33 22.21 -7.90
N ALA B 904 -24.53 21.05 -7.27
CA ALA B 904 -23.67 20.60 -6.18
C ALA B 904 -22.26 20.23 -6.67
N ILE B 905 -22.09 19.69 -7.88
CA ILE B 905 -20.77 19.51 -8.51
C ILE B 905 -20.11 20.86 -8.81
N GLY B 906 -20.89 21.86 -9.18
CA GLY B 906 -20.42 23.24 -9.33
C GLY B 906 -19.79 23.79 -8.05
N LYS B 907 -20.41 23.60 -6.88
CA LYS B 907 -19.85 24.04 -5.59
C LYS B 907 -18.52 23.37 -5.26
N ILE B 908 -18.26 22.15 -5.74
CA ILE B 908 -16.98 21.46 -5.50
C ILE B 908 -15.84 22.23 -6.14
N GLN B 909 -16.02 22.72 -7.36
CA GLN B 909 -15.00 23.52 -8.02
C GLN B 909 -14.73 24.82 -7.27
N ASP B 910 -15.77 25.52 -6.83
CA ASP B 910 -15.66 26.76 -6.05
C ASP B 910 -14.89 26.51 -4.75
N SER B 911 -15.19 25.42 -4.04
CA SER B 911 -14.48 25.02 -2.82
C SER B 911 -13.00 24.76 -3.10
N LEU B 912 -12.69 23.82 -3.99
CA LEU B 912 -11.33 23.36 -4.28
C LEU B 912 -10.48 24.44 -4.97
N SER B 913 -11.06 25.30 -5.80
CA SER B 913 -10.35 26.42 -6.44
C SER B 913 -9.99 27.51 -5.43
N SER B 914 -10.91 27.85 -4.53
CA SER B 914 -10.72 28.96 -3.59
C SER B 914 -9.89 28.58 -2.35
N THR B 915 -10.08 27.37 -1.83
CA THR B 915 -9.74 27.03 -0.45
C THR B 915 -8.70 25.91 -0.39
N ALA B 916 -7.41 26.26 -0.48
CA ALA B 916 -6.31 25.29 -0.52
C ALA B 916 -6.26 24.36 0.70
N SER B 917 -6.79 24.81 1.85
CA SER B 917 -6.89 24.04 3.10
C SER B 917 -7.89 22.87 3.04
N ALA B 918 -8.73 22.75 2.01
CA ALA B 918 -9.59 21.59 1.79
C ALA B 918 -8.79 20.29 1.64
N LEU B 919 -7.60 20.34 1.04
CA LEU B 919 -6.67 19.22 0.84
C LEU B 919 -5.82 18.90 2.06
N GLY B 920 -6.18 19.42 3.24
CA GLY B 920 -5.36 19.41 4.43
C GLY B 920 -4.76 18.06 4.81
N LYS B 921 -5.47 16.95 4.62
CA LYS B 921 -4.94 15.60 4.93
C LYS B 921 -3.78 15.18 4.02
N LEU B 922 -3.87 15.43 2.72
CA LEU B 922 -2.85 15.06 1.74
C LEU B 922 -1.62 15.96 1.88
N GLN B 923 -1.82 17.25 2.10
CA GLN B 923 -0.70 18.15 2.34
C GLN B 923 -0.04 17.87 3.69
N ASP B 924 -0.78 17.43 4.69
CA ASP B 924 -0.22 17.00 5.98
C ASP B 924 0.68 15.77 5.81
N VAL B 925 0.23 14.75 5.07
CA VAL B 925 1.02 13.54 4.79
C VAL B 925 2.31 13.89 4.03
N VAL B 926 2.24 14.78 3.04
CA VAL B 926 3.42 15.23 2.28
C VAL B 926 4.36 16.09 3.13
N ASN B 927 3.82 16.88 4.05
CA ASN B 927 4.62 17.67 4.99
C ASN B 927 5.30 16.78 6.02
N GLN B 928 4.64 15.80 6.62
CA GLN B 928 5.26 14.90 7.60
C GLN B 928 6.43 14.14 6.98
N ASN B 929 6.27 13.62 5.76
CA ASN B 929 7.35 12.93 5.08
C ASN B 929 8.51 13.88 4.71
N ALA B 930 8.22 15.10 4.28
CA ALA B 930 9.26 16.10 4.01
C ALA B 930 9.95 16.60 5.27
N GLN B 931 9.23 16.75 6.39
CA GLN B 931 9.79 17.17 7.67
C GLN B 931 10.70 16.10 8.27
N ALA B 932 10.35 14.84 8.11
CA ALA B 932 11.17 13.72 8.55
C ALA B 932 12.47 13.61 7.76
N LEU B 933 12.43 13.78 6.44
CA LEU B 933 13.64 13.81 5.61
C LEU B 933 14.52 15.02 5.92
N ASN B 934 13.93 16.21 6.12
CA ASN B 934 14.71 17.38 6.50
C ASN B 934 15.35 17.19 7.87
N THR B 935 14.65 16.55 8.81
CA THR B 935 15.21 16.24 10.13
C THR B 935 16.36 15.24 9.99
N LEU B 936 16.19 14.21 9.17
CA LEU B 936 17.19 13.18 8.91
C LEU B 936 18.45 13.78 8.28
N VAL B 937 18.31 14.66 7.28
CA VAL B 937 19.45 15.32 6.65
C VAL B 937 20.12 16.30 7.60
N LYS B 938 19.38 17.10 8.36
CA LYS B 938 19.98 18.03 9.33
C LYS B 938 20.78 17.30 10.39
N GLN B 939 20.36 16.11 10.80
CA GLN B 939 21.09 15.31 11.78
C GLN B 939 22.47 14.82 11.31
N LEU B 940 22.85 15.01 10.05
CA LEU B 940 24.24 14.78 9.62
C LEU B 940 25.22 15.84 10.13
N SER B 941 24.73 17.02 10.52
CA SER B 941 25.54 18.17 10.95
C SER B 941 25.95 18.19 12.42
N SER B 942 25.49 17.21 13.22
CA SER B 942 25.74 17.10 14.64
C SER B 942 27.04 16.39 14.92
N ASN B 943 27.69 16.77 16.02
CA ASN B 943 28.95 16.17 16.41
C ASN B 943 28.80 14.90 17.21
N PHE B 944 27.75 14.81 18.02
CA PHE B 944 27.54 13.65 18.87
C PHE B 944 28.72 13.37 19.79
N GLY B 945 29.48 14.40 20.13
CA GLY B 945 30.62 14.25 21.03
C GLY B 945 31.95 14.22 20.27
N ALA B 946 31.88 14.11 18.96
CA ALA B 946 33.07 14.10 18.12
C ALA B 946 33.64 15.50 17.98
N ILE B 947 34.90 15.59 17.59
CA ILE B 947 35.54 16.87 17.33
C ILE B 947 34.94 17.62 16.13
N SER B 948 34.32 16.87 15.24
CA SER B 948 33.70 17.43 14.05
C SER B 948 32.63 16.53 13.49
N SER B 949 31.56 17.10 12.92
CA SER B 949 30.48 16.40 12.20
C SER B 949 30.88 16.01 10.77
N VAL B 950 32.00 16.51 10.26
CA VAL B 950 32.48 16.22 8.92
C VAL B 950 33.50 15.12 9.05
N LEU B 951 33.16 13.94 8.54
CA LEU B 951 33.94 12.74 8.61
C LEU B 951 35.31 12.91 7.98
N ASN B 952 35.36 13.65 6.88
CA ASN B 952 36.63 13.84 6.19
C ASN B 952 37.59 14.70 7.02
N ASP B 953 37.08 15.65 7.82
CA ASP B 953 37.90 16.48 8.69
C ASP B 953 38.48 15.65 9.82
N ILE B 954 37.80 14.60 10.27
CA ILE B 954 38.40 13.75 11.29
C ILE B 954 39.53 12.96 10.68
N LEU B 955 39.26 12.36 9.54
CA LEU B 955 40.24 11.50 8.88
C LEU B 955 41.47 12.26 8.39
N SER B 956 41.30 13.50 7.96
CA SER B 956 42.41 14.28 7.45
C SER B 956 43.28 14.84 8.57
N ARG B 957 42.82 14.70 9.81
CA ARG B 957 43.54 15.30 10.92
C ARG B 957 44.09 14.27 11.91
N LEU B 958 43.40 13.17 12.10
CA LEU B 958 43.86 12.19 13.08
C LEU B 958 44.34 10.88 12.46
N ASP B 959 45.37 10.32 13.08
CA ASP B 959 45.84 8.97 12.76
C ASP B 959 44.77 7.98 13.20
N PRO B 960 44.62 6.82 12.55
CA PRO B 960 43.64 5.79 12.84
C PRO B 960 43.38 5.48 14.33
N PRO B 961 44.38 5.33 15.21
CA PRO B 961 44.17 4.99 16.61
C PRO B 961 43.31 6.02 17.34
N GLU B 962 43.26 7.25 16.81
CA GLU B 962 42.48 8.31 17.41
C GLU B 962 41.27 8.65 16.55
N ALA B 963 41.43 8.52 15.24
CA ALA B 963 40.36 8.82 14.30
C ALA B 963 39.21 7.88 14.52
N GLU B 964 39.51 6.63 14.82
CA GLU B 964 38.48 5.62 15.01
C GLU B 964 37.60 5.95 16.18
N VAL B 965 38.15 6.57 17.21
CA VAL B 965 37.33 6.92 18.37
C VAL B 965 36.34 8.00 18.00
N GLN B 966 36.82 9.01 17.28
CA GLN B 966 35.96 10.11 16.88
C GLN B 966 34.90 9.63 15.90
N ILE B 967 35.27 8.69 15.04
CA ILE B 967 34.34 8.16 14.08
C ILE B 967 33.29 7.32 14.77
N ASP B 968 33.67 6.49 15.73
CA ASP B 968 32.66 5.70 16.43
C ASP B 968 31.62 6.60 17.06
N ARG B 969 32.01 7.78 17.53
CA ARG B 969 31.02 8.68 18.10
C ARG B 969 30.02 9.11 17.04
N LEU B 970 30.50 9.39 15.82
CA LEU B 970 29.60 9.78 14.75
C LEU B 970 28.76 8.62 14.27
N ILE B 971 29.33 7.42 14.23
CA ILE B 971 28.57 6.28 13.78
C ILE B 971 27.43 5.99 14.72
N THR B 972 27.69 6.03 16.01
CA THR B 972 26.62 5.76 16.95
C THR B 972 25.50 6.77 16.78
N GLY B 973 25.84 8.05 16.67
CA GLY B 973 24.83 9.08 16.51
C GLY B 973 24.05 8.97 15.22
N ARG B 974 24.69 8.67 14.08
CA ARG B 974 23.99 8.59 12.81
C ARG B 974 23.15 7.36 12.70
N LEU B 975 23.56 6.26 13.33
CA LEU B 975 22.81 5.02 13.28
C LEU B 975 21.54 5.12 14.11
N GLN B 976 21.62 5.62 15.35
CA GLN B 976 20.46 5.88 16.20
C GLN B 976 19.49 6.88 15.56
N SER B 977 20.04 7.85 14.82
CA SER B 977 19.26 8.85 14.12
C SER B 977 18.59 8.33 12.87
N LEU B 978 19.10 7.27 12.25
CA LEU B 978 18.45 6.59 11.15
C LEU B 978 17.38 5.64 11.68
N GLN B 979 17.65 4.88 12.74
CA GLN B 979 16.66 4.00 13.36
C GLN B 979 15.44 4.79 13.84
N THR B 980 15.63 6.03 14.31
CA THR B 980 14.55 6.94 14.70
C THR B 980 13.68 7.30 13.51
N TYR B 981 14.28 7.64 12.37
CA TYR B 981 13.53 7.90 11.13
C TYR B 981 12.75 6.68 10.66
N VAL B 982 13.41 5.52 10.62
CA VAL B 982 12.76 4.29 10.13
C VAL B 982 11.65 3.85 11.06
N THR B 983 11.80 3.96 12.38
CA THR B 983 10.72 3.66 13.31
C THR B 983 9.56 4.61 13.12
N GLN B 984 9.82 5.92 12.97
CA GLN B 984 8.76 6.88 12.69
C GLN B 984 8.07 6.54 11.38
N GLN B 985 8.80 6.20 10.32
CA GLN B 985 8.20 5.81 9.05
C GLN B 985 7.42 4.51 9.14
N LEU B 986 7.83 3.53 9.94
CA LEU B 986 7.08 2.29 10.09
C LEU B 986 5.73 2.53 10.76
N ILE B 987 5.68 3.41 11.77
CA ILE B 987 4.45 3.76 12.46
C ILE B 987 3.57 4.65 11.59
N ARG B 988 4.18 5.60 10.86
CA ARG B 988 3.52 6.46 9.87
C ARG B 988 2.99 5.65 8.69
N ALA B 989 3.69 4.62 8.23
CA ALA B 989 3.20 3.69 7.22
C ALA B 989 2.02 2.85 7.69
N ALA B 990 1.96 2.45 8.97
CA ALA B 990 0.75 1.82 9.50
C ALA B 990 -0.46 2.77 9.54
N GLU B 991 -0.22 4.05 9.80
CA GLU B 991 -1.24 5.10 9.80
C GLU B 991 -1.80 5.37 8.40
N ILE B 992 -0.94 5.31 7.36
CA ILE B 992 -1.34 5.38 5.95
C ILE B 992 -1.96 4.07 5.46
N ARG B 993 -1.44 2.90 5.84
CA ARG B 993 -2.03 1.61 5.47
C ARG B 993 -3.45 1.44 6.00
N ALA B 994 -3.73 1.83 7.24
CA ALA B 994 -5.10 1.88 7.73
C ALA B 994 -5.98 2.88 6.98
N SER B 995 -5.41 3.94 6.39
CA SER B 995 -6.15 4.87 5.53
C SER B 995 -6.34 4.37 4.10
N ALA B 996 -5.39 3.61 3.55
CA ALA B 996 -5.53 2.92 2.29
C ALA B 996 -6.60 1.83 2.37
N ASN B 997 -6.64 1.04 3.45
CA ASN B 997 -7.68 0.04 3.65
C ASN B 997 -9.05 0.68 3.88
N LEU B 998 -9.13 1.84 4.54
CA LEU B 998 -10.37 2.59 4.63
C LEU B 998 -10.80 3.19 3.29
N ALA B 999 -9.87 3.68 2.49
CA ALA B 999 -10.15 4.15 1.14
C ALA B 999 -10.56 3.00 0.21
N ALA B 1000 -9.92 1.84 0.31
CA ALA B 1000 -10.26 0.66 -0.47
C ALA B 1000 -11.64 0.14 -0.10
N THR B 1001 -11.99 0.19 1.19
CA THR B 1001 -13.30 -0.21 1.68
C THR B 1001 -14.37 0.76 1.19
N LYS B 1002 -14.13 2.08 1.26
CA LYS B 1002 -15.05 3.08 0.70
C LYS B 1002 -15.17 2.98 -0.80
N MET B 1003 -14.12 2.63 -1.51
CA MET B 1003 -14.21 2.37 -2.94
C MET B 1003 -15.13 1.20 -3.22
N SER B 1004 -14.94 0.08 -2.53
CA SER B 1004 -15.75 -1.11 -2.72
C SER B 1004 -17.20 -0.91 -2.32
N GLU B 1005 -17.49 -0.26 -1.19
CA GLU B 1005 -18.88 -0.17 -0.66
C GLU B 1005 -19.63 1.06 -1.18
N CYS B 1006 -18.97 2.22 -1.29
CA CYS B 1006 -19.59 3.42 -1.81
C CYS B 1006 -19.61 3.57 -3.31
N VAL B 1007 -18.52 3.27 -4.03
CA VAL B 1007 -18.43 3.49 -5.52
C VAL B 1007 -19.03 2.28 -6.25
N LEU B 1008 -18.56 1.07 -5.96
CA LEU B 1008 -19.00 -0.17 -6.61
C LEU B 1008 -20.39 -0.63 -6.13
N GLY B 1009 -21.05 0.14 -5.27
CA GLY B 1009 -22.26 -0.24 -4.54
C GLY B 1009 -23.11 0.96 -4.14
N GLN B 1010 -23.97 0.74 -3.15
CA GLN B 1010 -24.63 1.79 -2.38
C GLN B 1010 -24.65 1.35 -0.92
N SER B 1011 -24.21 2.21 -0.02
CA SER B 1011 -24.00 1.83 1.36
C SER B 1011 -25.24 2.08 2.20
N LYS B 1012 -25.71 1.09 2.95
CA LYS B 1012 -26.72 1.28 4.01
C LYS B 1012 -26.11 1.76 5.34
N ARG B 1013 -24.76 1.81 5.43
CA ARG B 1013 -24.06 2.24 6.67
C ARG B 1013 -24.32 3.73 6.85
N VAL B 1014 -24.82 4.17 8.01
CA VAL B 1014 -25.21 5.59 8.25
C VAL B 1014 -23.97 6.46 8.42
N ASP B 1015 -23.85 7.57 7.67
CA ASP B 1015 -22.76 8.56 7.78
C ASP B 1015 -21.44 7.98 7.27
N PHE B 1016 -21.44 6.79 6.65
CA PHE B 1016 -20.21 6.20 6.04
C PHE B 1016 -19.83 7.06 4.83
N CYS B 1017 -20.79 7.50 4.02
CA CYS B 1017 -20.56 8.31 2.80
C CYS B 1017 -21.01 9.75 3.05
N GLY B 1018 -20.50 10.41 4.10
CA GLY B 1018 -20.94 11.76 4.47
C GLY B 1018 -22.37 11.85 4.96
N LYS B 1019 -22.79 13.03 5.44
CA LYS B 1019 -24.14 13.28 5.97
C LYS B 1019 -25.20 13.02 4.90
N GLY B 1020 -26.34 12.47 5.30
CA GLY B 1020 -27.45 12.12 4.40
C GLY B 1020 -27.56 10.62 4.16
N TYR B 1021 -28.63 10.22 3.49
CA TYR B 1021 -28.78 8.85 3.03
C TYR B 1021 -28.01 8.66 1.73
N HIS B 1022 -27.07 7.73 1.68
CA HIS B 1022 -26.16 7.57 0.54
C HIS B 1022 -26.86 7.15 -0.74
N LEU B 1023 -26.54 7.81 -1.86
CA LEU B 1023 -27.05 7.48 -3.18
C LEU B 1023 -25.99 6.84 -4.06
N MET B 1024 -24.80 7.45 -4.19
CA MET B 1024 -23.67 6.94 -4.98
C MET B 1024 -22.41 7.77 -4.70
N SER B 1025 -21.25 7.34 -5.16
CA SER B 1025 -20.03 8.13 -4.99
C SER B 1025 -19.18 8.04 -6.22
N PHE B 1026 -18.44 9.09 -6.52
CA PHE B 1026 -17.55 9.14 -7.67
C PHE B 1026 -16.12 9.34 -7.20
N PRO B 1027 -15.17 8.45 -7.51
CA PRO B 1027 -13.80 8.62 -7.08
C PRO B 1027 -13.10 9.58 -8.01
N GLN B 1028 -12.26 10.45 -7.47
CA GLN B 1028 -11.31 11.28 -8.19
C GLN B 1028 -9.94 11.03 -7.55
N SER B 1029 -8.87 11.01 -8.32
CA SER B 1029 -7.54 10.86 -7.75
C SER B 1029 -6.96 12.18 -7.25
N ALA B 1030 -6.01 12.13 -6.32
CA ALA B 1030 -5.24 13.29 -5.87
C ALA B 1030 -3.81 12.84 -5.53
N PRO B 1031 -2.81 13.72 -5.47
CA PRO B 1031 -1.43 13.34 -5.21
C PRO B 1031 -1.28 12.58 -3.89
N HIS B 1032 -0.91 11.30 -3.99
CA HIS B 1032 -0.82 10.35 -2.88
C HIS B 1032 -2.12 10.13 -2.09
N GLY B 1033 -3.27 10.29 -2.71
CA GLY B 1033 -4.57 10.11 -2.07
C GLY B 1033 -5.68 9.74 -3.03
N VAL B 1034 -6.90 9.73 -2.52
CA VAL B 1034 -8.13 9.61 -3.31
C VAL B 1034 -9.16 10.57 -2.75
N VAL B 1035 -10.14 10.94 -3.55
CA VAL B 1035 -11.23 11.81 -3.17
C VAL B 1035 -12.53 11.18 -3.59
N PHE B 1036 -13.50 11.09 -2.70
CA PHE B 1036 -14.82 10.60 -3.03
C PHE B 1036 -15.77 11.77 -3.07
N LEU B 1037 -16.48 11.95 -4.16
CA LEU B 1037 -17.56 12.92 -4.29
C LEU B 1037 -18.84 12.19 -3.91
N HIS B 1038 -19.11 12.04 -2.62
CA HIS B 1038 -20.24 11.26 -2.13
C HIS B 1038 -21.55 12.00 -2.36
N VAL B 1039 -22.45 11.45 -3.15
CA VAL B 1039 -23.77 12.01 -3.42
C VAL B 1039 -24.75 11.44 -2.42
N THR B 1040 -25.43 12.29 -1.65
CA THR B 1040 -26.39 11.87 -0.64
C THR B 1040 -27.72 12.61 -0.74
N TYR B 1041 -28.82 11.92 -0.52
CA TYR B 1041 -30.13 12.52 -0.32
C TYR B 1041 -30.19 13.07 1.09
N VAL B 1042 -30.51 14.34 1.27
CA VAL B 1042 -30.78 14.94 2.58
C VAL B 1042 -32.22 15.43 2.59
N PRO B 1043 -33.11 14.93 3.47
CA PRO B 1043 -34.46 15.47 3.58
C PRO B 1043 -34.44 16.90 4.13
N ALA B 1044 -35.22 17.84 3.56
CA ALA B 1044 -35.06 19.28 3.87
C ALA B 1044 -36.27 20.01 4.46
N GLN B 1045 -37.40 20.15 3.75
CA GLN B 1045 -38.52 21.02 4.20
C GLN B 1045 -39.40 20.30 5.23
N GLU B 1046 -39.00 20.27 6.50
CA GLU B 1046 -39.76 19.52 7.53
C GLU B 1046 -41.18 20.07 7.62
N LYS B 1047 -42.19 19.20 7.79
CA LYS B 1047 -43.61 19.61 7.99
C LYS B 1047 -44.05 18.91 9.28
N ASN B 1048 -45.11 19.37 9.96
CA ASN B 1048 -45.65 18.70 11.17
C ASN B 1048 -46.95 17.98 10.87
N PHE B 1049 -47.18 16.81 11.47
CA PHE B 1049 -48.43 16.09 11.33
C PHE B 1049 -48.77 15.38 12.63
N THR B 1050 -50.06 15.21 12.90
CA THR B 1050 -50.49 14.20 13.87
C THR B 1050 -50.25 12.83 13.26
N THR B 1051 -49.96 11.82 14.08
CA THR B 1051 -49.60 10.47 13.57
C THR B 1051 -50.27 9.38 14.41
N ALA B 1052 -50.49 8.19 13.85
CA ALA B 1052 -51.15 7.06 14.55
C ALA B 1052 -50.30 5.79 14.43
N PRO B 1053 -50.09 5.01 15.50
CA PRO B 1053 -49.39 3.72 15.41
C PRO B 1053 -50.16 2.76 14.51
N ALA B 1054 -51.49 2.73 14.62
CA ALA B 1054 -52.38 1.83 13.84
C ALA B 1054 -53.69 2.56 13.58
N ILE B 1055 -54.62 1.97 12.80
CA ILE B 1055 -55.96 2.57 12.53
C ILE B 1055 -57.03 1.49 12.74
N CYS B 1056 -58.17 1.81 13.30
CA CYS B 1056 -59.29 0.87 13.60
C CYS B 1056 -60.34 0.91 12.48
N HIS B 1057 -60.73 -0.19 11.85
CA HIS B 1057 -61.86 -0.19 10.88
C HIS B 1057 -62.60 -1.51 11.02
N ASP B 1058 -63.93 -1.50 11.14
CA ASP B 1058 -64.75 -2.69 11.35
C ASP B 1058 -64.20 -3.59 12.47
N GLY B 1059 -63.83 -3.00 13.60
CA GLY B 1059 -63.29 -3.70 14.77
C GLY B 1059 -61.84 -4.19 14.64
N LYS B 1060 -61.29 -4.26 13.43
CA LYS B 1060 -59.93 -4.72 13.16
C LYS B 1060 -58.91 -3.61 13.33
N ALA B 1061 -57.68 -3.91 13.73
CA ALA B 1061 -56.57 -2.96 13.68
C ALA B 1061 -55.79 -3.12 12.38
N HIS B 1062 -55.36 -2.01 11.78
CA HIS B 1062 -54.66 -1.96 10.49
C HIS B 1062 -53.34 -1.20 10.65
N PHE B 1063 -52.28 -1.66 10.03
CA PHE B 1063 -50.94 -1.06 10.08
C PHE B 1063 -50.40 -0.85 8.67
N PRO B 1064 -49.51 0.11 8.41
CA PRO B 1064 -49.02 0.38 7.07
C PRO B 1064 -47.99 -0.67 6.62
N ARG B 1065 -48.20 -1.31 5.47
CA ARG B 1065 -47.19 -2.26 4.93
C ARG B 1065 -45.90 -1.45 4.81
N GLU B 1066 -45.97 -0.25 4.24
CA GLU B 1066 -44.82 0.68 4.14
C GLU B 1066 -45.36 2.08 4.41
N GLY B 1067 -44.57 2.96 5.03
CA GLY B 1067 -45.00 4.35 5.27
C GLY B 1067 -45.55 4.61 6.66
N VAL B 1068 -46.07 5.82 6.92
CA VAL B 1068 -46.56 6.25 8.26
C VAL B 1068 -47.99 6.79 8.17
N PHE B 1069 -48.93 6.35 9.01
CA PHE B 1069 -50.27 6.97 9.04
C PHE B 1069 -50.07 8.38 9.56
N VAL B 1070 -50.58 9.43 8.90
CA VAL B 1070 -50.36 10.86 9.29
C VAL B 1070 -51.69 11.58 9.17
N SER B 1071 -51.87 12.75 9.77
CA SER B 1071 -53.11 13.54 9.62
C SER B 1071 -52.73 15.00 9.41
N ASN B 1072 -53.17 15.63 8.31
CA ASN B 1072 -52.88 17.08 8.13
C ASN B 1072 -53.74 17.86 9.15
N GLY B 1073 -54.79 17.26 9.70
CA GLY B 1073 -55.63 17.86 10.75
C GLY B 1073 -57.10 17.48 10.64
N THR B 1074 -57.55 16.93 9.50
CA THR B 1074 -58.97 16.57 9.25
C THR B 1074 -59.13 15.18 8.63
N HIS B 1075 -58.16 14.74 7.84
CA HIS B 1075 -58.15 13.47 7.11
C HIS B 1075 -56.91 12.67 7.48
N TRP B 1076 -56.93 11.37 7.31
CA TRP B 1076 -55.79 10.48 7.55
C TRP B 1076 -55.28 9.89 6.25
N PHE B 1077 -53.96 9.82 6.12
CA PHE B 1077 -53.24 9.31 4.96
C PHE B 1077 -52.14 8.36 5.42
N VAL B 1078 -51.72 7.45 4.56
CA VAL B 1078 -50.47 6.71 4.72
C VAL B 1078 -49.45 7.28 3.78
N THR B 1079 -48.16 7.35 4.16
CA THR B 1079 -47.09 7.89 3.29
C THR B 1079 -45.68 7.44 3.67
N GLN B 1080 -44.81 7.19 2.68
CA GLN B 1080 -43.38 6.84 2.94
C GLN B 1080 -42.79 7.77 3.99
N ARG B 1081 -41.90 7.25 4.85
CA ARG B 1081 -41.26 8.04 5.95
C ARG B 1081 -40.38 9.18 5.43
N ASN B 1082 -39.61 8.97 4.36
CA ASN B 1082 -38.59 9.94 3.89
C ASN B 1082 -39.11 11.07 2.99
N PHE B 1083 -40.35 11.06 2.52
CA PHE B 1083 -40.84 12.10 1.56
C PHE B 1083 -42.38 12.22 1.62
N TYR B 1084 -42.91 13.35 2.07
CA TYR B 1084 -44.35 13.49 2.21
C TYR B 1084 -45.06 13.32 0.87
N GLU B 1085 -45.84 12.26 0.76
CA GLU B 1085 -46.59 11.87 -0.42
C GLU B 1085 -47.85 11.14 0.06
N PRO B 1086 -48.94 11.84 0.37
CA PRO B 1086 -50.07 11.25 1.04
C PRO B 1086 -50.85 10.31 0.13
N GLN B 1087 -51.35 9.22 0.67
CA GLN B 1087 -52.20 8.25 -0.02
C GLN B 1087 -53.46 7.98 0.79
N ILE B 1088 -54.60 7.92 0.12
CA ILE B 1088 -55.85 7.38 0.68
C ILE B 1088 -55.55 5.99 1.20
N ILE B 1089 -55.98 5.68 2.43
CA ILE B 1089 -55.63 4.45 3.12
C ILE B 1089 -56.53 3.30 2.64
N THR B 1090 -55.93 2.25 2.10
CA THR B 1090 -56.65 1.09 1.59
C THR B 1090 -56.02 -0.22 2.05
N THR B 1091 -56.74 -1.33 1.87
CA THR B 1091 -56.28 -2.69 2.10
C THR B 1091 -55.00 -3.07 1.34
N ASP B 1092 -54.57 -2.24 0.38
CA ASP B 1092 -53.36 -2.47 -0.40
C ASP B 1092 -52.14 -1.79 0.24
N ASN B 1093 -52.32 -0.66 0.92
CA ASN B 1093 -51.30 0.02 1.70
C ASN B 1093 -51.13 -0.58 3.10
N THR B 1094 -52.09 -1.34 3.62
CA THR B 1094 -52.16 -1.77 5.01
C THR B 1094 -52.58 -3.23 5.16
N PHE B 1095 -52.25 -3.85 6.29
CA PHE B 1095 -52.61 -5.24 6.60
C PHE B 1095 -53.35 -5.37 7.94
N VAL B 1096 -54.25 -6.33 8.09
CA VAL B 1096 -54.97 -6.49 9.34
C VAL B 1096 -54.36 -7.50 10.27
N SER B 1097 -54.23 -7.09 11.53
CA SER B 1097 -53.78 -8.01 12.56
C SER B 1097 -54.35 -7.65 13.91
N GLY B 1098 -55.10 -8.56 14.50
CA GLY B 1098 -55.69 -8.29 15.79
C GLY B 1098 -56.86 -7.33 15.66
N ASN B 1099 -57.16 -6.64 16.75
CA ASN B 1099 -58.33 -5.78 16.79
C ASN B 1099 -58.06 -4.52 17.61
N CYS B 1100 -59.03 -3.59 17.62
CA CYS B 1100 -58.94 -2.27 18.30
C CYS B 1100 -58.58 -2.30 19.78
N ASP B 1101 -58.91 -3.36 20.51
CA ASP B 1101 -58.77 -3.38 21.97
C ASP B 1101 -57.34 -3.62 22.42
N VAL B 1102 -56.42 -3.77 21.47
CA VAL B 1102 -55.04 -4.07 21.82
C VAL B 1102 -54.07 -2.91 21.63
N VAL B 1103 -54.10 -2.13 20.55
CA VAL B 1103 -52.98 -1.18 20.32
C VAL B 1103 -53.08 0.07 21.20
N ILE B 1104 -51.99 0.50 21.85
CA ILE B 1104 -51.95 1.77 22.61
C ILE B 1104 -51.86 2.95 21.65
N GLY B 1105 -52.80 3.89 21.74
CA GLY B 1105 -52.84 5.08 20.87
C GLY B 1105 -53.33 4.87 19.43
N ILE B 1106 -54.03 3.79 19.13
CA ILE B 1106 -54.75 3.59 17.87
C ILE B 1106 -55.87 4.62 17.65
N VAL B 1107 -56.25 4.90 16.41
CA VAL B 1107 -57.29 5.90 16.05
C VAL B 1107 -58.41 5.36 15.18
N ASN B 1108 -59.65 5.75 15.43
CA ASN B 1108 -60.85 5.21 14.77
C ASN B 1108 -61.15 5.92 13.44
N ASN B 1109 -60.31 5.72 12.43
CA ASN B 1109 -60.55 6.20 11.07
C ASN B 1109 -61.46 5.25 10.26
N THR B 1110 -61.44 5.29 8.93
CA THR B 1110 -61.98 4.25 8.03
C THR B 1110 -60.94 3.82 7.02
N VAL B 1111 -60.92 2.55 6.61
CA VAL B 1111 -59.98 2.02 5.58
C VAL B 1111 -60.72 1.53 4.34
N TYR B 1112 -60.37 2.06 3.18
CA TYR B 1112 -61.13 1.87 1.96
C TYR B 1112 -60.84 0.53 1.29
N ASP B 1113 -61.86 -0.05 0.64
CA ASP B 1113 -61.83 -1.35 -0.04
C ASP B 1113 -61.98 -1.18 -1.57
N PRO B 1114 -60.91 -1.39 -2.36
CA PRO B 1114 -60.96 -1.26 -3.81
C PRO B 1114 -61.93 -2.19 -4.56
N LEU B 1115 -62.44 -3.27 -3.96
CA LEU B 1115 -63.34 -4.22 -4.62
C LEU B 1115 -64.82 -3.81 -4.61
N GLN B 1116 -65.28 -3.14 -3.56
CA GLN B 1116 -66.68 -2.85 -3.32
C GLN B 1116 -67.40 -2.21 -4.51
N PRO B 1117 -66.95 -1.08 -5.08
CA PRO B 1117 -67.62 -0.39 -6.18
C PRO B 1117 -67.68 -1.22 -7.46
N GLU B 1118 -66.77 -2.17 -7.61
CA GLU B 1118 -66.68 -3.05 -8.79
C GLU B 1118 -67.76 -4.12 -8.75
N LEU B 1119 -68.17 -4.52 -7.55
CA LEU B 1119 -69.27 -5.44 -7.30
C LEU B 1119 -70.58 -4.69 -6.99
N ASP B 1120 -70.50 -3.44 -6.54
CA ASP B 1120 -71.66 -2.60 -6.24
C ASP B 1120 -72.35 -2.14 -7.54
N SER B 1121 -71.56 -1.76 -8.56
CA SER B 1121 -72.05 -1.31 -9.86
C SER B 1121 -72.31 -2.54 -10.75
N ALA C 1 19.26 -26.49 70.20
CA ALA C 1 17.91 -25.99 69.98
C ALA C 1 17.92 -24.93 68.88
N TYR C 2 16.83 -24.88 68.09
CA TYR C 2 16.63 -23.92 67.00
C TYR C 2 15.24 -23.34 67.07
N THR C 3 15.10 -22.12 66.56
CA THR C 3 13.77 -21.55 66.40
C THR C 3 13.58 -20.90 65.04
N ASN C 4 12.34 -20.45 64.81
CA ASN C 4 11.88 -19.81 63.60
C ASN C 4 12.09 -18.30 63.67
N SER C 5 12.90 -17.76 62.78
CA SER C 5 13.20 -16.33 62.76
C SER C 5 12.01 -15.50 62.28
N PHE C 6 11.04 -16.15 61.67
CA PHE C 6 9.88 -15.49 61.12
C PHE C 6 10.27 -14.35 60.19
N THR C 7 9.89 -13.13 60.55
CA THR C 7 10.13 -11.97 59.73
C THR C 7 11.09 -10.98 60.39
N ARG C 8 11.84 -11.46 61.37
CA ARG C 8 12.80 -10.63 62.10
C ARG C 8 14.09 -10.48 61.28
N GLY C 9 14.89 -9.47 61.61
CA GLY C 9 16.19 -9.31 60.95
C GLY C 9 16.20 -8.31 59.79
N VAL C 10 15.24 -7.39 59.80
CA VAL C 10 15.19 -6.33 58.80
C VAL C 10 15.59 -5.00 59.42
N TYR C 11 16.52 -4.33 58.78
CA TYR C 11 17.06 -3.07 59.25
C TYR C 11 17.05 -2.05 58.13
N TYR C 12 17.15 -0.78 58.49
CA TYR C 12 17.19 0.28 57.49
C TYR C 12 18.53 0.22 56.77
N PRO C 13 18.56 -0.05 55.45
CA PRO C 13 19.76 -0.28 54.67
C PRO C 13 20.67 0.94 54.54
N ASP C 14 20.11 2.14 54.70
CA ASP C 14 20.90 3.35 54.58
C ASP C 14 20.33 4.45 55.47
N LYS C 15 20.80 5.68 55.27
CA LYS C 15 20.42 6.80 56.11
C LYS C 15 19.55 7.80 55.35
N VAL C 16 18.83 7.32 54.35
CA VAL C 16 17.94 8.15 53.57
C VAL C 16 16.50 8.02 54.00
N PHE C 17 15.85 9.15 54.19
CA PHE C 17 14.44 9.15 54.54
C PHE C 17 13.60 8.86 53.32
N ARG C 18 12.70 7.91 53.48
CA ARG C 18 11.76 7.53 52.44
C ARG C 18 10.42 7.37 53.08
N SER C 19 9.36 7.62 52.34
CA SER C 19 8.03 7.41 52.89
C SER C 19 7.04 7.03 51.80
N SER C 20 6.00 6.31 52.19
CA SER C 20 4.93 5.93 51.27
C SER C 20 5.49 5.31 50.00
N VAL C 21 6.41 4.36 50.14
CA VAL C 21 7.07 3.78 48.99
C VAL C 21 7.52 2.36 49.23
N LEU C 22 7.51 1.56 48.17
CA LEU C 22 8.07 0.22 48.23
C LEU C 22 9.45 0.24 47.58
N HIS C 23 10.49 0.02 48.36
CA HIS C 23 11.85 0.14 47.87
C HIS C 23 12.58 -1.19 47.81
N SER C 24 13.16 -1.50 46.66
CA SER C 24 13.88 -2.75 46.48
C SER C 24 15.38 -2.56 46.70
N THR C 25 15.93 -3.33 47.63
CA THR C 25 17.34 -3.21 47.97
C THR C 25 18.00 -4.56 48.22
N GLN C 26 19.29 -4.66 47.90
CA GLN C 26 20.04 -5.87 48.18
C GLN C 26 21.08 -5.60 49.24
N ASP C 27 21.02 -6.35 50.33
CA ASP C 27 21.93 -6.18 51.45
C ASP C 27 21.97 -7.46 52.25
N LEU C 28 22.76 -7.48 53.30
CA LEU C 28 22.84 -8.67 54.14
C LEU C 28 21.75 -8.66 55.20
N PHE C 29 20.69 -9.41 54.94
CA PHE C 29 19.51 -9.47 55.79
C PHE C 29 19.32 -10.87 56.31
N LEU C 30 18.61 -11.04 57.41
CA LEU C 30 18.33 -12.39 57.86
C LEU C 30 17.20 -12.95 56.99
N PRO C 31 17.40 -14.06 56.26
CA PRO C 31 16.39 -14.64 55.40
C PRO C 31 15.15 -14.97 56.19
N PHE C 32 13.99 -14.72 55.60
CA PHE C 32 12.75 -14.98 56.30
C PHE C 32 12.52 -16.45 56.54
N PHE C 33 11.99 -16.73 57.72
CA PHE C 33 11.66 -18.06 58.21
C PHE C 33 12.85 -19.00 58.29
N SER C 34 14.06 -18.44 58.31
CA SER C 34 15.26 -19.25 58.48
C SER C 34 15.42 -19.71 59.92
N ASN C 35 16.32 -20.69 60.14
CA ASN C 35 16.67 -21.25 61.43
C ASN C 35 17.74 -20.41 62.13
N VAL C 36 17.50 -20.04 63.38
CA VAL C 36 18.47 -19.33 64.22
C VAL C 36 18.73 -20.19 65.44
N THR C 37 19.98 -20.29 65.84
CA THR C 37 20.32 -21.16 66.94
C THR C 37 19.87 -20.54 68.24
N TRP C 38 19.20 -21.34 69.06
CA TRP C 38 18.64 -20.90 70.32
C TRP C 38 19.46 -21.35 71.52
N PHE C 39 20.00 -20.38 72.26
CA PHE C 39 20.86 -20.64 73.42
C PHE C 39 20.12 -20.30 74.70
N HIS C 40 20.49 -20.93 75.81
CA HIS C 40 19.76 -20.73 77.08
C HIS C 40 20.65 -20.23 78.23
N ALA C 41 20.05 -19.55 79.19
CA ALA C 41 20.81 -19.08 80.35
C ALA C 41 20.09 -19.41 81.65
N ILE C 42 19.84 -20.70 81.87
CA ILE C 42 19.14 -21.18 83.05
C ILE C 42 19.92 -22.32 83.70
N HIS C 43 19.65 -22.59 85.00
CA HIS C 43 20.24 -23.68 85.79
C HIS C 43 21.77 -23.74 85.67
N ASP C 54 25.65 -20.68 78.89
CA ASP C 54 25.63 -21.08 77.48
C ASP C 54 26.15 -19.90 76.65
N ASN C 55 27.48 -19.72 76.65
CA ASN C 55 28.19 -18.65 75.97
C ASN C 55 29.35 -19.18 75.12
N PRO C 56 29.10 -20.07 74.15
CA PRO C 56 30.06 -20.69 73.27
C PRO C 56 30.56 -19.69 72.26
N VAL C 57 31.62 -20.03 71.57
CA VAL C 57 32.08 -19.20 70.48
C VAL C 57 31.38 -19.62 69.20
N LEU C 58 30.76 -18.66 68.53
CA LEU C 58 30.03 -18.94 67.30
C LEU C 58 30.79 -18.35 66.12
N PRO C 59 30.66 -18.90 64.92
CA PRO C 59 31.13 -18.32 63.68
C PRO C 59 30.43 -17.00 63.45
N PHE C 60 31.12 -16.07 62.80
CA PHE C 60 30.52 -14.79 62.44
C PHE C 60 30.02 -14.84 60.99
N ASN C 61 30.67 -15.67 60.18
CA ASN C 61 30.37 -15.79 58.76
C ASN C 61 30.42 -14.45 58.06
N ASP C 62 29.34 -14.06 57.39
CA ASP C 62 29.32 -12.82 56.64
C ASP C 62 28.52 -11.74 57.36
N GLY C 63 28.20 -11.99 58.61
CA GLY C 63 27.38 -11.06 59.38
C GLY C 63 26.44 -11.82 60.26
N VAL C 64 26.12 -11.23 61.40
CA VAL C 64 25.30 -11.89 62.38
C VAL C 64 24.08 -11.15 62.85
N TYR C 65 22.98 -11.86 62.88
CA TYR C 65 21.79 -11.35 63.51
C TYR C 65 21.79 -11.84 64.94
N PHE C 66 21.56 -10.96 65.87
CA PHE C 66 21.56 -11.39 67.25
C PHE C 66 20.30 -10.90 67.92
N ALA C 67 19.72 -11.72 68.77
CA ALA C 67 18.57 -11.25 69.51
C ALA C 67 18.56 -11.85 70.87
N SER C 68 18.01 -11.13 71.82
CA SER C 68 17.91 -11.71 73.14
C SER C 68 16.67 -11.29 73.89
N THR C 69 16.27 -12.13 74.82
CA THR C 69 15.12 -11.83 75.65
C THR C 69 15.57 -11.69 77.08
N GLU C 70 15.09 -10.63 77.73
CA GLU C 70 15.50 -10.28 79.08
C GLU C 70 14.37 -10.03 80.06
N LYS C 71 14.71 -10.22 81.33
CA LYS C 71 13.84 -9.89 82.44
C LYS C 71 14.68 -9.25 83.54
N SER C 72 15.99 -9.45 83.45
CA SER C 72 16.92 -8.97 84.47
C SER C 72 18.26 -8.47 83.93
N ASN C 73 18.33 -8.18 82.64
CA ASN C 73 19.55 -7.67 82.01
C ASN C 73 20.78 -8.55 82.23
N ILE C 74 20.64 -9.85 81.95
CA ILE C 74 21.73 -10.81 82.09
C ILE C 74 22.76 -10.67 80.98
N ILE C 75 22.32 -10.47 79.76
CA ILE C 75 23.28 -10.35 78.67
C ILE C 75 23.79 -8.94 78.65
N ARG C 76 25.09 -8.79 78.83
CA ARG C 76 25.64 -7.45 78.92
C ARG C 76 26.72 -7.16 77.90
N GLY C 77 27.09 -8.13 77.08
CA GLY C 77 28.13 -7.78 76.13
C GLY C 77 28.47 -8.80 75.06
N TRP C 78 29.41 -8.41 74.21
CA TRP C 78 29.87 -9.19 73.08
C TRP C 78 31.38 -9.10 72.86
N ILE C 79 31.96 -10.17 72.32
CA ILE C 79 33.37 -10.20 71.92
C ILE C 79 33.50 -10.58 70.46
N PHE C 80 34.22 -9.80 69.66
CA PHE C 80 34.39 -10.18 68.25
C PHE C 80 35.85 -10.23 67.83
N GLY C 81 36.24 -11.27 67.11
CA GLY C 81 37.63 -11.41 66.66
C GLY C 81 37.87 -12.75 65.98
N THR C 82 39.11 -13.22 65.99
CA THR C 82 39.41 -14.52 65.38
C THR C 82 39.80 -15.56 66.42
N THR C 83 40.61 -15.15 67.39
CA THR C 83 41.07 -16.06 68.44
C THR C 83 40.60 -15.67 69.84
N LEU C 84 40.23 -14.39 70.03
CA LEU C 84 39.71 -13.90 71.31
C LEU C 84 40.59 -14.26 72.53
N ASP C 85 41.90 -14.17 72.38
CA ASP C 85 42.83 -14.60 73.43
C ASP C 85 44.05 -13.71 73.65
N SER C 86 43.93 -12.41 73.38
CA SER C 86 45.02 -11.43 73.50
C SER C 86 46.06 -11.54 72.39
N LYS C 87 45.85 -12.43 71.42
CA LYS C 87 46.80 -12.54 70.32
C LYS C 87 46.43 -11.62 69.16
N THR C 88 45.17 -11.20 69.11
CA THR C 88 44.69 -10.30 68.06
C THR C 88 43.80 -9.25 68.67
N GLN C 89 43.41 -8.26 67.87
CA GLN C 89 42.52 -7.22 68.38
C GLN C 89 41.11 -7.78 68.41
N SER C 90 40.40 -7.49 69.49
CA SER C 90 39.05 -8.01 69.61
C SER C 90 38.09 -6.98 70.17
N LEU C 91 37.02 -6.74 69.43
CA LEU C 91 36.03 -5.76 69.83
C LEU C 91 35.27 -6.22 71.05
N LEU C 92 35.19 -5.39 72.05
CA LEU C 92 34.48 -5.69 73.27
C LEU C 92 33.42 -4.65 73.59
N ILE C 93 32.20 -5.10 73.72
CA ILE C 93 31.11 -4.20 74.07
C ILE C 93 30.49 -4.65 75.38
N VAL C 94 30.47 -3.77 76.39
CA VAL C 94 29.88 -4.10 77.68
C VAL C 94 28.93 -3.04 78.20
N ASN C 95 27.77 -3.44 78.67
CA ASN C 95 26.83 -2.49 79.26
C ASN C 95 26.60 -2.79 80.73
N ASN C 96 27.27 -2.05 81.65
CA ASN C 96 27.20 -2.29 83.08
C ASN C 96 26.45 -1.15 83.80
N ALA C 97 25.23 -1.46 84.29
CA ALA C 97 24.29 -0.49 84.89
C ALA C 97 23.84 0.53 83.84
N THR C 98 24.38 1.73 83.89
CA THR C 98 24.00 2.78 82.95
C THR C 98 25.13 3.20 82.03
N ASN C 99 26.25 2.46 82.01
CA ASN C 99 27.38 2.87 81.18
C ASN C 99 27.80 1.88 80.11
N VAL C 100 27.56 2.26 78.86
CA VAL C 100 27.99 1.46 77.73
C VAL C 100 29.46 1.70 77.44
N VAL C 101 30.22 0.62 77.39
CA VAL C 101 31.65 0.69 77.18
C VAL C 101 32.08 -0.07 75.93
N ILE C 102 32.80 0.59 75.04
CA ILE C 102 33.30 -0.07 73.84
C ILE C 102 34.82 0.04 73.74
N LYS C 103 35.48 -1.09 73.57
CA LYS C 103 36.94 -1.11 73.45
C LYS C 103 37.39 -2.07 72.35
N VAL C 104 38.53 -1.82 71.72
CA VAL C 104 39.04 -2.77 70.72
C VAL C 104 40.46 -3.26 70.97
N CYS C 105 40.81 -3.44 72.24
CA CYS C 105 42.14 -3.82 72.71
C CYS C 105 42.42 -5.31 72.44
N GLU C 106 43.71 -5.69 72.55
CA GLU C 106 44.12 -7.09 72.46
C GLU C 106 43.93 -7.69 73.85
N PHE C 107 42.67 -7.86 74.19
CA PHE C 107 42.25 -8.24 75.53
C PHE C 107 42.60 -9.65 75.88
N GLN C 108 42.99 -9.86 77.12
CA GLN C 108 43.16 -11.19 77.61
C GLN C 108 41.87 -11.64 78.23
N PHE C 109 41.18 -12.50 77.52
CA PHE C 109 39.90 -13.00 77.96
C PHE C 109 40.12 -14.27 78.74
N CYS C 110 39.18 -14.55 79.62
CA CYS C 110 39.22 -15.75 80.44
C CYS C 110 39.02 -16.99 79.59
N ASN C 111 39.33 -18.15 80.16
CA ASN C 111 39.10 -19.41 79.46
C ASN C 111 37.61 -19.53 79.13
N ASP C 112 36.79 -19.00 80.03
CA ASP C 112 35.35 -18.95 79.88
C ASP C 112 34.88 -17.60 80.40
N PRO C 113 34.84 -16.56 79.55
CA PRO C 113 34.51 -15.18 79.88
C PRO C 113 33.11 -15.03 80.43
N PHE C 114 33.00 -14.27 81.50
CA PHE C 114 31.70 -13.94 82.09
C PHE C 114 31.88 -12.74 82.98
N LEU C 115 30.76 -12.14 83.34
CA LEU C 115 30.78 -11.04 84.29
C LEU C 115 30.02 -11.46 85.53
N GLY C 116 30.58 -11.23 86.71
CA GLY C 116 29.84 -11.59 87.91
C GLY C 116 28.94 -10.43 88.32
N VAL C 117 27.89 -10.74 89.09
CA VAL C 117 26.99 -9.74 89.67
C VAL C 117 27.51 -9.36 91.06
N ASN C 139 47.95 -2.29 73.20
CA ASN C 139 47.78 -2.09 71.75
C ASN C 139 46.31 -1.83 71.41
N CYS C 140 45.70 -0.85 72.12
CA CYS C 140 44.31 -0.42 71.92
C CYS C 140 44.25 0.67 70.84
N THR C 141 43.23 0.60 69.95
CA THR C 141 43.04 1.59 68.88
C THR C 141 41.74 2.37 69.04
N PHE C 142 40.94 2.04 70.06
CA PHE C 142 39.66 2.71 70.27
C PHE C 142 39.08 2.46 71.65
N GLU C 143 38.50 3.51 72.24
CA GLU C 143 37.75 3.41 73.47
C GLU C 143 36.61 4.43 73.51
N TYR C 144 35.46 3.98 73.98
CA TYR C 144 34.30 4.86 74.20
C TYR C 144 33.52 4.48 75.45
N VAL C 145 33.12 5.48 76.22
CA VAL C 145 32.25 5.22 77.37
C VAL C 145 31.07 6.20 77.40
N SER C 146 29.83 5.68 77.56
CA SER C 146 28.63 6.48 77.71
C SER C 146 28.53 6.97 79.16
N PHE C 160 9.61 -13.26 79.42
CA PHE C 160 10.53 -12.14 79.41
C PHE C 160 9.76 -10.85 79.11
N LYS C 161 10.36 -9.70 79.49
CA LYS C 161 9.75 -8.36 79.37
C LYS C 161 10.39 -7.49 78.29
N ASN C 162 11.64 -7.78 77.94
CA ASN C 162 12.36 -6.93 76.99
C ASN C 162 13.08 -7.70 75.89
N LEU C 163 12.76 -7.37 74.64
CA LEU C 163 13.43 -7.96 73.49
C LEU C 163 14.41 -6.97 72.89
N ARG C 164 15.66 -7.38 72.77
CA ARG C 164 16.69 -6.52 72.24
C ARG C 164 17.34 -7.14 71.03
N GLU C 165 17.02 -6.62 69.86
CA GLU C 165 17.51 -7.19 68.61
C GLU C 165 18.67 -6.36 68.09
N PHE C 166 19.66 -7.04 67.53
CA PHE C 166 20.85 -6.40 67.00
C PHE C 166 21.26 -6.96 65.66
N VAL C 167 21.93 -6.16 64.87
CA VAL C 167 22.59 -6.66 63.67
C VAL C 167 24.03 -6.23 63.68
N PHE C 168 24.93 -7.18 63.48
CA PHE C 168 26.35 -6.89 63.47
C PHE C 168 26.96 -7.32 62.15
N LYS C 169 27.48 -6.38 61.37
CA LYS C 169 28.11 -6.78 60.11
C LYS C 169 29.40 -6.02 59.83
N ASN C 170 30.30 -6.65 59.08
CA ASN C 170 31.58 -6.03 58.75
C ASN C 170 31.81 -5.81 57.28
N ILE C 171 31.82 -4.55 56.86
CA ILE C 171 32.04 -4.20 55.47
C ILE C 171 33.27 -3.34 55.33
N ASP C 172 34.29 -3.87 54.65
CA ASP C 172 35.53 -3.15 54.41
C ASP C 172 36.16 -2.57 55.68
N GLY C 173 36.11 -3.32 56.77
CA GLY C 173 36.73 -2.89 58.03
C GLY C 173 35.78 -2.11 58.94
N TYR C 174 34.57 -1.84 58.49
CA TYR C 174 33.62 -1.09 59.30
C TYR C 174 32.61 -2.00 59.98
N PHE C 175 32.57 -1.93 61.30
CA PHE C 175 31.67 -2.74 62.11
C PHE C 175 30.39 -1.98 62.35
N LYS C 176 29.34 -2.39 61.65
CA LYS C 176 28.09 -1.66 61.66
C LYS C 176 27.08 -2.30 62.60
N ILE C 177 26.54 -1.50 63.51
CA ILE C 177 25.61 -1.98 64.51
C ILE C 177 24.23 -1.36 64.37
N TYR C 178 23.23 -2.21 64.25
CA TYR C 178 21.83 -1.80 64.20
C TYR C 178 21.15 -2.40 65.38
N SER C 179 20.12 -1.78 65.91
CA SER C 179 19.41 -2.41 67.01
C SER C 179 18.03 -1.87 67.24
N LYS C 180 17.23 -2.64 67.95
CA LYS C 180 15.90 -2.20 68.35
C LYS C 180 15.48 -2.80 69.67
N HIS C 181 15.00 -1.97 70.58
CA HIS C 181 14.50 -2.46 71.85
C HIS C 181 12.98 -2.34 71.86
N THR C 182 12.31 -3.40 72.28
CA THR C 182 10.86 -3.38 72.35
C THR C 182 10.37 -4.20 73.54
N PRO C 183 9.29 -3.79 74.22
CA PRO C 183 8.65 -4.53 75.28
C PRO C 183 7.99 -5.78 74.73
N ILE C 184 8.08 -6.86 75.49
CA ILE C 184 7.45 -8.12 75.14
C ILE C 184 6.75 -8.76 76.33
N ASN C 185 5.90 -9.75 76.05
CA ASN C 185 5.28 -10.55 77.10
C ASN C 185 5.30 -12.02 76.68
N LEU C 186 6.49 -12.61 76.72
CA LEU C 186 6.68 -13.98 76.23
C LEU C 186 7.98 -14.57 76.75
N VAL C 187 7.91 -15.75 77.34
CA VAL C 187 9.12 -16.36 77.89
C VAL C 187 9.71 -17.46 77.01
N ARG C 188 8.86 -18.23 76.36
CA ARG C 188 9.30 -19.42 75.66
C ARG C 188 10.22 -19.20 74.47
N ASP C 189 9.94 -18.21 73.64
CA ASP C 189 10.66 -18.08 72.37
C ASP C 189 10.61 -16.65 71.82
N LEU C 190 11.22 -16.42 70.66
CA LEU C 190 11.12 -15.12 70.00
C LEU C 190 9.67 -14.83 69.64
N PRO C 191 9.14 -13.64 69.95
CA PRO C 191 7.84 -13.20 69.53
C PRO C 191 7.78 -13.10 68.02
N GLN C 192 6.63 -13.42 67.46
CA GLN C 192 6.40 -13.28 66.03
C GLN C 192 5.88 -11.89 65.74
N GLY C 193 6.39 -11.29 64.67
CA GLY C 193 5.95 -9.95 64.29
C GLY C 193 7.03 -9.26 63.49
N PHE C 194 6.82 -8.00 63.17
CA PHE C 194 7.79 -7.27 62.38
C PHE C 194 8.17 -5.96 63.02
N SER C 195 9.46 -5.69 63.06
CA SER C 195 9.98 -4.43 63.57
C SER C 195 11.33 -4.17 62.91
N ALA C 196 11.50 -3.00 62.32
CA ALA C 196 12.76 -2.69 61.65
C ALA C 196 13.77 -2.08 62.62
N LEU C 197 15.03 -2.40 62.40
CA LEU C 197 16.13 -1.92 63.24
C LEU C 197 16.89 -0.75 62.64
N GLU C 198 16.99 0.36 63.38
CA GLU C 198 17.78 1.50 62.95
C GLU C 198 19.25 1.29 63.28
N PRO C 199 20.18 1.88 62.52
CA PRO C 199 21.60 1.93 62.79
C PRO C 199 21.88 2.83 63.97
N LEU C 200 22.87 2.47 64.78
CA LEU C 200 23.29 3.33 65.86
C LEU C 200 24.77 3.66 65.81
N VAL C 201 25.58 2.65 65.50
CA VAL C 201 27.03 2.80 65.60
C VAL C 201 27.75 2.25 64.37
N ASP C 202 28.85 2.89 64.01
CA ASP C 202 29.69 2.40 62.93
C ASP C 202 31.16 2.58 63.32
N LEU C 203 31.82 1.49 63.69
CA LEU C 203 33.18 1.55 64.21
C LEU C 203 34.24 1.14 63.17
N PRO C 204 35.15 2.02 62.77
CA PRO C 204 36.19 1.80 61.79
C PRO C 204 37.35 1.07 62.43
N ILE C 205 37.07 -0.16 62.86
CA ILE C 205 38.03 -0.93 63.63
C ILE C 205 39.08 -1.63 62.76
N GLY C 206 38.71 -2.05 61.55
CA GLY C 206 39.68 -2.67 60.67
C GLY C 206 40.09 -4.06 61.16
N ILE C 207 39.20 -4.70 61.91
CA ILE C 207 39.48 -6.00 62.48
C ILE C 207 38.84 -7.11 61.66
N ASN C 208 39.62 -8.15 61.38
CA ASN C 208 39.14 -9.35 60.67
C ASN C 208 38.41 -10.25 61.67
N ILE C 209 37.08 -10.27 61.60
CA ILE C 209 36.21 -10.99 62.52
C ILE C 209 35.63 -12.23 61.88
N THR C 210 35.90 -13.38 62.50
CA THR C 210 35.46 -14.65 61.98
C THR C 210 34.65 -15.40 63.02
N ARG C 211 34.82 -15.01 64.28
CA ARG C 211 34.16 -15.64 65.41
C ARG C 211 33.70 -14.60 66.42
N PHE C 212 32.69 -14.94 67.21
CA PHE C 212 32.29 -14.05 68.28
C PHE C 212 31.75 -14.82 69.48
N GLN C 213 31.68 -14.15 70.61
CA GLN C 213 31.18 -14.77 71.84
C GLN C 213 30.35 -13.77 72.64
N THR C 214 29.39 -14.24 73.42
CA THR C 214 28.63 -13.29 74.24
C THR C 214 29.14 -13.26 75.67
N LEU C 215 28.66 -12.28 76.43
CA LEU C 215 28.99 -12.10 77.85
C LEU C 215 27.75 -12.03 78.73
N LEU C 216 27.68 -12.97 79.67
CA LEU C 216 26.54 -13.09 80.58
C LEU C 216 26.88 -12.67 82.01
N ALA C 217 25.92 -12.06 82.70
CA ALA C 217 26.02 -11.67 84.10
C ALA C 217 25.53 -12.78 85.02
N LEU C 218 26.43 -13.32 85.82
CA LEU C 218 26.08 -14.47 86.66
C LEU C 218 26.00 -14.11 88.15
N HIS C 219 24.96 -14.61 88.82
CA HIS C 219 24.75 -14.39 90.26
C HIS C 219 25.61 -15.38 91.07
N ALA C 237 17.74 -15.90 80.46
CA ALA C 237 18.01 -14.95 79.40
C ALA C 237 18.59 -15.66 78.18
N ALA C 238 17.68 -16.22 77.37
CA ALA C 238 17.99 -16.90 76.12
C ALA C 238 18.40 -15.89 75.05
N TYR C 239 19.17 -16.35 74.09
CA TYR C 239 19.54 -15.51 72.98
C TYR C 239 19.62 -16.31 71.71
N TYR C 240 19.56 -15.64 70.59
CA TYR C 240 19.50 -16.29 69.32
C TYR C 240 20.57 -15.77 68.38
N VAL C 241 21.15 -16.66 67.60
CA VAL C 241 22.13 -16.26 66.61
C VAL C 241 21.74 -16.72 65.22
N GLY C 242 21.60 -15.77 64.31
CA GLY C 242 21.28 -16.08 62.93
C GLY C 242 22.37 -15.55 62.04
N TYR C 243 22.28 -15.83 60.76
CA TYR C 243 23.29 -15.31 59.86
C TYR C 243 22.68 -14.61 58.68
N LEU C 244 23.35 -13.57 58.24
CA LEU C 244 22.84 -12.74 57.17
C LEU C 244 23.28 -13.23 55.81
N GLN C 245 22.44 -12.99 54.81
CA GLN C 245 22.73 -13.36 53.43
C GLN C 245 22.41 -12.20 52.51
N PRO C 246 23.06 -12.08 51.35
CA PRO C 246 22.86 -11.04 50.35
C PRO C 246 21.57 -11.23 49.56
N ARG C 247 20.46 -11.18 50.28
CA ARG C 247 19.14 -11.32 49.72
C ARG C 247 18.60 -9.99 49.27
N THR C 248 17.69 -10.03 48.31
CA THR C 248 17.00 -8.83 47.91
C THR C 248 15.68 -8.75 48.65
N PHE C 249 15.43 -7.60 49.24
CA PHE C 249 14.19 -7.36 49.94
C PHE C 249 13.41 -6.20 49.37
N LEU C 250 12.09 -6.35 49.38
CA LEU C 250 11.22 -5.25 49.05
C LEU C 250 10.73 -4.67 50.36
N LEU C 251 11.11 -3.44 50.66
CA LEU C 251 10.78 -2.84 51.95
C LEU C 251 9.65 -1.84 51.83
N LYS C 252 8.65 -1.99 52.69
CA LYS C 252 7.50 -1.11 52.67
C LYS C 252 7.59 -0.02 53.72
N TYR C 253 7.71 1.22 53.26
CA TYR C 253 7.78 2.39 54.13
C TYR C 253 6.40 3.03 54.21
N ASN C 254 5.93 3.28 55.42
CA ASN C 254 4.61 3.89 55.61
C ASN C 254 4.73 5.41 55.51
N GLU C 255 3.65 6.10 55.82
CA GLU C 255 3.59 7.56 55.71
C GLU C 255 4.58 8.33 56.61
N ASN C 256 5.08 7.68 57.69
CA ASN C 256 6.02 8.29 58.63
C ASN C 256 7.48 7.87 58.34
N GLY C 257 7.70 7.13 57.24
CA GLY C 257 9.01 6.64 56.83
C GLY C 257 9.46 5.44 57.65
N THR C 258 8.52 4.73 58.25
CA THR C 258 8.83 3.57 59.05
C THR C 258 8.66 2.33 58.22
N ILE C 259 9.62 1.42 58.26
CA ILE C 259 9.44 0.20 57.52
C ILE C 259 8.46 -0.63 58.32
N THR C 260 7.34 -0.98 57.72
CA THR C 260 6.31 -1.71 58.43
C THR C 260 6.19 -3.13 57.95
N ASP C 261 6.70 -3.40 56.76
CA ASP C 261 6.68 -4.77 56.26
C ASP C 261 7.84 -5.02 55.30
N ALA C 262 7.99 -6.25 54.84
CA ALA C 262 9.05 -6.57 53.90
C ALA C 262 8.80 -7.90 53.19
N VAL C 263 9.34 -8.03 51.98
CA VAL C 263 9.29 -9.30 51.25
C VAL C 263 10.67 -9.83 50.96
N ASP C 264 10.92 -11.06 51.38
CA ASP C 264 12.16 -11.75 51.06
C ASP C 264 12.00 -12.39 49.69
N CYS C 265 12.64 -11.83 48.67
CA CYS C 265 12.42 -12.16 47.27
C CYS C 265 12.81 -13.61 46.90
N ALA C 266 13.53 -14.34 47.79
CA ALA C 266 13.93 -15.73 47.52
C ALA C 266 13.29 -16.71 48.50
N LEU C 267 12.28 -16.25 49.23
CA LEU C 267 11.59 -17.10 50.19
C LEU C 267 10.75 -18.20 49.55
N ASP C 268 10.07 -17.86 48.47
CA ASP C 268 9.15 -18.76 47.78
C ASP C 268 8.65 -18.06 46.50
N PRO C 269 8.04 -18.79 45.55
CA PRO C 269 7.51 -18.27 44.30
C PRO C 269 6.54 -17.11 44.45
N LEU C 270 5.76 -17.10 45.53
CA LEU C 270 4.83 -15.98 45.70
C LEU C 270 5.59 -14.71 46.02
N SER C 271 6.61 -14.82 46.85
CA SER C 271 7.42 -13.67 47.22
C SER C 271 8.18 -13.17 46.00
N GLU C 272 8.62 -14.09 45.14
CA GLU C 272 9.32 -13.70 43.92
C GLU C 272 8.38 -12.87 43.05
N THR C 273 7.11 -13.28 43.00
CA THR C 273 6.10 -12.56 42.24
C THR C 273 5.87 -11.17 42.81
N LYS C 274 5.74 -11.08 44.14
CA LYS C 274 5.55 -9.79 44.79
C LYS C 274 6.69 -8.81 44.51
N CYS C 275 7.95 -9.29 44.56
CA CYS C 275 9.12 -8.47 44.26
C CYS C 275 9.16 -8.02 42.79
N THR C 276 8.80 -8.93 41.86
CA THR C 276 8.76 -8.67 40.41
C THR C 276 7.79 -7.55 40.07
N LEU C 277 6.64 -7.57 40.71
CA LEU C 277 5.59 -6.60 40.47
C LEU C 277 5.71 -5.38 41.37
N LYS C 278 6.73 -5.36 42.24
CA LYS C 278 6.92 -4.27 43.18
C LYS C 278 5.66 -3.98 43.97
N SER C 279 5.04 -5.02 44.51
CA SER C 279 3.84 -4.84 45.30
C SER C 279 3.66 -5.95 46.32
N PHE C 280 2.96 -5.66 47.40
CA PHE C 280 2.70 -6.67 48.42
C PHE C 280 1.39 -7.38 48.16
N THR C 281 0.72 -6.98 47.08
CA THR C 281 -0.52 -7.58 46.66
C THR C 281 -0.36 -8.10 45.24
N VAL C 282 -0.78 -9.33 44.98
CA VAL C 282 -0.69 -9.88 43.65
C VAL C 282 -2.06 -10.21 43.11
N GLU C 283 -2.38 -9.61 41.98
CA GLU C 283 -3.66 -9.84 41.33
C GLU C 283 -3.70 -11.23 40.75
N LYS C 284 -4.89 -11.73 40.59
CA LYS C 284 -5.12 -13.02 40.03
C LYS C 284 -4.56 -13.13 38.61
N GLY C 285 -3.80 -14.18 38.34
CA GLY C 285 -3.22 -14.35 37.01
C GLY C 285 -1.93 -15.14 37.02
N ILE C 286 -1.25 -15.17 35.87
CA ILE C 286 0.00 -15.87 35.73
C ILE C 286 1.08 -14.84 35.43
N TYR C 287 2.16 -14.89 36.19
CA TYR C 287 3.23 -13.92 36.02
C TYR C 287 4.54 -14.59 35.74
N GLN C 288 5.36 -13.97 34.90
CA GLN C 288 6.71 -14.48 34.67
C GLN C 288 7.64 -13.76 35.61
N THR C 289 8.26 -14.49 36.53
CA THR C 289 9.01 -13.85 37.59
C THR C 289 10.50 -14.11 37.55
N SER C 290 10.91 -15.21 36.96
CA SER C 290 12.32 -15.53 37.01
C SER C 290 12.72 -16.47 35.89
N ASN C 291 13.92 -17.02 36.03
CA ASN C 291 14.47 -17.94 35.06
C ASN C 291 15.16 -19.08 35.77
N PHE C 292 14.78 -20.28 35.40
CA PHE C 292 15.36 -21.50 35.93
C PHE C 292 16.62 -21.78 35.19
N ARG C 293 17.69 -22.07 35.92
CA ARG C 293 18.93 -22.46 35.30
C ARG C 293 19.61 -23.53 36.11
N VAL C 294 19.93 -24.63 35.46
CA VAL C 294 20.66 -25.70 36.10
C VAL C 294 22.10 -25.28 36.28
N GLN C 295 22.61 -25.48 37.48
CA GLN C 295 23.96 -25.07 37.78
C GLN C 295 24.92 -26.24 37.56
N PRO C 296 26.19 -25.97 37.22
CA PRO C 296 27.25 -26.92 37.09
C PRO C 296 27.63 -27.46 38.45
N THR C 297 28.13 -28.69 38.48
CA THR C 297 28.52 -29.29 39.74
C THR C 297 30.02 -29.21 40.00
N GLU C 298 30.80 -29.31 38.93
CA GLU C 298 32.26 -29.32 39.02
C GLU C 298 32.84 -28.73 37.76
N SER C 299 34.10 -28.29 37.85
CA SER C 299 34.75 -27.77 36.65
C SER C 299 35.58 -28.84 35.95
N ILE C 300 35.73 -28.67 34.65
CA ILE C 300 36.53 -29.56 33.81
C ILE C 300 37.63 -28.76 33.13
N VAL C 301 38.87 -29.08 33.41
CA VAL C 301 39.97 -28.35 32.80
C VAL C 301 40.81 -29.23 31.89
N ARG C 302 40.89 -28.88 30.62
CA ARG C 302 41.63 -29.69 29.68
C ARG C 302 42.70 -28.90 28.92
N PHE C 303 43.91 -29.45 28.93
CA PHE C 303 45.05 -28.93 28.18
C PHE C 303 45.85 -30.12 27.66
N PRO C 304 46.61 -29.99 26.56
CA PRO C 304 47.47 -31.05 26.05
C PRO C 304 48.39 -31.48 27.18
N ASN C 305 48.61 -32.81 27.36
CA ASN C 305 49.40 -33.28 28.49
C ASN C 305 50.92 -33.27 28.18
N ILE C 306 51.43 -32.02 28.02
CA ILE C 306 52.83 -31.73 27.69
C ILE C 306 53.57 -31.20 28.92
N THR C 307 54.78 -31.71 29.14
CA THR C 307 55.58 -31.32 30.30
C THR C 307 56.84 -30.51 29.97
N ASN C 308 57.05 -30.20 28.70
CA ASN C 308 58.22 -29.42 28.30
C ASN C 308 58.04 -28.01 28.80
N LEU C 309 59.12 -27.36 29.25
CA LEU C 309 58.99 -25.97 29.68
C LEU C 309 59.48 -25.05 28.58
N CYS C 310 58.82 -23.87 28.45
CA CYS C 310 59.17 -22.90 27.39
C CYS C 310 60.49 -22.18 27.73
N PRO C 311 61.42 -22.04 26.71
CA PRO C 311 62.77 -21.49 26.85
C PRO C 311 62.78 -19.96 26.93
N PHE C 312 62.17 -19.42 27.97
CA PHE C 312 62.19 -17.98 28.15
C PHE C 312 63.56 -17.53 28.62
N GLY C 313 64.25 -18.38 29.36
CA GLY C 313 65.57 -18.03 29.86
C GLY C 313 66.53 -17.76 28.71
N GLU C 314 66.33 -18.46 27.60
CA GLU C 314 67.18 -18.34 26.43
C GLU C 314 66.94 -17.03 25.66
N VAL C 315 65.89 -16.32 26.05
CA VAL C 315 65.55 -15.06 25.43
C VAL C 315 65.94 -13.90 26.35
N PHE C 316 65.52 -14.01 27.60
CA PHE C 316 65.72 -12.95 28.59
C PHE C 316 67.14 -12.86 29.18
N ASN C 317 67.81 -14.02 29.31
CA ASN C 317 69.17 -14.13 29.87
C ASN C 317 70.20 -14.42 28.77
N ALA C 318 69.93 -14.04 27.52
CA ALA C 318 70.81 -14.23 26.36
C ALA C 318 72.12 -13.48 26.53
N THR C 319 73.20 -14.06 26.01
CA THR C 319 74.49 -13.41 26.13
C THR C 319 74.47 -12.06 25.43
N ARG C 320 73.90 -12.01 24.23
CA ARG C 320 73.82 -10.76 23.48
C ARG C 320 72.47 -10.60 22.79
N PHE C 321 71.92 -9.39 22.89
CA PHE C 321 70.74 -9.02 22.15
C PHE C 321 71.11 -8.47 20.78
N ALA C 322 70.22 -8.66 19.82
CA ALA C 322 70.36 -8.13 18.48
C ALA C 322 70.08 -6.63 18.43
N SER C 323 70.56 -6.00 17.37
CA SER C 323 70.26 -4.59 17.12
C SER C 323 68.83 -4.42 16.67
N VAL C 324 68.27 -3.24 16.89
CA VAL C 324 66.89 -2.97 16.51
C VAL C 324 66.67 -2.93 15.00
N TYR C 325 67.69 -2.60 14.21
CA TYR C 325 67.53 -2.65 12.77
C TYR C 325 67.40 -4.08 12.27
N ALA C 326 67.88 -5.04 13.07
CA ALA C 326 67.90 -6.44 12.71
C ALA C 326 67.48 -7.27 13.90
N TRP C 327 66.26 -7.05 14.36
CA TRP C 327 65.78 -7.67 15.58
C TRP C 327 65.51 -9.15 15.37
N ASN C 328 65.69 -9.94 16.43
CA ASN C 328 65.47 -11.38 16.32
C ASN C 328 64.03 -11.71 16.62
N ARG C 329 63.53 -12.79 16.02
CA ARG C 329 62.19 -13.27 16.30
C ARG C 329 62.20 -14.76 16.62
N LYS C 330 62.15 -15.09 17.90
CA LYS C 330 62.21 -16.48 18.29
C LYS C 330 60.84 -17.09 18.46
N ARG C 331 60.65 -18.28 17.90
CA ARG C 331 59.38 -18.97 18.05
C ARG C 331 59.35 -19.85 19.29
N ILE C 332 58.30 -19.67 20.08
CA ILE C 332 58.05 -20.47 21.26
C ILE C 332 56.86 -21.37 21.01
N SER C 333 57.08 -22.68 21.09
CA SER C 333 56.03 -23.64 20.79
C SER C 333 56.25 -24.98 21.49
N ASN C 334 55.19 -25.79 21.53
CA ASN C 334 55.25 -27.15 22.09
C ASN C 334 55.85 -27.17 23.49
N CYS C 335 55.29 -26.36 24.39
CA CYS C 335 55.83 -26.20 25.75
C CYS C 335 54.80 -25.60 26.74
N VAL C 336 55.17 -25.61 28.03
CA VAL C 336 54.42 -25.00 29.12
C VAL C 336 55.02 -23.66 29.48
N ALA C 337 54.21 -22.63 29.36
CA ALA C 337 54.69 -21.28 29.57
C ALA C 337 54.26 -20.72 30.90
N ASP C 338 55.20 -20.65 31.83
CA ASP C 338 54.91 -20.12 33.15
C ASP C 338 55.24 -18.64 33.17
N TYR C 339 54.22 -17.80 33.14
CA TYR C 339 54.44 -16.37 33.03
C TYR C 339 54.50 -15.71 34.39
N SER C 340 54.39 -16.51 35.44
CA SER C 340 54.45 -15.97 36.78
C SER C 340 55.88 -15.60 37.09
N VAL C 341 56.81 -16.32 36.49
CA VAL C 341 58.21 -16.04 36.72
C VAL C 341 58.58 -14.68 36.16
N LEU C 342 58.17 -14.42 34.92
CA LEU C 342 58.49 -13.16 34.28
C LEU C 342 57.76 -11.99 34.95
N TYR C 343 56.51 -12.21 35.35
CA TYR C 343 55.72 -11.15 35.95
C TYR C 343 56.19 -10.81 37.37
N ASN C 344 56.46 -11.83 38.18
CA ASN C 344 56.86 -11.61 39.57
C ASN C 344 58.30 -11.11 39.69
N SER C 345 59.15 -11.44 38.72
CA SER C 345 60.53 -11.00 38.75
C SER C 345 60.64 -9.48 38.87
N ALA C 346 61.49 -9.03 39.80
CA ALA C 346 61.67 -7.60 40.06
C ALA C 346 62.73 -6.98 39.16
N SER C 347 63.36 -7.79 38.33
CA SER C 347 64.45 -7.32 37.46
C SER C 347 63.97 -6.44 36.31
N PHE C 348 62.68 -6.45 36.01
CA PHE C 348 62.18 -5.71 34.87
C PHE C 348 61.85 -4.27 35.21
N SER C 349 62.19 -3.35 34.30
CA SER C 349 61.88 -1.95 34.50
C SER C 349 60.42 -1.72 34.16
N THR C 350 59.94 -2.49 33.20
CA THR C 350 58.56 -2.40 32.79
C THR C 350 58.04 -3.75 32.30
N PHE C 351 56.75 -3.97 32.50
CA PHE C 351 56.05 -5.14 32.02
C PHE C 351 54.65 -4.68 31.65
N LYS C 352 54.50 -4.13 30.46
CA LYS C 352 53.23 -3.55 30.08
C LYS C 352 52.50 -4.39 29.05
N CYS C 353 51.28 -4.81 29.39
CA CYS C 353 50.46 -5.63 28.49
C CYS C 353 49.39 -4.78 27.82
N TYR C 354 49.26 -4.96 26.50
CA TYR C 354 48.30 -4.28 25.64
C TYR C 354 47.23 -5.26 25.18
N GLY C 355 47.57 -6.55 25.19
CA GLY C 355 46.67 -7.59 24.76
C GLY C 355 45.80 -8.09 25.90
N VAL C 356 46.39 -8.85 26.80
CA VAL C 356 45.64 -9.43 27.90
C VAL C 356 46.30 -9.07 29.21
N SER C 357 45.58 -9.17 30.31
CA SER C 357 46.17 -8.88 31.60
C SER C 357 47.21 -9.95 31.94
N PRO C 358 48.35 -9.58 32.55
CA PRO C 358 49.50 -10.43 32.84
C PRO C 358 49.23 -11.56 33.80
N THR C 359 48.15 -11.46 34.58
CA THR C 359 47.86 -12.50 35.56
C THR C 359 46.91 -13.56 34.98
N LYS C 360 46.40 -13.29 33.78
CA LYS C 360 45.49 -14.21 33.11
C LYS C 360 46.26 -15.17 32.22
N LEU C 361 47.54 -14.85 32.00
CA LEU C 361 48.40 -15.59 31.09
C LEU C 361 48.63 -17.01 31.55
N ASN C 362 48.42 -17.27 32.84
CA ASN C 362 48.60 -18.59 33.38
C ASN C 362 47.47 -19.55 32.99
N ASP C 363 46.28 -19.01 32.74
CA ASP C 363 45.11 -19.89 32.42
C ASP C 363 44.96 -19.90 30.90
N LEU C 364 45.11 -18.74 30.29
CA LEU C 364 44.96 -18.57 28.82
C LEU C 364 46.11 -19.26 28.08
N CYS C 365 45.86 -19.77 26.88
CA CYS C 365 46.90 -20.37 26.05
C CYS C 365 46.83 -20.05 24.58
N PHE C 366 47.96 -20.22 23.88
CA PHE C 366 48.08 -19.68 22.50
C PHE C 366 48.51 -20.72 21.46
N THR C 367 48.23 -20.43 20.18
CA THR C 367 48.66 -21.30 19.07
C THR C 367 50.18 -21.15 18.93
N ASN C 368 50.71 -19.94 19.12
CA ASN C 368 52.14 -19.64 19.06
C ASN C 368 52.46 -18.42 19.89
N VAL C 369 53.69 -18.34 20.38
CA VAL C 369 54.19 -17.12 21.01
C VAL C 369 55.52 -16.76 20.39
N TYR C 370 55.70 -15.48 20.04
CA TYR C 370 56.97 -15.07 19.46
C TYR C 370 57.65 -14.01 20.31
N ALA C 371 58.96 -14.15 20.47
CA ALA C 371 59.71 -13.20 21.26
C ALA C 371 60.63 -12.36 20.38
N ASP C 372 60.31 -11.07 20.28
CA ASP C 372 61.08 -10.15 19.46
C ASP C 372 62.14 -9.50 20.35
N SER C 373 63.40 -9.81 20.10
CA SER C 373 64.49 -9.40 21.00
C SER C 373 65.52 -8.47 20.40
N PHE C 374 65.66 -7.29 21.01
CA PHE C 374 66.61 -6.28 20.53
C PHE C 374 66.96 -5.19 21.55
N VAL C 375 68.02 -4.41 21.25
CA VAL C 375 68.43 -3.28 22.10
C VAL C 375 68.07 -1.90 21.56
N ILE C 376 67.49 -1.09 22.43
CA ILE C 376 67.11 0.30 22.16
C ILE C 376 67.64 1.25 23.23
N ARG C 377 67.55 2.55 22.97
CA ARG C 377 67.87 3.54 24.00
C ARG C 377 66.68 3.69 24.96
N GLY C 378 66.96 3.91 26.24
CA GLY C 378 65.93 4.00 27.29
C GLY C 378 64.73 4.89 27.02
N ASP C 379 64.95 6.10 26.53
CA ASP C 379 63.81 6.98 26.29
C ASP C 379 62.90 6.50 25.17
N GLU C 380 63.34 5.52 24.40
CA GLU C 380 62.57 4.99 23.28
C GLU C 380 61.69 3.82 23.68
N VAL C 381 61.75 3.39 24.94
CA VAL C 381 60.94 2.26 25.40
C VAL C 381 59.47 2.57 25.19
N ARG C 382 59.10 3.82 25.43
CA ARG C 382 57.72 4.27 25.31
C ARG C 382 57.16 4.12 23.89
N GLN C 383 58.02 4.06 22.88
CA GLN C 383 57.55 3.96 21.51
C GLN C 383 57.17 2.54 21.11
N ILE C 384 57.55 1.54 21.89
CA ILE C 384 57.18 0.19 21.47
C ILE C 384 55.83 -0.16 22.06
N ALA C 385 54.79 0.26 21.34
CA ALA C 385 53.42 0.06 21.74
C ALA C 385 52.51 0.30 20.54
N PRO C 386 51.34 -0.33 20.48
CA PRO C 386 50.33 -0.11 19.48
C PRO C 386 49.83 1.31 19.60
N GLY C 387 49.62 1.96 18.47
CA GLY C 387 49.11 3.33 18.49
C GLY C 387 50.20 4.40 18.59
N GLN C 388 51.46 4.00 18.78
CA GLN C 388 52.52 4.99 18.91
C GLN C 388 53.22 5.25 17.60
N THR C 389 53.75 6.46 17.48
CA THR C 389 54.51 6.87 16.33
C THR C 389 55.79 7.53 16.80
N GLY C 390 56.76 7.68 15.92
CA GLY C 390 58.02 8.29 16.27
C GLY C 390 59.12 7.71 15.41
N LYS C 391 60.34 8.16 15.63
CA LYS C 391 61.47 7.71 14.82
C LYS C 391 61.81 6.22 15.00
N ILE C 392 61.41 5.60 16.12
CA ILE C 392 61.65 4.16 16.26
C ILE C 392 60.41 3.40 15.84
N ALA C 393 59.27 3.83 16.35
CA ALA C 393 57.99 3.17 16.06
C ALA C 393 57.70 3.17 14.57
N ASP C 394 58.10 4.21 13.86
CA ASP C 394 57.84 4.28 12.43
C ASP C 394 58.99 3.77 11.56
N TYR C 395 60.24 3.91 12.02
CA TYR C 395 61.35 3.62 11.11
C TYR C 395 62.02 2.25 11.29
N ASN C 396 62.15 1.76 12.52
CA ASN C 396 62.89 0.51 12.69
C ASN C 396 62.11 -0.63 13.34
N TYR C 397 61.12 -0.33 14.18
CA TYR C 397 60.38 -1.42 14.81
C TYR C 397 58.92 -1.07 15.03
N LYS C 398 58.08 -1.59 14.15
CA LYS C 398 56.65 -1.29 14.17
C LYS C 398 55.80 -2.45 14.69
N LEU C 399 54.89 -2.13 15.61
CA LEU C 399 53.90 -3.10 16.07
C LEU C 399 52.56 -2.82 15.39
N PRO C 400 51.72 -3.84 15.21
CA PRO C 400 50.34 -3.70 14.78
C PRO C 400 49.60 -2.86 15.81
N ASP C 401 48.61 -2.10 15.36
CA ASP C 401 47.89 -1.28 16.33
C ASP C 401 46.84 -2.11 17.04
N ASP C 402 46.68 -3.34 16.58
CA ASP C 402 45.81 -4.34 17.18
C ASP C 402 46.66 -5.40 17.86
N PHE C 403 47.90 -5.06 18.16
CA PHE C 403 48.85 -5.95 18.79
C PHE C 403 48.34 -6.57 20.07
N THR C 404 48.52 -7.88 20.16
CA THR C 404 48.14 -8.61 21.35
C THR C 404 49.38 -9.14 22.02
N GLY C 405 49.59 -8.72 23.25
CA GLY C 405 50.75 -9.18 23.98
C GLY C 405 51.29 -8.18 24.99
N CYS C 406 52.55 -8.41 25.39
CA CYS C 406 53.21 -7.66 26.45
C CYS C 406 54.64 -7.26 26.03
N VAL C 407 55.03 -6.02 26.38
CA VAL C 407 56.36 -5.48 26.13
C VAL C 407 57.14 -5.42 27.43
N ILE C 408 58.22 -6.20 27.49
CA ILE C 408 59.00 -6.33 28.70
C ILE C 408 60.39 -5.75 28.49
N ALA C 409 60.83 -4.87 29.39
CA ALA C 409 62.15 -4.29 29.18
C ALA C 409 62.86 -4.01 30.50
N TRP C 410 64.19 -4.03 30.43
CA TRP C 410 65.05 -3.73 31.57
C TRP C 410 66.33 -3.10 31.07
N ASN C 411 67.01 -2.33 31.93
CA ASN C 411 68.24 -1.71 31.44
C ASN C 411 69.35 -2.73 31.44
N SER C 412 70.34 -2.48 30.59
CA SER C 412 71.54 -3.29 30.52
C SER C 412 72.77 -2.41 30.72
N ASN C 413 72.63 -1.44 31.60
CA ASN C 413 73.70 -0.48 31.86
C ASN C 413 74.90 -1.15 32.50
N ASN C 414 74.66 -2.28 33.15
CA ASN C 414 75.71 -3.02 33.81
C ASN C 414 76.10 -4.25 33.00
N LEU C 415 75.77 -4.27 31.72
CA LEU C 415 76.11 -5.41 30.90
C LEU C 415 76.52 -5.03 29.48
N ASP C 416 75.68 -4.28 28.77
CA ASP C 416 75.99 -3.93 27.39
C ASP C 416 76.83 -2.65 27.29
N SER C 417 76.63 -1.73 28.22
CA SER C 417 77.38 -0.48 28.19
C SER C 417 78.87 -0.75 28.48
N LYS C 418 79.76 0.07 27.89
CA LYS C 418 81.22 -0.06 28.08
C LYS C 418 81.86 1.30 28.36
N GLY C 421 83.04 2.82 24.73
CA GLY C 421 81.59 2.71 24.58
C GLY C 421 81.23 1.52 23.70
N ASN C 422 80.00 1.00 23.86
CA ASN C 422 79.48 -0.13 23.07
C ASN C 422 78.79 0.40 21.81
N TYR C 423 79.44 0.20 20.68
CA TYR C 423 78.97 0.71 19.40
C TYR C 423 78.44 -0.39 18.49
N ASN C 424 78.04 -1.50 19.09
CA ASN C 424 77.56 -2.62 18.29
C ASN C 424 76.05 -2.58 18.04
N TYR C 425 75.40 -1.52 18.52
CA TYR C 425 73.96 -1.42 18.36
C TYR C 425 73.54 -0.34 17.38
N LEU C 426 72.98 -0.81 16.27
CA LEU C 426 72.58 0.05 15.15
C LEU C 426 71.06 0.06 14.98
N TYR C 427 70.54 1.21 14.60
CA TYR C 427 69.12 1.41 14.35
C TYR C 427 68.94 2.16 13.03
N ARG C 428 67.74 2.04 12.42
CA ARG C 428 67.43 2.69 11.14
C ARG C 428 66.02 3.30 11.17
N LYS C 436 56.01 -1.57 7.68
CA LYS C 436 54.93 -2.47 8.04
C LYS C 436 55.22 -3.13 9.41
N PRO C 437 54.19 -3.64 10.15
CA PRO C 437 54.33 -4.37 11.40
C PRO C 437 55.23 -5.59 11.24
N PHE C 438 56.13 -5.75 12.19
CA PHE C 438 57.08 -6.86 12.21
C PHE C 438 57.98 -6.90 10.97
N GLU C 439 58.22 -5.75 10.34
CA GLU C 439 59.18 -5.68 9.25
C GLU C 439 60.62 -5.62 9.77
N ARG C 440 61.52 -6.37 9.13
CA ARG C 440 62.95 -6.34 9.49
C ARG C 440 63.73 -5.70 8.35
N ASP C 441 64.02 -4.41 8.47
CA ASP C 441 64.67 -3.71 7.37
C ASP C 441 66.19 -3.90 7.41
N ILE C 442 66.65 -5.04 6.86
CA ILE C 442 68.06 -5.46 6.88
C ILE C 442 68.82 -4.70 5.79
N TYR C 463 74.47 10.14 2.18
CA TYR C 463 73.70 10.38 3.39
C TYR C 463 72.87 9.11 3.70
N PHE C 464 73.29 8.35 4.73
CA PHE C 464 72.65 7.09 5.10
C PHE C 464 71.55 7.27 6.14
N PRO C 465 70.48 6.45 6.08
CA PRO C 465 69.46 6.24 7.10
C PRO C 465 69.96 5.48 8.33
N LEU C 466 71.18 4.95 8.26
CA LEU C 466 71.72 4.11 9.33
C LEU C 466 72.49 4.91 10.39
N GLN C 467 72.08 4.75 11.64
CA GLN C 467 72.70 5.42 12.78
C GLN C 467 72.94 4.43 13.93
N SER C 468 73.89 4.73 14.81
CA SER C 468 74.16 3.82 15.92
C SER C 468 74.43 4.56 17.22
N TYR C 469 74.38 3.81 18.33
CA TYR C 469 74.63 4.39 19.65
C TYR C 469 75.95 3.94 20.23
N GLY C 470 76.57 4.83 21.02
CA GLY C 470 77.74 4.48 21.82
C GLY C 470 77.31 4.42 23.27
N PHE C 471 76.97 3.24 23.73
CA PHE C 471 76.43 3.14 25.08
C PHE C 471 77.54 3.05 26.14
N GLN C 472 77.45 3.97 27.11
CA GLN C 472 78.41 4.08 28.20
C GLN C 472 77.66 4.05 29.52
N PRO C 473 78.26 3.49 30.58
CA PRO C 473 77.67 3.32 31.91
C PRO C 473 77.37 4.64 32.59
N THR C 474 77.98 5.71 32.10
CA THR C 474 77.81 7.04 32.66
C THR C 474 76.74 7.90 31.95
N ASN C 475 76.06 7.35 30.92
CA ASN C 475 75.03 8.06 30.16
C ASN C 475 73.71 8.11 30.95
N VAL C 477 70.16 7.86 32.46
CA VAL C 477 69.12 6.83 32.52
C VAL C 477 68.43 6.70 31.15
N GLY C 478 67.94 7.81 30.59
CA GLY C 478 67.24 7.84 29.30
C GLY C 478 68.19 7.57 28.13
N TYR C 479 69.49 7.66 28.42
CA TYR C 479 70.50 7.44 27.40
C TYR C 479 71.23 6.12 27.60
N GLN C 480 70.73 5.29 28.51
CA GLN C 480 71.30 3.98 28.76
C GLN C 480 70.62 3.00 27.82
N PRO C 481 71.26 1.89 27.47
CA PRO C 481 70.70 0.82 26.68
C PRO C 481 69.67 0.04 27.46
N TYR C 482 68.64 -0.39 26.77
CA TYR C 482 67.64 -1.28 27.31
C TYR C 482 67.43 -2.51 26.45
N ARG C 483 67.28 -3.62 27.13
CA ARG C 483 66.98 -4.87 26.47
C ARG C 483 65.50 -5.08 26.49
N VAL C 484 64.91 -5.13 25.31
CA VAL C 484 63.47 -5.26 25.22
C VAL C 484 63.08 -6.51 24.49
N VAL C 485 62.13 -7.22 25.08
CA VAL C 485 61.57 -8.40 24.49
C VAL C 485 60.08 -8.21 24.33
N VAL C 486 59.60 -8.32 23.12
CA VAL C 486 58.17 -8.17 22.90
C VAL C 486 57.56 -9.54 22.72
N LEU C 487 56.59 -9.87 23.55
CA LEU C 487 55.94 -11.16 23.41
C LEU C 487 54.63 -11.02 22.68
N SER C 488 54.62 -11.53 21.46
CA SER C 488 53.48 -11.51 20.58
C SER C 488 52.70 -12.80 20.71
N PHE C 489 51.43 -12.69 21.07
CA PHE C 489 50.64 -13.88 21.33
C PHE C 489 49.53 -14.06 20.31
N GLU C 490 49.45 -15.24 19.72
CA GLU C 490 48.36 -15.51 18.78
C GLU C 490 47.26 -16.34 19.45
N LEU C 491 46.14 -15.67 19.70
CA LEU C 491 44.98 -16.25 20.39
C LEU C 491 43.87 -16.73 19.47
N LEU C 492 44.15 -16.82 18.19
CA LEU C 492 43.12 -17.28 17.28
C LEU C 492 42.71 -18.69 17.66
N HIS C 493 41.42 -18.98 17.57
CA HIS C 493 40.94 -20.30 17.95
C HIS C 493 41.40 -21.36 16.96
N ALA C 494 42.40 -22.09 17.40
CA ALA C 494 43.11 -23.11 16.64
C ALA C 494 43.81 -23.95 17.68
N PRO C 495 44.39 -25.10 17.35
CA PRO C 495 45.10 -25.93 18.30
C PRO C 495 46.17 -25.11 19.00
N ALA C 496 46.22 -25.26 20.32
CA ALA C 496 47.19 -24.52 21.13
C ALA C 496 48.45 -25.32 21.28
N THR C 497 49.61 -24.67 21.24
CA THR C 497 50.93 -25.35 21.35
C THR C 497 51.50 -24.97 22.71
N VAL C 498 51.52 -23.68 23.02
CA VAL C 498 51.97 -23.20 24.35
C VAL C 498 50.72 -23.20 25.21
N CYS C 499 50.74 -23.75 26.43
CA CYS C 499 49.60 -23.59 27.38
C CYS C 499 50.16 -23.31 28.77
N GLY C 500 49.50 -22.45 29.55
CA GLY C 500 50.03 -21.95 30.83
C GLY C 500 50.09 -23.01 31.90
N PRO C 501 50.80 -22.78 33.03
CA PRO C 501 51.00 -23.82 34.02
C PRO C 501 49.68 -24.10 34.74
N LYS C 502 48.98 -25.17 34.36
CA LYS C 502 47.73 -25.52 35.01
C LYS C 502 47.42 -26.98 34.77
N LYS C 503 47.14 -27.70 35.84
CA LYS C 503 46.88 -29.11 35.76
C LYS C 503 45.50 -29.36 35.19
N SER C 504 45.38 -30.41 34.40
CA SER C 504 44.10 -30.81 33.87
C SER C 504 43.35 -31.66 34.87
N THR C 505 42.07 -31.85 34.60
CA THR C 505 41.21 -32.70 35.40
C THR C 505 40.62 -33.76 34.49
N ASN C 506 39.90 -34.71 35.06
CA ASN C 506 39.24 -35.71 34.25
C ASN C 506 38.01 -35.09 33.62
N LEU C 507 37.55 -35.67 32.52
CA LEU C 507 36.37 -35.14 31.87
C LEU C 507 35.13 -35.97 32.17
N VAL C 508 34.05 -35.28 32.50
CA VAL C 508 32.80 -35.93 32.85
C VAL C 508 31.72 -35.66 31.81
N LYS C 509 31.17 -36.72 31.24
CA LYS C 509 30.18 -36.58 30.20
C LYS C 509 28.75 -36.67 30.71
N ASN C 510 27.85 -36.05 29.95
CA ASN C 510 26.41 -36.05 30.17
C ASN C 510 26.00 -35.43 31.50
N LYS C 511 26.77 -34.48 31.99
CA LYS C 511 26.44 -33.77 33.20
C LYS C 511 26.75 -32.30 32.99
N CYS C 512 26.02 -31.40 33.69
CA CYS C 512 26.29 -29.96 33.60
C CYS C 512 27.58 -29.62 34.34
N VAL C 513 28.57 -29.10 33.57
CA VAL C 513 29.90 -28.76 34.09
C VAL C 513 30.37 -27.38 33.64
N ASN C 514 31.33 -26.85 34.38
CA ASN C 514 31.98 -25.60 34.04
C ASN C 514 33.29 -25.94 33.36
N PHE C 515 33.36 -25.80 32.04
CA PHE C 515 34.52 -26.31 31.33
C PHE C 515 35.52 -25.23 30.91
N ASN C 516 36.74 -25.69 30.70
CA ASN C 516 37.84 -24.88 30.19
C ASN C 516 38.70 -25.68 29.22
N PHE C 517 38.56 -25.42 27.93
CA PHE C 517 39.34 -26.14 26.94
C PHE C 517 40.37 -25.20 26.32
N ASN C 518 41.63 -25.39 26.67
CA ASN C 518 42.70 -24.54 26.16
C ASN C 518 42.44 -23.05 26.42
N GLY C 519 41.86 -22.71 27.57
CA GLY C 519 41.62 -21.32 27.89
C GLY C 519 40.21 -20.85 27.48
N LEU C 520 39.48 -21.67 26.73
CA LEU C 520 38.12 -21.34 26.32
C LEU C 520 37.12 -21.85 27.32
N THR C 521 36.38 -20.95 27.93
CA THR C 521 35.48 -21.37 28.99
C THR C 521 34.03 -21.19 28.66
N GLY C 522 33.21 -21.89 29.44
CA GLY C 522 31.76 -21.80 29.35
C GLY C 522 31.11 -22.87 30.20
N THR C 523 29.79 -22.88 30.23
CA THR C 523 29.06 -23.86 31.02
C THR C 523 28.13 -24.63 30.11
N GLY C 524 28.11 -25.94 30.28
CA GLY C 524 27.24 -26.76 29.46
C GLY C 524 27.49 -28.23 29.68
N VAL C 525 26.68 -29.04 29.01
CA VAL C 525 26.78 -30.48 29.09
C VAL C 525 27.63 -30.98 27.93
N LEU C 526 28.65 -31.76 28.25
CA LEU C 526 29.56 -32.30 27.24
C LEU C 526 29.13 -33.71 26.87
N THR C 527 28.82 -33.94 25.61
CA THR C 527 28.35 -35.26 25.19
C THR C 527 29.17 -35.78 24.02
N GLU C 528 29.01 -37.06 23.73
CA GLU C 528 29.67 -37.63 22.56
C GLU C 528 28.99 -37.07 21.31
N SER C 529 29.73 -36.97 20.22
CA SER C 529 29.13 -36.39 19.02
C SER C 529 29.52 -37.14 17.76
N ASN C 530 28.80 -36.84 16.70
CA ASN C 530 29.07 -37.37 15.39
C ASN C 530 29.50 -36.27 14.43
N LYS C 531 30.08 -35.21 14.98
CA LYS C 531 30.52 -34.10 14.16
C LYS C 531 31.94 -34.33 13.70
N LYS C 532 32.08 -34.50 12.39
CA LYS C 532 33.36 -34.85 11.83
C LYS C 532 34.22 -33.63 11.62
N PHE C 533 34.98 -33.28 12.64
CA PHE C 533 35.89 -32.17 12.51
C PHE C 533 37.00 -32.59 11.60
N LEU C 534 37.48 -31.68 10.78
CA LEU C 534 38.62 -31.99 9.96
C LEU C 534 39.83 -31.89 10.87
N PRO C 535 40.93 -32.58 10.58
CA PRO C 535 42.14 -32.65 11.39
C PRO C 535 42.73 -31.29 11.81
N PHE C 536 42.44 -30.25 11.04
CA PHE C 536 42.99 -28.94 11.36
C PHE C 536 42.05 -28.10 12.25
N GLN C 537 40.83 -28.59 12.43
CA GLN C 537 39.81 -27.86 13.16
C GLN C 537 39.81 -28.22 14.63
N GLN C 538 39.76 -27.21 15.48
CA GLN C 538 39.80 -27.43 16.92
C GLN C 538 38.50 -27.08 17.62
N PHE C 539 37.81 -26.08 17.11
CA PHE C 539 36.59 -25.60 17.71
C PHE C 539 35.52 -25.52 16.65
N GLY C 540 34.27 -25.73 17.03
CA GLY C 540 33.15 -25.49 16.12
C GLY C 540 32.35 -24.31 16.64
N ARG C 541 31.57 -23.67 15.77
CA ARG C 541 30.76 -22.54 16.20
C ARG C 541 29.33 -22.55 15.68
N ASP C 542 28.46 -21.93 16.46
CA ASP C 542 27.05 -21.75 16.14
C ASP C 542 26.81 -20.39 15.47
N ILE C 543 25.56 -20.10 15.14
CA ILE C 543 25.18 -18.86 14.47
C ILE C 543 25.54 -17.65 15.30
N ALA C 544 25.40 -17.77 16.61
CA ALA C 544 25.67 -16.69 17.55
C ALA C 544 27.17 -16.53 17.84
N ASP C 545 28.00 -17.33 17.16
CA ASP C 545 29.45 -17.33 17.33
C ASP C 545 29.86 -17.98 18.65
N THR C 546 28.91 -18.63 19.30
CA THR C 546 29.20 -19.36 20.52
C THR C 546 29.77 -20.71 20.16
N THR C 547 30.42 -21.36 21.10
CA THR C 547 31.01 -22.65 20.81
C THR C 547 29.94 -23.72 20.68
N ASP C 548 30.01 -24.48 19.59
CA ASP C 548 29.05 -25.55 19.32
C ASP C 548 29.57 -26.90 19.79
N ALA C 549 30.86 -27.12 19.56
CA ALA C 549 31.54 -28.36 19.88
C ALA C 549 33.02 -28.10 20.01
N VAL C 550 33.72 -28.97 20.73
CA VAL C 550 35.16 -28.86 20.86
C VAL C 550 35.88 -30.17 20.66
N ARG C 551 37.14 -30.10 20.27
CA ARG C 551 37.97 -31.28 20.24
C ARG C 551 38.79 -31.38 21.51
N ASP C 552 38.64 -32.47 22.23
CA ASP C 552 39.39 -32.61 23.48
C ASP C 552 40.89 -32.62 23.16
N PRO C 553 41.67 -31.72 23.76
CA PRO C 553 43.09 -31.49 23.50
C PRO C 553 44.00 -32.64 23.89
N GLN C 554 43.53 -33.56 24.73
CA GLN C 554 44.37 -34.68 25.15
C GLN C 554 44.05 -35.91 24.34
N THR C 555 42.77 -36.13 24.10
CA THR C 555 42.29 -37.25 23.30
C THR C 555 41.45 -36.69 22.19
N LEU C 556 41.84 -36.93 20.95
CA LEU C 556 41.21 -36.20 19.87
C LEU C 556 39.84 -36.73 19.45
N GLU C 557 38.86 -36.48 20.30
CA GLU C 557 37.47 -36.83 20.05
C GLU C 557 36.64 -35.56 20.12
N ILE C 558 35.48 -35.55 19.46
CA ILE C 558 34.65 -34.36 19.46
C ILE C 558 33.50 -34.43 20.43
N LEU C 559 33.39 -33.39 21.24
CA LEU C 559 32.35 -33.29 22.24
C LEU C 559 31.39 -32.18 21.90
N ASP C 560 30.09 -32.49 21.91
CA ASP C 560 29.08 -31.47 21.68
C ASP C 560 28.84 -30.71 22.95
N ILE C 561 28.58 -29.41 22.84
CA ILE C 561 28.26 -28.65 24.03
C ILE C 561 26.83 -28.17 24.01
N THR C 562 26.02 -28.72 24.90
CA THR C 562 24.64 -28.29 24.99
C THR C 562 24.45 -27.53 26.29
N PRO C 563 24.11 -26.24 26.25
CA PRO C 563 23.94 -25.41 27.42
C PRO C 563 22.98 -26.10 28.37
N CYS C 564 23.24 -25.95 29.67
CA CYS C 564 22.48 -26.60 30.74
C CYS C 564 21.04 -26.10 30.72
N SER C 565 20.08 -27.00 31.05
CA SER C 565 18.65 -26.70 30.97
C SER C 565 18.24 -25.42 31.67
N PHE C 566 17.41 -24.65 31.00
CA PHE C 566 16.93 -23.39 31.51
C PHE C 566 15.57 -23.09 30.93
N GLY C 567 14.90 -22.12 31.51
CA GLY C 567 13.62 -21.66 30.97
C GLY C 567 12.98 -20.65 31.88
N GLY C 568 11.97 -19.97 31.40
CA GLY C 568 11.30 -18.97 32.23
C GLY C 568 10.51 -19.65 33.32
N VAL C 569 10.32 -18.97 34.43
CA VAL C 569 9.52 -19.51 35.50
C VAL C 569 8.35 -18.60 35.78
N SER C 570 7.16 -19.16 35.66
CA SER C 570 5.94 -18.41 35.88
C SER C 570 5.20 -18.89 37.10
N VAL C 571 4.58 -17.97 37.79
CA VAL C 571 3.82 -18.31 38.97
C VAL C 571 2.35 -18.08 38.72
N ILE C 572 1.60 -19.14 38.93
CA ILE C 572 0.17 -19.17 38.72
C ILE C 572 -0.52 -18.98 40.03
N THR C 573 -1.25 -17.90 40.16
CA THR C 573 -1.80 -17.62 41.46
C THR C 573 -3.20 -17.01 41.39
N PRO C 574 -4.09 -17.37 42.30
CA PRO C 574 -5.34 -16.71 42.55
C PRO C 574 -4.93 -15.44 43.22
N GLY C 575 -5.76 -14.43 43.22
CA GLY C 575 -5.28 -13.20 43.84
C GLY C 575 -4.99 -13.45 45.32
N THR C 576 -4.05 -12.69 45.87
CA THR C 576 -3.68 -12.82 47.28
C THR C 576 -4.79 -12.42 48.27
N ASN C 577 -5.88 -11.83 47.74
CA ASN C 577 -7.10 -11.52 48.49
C ASN C 577 -7.98 -12.78 48.68
N THR C 578 -7.57 -13.91 48.06
CA THR C 578 -8.24 -15.21 48.13
C THR C 578 -7.34 -16.23 48.79
N SER C 579 -6.11 -16.36 48.29
CA SER C 579 -5.18 -17.37 48.79
C SER C 579 -3.73 -17.06 48.51
N ASN C 580 -2.85 -17.53 49.39
CA ASN C 580 -1.41 -17.38 49.17
C ASN C 580 -0.79 -18.66 48.63
N GLN C 581 -1.63 -19.58 48.15
CA GLN C 581 -1.15 -20.80 47.53
C GLN C 581 -0.84 -20.52 46.07
N VAL C 582 0.30 -21.02 45.58
CA VAL C 582 0.63 -20.82 44.19
C VAL C 582 1.08 -22.11 43.52
N ALA C 583 1.01 -22.14 42.19
CA ALA C 583 1.56 -23.23 41.40
C ALA C 583 2.66 -22.67 40.53
N VAL C 584 3.68 -23.46 40.25
CA VAL C 584 4.79 -22.95 39.46
C VAL C 584 4.98 -23.67 38.17
N LEU C 585 5.05 -22.91 37.10
CA LEU C 585 5.27 -23.45 35.78
C LEU C 585 6.69 -23.21 35.32
N TYR C 586 7.40 -24.27 35.03
CA TYR C 586 8.73 -24.14 34.48
C TYR C 586 8.58 -24.26 32.99
N GLN C 587 8.78 -23.15 32.30
CA GLN C 587 8.46 -23.08 30.89
C GLN C 587 9.40 -23.87 30.03
N ASP C 588 8.84 -24.64 29.12
CA ASP C 588 9.59 -25.39 28.13
C ASP C 588 10.67 -26.30 28.72
N VAL C 589 10.36 -26.98 29.81
CA VAL C 589 11.28 -27.96 30.37
C VAL C 589 10.54 -29.25 30.62
N ASN C 590 11.26 -30.36 30.79
CA ASN C 590 10.74 -31.64 31.19
C ASN C 590 10.72 -31.73 32.72
N CYS C 591 9.85 -32.57 33.28
CA CYS C 591 9.78 -32.80 34.72
C CYS C 591 10.86 -33.79 35.18
N THR C 592 12.11 -33.39 34.93
CA THR C 592 13.35 -34.13 35.18
C THR C 592 14.34 -33.21 35.88
N GLU C 593 14.95 -32.29 35.14
CA GLU C 593 15.94 -31.36 35.72
C GLU C 593 15.42 -30.47 36.87
N VAL C 594 14.11 -30.16 36.88
CA VAL C 594 13.49 -29.31 37.89
C VAL C 594 13.55 -30.01 39.26
N ASN C 615 2.47 -34.28 42.82
CA ASN C 615 1.53 -33.28 42.31
C ASN C 615 2.20 -32.48 41.17
N VAL C 616 2.72 -33.23 40.17
CA VAL C 616 3.44 -32.70 39.00
C VAL C 616 2.76 -33.08 37.70
N PHE C 617 2.44 -32.09 36.90
CA PHE C 617 1.75 -32.27 35.64
C PHE C 617 2.57 -31.78 34.45
N GLN C 618 2.93 -32.69 33.56
CA GLN C 618 3.71 -32.30 32.39
C GLN C 618 2.77 -31.84 31.29
N THR C 619 2.97 -30.62 30.82
CA THR C 619 2.16 -30.06 29.75
C THR C 619 3.10 -29.61 28.64
N ARG C 620 2.57 -29.22 27.50
CA ARG C 620 3.46 -28.74 26.44
C ARG C 620 3.93 -27.33 26.69
N ALA C 621 3.41 -26.71 27.75
CA ALA C 621 3.82 -25.37 28.12
C ALA C 621 5.02 -25.43 29.04
N GLY C 622 5.33 -26.61 29.55
CA GLY C 622 6.36 -26.74 30.56
C GLY C 622 5.91 -27.69 31.67
N CYS C 623 6.70 -27.77 32.75
CA CYS C 623 6.44 -28.65 33.88
C CYS C 623 5.71 -27.85 34.96
N LEU C 624 4.45 -28.22 35.24
CA LEU C 624 3.58 -27.52 36.19
C LEU C 624 3.54 -28.22 37.53
N ILE C 625 4.03 -27.55 38.56
CA ILE C 625 4.12 -28.16 39.87
C ILE C 625 3.26 -27.45 40.90
N GLY C 626 2.44 -28.23 41.59
CA GLY C 626 1.57 -27.69 42.64
C GLY C 626 0.10 -27.64 42.25
N ALA C 627 -0.17 -27.76 40.96
CA ALA C 627 -1.55 -27.78 40.50
C ALA C 627 -2.02 -29.21 40.32
N GLU C 628 -3.21 -29.52 40.79
CA GLU C 628 -3.77 -30.85 40.66
C GLU C 628 -4.34 -31.04 39.27
N HIS C 629 -4.03 -32.15 38.63
CA HIS C 629 -4.59 -32.39 37.31
C HIS C 629 -6.00 -32.95 37.44
N VAL C 630 -6.96 -32.26 36.87
CA VAL C 630 -8.37 -32.59 36.95
C VAL C 630 -8.91 -32.97 35.57
N ASN C 631 -9.63 -34.11 35.50
CA ASN C 631 -10.22 -34.63 34.24
C ASN C 631 -11.36 -33.76 33.73
N ASN C 632 -12.10 -33.07 34.62
CA ASN C 632 -13.23 -32.22 34.26
C ASN C 632 -12.77 -30.92 33.62
N SER C 633 -13.39 -30.57 32.51
CA SER C 633 -13.09 -29.32 31.85
C SER C 633 -13.92 -28.21 32.46
N TYR C 634 -13.44 -26.98 32.34
CA TYR C 634 -14.18 -25.83 32.83
C TYR C 634 -13.89 -24.66 31.92
N GLU C 635 -14.51 -23.53 32.16
CA GLU C 635 -14.18 -22.34 31.38
C GLU C 635 -12.79 -21.90 31.80
N CYS C 636 -11.99 -21.38 30.85
CA CYS C 636 -10.63 -20.93 31.12
C CYS C 636 -10.62 -19.74 32.09
N ASP C 637 -9.72 -19.80 33.08
CA ASP C 637 -9.56 -18.80 34.13
C ASP C 637 -8.15 -18.18 34.04
N ILE C 638 -7.13 -18.85 34.58
CA ILE C 638 -5.76 -18.36 34.41
C ILE C 638 -5.09 -19.25 33.38
N PRO C 639 -4.85 -18.79 32.17
CA PRO C 639 -4.35 -19.58 31.07
C PRO C 639 -2.91 -19.97 31.30
N ILE C 640 -2.57 -21.20 30.96
CA ILE C 640 -1.22 -21.66 30.99
C ILE C 640 -0.66 -21.78 29.60
N GLY C 641 -1.42 -22.43 28.72
CA GLY C 641 -0.99 -22.61 27.35
C GLY C 641 -1.23 -24.03 26.89
N ALA C 642 -1.27 -24.21 25.58
CA ALA C 642 -1.45 -25.52 24.97
C ALA C 642 -2.74 -26.20 25.43
N GLY C 643 -3.80 -25.41 25.58
CA GLY C 643 -5.10 -25.94 25.94
C GLY C 643 -5.33 -26.08 27.44
N ILE C 644 -4.29 -25.82 28.23
CA ILE C 644 -4.38 -25.95 29.67
C ILE C 644 -4.58 -24.59 30.36
N CYS C 645 -5.55 -24.54 31.28
CA CYS C 645 -5.84 -23.38 32.13
C CYS C 645 -5.85 -23.88 33.58
N ALA C 646 -5.65 -22.97 34.55
CA ALA C 646 -5.69 -23.29 35.97
C ALA C 646 -6.63 -22.37 36.73
N SER C 647 -7.13 -22.87 37.84
CA SER C 647 -8.04 -22.10 38.68
C SER C 647 -7.99 -22.58 40.12
N TYR C 648 -8.58 -21.80 41.03
CA TYR C 648 -8.62 -22.18 42.44
C TYR C 648 -10.03 -22.67 42.83
N GLN C 649 -10.16 -23.96 43.08
CA GLN C 649 -11.47 -24.58 43.33
C GLN C 649 -11.35 -25.78 44.28
N THR C 650 -12.50 -26.39 44.65
CA THR C 650 -12.55 -27.56 45.54
C THR C 650 -12.59 -28.84 44.71
N SER C 663 -10.15 -26.88 51.75
CA SER C 663 -10.74 -27.71 50.70
C SER C 663 -10.38 -27.25 49.28
N GLN C 664 -10.07 -25.95 49.10
CA GLN C 664 -9.71 -25.37 47.80
C GLN C 664 -8.23 -25.53 47.51
N SER C 665 -7.92 -25.69 46.24
CA SER C 665 -6.55 -25.79 45.77
C SER C 665 -6.47 -25.41 44.31
N ILE C 666 -5.26 -25.22 43.82
CA ILE C 666 -5.09 -24.90 42.43
C ILE C 666 -5.18 -26.16 41.59
N ILE C 667 -5.99 -26.10 40.56
CA ILE C 667 -6.17 -27.23 39.67
C ILE C 667 -5.81 -26.83 38.25
N ALA C 668 -5.50 -27.81 37.44
CA ALA C 668 -5.20 -27.60 36.04
C ALA C 668 -6.04 -28.55 35.22
N TYR C 669 -6.51 -28.07 34.09
CA TYR C 669 -7.39 -28.85 33.24
C TYR C 669 -7.37 -28.39 31.81
N THR C 670 -7.86 -29.22 30.91
CA THR C 670 -8.03 -28.78 29.55
C THR C 670 -9.28 -27.95 29.51
N MET C 671 -9.19 -26.76 28.94
CA MET C 671 -10.33 -25.86 28.97
C MET C 671 -11.45 -26.33 28.06
N SER C 672 -12.67 -26.04 28.48
CA SER C 672 -13.86 -26.28 27.70
C SER C 672 -14.03 -25.20 26.67
N LEU C 673 -14.52 -25.56 25.49
CA LEU C 673 -14.76 -24.55 24.47
C LEU C 673 -16.22 -24.13 24.46
N GLY C 674 -17.01 -24.68 25.37
CA GLY C 674 -18.43 -24.40 25.43
C GLY C 674 -19.21 -25.71 25.49
N ALA C 675 -20.49 -25.62 25.80
CA ALA C 675 -21.34 -26.81 25.89
C ALA C 675 -21.54 -27.40 24.52
N GLU C 676 -21.67 -28.71 24.45
CA GLU C 676 -21.97 -29.37 23.18
C GLU C 676 -23.47 -29.36 22.96
N ASN C 677 -23.88 -28.95 21.76
CA ASN C 677 -25.30 -28.84 21.44
C ASN C 677 -25.61 -29.16 20.00
N SER C 678 -26.11 -30.35 19.72
CA SER C 678 -26.43 -30.68 18.33
C SER C 678 -27.69 -29.95 17.90
N VAL C 679 -27.81 -29.68 16.62
CA VAL C 679 -29.01 -29.04 16.09
C VAL C 679 -29.90 -30.11 15.48
N ALA C 680 -31.19 -30.08 15.80
CA ALA C 680 -32.11 -31.10 15.32
C ALA C 680 -32.49 -30.87 13.87
N TYR C 681 -31.52 -30.97 13.01
CA TYR C 681 -31.69 -30.72 11.59
C TYR C 681 -32.40 -31.86 10.91
N SER C 682 -33.37 -31.49 10.06
CA SER C 682 -34.14 -32.47 9.24
C SER C 682 -34.52 -31.78 7.93
N ASN C 683 -34.86 -32.55 6.89
CA ASN C 683 -35.21 -31.88 5.61
C ASN C 683 -36.48 -31.05 5.78
N ASN C 684 -37.45 -31.52 6.56
CA ASN C 684 -38.71 -30.74 6.71
C ASN C 684 -38.98 -30.29 8.15
N SER C 685 -38.06 -29.57 8.79
CA SER C 685 -38.38 -29.05 10.12
C SER C 685 -37.72 -27.71 10.36
N ILE C 686 -38.52 -26.75 10.79
CA ILE C 686 -38.03 -25.41 11.03
C ILE C 686 -38.39 -24.97 12.44
N ALA C 687 -37.47 -24.33 13.13
CA ALA C 687 -37.79 -23.79 14.44
C ALA C 687 -38.04 -22.32 14.33
N ILE C 688 -39.22 -21.90 14.75
CA ILE C 688 -39.61 -20.50 14.65
C ILE C 688 -39.91 -19.97 16.03
N PRO C 689 -39.30 -18.88 16.47
CA PRO C 689 -39.48 -18.32 17.76
C PRO C 689 -40.89 -17.86 17.92
N THR C 690 -41.45 -18.13 19.08
CA THR C 690 -42.81 -17.74 19.45
C THR C 690 -42.87 -16.54 20.40
N ASN C 691 -41.74 -16.25 21.06
CA ASN C 691 -41.59 -15.15 22.01
C ASN C 691 -40.19 -14.56 21.85
N PHE C 692 -39.97 -13.39 22.46
CA PHE C 692 -38.70 -12.66 22.38
C PHE C 692 -38.41 -11.93 23.65
N THR C 693 -37.16 -11.55 23.81
CA THR C 693 -36.72 -10.74 24.90
C THR C 693 -35.89 -9.58 24.40
N ILE C 694 -36.07 -8.43 25.00
CA ILE C 694 -35.21 -7.30 24.69
C ILE C 694 -34.11 -7.25 25.71
N SER C 695 -32.88 -7.32 25.23
CA SER C 695 -31.74 -7.30 26.13
C SER C 695 -30.91 -6.07 25.86
N VAL C 696 -30.19 -5.64 26.88
CA VAL C 696 -29.30 -4.52 26.73
C VAL C 696 -27.91 -4.94 27.15
N THR C 697 -26.94 -4.72 26.27
CA THR C 697 -25.58 -5.09 26.59
C THR C 697 -24.71 -3.87 26.62
N THR C 698 -23.59 -3.96 27.30
CA THR C 698 -22.70 -2.81 27.38
C THR C 698 -21.38 -3.05 26.69
N GLU C 699 -21.05 -2.18 25.75
CA GLU C 699 -19.78 -2.28 25.06
C GLU C 699 -18.92 -1.08 25.39
N ILE C 700 -17.74 -1.34 25.90
CA ILE C 700 -16.86 -0.29 26.35
C ILE C 700 -15.62 -0.13 25.49
N LEU C 701 -15.40 1.08 24.98
CA LEU C 701 -14.26 1.35 24.12
C LEU C 701 -13.46 2.56 24.61
N PRO C 702 -12.13 2.48 24.65
CA PRO C 702 -11.22 3.58 24.84
C PRO C 702 -11.36 4.56 23.70
N VAL C 703 -11.26 5.84 24.00
CA VAL C 703 -11.27 6.87 22.97
C VAL C 703 -9.99 7.68 23.03
N SER C 704 -9.52 7.95 24.22
CA SER C 704 -8.38 8.82 24.40
C SER C 704 -7.43 8.30 25.44
N MET C 705 -6.25 8.91 25.49
CA MET C 705 -5.25 8.61 26.49
C MET C 705 -4.70 9.92 27.04
N THR C 706 -4.13 9.86 28.23
CA THR C 706 -3.63 11.07 28.86
C THR C 706 -2.65 11.81 27.98
N LYS C 707 -2.87 13.11 27.83
CA LYS C 707 -2.06 13.96 26.99
C LYS C 707 -0.79 14.37 27.71
N THR C 708 0.16 13.47 27.80
CA THR C 708 1.37 13.82 28.52
C THR C 708 2.25 14.68 27.66
N SER C 709 3.14 15.39 28.29
CA SER C 709 4.13 16.20 27.61
C SER C 709 5.41 16.19 28.39
N VAL C 710 6.52 15.92 27.72
CA VAL C 710 7.78 15.86 28.41
C VAL C 710 8.77 16.84 27.86
N ASP C 711 9.33 17.64 28.75
CA ASP C 711 10.38 18.58 28.42
C ASP C 711 11.69 17.82 28.36
N CYS C 712 12.16 17.45 27.15
CA CYS C 712 13.32 16.59 26.98
C CYS C 712 14.61 17.17 27.59
N THR C 713 14.74 18.53 27.59
CA THR C 713 15.92 19.18 28.14
C THR C 713 15.90 19.14 29.65
N MET C 714 14.76 19.45 30.24
CA MET C 714 14.68 19.43 31.68
C MET C 714 14.79 18.02 32.25
N TYR C 715 14.26 17.05 31.52
CA TYR C 715 14.34 15.66 31.94
C TYR C 715 15.78 15.19 31.99
N ILE C 716 16.52 15.43 30.91
CA ILE C 716 17.90 14.96 30.82
C ILE C 716 18.89 15.80 31.66
N CYS C 717 18.81 17.13 31.53
CA CYS C 717 19.72 18.10 32.13
C CYS C 717 18.98 19.11 32.99
N GLY C 718 18.31 18.66 34.06
CA GLY C 718 17.49 19.52 34.89
C GLY C 718 18.33 20.59 35.59
N ASP C 719 18.06 21.84 35.24
CA ASP C 719 18.73 23.00 35.80
C ASP C 719 20.25 22.95 35.72
N SER C 720 20.79 22.44 34.62
CA SER C 720 22.24 22.39 34.47
C SER C 720 22.73 22.91 33.13
N THR C 721 23.46 24.01 33.18
CA THR C 721 24.00 24.64 31.99
C THR C 721 25.08 23.79 31.35
N GLU C 722 25.90 23.16 32.18
CA GLU C 722 27.00 22.35 31.67
C GLU C 722 26.48 21.15 30.89
N CYS C 723 25.45 20.48 31.43
CA CYS C 723 24.80 19.34 30.80
C CYS C 723 24.06 19.77 29.52
N SER C 724 23.33 20.90 29.57
CA SER C 724 22.55 21.40 28.44
C SER C 724 23.45 21.68 27.24
N ASN C 725 24.61 22.27 27.48
CA ASN C 725 25.51 22.54 26.38
C ASN C 725 26.01 21.25 25.73
N LEU C 726 26.19 20.20 26.53
CA LEU C 726 26.57 18.90 25.97
C LEU C 726 25.41 18.29 25.21
N LEU C 727 24.20 18.49 25.71
CA LEU C 727 23.01 17.94 25.08
C LEU C 727 22.82 18.52 23.69
N LEU C 728 23.21 19.78 23.49
CA LEU C 728 23.07 20.44 22.20
C LEU C 728 23.90 19.77 21.11
N GLN C 729 24.88 18.96 21.49
CA GLN C 729 25.73 18.31 20.51
C GLN C 729 25.01 17.17 19.84
N TYR C 730 23.81 16.86 20.31
CA TYR C 730 23.00 15.80 19.76
C TYR C 730 21.97 16.35 18.78
N GLY C 731 22.07 17.64 18.49
CA GLY C 731 21.22 18.27 17.51
C GLY C 731 19.75 18.27 17.85
N SER C 732 18.94 17.75 16.92
CA SER C 732 17.49 17.71 17.06
C SER C 732 17.00 16.49 17.79
N PHE C 733 17.89 15.64 18.28
CA PHE C 733 17.40 14.46 19.00
C PHE C 733 16.44 14.80 20.12
N CYS C 734 16.64 15.92 20.81
CA CYS C 734 15.79 16.34 21.93
C CYS C 734 14.44 16.88 21.40
N THR C 735 14.47 17.92 20.52
CA THR C 735 13.26 18.59 20.05
C THR C 735 12.37 17.74 19.15
N GLN C 736 12.91 16.73 18.48
CA GLN C 736 12.02 15.88 17.69
C GLN C 736 11.18 14.98 18.59
N LEU C 737 11.56 14.83 19.85
CA LEU C 737 10.78 14.02 20.77
C LEU C 737 9.68 14.87 21.31
N ASN C 738 9.98 16.15 21.51
CA ASN C 738 8.97 17.07 21.96
C ASN C 738 7.89 17.15 20.89
N ARG C 739 8.31 17.10 19.62
CA ARG C 739 7.39 17.12 18.50
C ARG C 739 6.51 15.89 18.46
N ALA C 740 7.11 14.72 18.63
CA ALA C 740 6.36 13.47 18.56
C ALA C 740 5.29 13.40 19.64
N LEU C 741 5.63 13.84 20.85
CA LEU C 741 4.65 13.81 21.94
C LEU C 741 3.56 14.83 21.71
N THR C 742 3.91 15.97 21.13
CA THR C 742 2.88 16.95 20.83
C THR C 742 1.90 16.37 19.84
N GLY C 743 2.41 15.68 18.82
CA GLY C 743 1.55 15.09 17.82
C GLY C 743 0.54 14.14 18.46
N ILE C 744 0.99 13.36 19.44
CA ILE C 744 0.07 12.48 20.14
C ILE C 744 -0.97 13.29 20.89
N ALA C 745 -0.52 14.28 21.64
CA ALA C 745 -1.44 15.05 22.45
C ALA C 745 -2.52 15.68 21.58
N VAL C 746 -2.16 16.13 20.39
CA VAL C 746 -3.15 16.75 19.52
C VAL C 746 -4.17 15.75 19.01
N GLU C 747 -3.72 14.57 18.56
CA GLU C 747 -4.69 13.63 18.05
C GLU C 747 -5.62 13.12 19.13
N GLN C 748 -5.23 13.26 20.40
CA GLN C 748 -6.14 12.83 21.46
C GLN C 748 -7.40 13.68 21.48
N ASP C 749 -7.30 14.94 21.07
CA ASP C 749 -8.49 15.76 21.05
C ASP C 749 -9.25 15.46 19.79
N LYS C 750 -8.54 15.12 18.73
CA LYS C 750 -9.17 14.72 17.49
C LYS C 750 -10.00 13.46 17.72
N ASN C 751 -9.47 12.51 18.48
CA ASN C 751 -10.16 11.26 18.74
C ASN C 751 -11.46 11.52 19.48
N THR C 752 -11.40 12.39 20.48
CA THR C 752 -12.58 12.70 21.26
C THR C 752 -13.61 13.40 20.40
N GLN C 753 -13.16 14.34 19.59
CA GLN C 753 -14.06 15.12 18.77
C GLN C 753 -14.75 14.25 17.73
N GLU C 754 -14.02 13.33 17.10
CA GLU C 754 -14.62 12.47 16.08
C GLU C 754 -15.65 11.51 16.65
N VAL C 755 -15.45 11.05 17.88
CA VAL C 755 -16.40 10.13 18.49
C VAL C 755 -17.65 10.82 18.98
N PHE C 756 -17.49 11.94 19.68
CA PHE C 756 -18.66 12.55 20.30
C PHE C 756 -19.31 13.68 19.52
N ALA C 757 -18.54 14.49 18.83
CA ALA C 757 -19.13 15.65 18.17
C ALA C 757 -19.65 15.30 16.79
N GLN C 758 -20.63 14.40 16.76
CA GLN C 758 -21.22 13.97 15.50
C GLN C 758 -22.57 14.60 15.27
N VAL C 759 -22.97 15.45 16.19
CA VAL C 759 -24.26 16.09 16.09
C VAL C 759 -24.05 17.59 15.97
N LYS C 760 -24.71 18.18 14.98
CA LYS C 760 -24.56 19.61 14.70
C LYS C 760 -25.23 20.53 15.71
N GLN C 761 -26.18 19.99 16.45
CA GLN C 761 -26.95 20.74 17.43
C GLN C 761 -27.09 20.00 18.73
N ILE C 762 -27.32 20.76 19.79
CA ILE C 762 -27.53 20.14 21.07
C ILE C 762 -29.01 19.97 21.31
N TYR C 763 -29.44 18.73 21.24
CA TYR C 763 -30.83 18.39 21.39
C TYR C 763 -31.12 18.11 22.83
N LYS C 764 -32.35 18.33 23.25
CA LYS C 764 -32.74 18.03 24.59
C LYS C 764 -34.14 17.45 24.61
N THR C 765 -34.39 16.56 25.55
CA THR C 765 -35.70 15.95 25.69
C THR C 765 -36.68 16.95 26.27
N PRO C 766 -37.98 16.75 26.08
CA PRO C 766 -39.06 17.53 26.65
C PRO C 766 -39.15 17.28 28.14
N PRO C 767 -39.78 18.19 28.89
CA PRO C 767 -40.06 18.10 30.31
C PRO C 767 -41.02 16.97 30.64
N ILE C 768 -41.78 16.52 29.64
CA ILE C 768 -42.71 15.43 29.84
C ILE C 768 -42.15 14.18 29.18
N LYS C 769 -41.89 13.16 29.97
CA LYS C 769 -41.25 11.96 29.45
C LYS C 769 -42.27 10.93 28.94
N ASP C 770 -43.03 11.30 27.93
CA ASP C 770 -44.05 10.43 27.37
C ASP C 770 -43.51 9.57 26.24
N PHE C 771 -42.65 8.61 26.60
CA PHE C 771 -41.96 7.78 25.62
C PHE C 771 -42.54 6.39 25.48
N GLY C 772 -43.84 6.28 25.62
CA GLY C 772 -44.52 5.00 25.34
C GLY C 772 -44.29 3.94 26.39
N GLY C 773 -43.94 4.34 27.60
CA GLY C 773 -43.68 3.36 28.64
C GLY C 773 -42.20 3.05 28.80
N PHE C 774 -41.38 3.55 27.87
CA PHE C 774 -39.95 3.31 27.97
C PHE C 774 -39.33 4.34 28.90
N ASN C 775 -38.68 3.84 29.96
CA ASN C 775 -38.05 4.68 31.00
C ASN C 775 -36.55 4.87 30.67
N PHE C 776 -36.18 6.15 30.40
CA PHE C 776 -34.81 6.51 30.04
C PHE C 776 -34.19 7.38 31.10
N SER C 777 -34.79 7.43 32.27
CA SER C 777 -34.34 8.35 33.31
C SER C 777 -32.95 8.03 33.83
N GLN C 778 -32.47 6.82 33.58
CA GLN C 778 -31.18 6.41 34.09
C GLN C 778 -30.07 6.63 33.08
N ILE C 779 -30.43 7.05 31.87
CA ILE C 779 -29.43 7.34 30.85
C ILE C 779 -29.45 8.82 30.44
N LEU C 780 -30.54 9.51 30.78
CA LEU C 780 -30.66 10.94 30.55
C LEU C 780 -29.97 11.70 31.70
N PRO C 781 -29.49 12.93 31.47
CA PRO C 781 -28.82 13.78 32.43
C PRO C 781 -29.64 14.05 33.67
N ASP C 782 -28.97 14.10 34.82
CA ASP C 782 -29.57 14.42 36.11
C ASP C 782 -29.35 15.90 36.46
N PRO C 783 -30.39 16.76 36.41
CA PRO C 783 -30.35 18.20 36.65
C PRO C 783 -29.87 18.61 38.04
N SER C 784 -29.88 17.68 38.98
CA SER C 784 -29.50 18.00 40.35
C SER C 784 -28.00 17.94 40.61
N LYS C 785 -27.25 17.47 39.63
CA LYS C 785 -25.82 17.31 39.80
C LYS C 785 -25.07 18.58 39.35
N PRO C 786 -23.84 18.81 39.88
CA PRO C 786 -22.94 19.90 39.52
C PRO C 786 -22.47 19.79 38.07
N SER C 787 -22.59 18.60 37.53
CA SER C 787 -22.28 18.28 36.15
C SER C 787 -23.42 17.40 35.69
N LYS C 788 -24.10 17.81 34.65
CA LYS C 788 -25.32 17.13 34.25
C LYS C 788 -25.06 15.81 33.54
N ARG C 789 -24.71 14.81 34.32
CA ARG C 789 -24.45 13.48 33.83
C ARG C 789 -25.60 12.59 34.26
N SER C 790 -25.80 11.50 33.56
CA SER C 790 -26.83 10.53 33.91
C SER C 790 -26.42 9.67 35.08
N PHE C 791 -27.38 8.95 35.65
CA PHE C 791 -27.07 8.05 36.75
C PHE C 791 -26.01 7.06 36.33
N ILE C 792 -26.20 6.42 35.18
CA ILE C 792 -25.23 5.45 34.70
C ILE C 792 -23.87 6.07 34.45
N GLU C 793 -23.81 7.25 33.86
CA GLU C 793 -22.50 7.84 33.65
C GLU C 793 -21.78 8.06 34.96
N ASP C 794 -22.48 8.50 36.00
CA ASP C 794 -21.80 8.65 37.29
C ASP C 794 -21.19 7.33 37.74
N LEU C 795 -21.86 6.22 37.47
CA LEU C 795 -21.32 4.94 37.89
C LEU C 795 -20.02 4.66 37.17
N LEU C 796 -19.95 5.04 35.90
CA LEU C 796 -18.78 4.75 35.10
C LEU C 796 -17.59 5.57 35.59
N PHE C 797 -17.86 6.83 35.93
CA PHE C 797 -16.82 7.73 36.40
C PHE C 797 -16.31 7.36 37.78
N ASN C 798 -17.13 6.68 38.56
CA ASN C 798 -16.72 6.26 39.88
C ASN C 798 -16.00 4.91 39.89
N LYS C 799 -15.83 4.28 38.72
CA LYS C 799 -15.13 3.00 38.69
C LYS C 799 -13.75 3.09 38.06
N VAL C 800 -13.57 3.97 37.09
CA VAL C 800 -12.25 4.11 36.48
C VAL C 800 -11.48 5.21 37.22
N THR C 801 -10.25 4.90 37.68
CA THR C 801 -9.39 5.80 38.45
C THR C 801 -8.10 6.12 37.68
N LYS C 828 6.73 14.38 37.46
CA LYS C 828 6.36 15.22 38.61
C LYS C 828 7.04 16.60 38.45
N PHE C 829 8.31 16.70 38.87
CA PHE C 829 9.13 17.90 38.73
C PHE C 829 10.33 17.60 37.85
N ASN C 830 10.17 16.60 37.01
CA ASN C 830 11.25 16.14 36.13
C ASN C 830 10.99 16.50 34.68
N GLY C 831 10.19 17.54 34.48
CA GLY C 831 9.87 17.99 33.13
C GLY C 831 8.66 17.28 32.57
N LEU C 832 8.02 16.48 33.41
CA LEU C 832 6.87 15.69 33.02
C LEU C 832 5.58 16.35 33.47
N THR C 833 4.76 16.73 32.51
CA THR C 833 3.51 17.40 32.83
C THR C 833 2.36 16.75 32.08
N VAL C 834 1.14 17.06 32.49
CA VAL C 834 -0.04 16.57 31.80
C VAL C 834 -0.93 17.70 31.36
N LEU C 835 -1.27 17.70 30.08
CA LEU C 835 -2.11 18.72 29.50
C LEU C 835 -3.56 18.30 29.67
N PRO C 836 -4.49 19.24 29.85
CA PRO C 836 -5.90 18.97 29.91
C PRO C 836 -6.40 18.69 28.51
N PRO C 837 -7.49 17.96 28.37
CA PRO C 837 -8.21 17.71 27.15
C PRO C 837 -8.91 18.99 26.76
N LEU C 838 -9.19 19.16 25.48
CA LEU C 838 -9.95 20.30 25.04
C LEU C 838 -11.40 20.21 25.48
N LEU C 839 -11.97 19.02 25.40
CA LEU C 839 -13.36 18.84 25.79
C LEU C 839 -13.41 18.29 27.20
N THR C 840 -13.98 19.08 28.11
CA THR C 840 -14.06 18.69 29.50
C THR C 840 -15.13 17.66 29.68
N ASP C 841 -15.17 17.00 30.84
CA ASP C 841 -16.17 15.97 31.06
C ASP C 841 -17.57 16.53 30.90
N GLU C 842 -17.77 17.77 31.31
CA GLU C 842 -19.07 18.41 31.15
C GLU C 842 -19.45 18.52 29.69
N MET C 843 -18.50 18.86 28.82
CA MET C 843 -18.79 19.02 27.41
C MET C 843 -19.08 17.68 26.76
N ILE C 844 -18.41 16.64 27.23
CA ILE C 844 -18.67 15.34 26.68
C ILE C 844 -20.08 14.94 27.07
N ALA C 845 -20.44 15.21 28.32
CA ALA C 845 -21.78 14.87 28.79
C ALA C 845 -22.83 15.60 27.97
N GLN C 846 -22.56 16.85 27.58
CA GLN C 846 -23.52 17.56 26.75
C GLN C 846 -23.65 16.91 25.38
N TYR C 847 -22.55 16.40 24.82
CA TYR C 847 -22.66 15.73 23.55
C TYR C 847 -23.40 14.42 23.65
N THR C 848 -23.15 13.64 24.69
CA THR C 848 -23.86 12.37 24.76
C THR C 848 -25.33 12.63 25.04
N SER C 849 -25.62 13.71 25.75
CA SER C 849 -26.99 14.09 26.01
C SER C 849 -27.69 14.44 24.71
N ALA C 850 -27.03 15.22 23.86
CA ALA C 850 -27.61 15.60 22.57
C ALA C 850 -27.84 14.40 21.68
N LEU C 851 -26.90 13.48 21.67
CA LEU C 851 -27.03 12.30 20.84
C LEU C 851 -28.15 11.42 21.33
N LEU C 852 -28.27 11.33 22.65
CA LEU C 852 -29.31 10.55 23.27
C LEU C 852 -30.68 11.17 23.08
N ALA C 853 -30.78 12.48 23.27
CA ALA C 853 -32.05 13.15 23.10
C ALA C 853 -32.50 13.04 21.66
N GLY C 854 -31.56 13.12 20.74
CA GLY C 854 -31.86 12.98 19.32
C GLY C 854 -32.38 11.58 19.06
N THR C 855 -31.66 10.57 19.53
CA THR C 855 -32.03 9.18 19.33
C THR C 855 -33.42 8.89 19.83
N ILE C 856 -33.74 9.40 21.00
CA ILE C 856 -35.04 9.16 21.59
C ILE C 856 -36.19 9.90 20.91
N THR C 857 -36.03 11.18 20.60
CA THR C 857 -37.15 11.95 20.07
C THR C 857 -37.26 11.99 18.56
N SER C 858 -36.18 11.71 17.81
CA SER C 858 -36.23 11.80 16.36
C SER C 858 -35.65 10.59 15.61
N GLY C 859 -35.32 9.54 16.33
CA GLY C 859 -34.78 8.35 15.72
C GLY C 859 -33.49 8.62 14.97
N TRP C 860 -33.42 8.20 13.72
CA TRP C 860 -32.23 8.41 12.93
C TRP C 860 -32.28 9.65 12.07
N THR C 861 -33.36 10.39 12.11
CA THR C 861 -33.49 11.46 11.15
C THR C 861 -32.53 12.58 11.47
N PHE C 862 -32.15 12.73 12.73
CA PHE C 862 -31.24 13.80 13.11
C PHE C 862 -29.84 13.52 12.59
N GLY C 863 -29.54 12.26 12.29
CA GLY C 863 -28.24 11.90 11.76
C GLY C 863 -28.16 12.34 10.31
N ALA C 864 -29.20 12.03 9.54
CA ALA C 864 -29.24 12.38 8.12
C ALA C 864 -29.44 13.86 7.85
N GLY C 865 -30.30 14.52 8.63
CA GLY C 865 -30.65 15.91 8.37
C GLY C 865 -31.21 16.61 9.59
N ALA C 866 -32.49 16.96 9.52
CA ALA C 866 -33.16 17.63 10.62
C ALA C 866 -33.67 16.62 11.62
N ALA C 867 -33.77 17.00 12.87
CA ALA C 867 -34.35 16.08 13.83
C ALA C 867 -35.85 16.16 13.68
N LEU C 868 -36.43 15.07 13.20
CA LEU C 868 -37.86 15.02 12.95
C LEU C 868 -38.57 14.24 14.02
N GLN C 869 -39.41 14.90 14.77
CA GLN C 869 -40.04 14.25 15.89
C GLN C 869 -40.87 13.08 15.44
N ILE C 870 -40.86 12.03 16.24
CA ILE C 870 -41.68 10.87 16.02
C ILE C 870 -42.04 10.26 17.38
N PRO C 871 -43.27 9.78 17.61
CA PRO C 871 -43.64 9.11 18.83
C PRO C 871 -42.69 7.98 19.05
N PHE C 872 -42.27 7.77 20.29
CA PHE C 872 -41.27 6.74 20.52
C PHE C 872 -41.76 5.36 20.11
N ALA C 873 -43.01 5.04 20.40
CA ALA C 873 -43.51 3.73 20.04
C ALA C 873 -43.45 3.52 18.53
N MET C 874 -43.70 4.56 17.74
CA MET C 874 -43.60 4.40 16.30
C MET C 874 -42.16 4.25 15.89
N GLN C 875 -41.27 4.94 16.55
CA GLN C 875 -39.87 4.79 16.23
C GLN C 875 -39.46 3.35 16.42
N MET C 876 -39.93 2.73 17.49
CA MET C 876 -39.62 1.34 17.74
C MET C 876 -40.22 0.45 16.68
N ALA C 877 -41.38 0.83 16.15
CA ALA C 877 -42.00 0.03 15.10
C ALA C 877 -41.09 -0.05 13.91
N TYR C 878 -40.39 1.03 13.61
CA TYR C 878 -39.50 1.01 12.47
C TYR C 878 -38.32 0.14 12.79
N ARG C 879 -37.85 0.24 14.03
CA ARG C 879 -36.70 -0.52 14.48
C ARG C 879 -37.00 -2.02 14.37
N PHE C 880 -38.25 -2.39 14.64
CA PHE C 880 -38.68 -3.78 14.50
C PHE C 880 -38.79 -4.21 13.04
N ASN C 881 -39.35 -3.36 12.17
CA ASN C 881 -39.41 -3.73 10.77
C ASN C 881 -38.01 -3.96 10.22
N GLY C 882 -37.06 -3.18 10.72
CA GLY C 882 -35.68 -3.24 10.30
C GLY C 882 -34.99 -4.56 10.65
N ILE C 883 -35.59 -5.36 11.53
CA ILE C 883 -35.01 -6.64 11.89
C ILE C 883 -35.86 -7.77 11.40
N GLY C 884 -36.81 -7.47 10.52
CA GLY C 884 -37.65 -8.50 9.95
C GLY C 884 -38.81 -8.93 10.84
N VAL C 885 -39.26 -8.05 11.73
CA VAL C 885 -40.40 -8.37 12.59
C VAL C 885 -41.48 -7.34 12.32
N THR C 886 -42.65 -7.78 11.91
CA THR C 886 -43.72 -6.89 11.53
C THR C 886 -44.10 -5.99 12.69
N GLN C 887 -44.34 -4.71 12.40
CA GLN C 887 -44.64 -3.68 13.38
C GLN C 887 -45.81 -3.96 14.30
N ASN C 888 -46.72 -4.83 13.90
CA ASN C 888 -47.85 -5.08 14.77
C ASN C 888 -47.39 -5.82 16.00
N VAL C 889 -46.23 -6.47 15.92
CA VAL C 889 -45.71 -7.23 17.05
C VAL C 889 -45.39 -6.26 18.16
N LEU C 890 -44.76 -5.15 17.80
CA LEU C 890 -44.44 -4.16 18.79
C LEU C 890 -45.66 -3.61 19.47
N TYR C 891 -46.65 -3.21 18.70
CA TYR C 891 -47.78 -2.56 19.31
C TYR C 891 -48.57 -3.51 20.18
N GLU C 892 -48.74 -4.74 19.72
CA GLU C 892 -49.48 -5.71 20.47
C GLU C 892 -48.76 -6.06 21.77
N ASN C 893 -47.44 -6.04 21.73
CA ASN C 893 -46.61 -6.35 22.88
C ASN C 893 -45.92 -5.12 23.45
N GLN C 894 -46.44 -3.93 23.20
CA GLN C 894 -45.74 -2.74 23.65
C GLN C 894 -45.48 -2.70 25.14
N LYS C 895 -46.43 -3.18 25.94
CA LYS C 895 -46.22 -3.14 27.39
C LYS C 895 -45.11 -4.09 27.78
N LEU C 896 -45.06 -5.25 27.15
CA LEU C 896 -44.04 -6.25 27.44
C LEU C 896 -42.68 -5.71 27.08
N ILE C 897 -42.58 -5.11 25.92
CA ILE C 897 -41.33 -4.60 25.41
C ILE C 897 -40.81 -3.48 26.28
N ALA C 898 -41.68 -2.55 26.65
CA ALA C 898 -41.26 -1.47 27.52
C ALA C 898 -40.81 -2.01 28.86
N ASN C 899 -41.50 -3.02 29.39
CA ASN C 899 -41.11 -3.58 30.68
C ASN C 899 -39.79 -4.33 30.61
N GLN C 900 -39.55 -5.04 29.51
CA GLN C 900 -38.28 -5.74 29.36
C GLN C 900 -37.15 -4.74 29.22
N PHE C 901 -37.39 -3.66 28.49
CA PHE C 901 -36.38 -2.64 28.33
C PHE C 901 -36.04 -2.02 29.67
N ASN C 902 -37.05 -1.64 30.42
CA ASN C 902 -36.85 -0.97 31.69
C ASN C 902 -36.10 -1.87 32.66
N SER C 903 -36.39 -3.17 32.62
CA SER C 903 -35.73 -4.12 33.49
C SER C 903 -34.29 -4.30 33.07
N ALA C 904 -34.04 -4.34 31.76
CA ALA C 904 -32.69 -4.52 31.26
C ALA C 904 -31.80 -3.37 31.69
N ILE C 905 -32.32 -2.15 31.70
CA ILE C 905 -31.49 -1.03 32.12
C ILE C 905 -31.16 -1.17 33.60
N GLY C 906 -32.12 -1.56 34.42
CA GLY C 906 -31.83 -1.75 35.83
C GLY C 906 -30.71 -2.78 36.04
N LYS C 907 -30.68 -3.80 35.19
CA LYS C 907 -29.63 -4.80 35.27
C LYS C 907 -28.28 -4.21 34.94
N ILE C 908 -28.23 -3.25 34.01
CA ILE C 908 -26.98 -2.62 33.65
C ILE C 908 -26.40 -1.92 34.85
N GLN C 909 -27.25 -1.23 35.60
CA GLN C 909 -26.78 -0.52 36.77
C GLN C 909 -26.23 -1.46 37.82
N ASP C 910 -26.90 -2.59 38.02
CA ASP C 910 -26.45 -3.54 39.03
C ASP C 910 -25.11 -4.13 38.66
N SER C 911 -24.90 -4.38 37.38
CA SER C 911 -23.63 -4.91 36.93
C SER C 911 -22.52 -3.89 37.08
N LEU C 912 -22.74 -2.67 36.61
CA LEU C 912 -21.70 -1.66 36.65
C LEU C 912 -21.35 -1.26 38.07
N SER C 913 -22.33 -1.29 38.96
CA SER C 913 -22.14 -0.88 40.34
C SER C 913 -21.41 -1.93 41.18
N SER C 914 -21.30 -3.15 40.68
CA SER C 914 -20.72 -4.22 41.49
C SER C 914 -19.51 -4.90 40.85
N THR C 915 -19.38 -4.82 39.53
CA THR C 915 -18.30 -5.50 38.84
C THR C 915 -17.24 -4.50 38.40
N ALA C 916 -16.15 -4.43 39.16
CA ALA C 916 -15.10 -3.45 38.88
C ALA C 916 -14.47 -3.71 37.53
N SER C 917 -14.36 -4.99 37.19
CA SER C 917 -13.73 -5.45 35.95
C SER C 917 -14.51 -5.01 34.71
N ALA C 918 -15.73 -4.53 34.92
CA ALA C 918 -16.58 -4.11 33.82
C ALA C 918 -15.91 -3.03 33.00
N LEU C 919 -15.11 -2.18 33.64
CA LEU C 919 -14.46 -1.07 32.95
C LEU C 919 -12.99 -1.34 32.72
N GLY C 920 -12.59 -2.59 32.72
CA GLY C 920 -11.20 -2.96 32.57
C GLY C 920 -10.55 -2.38 31.31
N LYS C 921 -11.31 -2.24 30.23
CA LYS C 921 -10.73 -1.68 29.01
C LYS C 921 -10.27 -0.24 29.17
N LEU C 922 -10.91 0.52 30.06
CA LEU C 922 -10.50 1.91 30.26
C LEU C 922 -9.49 2.01 31.39
N GLN C 923 -9.62 1.14 32.37
CA GLN C 923 -8.71 1.15 33.51
C GLN C 923 -7.33 0.72 33.04
N ASP C 924 -7.29 -0.19 32.08
CA ASP C 924 -6.04 -0.69 31.54
C ASP C 924 -5.27 0.39 30.80
N VAL C 925 -5.97 1.30 30.14
CA VAL C 925 -5.30 2.36 29.43
C VAL C 925 -4.63 3.27 30.43
N VAL C 926 -5.35 3.59 31.48
CA VAL C 926 -4.81 4.43 32.53
C VAL C 926 -3.60 3.78 33.15
N ASN C 927 -3.68 2.47 33.41
CA ASN C 927 -2.57 1.77 34.02
C ASN C 927 -1.35 1.70 33.12
N GLN C 928 -1.54 1.51 31.82
CA GLN C 928 -0.39 1.44 30.94
C GLN C 928 0.34 2.76 30.86
N ASN C 929 -0.41 3.86 30.87
CA ASN C 929 0.22 5.15 30.77
C ASN C 929 0.91 5.52 32.08
N ALA C 930 0.30 5.14 33.19
CA ALA C 930 0.91 5.39 34.48
C ALA C 930 2.20 4.61 34.62
N GLN C 931 2.20 3.38 34.11
CA GLN C 931 3.39 2.55 34.18
C GLN C 931 4.48 3.12 33.31
N ALA C 932 4.13 3.64 32.14
CA ALA C 932 5.11 4.21 31.24
C ALA C 932 5.79 5.42 31.88
N LEU C 933 5.02 6.27 32.55
CA LEU C 933 5.62 7.44 33.19
C LEU C 933 6.42 7.05 34.41
N ASN C 934 5.97 6.08 35.17
CA ASN C 934 6.72 5.69 36.36
C ASN C 934 8.04 5.09 35.95
N THR C 935 8.05 4.36 34.85
CA THR C 935 9.28 3.76 34.37
C THR C 935 10.24 4.86 33.94
N LEU C 936 9.73 5.85 33.23
CA LEU C 936 10.54 6.94 32.75
C LEU C 936 11.19 7.69 33.91
N VAL C 937 10.42 7.97 34.95
CA VAL C 937 10.98 8.69 36.09
C VAL C 937 12.00 7.85 36.84
N LYS C 938 11.73 6.59 37.04
CA LYS C 938 12.68 5.74 37.74
C LYS C 938 14.01 5.67 37.01
N GLN C 939 14.03 5.78 35.69
CA GLN C 939 15.29 5.72 34.95
C GLN C 939 16.24 6.83 35.32
N LEU C 940 15.75 7.90 35.92
CA LEU C 940 16.62 9.00 36.31
C LEU C 940 17.57 8.58 37.42
N SER C 941 17.21 7.52 38.14
CA SER C 941 18.03 7.03 39.25
C SER C 941 19.17 6.14 38.77
N SER C 942 19.18 5.80 37.48
CA SER C 942 20.21 4.91 36.97
C SER C 942 21.49 5.66 36.66
N ASN C 943 22.61 4.96 36.82
CA ASN C 943 23.92 5.55 36.57
C ASN C 943 24.35 5.48 35.12
N PHE C 944 23.95 4.42 34.43
CA PHE C 944 24.35 4.23 33.04
C PHE C 944 25.86 4.24 32.85
N GLY C 945 26.60 3.85 33.88
CA GLY C 945 28.06 3.80 33.81
C GLY C 945 28.71 5.00 34.48
N ALA C 946 27.92 5.99 34.82
CA ALA C 946 28.42 7.19 35.49
C ALA C 946 28.70 6.90 36.95
N ILE C 947 29.50 7.75 37.58
CA ILE C 947 29.79 7.64 39.01
C ILE C 947 28.57 7.90 39.87
N SER C 948 27.59 8.63 39.33
CA SER C 948 26.37 8.95 40.04
C SER C 948 25.25 9.29 39.10
N SER C 949 24.03 8.91 39.48
CA SER C 949 22.84 9.25 38.74
C SER C 949 22.46 10.70 38.94
N VAL C 950 23.01 11.32 39.99
CA VAL C 950 22.68 12.69 40.29
C VAL C 950 23.63 13.63 39.58
N LEU C 951 23.07 14.45 38.71
CA LEU C 951 23.85 15.33 37.88
C LEU C 951 24.60 16.36 38.70
N ASN C 952 23.96 16.87 39.75
CA ASN C 952 24.59 17.88 40.58
C ASN C 952 25.79 17.32 41.34
N ASP C 953 25.75 16.01 41.65
CA ASP C 953 26.84 15.39 42.38
C ASP C 953 28.04 15.19 41.48
N ILE C 954 27.81 15.04 40.20
CA ILE C 954 28.94 14.95 39.29
C ILE C 954 29.59 16.33 39.18
N LEU C 955 28.77 17.34 38.95
CA LEU C 955 29.25 18.69 38.76
C LEU C 955 29.93 19.29 39.98
N SER C 956 29.45 18.94 41.17
CA SER C 956 30.02 19.48 42.39
C SER C 956 31.31 18.78 42.78
N ARG C 957 31.66 17.71 42.08
CA ARG C 957 32.84 16.94 42.44
C ARG C 957 33.92 16.94 41.38
N LEU C 958 33.54 17.00 40.11
CA LEU C 958 34.55 16.95 39.06
C LEU C 958 34.70 18.24 38.29
N ASP C 959 35.94 18.53 37.90
CA ASP C 959 36.25 19.62 36.99
C ASP C 959 35.69 19.25 35.62
N PRO C 960 35.29 20.23 34.77
CA PRO C 960 34.72 20.03 33.45
C PRO C 960 35.39 18.94 32.57
N PRO C 961 36.72 18.82 32.45
CA PRO C 961 37.37 17.84 31.60
C PRO C 961 36.99 16.41 31.98
N GLU C 962 36.56 16.20 33.22
CA GLU C 962 36.17 14.89 33.70
C GLU C 962 34.66 14.79 33.90
N ALA C 963 34.06 15.91 34.30
CA ALA C 963 32.64 15.96 34.54
C ALA C 963 31.89 15.69 33.27
N GLU C 964 32.41 16.21 32.16
CA GLU C 964 31.74 16.05 30.87
C GLU C 964 31.66 14.60 30.46
N VAL C 965 32.65 13.80 30.82
CA VAL C 965 32.61 12.40 30.46
C VAL C 965 31.51 11.69 31.23
N GLN C 966 31.42 11.98 32.52
CA GLN C 966 30.40 11.36 33.34
C GLN C 966 29.01 11.81 32.92
N ILE C 967 28.90 13.07 32.52
CA ILE C 967 27.63 13.59 32.08
C ILE C 967 27.22 12.98 30.77
N ASP C 968 28.14 12.84 29.82
CA ASP C 968 27.78 12.20 28.56
C ASP C 968 27.21 10.82 28.79
N ARG C 969 27.70 10.10 29.80
CA ARG C 969 27.15 8.78 30.06
C ARG C 969 25.69 8.89 30.49
N LEU C 970 25.38 9.91 31.30
CA LEU C 970 23.99 10.10 31.75
C LEU C 970 23.12 10.60 30.61
N ILE C 971 23.66 11.46 29.75
CA ILE C 971 22.87 11.99 28.66
C ILE C 971 22.49 10.88 27.72
N THR C 972 23.43 10.01 27.39
CA THR C 972 23.12 8.94 26.48
C THR C 972 22.02 8.07 27.05
N GLY C 973 22.14 7.70 28.32
CA GLY C 973 21.14 6.85 28.96
C GLY C 973 19.78 7.51 29.07
N ARG C 974 19.74 8.78 29.43
CA ARG C 974 18.49 9.48 29.62
C ARG C 974 17.83 9.84 28.29
N LEU C 975 18.64 10.13 27.28
CA LEU C 975 18.11 10.42 25.96
C LEU C 975 17.53 9.14 25.38
N GLN C 976 18.23 8.02 25.58
CA GLN C 976 17.76 6.73 25.13
C GLN C 976 16.47 6.37 25.84
N SER C 977 16.36 6.72 27.12
CA SER C 977 15.18 6.44 27.91
C SER C 977 13.98 7.18 27.35
N LEU C 978 14.15 8.46 27.00
CA LEU C 978 13.04 9.18 26.40
C LEU C 978 12.66 8.59 25.06
N GLN C 979 13.64 8.23 24.25
CA GLN C 979 13.29 7.68 22.95
C GLN C 979 12.48 6.43 23.10
N THR C 980 12.82 5.60 24.08
CA THR C 980 12.06 4.39 24.33
C THR C 980 10.65 4.74 24.73
N TYR C 981 10.50 5.69 25.65
CA TYR C 981 9.19 6.14 26.10
C TYR C 981 8.34 6.66 24.96
N VAL C 982 8.89 7.55 24.16
CA VAL C 982 8.14 8.17 23.09
C VAL C 982 7.71 7.12 22.07
N THR C 983 8.59 6.21 21.72
CA THR C 983 8.24 5.17 20.77
C THR C 983 7.07 4.37 21.29
N GLN C 984 7.09 4.02 22.58
CA GLN C 984 6.00 3.24 23.13
C GLN C 984 4.71 4.04 23.14
N GLN C 985 4.80 5.35 23.36
CA GLN C 985 3.61 6.18 23.35
C GLN C 985 3.02 6.30 21.96
N LEU C 986 3.87 6.34 20.94
CA LEU C 986 3.39 6.44 19.56
C LEU C 986 2.69 5.17 19.15
N ILE C 987 3.22 4.03 19.56
CA ILE C 987 2.61 2.77 19.23
C ILE C 987 1.30 2.62 19.99
N ARG C 988 1.32 2.94 21.28
CA ARG C 988 0.11 2.88 22.08
C ARG C 988 -0.94 3.85 21.56
N ALA C 989 -0.51 5.02 21.14
CA ALA C 989 -1.43 6.01 20.61
C ALA C 989 -2.13 5.48 19.37
N ALA C 990 -1.41 4.71 18.56
CA ALA C 990 -2.02 4.15 17.37
C ALA C 990 -3.11 3.17 17.74
N GLU C 991 -2.91 2.41 18.81
CA GLU C 991 -3.92 1.48 19.27
C GLU C 991 -5.16 2.22 19.72
N ILE C 992 -4.96 3.30 20.47
CA ILE C 992 -6.07 4.11 20.94
C ILE C 992 -6.77 4.76 19.77
N ARG C 993 -6.03 5.23 18.79
CA ARG C 993 -6.63 5.85 17.63
C ARG C 993 -7.52 4.87 16.91
N ALA C 994 -7.06 3.63 16.75
CA ALA C 994 -7.87 2.63 16.09
C ALA C 994 -9.16 2.38 16.88
N SER C 995 -9.06 2.36 18.20
CA SER C 995 -10.24 2.18 19.04
C SER C 995 -11.17 3.37 18.90
N ALA C 996 -10.61 4.57 18.87
CA ALA C 996 -11.41 5.77 18.71
C ALA C 996 -12.11 5.76 17.37
N ASN C 997 -11.44 5.27 16.33
CA ASN C 997 -12.05 5.21 15.02
C ASN C 997 -13.20 4.24 15.04
N LEU C 998 -13.03 3.14 15.74
CA LEU C 998 -14.10 2.17 15.87
C LEU C 998 -15.27 2.75 16.61
N ALA C 999 -14.98 3.46 17.70
CA ALA C 999 -16.03 4.08 18.48
C ALA C 999 -16.79 5.10 17.67
N ALA C 1000 -16.08 5.86 16.85
CA ALA C 1000 -16.72 6.85 16.01
C ALA C 1000 -17.60 6.19 14.97
N THR C 1001 -17.13 5.07 14.43
CA THR C 1001 -17.88 4.32 13.45
C THR C 1001 -19.15 3.81 14.09
N LYS C 1002 -19.06 3.26 15.30
CA LYS C 1002 -20.25 2.78 15.96
C LYS C 1002 -21.19 3.92 16.26
N MET C 1003 -20.69 5.04 16.71
CA MET C 1003 -21.59 6.11 17.03
C MET C 1003 -22.46 6.40 15.81
N SER C 1004 -21.84 6.53 14.65
CA SER C 1004 -22.59 6.83 13.45
C SER C 1004 -23.51 5.70 12.99
N GLU C 1005 -22.99 4.49 13.02
CA GLU C 1005 -23.70 3.33 12.49
C GLU C 1005 -24.40 2.48 13.53
N CYS C 1006 -24.60 3.03 14.72
CA CYS C 1006 -25.18 2.30 15.85
C CYS C 1006 -26.15 3.21 16.61
N VAL C 1007 -25.68 4.42 17.00
CA VAL C 1007 -26.50 5.40 17.72
C VAL C 1007 -27.32 6.25 16.77
N LEU C 1008 -26.69 6.79 15.73
CA LEU C 1008 -27.40 7.65 14.79
C LEU C 1008 -28.28 6.87 13.83
N GLY C 1009 -27.98 5.61 13.61
CA GLY C 1009 -28.75 4.77 12.70
C GLY C 1009 -29.22 3.49 13.36
N GLN C 1010 -29.30 2.43 12.57
CA GLN C 1010 -29.65 1.09 12.98
C GLN C 1010 -28.75 0.14 12.21
N SER C 1011 -28.11 -0.78 12.91
CA SER C 1011 -27.12 -1.62 12.28
C SER C 1011 -27.63 -2.94 11.76
N LYS C 1012 -27.35 -3.21 10.50
CA LYS C 1012 -27.68 -4.49 9.89
C LYS C 1012 -26.47 -5.40 9.96
N ARG C 1013 -25.39 -4.85 10.49
CA ARG C 1013 -24.12 -5.56 10.61
C ARG C 1013 -24.14 -6.44 11.85
N VAL C 1014 -23.94 -7.73 11.65
CA VAL C 1014 -24.05 -8.71 12.73
C VAL C 1014 -22.98 -8.58 13.77
N ASP C 1015 -23.43 -8.55 15.03
CA ASP C 1015 -22.61 -8.43 16.22
C ASP C 1015 -21.74 -7.18 16.21
N PHE C 1016 -22.07 -6.24 15.35
CA PHE C 1016 -21.41 -4.95 15.36
C PHE C 1016 -21.85 -4.14 16.58
N CYS C 1017 -23.14 -4.19 16.90
CA CYS C 1017 -23.77 -3.48 18.00
C CYS C 1017 -24.41 -4.46 19.00
N GLY C 1018 -23.63 -5.45 19.46
CA GLY C 1018 -24.06 -6.44 20.44
C GLY C 1018 -24.64 -7.66 19.76
N LYS C 1019 -24.76 -8.74 20.50
CA LYS C 1019 -25.33 -9.98 19.99
C LYS C 1019 -26.84 -9.84 19.93
N GLY C 1020 -27.44 -10.30 18.85
CA GLY C 1020 -28.89 -10.21 18.69
C GLY C 1020 -29.20 -9.29 17.54
N TYR C 1021 -30.47 -9.03 17.30
CA TYR C 1021 -30.79 -8.17 16.18
C TYR C 1021 -30.83 -6.74 16.68
N HIS C 1022 -29.96 -5.90 16.16
CA HIS C 1022 -29.86 -4.56 16.69
C HIS C 1022 -31.09 -3.73 16.46
N LEU C 1023 -31.54 -3.04 17.50
CA LEU C 1023 -32.63 -2.10 17.41
C LEU C 1023 -32.08 -0.69 17.50
N MET C 1024 -31.54 -0.34 18.65
CA MET C 1024 -31.04 1.01 18.91
C MET C 1024 -29.92 1.02 19.92
N SER C 1025 -29.14 2.08 19.97
CA SER C 1025 -28.11 2.18 20.98
C SER C 1025 -28.05 3.55 21.61
N PHE C 1026 -27.55 3.60 22.83
CA PHE C 1026 -27.41 4.85 23.56
C PHE C 1026 -25.98 5.02 24.07
N PRO C 1027 -25.29 6.12 23.78
CA PRO C 1027 -23.97 6.41 24.24
C PRO C 1027 -24.02 6.89 25.67
N GLN C 1028 -22.97 6.60 26.42
CA GLN C 1028 -22.74 7.16 27.75
C GLN C 1028 -21.26 7.51 27.81
N SER C 1029 -20.90 8.62 28.44
CA SER C 1029 -19.48 8.93 28.54
C SER C 1029 -18.81 8.17 29.66
N ALA C 1030 -17.50 8.05 29.58
CA ALA C 1030 -16.70 7.43 30.61
C ALA C 1030 -15.32 8.09 30.58
N PRO C 1031 -14.51 7.99 31.63
CA PRO C 1031 -13.18 8.53 31.64
C PRO C 1031 -12.39 8.01 30.46
N HIS C 1032 -11.91 8.91 29.62
CA HIS C 1032 -11.13 8.57 28.45
C HIS C 1032 -11.79 7.53 27.55
N GLY C 1033 -13.10 7.53 27.44
CA GLY C 1033 -13.75 6.55 26.60
C GLY C 1033 -15.24 6.72 26.48
N VAL C 1034 -15.85 5.80 25.76
CA VAL C 1034 -17.28 5.84 25.53
C VAL C 1034 -17.86 4.48 25.82
N VAL C 1035 -19.06 4.47 26.39
CA VAL C 1035 -19.75 3.24 26.67
C VAL C 1035 -21.06 3.21 25.92
N PHE C 1036 -21.29 2.13 25.20
CA PHE C 1036 -22.52 2.01 24.45
C PHE C 1036 -23.46 1.01 25.07
N LEU C 1037 -24.71 1.41 25.23
CA LEU C 1037 -25.72 0.49 25.67
C LEU C 1037 -26.48 0.05 24.44
N HIS C 1038 -26.31 -1.20 24.06
CA HIS C 1038 -26.90 -1.69 22.82
C HIS C 1038 -28.18 -2.43 23.12
N VAL C 1039 -29.26 -1.98 22.53
CA VAL C 1039 -30.55 -2.59 22.76
C VAL C 1039 -30.83 -3.51 21.60
N THR C 1040 -30.98 -4.79 21.89
CA THR C 1040 -31.14 -5.78 20.84
C THR C 1040 -32.36 -6.67 21.05
N TYR C 1041 -32.87 -7.19 19.95
CA TYR C 1041 -33.98 -8.13 19.96
C TYR C 1041 -33.44 -9.54 19.88
N VAL C 1042 -33.76 -10.35 20.87
CA VAL C 1042 -33.29 -11.70 20.89
C VAL C 1042 -34.47 -12.67 20.98
N PRO C 1043 -34.62 -13.62 20.04
CA PRO C 1043 -35.64 -14.65 20.07
C PRO C 1043 -35.53 -15.38 21.40
N ALA C 1044 -36.66 -15.66 22.05
CA ALA C 1044 -36.59 -16.23 23.39
C ALA C 1044 -37.10 -17.66 23.49
N GLN C 1045 -38.21 -17.95 22.83
CA GLN C 1045 -38.81 -19.27 22.95
C GLN C 1045 -39.13 -19.76 21.58
N GLU C 1046 -38.99 -21.06 21.33
CA GLU C 1046 -39.25 -21.59 19.98
C GLU C 1046 -40.03 -22.87 19.96
N LYS C 1047 -40.68 -23.12 18.83
CA LYS C 1047 -41.36 -24.38 18.59
C LYS C 1047 -40.89 -25.04 17.30
N ASN C 1048 -40.97 -26.38 17.26
CA ASN C 1048 -40.68 -27.21 16.10
C ASN C 1048 -41.88 -27.31 15.17
N PHE C 1049 -41.79 -26.76 13.95
CA PHE C 1049 -42.86 -26.81 12.96
C PHE C 1049 -42.41 -27.62 11.77
N THR C 1050 -43.35 -28.25 11.10
CA THR C 1050 -43.03 -28.92 9.86
C THR C 1050 -43.09 -27.89 8.77
N THR C 1051 -42.19 -27.95 7.81
CA THR C 1051 -42.20 -26.93 6.78
C THR C 1051 -42.17 -27.48 5.36
N ALA C 1052 -42.28 -26.56 4.42
CA ALA C 1052 -42.24 -26.85 3.00
C ALA C 1052 -41.81 -25.59 2.26
N PRO C 1053 -41.03 -25.72 1.18
CA PRO C 1053 -40.58 -24.62 0.35
C PRO C 1053 -41.68 -23.99 -0.48
N ALA C 1054 -42.74 -24.74 -0.72
CA ALA C 1054 -43.82 -24.28 -1.57
C ALA C 1054 -45.07 -25.11 -1.34
N ILE C 1055 -46.20 -24.54 -1.72
CA ILE C 1055 -47.48 -25.26 -1.69
C ILE C 1055 -48.20 -25.33 -3.02
N CYS C 1056 -48.68 -26.53 -3.38
CA CYS C 1056 -49.49 -26.77 -4.58
C CYS C 1056 -50.95 -26.43 -4.30
N HIS C 1057 -51.60 -25.80 -5.29
CA HIS C 1057 -53.04 -25.51 -5.23
C HIS C 1057 -53.75 -26.20 -6.40
N ASP C 1058 -53.70 -25.58 -7.58
CA ASP C 1058 -54.33 -26.16 -8.76
C ASP C 1058 -53.29 -26.72 -9.71
N GLY C 1059 -52.14 -27.07 -9.18
CA GLY C 1059 -51.02 -27.54 -9.98
C GLY C 1059 -49.98 -26.44 -10.05
N LYS C 1060 -50.39 -25.26 -9.60
CA LYS C 1060 -49.55 -24.08 -9.51
C LYS C 1060 -48.73 -24.14 -8.24
N ALA C 1061 -47.49 -23.67 -8.31
CA ALA C 1061 -46.63 -23.64 -7.12
C ALA C 1061 -46.64 -22.26 -6.46
N HIS C 1062 -47.11 -22.21 -5.22
CA HIS C 1062 -47.22 -20.98 -4.47
C HIS C 1062 -46.09 -20.84 -3.45
N PHE C 1063 -45.42 -19.71 -3.46
CA PHE C 1063 -44.32 -19.44 -2.54
C PHE C 1063 -44.71 -18.25 -1.67
N PRO C 1064 -44.26 -18.12 -0.43
CA PRO C 1064 -44.56 -17.00 0.43
C PRO C 1064 -43.96 -15.72 -0.12
N ARG C 1065 -44.69 -14.61 -0.03
CA ARG C 1065 -44.05 -13.35 -0.39
C ARG C 1065 -43.06 -13.00 0.69
N GLU C 1066 -43.48 -13.23 1.92
CA GLU C 1066 -42.68 -13.02 3.10
C GLU C 1066 -42.99 -14.15 4.05
N GLY C 1067 -42.01 -14.59 4.82
CA GLY C 1067 -42.28 -15.63 5.78
C GLY C 1067 -42.11 -17.01 5.17
N VAL C 1068 -42.53 -18.00 5.93
CA VAL C 1068 -42.39 -19.40 5.56
C VAL C 1068 -43.68 -20.14 5.74
N PHE C 1069 -43.80 -21.29 5.09
CA PHE C 1069 -44.93 -22.14 5.35
C PHE C 1069 -44.61 -23.04 6.51
N VAL C 1070 -45.56 -23.18 7.40
CA VAL C 1070 -45.40 -24.04 8.57
C VAL C 1070 -46.59 -24.92 8.74
N SER C 1071 -46.39 -26.02 9.43
CA SER C 1071 -47.50 -26.89 9.78
C SER C 1071 -47.43 -27.29 11.24
N ASN C 1072 -48.58 -27.22 11.90
CA ASN C 1072 -48.73 -27.62 13.30
C ASN C 1072 -49.10 -29.11 13.42
N GLY C 1073 -49.09 -29.84 12.29
CA GLY C 1073 -49.39 -31.26 12.18
C GLY C 1073 -50.70 -31.51 11.47
N THR C 1074 -51.59 -30.52 11.45
CA THR C 1074 -52.86 -30.72 10.75
C THR C 1074 -53.16 -29.62 9.73
N HIS C 1075 -52.67 -28.40 10.00
CA HIS C 1075 -52.95 -27.28 9.11
C HIS C 1075 -51.72 -26.51 8.74
N TRP C 1076 -51.69 -26.04 7.49
CA TRP C 1076 -50.61 -25.22 6.98
C TRP C 1076 -50.93 -23.74 7.11
N PHE C 1077 -49.95 -22.99 7.56
CA PHE C 1077 -50.04 -21.56 7.75
C PHE C 1077 -48.83 -20.89 7.17
N VAL C 1078 -48.92 -19.61 6.93
CA VAL C 1078 -47.76 -18.86 6.52
C VAL C 1078 -47.44 -17.87 7.61
N THR C 1079 -46.16 -17.77 8.00
CA THR C 1079 -45.82 -16.92 9.18
C THR C 1079 -44.44 -16.28 9.03
N GLN C 1080 -44.19 -15.18 9.76
CA GLN C 1080 -42.89 -14.47 9.71
C GLN C 1080 -41.77 -15.37 10.27
N ARG C 1081 -40.57 -15.28 9.70
CA ARG C 1081 -39.43 -16.14 10.14
C ARG C 1081 -39.00 -15.81 11.58
N ASN C 1082 -38.97 -14.53 11.96
CA ASN C 1082 -38.41 -14.15 13.29
C ASN C 1082 -39.48 -14.14 14.40
N PHE C 1083 -40.74 -14.45 14.08
CA PHE C 1083 -41.77 -14.53 15.15
C PHE C 1083 -42.96 -15.37 14.69
N TYR C 1084 -43.44 -16.28 15.54
CA TYR C 1084 -44.55 -17.13 15.16
C TYR C 1084 -45.87 -16.41 15.28
N GLU C 1085 -46.50 -16.28 14.14
CA GLU C 1085 -47.76 -15.59 13.99
C GLU C 1085 -48.47 -16.15 12.78
N PRO C 1086 -49.11 -17.30 12.90
CA PRO C 1086 -49.63 -18.08 11.81
C PRO C 1086 -50.80 -17.38 11.14
N GLN C 1087 -50.80 -17.39 9.83
CA GLN C 1087 -51.89 -16.83 9.06
C GLN C 1087 -52.40 -17.84 8.06
N ILE C 1088 -53.64 -17.71 7.66
CA ILE C 1088 -54.18 -18.57 6.63
C ILE C 1088 -53.46 -18.28 5.33
N ILE C 1089 -53.13 -19.32 4.60
CA ILE C 1089 -52.43 -19.13 3.35
C ILE C 1089 -53.43 -18.69 2.31
N THR C 1090 -53.17 -17.54 1.73
CA THR C 1090 -54.06 -16.94 0.76
C THR C 1090 -53.26 -16.44 -0.42
N THR C 1091 -53.96 -16.02 -1.46
CA THR C 1091 -53.31 -15.48 -2.64
C THR C 1091 -52.67 -14.12 -2.38
N ASP C 1092 -52.99 -13.51 -1.23
CA ASP C 1092 -52.40 -12.23 -0.87
C ASP C 1092 -51.18 -12.41 0.01
N ASN C 1093 -50.86 -13.67 0.36
CA ASN C 1093 -49.69 -13.98 1.16
C ASN C 1093 -48.62 -14.63 0.32
N THR C 1094 -49.03 -15.28 -0.75
CA THR C 1094 -48.14 -16.04 -1.61
C THR C 1094 -48.14 -15.55 -3.03
N PHE C 1095 -47.17 -16.00 -3.82
CA PHE C 1095 -47.13 -15.69 -5.23
C PHE C 1095 -46.89 -16.96 -6.02
N VAL C 1096 -47.28 -16.96 -7.28
CA VAL C 1096 -47.14 -18.15 -8.10
C VAL C 1096 -46.04 -18.09 -9.11
N SER C 1097 -45.25 -19.15 -9.14
CA SER C 1097 -44.23 -19.27 -10.17
C SER C 1097 -43.96 -20.71 -10.50
N GLY C 1098 -44.16 -21.08 -11.75
CA GLY C 1098 -43.94 -22.45 -12.16
C GLY C 1098 -45.05 -23.36 -11.64
N ASN C 1099 -44.73 -24.65 -11.52
CA ASN C 1099 -45.72 -25.63 -11.16
C ASN C 1099 -45.14 -26.71 -10.25
N CYS C 1100 -46.00 -27.64 -9.82
CA CYS C 1100 -45.71 -28.68 -8.84
C CYS C 1100 -44.64 -29.72 -9.24
N ASP C 1101 -44.27 -29.81 -10.52
CA ASP C 1101 -43.33 -30.82 -11.00
C ASP C 1101 -41.88 -30.38 -10.89
N VAL C 1102 -41.66 -29.16 -10.41
CA VAL C 1102 -40.30 -28.64 -10.35
C VAL C 1102 -39.71 -28.57 -8.94
N VAL C 1103 -40.48 -28.13 -7.96
CA VAL C 1103 -39.95 -27.86 -6.63
C VAL C 1103 -39.82 -29.11 -5.77
N ILE C 1104 -38.63 -29.31 -5.23
CA ILE C 1104 -38.35 -30.45 -4.40
C ILE C 1104 -38.91 -30.23 -3.01
N GLY C 1105 -39.77 -31.12 -2.57
CA GLY C 1105 -40.36 -30.99 -1.24
C GLY C 1105 -41.66 -30.20 -1.22
N ILE C 1106 -42.20 -29.88 -2.39
CA ILE C 1106 -43.45 -29.15 -2.45
C ILE C 1106 -44.58 -30.02 -1.90
N VAL C 1107 -45.48 -29.41 -1.14
CA VAL C 1107 -46.57 -30.16 -0.54
C VAL C 1107 -47.92 -29.68 -1.04
N ASN C 1108 -48.95 -30.52 -0.90
CA ASN C 1108 -50.33 -30.20 -1.26
C ASN C 1108 -51.06 -29.49 -0.12
N ASN C 1109 -51.80 -28.43 -0.44
CA ASN C 1109 -52.68 -27.72 0.49
C ASN C 1109 -53.70 -26.99 -0.34
N THR C 1110 -54.34 -26.00 0.26
CA THR C 1110 -55.24 -25.16 -0.49
C THR C 1110 -54.84 -23.74 -0.24
N VAL C 1111 -55.02 -22.90 -1.23
CA VAL C 1111 -54.75 -21.49 -1.07
C VAL C 1111 -56.05 -20.72 -1.21
N TYR C 1112 -56.39 -19.99 -0.17
CA TYR C 1112 -57.64 -19.27 -0.12
C TYR C 1112 -57.60 -18.02 -0.97
N ASP C 1113 -58.65 -17.82 -1.75
CA ASP C 1113 -58.80 -16.63 -2.58
C ASP C 1113 -59.90 -15.75 -2.01
N PRO C 1114 -59.56 -14.61 -1.37
CA PRO C 1114 -60.47 -13.68 -0.72
C PRO C 1114 -61.54 -13.15 -1.64
N LEU C 1115 -61.32 -13.22 -2.94
CA LEU C 1115 -62.28 -12.72 -3.91
C LEU C 1115 -63.44 -13.68 -4.07
N GLN C 1116 -63.18 -14.98 -3.98
CA GLN C 1116 -64.21 -15.95 -4.26
C GLN C 1116 -65.53 -15.71 -3.52
N PRO C 1117 -65.57 -15.60 -2.18
CA PRO C 1117 -66.79 -15.42 -1.42
C PRO C 1117 -67.51 -14.10 -1.71
N GLU C 1118 -66.79 -13.12 -2.24
CA GLU C 1118 -67.40 -11.84 -2.53
C GLU C 1118 -68.21 -11.96 -3.80
N LEU C 1119 -67.74 -12.80 -4.71
CA LEU C 1119 -68.41 -13.03 -5.98
C LEU C 1119 -69.39 -14.18 -5.84
N ASP C 1120 -69.13 -15.08 -4.90
CA ASP C 1120 -69.97 -16.24 -4.64
C ASP C 1120 -71.31 -15.82 -4.01
N SER C 1121 -71.27 -14.86 -3.06
CA SER C 1121 -72.45 -14.33 -2.38
C SER C 1121 -73.08 -13.22 -3.22
N GLU D 1 -54.98 36.54 -38.34
CA GLU D 1 -53.60 37.05 -38.59
C GLU D 1 -52.63 36.62 -37.48
N VAL D 2 -51.36 36.45 -37.83
CA VAL D 2 -50.24 36.30 -36.88
C VAL D 2 -49.57 37.67 -36.74
N GLN D 3 -49.27 38.13 -35.52
CA GLN D 3 -48.74 39.48 -35.30
C GLN D 3 -47.24 39.46 -35.03
N LEU D 4 -46.48 40.23 -35.81
CA LEU D 4 -45.06 40.54 -35.60
C LEU D 4 -44.89 42.06 -35.72
N VAL D 5 -44.04 42.64 -34.89
CA VAL D 5 -43.70 44.08 -34.96
C VAL D 5 -42.21 44.26 -34.67
N GLU D 6 -41.47 44.71 -35.68
CA GLU D 6 -40.08 45.15 -35.53
C GLU D 6 -39.97 46.49 -34.79
N SER D 7 -38.82 46.76 -34.19
CA SER D 7 -38.49 48.02 -33.54
C SER D 7 -36.98 48.28 -33.60
N GLY D 8 -36.57 49.55 -33.50
CA GLY D 8 -35.16 49.93 -33.45
C GLY D 8 -34.53 50.26 -34.80
N GLY D 9 -35.31 50.69 -35.80
CA GLY D 9 -34.78 51.13 -37.09
C GLY D 9 -34.07 52.49 -37.06
N GLY D 10 -34.04 53.19 -38.19
CA GLY D 10 -33.56 54.56 -38.32
C GLY D 10 -32.15 54.70 -38.87
N LEU D 11 -31.54 55.88 -38.69
CA LEU D 11 -30.23 56.25 -39.22
C LEU D 11 -29.06 55.77 -38.35
N VAL D 12 -27.99 55.39 -39.03
CA VAL D 12 -26.71 54.90 -38.52
C VAL D 12 -25.60 55.44 -39.43
N LYS D 13 -24.35 55.36 -39.00
CA LYS D 13 -23.18 55.83 -39.74
C LYS D 13 -22.25 54.66 -40.03
N ALA D 14 -21.55 54.67 -41.16
CA ALA D 14 -20.60 53.61 -41.48
C ALA D 14 -19.54 53.47 -40.37
N GLY D 15 -19.19 52.23 -40.03
CA GLY D 15 -18.39 51.90 -38.84
C GLY D 15 -19.17 51.91 -37.51
N GLY D 16 -20.39 52.41 -37.52
CA GLY D 16 -21.27 52.51 -36.36
C GLY D 16 -21.92 51.17 -35.98
N SER D 17 -22.64 51.19 -34.87
CA SER D 17 -23.37 50.03 -34.33
C SER D 17 -24.85 50.33 -34.11
N LEU D 18 -25.72 49.35 -34.33
CA LEU D 18 -27.15 49.38 -34.00
C LEU D 18 -27.61 48.01 -33.47
N ILE D 19 -28.77 47.94 -32.81
CA ILE D 19 -29.47 46.69 -32.47
C ILE D 19 -30.92 46.79 -32.96
N LEU D 20 -31.36 45.88 -33.83
CA LEU D 20 -32.77 45.68 -34.13
C LEU D 20 -33.41 44.77 -33.07
N SER D 21 -34.73 44.82 -32.92
CA SER D 21 -35.50 43.75 -32.28
C SER D 21 -36.86 43.55 -32.93
N CYS D 22 -37.47 42.39 -32.71
CA CYS D 22 -38.85 42.11 -33.06
C CYS D 22 -39.56 41.41 -31.90
N GLY D 23 -40.77 41.85 -31.61
CA GLY D 23 -41.71 41.21 -30.70
C GLY D 23 -42.93 40.69 -31.44
N VAL D 24 -43.69 39.79 -30.83
CA VAL D 24 -44.80 39.10 -31.50
C VAL D 24 -46.05 38.97 -30.64
N SER D 25 -47.18 38.66 -31.27
CA SER D 25 -48.46 38.32 -30.64
C SER D 25 -49.25 37.33 -31.51
N ASN D 26 -50.26 36.71 -30.91
CA ASN D 26 -51.04 35.61 -31.48
C ASN D 26 -50.24 34.30 -31.68
N PHE D 27 -48.96 34.24 -31.32
CA PHE D 27 -48.21 32.99 -31.20
C PHE D 27 -47.08 33.09 -30.16
N ARG D 28 -46.62 31.95 -29.66
CA ARG D 28 -45.39 31.83 -28.86
C ARG D 28 -44.22 31.48 -29.79
N ILE D 29 -43.05 32.12 -29.67
CA ILE D 29 -41.96 31.89 -30.65
C ILE D 29 -41.22 30.55 -30.51
N SER D 30 -41.31 29.89 -29.36
CA SER D 30 -40.36 28.82 -28.97
C SER D 30 -40.32 27.61 -29.92
N ALA D 31 -41.45 27.27 -30.54
CA ALA D 31 -41.59 26.20 -31.52
C ALA D 31 -41.04 26.52 -32.93
N HIS D 32 -40.66 27.77 -33.19
CA HIS D 32 -40.23 28.26 -34.50
C HIS D 32 -38.74 28.60 -34.54
N THR D 33 -38.07 28.20 -35.62
CA THR D 33 -36.84 28.85 -36.06
C THR D 33 -37.20 30.26 -36.53
N MET D 34 -36.44 31.27 -36.11
CA MET D 34 -36.71 32.69 -36.42
C MET D 34 -35.56 33.29 -37.24
N ASN D 35 -35.88 34.26 -38.09
CA ASN D 35 -34.98 34.79 -39.09
C ASN D 35 -35.00 36.31 -39.12
N TRP D 36 -33.92 36.88 -39.65
CA TRP D 36 -33.89 38.25 -40.15
C TRP D 36 -33.58 38.24 -41.64
N VAL D 37 -34.22 39.15 -42.34
CA VAL D 37 -34.14 39.35 -43.79
C VAL D 37 -34.01 40.86 -44.04
N ARG D 38 -33.45 41.27 -45.17
CA ARG D 38 -33.38 42.66 -45.57
C ARG D 38 -33.70 42.85 -47.05
N ARG D 39 -34.12 44.05 -47.43
CA ARG D 39 -34.35 44.44 -48.84
C ARG D 39 -33.33 45.47 -49.28
N VAL D 40 -32.25 45.01 -49.91
CA VAL D 40 -31.12 45.83 -50.38
C VAL D 40 -31.55 46.79 -51.51
N PRO D 41 -30.73 47.79 -51.91
CA PRO D 41 -31.16 48.89 -52.78
C PRO D 41 -31.73 48.49 -54.15
N GLY D 42 -31.38 47.34 -54.72
CA GLY D 42 -31.92 46.84 -55.99
C GLY D 42 -33.36 46.30 -55.94
N GLY D 43 -34.08 46.44 -54.83
CA GLY D 43 -35.43 45.89 -54.62
C GLY D 43 -35.45 44.36 -54.36
N GLY D 44 -34.29 43.71 -54.43
CA GLY D 44 -34.09 42.29 -54.12
C GLY D 44 -33.95 42.01 -52.61
N LEU D 45 -34.40 40.83 -52.19
CA LEU D 45 -34.19 40.35 -50.83
C LEU D 45 -32.76 39.82 -50.62
N GLU D 46 -32.30 39.85 -49.38
CA GLU D 46 -31.21 39.03 -48.86
C GLU D 46 -31.63 38.46 -47.50
N TRP D 47 -31.28 37.21 -47.22
CA TRP D 47 -31.36 36.65 -45.87
C TRP D 47 -30.12 37.07 -45.06
N VAL D 48 -30.30 37.30 -43.76
CA VAL D 48 -29.30 38.00 -42.92
C VAL D 48 -28.88 37.17 -41.73
N ALA D 49 -29.84 36.58 -41.01
CA ALA D 49 -29.58 35.67 -39.91
C ALA D 49 -30.72 34.66 -39.75
N SER D 50 -30.41 33.48 -39.23
CA SER D 50 -31.40 32.55 -38.69
C SER D 50 -30.94 31.94 -37.38
N ILE D 51 -31.82 31.92 -36.38
CA ILE D 51 -31.62 31.26 -35.09
C ILE D 51 -32.67 30.17 -34.89
N SER D 52 -32.18 28.96 -34.66
CA SER D 52 -33.03 27.78 -34.54
C SER D 52 -33.91 27.82 -33.29
N THR D 53 -34.79 26.83 -33.17
CA THR D 53 -35.41 26.53 -31.87
C THR D 53 -34.34 26.25 -30.81
N SER D 54 -34.66 26.63 -29.57
CA SER D 54 -33.78 26.59 -28.39
C SER D 54 -32.41 27.23 -28.57
N SER D 55 -32.25 28.15 -29.52
CA SER D 55 -30.98 28.83 -29.84
C SER D 55 -29.82 27.88 -30.16
N THR D 56 -30.12 26.68 -30.66
CA THR D 56 -29.15 25.62 -30.94
C THR D 56 -28.14 26.06 -31.98
N TYR D 57 -28.61 26.58 -33.12
CA TYR D 57 -27.82 27.00 -34.27
C TYR D 57 -28.07 28.46 -34.60
N ARG D 58 -27.02 29.18 -34.99
CA ARG D 58 -27.11 30.52 -35.56
C ARG D 58 -26.29 30.58 -36.85
N ASP D 59 -26.94 30.87 -37.97
CA ASP D 59 -26.31 30.97 -39.30
C ASP D 59 -26.54 32.36 -39.89
N TYR D 60 -25.58 32.85 -40.70
CA TYR D 60 -25.56 34.20 -41.28
C TYR D 60 -25.10 34.18 -42.74
N ALA D 61 -25.54 35.13 -43.57
CA ALA D 61 -24.96 35.35 -44.90
C ALA D 61 -23.53 35.91 -44.80
N ASP D 62 -22.67 35.61 -45.78
CA ASP D 62 -21.24 35.99 -45.74
C ASP D 62 -20.99 37.50 -45.59
N ALA D 63 -21.89 38.35 -46.11
CA ALA D 63 -21.83 39.80 -46.02
C ALA D 63 -21.83 40.33 -44.57
N VAL D 64 -22.49 39.62 -43.66
CA VAL D 64 -22.75 40.02 -42.27
C VAL D 64 -22.12 39.08 -41.23
N LYS D 65 -21.57 37.96 -41.70
CA LYS D 65 -20.92 36.93 -40.88
C LYS D 65 -19.75 37.54 -40.10
N GLY D 66 -19.72 37.35 -38.78
CA GLY D 66 -18.74 37.94 -37.87
C GLY D 66 -19.01 39.41 -37.50
N ARG D 67 -19.71 40.19 -38.34
CA ARG D 67 -20.12 41.57 -37.98
C ARG D 67 -21.34 41.60 -37.07
N PHE D 68 -22.39 40.88 -37.44
CA PHE D 68 -23.70 40.87 -36.76
C PHE D 68 -23.80 39.76 -35.69
N THR D 69 -24.89 39.73 -34.92
CA THR D 69 -25.24 38.66 -33.97
C THR D 69 -26.74 38.61 -33.74
N VAL D 70 -27.38 37.49 -34.02
CA VAL D 70 -28.79 37.27 -33.67
C VAL D 70 -28.88 36.67 -32.26
N SER D 71 -29.96 36.94 -31.55
CA SER D 71 -30.32 36.39 -30.23
C SER D 71 -31.84 36.26 -30.12
N ARG D 72 -32.33 35.43 -29.19
CA ARG D 72 -33.76 35.28 -28.93
C ARG D 72 -34.03 35.08 -27.45
N ASP D 73 -35.23 35.41 -27.02
CA ASP D 73 -35.66 35.36 -25.63
C ASP D 73 -37.15 34.97 -25.56
N ASP D 74 -37.40 33.67 -25.58
CA ASP D 74 -38.70 33.05 -25.80
C ASP D 74 -39.70 33.31 -24.66
N LEU D 75 -39.20 33.45 -23.42
CA LEU D 75 -40.00 33.69 -22.22
C LEU D 75 -40.72 35.05 -22.21
N GLU D 76 -40.34 35.99 -23.08
CA GLU D 76 -41.08 37.22 -23.36
C GLU D 76 -41.43 37.37 -24.85
N ASP D 77 -41.14 36.36 -25.68
CA ASP D 77 -41.37 36.27 -27.13
C ASP D 77 -40.67 37.32 -28.01
N PHE D 78 -39.38 37.61 -27.77
CA PHE D 78 -38.57 38.57 -28.52
C PHE D 78 -37.37 37.96 -29.25
N VAL D 79 -37.01 38.56 -30.38
CA VAL D 79 -35.83 38.24 -31.20
C VAL D 79 -35.04 39.53 -31.44
N TYR D 80 -33.72 39.47 -31.44
CA TYR D 80 -32.81 40.63 -31.51
C TYR D 80 -31.79 40.42 -32.63
N LEU D 81 -31.24 41.49 -33.20
CA LEU D 81 -30.13 41.41 -34.14
C LEU D 81 -29.17 42.58 -33.97
N GLN D 82 -28.02 42.32 -33.37
CA GLN D 82 -26.95 43.30 -33.25
C GLN D 82 -26.23 43.49 -34.57
N MET D 83 -25.87 44.72 -34.88
CA MET D 83 -25.25 45.12 -36.13
C MET D 83 -24.04 46.01 -35.83
N HIS D 84 -22.96 45.42 -35.33
CA HIS D 84 -21.69 46.15 -35.15
C HIS D 84 -21.01 46.40 -36.50
N LYS D 85 -20.24 47.48 -36.61
CA LYS D 85 -19.47 47.82 -37.83
C LYS D 85 -20.35 47.77 -39.08
N MET D 86 -21.48 48.47 -39.02
CA MET D 86 -22.36 48.63 -40.16
C MET D 86 -21.62 49.28 -41.33
N ARG D 87 -21.97 48.93 -42.57
CA ARG D 87 -21.38 49.49 -43.79
C ARG D 87 -22.51 49.89 -44.74
N VAL D 88 -22.22 50.77 -45.68
CA VAL D 88 -23.24 51.44 -46.51
C VAL D 88 -24.17 50.47 -47.26
N GLU D 89 -23.66 49.30 -47.69
CA GLU D 89 -24.45 48.22 -48.29
C GLU D 89 -25.44 47.50 -47.35
N ASP D 90 -25.39 47.75 -46.04
CA ASP D 90 -26.41 47.29 -45.08
C ASP D 90 -27.65 48.18 -45.05
N THR D 91 -27.66 49.29 -45.80
CA THR D 91 -28.84 50.14 -45.98
C THR D 91 -29.95 49.36 -46.66
N ALA D 92 -31.06 49.13 -45.96
CA ALA D 92 -32.18 48.32 -46.41
C ALA D 92 -33.40 48.48 -45.48
N ILE D 93 -34.58 48.03 -45.89
CA ILE D 93 -35.61 47.60 -44.91
C ILE D 93 -35.13 46.31 -44.26
N TYR D 94 -35.36 46.11 -42.96
CA TYR D 94 -35.15 44.83 -42.26
C TYR D 94 -36.48 44.27 -41.73
N TYR D 95 -36.65 42.93 -41.74
CA TYR D 95 -37.88 42.24 -41.25
C TYR D 95 -37.56 41.07 -40.30
N CYS D 96 -38.45 40.69 -39.36
CA CYS D 96 -38.29 39.52 -38.43
C CYS D 96 -39.24 38.47 -39.00
N ALA D 97 -38.73 37.34 -39.51
CA ALA D 97 -39.56 36.33 -40.22
C ALA D 97 -39.63 35.00 -39.47
N ARG D 98 -40.81 34.40 -39.35
CA ARG D 98 -41.04 33.09 -38.73
C ARG D 98 -40.83 31.98 -39.77
N LYS D 99 -39.98 30.97 -39.52
CA LYS D 99 -39.92 29.77 -40.36
C LYS D 99 -41.09 28.86 -39.95
N GLY D 100 -41.95 28.46 -40.88
CA GLY D 100 -43.23 27.87 -40.49
C GLY D 100 -44.17 27.45 -41.62
N SER D 101 -45.31 26.92 -41.18
CA SER D 101 -46.30 26.17 -41.96
C SER D 101 -47.60 26.06 -41.15
N ASP D 102 -48.72 25.70 -41.78
CA ASP D 102 -49.93 25.21 -41.09
C ASP D 102 -49.64 23.96 -40.22
N ARG D 103 -48.57 23.22 -40.55
CA ARG D 103 -48.01 22.06 -39.83
C ARG D 103 -46.48 22.09 -39.91
N LEU D 104 -45.82 22.45 -38.81
CA LEU D 104 -44.37 22.67 -38.78
C LEU D 104 -43.58 21.39 -39.10
N SER D 105 -42.46 21.51 -39.82
CA SER D 105 -41.60 20.40 -40.23
C SER D 105 -40.11 20.69 -40.02
N ASP D 106 -39.24 19.71 -40.24
CA ASP D 106 -37.78 19.86 -40.08
C ASP D 106 -37.11 20.89 -41.02
N ASN D 107 -37.78 21.27 -42.12
CA ASN D 107 -37.34 22.31 -43.04
C ASN D 107 -38.52 22.95 -43.80
N ASP D 108 -38.72 24.26 -43.65
CA ASP D 108 -39.91 25.01 -44.07
C ASP D 108 -39.56 26.39 -44.65
N PRO D 109 -40.47 27.03 -45.42
CA PRO D 109 -40.38 28.43 -45.83
C PRO D 109 -40.57 29.40 -44.64
N PHE D 110 -40.59 30.72 -44.91
CA PHE D 110 -40.92 31.74 -43.92
C PHE D 110 -42.38 32.18 -44.09
N ASP D 111 -43.24 31.97 -43.10
CA ASP D 111 -44.70 32.11 -43.29
C ASP D 111 -45.26 33.46 -42.83
N ALA D 112 -44.95 33.87 -41.60
CA ALA D 112 -45.41 35.11 -40.99
C ALA D 112 -44.25 36.11 -40.90
N TRP D 113 -44.47 37.33 -41.38
CA TRP D 113 -43.49 38.40 -41.46
C TRP D 113 -44.04 39.65 -40.77
N GLY D 114 -43.21 40.37 -40.02
CA GLY D 114 -43.60 41.70 -39.52
C GLY D 114 -43.61 42.77 -40.63
N PRO D 115 -44.22 43.95 -40.41
CA PRO D 115 -44.31 45.01 -41.41
C PRO D 115 -42.95 45.63 -41.79
N GLY D 116 -41.88 45.29 -41.07
CA GLY D 116 -40.52 45.74 -41.32
C GLY D 116 -40.21 47.10 -40.70
N THR D 117 -38.93 47.37 -40.48
CA THR D 117 -38.45 48.70 -40.10
C THR D 117 -37.22 49.06 -40.94
N VAL D 118 -37.10 50.31 -41.37
CA VAL D 118 -36.02 50.80 -42.25
C VAL D 118 -34.72 50.94 -41.46
N VAL D 119 -33.56 50.59 -42.03
CA VAL D 119 -32.24 50.99 -41.50
C VAL D 119 -31.42 51.66 -42.60
N THR D 120 -30.87 52.84 -42.32
CA THR D 120 -30.04 53.60 -43.27
C THR D 120 -28.64 53.72 -42.71
N VAL D 121 -27.61 53.32 -43.46
CA VAL D 121 -26.22 53.51 -43.07
C VAL D 121 -25.62 54.61 -43.93
N SER D 122 -25.60 55.83 -43.39
CA SER D 122 -25.01 57.00 -44.03
C SER D 122 -23.47 56.91 -44.04
N PRO D 123 -22.78 57.35 -45.12
CA PRO D 123 -21.34 57.17 -45.29
C PRO D 123 -20.48 58.12 -44.46
N ALA D 124 -21.08 58.98 -43.61
CA ALA D 124 -20.41 59.97 -42.78
C ALA D 124 -19.67 59.38 -41.56
N SER D 125 -18.84 58.35 -41.76
CA SER D 125 -18.11 57.64 -40.70
C SER D 125 -17.17 58.53 -39.88
N THR D 126 -16.60 59.58 -40.49
CA THR D 126 -15.80 60.62 -39.80
C THR D 126 -16.09 61.99 -40.42
N LYS D 127 -17.14 62.64 -39.95
CA LYS D 127 -17.57 63.97 -40.39
C LYS D 127 -16.71 65.07 -39.74
N GLY D 128 -15.93 65.77 -40.56
CA GLY D 128 -14.99 66.80 -40.14
C GLY D 128 -15.69 68.09 -39.68
N PRO D 129 -15.16 68.78 -38.64
CA PRO D 129 -15.78 69.94 -38.01
C PRO D 129 -15.75 71.20 -38.87
N SER D 130 -16.56 72.18 -38.46
CA SER D 130 -16.45 73.59 -38.86
C SER D 130 -15.92 74.42 -37.68
N VAL D 131 -14.84 75.19 -37.90
CA VAL D 131 -14.05 75.85 -36.84
C VAL D 131 -14.01 77.37 -37.04
N PHE D 132 -14.39 78.14 -36.03
CA PHE D 132 -14.73 79.56 -36.11
C PHE D 132 -14.16 80.39 -34.96
N PRO D 133 -13.68 81.62 -35.20
CA PRO D 133 -13.09 82.44 -34.14
C PRO D 133 -14.12 83.05 -33.17
N LEU D 134 -13.75 83.12 -31.89
CA LEU D 134 -14.40 83.91 -30.84
C LEU D 134 -13.47 85.09 -30.51
N ALA D 135 -13.85 86.26 -30.99
CA ALA D 135 -12.98 87.43 -31.07
C ALA D 135 -13.01 88.23 -29.77
N PRO D 136 -11.84 88.72 -29.31
CA PRO D 136 -11.77 89.50 -28.08
C PRO D 136 -12.57 90.80 -28.27
N SER D 137 -13.39 91.16 -27.28
CA SER D 137 -14.25 92.37 -27.31
C SER D 137 -13.41 93.60 -27.71
N GLY D 146 -8.63 95.16 -17.95
CA GLY D 146 -7.24 94.76 -18.07
C GLY D 146 -7.05 93.35 -18.61
N THR D 147 -8.09 92.52 -18.49
CA THR D 147 -8.06 91.14 -18.96
C THR D 147 -9.07 90.98 -20.08
N ALA D 148 -8.65 90.31 -21.16
CA ALA D 148 -9.53 90.02 -22.29
C ALA D 148 -9.67 88.51 -22.46
N ALA D 149 -10.83 88.07 -22.97
CA ALA D 149 -11.09 86.68 -23.34
C ALA D 149 -11.23 86.56 -24.85
N LEU D 150 -10.63 85.53 -25.45
CA LEU D 150 -10.75 85.22 -26.91
C LEU D 150 -11.09 83.74 -26.99
N GLY D 151 -11.08 83.12 -28.18
CA GLY D 151 -11.31 81.67 -28.27
C GLY D 151 -11.48 81.18 -29.69
N CYS D 152 -11.88 79.91 -29.89
CA CYS D 152 -12.18 79.29 -31.21
C CYS D 152 -13.49 78.52 -30.97
N LEU D 153 -14.31 78.21 -31.98
CA LEU D 153 -15.62 77.52 -31.79
C LEU D 153 -15.78 76.36 -32.79
N VAL D 154 -15.96 75.14 -32.32
CA VAL D 154 -16.08 73.94 -33.20
C VAL D 154 -17.55 73.56 -33.30
N LYS D 155 -18.14 73.31 -34.47
CA LYS D 155 -19.50 72.80 -34.74
C LYS D 155 -19.48 71.59 -35.68
N ASP D 156 -20.52 70.77 -35.62
CA ASP D 156 -20.91 69.77 -36.61
C ASP D 156 -19.80 68.78 -36.97
N TYR D 157 -19.45 67.92 -36.01
CA TYR D 157 -18.54 66.80 -36.22
C TYR D 157 -19.01 65.51 -35.54
N PHE D 158 -18.50 64.41 -36.06
CA PHE D 158 -18.63 63.07 -35.51
C PHE D 158 -17.47 62.17 -36.01
N PRO D 159 -17.00 61.19 -35.24
CA PRO D 159 -17.19 61.03 -33.80
C PRO D 159 -16.26 61.98 -33.03
N GLU D 160 -16.23 61.89 -31.70
CA GLU D 160 -15.23 62.59 -30.87
C GLU D 160 -13.83 61.94 -30.96
N PRO D 161 -12.75 62.64 -30.54
CA PRO D 161 -12.69 64.06 -30.15
C PRO D 161 -12.30 65.02 -31.28
N VAL D 162 -12.67 66.29 -31.09
CA VAL D 162 -11.95 67.42 -31.68
C VAL D 162 -11.03 67.98 -30.60
N THR D 163 -9.76 68.13 -30.94
CA THR D 163 -8.68 68.55 -30.05
C THR D 163 -8.21 69.95 -30.42
N VAL D 164 -7.81 70.77 -29.44
CA VAL D 164 -7.42 72.17 -29.64
C VAL D 164 -6.18 72.52 -28.79
N SER D 165 -5.28 73.34 -29.33
CA SER D 165 -4.18 73.99 -28.60
C SER D 165 -3.98 75.44 -29.06
N TRP D 166 -3.38 76.26 -28.22
CA TRP D 166 -3.14 77.68 -28.51
C TRP D 166 -1.67 77.91 -28.85
N ASN D 167 -1.46 78.45 -30.05
CA ASN D 167 -0.17 78.75 -30.67
C ASN D 167 0.79 77.55 -30.64
N SER D 168 0.31 76.36 -31.01
CA SER D 168 1.05 75.09 -30.98
C SER D 168 1.69 74.74 -29.62
N GLY D 169 1.04 75.13 -28.51
CA GLY D 169 1.48 74.87 -27.15
C GLY D 169 2.30 75.98 -26.49
N ALA D 170 2.56 77.10 -27.18
CA ALA D 170 3.23 78.27 -26.62
C ALA D 170 2.39 79.03 -25.56
N LEU D 171 1.06 78.85 -25.57
CA LEU D 171 0.12 79.45 -24.62
C LEU D 171 -0.64 78.36 -23.83
N THR D 172 -0.61 78.38 -22.50
CA THR D 172 -1.26 77.37 -21.63
C THR D 172 -1.95 77.95 -20.38
N SER D 173 -1.40 79.01 -19.76
CA SER D 173 -2.05 79.70 -18.65
C SER D 173 -3.38 80.31 -19.10
N GLY D 174 -4.43 80.11 -18.30
CA GLY D 174 -5.78 80.62 -18.56
C GLY D 174 -6.55 79.93 -19.69
N VAL D 175 -6.02 78.84 -20.27
CA VAL D 175 -6.69 78.06 -21.32
C VAL D 175 -7.78 77.16 -20.73
N HIS D 176 -8.97 77.16 -21.35
CA HIS D 176 -10.06 76.21 -21.10
C HIS D 176 -10.63 75.66 -22.41
N THR D 177 -10.77 74.34 -22.54
CA THR D 177 -11.55 73.72 -23.63
C THR D 177 -12.72 72.96 -23.03
N PHE D 178 -13.93 73.33 -23.43
CA PHE D 178 -15.18 72.83 -22.84
C PHE D 178 -15.55 71.41 -23.29
N PRO D 179 -16.21 70.60 -22.44
CA PRO D 179 -16.89 69.38 -22.84
C PRO D 179 -17.84 69.60 -24.03
N ALA D 180 -17.87 68.64 -24.96
CA ALA D 180 -18.74 68.71 -26.13
C ALA D 180 -20.22 68.55 -25.76
N VAL D 181 -21.08 69.18 -26.56
CA VAL D 181 -22.54 69.09 -26.46
C VAL D 181 -23.07 68.37 -27.70
N LEU D 182 -24.03 67.47 -27.52
CA LEU D 182 -24.70 66.79 -28.62
C LEU D 182 -25.89 67.64 -29.09
N GLN D 183 -25.79 68.16 -30.31
CA GLN D 183 -26.84 68.99 -30.92
C GLN D 183 -28.02 68.13 -31.40
N SER D 184 -29.16 68.76 -31.66
CA SER D 184 -30.33 68.10 -32.28
C SER D 184 -30.06 67.55 -33.68
N SER D 185 -28.99 67.99 -34.35
CA SER D 185 -28.48 67.38 -35.59
C SER D 185 -27.84 65.98 -35.39
N GLY D 186 -27.61 65.56 -34.15
CA GLY D 186 -26.89 64.31 -33.82
C GLY D 186 -25.36 64.42 -33.93
N LEU D 187 -24.86 65.63 -34.17
CA LEU D 187 -23.45 65.99 -34.27
C LEU D 187 -22.99 66.83 -33.06
N TYR D 188 -21.70 66.74 -32.75
CA TYR D 188 -21.12 67.44 -31.62
C TYR D 188 -20.75 68.90 -31.93
N SER D 189 -20.74 69.73 -30.89
CA SER D 189 -20.13 71.06 -30.88
C SER D 189 -19.34 71.28 -29.58
N LEU D 190 -18.31 72.14 -29.60
CA LEU D 190 -17.57 72.59 -28.41
C LEU D 190 -16.98 74.00 -28.61
N SER D 191 -16.31 74.55 -27.60
CA SER D 191 -15.51 75.78 -27.72
C SER D 191 -14.25 75.71 -26.86
N SER D 192 -13.21 76.42 -27.30
CA SER D 192 -11.95 76.59 -26.58
C SER D 192 -11.68 78.07 -26.38
N VAL D 193 -11.24 78.47 -25.21
CA VAL D 193 -11.06 79.87 -24.81
C VAL D 193 -9.77 80.06 -24.03
N VAL D 194 -9.25 81.28 -24.06
CA VAL D 194 -8.11 81.72 -23.25
C VAL D 194 -8.31 83.18 -22.83
N THR D 195 -7.89 83.53 -21.60
CA THR D 195 -7.87 84.93 -21.12
C THR D 195 -6.46 85.49 -21.06
N VAL D 196 -6.25 86.74 -21.52
CA VAL D 196 -4.91 87.30 -21.68
C VAL D 196 -4.94 88.77 -21.32
N PRO D 197 -3.77 89.37 -21.09
CA PRO D 197 -3.75 90.81 -20.83
C PRO D 197 -4.29 91.57 -22.03
N SER D 198 -5.18 92.53 -21.75
CA SER D 198 -5.76 93.33 -22.83
C SER D 198 -4.71 94.09 -23.62
N SER D 199 -3.60 94.45 -22.98
CA SER D 199 -2.56 95.21 -23.67
C SER D 199 -1.91 94.41 -24.78
N SER D 200 -1.97 93.09 -24.71
CA SER D 200 -1.30 92.24 -25.69
C SER D 200 -2.13 92.02 -26.95
N LEU D 201 -3.37 92.51 -27.00
CA LEU D 201 -4.20 92.24 -28.17
C LEU D 201 -3.63 92.87 -29.43
N GLY D 202 -2.82 93.92 -29.29
CA GLY D 202 -2.26 94.57 -30.45
C GLY D 202 -0.98 93.92 -30.93
N THR D 203 -0.18 93.40 -29.99
CA THR D 203 1.14 92.86 -30.34
C THR D 203 1.11 91.35 -30.54
N GLN D 204 0.51 90.57 -29.65
CA GLN D 204 0.48 89.10 -29.78
C GLN D 204 -0.64 88.60 -30.72
N THR D 205 -0.27 87.75 -31.69
CA THR D 205 -1.21 87.11 -32.64
C THR D 205 -1.63 85.73 -32.12
N TYR D 206 -2.79 85.65 -31.48
CA TYR D 206 -3.31 84.38 -30.98
C TYR D 206 -3.85 83.48 -32.11
N ILE D 207 -3.52 82.18 -32.11
CA ILE D 207 -3.97 81.22 -33.17
C ILE D 207 -4.40 79.94 -32.44
N CYS D 208 -5.32 79.13 -32.96
CA CYS D 208 -5.66 77.81 -32.35
C CYS D 208 -5.34 76.70 -33.35
N ASN D 209 -4.43 75.77 -33.00
CA ASN D 209 -4.04 74.63 -33.87
C ASN D 209 -4.93 73.47 -33.47
N VAL D 210 -5.84 73.02 -34.35
CA VAL D 210 -6.89 72.03 -34.01
C VAL D 210 -6.77 70.72 -34.80
N ASN D 211 -7.39 69.63 -34.35
CA ASN D 211 -7.57 68.40 -35.12
C ASN D 211 -8.83 67.61 -34.72
N HIS D 212 -9.63 67.21 -35.70
CA HIS D 212 -10.60 66.12 -35.55
C HIS D 212 -9.89 64.79 -35.74
N LYS D 213 -9.33 64.24 -34.66
CA LYS D 213 -8.44 63.07 -34.76
C LYS D 213 -9.05 61.84 -35.47
N PRO D 214 -10.36 61.51 -35.36
CA PRO D 214 -10.96 60.41 -36.13
C PRO D 214 -10.74 60.52 -37.65
N SER D 215 -10.99 61.70 -38.22
CA SER D 215 -10.80 61.96 -39.68
C SER D 215 -9.39 62.49 -39.93
N ASN D 216 -8.65 62.82 -38.87
CA ASN D 216 -7.27 63.40 -38.99
C ASN D 216 -7.37 64.67 -39.85
N THR D 217 -8.42 65.47 -39.67
CA THR D 217 -8.61 66.75 -40.41
C THR D 217 -7.94 67.83 -39.56
N LYS D 218 -6.72 68.25 -39.93
CA LYS D 218 -5.95 69.25 -39.14
C LYS D 218 -6.36 70.65 -39.60
N VAL D 219 -6.76 71.53 -38.67
CA VAL D 219 -7.22 72.89 -38.95
C VAL D 219 -6.42 73.90 -38.13
N ASP D 220 -6.24 75.10 -38.67
CA ASP D 220 -5.75 76.26 -37.90
C ASP D 220 -6.71 77.45 -38.05
N LYS D 221 -6.76 78.34 -37.05
CA LYS D 221 -7.45 79.63 -37.17
C LYS D 221 -6.77 80.70 -36.31
N LYS D 222 -6.34 81.79 -36.96
CA LYS D 222 -5.91 83.02 -36.28
C LYS D 222 -7.12 83.72 -35.66
N VAL D 223 -6.99 84.11 -34.40
CA VAL D 223 -7.98 84.88 -33.64
C VAL D 223 -7.41 86.24 -33.30
N GLU D 224 -8.07 87.28 -33.80
CA GLU D 224 -7.61 88.66 -33.69
C GLU D 224 -8.83 89.54 -33.49
N PRO D 225 -8.64 90.76 -33.00
CA PRO D 225 -9.80 91.67 -32.86
C PRO D 225 -10.48 91.87 -34.21
N LYS D 226 -11.79 92.08 -34.16
CA LYS D 226 -12.59 92.21 -35.38
C LYS D 226 -12.39 93.57 -36.04
N ASP E 1 -40.83 50.00 0.87
CA ASP E 1 -39.50 49.80 0.26
C ASP E 1 -38.51 50.85 0.74
N VAL E 2 -37.22 50.47 0.77
CA VAL E 2 -36.10 51.30 1.20
C VAL E 2 -35.88 52.47 0.23
N VAL E 3 -35.61 53.63 0.83
CA VAL E 3 -34.95 54.79 0.22
C VAL E 3 -33.75 55.13 1.10
N MET E 4 -32.64 55.54 0.50
CA MET E 4 -31.43 55.92 1.25
C MET E 4 -31.36 57.44 1.46
N THR E 5 -31.15 57.85 2.70
CA THR E 5 -31.00 59.27 3.07
C THR E 5 -29.53 59.56 3.35
N GLN E 6 -28.78 59.79 2.28
CA GLN E 6 -27.35 60.12 2.33
C GLN E 6 -27.15 61.61 2.63
N SER E 7 -26.14 61.93 3.43
CA SER E 7 -25.87 63.28 3.93
C SER E 7 -24.37 63.51 4.12
N PRO E 8 -23.83 64.70 3.77
CA PRO E 8 -24.50 65.79 3.05
C PRO E 8 -24.62 65.49 1.54
N SER E 9 -25.42 66.24 0.79
CA SER E 9 -25.42 66.17 -0.69
C SER E 9 -24.13 66.73 -1.33
N THR E 10 -23.36 67.55 -0.60
CA THR E 10 -22.02 68.01 -1.01
C THR E 10 -21.16 68.24 0.23
N LEU E 11 -19.96 67.68 0.24
CA LEU E 11 -18.97 67.85 1.30
C LEU E 11 -17.77 68.64 0.77
N SER E 12 -17.44 69.75 1.43
CA SER E 12 -16.29 70.59 1.07
C SER E 12 -15.13 70.35 2.04
N ALA E 13 -13.93 70.15 1.50
CA ALA E 13 -12.72 69.78 2.23
C ALA E 13 -11.46 70.17 1.43
N SER E 14 -10.30 69.62 1.73
CA SER E 14 -9.03 69.85 1.03
C SER E 14 -8.05 68.72 1.31
N VAL E 15 -6.94 68.66 0.57
CA VAL E 15 -5.88 67.65 0.74
C VAL E 15 -5.48 67.46 2.22
N GLY E 16 -5.42 66.21 2.66
CA GLY E 16 -5.13 65.81 4.05
C GLY E 16 -6.29 65.91 5.04
N ASP E 17 -7.47 66.41 4.67
CA ASP E 17 -8.63 66.42 5.58
C ASP E 17 -9.19 65.02 5.80
N THR E 18 -9.40 64.61 7.06
CA THR E 18 -10.21 63.42 7.36
C THR E 18 -11.69 63.80 7.30
N ILE E 19 -12.47 63.06 6.51
CA ILE E 19 -13.89 63.36 6.27
C ILE E 19 -14.77 62.14 6.53
N THR E 20 -15.97 62.40 7.02
CA THR E 20 -17.02 61.39 7.28
C THR E 20 -18.30 61.78 6.54
N ILE E 21 -19.02 60.76 6.03
CA ILE E 21 -20.32 60.92 5.29
C ILE E 21 -21.29 59.93 5.95
N THR E 22 -22.62 60.05 5.83
CA THR E 22 -23.60 59.16 6.52
C THR E 22 -24.82 58.80 5.65
N CYS E 23 -25.13 57.51 5.41
CA CYS E 23 -26.36 57.07 4.66
C CYS E 23 -27.35 56.51 5.71
N ARG E 24 -28.62 56.94 5.72
CA ARG E 24 -29.63 56.54 6.75
C ARG E 24 -30.84 55.89 6.09
N ALA E 25 -31.04 54.57 6.23
CA ALA E 25 -32.07 53.84 5.51
C ALA E 25 -33.47 54.22 6.02
N SER E 26 -34.43 54.48 5.13
CA SER E 26 -35.80 54.86 5.51
C SER E 26 -36.57 53.75 6.25
N GLN E 27 -36.14 52.50 6.12
CA GLN E 27 -36.51 51.39 6.98
C GLN E 27 -35.35 50.39 7.07
N SER E 28 -35.27 49.61 8.14
CA SER E 28 -34.08 48.83 8.50
C SER E 28 -33.74 47.72 7.49
N ILE E 29 -32.43 47.53 7.26
CA ILE E 29 -31.89 46.47 6.35
C ILE E 29 -30.89 45.70 7.22
N GLU E 30 -30.50 44.49 6.83
CA GLU E 30 -29.54 43.66 7.60
C GLU E 30 -28.12 44.03 7.17
N THR E 31 -27.69 45.28 7.38
CA THR E 31 -26.31 45.74 7.07
C THR E 31 -25.97 45.38 5.62
N TRP E 32 -26.88 45.60 4.67
CA TRP E 32 -26.68 45.28 3.23
C TRP E 32 -26.20 46.51 2.47
N LEU E 33 -25.45 47.42 3.08
CA LEU E 33 -24.89 48.59 2.37
C LEU E 33 -23.54 48.28 1.72
N ALA E 34 -23.26 48.97 0.60
CA ALA E 34 -21.96 49.11 -0.03
C ALA E 34 -21.74 50.57 -0.48
N TRP E 35 -20.49 50.98 -0.70
CA TRP E 35 -20.14 52.36 -1.07
C TRP E 35 -19.25 52.43 -2.31
N TYR E 36 -19.52 53.40 -3.18
CA TYR E 36 -18.81 53.63 -4.43
C TYR E 36 -18.27 55.05 -4.50
N GLN E 37 -17.15 55.22 -5.19
CA GLN E 37 -16.72 56.49 -5.76
C GLN E 37 -17.27 56.64 -7.17
N GLN E 38 -17.53 57.86 -7.65
CA GLN E 38 -17.71 58.14 -9.06
C GLN E 38 -17.10 59.48 -9.48
N LYS E 39 -16.10 59.42 -10.36
CA LYS E 39 -15.51 60.58 -11.02
C LYS E 39 -16.40 61.04 -12.19
N PRO E 40 -16.44 62.33 -12.55
CA PRO E 40 -17.38 62.86 -13.53
C PRO E 40 -17.37 62.12 -14.88
N GLY E 41 -18.55 61.70 -15.33
CA GLY E 41 -18.75 60.96 -16.57
C GLY E 41 -18.13 59.56 -16.62
N LYS E 42 -17.60 59.03 -15.52
CA LYS E 42 -17.00 57.69 -15.45
C LYS E 42 -17.98 56.64 -14.94
N ALA E 43 -17.58 55.37 -14.99
CA ALA E 43 -18.23 54.30 -14.23
C ALA E 43 -17.88 54.41 -12.74
N PRO E 44 -18.81 54.16 -11.82
CA PRO E 44 -18.49 54.05 -10.40
C PRO E 44 -17.48 52.94 -10.10
N LYS E 45 -16.73 53.09 -9.02
CA LYS E 45 -15.79 52.08 -8.50
C LYS E 45 -16.23 51.68 -7.11
N LEU E 46 -16.36 50.37 -6.87
CA LEU E 46 -16.73 49.82 -5.56
C LEU E 46 -15.57 49.95 -4.57
N LEU E 47 -15.85 50.54 -3.41
CA LEU E 47 -14.89 50.72 -2.32
C LEU E 47 -15.09 49.68 -1.21
N ILE E 48 -16.34 49.50 -0.80
CA ILE E 48 -16.70 48.82 0.46
C ILE E 48 -17.89 47.92 0.13
N TYR E 49 -17.69 46.61 0.15
CA TYR E 49 -18.64 45.63 -0.44
C TYR E 49 -19.72 45.11 0.53
N LYS E 50 -19.55 45.41 1.81
CA LYS E 50 -20.51 45.31 2.93
C LYS E 50 -20.15 46.45 3.90
N ALA E 51 -21.06 47.00 4.71
CA ALA E 51 -20.69 48.12 5.59
C ALA E 51 -19.45 47.79 6.45
N SER E 52 -18.52 48.74 6.58
CA SER E 52 -17.18 48.58 7.19
C SER E 52 -16.22 47.58 6.51
N THR E 53 -16.58 47.01 5.35
CA THR E 53 -15.87 45.89 4.73
C THR E 53 -15.22 46.31 3.40
N LEU E 54 -14.00 46.79 3.46
CA LEU E 54 -13.25 47.33 2.32
C LEU E 54 -12.90 46.25 1.27
N LYS E 55 -13.14 46.54 -0.01
CA LYS E 55 -12.77 45.70 -1.17
C LYS E 55 -11.25 45.66 -1.37
N THR E 56 -10.72 44.50 -1.72
CA THR E 56 -9.27 44.31 -1.98
C THR E 56 -8.81 45.16 -3.17
N GLY E 57 -7.61 45.73 -3.08
CA GLY E 57 -7.08 46.68 -4.06
C GLY E 57 -7.48 48.15 -3.84
N VAL E 58 -8.47 48.44 -2.98
CA VAL E 58 -8.88 49.81 -2.62
C VAL E 58 -7.86 50.43 -1.63
N PRO E 59 -7.40 51.67 -1.83
CA PRO E 59 -6.47 52.37 -0.94
C PRO E 59 -6.92 52.38 0.52
N SER E 60 -5.97 52.13 1.40
CA SER E 60 -6.17 51.94 2.84
C SER E 60 -6.75 53.16 3.58
N ARG E 61 -6.72 54.35 2.98
CA ARG E 61 -7.34 55.56 3.55
C ARG E 61 -8.87 55.44 3.78
N PHE E 62 -9.58 54.59 3.03
CA PHE E 62 -11.03 54.39 3.15
C PHE E 62 -11.46 53.56 4.38
N SER E 63 -12.70 53.80 4.85
CA SER E 63 -13.34 53.16 6.02
C SER E 63 -14.87 53.41 6.06
N GLY E 64 -15.62 52.74 6.94
CA GLY E 64 -17.06 52.97 7.11
C GLY E 64 -17.69 52.19 8.27
N SER E 65 -19.00 52.32 8.49
CA SER E 65 -19.75 51.66 9.57
C SER E 65 -21.22 51.38 9.22
N GLY E 66 -21.88 50.50 9.97
CA GLY E 66 -23.29 50.16 9.78
C GLY E 66 -23.96 49.56 11.01
N SER E 67 -25.21 49.98 11.27
CA SER E 67 -25.98 49.65 12.48
C SER E 67 -27.38 49.07 12.18
N GLY E 68 -27.65 48.71 10.92
CA GLY E 68 -28.95 48.22 10.44
C GLY E 68 -29.93 49.31 10.01
N THR E 69 -29.66 50.57 10.32
CA THR E 69 -30.47 51.74 9.93
C THR E 69 -29.62 52.95 9.61
N GLU E 70 -28.56 53.20 10.39
CA GLU E 70 -27.60 54.28 10.18
C GLU E 70 -26.20 53.74 9.89
N PHE E 71 -25.50 54.44 9.01
CA PHE E 71 -24.31 53.98 8.32
C PHE E 71 -23.37 55.14 8.04
N THR E 72 -22.08 54.85 7.87
CA THR E 72 -21.10 55.87 7.49
C THR E 72 -20.07 55.35 6.49
N LEU E 73 -19.45 56.31 5.81
CA LEU E 73 -18.22 56.21 5.04
C LEU E 73 -17.25 57.24 5.63
N THR E 74 -15.96 56.96 5.65
CA THR E 74 -14.93 57.90 6.12
C THR E 74 -13.64 57.76 5.31
N ILE E 75 -12.96 58.86 4.99
CA ILE E 75 -11.70 58.88 4.26
C ILE E 75 -10.62 59.54 5.11
N SER E 76 -9.50 58.85 5.30
CA SER E 76 -8.46 59.17 6.31
C SER E 76 -7.38 60.10 5.77
N GLY E 77 -7.77 61.33 5.44
CA GLY E 77 -6.91 62.33 4.79
C GLY E 77 -7.02 62.24 3.27
N LEU E 78 -7.87 63.09 2.69
CA LEU E 78 -8.15 63.11 1.25
C LEU E 78 -6.88 63.34 0.43
N GLN E 79 -6.71 62.55 -0.63
CA GLN E 79 -5.80 62.86 -1.74
C GLN E 79 -6.49 63.73 -2.79
N PHE E 80 -5.73 64.35 -3.69
CA PHE E 80 -6.31 65.06 -4.85
C PHE E 80 -7.12 64.11 -5.77
N ASP E 81 -6.79 62.83 -5.73
CA ASP E 81 -7.53 61.69 -6.33
C ASP E 81 -8.97 61.51 -5.79
N ASP E 82 -9.24 61.88 -4.53
CA ASP E 82 -10.51 61.62 -3.83
C ASP E 82 -11.63 62.64 -4.11
N PHE E 83 -11.36 63.75 -4.79
CA PHE E 83 -12.33 64.85 -5.00
C PHE E 83 -13.33 64.56 -6.14
N ALA E 84 -14.14 63.54 -5.89
CA ALA E 84 -15.14 62.91 -6.74
C ALA E 84 -16.48 62.74 -5.98
N THR E 85 -17.53 62.21 -6.62
CA THR E 85 -18.78 61.87 -5.92
C THR E 85 -18.62 60.57 -5.14
N TYR E 86 -19.36 60.39 -4.05
CA TYR E 86 -19.50 59.10 -3.37
C TYR E 86 -20.97 58.70 -3.19
N HIS E 87 -21.29 57.46 -3.52
CA HIS E 87 -22.65 56.90 -3.47
C HIS E 87 -22.74 55.74 -2.49
N CYS E 88 -23.69 55.79 -1.56
CA CYS E 88 -24.13 54.56 -0.87
C CYS E 88 -25.09 53.77 -1.77
N GLN E 89 -25.09 52.45 -1.59
CA GLN E 89 -26.06 51.52 -2.17
C GLN E 89 -26.62 50.58 -1.10
N HIS E 90 -27.93 50.39 -1.05
CA HIS E 90 -28.55 49.21 -0.45
C HIS E 90 -28.79 48.19 -1.56
N TYR E 91 -28.24 46.99 -1.41
CA TYR E 91 -28.36 45.93 -2.40
C TYR E 91 -29.15 44.75 -1.82
N ALA E 92 -30.31 44.45 -2.40
CA ALA E 92 -31.09 43.24 -2.17
C ALA E 92 -30.83 42.21 -3.27
N GLY E 93 -31.38 41.00 -3.13
CA GLY E 93 -31.07 39.87 -4.02
C GLY E 93 -31.24 40.15 -5.51
N TYR E 94 -32.32 40.83 -5.92
CA TYR E 94 -32.62 41.15 -7.33
C TYR E 94 -33.01 42.61 -7.55
N SER E 95 -32.62 43.48 -6.62
CA SER E 95 -32.83 44.93 -6.72
C SER E 95 -31.82 45.69 -5.89
N ALA E 96 -31.66 46.99 -6.18
CA ALA E 96 -30.85 47.88 -5.37
C ALA E 96 -31.46 49.30 -5.37
N THR E 97 -30.96 50.15 -4.49
CA THR E 97 -31.25 51.58 -4.45
C THR E 97 -30.06 52.33 -3.89
N PHE E 98 -29.86 53.57 -4.33
CA PHE E 98 -28.66 54.37 -4.01
C PHE E 98 -29.02 55.70 -3.34
N GLY E 99 -28.12 56.26 -2.54
CA GLY E 99 -28.24 57.62 -2.05
C GLY E 99 -28.02 58.66 -3.15
N GLN E 100 -28.63 59.83 -3.04
CA GLN E 100 -28.27 60.98 -3.87
C GLN E 100 -26.86 61.43 -3.49
N GLY E 101 -25.88 61.08 -4.32
CA GLY E 101 -24.49 60.97 -3.91
C GLY E 101 -23.89 62.21 -3.25
N THR E 102 -23.08 61.99 -2.22
CA THR E 102 -22.29 63.04 -1.57
C THR E 102 -21.15 63.45 -2.47
N ARG E 103 -21.25 64.63 -3.08
CA ARG E 103 -20.19 65.19 -3.91
C ARG E 103 -19.07 65.73 -3.04
N VAL E 104 -17.87 65.16 -3.07
CA VAL E 104 -16.70 65.66 -2.33
C VAL E 104 -15.92 66.63 -3.20
N GLU E 105 -15.63 67.83 -2.67
CA GLU E 105 -15.06 68.94 -3.44
C GLU E 105 -14.04 69.78 -2.64
N ILE E 106 -13.16 70.46 -3.36
CA ILE E 106 -12.11 71.30 -2.77
C ILE E 106 -12.73 72.63 -2.31
N LYS E 107 -12.60 72.96 -1.04
CA LYS E 107 -13.17 74.14 -0.35
C LYS E 107 -12.38 75.42 -0.61
N ARG E 108 -13.10 76.54 -0.65
CA ARG E 108 -12.61 77.93 -0.58
C ARG E 108 -13.74 78.85 -0.10
N THR E 109 -13.44 80.13 0.15
CA THR E 109 -14.47 81.16 0.38
C THR E 109 -15.40 81.34 -0.82
N VAL E 110 -16.61 81.85 -0.60
CA VAL E 110 -17.56 82.21 -1.68
C VAL E 110 -16.93 83.25 -2.61
N ALA E 111 -17.11 83.07 -3.92
CA ALA E 111 -16.64 83.99 -4.95
C ALA E 111 -17.71 84.20 -6.02
N ALA E 112 -18.08 85.44 -6.32
CA ALA E 112 -19.12 85.74 -7.29
C ALA E 112 -18.64 85.62 -8.75
N PRO E 113 -19.52 85.25 -9.70
CA PRO E 113 -19.16 85.10 -11.11
C PRO E 113 -18.84 86.43 -11.81
N SER E 114 -17.69 86.49 -12.48
CA SER E 114 -17.43 87.45 -13.55
C SER E 114 -18.23 87.04 -14.79
N VAL E 115 -19.16 87.88 -15.24
CA VAL E 115 -20.12 87.56 -16.30
C VAL E 115 -19.71 88.28 -17.58
N PHE E 116 -19.76 87.56 -18.70
CA PHE E 116 -19.44 88.10 -20.01
C PHE E 116 -20.44 87.57 -21.02
N ILE E 117 -20.86 88.42 -21.94
CA ILE E 117 -21.79 88.02 -23.01
C ILE E 117 -21.11 88.25 -24.36
N PHE E 118 -21.25 87.29 -25.27
CA PHE E 118 -20.65 87.30 -26.59
C PHE E 118 -21.75 87.23 -27.65
N PRO E 119 -21.81 88.18 -28.61
CA PRO E 119 -22.72 88.02 -29.74
C PRO E 119 -22.19 87.00 -30.72
N PRO E 120 -23.04 86.54 -31.62
CA PRO E 120 -22.57 85.66 -32.70
C PRO E 120 -21.60 86.37 -33.62
N SER E 121 -20.57 85.66 -34.08
CA SER E 121 -19.64 86.16 -35.10
C SER E 121 -20.41 86.40 -36.40
N ASP E 122 -20.04 87.42 -37.16
CA ASP E 122 -20.70 87.68 -38.44
C ASP E 122 -20.59 86.47 -39.35
N GLU E 123 -19.43 85.78 -39.30
CA GLU E 123 -19.09 84.55 -40.03
C GLU E 123 -20.01 83.36 -39.70
N GLN E 124 -20.45 83.22 -38.44
CA GLN E 124 -21.51 82.29 -38.08
C GLN E 124 -22.85 82.74 -38.65
N LEU E 125 -23.14 84.01 -38.51
CA LEU E 125 -24.47 84.56 -38.80
C LEU E 125 -24.81 84.46 -40.27
N LYS E 126 -23.81 84.58 -41.15
CA LYS E 126 -24.08 84.52 -42.57
C LYS E 126 -24.47 83.12 -43.01
N SER E 127 -24.01 82.09 -42.29
CA SER E 127 -24.40 80.71 -42.52
C SER E 127 -25.86 80.45 -42.11
N GLY E 128 -26.48 81.34 -41.33
CA GLY E 128 -27.89 81.20 -40.98
C GLY E 128 -28.18 80.82 -39.55
N THR E 129 -27.17 80.72 -38.69
CA THR E 129 -27.33 80.35 -37.28
C THR E 129 -26.69 81.40 -36.39
N ALA E 130 -27.34 81.73 -35.28
CA ALA E 130 -26.80 82.69 -34.31
C ALA E 130 -26.64 81.98 -32.96
N SER E 131 -25.42 81.79 -32.47
CA SER E 131 -25.17 81.24 -31.12
C SER E 131 -24.63 82.33 -30.19
N VAL E 132 -25.46 82.79 -29.26
CA VAL E 132 -25.13 83.83 -28.29
C VAL E 132 -24.60 83.14 -27.03
N VAL E 133 -23.41 83.52 -26.57
CA VAL E 133 -22.73 82.83 -25.46
C VAL E 133 -22.63 83.73 -24.24
N CYS E 134 -22.99 83.19 -23.08
CA CYS E 134 -22.85 83.85 -21.78
C CYS E 134 -21.84 83.05 -20.98
N LEU E 135 -20.81 83.69 -20.45
CA LEU E 135 -19.72 83.07 -19.71
C LEU E 135 -19.71 83.61 -18.28
N LEU E 136 -19.82 82.72 -17.29
CA LEU E 136 -19.54 82.97 -15.89
C LEU E 136 -18.13 82.42 -15.63
N ASN E 137 -17.13 83.29 -15.68
CA ASN E 137 -15.75 82.88 -15.88
C ASN E 137 -15.15 82.10 -14.70
N ASN E 138 -15.30 82.58 -13.47
CA ASN E 138 -14.91 81.85 -12.24
C ASN E 138 -15.84 82.25 -11.08
N PHE E 139 -16.23 81.28 -10.25
CA PHE E 139 -17.06 81.45 -9.05
C PHE E 139 -16.98 80.24 -8.11
N TYR E 140 -17.43 80.37 -6.86
CA TYR E 140 -17.58 79.23 -5.94
C TYR E 140 -18.66 79.53 -4.91
N PRO E 141 -19.49 78.55 -4.47
CA PRO E 141 -19.58 77.16 -4.95
C PRO E 141 -20.26 77.05 -6.32
N ARG E 142 -20.48 75.80 -6.78
CA ARG E 142 -20.92 75.36 -8.13
C ARG E 142 -22.29 75.86 -8.58
N GLU E 143 -23.22 76.07 -7.66
CA GLU E 143 -24.62 76.34 -7.93
C GLU E 143 -24.85 77.78 -8.40
N ALA E 144 -25.29 77.98 -9.65
CA ALA E 144 -25.57 79.29 -10.20
C ALA E 144 -26.76 79.19 -11.13
N LYS E 145 -27.43 80.31 -11.39
CA LYS E 145 -28.59 80.31 -12.30
C LYS E 145 -28.40 81.37 -13.37
N VAL E 146 -28.59 81.00 -14.64
CA VAL E 146 -28.52 81.92 -15.75
C VAL E 146 -29.83 81.86 -16.53
N GLN E 147 -30.39 83.03 -16.83
CA GLN E 147 -31.58 83.15 -17.67
C GLN E 147 -31.30 84.11 -18.82
N TRP E 148 -31.84 83.80 -20.00
CA TRP E 148 -31.72 84.66 -21.16
C TRP E 148 -32.97 85.51 -21.37
N LYS E 149 -32.77 86.76 -21.77
CA LYS E 149 -33.88 87.65 -22.12
C LYS E 149 -33.61 88.26 -23.48
N VAL E 150 -34.59 88.19 -24.39
CA VAL E 150 -34.48 88.80 -25.72
C VAL E 150 -35.56 89.88 -25.81
N ASP E 151 -35.14 91.12 -25.99
CA ASP E 151 -36.06 92.27 -25.92
C ASP E 151 -36.87 92.24 -24.62
N ASN E 152 -36.16 91.97 -23.53
CA ASN E 152 -36.69 91.93 -22.17
C ASN E 152 -37.71 90.82 -21.97
N ALA E 153 -37.76 89.86 -22.91
CA ALA E 153 -38.68 88.75 -22.83
C ALA E 153 -37.93 87.53 -22.30
N LEU E 154 -38.36 87.04 -21.14
CA LEU E 154 -37.70 85.87 -20.55
C LEU E 154 -37.83 84.68 -21.50
N GLN E 155 -36.69 84.13 -21.89
CA GLN E 155 -36.63 82.98 -22.79
C GLN E 155 -36.82 81.68 -22.03
N SER E 156 -37.16 80.64 -22.79
CA SER E 156 -37.39 79.33 -22.21
C SER E 156 -37.15 78.28 -23.28
N GLY E 157 -36.29 77.30 -22.97
CA GLY E 157 -36.12 76.12 -23.80
C GLY E 157 -35.14 76.19 -24.95
N ASN E 158 -34.46 77.33 -25.18
CA ASN E 158 -33.55 77.50 -26.31
C ASN E 158 -32.09 77.68 -25.89
N SER E 159 -31.69 77.12 -24.75
CA SER E 159 -30.32 77.27 -24.29
C SER E 159 -29.79 75.95 -23.73
N GLN E 160 -28.47 75.79 -23.81
CA GLN E 160 -27.77 74.65 -23.22
C GLN E 160 -26.59 75.12 -22.39
N GLU E 161 -26.51 74.63 -21.15
CA GLU E 161 -25.48 74.96 -20.18
C GLU E 161 -24.51 73.80 -20.00
N SER E 162 -23.23 74.12 -19.82
CA SER E 162 -22.26 73.21 -19.21
C SER E 162 -21.31 73.95 -18.25
N VAL E 163 -20.95 73.24 -17.18
CA VAL E 163 -20.06 73.71 -16.10
C VAL E 163 -18.73 72.97 -16.18
N THR E 164 -17.60 73.68 -16.17
CA THR E 164 -16.31 73.01 -15.99
C THR E 164 -16.11 72.69 -14.51
N GLU E 165 -15.61 71.50 -14.21
CA GLU E 165 -15.21 71.11 -12.85
C GLU E 165 -14.01 71.92 -12.33
N GLN E 166 -13.73 71.80 -11.02
CA GLN E 166 -12.89 72.72 -10.26
C GLN E 166 -11.54 72.98 -10.91
N ASP E 167 -11.22 74.26 -11.07
CA ASP E 167 -9.97 74.73 -11.67
C ASP E 167 -8.70 74.26 -10.91
N SER E 168 -7.59 73.94 -11.60
CA SER E 168 -6.46 73.32 -10.94
C SER E 168 -5.70 74.31 -10.08
N LYS E 169 -5.77 75.62 -10.39
CA LYS E 169 -5.01 76.59 -9.59
C LYS E 169 -5.86 77.31 -8.54
N ASP E 170 -7.18 77.45 -8.68
CA ASP E 170 -8.00 78.16 -7.66
C ASP E 170 -9.28 77.43 -7.20
N SER E 171 -9.57 76.26 -7.76
CA SER E 171 -10.71 75.40 -7.42
C SER E 171 -12.10 76.03 -7.66
N THR E 172 -12.21 77.13 -8.39
CA THR E 172 -13.51 77.69 -8.80
C THR E 172 -14.19 76.84 -9.87
N TYR E 173 -15.51 76.92 -9.89
CA TYR E 173 -16.35 76.47 -10.99
C TYR E 173 -16.49 77.58 -12.03
N SER E 174 -16.89 77.19 -13.24
CA SER E 174 -17.17 78.11 -14.34
C SER E 174 -18.34 77.57 -15.16
N LEU E 175 -19.21 78.43 -15.66
CA LEU E 175 -20.39 78.03 -16.45
C LEU E 175 -20.38 78.80 -17.77
N SER E 176 -20.76 78.13 -18.85
CA SER E 176 -21.15 78.82 -20.08
C SER E 176 -22.50 78.32 -20.57
N SER E 177 -23.27 79.25 -21.10
CA SER E 177 -24.63 79.02 -21.59
C SER E 177 -24.70 79.52 -23.01
N THR E 178 -25.25 78.71 -23.91
CA THR E 178 -25.34 79.01 -25.35
C THR E 178 -26.81 79.12 -25.74
N LEU E 179 -27.27 80.32 -26.11
CA LEU E 179 -28.60 80.56 -26.63
C LEU E 179 -28.51 80.44 -28.15
N THR E 180 -29.30 79.53 -28.73
CA THR E 180 -29.25 79.19 -30.16
C THR E 180 -30.47 79.74 -30.87
N LEU E 181 -30.27 80.46 -31.98
CA LEU E 181 -31.38 81.02 -32.75
C LEU E 181 -30.99 80.99 -34.22
N SER E 182 -31.95 80.71 -35.12
CA SER E 182 -31.68 80.76 -36.58
C SER E 182 -31.35 82.21 -36.90
N LYS E 183 -30.73 82.49 -38.05
CA LYS E 183 -30.32 83.88 -38.40
C LYS E 183 -31.61 84.68 -38.49
N ALA E 184 -32.66 84.13 -39.09
CA ALA E 184 -33.96 84.81 -39.25
C ALA E 184 -34.42 85.35 -37.89
N ASP E 185 -34.59 84.50 -36.86
CA ASP E 185 -35.16 84.87 -35.58
C ASP E 185 -34.26 85.86 -34.85
N TYR E 186 -32.95 85.71 -34.99
CA TYR E 186 -32.01 86.58 -34.30
C TYR E 186 -32.12 88.02 -34.80
N GLU E 187 -32.27 88.20 -36.11
CA GLU E 187 -32.38 89.56 -36.64
C GLU E 187 -33.74 90.17 -36.39
N LYS E 188 -34.64 89.44 -35.74
CA LYS E 188 -35.95 89.96 -35.40
C LYS E 188 -35.93 90.84 -34.15
N HIS E 189 -34.89 90.75 -33.31
CA HIS E 189 -34.87 91.46 -32.05
C HIS E 189 -33.55 92.20 -31.86
N LYS E 190 -33.54 93.20 -30.95
CA LYS E 190 -32.34 94.05 -30.73
C LYS E 190 -31.55 93.53 -29.52
N VAL E 191 -31.91 93.88 -28.29
CA VAL E 191 -31.08 93.52 -27.10
C VAL E 191 -31.05 92.01 -26.90
N TYR E 192 -29.90 91.43 -26.56
CA TYR E 192 -29.76 90.00 -26.19
C TYR E 192 -29.02 90.01 -24.86
N ALA E 193 -29.60 89.52 -23.77
CA ALA E 193 -28.99 89.66 -22.42
C ALA E 193 -28.99 88.35 -21.65
N CYS E 194 -28.11 88.18 -20.68
CA CYS E 194 -28.12 87.05 -19.77
C CYS E 194 -28.08 87.58 -18.34
N GLU E 195 -28.88 86.98 -17.48
CA GLU E 195 -29.04 87.42 -16.10
C GLU E 195 -28.64 86.29 -15.18
N VAL E 196 -27.81 86.61 -14.18
CA VAL E 196 -27.11 85.64 -13.36
C VAL E 196 -27.44 85.87 -11.90
N THR E 197 -27.73 84.78 -11.18
CA THR E 197 -27.73 84.82 -9.72
C THR E 197 -26.81 83.75 -9.15
N HIS E 198 -26.20 84.00 -8.00
CA HIS E 198 -25.18 83.12 -7.39
C HIS E 198 -25.02 83.45 -5.90
N GLN E 199 -24.38 82.56 -5.15
CA GLN E 199 -24.20 82.66 -3.70
C GLN E 199 -23.47 83.94 -3.26
N GLY E 200 -22.51 84.43 -4.06
CA GLY E 200 -21.74 85.65 -3.75
C GLY E 200 -22.37 86.97 -4.16
N LEU E 201 -23.40 86.98 -5.01
CA LEU E 201 -24.01 88.20 -5.56
C LEU E 201 -25.13 88.70 -4.67
N SER E 202 -25.15 89.99 -4.30
CA SER E 202 -26.29 90.52 -3.55
C SER E 202 -27.50 90.83 -4.42
N SER E 203 -27.31 91.00 -5.72
CA SER E 203 -28.43 91.19 -6.64
C SER E 203 -28.05 90.54 -7.96
N PRO E 204 -29.03 90.25 -8.80
CA PRO E 204 -28.71 89.58 -10.08
C PRO E 204 -27.80 90.45 -10.95
N VAL E 205 -26.95 89.79 -11.71
CA VAL E 205 -26.06 90.49 -12.62
C VAL E 205 -26.55 90.26 -14.04
N THR E 206 -26.65 91.32 -14.82
CA THR E 206 -27.11 91.23 -16.21
C THR E 206 -26.04 91.82 -17.12
N LYS E 207 -25.68 91.06 -18.15
CA LYS E 207 -24.85 91.55 -19.25
C LYS E 207 -25.67 91.51 -20.54
N SER E 208 -25.57 92.56 -21.33
CA SER E 208 -26.39 92.65 -22.54
C SER E 208 -25.62 93.32 -23.67
N PHE E 209 -26.16 93.14 -24.88
CA PHE E 209 -25.65 93.85 -26.04
C PHE E 209 -26.82 94.11 -26.98
N ASN E 210 -26.65 95.12 -27.82
CA ASN E 210 -27.61 95.46 -28.86
C ASN E 210 -27.11 94.93 -30.19
N ARG E 211 -27.93 94.13 -30.87
CA ARG E 211 -27.56 93.54 -32.16
C ARG E 211 -27.16 94.62 -33.15
N GLY E 212 -25.94 94.50 -33.70
CA GLY E 212 -25.41 95.45 -34.64
C GLY E 212 -24.66 96.62 -34.04
N GLU E 213 -24.69 96.80 -32.73
CA GLU E 213 -23.95 97.90 -32.09
C GLU E 213 -22.70 97.38 -31.39
N VAL F 2 -25.00 27.73 -52.48
CA VAL F 2 -25.76 27.65 -53.77
C VAL F 2 -25.94 29.05 -54.33
N VAL F 3 -25.94 29.20 -55.66
CA VAL F 3 -26.19 30.46 -56.38
C VAL F 3 -27.37 30.25 -57.35
N MET F 4 -28.18 31.28 -57.54
CA MET F 4 -29.27 31.28 -58.53
C MET F 4 -29.25 32.51 -59.44
N THR F 5 -29.78 32.30 -60.65
CA THR F 5 -30.03 33.30 -61.68
C THR F 5 -31.52 33.29 -62.01
N GLN F 6 -32.13 34.44 -62.30
CA GLN F 6 -33.54 34.55 -62.72
C GLN F 6 -33.65 35.34 -64.04
N SER F 7 -34.56 34.99 -64.96
CA SER F 7 -34.69 35.74 -66.20
C SER F 7 -36.16 35.74 -66.59
N PRO F 8 -36.63 36.75 -67.32
CA PRO F 8 -35.94 38.03 -67.56
C PRO F 8 -35.94 38.91 -66.29
N SER F 9 -35.06 39.90 -66.21
CA SER F 9 -35.04 40.85 -65.07
C SER F 9 -36.28 41.76 -65.08
N THR F 10 -36.79 42.12 -66.26
CA THR F 10 -38.04 42.83 -66.42
C THR F 10 -38.85 42.13 -67.47
N LEU F 11 -40.11 41.85 -67.16
CA LEU F 11 -41.02 41.20 -68.10
C LEU F 11 -42.19 42.14 -68.34
N SER F 12 -42.38 42.56 -69.60
CA SER F 12 -43.47 43.46 -69.97
C SER F 12 -44.53 42.64 -70.71
N ALA F 13 -45.80 42.76 -70.28
CA ALA F 13 -46.85 41.94 -70.86
C ALA F 13 -48.19 42.66 -70.79
N SER F 14 -49.20 42.10 -71.45
CA SER F 14 -50.53 42.67 -71.39
C SER F 14 -51.40 41.91 -70.41
N VAL F 15 -52.41 42.61 -69.92
CA VAL F 15 -53.41 41.94 -69.11
C VAL F 15 -53.99 40.75 -69.88
N GLY F 16 -54.17 39.64 -69.17
CA GLY F 16 -54.68 38.43 -69.74
C GLY F 16 -53.63 37.51 -70.32
N ASP F 17 -52.38 37.94 -70.43
CA ASP F 17 -51.36 37.11 -71.05
C ASP F 17 -51.01 35.92 -70.14
N THR F 18 -50.48 34.89 -70.76
CA THR F 18 -49.79 33.80 -70.09
C THR F 18 -48.29 34.06 -70.18
N ILE F 19 -47.61 34.20 -69.04
CA ILE F 19 -46.19 34.54 -68.97
C ILE F 19 -45.45 33.48 -68.18
N THR F 20 -44.17 33.34 -68.47
CA THR F 20 -43.29 32.44 -67.72
C THR F 20 -42.06 33.20 -67.24
N ILE F 21 -41.58 32.90 -66.03
CA ILE F 21 -40.37 33.56 -65.45
C ILE F 21 -39.43 32.41 -65.13
N THR F 22 -38.18 32.40 -65.55
CA THR F 22 -37.32 31.21 -65.32
C THR F 22 -36.30 31.43 -64.21
N CYS F 23 -36.04 30.47 -63.35
CA CYS F 23 -34.92 30.41 -62.43
C CYS F 23 -33.96 29.30 -62.71
N ARG F 24 -32.66 29.58 -62.77
CA ARG F 24 -31.65 28.54 -63.04
C ARG F 24 -30.69 28.41 -61.86
N ALA F 25 -30.51 27.23 -61.29
CA ALA F 25 -29.57 27.04 -60.17
C ALA F 25 -28.19 26.62 -60.72
N SER F 26 -27.10 27.12 -60.14
CA SER F 26 -25.71 26.81 -60.56
C SER F 26 -25.39 25.32 -60.37
N GLN F 27 -26.12 24.63 -59.47
CA GLN F 27 -25.95 23.18 -59.23
C GLN F 27 -27.33 22.60 -58.90
N SER F 28 -27.50 21.28 -58.94
CA SER F 28 -28.83 20.65 -58.73
C SER F 28 -29.34 20.97 -57.31
N ILE F 29 -30.60 21.41 -57.19
CA ILE F 29 -31.26 21.69 -55.87
C ILE F 29 -32.50 20.80 -55.77
N GLU F 30 -32.60 19.75 -56.58
CA GLU F 30 -33.77 18.82 -56.57
C GLU F 30 -35.02 19.68 -56.80
N THR F 31 -36.06 19.58 -55.95
CA THR F 31 -37.29 20.41 -56.05
C THR F 31 -37.33 21.35 -54.85
N TRP F 32 -36.19 21.61 -54.22
CA TRP F 32 -36.14 22.48 -53.01
C TRP F 32 -36.14 23.94 -53.46
N LEU F 33 -37.17 24.44 -54.15
CA LEU F 33 -37.25 25.87 -54.57
C LEU F 33 -38.66 26.40 -54.31
N ALA F 34 -38.82 27.69 -54.02
CA ALA F 34 -40.14 28.32 -53.74
C ALA F 34 -40.28 29.58 -54.61
N TRP F 35 -41.45 30.19 -54.71
CA TRP F 35 -41.65 31.45 -55.48
C TRP F 35 -42.37 32.48 -54.61
N TYR F 36 -42.05 33.77 -54.73
CA TYR F 36 -42.65 34.83 -53.87
C TYR F 36 -43.18 35.99 -54.71
N GLN F 37 -44.32 36.58 -54.36
CA GLN F 37 -44.82 37.81 -55.03
C GLN F 37 -44.48 38.95 -54.08
N GLN F 38 -43.91 40.06 -54.54
CA GLN F 38 -43.64 41.23 -53.64
C GLN F 38 -44.16 42.53 -54.26
N LYS F 39 -45.05 43.24 -53.57
CA LYS F 39 -45.54 44.58 -54.01
C LYS F 39 -44.56 45.66 -53.54
N PRO F 40 -44.51 46.86 -54.17
CA PRO F 40 -43.67 47.95 -53.65
C PRO F 40 -44.01 48.29 -52.19
N GLY F 41 -43.01 48.47 -51.32
CA GLY F 41 -43.22 48.86 -49.91
C GLY F 41 -43.81 47.76 -49.06
N LYS F 42 -43.84 46.51 -49.51
CA LYS F 42 -44.48 45.38 -48.78
C LYS F 42 -43.52 44.21 -48.61
N ALA F 43 -43.69 43.41 -47.55
CA ALA F 43 -42.89 42.18 -47.33
C ALA F 43 -43.35 41.11 -48.35
N PRO F 44 -42.46 40.21 -48.84
CA PRO F 44 -42.85 39.21 -49.83
C PRO F 44 -43.93 38.22 -49.37
N LYS F 45 -44.82 37.78 -50.28
CA LYS F 45 -45.86 36.76 -49.97
C LYS F 45 -45.53 35.48 -50.73
N LEU F 46 -45.60 34.32 -50.07
CA LEU F 46 -45.28 33.01 -50.67
C LEU F 46 -46.33 32.63 -51.74
N LEU F 47 -45.92 32.12 -52.89
CA LEU F 47 -46.84 31.62 -53.94
C LEU F 47 -46.73 30.10 -54.04
N ILE F 48 -45.54 29.56 -54.25
CA ILE F 48 -45.34 28.10 -54.51
C ILE F 48 -44.11 27.61 -53.75
N TYR F 49 -44.04 26.32 -53.40
CA TYR F 49 -42.87 25.70 -52.73
C TYR F 49 -42.77 24.26 -53.26
N LYS F 50 -41.72 23.52 -52.87
CA LYS F 50 -41.48 22.15 -53.39
C LYS F 50 -41.56 22.23 -54.92
N ALA F 51 -41.12 23.34 -55.52
CA ALA F 51 -41.13 23.59 -56.98
C ALA F 51 -42.54 23.88 -57.51
N SER F 52 -43.52 22.98 -57.30
CA SER F 52 -44.90 23.13 -57.88
C SER F 52 -46.02 23.25 -56.84
N THR F 53 -45.81 22.97 -55.55
CA THR F 53 -46.89 22.94 -54.53
C THR F 53 -47.49 24.33 -54.30
N LEU F 54 -48.71 24.59 -54.79
CA LEU F 54 -49.37 25.91 -54.65
C LEU F 54 -49.75 26.09 -53.18
N LYS F 55 -49.46 27.25 -52.58
CA LYS F 55 -49.81 27.55 -51.17
C LYS F 55 -51.35 27.62 -51.06
N THR F 56 -51.91 27.20 -49.94
CA THR F 56 -53.38 27.27 -49.70
C THR F 56 -53.83 28.72 -49.91
N GLY F 57 -54.83 28.96 -50.77
CA GLY F 57 -55.41 30.30 -51.00
C GLY F 57 -54.76 31.05 -52.15
N VAL F 58 -53.63 30.59 -52.69
CA VAL F 58 -52.97 31.25 -53.87
C VAL F 58 -53.82 30.93 -55.11
N PRO F 59 -54.15 31.89 -56.01
CA PRO F 59 -55.02 31.60 -57.17
C PRO F 59 -54.43 30.52 -58.08
N SER F 60 -55.26 29.71 -58.73
CA SER F 60 -54.82 28.55 -59.56
C SER F 60 -54.03 29.00 -60.80
N ARG F 61 -54.16 30.26 -61.23
CA ARG F 61 -53.45 30.80 -62.43
C ARG F 61 -51.94 30.71 -62.16
N PHE F 62 -51.48 30.77 -60.91
CA PHE F 62 -50.04 30.59 -60.59
C PHE F 62 -49.70 29.11 -60.58
N SER F 63 -48.64 28.67 -61.25
CA SER F 63 -48.17 27.26 -61.24
C SER F 63 -46.65 27.29 -61.30
N GLY F 64 -45.95 26.24 -60.87
CA GLY F 64 -44.48 26.15 -61.01
C GLY F 64 -44.11 24.75 -61.43
N SER F 65 -42.97 24.57 -62.09
CA SER F 65 -42.50 23.25 -62.56
C SER F 65 -40.98 23.25 -62.54
N GLY F 66 -40.36 22.10 -62.81
CA GLY F 66 -38.89 22.03 -62.92
C GLY F 66 -38.29 21.24 -61.79
N SER F 67 -37.07 20.74 -61.97
CA SER F 67 -36.32 20.00 -60.94
C SER F 67 -34.85 20.10 -61.35
N GLY F 68 -33.92 19.80 -60.45
CA GLY F 68 -32.49 19.88 -60.74
C GLY F 68 -32.04 21.32 -60.82
N THR F 69 -31.79 21.87 -62.00
CA THR F 69 -31.23 23.24 -62.18
C THR F 69 -32.15 24.20 -62.94
N GLU F 70 -33.28 23.75 -63.50
CA GLU F 70 -34.16 24.63 -64.33
C GLU F 70 -35.54 24.67 -63.69
N PHE F 71 -36.04 25.86 -63.36
CA PHE F 71 -37.37 26.03 -62.72
C PHE F 71 -38.11 27.14 -63.46
N THR F 72 -39.43 27.05 -63.55
CA THR F 72 -40.27 28.04 -64.23
C THR F 72 -41.49 28.34 -63.39
N LEU F 73 -41.87 29.62 -63.28
CA LEU F 73 -43.14 30.10 -62.71
C LEU F 73 -43.99 30.60 -63.86
N THR F 74 -45.18 30.03 -64.04
CA THR F 74 -46.11 30.41 -65.08
C THR F 74 -47.30 31.11 -64.45
N ILE F 75 -47.66 32.28 -64.97
CA ILE F 75 -48.92 32.95 -64.61
C ILE F 75 -49.81 32.90 -65.85
N SER F 76 -50.91 32.16 -65.79
CA SER F 76 -51.79 31.86 -66.94
C SER F 76 -52.99 32.80 -66.90
N GLY F 77 -52.84 33.97 -67.53
CA GLY F 77 -53.88 34.98 -67.52
C GLY F 77 -53.62 36.10 -66.52
N LEU F 78 -52.64 36.97 -66.80
CA LEU F 78 -52.26 38.08 -65.92
C LEU F 78 -53.45 38.96 -65.57
N GLN F 79 -53.70 39.13 -64.28
CA GLN F 79 -54.65 40.13 -63.81
C GLN F 79 -53.90 41.34 -63.30
N PHE F 80 -54.62 42.47 -63.16
CA PHE F 80 -53.93 43.70 -62.76
C PHE F 80 -53.16 43.51 -61.46
N ASP F 81 -53.64 42.68 -60.51
CA ASP F 81 -52.94 42.41 -59.25
C ASP F 81 -51.59 41.68 -59.43
N ASP F 82 -51.40 40.96 -60.54
CA ASP F 82 -50.21 40.14 -60.81
C ASP F 82 -49.01 40.95 -61.30
N PHE F 83 -49.17 42.23 -61.64
CA PHE F 83 -48.06 43.09 -62.08
C PHE F 83 -47.26 43.56 -60.85
N ALA F 84 -46.20 42.83 -60.53
CA ALA F 84 -45.44 42.95 -59.29
C ALA F 84 -44.00 42.44 -59.45
N THR F 85 -43.21 42.54 -58.38
CA THR F 85 -41.93 41.84 -58.28
C THR F 85 -42.18 40.36 -57.98
N TYR F 86 -41.34 39.48 -58.52
CA TYR F 86 -41.36 38.04 -58.25
C TYR F 86 -39.96 37.48 -58.03
N HIS F 87 -39.76 36.54 -57.08
CA HIS F 87 -38.40 35.97 -56.74
C HIS F 87 -38.35 34.45 -56.52
N CYS F 88 -37.49 33.69 -57.22
CA CYS F 88 -37.28 32.23 -56.97
C CYS F 88 -36.44 32.11 -55.68
N GLN F 89 -36.63 31.10 -54.82
CA GLN F 89 -35.93 31.00 -53.50
C GLN F 89 -35.57 29.57 -53.10
N HIS F 90 -34.31 29.17 -53.18
CA HIS F 90 -33.87 27.85 -52.74
C HIS F 90 -33.94 27.81 -51.21
N TYR F 91 -34.52 26.76 -50.63
CA TYR F 91 -34.66 26.62 -49.18
C TYR F 91 -34.16 25.26 -48.70
N ALA F 92 -33.40 25.26 -47.62
CA ALA F 92 -32.79 24.08 -47.02
C ALA F 92 -33.03 24.08 -45.50
N GLY F 93 -32.78 22.95 -44.83
CA GLY F 93 -33.30 22.68 -43.49
C GLY F 93 -33.15 23.82 -42.48
N TYR F 94 -32.00 24.48 -42.50
CA TYR F 94 -31.67 25.60 -41.62
C TYR F 94 -31.08 26.82 -42.36
N SER F 95 -31.39 27.01 -43.66
CA SER F 95 -30.93 28.16 -44.47
C SER F 95 -31.75 28.36 -45.75
N ALA F 96 -31.46 29.41 -46.53
CA ALA F 96 -32.03 29.70 -47.84
C ALA F 96 -31.05 30.48 -48.73
N THR F 97 -31.40 30.71 -49.99
CA THR F 97 -30.84 31.78 -50.82
C THR F 97 -31.85 32.19 -51.90
N PHE F 98 -31.74 33.40 -52.43
CA PHE F 98 -32.63 33.95 -53.45
C PHE F 98 -31.88 34.29 -54.75
N GLY F 99 -32.58 34.21 -55.88
CA GLY F 99 -32.16 34.81 -57.15
C GLY F 99 -32.38 36.33 -57.21
N GLN F 100 -32.00 36.98 -58.30
CA GLN F 100 -32.03 38.45 -58.43
C GLN F 100 -33.45 39.07 -58.50
N GLY F 101 -34.48 38.26 -58.70
CA GLY F 101 -35.85 38.72 -58.94
C GLY F 101 -36.15 39.08 -60.40
N THR F 102 -37.44 39.13 -60.71
CA THR F 102 -38.03 39.59 -61.97
C THR F 102 -39.10 40.61 -61.66
N ARG F 103 -39.19 41.70 -62.40
CA ARG F 103 -40.26 42.70 -62.27
C ARG F 103 -41.24 42.55 -63.43
N VAL F 104 -42.52 42.35 -63.17
CA VAL F 104 -43.56 42.20 -64.21
C VAL F 104 -44.34 43.50 -64.35
N GLU F 105 -44.39 44.09 -65.56
CA GLU F 105 -45.03 45.40 -65.73
C GLU F 105 -45.97 45.32 -66.93
N ILE F 106 -46.82 46.34 -67.05
CA ILE F 106 -47.73 46.44 -68.20
C ILE F 106 -46.98 46.99 -69.40
N LYS F 107 -47.10 46.31 -70.55
CA LYS F 107 -46.37 46.73 -71.73
C LYS F 107 -47.12 47.85 -72.45
N ARG F 108 -46.38 48.81 -72.97
CA ARG F 108 -46.94 49.87 -73.81
C ARG F 108 -45.84 50.31 -74.76
N THR F 109 -46.16 51.26 -75.65
CA THR F 109 -45.10 51.72 -76.54
C THR F 109 -44.04 52.57 -75.78
N VAL F 110 -42.86 52.65 -76.36
CA VAL F 110 -41.82 53.53 -75.80
C VAL F 110 -42.33 54.96 -75.78
N ALA F 111 -42.09 55.66 -74.67
CA ALA F 111 -42.49 57.04 -74.53
C ALA F 111 -41.33 57.79 -73.90
N ALA F 112 -40.86 58.84 -74.58
CA ALA F 112 -39.74 59.59 -74.01
C ALA F 112 -40.25 60.50 -72.90
N PRO F 113 -39.40 60.74 -71.88
CA PRO F 113 -39.80 61.65 -70.82
C PRO F 113 -39.92 63.08 -71.34
N SER F 114 -40.91 63.79 -70.84
CA SER F 114 -40.91 65.24 -70.94
C SER F 114 -40.15 65.75 -69.72
N VAL F 115 -39.12 66.56 -69.95
CA VAL F 115 -38.18 66.98 -68.91
C VAL F 115 -38.45 68.43 -68.52
N PHE F 116 -38.45 68.70 -67.21
CA PHE F 116 -38.64 70.03 -66.65
C PHE F 116 -37.66 70.22 -65.50
N ILE F 117 -37.07 71.40 -65.40
CA ILE F 117 -36.17 71.71 -64.27
C ILE F 117 -36.76 72.90 -63.53
N PHE F 118 -36.73 72.84 -62.19
CA PHE F 118 -37.25 73.90 -61.35
C PHE F 118 -36.14 74.44 -60.44
N PRO F 119 -35.88 75.75 -60.44
CA PRO F 119 -34.89 76.31 -59.51
C PRO F 119 -35.46 76.38 -58.11
N PRO F 120 -34.61 76.57 -57.10
CA PRO F 120 -35.13 76.74 -55.74
C PRO F 120 -36.00 77.98 -55.61
N SER F 121 -37.04 77.86 -54.80
CA SER F 121 -37.88 79.01 -54.49
C SER F 121 -37.10 80.03 -53.65
N ASP F 122 -37.47 81.31 -53.80
CA ASP F 122 -36.83 82.35 -53.03
C ASP F 122 -36.99 82.11 -51.54
N GLU F 123 -38.17 81.68 -51.12
CA GLU F 123 -38.43 81.43 -49.71
C GLU F 123 -37.44 80.43 -49.13
N GLN F 124 -37.37 79.23 -49.71
CA GLN F 124 -36.40 78.24 -49.24
C GLN F 124 -34.99 78.79 -49.30
N LEU F 125 -34.66 79.50 -50.37
CA LEU F 125 -33.30 80.01 -50.54
C LEU F 125 -32.94 81.00 -49.44
N LYS F 126 -33.92 81.75 -48.93
CA LYS F 126 -33.65 82.70 -47.86
C LYS F 126 -33.37 81.98 -46.54
N SER F 127 -33.88 80.76 -46.39
CA SER F 127 -33.60 79.93 -45.21
C SER F 127 -32.21 79.30 -45.24
N GLY F 128 -31.50 79.34 -46.36
CA GLY F 128 -30.14 78.83 -46.43
C GLY F 128 -29.96 77.52 -47.18
N THR F 129 -31.01 76.98 -47.81
CA THR F 129 -30.94 75.71 -48.52
C THR F 129 -31.52 75.87 -49.92
N ALA F 130 -30.88 75.25 -50.90
CA ALA F 130 -31.35 75.29 -52.28
C ALA F 130 -31.67 73.88 -52.76
N SER F 131 -32.95 73.58 -53.05
CA SER F 131 -33.36 72.26 -53.61
C SER F 131 -33.90 72.42 -55.03
N VAL F 132 -33.05 72.28 -56.06
CA VAL F 132 -33.52 72.28 -57.48
C VAL F 132 -34.26 70.94 -57.64
N VAL F 133 -35.24 70.85 -58.55
CA VAL F 133 -35.98 69.58 -58.79
C VAL F 133 -36.08 69.32 -60.29
N CYS F 134 -35.54 68.23 -60.82
CA CYS F 134 -35.68 67.84 -62.22
C CYS F 134 -36.79 66.81 -62.31
N LEU F 135 -37.71 66.98 -63.27
CA LEU F 135 -38.87 66.11 -63.40
C LEU F 135 -38.82 65.43 -64.76
N LEU F 136 -38.93 64.10 -64.77
CA LEU F 136 -39.06 63.30 -65.99
C LEU F 136 -40.48 62.78 -65.99
N ASN F 137 -41.31 63.27 -66.92
CA ASN F 137 -42.74 63.03 -66.84
C ASN F 137 -43.15 62.03 -67.92
N ASN F 138 -43.87 60.99 -67.50
CA ASN F 138 -44.63 60.07 -68.36
C ASN F 138 -43.76 59.38 -69.40
N PHE F 139 -42.80 58.58 -68.91
CA PHE F 139 -41.90 57.86 -69.80
C PHE F 139 -42.09 56.35 -69.64
N TYR F 140 -41.61 55.61 -70.65
CA TYR F 140 -41.69 54.16 -70.64
C TYR F 140 -40.65 53.64 -71.61
N PRO F 141 -39.83 52.64 -71.26
CA PRO F 141 -39.86 51.82 -70.04
C PRO F 141 -39.26 52.58 -68.84
N ARG F 142 -39.09 51.86 -67.73
CA ARG F 142 -38.79 52.52 -66.46
C ARG F 142 -37.37 53.02 -66.35
N GLU F 143 -36.43 52.45 -67.11
CA GLU F 143 -35.02 52.79 -66.93
C GLU F 143 -34.77 54.18 -67.48
N ALA F 144 -34.31 55.08 -66.63
CA ALA F 144 -33.94 56.39 -67.10
C ALA F 144 -32.75 56.81 -66.25
N LYS F 145 -31.93 57.68 -66.81
CA LYS F 145 -30.75 58.14 -66.08
C LYS F 145 -30.76 59.65 -66.06
N VAL F 146 -30.56 60.22 -64.88
CA VAL F 146 -30.48 61.66 -64.72
C VAL F 146 -29.09 61.97 -64.18
N GLN F 147 -28.42 62.93 -64.80
CA GLN F 147 -27.14 63.42 -64.32
C GLN F 147 -27.27 64.92 -64.14
N TRP F 148 -26.81 65.43 -63.01
CA TRP F 148 -26.83 66.85 -62.76
C TRP F 148 -25.46 67.41 -63.09
N LYS F 149 -25.45 68.58 -63.72
CA LYS F 149 -24.22 69.30 -64.00
C LYS F 149 -24.38 70.75 -63.60
N VAL F 150 -23.42 71.24 -62.81
CA VAL F 150 -23.37 72.63 -62.38
C VAL F 150 -22.12 73.23 -63.00
N ASP F 151 -22.29 74.24 -63.83
CA ASP F 151 -21.18 74.80 -64.60
C ASP F 151 -20.42 73.68 -65.29
N ASN F 152 -21.16 72.77 -65.92
CA ASN F 152 -20.60 71.64 -66.66
C ASN F 152 -19.85 70.66 -65.76
N ALA F 153 -20.08 70.74 -64.44
CA ALA F 153 -19.42 69.87 -63.48
C ALA F 153 -20.38 68.74 -63.09
N LEU F 154 -19.98 67.50 -63.36
CA LEU F 154 -20.82 66.35 -63.03
C LEU F 154 -20.98 66.22 -61.52
N GLN F 155 -22.22 66.26 -61.05
CA GLN F 155 -22.46 66.10 -59.62
C GLN F 155 -22.50 64.63 -59.25
N SER F 156 -22.23 64.36 -57.97
CA SER F 156 -22.21 63.00 -57.46
C SER F 156 -22.40 63.05 -55.95
N GLY F 157 -23.37 62.29 -55.45
CA GLY F 157 -23.60 62.13 -54.03
C GLY F 157 -24.47 63.16 -53.38
N ASN F 158 -24.95 64.17 -54.13
CA ASN F 158 -25.78 65.23 -53.57
C ASN F 158 -27.18 65.28 -54.19
N SER F 159 -27.68 64.15 -54.68
CA SER F 159 -29.03 64.13 -55.24
C SER F 159 -29.71 62.86 -54.79
N GLN F 160 -31.05 62.90 -54.71
CA GLN F 160 -31.86 61.74 -54.47
C GLN F 160 -33.00 61.68 -55.49
N GLU F 161 -33.42 60.47 -55.81
CA GLU F 161 -34.43 60.22 -56.84
C GLU F 161 -35.62 59.49 -56.24
N SER F 162 -36.78 59.68 -56.87
CA SER F 162 -37.96 58.91 -56.55
C SER F 162 -38.74 58.66 -57.83
N VAL F 163 -39.36 57.49 -57.96
CA VAL F 163 -40.08 57.12 -59.20
C VAL F 163 -41.47 56.63 -58.83
N THR F 164 -42.47 57.02 -59.65
CA THR F 164 -43.83 56.58 -59.38
C THR F 164 -44.02 55.14 -59.85
N GLU F 165 -45.09 54.53 -59.38
CA GLU F 165 -45.54 53.27 -59.99
C GLU F 165 -46.20 53.55 -61.34
N GLN F 166 -46.41 52.49 -62.13
CA GLN F 166 -47.03 52.65 -63.44
C GLN F 166 -48.38 53.33 -63.34
N ASP F 167 -48.56 54.38 -64.14
CA ASP F 167 -49.81 55.13 -64.15
C ASP F 167 -50.96 54.21 -64.55
N SER F 168 -52.08 54.31 -63.83
CA SER F 168 -53.21 53.43 -64.03
C SER F 168 -53.90 53.66 -65.37
N LYS F 169 -53.79 54.85 -65.94
CA LYS F 169 -54.43 55.17 -67.20
C LYS F 169 -53.49 55.02 -68.41
N ASP F 170 -52.24 55.45 -68.32
CA ASP F 170 -51.37 55.39 -69.48
C ASP F 170 -50.14 54.52 -69.32
N SER F 171 -49.99 53.82 -68.19
CA SER F 171 -48.92 52.85 -67.96
C SER F 171 -47.49 53.44 -68.05
N THR F 172 -47.32 54.76 -67.89
CA THR F 172 -45.99 55.36 -67.89
C THR F 172 -45.50 55.49 -66.45
N TYR F 173 -44.23 55.87 -66.34
CA TYR F 173 -43.56 56.21 -65.09
C TYR F 173 -43.18 57.68 -65.08
N SER F 174 -43.04 58.24 -63.89
CA SER F 174 -42.50 59.58 -63.76
C SER F 174 -41.43 59.54 -62.66
N LEU F 175 -40.49 60.45 -62.76
CA LEU F 175 -39.32 60.46 -61.87
C LEU F 175 -39.01 61.89 -61.45
N SER F 176 -38.68 62.07 -60.17
CA SER F 176 -38.26 63.38 -59.71
C SER F 176 -36.89 63.19 -59.06
N SER F 177 -35.96 64.08 -59.38
CA SER F 177 -34.62 64.09 -58.81
C SER F 177 -34.40 65.44 -58.15
N THR F 178 -33.95 65.43 -56.90
CA THR F 178 -33.73 66.66 -56.15
C THR F 178 -32.25 66.75 -55.85
N LEU F 179 -31.62 67.83 -56.30
CA LEU F 179 -30.23 68.16 -55.99
C LEU F 179 -30.27 69.17 -54.86
N THR F 180 -29.64 68.85 -53.74
CA THR F 180 -29.72 69.69 -52.56
C THR F 180 -28.36 70.31 -52.27
N LEU F 181 -28.37 71.62 -52.03
CA LEU F 181 -27.15 72.37 -51.77
C LEU F 181 -27.47 73.49 -50.80
N SER F 182 -26.53 73.82 -49.90
CA SER F 182 -26.71 74.95 -48.96
C SER F 182 -26.78 76.23 -49.80
N LYS F 183 -27.20 77.35 -49.24
CA LYS F 183 -27.21 78.66 -49.97
C LYS F 183 -25.73 78.99 -50.25
N ALA F 184 -24.83 78.66 -49.34
CA ALA F 184 -23.39 78.97 -49.48
C ALA F 184 -22.83 78.30 -50.73
N ASP F 185 -23.24 77.08 -51.08
CA ASP F 185 -22.70 76.31 -52.23
C ASP F 185 -23.45 76.60 -53.54
N TYR F 186 -24.74 76.94 -53.49
CA TYR F 186 -25.56 77.19 -54.67
C TYR F 186 -25.15 78.49 -55.35
N GLU F 187 -24.87 79.53 -54.57
CA GLU F 187 -24.55 80.88 -55.12
C GLU F 187 -23.16 80.89 -55.76
N LYS F 188 -22.34 79.87 -55.50
CA LYS F 188 -20.97 79.76 -56.09
C LYS F 188 -21.05 79.57 -57.60
N HIS F 189 -21.99 78.78 -58.11
CA HIS F 189 -22.04 78.41 -59.54
C HIS F 189 -23.32 78.92 -60.20
N LYS F 190 -23.25 79.30 -61.48
CA LYS F 190 -24.42 79.91 -62.20
C LYS F 190 -25.30 78.82 -62.81
N VAL F 191 -24.99 78.26 -63.98
CA VAL F 191 -25.90 77.32 -64.68
C VAL F 191 -26.16 76.04 -63.86
N TYR F 192 -27.39 75.53 -63.82
CA TYR F 192 -27.75 74.24 -63.17
C TYR F 192 -28.49 73.42 -64.22
N ALA F 193 -27.93 72.31 -64.70
CA ALA F 193 -28.50 71.52 -65.82
C ALA F 193 -28.94 70.14 -65.34
N CYS F 194 -29.80 69.44 -66.10
CA CYS F 194 -30.21 68.05 -65.80
C CYS F 194 -30.16 67.22 -67.09
N GLU F 195 -29.17 66.31 -67.26
CA GLU F 195 -28.97 65.51 -68.51
C GLU F 195 -29.71 64.17 -68.42
N VAL F 196 -30.72 63.93 -69.26
CA VAL F 196 -31.57 62.76 -69.16
C VAL F 196 -31.26 61.84 -70.33
N THR F 197 -31.05 60.56 -70.06
CA THR F 197 -31.01 59.55 -71.10
C THR F 197 -32.10 58.51 -70.86
N HIS F 198 -32.61 57.97 -71.96
CA HIS F 198 -33.77 57.09 -71.87
C HIS F 198 -33.92 56.39 -73.22
N GLN F 199 -34.49 55.19 -73.21
CA GLN F 199 -34.60 54.42 -74.45
C GLN F 199 -35.35 55.20 -75.53
N GLY F 200 -36.25 56.09 -75.15
CA GLY F 200 -37.01 56.92 -76.07
C GLY F 200 -36.30 58.13 -76.62
N LEU F 201 -35.07 58.40 -76.17
CA LEU F 201 -34.29 59.55 -76.61
C LEU F 201 -33.11 59.04 -77.42
N SER F 202 -32.97 59.53 -78.66
CA SER F 202 -31.86 59.11 -79.50
C SER F 202 -30.55 59.73 -79.04
N SER F 203 -30.63 60.87 -78.36
CA SER F 203 -29.47 61.49 -77.73
C SER F 203 -29.95 62.10 -76.42
N PRO F 204 -29.06 62.32 -75.46
CA PRO F 204 -29.49 62.84 -74.17
C PRO F 204 -30.10 64.23 -74.28
N VAL F 205 -31.09 64.47 -73.44
CA VAL F 205 -31.80 65.75 -73.35
C VAL F 205 -31.34 66.48 -72.10
N THR F 206 -31.08 67.78 -72.23
CA THR F 206 -30.63 68.62 -71.12
C THR F 206 -31.57 69.80 -70.95
N LYS F 207 -32.04 70.01 -69.72
CA LYS F 207 -32.75 71.22 -69.34
C LYS F 207 -31.91 71.96 -68.31
N SER F 208 -31.80 73.28 -68.45
CA SER F 208 -30.91 74.06 -67.62
C SER F 208 -31.52 75.42 -67.30
N PHE F 209 -30.93 76.07 -66.29
CA PHE F 209 -31.24 77.46 -65.98
C PHE F 209 -29.99 78.12 -65.43
N ASN F 210 -29.94 79.43 -65.55
CA ASN F 210 -28.86 80.25 -65.01
C ASN F 210 -29.30 80.86 -63.70
N ARG F 211 -28.50 80.67 -62.65
CA ARG F 211 -28.85 81.20 -61.34
C ARG F 211 -29.14 82.69 -61.46
N GLY F 212 -30.33 83.10 -61.05
CA GLY F 212 -30.75 84.49 -61.17
C GLY F 212 -31.41 84.75 -62.50
N GLU G 1 -7.73 41.48 -15.15
CA GLU G 1 -8.81 42.40 -15.62
C GLU G 1 -9.85 41.67 -16.48
N VAL G 2 -11.10 42.16 -16.46
CA VAL G 2 -12.22 41.69 -17.30
C VAL G 2 -12.99 42.90 -17.86
N GLN G 3 -13.76 42.71 -18.93
CA GLN G 3 -14.37 43.84 -19.65
C GLN G 3 -15.82 43.58 -20.08
N LEU G 4 -16.59 44.64 -20.17
CA LEU G 4 -17.96 44.69 -20.68
C LEU G 4 -18.04 45.86 -21.67
N VAL G 5 -18.86 45.76 -22.72
CA VAL G 5 -18.80 46.67 -23.87
C VAL G 5 -20.20 46.98 -24.38
N GLU G 6 -20.81 48.05 -23.86
CA GLU G 6 -22.16 48.47 -24.24
C GLU G 6 -22.20 49.06 -25.66
N SER G 7 -23.30 48.89 -26.36
CA SER G 7 -23.48 49.31 -27.76
C SER G 7 -24.94 49.60 -28.11
N GLY G 8 -25.13 50.48 -29.07
CA GLY G 8 -26.42 50.88 -29.62
C GLY G 8 -26.91 52.25 -29.19
N GLY G 9 -26.39 52.81 -28.09
CA GLY G 9 -26.83 54.10 -27.54
C GLY G 9 -26.55 55.29 -28.47
N GLY G 10 -27.47 56.26 -28.50
CA GLY G 10 -27.37 57.49 -29.30
C GLY G 10 -28.55 58.43 -29.06
N LEU G 11 -28.84 59.30 -30.03
CA LEU G 11 -30.04 60.13 -30.03
C LEU G 11 -31.31 59.29 -30.30
N VAL G 12 -32.41 59.68 -29.67
CA VAL G 12 -33.75 59.07 -29.72
C VAL G 12 -34.81 60.18 -29.64
N LYS G 13 -36.05 59.90 -30.01
CA LYS G 13 -37.19 60.83 -29.83
C LYS G 13 -38.19 60.28 -28.81
N ALA G 14 -38.84 61.13 -28.03
CA ALA G 14 -39.84 60.74 -27.04
C ALA G 14 -40.97 59.91 -27.66
N GLY G 15 -41.36 58.80 -27.02
CA GLY G 15 -42.31 57.84 -27.59
C GLY G 15 -41.78 57.01 -28.76
N GLY G 16 -40.54 57.24 -29.22
CA GLY G 16 -39.76 56.34 -30.07
C GLY G 16 -39.10 55.21 -29.27
N SER G 17 -38.41 54.30 -29.95
CA SER G 17 -37.88 53.07 -29.35
C SER G 17 -36.46 52.74 -29.83
N LEU G 18 -35.66 52.16 -28.95
CA LEU G 18 -34.25 51.82 -29.16
C LEU G 18 -33.94 50.50 -28.45
N ILE G 19 -32.87 49.77 -28.83
CA ILE G 19 -32.39 48.58 -28.13
C ILE G 19 -30.91 48.73 -27.80
N LEU G 20 -30.52 48.61 -26.53
CA LEU G 20 -29.11 48.52 -26.16
C LEU G 20 -28.65 47.08 -26.13
N SER G 21 -27.34 46.86 -26.19
CA SER G 21 -26.73 45.56 -25.94
C SER G 21 -25.39 45.70 -25.23
N CYS G 22 -24.95 44.65 -24.56
CA CYS G 22 -23.66 44.60 -23.90
C CYS G 22 -22.96 43.31 -24.27
N GLY G 23 -21.78 43.40 -24.86
CA GLY G 23 -20.86 42.27 -24.99
C GLY G 23 -19.90 42.17 -23.82
N VAL G 24 -19.10 41.12 -23.74
CA VAL G 24 -18.06 40.96 -22.71
C VAL G 24 -16.75 40.41 -23.27
N SER G 25 -15.67 40.57 -22.52
CA SER G 25 -14.36 39.99 -22.85
C SER G 25 -13.63 39.51 -21.60
N ASN G 26 -12.76 38.52 -21.79
CA ASN G 26 -12.02 37.79 -20.75
C ASN G 26 -12.87 36.91 -19.82
N PHE G 27 -14.19 36.83 -19.98
CA PHE G 27 -15.08 36.03 -19.13
C PHE G 27 -16.35 35.58 -19.87
N ARG G 28 -17.07 34.62 -19.30
CA ARG G 28 -18.36 34.12 -19.80
C ARG G 28 -19.52 34.60 -18.93
N ILE G 29 -20.61 35.11 -19.51
CA ILE G 29 -21.78 35.57 -18.72
C ILE G 29 -22.66 34.44 -18.24
N SER G 30 -22.50 33.23 -18.76
CA SER G 30 -23.31 32.04 -18.43
C SER G 30 -23.35 31.69 -16.94
N ALA G 31 -22.38 32.14 -16.15
CA ALA G 31 -22.35 31.99 -14.70
C ALA G 31 -23.07 33.09 -13.91
N HIS G 32 -23.37 34.25 -14.52
CA HIS G 32 -23.69 35.50 -13.82
C HIS G 32 -25.12 36.00 -14.05
N THR G 33 -25.71 36.58 -13.02
CA THR G 33 -26.84 37.49 -13.15
C THR G 33 -26.35 38.80 -13.74
N MET G 34 -26.98 39.28 -14.81
CA MET G 34 -26.53 40.47 -15.55
C MET G 34 -27.49 41.65 -15.41
N ASN G 35 -26.95 42.84 -15.16
CA ASN G 35 -27.72 44.01 -14.70
C ASN G 35 -27.49 45.22 -15.60
N TRP G 36 -28.54 46.01 -15.79
CA TRP G 36 -28.49 47.34 -16.38
C TRP G 36 -28.70 48.40 -15.32
N VAL G 37 -27.85 49.43 -15.35
CA VAL G 37 -27.80 50.59 -14.45
C VAL G 37 -27.76 51.83 -15.31
N ARG G 38 -28.22 52.99 -14.84
CA ARG G 38 -28.03 54.25 -15.56
C ARG G 38 -27.61 55.39 -14.62
N ARG G 39 -26.92 56.39 -15.14
CA ARG G 39 -26.66 57.65 -14.45
C ARG G 39 -27.39 58.77 -15.19
N VAL G 40 -28.44 59.30 -14.58
CA VAL G 40 -29.24 60.38 -15.18
C VAL G 40 -28.46 61.71 -15.19
N PRO G 41 -28.85 62.73 -15.99
CA PRO G 41 -28.23 64.06 -15.95
C PRO G 41 -28.14 64.69 -14.54
N GLY G 42 -29.06 64.33 -13.64
CA GLY G 42 -29.02 64.69 -12.22
C GLY G 42 -27.88 64.08 -11.39
N GLY G 43 -27.07 63.17 -11.94
CA GLY G 43 -25.85 62.64 -11.33
C GLY G 43 -25.99 61.37 -10.47
N GLY G 44 -27.21 60.92 -10.13
CA GLY G 44 -27.42 59.71 -9.33
C GLY G 44 -27.46 58.41 -10.13
N LEU G 45 -26.97 57.30 -9.58
CA LEU G 45 -27.17 55.96 -10.15
C LEU G 45 -28.60 55.44 -9.89
N GLU G 46 -29.26 54.98 -10.94
CA GLU G 46 -30.49 54.21 -10.90
C GLU G 46 -30.23 52.79 -11.40
N TRP G 47 -30.63 51.76 -10.66
CA TRP G 47 -30.77 50.41 -11.25
C TRP G 47 -31.93 50.40 -12.26
N VAL G 48 -31.83 49.58 -13.32
CA VAL G 48 -32.77 49.60 -14.47
C VAL G 48 -33.41 48.25 -14.70
N ALA G 49 -32.63 47.18 -14.77
CA ALA G 49 -33.11 45.82 -14.93
C ALA G 49 -32.07 44.78 -14.50
N SER G 50 -32.50 43.55 -14.28
CA SER G 50 -31.57 42.41 -14.24
C SER G 50 -32.20 41.13 -14.76
N ILE G 51 -31.35 40.22 -15.21
CA ILE G 51 -31.72 38.88 -15.64
C ILE G 51 -30.79 37.84 -15.02
N SER G 52 -31.40 36.85 -14.37
CA SER G 52 -30.70 35.84 -13.59
C SER G 52 -29.79 34.95 -14.46
N THR G 53 -28.87 34.27 -13.79
CA THR G 53 -28.27 33.04 -14.32
C THR G 53 -29.38 32.11 -14.82
N SER G 54 -29.10 31.32 -15.84
CA SER G 54 -30.06 30.45 -16.54
C SER G 54 -31.27 31.17 -17.17
N SER G 55 -31.25 32.50 -17.30
CA SER G 55 -32.36 33.29 -17.86
C SER G 55 -33.72 33.11 -17.17
N THR G 56 -33.73 32.62 -15.93
CA THR G 56 -34.93 32.21 -15.20
C THR G 56 -35.82 33.40 -14.86
N TYR G 57 -35.28 34.36 -14.10
CA TYR G 57 -36.01 35.49 -13.56
C TYR G 57 -35.50 36.81 -14.13
N ARG G 58 -36.43 37.62 -14.62
CA ARG G 58 -36.20 38.98 -15.12
C ARG G 58 -36.88 39.97 -14.17
N ASP G 59 -36.17 41.02 -13.75
CA ASP G 59 -36.68 42.06 -12.87
C ASP G 59 -36.28 43.46 -13.36
N TYR G 60 -36.99 44.49 -12.91
CA TYR G 60 -36.91 45.86 -13.41
C TYR G 60 -37.06 46.88 -12.27
N ALA G 61 -36.48 48.06 -12.41
CA ALA G 61 -36.86 49.20 -11.60
C ALA G 61 -38.22 49.78 -12.07
N ASP G 62 -39.03 50.27 -11.14
CA ASP G 62 -40.45 50.54 -11.37
C ASP G 62 -40.73 51.68 -12.37
N ALA G 63 -39.76 52.54 -12.66
CA ALA G 63 -39.86 53.55 -13.71
C ALA G 63 -39.80 52.95 -15.14
N VAL G 64 -39.21 51.78 -15.32
CA VAL G 64 -39.02 51.11 -16.62
C VAL G 64 -39.71 49.75 -16.74
N LYS G 65 -40.10 49.14 -15.62
CA LYS G 65 -40.93 47.93 -15.54
C LYS G 65 -42.15 48.04 -16.46
N GLY G 66 -42.41 47.01 -17.24
CA GLY G 66 -43.45 46.96 -18.27
C GLY G 66 -43.07 47.63 -19.60
N ARG G 67 -42.33 48.75 -19.59
CA ARG G 67 -41.92 49.49 -20.79
C ARG G 67 -40.69 48.86 -21.46
N PHE G 68 -39.70 48.49 -20.66
CA PHE G 68 -38.48 47.84 -21.11
C PHE G 68 -38.62 46.31 -21.09
N THR G 69 -37.78 45.63 -21.87
CA THR G 69 -37.53 44.18 -21.78
C THR G 69 -36.04 43.88 -21.75
N VAL G 70 -35.56 43.20 -20.71
CA VAL G 70 -34.20 42.67 -20.66
C VAL G 70 -34.16 41.28 -21.32
N SER G 71 -33.05 40.94 -21.94
CA SER G 71 -32.82 39.68 -22.69
C SER G 71 -31.37 39.23 -22.59
N ARG G 72 -31.09 37.95 -22.83
CA ARG G 72 -29.70 37.45 -22.86
C ARG G 72 -29.43 36.33 -23.87
N ASP G 73 -28.14 36.13 -24.12
CA ASP G 73 -27.55 35.10 -24.96
C ASP G 73 -26.30 34.54 -24.26
N ASP G 74 -26.46 33.43 -23.56
CA ASP G 74 -25.40 32.80 -22.76
C ASP G 74 -24.26 32.18 -23.58
N LEU G 75 -24.46 32.00 -24.88
CA LEU G 75 -23.55 31.28 -25.78
C LEU G 75 -22.52 32.23 -26.39
N GLU G 76 -22.96 33.28 -27.09
CA GLU G 76 -22.08 34.32 -27.62
C GLU G 76 -21.72 35.40 -26.58
N ASP G 77 -22.29 35.34 -25.39
CA ASP G 77 -22.06 36.24 -24.26
C ASP G 77 -22.55 37.68 -24.49
N PHE G 78 -23.84 37.84 -24.83
CA PHE G 78 -24.48 39.14 -25.02
C PHE G 78 -25.71 39.30 -24.15
N VAL G 79 -25.95 40.54 -23.73
CA VAL G 79 -27.14 40.96 -22.99
C VAL G 79 -27.81 42.05 -23.79
N TYR G 80 -29.13 42.16 -23.72
CA TYR G 80 -29.91 43.14 -24.49
C TYR G 80 -30.90 43.89 -23.60
N LEU G 81 -31.32 45.08 -24.03
CA LEU G 81 -32.33 45.87 -23.35
C LEU G 81 -33.20 46.62 -24.36
N GLN G 82 -34.38 46.09 -24.70
CA GLN G 82 -35.33 46.82 -25.53
C GLN G 82 -35.97 47.95 -24.73
N MET G 83 -36.05 49.13 -25.33
CA MET G 83 -36.58 50.33 -24.68
C MET G 83 -37.73 50.88 -25.51
N HIS G 84 -38.91 50.28 -25.34
CA HIS G 84 -40.11 50.69 -26.07
C HIS G 84 -40.70 51.96 -25.48
N LYS G 85 -41.03 52.90 -26.38
CA LYS G 85 -41.69 54.18 -26.09
C LYS G 85 -41.05 54.90 -24.91
N MET G 86 -39.82 55.37 -25.15
CA MET G 86 -38.99 56.02 -24.15
C MET G 86 -39.59 57.34 -23.65
N ARG G 87 -39.31 57.66 -22.39
CA ARG G 87 -39.63 58.94 -21.75
C ARG G 87 -38.42 59.88 -21.81
N VAL G 88 -38.64 61.19 -21.68
CA VAL G 88 -37.53 62.16 -21.67
C VAL G 88 -36.53 61.86 -20.55
N GLU G 89 -36.99 61.47 -19.36
CA GLU G 89 -36.15 61.08 -18.22
C GLU G 89 -35.49 59.69 -18.34
N ASP G 90 -35.76 58.92 -19.39
CA ASP G 90 -34.91 57.79 -19.77
C ASP G 90 -33.57 58.23 -20.42
N THR G 91 -33.37 59.52 -20.67
CA THR G 91 -32.05 60.11 -20.99
C THR G 91 -31.06 59.83 -19.87
N ALA G 92 -29.95 59.13 -20.16
CA ALA G 92 -28.92 58.80 -19.19
C ALA G 92 -27.67 58.24 -19.88
N ILE G 93 -26.57 58.09 -19.15
CA ILE G 93 -25.58 57.07 -19.50
C ILE G 93 -26.14 55.73 -19.03
N TYR G 94 -26.16 54.69 -19.88
CA TYR G 94 -26.65 53.33 -19.53
C TYR G 94 -25.48 52.34 -19.43
N TYR G 95 -25.16 51.84 -18.24
CA TYR G 95 -24.03 50.91 -18.01
C TYR G 95 -24.53 49.47 -17.98
N CYS G 96 -23.70 48.47 -18.29
CA CYS G 96 -24.05 47.03 -18.16
C CYS G 96 -23.01 46.50 -17.16
N ALA G 97 -23.41 45.97 -16.01
CA ALA G 97 -22.48 45.49 -14.97
C ALA G 97 -22.89 44.07 -14.59
N ARG G 98 -21.97 43.21 -14.16
CA ARG G 98 -22.28 41.79 -13.83
C ARG G 98 -22.41 41.65 -12.32
N LYS G 99 -23.43 40.94 -11.80
CA LYS G 99 -23.43 40.65 -10.36
C LYS G 99 -22.32 39.61 -10.14
N GLY G 100 -21.42 39.80 -9.18
CA GLY G 100 -20.24 38.95 -9.16
C GLY G 100 -19.29 39.10 -7.99
N SER G 101 -18.42 38.11 -7.87
CA SER G 101 -17.46 37.89 -6.79
C SER G 101 -16.44 36.84 -7.22
N ASP G 102 -15.29 36.74 -6.55
CA ASP G 102 -14.30 35.67 -6.77
C ASP G 102 -14.91 34.28 -6.56
N ARG G 103 -15.63 34.09 -5.46
CA ARG G 103 -16.58 32.99 -5.24
C ARG G 103 -18.00 33.55 -5.26
N LEU G 104 -18.84 33.06 -6.16
CA LEU G 104 -20.21 33.55 -6.33
C LEU G 104 -21.12 33.11 -5.17
N SER G 105 -22.23 33.81 -4.92
CA SER G 105 -23.24 33.47 -3.92
C SER G 105 -24.63 33.90 -4.37
N ASP G 106 -25.70 33.41 -3.70
CA ASP G 106 -27.08 33.86 -3.96
C ASP G 106 -27.30 35.38 -3.73
N ASN G 107 -26.33 36.12 -3.19
CA ASN G 107 -26.37 37.59 -3.21
C ASN G 107 -24.97 38.26 -3.16
N ASP G 108 -24.59 38.93 -4.25
CA ASP G 108 -23.32 39.66 -4.45
C ASP G 108 -23.54 41.08 -5.06
N PRO G 109 -22.57 42.02 -4.95
CA PRO G 109 -22.59 43.34 -5.60
C PRO G 109 -22.10 43.27 -7.06
N PHE G 110 -21.88 44.42 -7.71
CA PHE G 110 -21.51 44.52 -9.13
C PHE G 110 -20.00 44.70 -9.29
N ASP G 111 -19.21 43.63 -9.35
CA ASP G 111 -17.74 43.71 -9.28
C ASP G 111 -17.02 44.06 -10.60
N ALA G 112 -17.71 44.08 -11.73
CA ALA G 112 -17.20 44.60 -13.01
C ALA G 112 -18.31 45.30 -13.80
N TRP G 113 -17.94 46.43 -14.43
CA TRP G 113 -18.80 47.34 -15.18
C TRP G 113 -18.17 47.70 -16.51
N GLY G 114 -18.97 47.91 -17.55
CA GLY G 114 -18.49 48.50 -18.81
C GLY G 114 -18.46 50.03 -18.77
N PRO G 115 -17.75 50.71 -19.68
CA PRO G 115 -17.57 52.16 -19.66
C PRO G 115 -18.87 52.96 -19.86
N GLY G 116 -19.98 52.30 -20.19
CA GLY G 116 -21.28 52.93 -20.36
C GLY G 116 -21.46 53.55 -21.74
N THR G 117 -22.71 53.68 -22.17
CA THR G 117 -23.09 54.27 -23.45
C THR G 117 -24.18 55.32 -23.24
N VAL G 118 -24.06 56.47 -23.90
CA VAL G 118 -25.00 57.58 -23.77
C VAL G 118 -26.28 57.31 -24.56
N VAL G 119 -27.44 57.59 -23.97
CA VAL G 119 -28.74 57.64 -24.65
C VAL G 119 -29.37 58.98 -24.38
N THR G 120 -29.81 59.70 -25.41
CA THR G 120 -30.54 60.98 -25.26
C THR G 120 -31.92 60.86 -25.86
N VAL G 121 -32.95 61.06 -25.05
CA VAL G 121 -34.34 61.07 -25.53
C VAL G 121 -34.79 62.52 -25.71
N SER G 122 -34.63 63.04 -26.92
CA SER G 122 -35.10 64.40 -27.26
C SER G 122 -36.63 64.52 -27.11
N PRO G 123 -37.18 65.65 -26.62
CA PRO G 123 -38.57 65.70 -26.18
C PRO G 123 -39.61 65.85 -27.29
N ALA G 124 -39.19 66.09 -28.53
CA ALA G 124 -40.07 66.30 -29.67
C ALA G 124 -40.60 64.96 -30.24
N SER G 125 -41.72 64.47 -29.71
CA SER G 125 -42.35 63.20 -30.11
C SER G 125 -42.87 63.21 -31.54
N THR G 126 -43.57 64.27 -31.95
CA THR G 126 -43.97 64.55 -33.33
C THR G 126 -43.64 66.00 -33.70
N LYS G 127 -43.22 66.22 -34.95
CA LYS G 127 -42.91 67.52 -35.54
C LYS G 127 -43.88 67.81 -36.68
N GLY G 128 -44.57 68.94 -36.62
CA GLY G 128 -45.50 69.36 -37.66
C GLY G 128 -44.80 69.95 -38.90
N PRO G 129 -45.36 69.77 -40.11
CA PRO G 129 -44.71 70.20 -41.35
C PRO G 129 -44.60 71.72 -41.50
N SER G 130 -43.62 72.11 -42.33
CA SER G 130 -43.65 73.36 -43.09
C SER G 130 -44.18 73.05 -44.50
N VAL G 131 -44.95 73.97 -45.10
CA VAL G 131 -45.43 73.84 -46.48
C VAL G 131 -45.03 75.06 -47.30
N PHE G 132 -44.45 74.82 -48.47
CA PHE G 132 -43.90 75.83 -49.38
C PHE G 132 -44.50 75.67 -50.79
N PRO G 133 -44.74 76.75 -51.55
CA PRO G 133 -45.35 76.64 -52.87
C PRO G 133 -44.33 76.26 -53.94
N LEU G 134 -44.77 75.39 -54.86
CA LEU G 134 -44.03 75.12 -56.10
C LEU G 134 -44.74 75.91 -57.20
N ALA G 135 -44.22 77.11 -57.49
CA ALA G 135 -44.96 78.07 -58.30
C ALA G 135 -44.85 77.75 -59.79
N PRO G 136 -45.99 77.80 -60.52
CA PRO G 136 -45.98 77.54 -61.95
C PRO G 136 -45.15 78.67 -62.59
N SER G 137 -44.15 78.31 -63.38
CA SER G 137 -43.26 79.31 -64.03
C SER G 137 -44.09 80.33 -64.83
N GLY G 146 -50.62 75.88 -73.43
CA GLY G 146 -50.12 74.54 -73.20
C GLY G 146 -50.49 74.09 -71.79
N THR G 147 -49.63 73.27 -71.20
CA THR G 147 -49.86 72.75 -69.85
C THR G 147 -48.78 73.28 -68.90
N ALA G 148 -49.20 73.66 -67.70
CA ALA G 148 -48.30 74.13 -66.66
C ALA G 148 -48.35 73.19 -65.46
N ALA G 149 -47.26 73.16 -64.70
CA ALA G 149 -47.15 72.35 -63.49
C ALA G 149 -46.96 73.23 -62.27
N LEU G 150 -47.69 72.94 -61.19
CA LEU G 150 -47.50 73.60 -59.90
C LEU G 150 -47.61 72.56 -58.79
N GLY G 151 -47.25 72.96 -57.56
CA GLY G 151 -47.38 72.04 -56.45
C GLY G 151 -47.03 72.67 -55.11
N CYS G 152 -46.95 71.80 -54.11
CA CYS G 152 -46.58 72.17 -52.75
C CYS G 152 -45.42 71.28 -52.30
N LEU G 153 -44.48 71.82 -51.52
CA LEU G 153 -43.31 71.06 -50.99
C LEU G 153 -43.46 70.93 -49.47
N VAL G 154 -44.10 69.86 -48.98
CA VAL G 154 -44.22 69.58 -47.51
C VAL G 154 -42.79 69.25 -47.06
N LYS G 155 -42.37 69.63 -45.85
CA LYS G 155 -40.96 69.42 -45.40
C LYS G 155 -40.83 69.34 -43.88
N ASP G 156 -39.71 68.82 -43.35
CA ASP G 156 -39.42 68.77 -41.89
C ASP G 156 -40.64 68.36 -41.07
N TYR G 157 -41.18 67.15 -41.26
CA TYR G 157 -42.30 66.61 -40.45
C TYR G 157 -41.96 65.20 -39.96
N PHE G 158 -42.35 64.83 -38.74
CA PHE G 158 -42.10 63.51 -38.17
C PHE G 158 -43.25 63.07 -37.26
N PRO G 159 -43.64 61.78 -37.21
CA PRO G 159 -43.33 60.70 -38.16
C PRO G 159 -44.21 60.80 -39.43
N GLU G 160 -44.12 59.81 -40.34
CA GLU G 160 -45.11 59.67 -41.39
C GLU G 160 -46.45 59.26 -40.80
N PRO G 161 -47.56 59.45 -41.56
CA PRO G 161 -47.55 60.05 -42.89
C PRO G 161 -48.17 61.43 -42.93
N VAL G 162 -48.05 62.10 -44.08
CA VAL G 162 -48.78 63.32 -44.44
C VAL G 162 -49.71 63.01 -45.61
N THR G 163 -50.95 63.50 -45.58
CA THR G 163 -51.87 63.41 -46.71
C THR G 163 -52.04 64.78 -47.33
N VAL G 164 -52.20 64.81 -48.65
CA VAL G 164 -52.36 66.06 -49.39
C VAL G 164 -53.55 65.91 -50.30
N SER G 165 -54.40 66.94 -50.34
CA SER G 165 -55.42 67.06 -51.35
C SER G 165 -55.28 68.42 -52.02
N TRP G 166 -56.03 68.62 -53.10
CA TRP G 166 -55.99 69.88 -53.82
C TRP G 166 -57.41 70.42 -53.94
N ASN G 167 -57.58 71.69 -53.61
CA ASN G 167 -58.89 72.34 -53.62
C ASN G 167 -59.92 71.48 -52.90
N SER G 168 -59.54 71.04 -51.70
CA SER G 168 -60.41 70.27 -50.81
C SER G 168 -60.95 69.01 -51.47
N GLY G 169 -60.19 68.44 -52.41
CA GLY G 169 -60.56 67.20 -53.07
C GLY G 169 -61.28 67.37 -54.39
N ALA G 170 -61.55 68.60 -54.82
CA ALA G 170 -62.22 68.82 -56.10
C ALA G 170 -61.27 68.67 -57.27
N LEU G 171 -59.98 68.88 -57.06
CA LEU G 171 -58.98 68.74 -58.11
C LEU G 171 -58.22 67.45 -57.87
N THR G 172 -58.51 66.42 -58.66
CA THR G 172 -57.81 65.15 -58.54
C THR G 172 -57.05 64.78 -59.80
N SER G 173 -57.63 65.05 -60.96
CA SER G 173 -56.97 64.74 -62.22
C SER G 173 -55.63 65.43 -62.32
N GLY G 174 -54.61 64.69 -62.74
CA GLY G 174 -53.28 65.24 -62.94
C GLY G 174 -52.47 65.40 -61.67
N VAL G 175 -52.93 64.90 -60.53
CA VAL G 175 -52.20 65.08 -59.27
C VAL G 175 -51.26 63.91 -59.03
N HIS G 176 -50.01 64.22 -58.66
CA HIS G 176 -49.03 63.24 -58.20
C HIS G 176 -48.50 63.71 -56.85
N THR G 177 -48.78 62.95 -55.80
CA THR G 177 -48.17 63.14 -54.49
C THR G 177 -47.12 62.04 -54.34
N PHE G 178 -45.86 62.45 -54.16
CA PHE G 178 -44.75 61.52 -54.23
C PHE G 178 -44.50 60.85 -52.88
N PRO G 179 -43.87 59.68 -52.90
CA PRO G 179 -43.39 59.10 -51.63
C PRO G 179 -42.47 60.06 -50.90
N ALA G 180 -42.59 60.07 -49.58
CA ALA G 180 -41.68 60.87 -48.78
C ALA G 180 -40.26 60.35 -48.91
N VAL G 181 -39.29 61.22 -48.72
CA VAL G 181 -37.89 60.86 -48.58
C VAL G 181 -37.47 61.17 -47.15
N LEU G 182 -36.60 60.33 -46.59
CA LEU G 182 -36.03 60.53 -45.26
C LEU G 182 -34.71 61.26 -45.44
N GLN G 183 -34.63 62.49 -44.92
CA GLN G 183 -33.44 63.33 -44.99
C GLN G 183 -32.39 62.92 -43.95
N SER G 184 -31.12 63.28 -44.18
CA SER G 184 -30.02 63.04 -43.23
C SER G 184 -30.16 63.78 -41.89
N SER G 185 -31.13 64.70 -41.75
CA SER G 185 -31.56 65.28 -40.47
C SER G 185 -32.47 64.38 -39.61
N GLY G 186 -32.96 63.26 -40.15
CA GLY G 186 -33.92 62.37 -39.49
C GLY G 186 -35.39 62.77 -39.68
N LEU G 187 -35.69 63.71 -40.56
CA LEU G 187 -37.03 64.25 -40.82
C LEU G 187 -37.48 64.01 -42.26
N TYR G 188 -38.79 63.95 -42.51
CA TYR G 188 -39.32 63.57 -43.82
C TYR G 188 -39.72 64.78 -44.66
N SER G 189 -39.75 64.56 -45.97
CA SER G 189 -40.12 65.62 -46.93
C SER G 189 -40.74 65.00 -48.18
N LEU G 190 -41.88 65.54 -48.63
CA LEU G 190 -42.52 65.04 -49.87
C LEU G 190 -43.08 66.22 -50.67
N SER G 191 -43.24 66.01 -51.97
CA SER G 191 -43.82 67.06 -52.84
C SER G 191 -45.07 66.50 -53.52
N SER G 192 -46.08 67.35 -53.66
CA SER G 192 -47.32 67.01 -54.37
C SER G 192 -47.48 67.99 -55.51
N VAL G 193 -47.65 67.49 -56.74
CA VAL G 193 -47.73 68.36 -57.91
C VAL G 193 -49.00 68.04 -58.67
N VAL G 194 -49.35 68.97 -59.56
CA VAL G 194 -50.49 68.80 -60.45
C VAL G 194 -50.17 69.58 -61.72
N THR G 195 -50.57 69.02 -62.87
CA THR G 195 -50.47 69.72 -64.14
C THR G 195 -51.86 70.22 -64.51
N VAL G 196 -51.92 71.46 -65.01
CA VAL G 196 -53.19 72.09 -65.34
C VAL G 196 -53.02 72.92 -66.60
N PRO G 197 -54.13 73.30 -67.23
CA PRO G 197 -54.07 74.18 -68.40
C PRO G 197 -53.44 75.52 -68.04
N SER G 198 -52.50 75.97 -68.88
CA SER G 198 -51.87 77.26 -68.63
C SER G 198 -52.90 78.39 -68.62
N SER G 199 -54.01 78.23 -69.36
CA SER G 199 -55.01 79.28 -69.43
C SER G 199 -55.72 79.53 -68.11
N SER G 200 -55.75 78.54 -67.22
CA SER G 200 -56.43 78.66 -65.94
C SER G 200 -55.59 79.33 -64.86
N LEU G 201 -54.32 79.65 -65.15
CA LEU G 201 -53.45 80.22 -64.12
C LEU G 201 -53.90 81.60 -63.64
N GLY G 202 -54.67 82.34 -64.43
CA GLY G 202 -55.10 83.65 -63.98
C GLY G 202 -56.36 83.64 -63.13
N THR G 203 -57.30 82.75 -63.45
CA THR G 203 -58.60 82.69 -62.81
C THR G 203 -58.68 81.63 -61.70
N GLN G 204 -58.29 80.39 -62.01
CA GLN G 204 -58.48 79.29 -61.07
C GLN G 204 -57.51 79.40 -59.89
N THR G 205 -58.06 79.23 -58.69
CA THR G 205 -57.26 79.19 -57.47
C THR G 205 -56.90 77.75 -57.14
N TYR G 206 -55.64 77.53 -56.76
CA TYR G 206 -55.14 76.20 -56.46
C TYR G 206 -54.64 76.16 -55.02
N ILE G 207 -55.27 75.33 -54.20
CA ILE G 207 -54.95 75.20 -52.79
C ILE G 207 -54.64 73.73 -52.50
N CYS G 208 -53.47 73.47 -51.92
CA CYS G 208 -53.12 72.13 -51.48
C CYS G 208 -53.42 72.02 -49.99
N ASN G 209 -54.15 70.98 -49.60
CA ASN G 209 -54.54 70.77 -48.21
C ASN G 209 -53.64 69.69 -47.62
N VAL G 210 -52.71 70.10 -46.77
CA VAL G 210 -51.71 69.25 -46.13
C VAL G 210 -52.19 68.92 -44.73
N ASN G 211 -52.38 67.63 -44.42
CA ASN G 211 -52.84 67.17 -43.11
C ASN G 211 -51.78 66.27 -42.50
N HIS G 212 -51.35 66.52 -41.28
CA HIS G 212 -50.39 65.70 -40.55
C HIS G 212 -51.01 65.26 -39.25
N LYS G 213 -51.73 64.13 -39.28
CA LYS G 213 -52.49 63.67 -38.13
C LYS G 213 -51.64 63.46 -36.88
N PRO G 214 -50.38 62.91 -36.95
CA PRO G 214 -49.53 62.69 -35.77
C PRO G 214 -49.23 63.96 -34.95
N SER G 215 -49.06 65.11 -35.61
CA SER G 215 -48.93 66.40 -34.92
C SER G 215 -50.24 67.19 -34.82
N ASN G 216 -51.36 66.68 -35.38
CA ASN G 216 -52.63 67.42 -35.48
C ASN G 216 -52.42 68.77 -36.15
N THR G 217 -51.63 68.80 -37.23
CA THR G 217 -51.33 70.01 -38.00
C THR G 217 -52.06 69.96 -39.34
N LYS G 218 -52.79 71.02 -39.67
CA LYS G 218 -53.41 71.20 -40.98
C LYS G 218 -52.95 72.52 -41.56
N VAL G 219 -52.51 72.52 -42.81
CA VAL G 219 -52.07 73.72 -43.55
C VAL G 219 -52.72 73.76 -44.92
N ASP G 220 -53.36 74.90 -45.24
CA ASP G 220 -53.92 75.17 -46.56
C ASP G 220 -53.05 76.25 -47.20
N LYS G 221 -52.37 75.91 -48.28
CA LYS G 221 -51.48 76.82 -48.98
C LYS G 221 -52.02 77.10 -50.38
N LYS G 222 -52.14 78.38 -50.73
CA LYS G 222 -52.54 78.79 -52.07
C LYS G 222 -51.29 78.94 -52.93
N VAL G 223 -51.31 78.30 -54.09
CA VAL G 223 -50.18 78.32 -55.02
C VAL G 223 -50.58 79.19 -56.20
N GLU G 224 -49.79 80.21 -56.47
CA GLU G 224 -50.07 81.18 -57.52
C GLU G 224 -48.77 81.56 -58.21
N PRO G 225 -48.85 82.13 -59.42
CA PRO G 225 -47.63 82.58 -60.12
C PRO G 225 -46.87 83.63 -59.31
N LYS G 226 -45.57 83.70 -59.55
CA LYS G 226 -44.72 84.64 -58.83
C LYS G 226 -44.98 86.09 -59.28
N GLU H 1 -44.90 -57.89 -25.32
CA GLU H 1 -43.63 -58.47 -24.83
C GLU H 1 -42.67 -57.38 -24.33
N VAL H 2 -41.83 -57.72 -23.36
CA VAL H 2 -40.68 -56.91 -22.94
C VAL H 2 -39.43 -57.48 -23.63
N GLN H 3 -38.57 -56.65 -24.22
CA GLN H 3 -37.43 -57.14 -25.00
C GLN H 3 -36.11 -57.02 -24.23
N LEU H 4 -35.39 -58.13 -24.10
CA LEU H 4 -34.01 -58.21 -23.60
C LEU H 4 -33.20 -59.05 -24.59
N VAL H 5 -31.95 -58.66 -24.84
CA VAL H 5 -31.03 -59.43 -25.68
C VAL H 5 -29.63 -59.39 -25.08
N GLU H 6 -29.14 -60.54 -24.65
CA GLU H 6 -27.75 -60.75 -24.23
C GLU H 6 -26.78 -60.74 -25.43
N SER H 7 -25.52 -60.43 -25.17
CA SER H 7 -24.43 -60.48 -26.15
C SER H 7 -23.10 -60.78 -25.47
N GLY H 8 -22.14 -61.32 -26.22
CA GLY H 8 -20.79 -61.58 -25.72
C GLY H 8 -20.56 -62.97 -25.15
N GLY H 9 -21.33 -63.98 -25.56
CA GLY H 9 -21.12 -65.37 -25.15
C GLY H 9 -19.88 -66.04 -25.77
N GLY H 10 -19.91 -67.37 -25.88
CA GLY H 10 -18.91 -68.17 -26.59
C GLY H 10 -17.87 -68.84 -25.70
N LEU H 11 -16.75 -69.28 -26.30
CA LEU H 11 -15.69 -70.04 -25.64
C LEU H 11 -14.67 -69.14 -24.93
N VAL H 12 -14.20 -69.65 -23.79
CA VAL H 12 -13.21 -69.08 -22.87
C VAL H 12 -12.35 -70.22 -22.33
N LYS H 13 -11.22 -69.91 -21.71
CA LYS H 13 -10.30 -70.89 -21.14
C LYS H 13 -10.18 -70.68 -19.64
N ALA H 14 -9.97 -71.74 -18.87
CA ALA H 14 -9.80 -71.59 -17.43
C ALA H 14 -8.63 -70.64 -17.09
N GLY H 15 -8.81 -69.79 -16.09
CA GLY H 15 -7.93 -68.66 -15.79
C GLY H 15 -8.11 -67.43 -16.70
N GLY H 16 -8.88 -67.56 -17.78
CA GLY H 16 -9.18 -66.52 -18.75
C GLY H 16 -10.20 -65.50 -18.24
N SER H 17 -10.42 -64.48 -19.06
CA SER H 17 -11.38 -63.40 -18.79
C SER H 17 -12.38 -63.21 -19.93
N LEU H 18 -13.63 -62.88 -19.61
CA LEU H 18 -14.67 -62.48 -20.56
C LEU H 18 -15.52 -61.33 -19.99
N ILE H 19 -16.29 -60.62 -20.82
CA ILE H 19 -17.33 -59.68 -20.40
C ILE H 19 -18.63 -60.03 -21.13
N LEU H 20 -19.70 -60.32 -20.41
CA LEU H 20 -21.06 -60.38 -20.96
C LEU H 20 -21.66 -58.96 -21.00
N SER H 21 -22.66 -58.75 -21.85
CA SER H 21 -23.58 -57.62 -21.70
C SER H 21 -25.01 -57.97 -22.10
N CYS H 22 -25.98 -57.19 -21.65
CA CYS H 22 -27.36 -57.25 -22.12
C CYS H 22 -27.87 -55.84 -22.40
N GLY H 23 -28.56 -55.69 -23.52
CA GLY H 23 -29.34 -54.50 -23.88
C GLY H 23 -30.83 -54.82 -23.94
N VAL H 24 -31.66 -53.78 -23.91
CA VAL H 24 -33.13 -53.95 -23.79
C VAL H 24 -33.92 -53.02 -24.71
N SER H 25 -35.20 -53.34 -24.90
CA SER H 25 -36.20 -52.52 -25.59
C SER H 25 -37.60 -52.75 -25.00
N ASN H 26 -38.52 -51.85 -25.32
CA ASN H 26 -39.87 -51.76 -24.74
C ASN H 26 -39.90 -51.40 -23.24
N PHE H 27 -38.76 -51.15 -22.59
CA PHE H 27 -38.69 -50.53 -21.27
C PHE H 27 -37.36 -49.76 -21.07
N ARG H 28 -37.36 -48.81 -20.12
CA ARG H 28 -36.15 -48.16 -19.61
C ARG H 28 -35.66 -48.93 -18.37
N ILE H 29 -34.36 -49.20 -18.22
CA ILE H 29 -33.91 -50.07 -17.09
C ILE H 29 -33.89 -49.37 -15.71
N SER H 30 -33.89 -48.04 -15.66
CA SER H 30 -33.49 -47.27 -14.46
C SER H 30 -34.34 -47.54 -13.21
N ALA H 31 -35.63 -47.84 -13.39
CA ALA H 31 -36.57 -48.18 -12.32
C ALA H 31 -36.44 -49.61 -11.77
N HIS H 32 -35.63 -50.47 -12.40
CA HIS H 32 -35.47 -51.88 -12.06
C HIS H 32 -34.11 -52.20 -11.46
N THR H 33 -34.10 -53.01 -10.40
CA THR H 33 -32.93 -53.81 -10.04
C THR H 33 -32.72 -54.85 -11.13
N MET H 34 -31.48 -55.04 -11.61
CA MET H 34 -31.15 -55.95 -12.70
C MET H 34 -30.19 -57.05 -12.22
N ASN H 35 -30.29 -58.22 -12.84
CA ASN H 35 -29.62 -59.43 -12.36
C ASN H 35 -28.93 -60.16 -13.51
N TRP H 36 -27.96 -60.99 -13.14
CA TRP H 36 -27.46 -62.07 -13.97
C TRP H 36 -27.69 -63.40 -13.27
N VAL H 37 -28.03 -64.40 -14.07
CA VAL H 37 -28.35 -65.78 -13.68
C VAL H 37 -27.61 -66.71 -14.64
N ARG H 38 -27.33 -67.94 -14.23
CA ARG H 38 -26.76 -68.96 -15.10
C ARG H 38 -27.42 -70.32 -14.92
N ARG H 39 -27.33 -71.19 -15.91
CA ARG H 39 -27.81 -72.58 -15.85
C ARG H 39 -26.62 -73.54 -15.90
N VAL H 40 -26.17 -73.96 -14.72
CA VAL H 40 -25.01 -74.87 -14.53
C VAL H 40 -25.28 -76.28 -15.10
N PRO H 41 -24.27 -77.16 -15.24
CA PRO H 41 -24.39 -78.41 -16.00
C PRO H 41 -25.50 -79.38 -15.57
N GLY H 42 -25.94 -79.37 -14.30
CA GLY H 42 -27.04 -80.21 -13.81
C GLY H 42 -28.46 -79.78 -14.23
N GLY H 43 -28.61 -78.80 -15.14
CA GLY H 43 -29.90 -78.24 -15.56
C GLY H 43 -30.55 -77.30 -14.52
N GLY H 44 -29.95 -77.15 -13.35
CA GLY H 44 -30.34 -76.23 -12.29
C GLY H 44 -29.86 -74.79 -12.52
N LEU H 45 -30.64 -73.83 -12.03
CA LEU H 45 -30.25 -72.43 -12.02
C LEU H 45 -29.26 -72.11 -10.89
N GLU H 46 -28.46 -71.08 -11.08
CA GLU H 46 -27.77 -70.32 -10.02
C GLU H 46 -27.93 -68.82 -10.30
N TRP H 47 -28.15 -68.02 -9.27
CA TRP H 47 -28.03 -66.57 -9.36
C TRP H 47 -26.56 -66.16 -9.25
N VAL H 48 -26.16 -65.11 -9.97
CA VAL H 48 -24.74 -64.79 -10.21
C VAL H 48 -24.39 -63.38 -9.77
N ALA H 49 -25.21 -62.40 -10.13
CA ALA H 49 -25.06 -61.02 -9.66
C ALA H 49 -26.41 -60.30 -9.62
N SER H 50 -26.55 -59.32 -8.75
CA SER H 50 -27.62 -58.32 -8.80
C SER H 50 -27.09 -56.93 -8.53
N ILE H 51 -27.49 -55.97 -9.36
CA ILE H 51 -27.22 -54.54 -9.21
C ILE H 51 -28.52 -53.76 -9.05
N SER H 52 -28.62 -53.03 -7.94
CA SER H 52 -29.82 -52.30 -7.59
C SER H 52 -30.11 -51.15 -8.55
N THR H 53 -31.25 -50.50 -8.36
CA THR H 53 -31.47 -49.17 -8.94
C THR H 53 -30.38 -48.20 -8.48
N SER H 54 -30.06 -47.26 -9.37
CA SER H 54 -28.98 -46.27 -9.25
C SER H 54 -27.60 -46.85 -8.89
N SER H 55 -27.36 -48.14 -9.16
CA SER H 55 -26.10 -48.83 -8.84
C SER H 55 -25.70 -48.77 -7.36
N THR H 56 -26.68 -48.62 -6.46
CA THR H 56 -26.48 -48.45 -5.02
C THR H 56 -25.78 -49.66 -4.41
N TYR H 57 -26.30 -50.86 -4.68
CA TYR H 57 -25.85 -52.14 -4.14
C TYR H 57 -25.47 -53.08 -5.26
N ARG H 58 -24.40 -53.86 -5.08
CA ARG H 58 -24.02 -54.99 -5.93
C ARG H 58 -23.76 -56.21 -5.06
N ASP H 59 -24.52 -57.28 -5.25
CA ASP H 59 -24.40 -58.54 -4.51
C ASP H 59 -24.13 -59.70 -5.47
N TYR H 60 -23.38 -60.73 -5.02
CA TYR H 60 -22.92 -61.88 -5.81
C TYR H 60 -23.02 -63.19 -5.03
N ALA H 61 -23.23 -64.32 -5.72
CA ALA H 61 -23.08 -65.64 -5.09
C ALA H 61 -21.62 -65.94 -4.72
N ASP H 62 -21.37 -66.73 -3.67
CA ASP H 62 -20.02 -67.00 -3.16
C ASP H 62 -19.04 -67.60 -4.20
N ALA H 63 -19.57 -68.37 -5.16
CA ALA H 63 -18.80 -68.99 -6.24
C ALA H 63 -18.07 -67.96 -7.14
N VAL H 64 -18.65 -66.77 -7.29
CA VAL H 64 -18.21 -65.71 -8.22
C VAL H 64 -17.80 -64.42 -7.53
N LYS H 65 -18.02 -64.34 -6.22
CA LYS H 65 -17.71 -63.19 -5.36
C LYS H 65 -16.21 -62.90 -5.41
N GLY H 66 -15.84 -61.64 -5.70
CA GLY H 66 -14.45 -61.23 -5.91
C GLY H 66 -13.86 -61.56 -7.29
N ARG H 67 -14.34 -62.60 -7.98
CA ARG H 67 -13.92 -62.90 -9.36
C ARG H 67 -14.59 -62.01 -10.39
N PHE H 68 -15.92 -61.90 -10.33
CA PHE H 68 -16.76 -61.19 -11.29
C PHE H 68 -17.02 -59.73 -10.89
N THR H 69 -17.66 -58.95 -11.76
CA THR H 69 -18.13 -57.57 -11.48
C THR H 69 -19.32 -57.22 -12.38
N VAL H 70 -20.47 -56.89 -11.81
CA VAL H 70 -21.60 -56.35 -12.57
C VAL H 70 -21.49 -54.83 -12.66
N SER H 71 -22.02 -54.24 -13.73
CA SER H 71 -22.13 -52.79 -13.97
C SER H 71 -23.40 -52.50 -14.77
N ARG H 72 -23.88 -51.26 -14.74
CA ARG H 72 -25.04 -50.83 -15.54
C ARG H 72 -24.86 -49.41 -16.05
N ASP H 73 -25.54 -49.09 -17.14
CA ASP H 73 -25.46 -47.81 -17.83
C ASP H 73 -26.84 -47.44 -18.41
N ASP H 74 -27.66 -46.82 -17.56
CA ASP H 74 -29.10 -46.62 -17.78
C ASP H 74 -29.42 -45.65 -18.92
N LEU H 75 -28.53 -44.67 -19.17
CA LEU H 75 -28.67 -43.66 -20.22
C LEU H 75 -28.62 -44.23 -21.66
N GLU H 76 -28.15 -45.48 -21.83
CA GLU H 76 -28.27 -46.24 -23.08
C GLU H 76 -28.99 -47.59 -22.87
N ASP H 77 -29.49 -47.86 -21.67
CA ASP H 77 -30.20 -49.07 -21.24
C ASP H 77 -29.43 -50.41 -21.31
N PHE H 78 -28.16 -50.43 -20.89
CA PHE H 78 -27.29 -51.61 -20.88
C PHE H 78 -26.83 -52.07 -19.48
N VAL H 79 -26.63 -53.38 -19.35
CA VAL H 79 -26.08 -54.05 -18.15
C VAL H 79 -24.91 -54.94 -18.58
N TYR H 80 -23.85 -55.02 -17.78
CA TYR H 80 -22.60 -55.70 -18.11
C TYR H 80 -22.23 -56.67 -16.99
N LEU H 81 -21.47 -57.72 -17.28
CA LEU H 81 -20.91 -58.61 -16.26
C LEU H 81 -19.51 -59.09 -16.65
N GLN H 82 -18.50 -58.53 -16.00
CA GLN H 82 -17.12 -58.98 -16.17
C GLN H 82 -16.88 -60.29 -15.45
N MET H 83 -16.11 -61.17 -16.05
CA MET H 83 -15.83 -62.51 -15.57
C MET H 83 -14.33 -62.76 -15.65
N HIS H 84 -13.54 -62.14 -14.76
CA HIS H 84 -12.10 -62.43 -14.65
C HIS H 84 -11.87 -63.80 -13.99
N LYS H 85 -10.78 -64.48 -14.32
CA LYS H 85 -10.40 -65.76 -13.70
C LYS H 85 -11.55 -66.76 -13.75
N MET H 86 -12.12 -66.94 -14.93
CA MET H 86 -13.15 -67.95 -15.16
C MET H 86 -12.61 -69.34 -14.81
N ARG H 87 -13.48 -70.23 -14.34
CA ARG H 87 -13.15 -71.62 -13.99
C ARG H 87 -14.18 -72.54 -14.60
N VAL H 88 -13.85 -73.82 -14.77
CA VAL H 88 -14.65 -74.77 -15.57
C VAL H 88 -16.11 -74.88 -15.11
N GLU H 89 -16.38 -74.77 -13.81
CA GLU H 89 -17.74 -74.71 -13.23
C GLU H 89 -18.58 -73.46 -13.59
N ASP H 90 -17.98 -72.43 -14.20
CA ASP H 90 -18.71 -71.30 -14.76
C ASP H 90 -19.30 -71.58 -16.15
N THR H 91 -19.03 -72.76 -16.73
CA THR H 91 -19.66 -73.22 -17.97
C THR H 91 -21.17 -73.36 -17.78
N ALA H 92 -21.94 -72.54 -18.48
CA ALA H 92 -23.39 -72.46 -18.36
C ALA H 92 -24.01 -71.61 -19.49
N ILE H 93 -25.32 -71.66 -19.68
CA ILE H 93 -26.04 -70.51 -20.29
C ILE H 93 -26.04 -69.37 -19.27
N TYR H 94 -25.90 -68.12 -19.70
CA TYR H 94 -26.09 -66.92 -18.88
C TYR H 94 -27.26 -66.09 -19.39
N TYR H 95 -28.04 -65.43 -18.49
CA TYR H 95 -29.22 -64.58 -18.83
C TYR H 95 -29.18 -63.22 -18.10
N CYS H 96 -29.77 -62.15 -18.66
CA CYS H 96 -29.89 -60.79 -18.01
C CYS H 96 -31.35 -60.72 -17.57
N ALA H 97 -31.63 -60.68 -16.26
CA ALA H 97 -33.02 -60.76 -15.73
C ALA H 97 -33.46 -59.47 -15.04
N ARG H 98 -34.66 -58.97 -15.30
CA ARG H 98 -35.27 -57.80 -14.67
C ARG H 98 -35.96 -58.20 -13.37
N LYS H 99 -35.65 -57.59 -12.22
CA LYS H 99 -36.45 -57.76 -10.99
C LYS H 99 -37.69 -56.88 -11.11
N GLY H 100 -38.90 -57.43 -10.99
CA GLY H 100 -40.10 -56.70 -11.40
C GLY H 100 -41.44 -57.42 -11.25
N SER H 101 -42.48 -56.70 -11.65
CA SER H 101 -43.89 -56.94 -11.38
C SER H 101 -44.74 -56.07 -12.32
N ASP H 102 -46.03 -56.35 -12.46
CA ASP H 102 -47.02 -55.41 -13.03
C ASP H 102 -47.08 -54.09 -12.23
N ARG H 103 -46.66 -54.12 -10.95
CA ARG H 103 -46.52 -52.99 -10.02
C ARG H 103 -45.28 -53.21 -9.15
N LEU H 104 -44.21 -52.46 -9.41
CA LEU H 104 -42.91 -52.66 -8.77
C LEU H 104 -42.97 -52.41 -7.25
N SER H 105 -42.24 -53.19 -6.46
CA SER H 105 -42.18 -53.10 -4.99
C SER H 105 -40.76 -53.19 -4.44
N ASP H 106 -40.58 -52.99 -3.13
CA ASP H 106 -39.27 -53.04 -2.47
C ASP H 106 -38.55 -54.42 -2.54
N ASN H 107 -39.28 -55.49 -2.82
CA ASN H 107 -38.72 -56.83 -3.04
C ASN H 107 -39.65 -57.69 -3.91
N ASP H 108 -39.15 -58.16 -5.06
CA ASP H 108 -39.90 -58.78 -6.16
C ASP H 108 -39.16 -59.98 -6.79
N PRO H 109 -39.87 -60.88 -7.51
CA PRO H 109 -39.26 -61.90 -8.36
C PRO H 109 -38.57 -61.29 -9.62
N PHE H 110 -38.06 -62.14 -10.51
CA PHE H 110 -37.52 -61.73 -11.80
C PHE H 110 -38.55 -61.97 -12.91
N ASP H 111 -39.04 -60.92 -13.58
CA ASP H 111 -40.22 -61.03 -14.45
C ASP H 111 -39.89 -61.21 -15.93
N ALA H 112 -39.05 -60.36 -16.49
CA ALA H 112 -38.63 -60.37 -17.88
C ALA H 112 -37.18 -60.85 -18.01
N TRP H 113 -36.96 -61.83 -18.87
CA TRP H 113 -35.67 -62.49 -19.09
C TRP H 113 -35.31 -62.42 -20.57
N GLY H 114 -34.05 -62.17 -20.91
CA GLY H 114 -33.56 -62.32 -22.28
C GLY H 114 -33.44 -63.80 -22.70
N PRO H 115 -33.31 -64.10 -24.01
CA PRO H 115 -33.22 -65.48 -24.51
C PRO H 115 -31.94 -66.23 -24.07
N GLY H 116 -31.00 -65.52 -23.45
CA GLY H 116 -29.75 -66.06 -22.93
C GLY H 116 -28.65 -66.19 -23.99
N THR H 117 -27.40 -66.23 -23.53
CA THR H 117 -26.26 -66.56 -24.38
C THR H 117 -25.36 -67.57 -23.66
N VAL H 118 -24.82 -68.55 -24.37
CA VAL H 118 -23.99 -69.64 -23.82
C VAL H 118 -22.59 -69.12 -23.47
N VAL H 119 -22.01 -69.55 -22.35
CA VAL H 119 -20.57 -69.40 -22.07
C VAL H 119 -19.94 -70.75 -21.73
N THR H 120 -18.84 -71.11 -22.40
CA THR H 120 -18.12 -72.36 -22.16
C THR H 120 -16.72 -72.04 -21.65
N VAL H 121 -16.33 -72.60 -20.51
CA VAL H 121 -14.96 -72.47 -19.99
C VAL H 121 -14.24 -73.80 -20.18
N SER H 122 -13.47 -73.88 -21.27
CA SER H 122 -12.65 -75.06 -21.58
C SER H 122 -11.44 -75.16 -20.63
N PRO H 123 -11.03 -76.36 -20.20
CA PRO H 123 -9.99 -76.56 -19.19
C PRO H 123 -8.55 -76.34 -19.70
N ALA H 124 -8.37 -75.94 -20.96
CA ALA H 124 -7.07 -75.74 -21.61
C ALA H 124 -6.35 -74.45 -21.17
N SER H 125 -6.22 -74.22 -19.86
CA SER H 125 -5.60 -73.02 -19.29
C SER H 125 -4.15 -72.80 -19.70
N THR H 126 -3.39 -73.87 -19.95
CA THR H 126 -2.03 -73.83 -20.50
C THR H 126 -1.82 -74.98 -21.48
N LYS H 127 -2.21 -74.79 -22.72
CA LYS H 127 -2.08 -75.76 -23.81
C LYS H 127 -0.65 -75.78 -24.36
N GLY H 128 0.04 -76.90 -24.15
CA GLY H 128 1.43 -77.10 -24.55
C GLY H 128 1.63 -77.24 -26.06
N PRO H 129 2.72 -76.69 -26.63
CA PRO H 129 2.98 -76.63 -28.07
C PRO H 129 3.31 -77.99 -28.70
N SER H 130 3.24 -78.02 -30.03
CA SER H 130 3.86 -79.04 -30.88
C SER H 130 5.08 -78.44 -31.60
N VAL H 131 6.26 -79.08 -31.49
CA VAL H 131 7.56 -78.53 -31.89
C VAL H 131 8.24 -79.43 -32.94
N PHE H 132 8.63 -78.86 -34.08
CA PHE H 132 8.97 -79.58 -35.31
C PHE H 132 10.22 -79.00 -36.01
N PRO H 133 11.13 -79.83 -36.56
CA PRO H 133 12.34 -79.34 -37.21
C PRO H 133 12.10 -78.69 -38.57
N LEU H 134 12.87 -77.63 -38.86
CA LEU H 134 13.05 -77.03 -40.19
C LEU H 134 14.47 -77.36 -40.66
N ALA H 135 14.56 -78.30 -41.58
CA ALA H 135 15.79 -79.01 -41.93
C ALA H 135 16.57 -78.23 -42.99
N PRO H 136 17.91 -78.15 -42.85
CA PRO H 136 18.75 -77.45 -43.82
C PRO H 136 18.64 -78.16 -45.18
N SER H 137 18.47 -77.38 -46.25
CA SER H 137 18.33 -77.91 -47.63
C SER H 137 19.45 -78.91 -47.95
N GLY H 146 27.33 -71.48 -49.75
CA GLY H 146 28.24 -71.51 -48.62
C GLY H 146 27.55 -71.35 -47.28
N THR H 147 26.34 -70.76 -47.28
CA THR H 147 25.57 -70.52 -46.08
C THR H 147 24.29 -71.35 -46.14
N ALA H 148 23.96 -72.01 -45.03
CA ALA H 148 22.74 -72.79 -44.92
C ALA H 148 21.85 -72.22 -43.83
N ALA H 149 20.53 -72.37 -43.97
CA ALA H 149 19.53 -72.02 -42.96
C ALA H 149 18.86 -73.28 -42.43
N LEU H 150 18.67 -73.37 -41.10
CA LEU H 150 17.96 -74.49 -40.44
C LEU H 150 16.94 -73.84 -39.50
N GLY H 151 16.27 -74.59 -38.62
CA GLY H 151 15.37 -73.98 -37.63
C GLY H 151 14.53 -74.97 -36.88
N CYS H 152 13.55 -74.52 -36.10
CA CYS H 152 12.57 -75.36 -35.35
C CYS H 152 11.21 -74.68 -35.61
N LEU H 153 10.06 -75.35 -35.48
CA LEU H 153 8.72 -74.75 -35.78
C LEU H 153 7.72 -75.07 -34.67
N VAL H 154 7.16 -74.06 -34.01
CA VAL H 154 6.20 -74.26 -32.88
C VAL H 154 4.78 -74.04 -33.41
N LYS H 155 3.79 -74.91 -33.15
CA LYS H 155 2.36 -74.79 -33.45
C LYS H 155 1.50 -75.05 -32.21
N ASP H 156 0.28 -74.53 -32.21
CA ASP H 156 -0.84 -74.89 -31.35
C ASP H 156 -0.52 -74.83 -29.84
N TYR H 157 -0.31 -73.62 -29.34
CA TYR H 157 -0.17 -73.35 -27.91
C TYR H 157 -0.93 -72.11 -27.45
N PHE H 158 -1.20 -72.09 -26.16
CA PHE H 158 -1.75 -70.97 -25.42
C PHE H 158 -1.40 -71.09 -23.93
N PRO H 159 -1.23 -69.99 -23.18
CA PRO H 159 -0.98 -68.63 -23.67
C PRO H 159 0.48 -68.47 -24.11
N GLU H 160 0.91 -67.27 -24.48
CA GLU H 160 2.33 -66.94 -24.72
C GLU H 160 3.14 -66.84 -23.42
N PRO H 161 4.49 -66.89 -23.47
CA PRO H 161 5.33 -67.23 -24.62
C PRO H 161 5.74 -68.70 -24.74
N VAL H 162 6.09 -69.11 -25.96
CA VAL H 162 7.02 -70.22 -26.19
C VAL H 162 8.39 -69.60 -26.46
N THR H 163 9.38 -70.08 -25.74
CA THR H 163 10.76 -69.58 -25.74
C THR H 163 11.69 -70.62 -26.39
N VAL H 164 12.72 -70.17 -27.10
CA VAL H 164 13.65 -71.03 -27.87
C VAL H 164 15.09 -70.57 -27.71
N SER H 165 16.04 -71.50 -27.63
CA SER H 165 17.48 -71.25 -27.74
C SER H 165 18.17 -72.36 -28.55
N TRP H 166 19.33 -72.06 -29.12
CA TRP H 166 20.11 -73.00 -29.93
C TRP H 166 21.29 -73.54 -29.16
N ASN H 167 21.33 -74.86 -29.03
CA ASN H 167 22.32 -75.66 -28.30
C ASN H 167 22.56 -75.15 -26.86
N SER H 168 21.48 -74.86 -26.13
CA SER H 168 21.49 -74.31 -24.76
C SER H 168 22.31 -73.00 -24.61
N GLY H 169 22.32 -72.16 -25.66
CA GLY H 169 23.01 -70.87 -25.68
C GLY H 169 24.42 -70.88 -26.27
N ALA H 170 24.92 -72.03 -26.72
CA ALA H 170 26.21 -72.16 -27.41
C ALA H 170 26.24 -71.51 -28.81
N LEU H 171 25.06 -71.32 -29.43
CA LEU H 171 24.89 -70.69 -30.75
C LEU H 171 24.02 -69.42 -30.64
N THR H 172 24.50 -68.26 -31.09
CA THR H 172 23.77 -66.97 -31.01
C THR H 172 23.89 -66.09 -32.26
N SER H 173 25.04 -66.09 -32.96
CA SER H 173 25.20 -65.38 -34.21
C SER H 173 24.26 -65.95 -35.28
N GLY H 174 23.57 -65.06 -36.00
CA GLY H 174 22.62 -65.41 -37.06
C GLY H 174 21.29 -66.01 -36.59
N VAL H 175 21.01 -66.06 -35.28
CA VAL H 175 19.75 -66.57 -34.72
C VAL H 175 18.62 -65.53 -34.86
N HIS H 176 17.46 -65.97 -35.32
CA HIS H 176 16.20 -65.22 -35.33
C HIS H 176 15.04 -66.06 -34.80
N THR H 177 14.26 -65.55 -33.84
CA THR H 177 12.98 -66.13 -33.44
C THR H 177 11.85 -65.16 -33.75
N PHE H 178 10.90 -65.58 -34.57
CA PHE H 178 9.84 -64.71 -35.11
C PHE H 178 8.73 -64.42 -34.10
N PRO H 179 8.09 -63.24 -34.18
CA PRO H 179 6.82 -62.95 -33.50
C PRO H 179 5.76 -64.02 -33.80
N ALA H 180 4.97 -64.38 -32.79
CA ALA H 180 3.90 -65.37 -32.93
C ALA H 180 2.74 -64.85 -33.78
N VAL H 181 2.07 -65.76 -34.46
CA VAL H 181 0.87 -65.52 -35.25
C VAL H 181 -0.32 -66.22 -34.60
N LEU H 182 -1.47 -65.55 -34.54
CA LEU H 182 -2.70 -66.15 -34.02
C LEU H 182 -3.43 -66.86 -35.17
N GLN H 183 -3.51 -68.18 -35.09
CA GLN H 183 -4.17 -69.02 -36.09
C GLN H 183 -5.70 -68.94 -35.96
N SER H 184 -6.43 -69.37 -36.99
CA SER H 184 -7.89 -69.51 -36.95
C SER H 184 -8.40 -70.51 -35.90
N SER H 185 -7.54 -71.39 -35.39
CA SER H 185 -7.81 -72.23 -34.21
C SER H 185 -7.89 -71.45 -32.88
N GLY H 186 -7.49 -70.18 -32.86
CA GLY H 186 -7.37 -69.37 -31.63
C GLY H 186 -6.11 -69.65 -30.81
N LEU H 187 -5.21 -70.46 -31.34
CA LEU H 187 -3.91 -70.84 -30.77
C LEU H 187 -2.75 -70.21 -31.55
N TYR H 188 -1.63 -70.00 -30.87
CA TYR H 188 -0.45 -69.39 -31.45
C TYR H 188 0.44 -70.38 -32.22
N SER H 189 1.18 -69.86 -33.19
CA SER H 189 2.30 -70.53 -33.83
C SER H 189 3.49 -69.56 -34.00
N LEU H 190 4.72 -70.07 -34.05
CA LEU H 190 5.93 -69.30 -34.38
C LEU H 190 7.01 -70.18 -35.03
N SER H 191 8.16 -69.61 -35.39
CA SER H 191 9.34 -70.36 -35.82
C SER H 191 10.63 -69.68 -35.36
N SER H 192 11.67 -70.48 -35.14
CA SER H 192 13.02 -70.05 -34.80
C SER H 192 14.01 -70.60 -35.82
N VAL H 193 14.94 -69.77 -36.27
CA VAL H 193 15.87 -70.11 -37.35
C VAL H 193 17.28 -69.62 -37.03
N VAL H 194 18.26 -70.26 -37.63
CA VAL H 194 19.67 -69.85 -37.59
C VAL H 194 20.34 -70.16 -38.94
N THR H 195 21.25 -69.28 -39.39
CA THR H 195 22.08 -69.52 -40.58
C THR H 195 23.52 -69.84 -40.22
N VAL H 196 24.12 -70.86 -40.88
CA VAL H 196 25.43 -71.37 -40.47
C VAL H 196 26.22 -71.74 -41.71
N PRO H 197 27.53 -71.93 -41.58
CA PRO H 197 28.32 -72.37 -42.74
C PRO H 197 27.84 -73.74 -43.19
N SER H 198 27.66 -73.87 -44.51
CA SER H 198 27.19 -75.15 -45.07
C SER H 198 28.15 -76.29 -44.76
N SER H 199 29.44 -75.98 -44.62
CA SER H 199 30.42 -77.04 -44.37
C SER H 199 30.20 -77.70 -43.02
N SER H 200 29.56 -77.00 -42.09
CA SER H 200 29.38 -77.52 -40.74
C SER H 200 28.19 -78.46 -40.61
N LEU H 201 27.39 -78.62 -41.66
CA LEU H 201 26.20 -79.45 -41.53
C LEU H 201 26.54 -80.91 -41.24
N GLY H 202 27.74 -81.35 -41.61
CA GLY H 202 28.13 -82.72 -41.38
C GLY H 202 28.71 -82.94 -40.00
N THR H 203 29.42 -81.95 -39.47
CA THR H 203 30.14 -82.11 -38.21
C THR H 203 29.34 -81.58 -37.03
N GLN H 204 28.77 -80.37 -37.09
CA GLN H 204 28.01 -79.79 -35.97
C GLN H 204 26.56 -80.28 -35.90
N THR H 205 26.13 -80.77 -34.73
CA THR H 205 24.75 -81.23 -34.46
C THR H 205 23.93 -80.09 -33.84
N TYR H 206 23.15 -79.38 -34.66
CA TYR H 206 22.29 -78.30 -34.18
C TYR H 206 21.06 -78.83 -33.42
N ILE H 207 20.71 -78.25 -32.27
CA ILE H 207 19.54 -78.69 -31.44
C ILE H 207 18.83 -77.41 -31.00
N CYS H 208 17.52 -77.41 -30.73
CA CYS H 208 16.82 -76.22 -30.14
C CYS H 208 16.24 -76.60 -28.78
N ASN H 209 16.66 -75.93 -27.70
CA ASN H 209 16.16 -76.20 -26.32
C ASN H 209 15.01 -75.23 -26.10
N VAL H 210 13.77 -75.71 -25.97
CA VAL H 210 12.55 -74.85 -25.96
C VAL H 210 11.79 -74.95 -24.64
N ASN H 211 10.90 -73.98 -24.33
CA ASN H 211 9.93 -74.06 -23.25
C ASN H 211 8.66 -73.24 -23.51
N HIS H 212 7.49 -73.85 -23.34
CA HIS H 212 6.23 -73.12 -23.11
C HIS H 212 6.12 -72.71 -21.65
N LYS H 213 6.68 -71.56 -21.29
CA LYS H 213 6.82 -71.16 -19.89
C LYS H 213 5.51 -71.17 -19.08
N PRO H 214 4.31 -70.80 -19.60
CA PRO H 214 3.06 -70.91 -18.87
C PRO H 214 2.78 -72.31 -18.30
N SER H 215 2.96 -73.35 -19.11
CA SER H 215 2.74 -74.77 -18.71
C SER H 215 4.06 -75.36 -18.21
N ASN H 216 5.18 -74.65 -18.40
CA ASN H 216 6.53 -75.14 -18.01
C ASN H 216 6.76 -76.48 -18.71
N THR H 217 6.35 -76.61 -19.97
CA THR H 217 6.56 -77.85 -20.78
C THR H 217 7.89 -77.68 -21.50
N LYS H 218 8.96 -78.29 -21.00
CA LYS H 218 10.32 -78.14 -21.57
C LYS H 218 10.48 -79.15 -22.69
N VAL H 219 10.89 -78.72 -23.89
CA VAL H 219 11.05 -79.57 -25.08
C VAL H 219 12.46 -79.39 -25.65
N ASP H 220 12.99 -80.45 -26.28
CA ASP H 220 14.19 -80.36 -27.11
C ASP H 220 13.92 -80.98 -28.50
N LYS H 221 14.63 -80.50 -29.54
CA LYS H 221 14.63 -81.15 -30.86
C LYS H 221 15.97 -80.97 -31.57
N LYS H 222 16.63 -82.08 -31.91
CA LYS H 222 17.77 -82.11 -32.83
C LYS H 222 17.32 -81.78 -34.25
N VAL H 223 18.03 -80.87 -34.89
CA VAL H 223 17.83 -80.48 -36.29
C VAL H 223 19.05 -80.88 -37.11
N GLU H 224 18.84 -81.75 -38.08
CA GLU H 224 19.90 -82.34 -38.90
C GLU H 224 19.38 -82.47 -40.31
N PRO H 225 20.26 -82.63 -41.29
CA PRO H 225 19.79 -82.83 -42.67
C PRO H 225 18.89 -84.05 -42.74
N LYS H 226 17.93 -83.99 -43.66
CA LYS H 226 16.93 -85.07 -43.80
C LYS H 226 17.52 -86.31 -44.47
N ASP I 1 -13.81 -31.02 -40.77
CA ASP I 1 -13.07 -31.56 -39.61
C ASP I 1 -11.59 -31.75 -39.95
N VAL I 2 -10.75 -31.64 -38.93
CA VAL I 2 -9.29 -31.77 -39.01
C VAL I 2 -8.87 -33.19 -39.40
N VAL I 3 -7.88 -33.26 -40.27
CA VAL I 3 -7.00 -34.40 -40.52
C VAL I 3 -5.57 -33.91 -40.35
N MET I 4 -4.68 -34.73 -39.78
CA MET I 4 -3.28 -34.36 -39.59
C MET I 4 -2.40 -34.92 -40.71
N THR I 5 -1.60 -34.05 -41.32
CA THR I 5 -0.66 -34.43 -42.38
C THR I 5 0.76 -34.45 -41.81
N GLN I 6 1.10 -35.57 -41.16
CA GLN I 6 2.41 -35.80 -40.56
C GLN I 6 3.41 -36.27 -41.62
N SER I 7 4.66 -35.82 -41.54
CA SER I 7 5.71 -36.06 -42.52
C SER I 7 7.09 -36.14 -41.86
N PRO I 8 7.96 -37.07 -42.28
CA PRO I 8 7.72 -38.16 -43.22
C PRO I 8 6.95 -39.32 -42.55
N SER I 9 6.43 -40.27 -43.32
CA SER I 9 5.87 -41.53 -42.77
C SER I 9 6.94 -42.46 -42.18
N THR I 10 8.21 -42.30 -42.56
CA THR I 10 9.36 -42.99 -41.97
C THR I 10 10.59 -42.09 -42.03
N LEU I 11 11.28 -41.91 -40.92
CA LEU I 11 12.53 -41.16 -40.81
C LEU I 11 13.69 -42.11 -40.49
N SER I 12 14.73 -42.11 -41.32
CA SER I 12 15.92 -42.91 -41.12
C SER I 12 17.07 -42.05 -40.59
N ALA I 13 17.75 -42.53 -39.54
CA ALA I 13 18.79 -41.82 -38.81
C ALA I 13 19.70 -42.82 -38.05
N SER I 14 20.46 -42.39 -37.06
CA SER I 14 21.34 -43.22 -36.24
C SER I 14 21.66 -42.50 -34.92
N VAL I 15 22.26 -43.23 -33.97
CA VAL I 15 22.67 -42.68 -32.67
C VAL I 15 23.42 -41.34 -32.80
N GLY I 16 23.02 -40.36 -32.01
CA GLY I 16 23.53 -38.98 -32.02
C GLY I 16 23.00 -38.05 -33.13
N ASP I 17 22.17 -38.51 -34.06
CA ASP I 17 21.58 -37.63 -35.08
C ASP I 17 20.52 -36.71 -34.47
N THR I 18 20.59 -35.40 -34.72
CA THR I 18 19.47 -34.49 -34.46
C THR I 18 18.46 -34.61 -35.59
N ILE I 19 17.19 -34.86 -35.25
CA ILE I 19 16.13 -35.10 -36.23
C ILE I 19 14.92 -34.21 -35.96
N THR I 20 14.25 -33.80 -37.04
CA THR I 20 13.02 -33.00 -37.01
C THR I 20 11.93 -33.71 -37.81
N ILE I 21 10.67 -33.62 -37.33
CA ILE I 21 9.45 -34.22 -37.96
C ILE I 21 8.43 -33.07 -38.06
N THR I 22 7.38 -33.13 -38.90
CA THR I 22 6.41 -32.01 -39.06
C THR I 22 4.96 -32.49 -39.23
N CYS I 23 3.99 -32.04 -38.40
CA CYS I 23 2.53 -32.37 -38.56
C CYS I 23 1.83 -31.12 -39.11
N ARG I 24 1.03 -31.20 -40.19
CA ARG I 24 0.39 -30.02 -40.85
C ARG I 24 -1.13 -30.18 -40.87
N ALA I 25 -1.88 -29.40 -40.09
CA ALA I 25 -3.31 -29.60 -39.91
C ALA I 25 -4.07 -29.21 -41.19
N SER I 26 -5.01 -30.03 -41.67
CA SER I 26 -5.79 -29.76 -42.89
C SER I 26 -6.69 -28.51 -42.80
N GLN I 27 -6.99 -28.06 -41.58
CA GLN I 27 -7.54 -26.74 -41.29
C GLN I 27 -7.08 -26.28 -39.91
N SER I 28 -7.01 -24.97 -39.67
CA SER I 28 -6.32 -24.39 -38.51
C SER I 28 -6.95 -24.77 -37.16
N ILE I 29 -6.09 -24.98 -36.16
CA ILE I 29 -6.49 -25.31 -34.76
C ILE I 29 -5.78 -24.26 -33.91
N GLU I 30 -6.19 -24.05 -32.65
CA GLU I 30 -5.54 -23.06 -31.74
C GLU I 30 -4.38 -23.73 -31.01
N THR I 31 -3.36 -24.20 -31.74
CA THR I 31 -2.14 -24.81 -31.15
C THR I 31 -2.55 -25.92 -30.18
N TRP I 32 -3.51 -26.78 -30.57
CA TRP I 32 -4.01 -27.90 -29.71
C TRP I 32 -3.30 -29.20 -30.05
N LEU I 33 -2.03 -29.17 -30.49
CA LEU I 33 -1.26 -30.40 -30.74
C LEU I 33 -0.56 -30.95 -29.49
N ALA I 34 -0.41 -32.27 -29.44
CA ALA I 34 0.48 -33.01 -28.55
C ALA I 34 1.22 -34.11 -29.32
N TRP I 35 2.34 -34.61 -28.80
CA TRP I 35 3.16 -35.64 -29.47
C TRP I 35 3.48 -36.83 -28.56
N TYR I 36 3.43 -38.02 -29.13
CA TYR I 36 3.67 -39.29 -28.44
C TYR I 36 4.77 -40.08 -29.13
N GLN I 37 5.50 -40.86 -28.34
CA GLN I 37 6.28 -42.01 -28.81
C GLN I 37 5.41 -43.27 -28.77
N GLN I 38 5.64 -44.25 -29.64
CA GLN I 38 5.14 -45.60 -29.46
C GLN I 38 6.13 -46.67 -29.93
N LYS I 39 6.59 -47.48 -28.99
CA LYS I 39 7.40 -48.69 -29.24
C LYS I 39 6.49 -49.84 -29.71
N PRO I 40 6.98 -50.77 -30.54
CA PRO I 40 6.13 -51.80 -31.16
C PRO I 40 5.31 -52.62 -30.16
N GLY I 41 4.00 -52.70 -30.40
CA GLY I 41 3.04 -53.40 -29.55
C GLY I 41 2.85 -52.83 -28.15
N LYS I 42 3.38 -51.66 -27.82
CA LYS I 42 3.24 -51.01 -26.52
C LYS I 42 2.11 -49.96 -26.52
N ALA I 43 1.79 -49.43 -25.35
CA ALA I 43 1.02 -48.21 -25.21
C ALA I 43 1.88 -46.99 -25.60
N PRO I 44 1.34 -45.98 -26.29
CA PRO I 44 2.03 -44.72 -26.50
C PRO I 44 2.39 -44.01 -25.19
N LYS I 45 3.45 -43.19 -25.23
CA LYS I 45 3.89 -42.34 -24.12
C LYS I 45 3.84 -40.89 -24.56
N LEU I 46 3.18 -40.04 -23.77
CA LEU I 46 3.07 -38.61 -24.04
C LEU I 46 4.40 -37.90 -23.79
N LEU I 47 4.88 -37.16 -24.78
CA LEU I 47 6.11 -36.38 -24.71
C LEU I 47 5.84 -34.90 -24.47
N ILE I 48 4.89 -34.33 -25.21
CA ILE I 48 4.71 -32.89 -25.38
C ILE I 48 3.21 -32.63 -25.32
N TYR I 49 2.72 -32.00 -24.26
CA TYR I 49 1.29 -31.96 -23.91
C TYR I 49 0.51 -30.77 -24.52
N LYS I 50 1.25 -29.81 -25.07
CA LYS I 50 0.82 -28.72 -25.95
C LYS I 50 2.00 -28.45 -26.89
N ALA I 51 1.84 -27.93 -28.11
CA ALA I 51 2.98 -27.74 -29.02
C ALA I 51 4.11 -26.94 -28.32
N SER I 52 5.37 -27.35 -28.51
CA SER I 52 6.58 -26.87 -27.79
C SER I 52 6.61 -27.06 -26.26
N THR I 53 5.64 -27.76 -25.68
CA THR I 53 5.44 -27.82 -24.23
C THR I 53 5.69 -29.24 -23.68
N LEU I 54 6.93 -29.53 -23.32
CA LEU I 54 7.39 -30.85 -22.87
C LEU I 54 6.76 -31.27 -21.52
N LYS I 55 6.27 -32.51 -21.43
CA LYS I 55 5.74 -33.14 -20.21
C LYS I 55 6.87 -33.42 -19.21
N THR I 56 6.60 -33.21 -17.93
CA THR I 56 7.57 -33.47 -16.83
C THR I 56 7.94 -34.95 -16.76
N GLY I 57 9.21 -35.27 -16.49
CA GLY I 57 9.75 -36.62 -16.53
C GLY I 57 10.23 -37.10 -17.91
N VAL I 58 9.88 -36.41 -19.00
CA VAL I 58 10.36 -36.72 -20.36
C VAL I 58 11.81 -36.25 -20.54
N PRO I 59 12.72 -37.07 -21.10
CA PRO I 59 14.11 -36.71 -21.36
C PRO I 59 14.28 -35.40 -22.14
N SER I 60 15.23 -34.59 -21.68
CA SER I 60 15.47 -33.22 -22.16
C SER I 60 15.88 -33.12 -23.64
N ARG I 61 16.28 -34.22 -24.29
CA ARG I 61 16.57 -34.25 -25.74
C ARG I 61 15.37 -33.87 -26.63
N PHE I 62 14.13 -34.05 -26.19
CA PHE I 62 12.91 -33.73 -26.94
C PHE I 62 12.59 -32.21 -27.03
N SER I 63 11.89 -31.81 -28.11
CA SER I 63 11.47 -30.43 -28.42
C SER I 63 10.39 -30.39 -29.53
N GLY I 64 9.78 -29.24 -29.79
CA GLY I 64 8.79 -29.07 -30.87
C GLY I 64 8.32 -27.62 -31.09
N SER I 65 7.41 -27.39 -32.04
CA SER I 65 6.88 -26.06 -32.38
C SER I 65 5.44 -26.11 -32.93
N GLY I 66 4.74 -24.97 -32.94
CA GLY I 66 3.39 -24.85 -33.48
C GLY I 66 2.98 -23.43 -33.87
N SER I 67 2.29 -23.30 -35.01
CA SER I 67 1.93 -22.02 -35.64
C SER I 67 0.43 -21.88 -35.95
N GLY I 68 -0.40 -22.77 -35.42
CA GLY I 68 -1.85 -22.85 -35.68
C GLY I 68 -2.26 -23.66 -36.91
N THR I 69 -1.30 -24.03 -37.76
CA THR I 69 -1.51 -24.85 -38.97
C THR I 69 -0.35 -25.80 -39.23
N GLU I 70 0.88 -25.34 -39.03
CA GLU I 70 2.10 -26.13 -39.18
C GLU I 70 2.85 -26.23 -37.84
N PHE I 71 3.45 -27.39 -37.63
CA PHE I 71 3.94 -27.87 -36.36
C PHE I 71 5.15 -28.77 -36.53
N THR I 72 5.98 -28.88 -35.50
CA THR I 72 7.13 -29.79 -35.53
C THR I 72 7.34 -30.50 -34.20
N LEU I 73 8.07 -31.61 -34.29
CA LEU I 73 8.73 -32.33 -33.20
C LEU I 73 10.21 -32.40 -33.58
N THR I 74 11.11 -32.36 -32.61
CA THR I 74 12.56 -32.51 -32.84
C THR I 74 13.23 -33.25 -31.69
N ILE I 75 14.20 -34.12 -31.98
CA ILE I 75 14.97 -34.87 -30.98
C ILE I 75 16.46 -34.55 -31.11
N SER I 76 17.08 -34.13 -30.01
CA SER I 76 18.41 -33.51 -29.97
C SER I 76 19.55 -34.52 -29.80
N GLY I 77 19.72 -35.37 -30.82
CA GLY I 77 20.66 -36.48 -30.81
C GLY I 77 19.99 -37.76 -30.29
N LEU I 78 19.53 -38.60 -31.22
CA LEU I 78 18.82 -39.85 -30.90
C LEU I 78 19.66 -40.79 -30.03
N GLN I 79 19.03 -41.34 -29.00
CA GLN I 79 19.51 -42.53 -28.29
C GLN I 79 19.03 -43.81 -28.98
N PHE I 80 19.62 -44.96 -28.66
CA PHE I 80 19.09 -46.26 -29.12
C PHE I 80 17.66 -46.53 -28.60
N ASP I 81 17.31 -45.90 -27.49
CA ASP I 81 15.96 -45.81 -26.90
C ASP I 81 14.90 -45.13 -27.82
N ASP I 82 15.31 -44.20 -28.68
CA ASP I 82 14.42 -43.35 -29.49
C ASP I 82 13.93 -43.99 -30.80
N PHE I 83 14.45 -45.14 -31.21
CA PHE I 83 14.13 -45.77 -32.51
C PHE I 83 12.80 -46.53 -32.51
N ALA I 84 11.74 -45.76 -32.34
CA ALA I 84 10.34 -46.10 -32.18
C ALA I 84 9.45 -45.25 -33.13
N THR I 85 8.13 -45.46 -33.14
CA THR I 85 7.21 -44.57 -33.88
C THR I 85 6.97 -43.29 -33.11
N TYR I 86 6.67 -42.18 -33.80
CA TYR I 86 6.17 -40.96 -33.18
C TYR I 86 4.88 -40.47 -33.83
N HIS I 87 3.88 -40.14 -33.01
CA HIS I 87 2.55 -39.71 -33.43
C HIS I 87 2.25 -38.28 -32.99
N CYS I 88 1.83 -37.41 -33.90
CA CYS I 88 1.14 -36.19 -33.52
C CYS I 88 -0.34 -36.49 -33.20
N GLN I 89 -0.93 -35.70 -32.31
CA GLN I 89 -2.36 -35.68 -32.01
C GLN I 89 -2.88 -34.25 -32.03
N HIS I 90 -4.00 -33.99 -32.70
CA HIS I 90 -4.87 -32.84 -32.41
C HIS I 90 -5.95 -33.30 -31.44
N TYR I 91 -6.04 -32.64 -30.28
CA TYR I 91 -7.01 -32.98 -29.25
C TYR I 91 -8.02 -31.84 -29.06
N ALA I 92 -9.29 -32.10 -29.35
CA ALA I 92 -10.42 -31.23 -29.01
C ALA I 92 -11.11 -31.73 -27.73
N GLY I 93 -12.09 -30.97 -27.23
CA GLY I 93 -12.71 -31.22 -25.93
C GLY I 93 -13.23 -32.64 -25.72
N TYR I 94 -13.91 -33.24 -26.70
CA TYR I 94 -14.48 -34.59 -26.63
C TYR I 94 -14.16 -35.45 -27.85
N SER I 95 -13.09 -35.11 -28.57
CA SER I 95 -12.59 -35.88 -29.72
C SER I 95 -11.11 -35.60 -29.95
N ALA I 96 -10.45 -36.49 -30.69
CA ALA I 96 -9.09 -36.29 -31.14
C ALA I 96 -8.88 -36.92 -32.53
N THR I 97 -7.75 -36.61 -33.14
CA THR I 97 -7.28 -37.24 -34.37
C THR I 97 -5.75 -37.22 -34.39
N PHE I 98 -5.13 -38.21 -35.02
CA PHE I 98 -3.68 -38.43 -35.00
C PHE I 98 -3.08 -38.46 -36.42
N GLY I 99 -1.81 -38.11 -36.54
CA GLY I 99 -1.06 -38.33 -37.79
C GLY I 99 -0.76 -39.81 -38.01
N GLN I 100 -0.63 -40.23 -39.28
CA GLN I 100 -0.08 -41.53 -39.61
C GLN I 100 1.40 -41.54 -39.22
N GLY I 101 1.73 -42.20 -38.11
CA GLY I 101 2.93 -41.90 -37.33
C GLY I 101 4.24 -41.97 -38.11
N THR I 102 5.14 -41.04 -37.82
CA THR I 102 6.51 -41.04 -38.32
C THR I 102 7.31 -42.13 -37.63
N ARG I 103 7.59 -43.21 -38.33
CA ARG I 103 8.41 -44.30 -37.82
C ARG I 103 9.89 -43.91 -37.84
N VAL I 104 10.55 -43.76 -36.71
CA VAL I 104 11.99 -43.46 -36.63
C VAL I 104 12.79 -44.76 -36.57
N GLU I 105 13.79 -44.90 -37.44
CA GLU I 105 14.52 -46.15 -37.64
C GLU I 105 16.02 -45.95 -37.92
N ILE I 106 16.81 -46.98 -37.63
CA ILE I 106 18.26 -46.96 -37.83
C ILE I 106 18.59 -47.16 -39.32
N LYS I 107 19.29 -46.21 -39.92
CA LYS I 107 19.65 -46.14 -41.34
C LYS I 107 20.82 -47.04 -41.70
N ARG I 108 20.79 -47.56 -42.94
CA ARG I 108 21.89 -48.21 -43.67
C ARG I 108 21.61 -48.15 -45.19
N THR I 109 22.55 -48.57 -46.03
CA THR I 109 22.32 -48.78 -47.47
C THR I 109 21.24 -49.83 -47.73
N VAL I 110 20.61 -49.79 -48.91
CA VAL I 110 19.65 -50.81 -49.35
C VAL I 110 20.33 -52.19 -49.41
N ALA I 111 19.64 -53.23 -48.95
CA ALA I 111 20.11 -54.61 -48.98
C ALA I 111 18.97 -55.55 -49.40
N ALA I 112 19.19 -56.38 -50.42
CA ALA I 112 18.16 -57.28 -50.93
C ALA I 112 17.97 -58.54 -50.05
N PRO I 113 16.76 -59.11 -49.97
CA PRO I 113 16.47 -60.30 -49.18
C PRO I 113 17.14 -61.57 -49.72
N SER I 114 17.85 -62.28 -48.83
CA SER I 114 18.16 -63.71 -49.01
C SER I 114 16.88 -64.52 -48.77
N VAL I 115 16.38 -65.23 -49.78
CA VAL I 115 15.10 -65.92 -49.74
C VAL I 115 15.32 -67.42 -49.59
N PHE I 116 14.54 -68.04 -48.71
CA PHE I 116 14.60 -69.47 -48.46
C PHE I 116 13.19 -70.01 -48.33
N ILE I 117 12.95 -71.19 -48.88
CA ILE I 117 11.64 -71.85 -48.77
C ILE I 117 11.81 -73.18 -48.06
N PHE I 118 10.91 -73.50 -47.15
CA PHE I 118 10.93 -74.72 -46.34
C PHE I 118 9.65 -75.51 -46.57
N PRO I 119 9.72 -76.80 -46.98
CA PRO I 119 8.53 -77.62 -47.03
C PRO I 119 8.10 -78.03 -45.62
N PRO I 120 6.89 -78.52 -45.49
CA PRO I 120 6.45 -79.07 -44.21
C PRO I 120 7.25 -80.31 -43.83
N SER I 121 7.55 -80.45 -42.54
CA SER I 121 8.18 -81.66 -42.00
C SER I 121 7.23 -82.84 -42.17
N ASP I 122 7.76 -84.04 -42.44
CA ASP I 122 6.92 -85.21 -42.58
C ASP I 122 6.09 -85.43 -41.31
N GLU I 123 6.69 -85.16 -40.15
CA GLU I 123 6.11 -85.23 -38.80
C GLU I 123 4.91 -84.28 -38.60
N GLN I 124 4.93 -83.09 -39.20
CA GLN I 124 3.75 -82.22 -39.27
C GLN I 124 2.70 -82.82 -40.21
N LEU I 125 3.15 -83.29 -41.36
CA LEU I 125 2.26 -83.69 -42.44
C LEU I 125 1.41 -84.91 -42.06
N LYS I 126 1.97 -85.80 -41.25
CA LYS I 126 1.23 -87.00 -40.88
C LYS I 126 0.07 -86.66 -39.95
N SER I 127 0.20 -85.58 -39.18
CA SER I 127 -0.89 -85.08 -38.33
C SER I 127 -2.03 -84.47 -39.15
N GLY I 128 -1.82 -84.17 -40.44
CA GLY I 128 -2.89 -83.67 -41.30
C GLY I 128 -2.80 -82.22 -41.70
N THR I 129 -1.75 -81.51 -41.30
CA THR I 129 -1.56 -80.08 -41.62
C THR I 129 -0.22 -79.88 -42.31
N ALA I 130 -0.18 -79.02 -43.32
CA ALA I 130 1.05 -78.67 -44.02
C ALA I 130 1.31 -77.18 -43.87
N SER I 131 2.36 -76.76 -43.17
CA SER I 131 2.77 -75.34 -43.09
C SER I 131 4.06 -75.10 -43.88
N VAL I 132 3.94 -74.44 -45.03
CA VAL I 132 5.06 -74.13 -45.92
C VAL I 132 5.59 -72.75 -45.54
N VAL I 133 6.89 -72.63 -45.25
CA VAL I 133 7.48 -71.38 -44.73
C VAL I 133 8.42 -70.77 -45.74
N CYS I 134 8.29 -69.48 -45.97
CA CYS I 134 9.16 -68.67 -46.80
C CYS I 134 9.87 -67.67 -45.90
N LEU I 135 11.20 -67.61 -45.93
CA LEU I 135 12.03 -66.75 -45.08
C LEU I 135 12.78 -65.77 -45.96
N LEU I 136 12.61 -64.48 -45.72
CA LEU I 136 13.45 -63.39 -46.22
C LEU I 136 14.40 -63.03 -45.07
N ASN I 137 15.60 -63.57 -45.08
CA ASN I 137 16.43 -63.67 -43.88
C ASN I 137 16.95 -62.32 -43.37
N ASN I 138 17.49 -61.46 -44.24
CA ASN I 138 17.88 -60.08 -43.90
C ASN I 138 17.75 -59.17 -45.13
N PHE I 139 17.23 -57.95 -44.96
CA PHE I 139 17.09 -56.92 -45.99
C PHE I 139 16.88 -55.52 -45.38
N TYR I 140 17.02 -54.46 -46.17
CA TYR I 140 16.68 -53.09 -45.76
C TYR I 140 16.32 -52.23 -46.97
N PRO I 141 15.34 -51.32 -46.90
CA PRO I 141 14.42 -51.05 -45.78
C PRO I 141 13.33 -52.13 -45.64
N ARG I 142 12.39 -51.92 -44.70
CA ARG I 142 11.34 -52.83 -44.18
C ARG I 142 10.33 -53.36 -45.22
N GLU I 143 10.03 -52.57 -46.23
CA GLU I 143 8.94 -52.82 -47.17
C GLU I 143 9.30 -53.91 -48.20
N ALA I 144 8.61 -55.05 -48.17
CA ALA I 144 8.84 -56.15 -49.10
C ALA I 144 7.50 -56.79 -49.42
N LYS I 145 7.44 -57.52 -50.54
CA LYS I 145 6.19 -58.20 -50.91
C LYS I 145 6.49 -59.66 -51.22
N VAL I 146 5.70 -60.57 -50.62
CA VAL I 146 5.83 -61.99 -50.87
C VAL I 146 4.48 -62.53 -51.33
N GLN I 147 4.50 -63.32 -52.40
CA GLN I 147 3.30 -63.99 -52.92
C GLN I 147 3.60 -65.49 -53.06
N TRP I 148 2.60 -66.32 -52.76
CA TRP I 148 2.71 -67.75 -52.90
C TRP I 148 2.06 -68.24 -54.19
N LYS I 149 2.69 -69.21 -54.85
CA LYS I 149 2.12 -69.84 -56.04
C LYS I 149 2.16 -71.36 -55.84
N VAL I 150 1.02 -72.02 -56.06
CA VAL I 150 0.94 -73.48 -55.99
C VAL I 150 0.57 -73.99 -57.37
N ASP I 151 1.45 -74.79 -57.97
CA ASP I 151 1.30 -75.20 -59.37
C ASP I 151 1.10 -73.99 -60.28
N ASN I 152 1.93 -72.97 -60.04
CA ASN I 152 1.95 -71.72 -60.80
C ASN I 152 0.67 -70.92 -60.66
N ALA I 153 -0.16 -71.27 -59.68
CA ALA I 153 -1.42 -70.58 -59.45
C ALA I 153 -1.24 -69.60 -58.29
N LEU I 154 -1.40 -68.31 -58.60
CA LEU I 154 -1.25 -67.30 -57.56
C LEU I 154 -2.27 -67.53 -56.44
N GLN I 155 -1.77 -67.70 -55.23
CA GLN I 155 -2.60 -67.94 -54.06
C GLN I 155 -3.11 -66.64 -53.49
N SER I 156 -4.17 -66.77 -52.67
CA SER I 156 -4.79 -65.60 -52.05
C SER I 156 -5.49 -66.04 -50.79
N GLY I 157 -5.18 -65.38 -49.68
CA GLY I 157 -5.91 -65.54 -48.43
C GLY I 157 -5.49 -66.66 -47.50
N ASN I 158 -4.49 -67.47 -47.84
CA ASN I 158 -4.07 -68.62 -47.03
C ASN I 158 -2.66 -68.47 -46.44
N SER I 159 -2.23 -67.24 -46.18
CA SER I 159 -0.89 -67.03 -45.63
C SER I 159 -0.92 -65.95 -44.55
N GLN I 160 0.02 -66.05 -43.61
CA GLN I 160 0.23 -65.04 -42.57
C GLN I 160 1.70 -64.64 -42.51
N GLU I 161 1.96 -63.35 -42.52
CA GLU I 161 3.28 -62.75 -42.48
C GLU I 161 3.55 -62.12 -41.12
N SER I 162 4.79 -62.22 -40.65
CA SER I 162 5.33 -61.33 -39.62
C SER I 162 6.78 -60.93 -39.92
N VAL I 163 7.10 -59.70 -39.56
CA VAL I 163 8.42 -59.06 -39.74
C VAL I 163 9.08 -58.89 -38.38
N THR I 164 10.34 -59.31 -38.23
CA THR I 164 11.12 -58.94 -37.03
C THR I 164 11.63 -57.52 -37.19
N GLU I 165 11.56 -56.73 -36.12
CA GLU I 165 12.15 -55.39 -36.07
C GLU I 165 13.70 -55.42 -36.13
N GLN I 166 14.32 -54.26 -36.32
CA GLN I 166 15.70 -54.10 -36.74
C GLN I 166 16.69 -54.91 -35.91
N ASP I 167 17.52 -55.71 -36.60
CA ASP I 167 18.53 -56.56 -35.97
C ASP I 167 19.58 -55.78 -35.15
N SER I 168 20.05 -56.33 -34.01
CA SER I 168 20.89 -55.54 -33.11
C SER I 168 22.29 -55.34 -33.68
N LYS I 169 22.76 -56.24 -34.54
CA LYS I 169 24.12 -56.07 -35.08
C LYS I 169 24.17 -55.43 -36.47
N ASP I 170 23.13 -55.51 -37.31
CA ASP I 170 23.18 -54.89 -38.66
C ASP I 170 21.96 -54.03 -39.05
N SER I 171 20.97 -53.93 -38.19
CA SER I 171 19.75 -53.12 -38.37
C SER I 171 18.87 -53.50 -39.57
N THR I 172 19.07 -54.68 -40.18
CA THR I 172 18.16 -55.18 -41.22
C THR I 172 16.84 -55.66 -40.64
N TYR I 173 15.81 -55.59 -41.48
CA TYR I 173 14.53 -56.26 -41.28
C TYR I 173 14.60 -57.70 -41.81
N SER I 174 13.66 -58.52 -41.35
CA SER I 174 13.51 -59.90 -41.81
C SER I 174 12.02 -60.25 -41.84
N LEU I 175 11.56 -61.03 -42.81
CA LEU I 175 10.15 -61.42 -42.95
C LEU I 175 10.07 -62.94 -43.05
N SER I 176 9.06 -63.53 -42.42
CA SER I 176 8.66 -64.89 -42.73
C SER I 176 7.17 -64.96 -43.00
N SER I 177 6.81 -65.82 -43.95
CA SER I 177 5.45 -66.00 -44.44
C SER I 177 5.14 -67.49 -44.35
N THR I 178 4.00 -67.83 -43.78
CA THR I 178 3.56 -69.21 -43.56
C THR I 178 2.30 -69.49 -44.38
N LEU I 179 2.39 -70.35 -45.40
CA LEU I 179 1.27 -70.81 -46.19
C LEU I 179 0.75 -72.07 -45.52
N THR I 180 -0.53 -72.07 -45.14
CA THR I 180 -1.16 -73.17 -44.37
C THR I 180 -2.11 -73.93 -45.25
N LEU I 181 -2.00 -75.27 -45.27
CA LEU I 181 -2.87 -76.12 -46.08
C LEU I 181 -3.09 -77.41 -45.33
N SER I 182 -4.30 -77.98 -45.38
CA SER I 182 -4.58 -79.30 -44.75
C SER I 182 -3.72 -80.32 -45.50
N LYS I 183 -3.49 -81.51 -44.94
CA LYS I 183 -2.61 -82.52 -45.58
C LYS I 183 -3.28 -82.87 -46.90
N ALA I 184 -4.59 -83.04 -46.92
CA ALA I 184 -5.35 -83.38 -48.14
C ALA I 184 -4.98 -82.42 -49.27
N ASP I 185 -5.18 -81.10 -49.10
CA ASP I 185 -4.99 -80.12 -50.16
C ASP I 185 -3.53 -80.04 -50.60
N TYR I 186 -2.61 -80.20 -49.64
CA TYR I 186 -1.19 -80.09 -49.96
C TYR I 186 -0.74 -81.21 -50.88
N GLU I 187 -1.24 -82.45 -50.67
CA GLU I 187 -0.84 -83.55 -51.53
C GLU I 187 -1.54 -83.51 -52.87
N LYS I 188 -2.40 -82.52 -53.09
CA LYS I 188 -3.07 -82.35 -54.38
C LYS I 188 -2.17 -81.68 -55.43
N HIS I 189 -1.09 -81.01 -55.03
CA HIS I 189 -0.29 -80.25 -55.98
C HIS I 189 1.20 -80.56 -55.79
N LYS I 190 2.01 -80.25 -56.81
CA LYS I 190 3.47 -80.57 -56.80
C LYS I 190 4.26 -79.35 -56.36
N VAL I 191 4.58 -78.41 -57.25
CA VAL I 191 5.48 -77.27 -56.91
C VAL I 191 4.83 -76.35 -55.86
N TYR I 192 5.59 -75.89 -54.86
CA TYR I 192 5.12 -74.88 -53.87
C TYR I 192 6.19 -73.80 -53.89
N ALA I 193 5.87 -72.56 -54.26
CA ALA I 193 6.89 -71.51 -54.46
C ALA I 193 6.52 -70.20 -53.78
N CYS I 194 7.49 -69.35 -53.46
CA CYS I 194 7.24 -68.00 -52.97
C CYS I 194 8.04 -67.02 -53.81
N GLU I 195 7.41 -65.90 -54.15
CA GLU I 195 7.99 -64.91 -55.05
C GLU I 195 8.07 -63.59 -54.30
N VAL I 196 9.24 -62.95 -54.37
CA VAL I 196 9.60 -61.83 -53.53
C VAL I 196 9.97 -60.64 -54.40
N THR I 197 9.46 -59.46 -54.03
CA THR I 197 9.99 -58.21 -54.55
C THR I 197 10.40 -57.27 -53.44
N HIS I 198 11.41 -56.44 -53.64
CA HIS I 198 12.01 -55.58 -52.62
C HIS I 198 12.81 -54.45 -53.27
N GLN I 199 13.16 -53.42 -52.49
CA GLN I 199 13.86 -52.21 -52.96
C GLN I 199 15.22 -52.52 -53.60
N GLY I 200 15.95 -53.54 -53.11
CA GLY I 200 17.26 -53.92 -53.63
C GLY I 200 17.28 -54.87 -54.84
N LEU I 201 16.16 -55.53 -55.15
CA LEU I 201 16.08 -56.54 -56.21
C LEU I 201 15.74 -55.91 -57.57
N SER I 202 16.49 -56.21 -58.63
CA SER I 202 16.10 -55.71 -59.96
C SER I 202 14.98 -56.53 -60.60
N SER I 203 14.76 -57.75 -60.17
CA SER I 203 13.64 -58.54 -60.66
C SER I 203 13.16 -59.41 -59.50
N PRO I 204 11.93 -59.92 -59.59
CA PRO I 204 11.42 -60.74 -58.48
C PRO I 204 12.26 -61.98 -58.28
N VAL I 205 12.35 -62.42 -57.02
CA VAL I 205 13.08 -63.62 -56.69
C VAL I 205 12.07 -64.70 -56.31
N THR I 206 12.24 -65.89 -56.88
CA THR I 206 11.36 -67.01 -56.62
C THR I 206 12.17 -68.18 -56.08
N LYS I 207 11.72 -68.75 -54.96
CA LYS I 207 12.24 -70.01 -54.46
C LYS I 207 11.12 -71.04 -54.46
N SER I 208 11.43 -72.25 -54.90
CA SER I 208 10.39 -73.27 -55.03
C SER I 208 10.94 -74.65 -54.67
N PHE I 209 10.00 -75.57 -54.45
CA PHE I 209 10.34 -76.97 -54.26
C PHE I 209 9.22 -77.81 -54.83
N ASN I 210 9.55 -79.05 -55.17
CA ASN I 210 8.58 -80.04 -55.63
C ASN I 210 8.26 -80.99 -54.49
N ARG I 211 6.97 -81.11 -54.17
CA ARG I 211 6.52 -81.98 -53.08
C ARG I 211 7.03 -83.41 -53.28
N GLY I 212 7.74 -83.93 -52.28
CA GLY I 212 8.30 -85.25 -52.33
C GLY I 212 9.68 -85.36 -52.93
N GLU I 213 10.21 -84.30 -53.54
CA GLU I 213 11.55 -84.34 -54.10
C GLU I 213 12.55 -83.59 -53.23
N VAL J 2 -29.18 -69.15 3.59
CA VAL J 2 -30.28 -70.14 3.64
C VAL J 2 -29.98 -71.28 2.68
N VAL J 3 -30.37 -72.51 3.01
CA VAL J 3 -30.26 -73.70 2.16
C VAL J 3 -31.64 -74.33 1.96
N MET J 4 -31.89 -74.91 0.78
CA MET J 4 -33.12 -75.64 0.51
C MET J 4 -32.86 -77.03 -0.10
N THR J 5 -33.81 -77.92 0.16
CA THR J 5 -33.91 -79.27 -0.40
C THR J 5 -35.24 -79.39 -1.14
N GLN J 6 -35.30 -80.14 -2.25
CA GLN J 6 -36.54 -80.39 -3.00
C GLN J 6 -36.72 -81.91 -3.21
N SER J 7 -37.95 -82.45 -3.17
CA SER J 7 -38.16 -83.87 -3.39
C SER J 7 -39.49 -84.06 -4.10
N PRO J 8 -39.65 -85.13 -4.89
CA PRO J 8 -38.58 -86.01 -5.36
C PRO J 8 -37.72 -85.33 -6.44
N SER J 9 -36.51 -85.82 -6.71
CA SER J 9 -35.66 -85.28 -7.78
C SER J 9 -36.23 -85.58 -9.17
N THR J 10 -36.90 -86.73 -9.33
CA THR J 10 -37.64 -87.06 -10.53
C THR J 10 -39.00 -87.57 -10.13
N LEU J 11 -40.04 -87.03 -10.75
CA LEU J 11 -41.41 -87.44 -10.46
C LEU J 11 -42.00 -87.98 -11.76
N SER J 12 -42.41 -89.26 -11.76
CA SER J 12 -43.01 -89.88 -12.93
C SER J 12 -44.51 -90.03 -12.69
N ALA J 13 -45.32 -89.57 -13.64
CA ALA J 13 -46.77 -89.56 -13.45
C ALA J 13 -47.50 -89.71 -14.78
N SER J 14 -48.81 -89.91 -14.72
CA SER J 14 -49.59 -89.99 -15.93
C SER J 14 -50.31 -88.68 -16.20
N VAL J 15 -50.63 -88.47 -17.46
CA VAL J 15 -51.47 -87.34 -17.81
C VAL J 15 -52.76 -87.37 -17.00
N GLY J 16 -53.17 -86.21 -16.51
CA GLY J 16 -54.35 -86.09 -15.71
C GLY J 16 -54.15 -86.26 -14.22
N ASP J 17 -52.97 -86.70 -13.79
CA ASP J 17 -52.74 -86.95 -12.38
C ASP J 17 -52.69 -85.64 -11.60
N THR J 18 -52.96 -85.75 -10.32
CA THR J 18 -52.67 -84.72 -9.33
C THR J 18 -51.37 -85.09 -8.62
N ILE J 19 -50.36 -84.23 -8.73
CA ILE J 19 -49.01 -84.48 -8.19
C ILE J 19 -48.63 -83.37 -7.23
N THR J 20 -47.75 -83.70 -6.29
CA THR J 20 -47.20 -82.70 -5.36
C THR J 20 -45.69 -82.78 -5.39
N ILE J 21 -45.00 -81.63 -5.29
CA ILE J 21 -43.51 -81.57 -5.27
C ILE J 21 -43.17 -80.84 -3.98
N THR J 22 -42.31 -81.34 -3.12
CA THR J 22 -42.09 -80.68 -1.80
C THR J 22 -40.77 -79.92 -1.76
N CYS J 23 -40.69 -78.74 -1.17
CA CYS J 23 -39.49 -78.03 -0.79
C CYS J 23 -39.33 -77.85 0.69
N ARG J 24 -38.17 -78.17 1.23
CA ARG J 24 -37.92 -78.02 2.69
C ARG J 24 -36.79 -77.04 2.93
N ALA J 25 -37.00 -75.99 3.73
CA ALA J 25 -35.93 -75.03 4.04
C ALA J 25 -35.21 -75.47 5.32
N SER J 26 -33.87 -75.31 5.39
CA SER J 26 -33.03 -75.68 6.56
C SER J 26 -33.41 -74.84 7.79
N GLN J 27 -34.01 -73.66 7.59
CA GLN J 27 -34.46 -72.77 8.69
C GLN J 27 -35.73 -72.06 8.22
N SER J 28 -36.50 -71.45 9.12
CA SER J 28 -37.80 -70.81 8.76
C SER J 28 -37.57 -69.68 7.75
N ILE J 29 -38.32 -69.65 6.65
CA ILE J 29 -38.26 -68.55 5.63
C ILE J 29 -39.66 -67.91 5.53
N GLU J 30 -40.53 -68.11 6.54
CA GLU J 30 -41.89 -67.53 6.55
C GLU J 30 -42.60 -68.00 5.26
N THR J 31 -43.17 -67.11 4.46
CA THR J 31 -43.82 -67.45 3.16
C THR J 31 -42.99 -66.85 2.03
N TRP J 32 -41.72 -66.54 2.28
CA TRP J 32 -40.84 -65.90 1.27
C TRP J 32 -40.32 -66.99 0.32
N LEU J 33 -41.17 -67.72 -0.41
CA LEU J 33 -40.71 -68.75 -1.38
C LEU J 33 -41.52 -68.62 -2.68
N ALA J 34 -40.95 -68.97 -3.83
CA ALA J 34 -41.61 -68.88 -5.15
C ALA J 34 -41.45 -70.22 -5.88
N TRP J 35 -42.15 -70.47 -6.98
CA TRP J 35 -42.00 -71.72 -7.77
C TRP J 35 -41.81 -71.37 -9.24
N TYR J 36 -40.98 -72.12 -9.99
CA TYR J 36 -40.67 -71.81 -11.41
C TYR J 36 -40.85 -73.04 -12.29
N GLN J 37 -41.37 -72.90 -13.51
CA GLN J 37 -41.44 -74.01 -14.49
C GLN J 37 -40.29 -73.75 -15.47
N GLN J 38 -39.47 -74.75 -15.83
CA GLN J 38 -38.41 -74.55 -16.83
C GLN J 38 -38.44 -75.64 -17.90
N LYS J 39 -38.59 -75.28 -19.17
CA LYS J 39 -38.51 -76.25 -20.30
C LYS J 39 -37.05 -76.46 -20.70
N PRO J 40 -36.67 -77.59 -21.36
CA PRO J 40 -35.29 -77.74 -21.86
C PRO J 40 -34.90 -76.59 -22.79
N GLY J 41 -33.69 -76.02 -22.64
CA GLY J 41 -33.18 -74.96 -23.53
C GLY J 41 -33.88 -73.62 -23.34
N LYS J 42 -34.64 -73.42 -22.26
CA LYS J 42 -35.42 -72.18 -22.05
C LYS J 42 -35.13 -71.58 -20.67
N ALA J 43 -35.27 -70.26 -20.52
CA ALA J 43 -35.12 -69.57 -19.23
C ALA J 43 -36.33 -69.89 -18.34
N PRO J 44 -36.22 -69.99 -16.99
CA PRO J 44 -37.35 -70.35 -16.15
C PRO J 44 -38.53 -69.36 -16.17
N LYS J 45 -39.78 -69.84 -16.06
CA LYS J 45 -40.99 -68.98 -16.01
C LYS J 45 -41.58 -69.06 -14.60
N LEU J 46 -41.94 -67.93 -14.00
CA LEU J 46 -42.51 -67.88 -12.63
C LEU J 46 -43.91 -68.51 -12.60
N LEU J 47 -44.23 -69.32 -11.59
CA LEU J 47 -45.58 -69.90 -11.40
C LEU J 47 -46.25 -69.26 -10.17
N ILE J 48 -45.59 -69.33 -9.01
CA ILE J 48 -46.21 -68.89 -7.72
C ILE J 48 -45.17 -68.13 -6.89
N TYR J 49 -45.60 -67.22 -6.02
CA TYR J 49 -44.71 -66.45 -5.10
C TYR J 49 -45.48 -66.25 -3.80
N LYS J 50 -44.84 -65.67 -2.77
CA LYS J 50 -45.47 -65.50 -1.43
C LYS J 50 -46.03 -66.87 -1.02
N ALA J 51 -45.36 -67.96 -1.41
CA ALA J 51 -45.77 -69.36 -1.11
C ALA J 51 -46.97 -69.80 -1.95
N SER J 52 -48.11 -69.09 -1.93
CA SER J 52 -49.37 -69.51 -2.64
C SER J 52 -49.85 -68.55 -3.72
N THR J 53 -49.35 -67.31 -3.81
CA THR J 53 -49.89 -66.29 -4.76
C THR J 53 -49.65 -66.68 -6.22
N LEU J 54 -50.68 -67.10 -6.95
CA LEU J 54 -50.54 -67.53 -8.37
C LEU J 54 -50.25 -66.29 -9.22
N LYS J 55 -49.26 -66.35 -10.09
CA LYS J 55 -48.92 -65.22 -11.00
C LYS J 55 -50.08 -65.00 -11.97
N THR J 56 -50.35 -63.76 -12.36
CA THR J 56 -51.41 -63.42 -13.34
C THR J 56 -51.19 -64.24 -14.61
N GLY J 57 -52.18 -65.00 -15.08
CA GLY J 57 -52.10 -65.78 -16.33
C GLY J 57 -51.64 -67.21 -16.14
N VAL J 58 -51.12 -67.59 -14.96
CA VAL J 58 -50.70 -69.00 -14.68
C VAL J 58 -51.98 -69.83 -14.51
N PRO J 59 -52.12 -71.04 -15.12
CA PRO J 59 -53.37 -71.82 -15.02
C PRO J 59 -53.70 -72.18 -13.57
N SER J 60 -54.99 -72.26 -13.21
CA SER J 60 -55.48 -72.49 -11.83
C SER J 60 -55.06 -73.87 -11.30
N ARG J 61 -54.74 -74.83 -12.16
CA ARG J 61 -54.33 -76.21 -11.75
C ARG J 61 -53.06 -76.09 -10.90
N PHE J 62 -52.21 -75.08 -11.10
CA PHE J 62 -51.01 -74.88 -10.26
C PHE J 62 -51.43 -74.19 -8.96
N SER J 63 -51.01 -74.68 -7.80
CA SER J 63 -51.29 -74.05 -6.47
C SER J 63 -50.06 -74.29 -5.59
N GLY J 64 -49.83 -73.49 -4.56
CA GLY J 64 -48.73 -73.72 -3.61
C GLY J 64 -49.23 -73.48 -2.20
N SER J 65 -48.62 -74.09 -1.19
CA SER J 65 -49.02 -73.92 0.22
C SER J 65 -47.79 -74.08 1.10
N GLY J 66 -47.91 -73.83 2.40
CA GLY J 66 -46.80 -74.05 3.33
C GLY J 66 -46.28 -72.74 3.89
N SER J 67 -45.59 -72.81 5.01
CA SER J 67 -44.96 -71.64 5.67
C SER J 67 -43.87 -72.20 6.57
N GLY J 68 -42.92 -71.36 7.03
CA GLY J 68 -41.84 -71.82 7.90
C GLY J 68 -40.83 -72.61 7.09
N THR J 69 -40.79 -73.94 7.23
CA THR J 69 -39.75 -74.80 6.59
C THR J 69 -40.32 -75.82 5.59
N GLU J 70 -41.65 -75.98 5.46
CA GLU J 70 -42.24 -77.02 4.59
C GLU J 70 -43.12 -76.33 3.55
N PHE J 71 -42.86 -76.56 2.26
CA PHE J 71 -43.63 -75.94 1.16
C PHE J 71 -43.96 -77.03 0.15
N THR J 72 -45.12 -76.92 -0.52
CA THR J 72 -45.58 -77.90 -1.51
C THR J 72 -46.13 -77.17 -2.72
N LEU J 73 -45.80 -77.63 -3.92
CA LEU J 73 -46.39 -77.23 -5.20
C LEU J 73 -47.26 -78.38 -5.69
N THR J 74 -48.55 -78.14 -5.87
CA THR J 74 -49.50 -79.14 -6.35
C THR J 74 -49.92 -78.79 -7.77
N ILE J 75 -49.85 -79.76 -8.69
CA ILE J 75 -50.43 -79.62 -10.03
C ILE J 75 -51.61 -80.58 -10.08
N SER J 76 -52.83 -80.06 -10.19
CA SER J 76 -54.08 -80.82 -10.08
C SER J 76 -54.60 -81.11 -11.48
N GLY J 77 -54.16 -82.23 -12.05
CA GLY J 77 -54.53 -82.60 -13.42
C GLY J 77 -53.45 -82.28 -14.45
N LEU J 78 -52.35 -83.04 -14.43
CA LEU J 78 -51.21 -82.84 -15.33
C LEU J 78 -51.64 -82.83 -16.79
N GLN J 79 -51.30 -81.76 -17.50
CA GLN J 79 -51.44 -81.72 -18.95
C GLN J 79 -50.08 -81.93 -19.60
N PHE J 80 -50.09 -82.27 -20.89
CA PHE J 80 -48.82 -82.57 -21.54
C PHE J 80 -47.83 -81.43 -21.40
N ASP J 81 -48.26 -80.16 -21.38
CA ASP J 81 -47.38 -78.99 -21.19
C ASP J 81 -46.68 -78.96 -19.81
N ASP J 82 -47.25 -79.59 -18.79
CA ASP J 82 -46.78 -79.57 -17.41
C ASP J 82 -45.60 -80.53 -17.15
N PHE J 83 -45.25 -81.41 -18.09
CA PHE J 83 -44.10 -82.31 -17.95
C PHE J 83 -42.81 -81.56 -18.25
N ALA J 84 -42.16 -81.05 -17.20
CA ALA J 84 -41.06 -80.10 -17.27
C ALA J 84 -40.18 -80.16 -16.01
N THR J 85 -39.13 -79.35 -15.98
CA THR J 85 -38.37 -79.07 -14.75
C THR J 85 -39.16 -78.07 -13.89
N TYR J 86 -39.08 -78.23 -12.56
CA TYR J 86 -39.67 -77.30 -11.60
C TYR J 86 -38.71 -77.00 -10.45
N HIS J 87 -38.66 -75.73 -9.95
CA HIS J 87 -37.70 -75.32 -8.86
C HIS J 87 -38.30 -74.41 -7.77
N CYS J 88 -38.20 -74.75 -6.47
CA CYS J 88 -38.62 -73.86 -5.33
C CYS J 88 -37.54 -72.78 -5.21
N GLN J 89 -37.87 -71.52 -4.84
CA GLN J 89 -36.87 -70.41 -4.81
C GLN J 89 -37.11 -69.41 -3.67
N HIS J 90 -36.29 -69.43 -2.61
CA HIS J 90 -36.40 -68.46 -1.53
C HIS J 90 -35.94 -67.09 -2.05
N TYR J 91 -36.70 -66.03 -1.79
CA TYR J 91 -36.35 -64.70 -2.25
C TYR J 91 -36.43 -63.66 -1.11
N ALA J 92 -35.42 -62.80 -1.03
CA ALA J 92 -35.26 -61.79 0.00
C ALA J 92 -34.92 -60.44 -0.66
N GLY J 93 -35.00 -59.35 0.10
CA GLY J 93 -35.08 -57.98 -0.44
C GLY J 93 -34.07 -57.67 -1.53
N TYR J 94 -32.82 -58.12 -1.36
CA TYR J 94 -31.74 -57.91 -2.31
C TYR J 94 -30.95 -59.21 -2.63
N SER J 95 -31.56 -60.40 -2.51
CA SER J 95 -30.95 -61.70 -2.83
C SER J 95 -31.98 -62.84 -3.03
N ALA J 96 -31.52 -64.03 -3.38
CA ALA J 96 -32.33 -65.26 -3.49
C ALA J 96 -31.47 -66.51 -3.20
N THR J 97 -32.10 -67.69 -3.16
CA THR J 97 -31.43 -68.99 -3.35
C THR J 97 -32.45 -70.01 -3.88
N PHE J 98 -31.98 -71.06 -4.54
CA PHE J 98 -32.81 -72.12 -5.12
C PHE J 98 -32.49 -73.49 -4.51
N GLY J 99 -33.50 -74.36 -4.48
CA GLY J 99 -33.33 -75.81 -4.26
C GLY J 99 -32.82 -76.55 -5.50
N GLN J 100 -32.59 -77.86 -5.41
CA GLN J 100 -31.98 -78.67 -6.48
C GLN J 100 -32.87 -78.86 -7.73
N GLY J 101 -34.16 -78.54 -7.66
CA GLY J 101 -35.13 -78.83 -8.70
C GLY J 101 -35.72 -80.23 -8.65
N THR J 102 -36.85 -80.39 -9.33
CA THR J 102 -37.57 -81.66 -9.59
C THR J 102 -37.84 -81.74 -11.08
N ARG J 103 -37.68 -82.91 -11.70
CA ARG J 103 -38.03 -83.14 -13.11
C ARG J 103 -39.31 -83.98 -13.16
N VAL J 104 -40.35 -83.51 -13.83
CA VAL J 104 -41.63 -84.24 -13.97
C VAL J 104 -41.70 -84.90 -15.34
N GLU J 105 -41.89 -86.23 -15.42
CA GLU J 105 -41.86 -86.93 -16.69
C GLU J 105 -43.08 -87.84 -16.78
N ILE J 106 -43.35 -88.33 -18.00
CA ILE J 106 -44.44 -89.28 -18.20
C ILE J 106 -44.01 -90.69 -17.78
N LYS J 107 -44.82 -91.35 -16.96
CA LYS J 107 -44.45 -92.66 -16.46
C LYS J 107 -44.79 -93.73 -17.48
N ARG J 108 -43.93 -94.73 -17.60
CA ARG J 108 -44.19 -95.90 -18.43
C ARG J 108 -43.42 -97.06 -17.81
N THR J 109 -43.56 -98.26 -18.40
CA THR J 109 -42.79 -99.37 -17.84
C THR J 109 -41.28 -99.22 -18.12
N VAL J 110 -40.47 -99.90 -17.30
CA VAL J 110 -39.03 -99.93 -17.55
C VAL J 110 -38.77 -100.55 -18.92
N ALA J 111 -37.85 -99.93 -19.67
CA ALA J 111 -37.49 -100.42 -20.99
C ALA J 111 -35.97 -100.36 -21.08
N ALA J 112 -35.35 -101.50 -21.37
CA ALA J 112 -33.89 -101.48 -21.48
C ALA J 112 -33.47 -100.89 -22.82
N PRO J 113 -32.32 -100.20 -22.85
CA PRO J 113 -31.83 -99.66 -24.12
C PRO J 113 -31.46 -100.78 -25.07
N SER J 114 -31.75 -100.59 -26.35
CA SER J 114 -31.11 -101.35 -27.39
C SER J 114 -29.82 -100.61 -27.75
N VAL J 115 -28.69 -101.31 -27.68
CA VAL J 115 -27.36 -100.70 -27.80
C VAL J 115 -26.78 -101.01 -29.18
N PHE J 116 -26.19 -100.00 -29.80
CA PHE J 116 -25.52 -100.13 -31.10
C PHE J 116 -24.23 -99.32 -31.05
N ILE J 117 -23.16 -99.85 -31.64
CA ILE J 117 -21.89 -99.12 -31.73
C ILE J 117 -21.54 -98.96 -33.21
N PHE J 118 -21.07 -97.77 -33.58
CA PHE J 118 -20.71 -97.48 -34.95
C PHE J 118 -19.24 -97.07 -35.02
N PRO J 119 -18.42 -97.71 -35.85
CA PRO J 119 -17.03 -97.27 -36.01
C PRO J 119 -16.96 -96.02 -36.86
N PRO J 120 -15.82 -95.32 -36.85
CA PRO J 120 -15.68 -94.15 -37.73
C PRO J 120 -15.76 -94.53 -39.19
N SER J 121 -16.38 -93.66 -39.99
CA SER J 121 -16.41 -93.85 -41.43
C SER J 121 -15.01 -93.69 -42.01
N ASP J 122 -14.77 -94.39 -43.13
CA ASP J 122 -13.47 -94.28 -43.80
C ASP J 122 -13.19 -92.84 -44.21
N GLU J 123 -14.21 -92.14 -44.73
CA GLU J 123 -14.03 -90.76 -45.15
C GLU J 123 -13.48 -89.89 -44.03
N GLN J 124 -14.19 -89.85 -42.90
CA GLN J 124 -13.71 -89.06 -41.76
C GLN J 124 -12.32 -89.52 -41.33
N LEU J 125 -12.11 -90.83 -41.32
CA LEU J 125 -10.83 -91.36 -40.86
C LEU J 125 -9.69 -90.91 -41.76
N LYS J 126 -9.95 -90.73 -43.06
CA LYS J 126 -8.90 -90.27 -43.96
C LYS J 126 -8.55 -88.81 -43.70
N SER J 127 -9.48 -88.04 -43.14
CA SER J 127 -9.22 -86.65 -42.75
C SER J 127 -8.39 -86.52 -41.47
N GLY J 128 -8.20 -87.60 -40.71
CA GLY J 128 -7.36 -87.57 -39.53
C GLY J 128 -8.09 -87.61 -38.20
N THR J 129 -9.42 -87.79 -38.19
CA THR J 129 -10.20 -87.81 -36.97
C THR J 129 -11.11 -89.05 -36.95
N ALA J 130 -11.22 -89.68 -35.79
CA ALA J 130 -12.06 -90.87 -35.62
C ALA J 130 -13.15 -90.57 -34.60
N SER J 131 -14.43 -90.56 -35.01
CA SER J 131 -15.58 -90.37 -34.08
C SER J 131 -16.46 -91.62 -34.03
N VAL J 132 -16.19 -92.55 -33.10
CA VAL J 132 -17.08 -93.73 -32.89
C VAL J 132 -18.35 -93.16 -32.27
N VAL J 133 -19.51 -93.80 -32.45
CA VAL J 133 -20.79 -93.33 -31.85
C VAL J 133 -21.52 -94.51 -31.21
N CYS J 134 -21.78 -94.51 -29.91
CA CYS J 134 -22.58 -95.54 -29.24
C CYS J 134 -23.99 -95.01 -29.08
N LEU J 135 -24.99 -95.82 -29.42
CA LEU J 135 -26.40 -95.39 -29.39
C LEU J 135 -27.15 -96.26 -28.39
N LEU J 136 -27.86 -95.63 -27.47
CA LEU J 136 -28.76 -96.31 -26.54
C LEU J 136 -30.16 -95.91 -26.96
N ASN J 137 -30.93 -96.87 -27.49
CA ASN J 137 -32.17 -96.53 -28.17
C ASN J 137 -33.36 -96.96 -27.31
N ASN J 138 -34.27 -96.01 -27.08
CA ASN J 138 -35.62 -96.24 -26.54
C ASN J 138 -35.60 -96.90 -25.17
N PHE J 139 -35.03 -96.22 -24.19
CA PHE J 139 -34.95 -96.74 -22.83
C PHE J 139 -35.75 -95.87 -21.87
N TYR J 140 -36.07 -96.45 -20.70
CA TYR J 140 -36.81 -95.74 -19.67
C TYR J 140 -36.54 -96.46 -18.36
N PRO J 141 -36.23 -95.76 -17.26
CA PRO J 141 -36.20 -94.31 -17.08
C PRO J 141 -34.93 -93.68 -17.70
N ARG J 142 -34.75 -92.40 -17.43
CA ARG J 142 -33.75 -91.62 -18.18
C ARG J 142 -32.31 -91.93 -17.77
N GLU J 143 -32.09 -92.41 -16.56
CA GLU J 143 -30.73 -92.58 -16.05
C GLU J 143 -30.07 -93.74 -16.76
N ALA J 144 -28.99 -93.48 -17.45
CA ALA J 144 -28.23 -94.55 -18.06
C ALA J 144 -26.77 -94.14 -17.98
N LYS J 145 -25.89 -95.12 -17.97
CA LYS J 145 -24.47 -94.82 -17.87
C LYS J 145 -23.76 -95.53 -19.01
N VAL J 146 -22.91 -94.80 -19.72
CA VAL J 146 -22.12 -95.34 -20.80
C VAL J 146 -20.66 -95.18 -20.41
N GLN J 147 -19.89 -96.24 -20.53
CA GLN J 147 -18.46 -96.19 -20.33
C GLN J 147 -17.80 -96.74 -21.58
N TRP J 148 -16.79 -96.04 -22.07
CA TRP J 148 -16.05 -96.50 -23.23
C TRP J 148 -14.80 -97.20 -22.75
N LYS J 149 -14.46 -98.30 -23.41
CA LYS J 149 -13.23 -99.03 -23.13
C LYS J 149 -12.54 -99.34 -24.45
N VAL J 150 -11.26 -98.99 -24.53
CA VAL J 150 -10.41 -99.28 -25.68
C VAL J 150 -9.33 -100.23 -25.19
N ASP J 151 -9.31 -101.43 -25.78
CA ASP J 151 -8.42 -102.48 -25.29
C ASP J 151 -8.56 -102.64 -23.79
N ASN J 152 -9.81 -102.68 -23.33
CA ASN J 152 -10.14 -102.85 -21.92
C ASN J 152 -9.68 -101.68 -21.06
N ALA J 153 -9.35 -100.55 -21.68
CA ALA J 153 -8.89 -99.35 -20.97
C ALA J 153 -10.05 -98.37 -20.82
N LEU J 154 -10.41 -98.07 -19.57
CA LEU J 154 -11.50 -97.14 -19.30
C LEU J 154 -11.15 -95.74 -19.81
N GLN J 155 -11.98 -95.21 -20.71
CA GLN J 155 -11.74 -93.87 -21.20
C GLN J 155 -12.33 -92.84 -20.25
N SER J 156 -11.79 -91.62 -20.32
CA SER J 156 -12.23 -90.54 -19.46
C SER J 156 -11.82 -89.22 -20.12
N GLY J 157 -12.79 -88.31 -20.28
CA GLY J 157 -12.54 -86.97 -20.76
C GLY J 157 -12.54 -86.81 -22.26
N ASN J 158 -12.71 -87.89 -23.03
CA ASN J 158 -12.70 -87.82 -24.49
C ASN J 158 -14.04 -88.22 -25.13
N SER J 159 -15.14 -88.06 -24.40
CA SER J 159 -16.44 -88.39 -24.98
C SER J 159 -17.43 -87.32 -24.57
N GLN J 160 -18.46 -87.14 -25.40
CA GLN J 160 -19.59 -86.28 -25.08
C GLN J 160 -20.89 -87.03 -25.35
N GLU J 161 -21.92 -86.68 -24.58
CA GLU J 161 -23.21 -87.35 -24.62
C GLU J 161 -24.31 -86.36 -24.97
N SER J 162 -25.38 -86.87 -25.57
CA SER J 162 -26.58 -86.09 -25.79
C SER J 162 -27.79 -87.01 -25.63
N VAL J 163 -28.88 -86.50 -25.07
CA VAL J 163 -30.06 -87.32 -24.79
C VAL J 163 -31.30 -86.63 -25.35
N THR J 164 -32.22 -87.42 -25.93
CA THR J 164 -33.42 -86.83 -26.48
C THR J 164 -34.41 -86.54 -25.36
N GLU J 165 -35.41 -85.72 -25.67
CA GLU J 165 -36.56 -85.61 -24.78
C GLU J 165 -37.45 -86.84 -24.92
N GLN J 166 -38.41 -87.00 -23.99
CA GLN J 166 -39.29 -88.16 -24.03
C GLN J 166 -40.03 -88.25 -25.35
N ASP J 167 -39.97 -89.43 -25.97
CA ASP J 167 -40.64 -89.66 -27.24
C ASP J 167 -42.14 -89.44 -27.09
N SER J 168 -42.74 -88.74 -28.05
CA SER J 168 -44.15 -88.38 -27.97
C SER J 168 -45.08 -89.58 -28.08
N LYS J 169 -44.62 -90.66 -28.72
CA LYS J 169 -45.44 -91.84 -28.90
C LYS J 169 -45.19 -92.91 -27.86
N ASP J 170 -43.93 -93.18 -27.48
CA ASP J 170 -43.67 -94.27 -26.56
C ASP J 170 -43.02 -93.85 -25.24
N SER J 171 -42.82 -92.55 -25.02
CA SER J 171 -42.32 -92.00 -23.75
C SER J 171 -40.93 -92.51 -23.35
N THR J 172 -40.11 -93.01 -24.27
CA THR J 172 -38.77 -93.44 -23.97
C THR J 172 -37.79 -92.31 -24.26
N TYR J 173 -36.55 -92.52 -23.85
CA TYR J 173 -35.40 -91.66 -24.13
C TYR J 173 -34.41 -92.40 -25.02
N SER J 174 -33.61 -91.63 -25.76
CA SER J 174 -32.50 -92.21 -26.48
C SER J 174 -31.27 -91.36 -26.21
N LEU J 175 -30.11 -91.98 -26.32
CA LEU J 175 -28.84 -91.33 -25.95
C LEU J 175 -27.79 -91.67 -26.98
N SER J 176 -26.97 -90.68 -27.36
CA SER J 176 -25.84 -90.94 -28.23
C SER J 176 -24.60 -90.43 -27.52
N SER J 177 -23.55 -91.24 -27.55
CA SER J 177 -22.26 -90.89 -26.96
C SER J 177 -21.22 -90.98 -28.08
N THR J 178 -20.41 -89.93 -28.22
CA THR J 178 -19.39 -89.89 -29.26
C THR J 178 -18.04 -89.82 -28.58
N LEU J 179 -17.19 -90.80 -28.87
CA LEU J 179 -15.80 -90.83 -28.42
C LEU J 179 -14.97 -90.33 -29.58
N THR J 180 -14.21 -89.26 -29.35
CA THR J 180 -13.46 -88.62 -30.42
C THR J 180 -11.97 -88.80 -30.20
N LEU J 181 -11.27 -89.22 -31.25
CA LEU J 181 -9.84 -89.49 -31.20
C LEU J 181 -9.23 -89.14 -32.55
N SER J 182 -8.01 -88.61 -32.56
CA SER J 182 -7.29 -88.31 -33.82
C SER J 182 -7.04 -89.64 -34.53
N LYS J 183 -6.66 -89.64 -35.80
CA LYS J 183 -6.32 -90.88 -36.53
C LYS J 183 -5.07 -91.45 -35.85
N ALA J 184 -4.17 -90.59 -35.38
CA ALA J 184 -2.91 -91.02 -34.73
C ALA J 184 -3.20 -91.87 -33.49
N ASP J 185 -4.24 -91.54 -32.70
CA ASP J 185 -4.56 -92.24 -31.42
C ASP J 185 -5.49 -93.44 -31.64
N TYR J 186 -6.36 -93.42 -32.66
CA TYR J 186 -7.33 -94.47 -32.91
C TYR J 186 -6.65 -95.73 -33.43
N GLU J 187 -5.64 -95.58 -34.30
CA GLU J 187 -4.95 -96.73 -34.94
C GLU J 187 -4.06 -97.45 -33.93
N LYS J 188 -3.77 -96.82 -32.79
CA LYS J 188 -2.92 -97.43 -31.72
C LYS J 188 -3.60 -98.66 -31.12
N HIS J 189 -4.91 -98.62 -30.89
CA HIS J 189 -5.63 -99.70 -30.16
C HIS J 189 -6.66 -100.37 -31.06
N LYS J 190 -6.90 -101.68 -30.88
CA LYS J 190 -7.80 -102.47 -31.77
C LYS J 190 -9.25 -102.38 -31.27
N VAL J 191 -9.66 -103.17 -30.27
CA VAL J 191 -11.10 -103.24 -29.87
C VAL J 191 -11.61 -101.89 -29.33
N TYR J 192 -12.84 -101.48 -29.67
CA TYR J 192 -13.50 -100.26 -29.13
C TYR J 192 -14.85 -100.71 -28.60
N ALA J 193 -15.07 -100.66 -27.28
CA ALA J 193 -16.30 -101.20 -26.66
C ALA J 193 -17.14 -100.08 -26.02
N CYS J 194 -18.42 -100.31 -25.75
CA CYS J 194 -19.31 -99.34 -25.05
C CYS J 194 -20.10 -100.09 -23.96
N GLU J 195 -19.80 -99.91 -22.67
CA GLU J 195 -20.45 -100.65 -21.54
C GLU J 195 -21.63 -99.86 -20.99
N VAL J 196 -22.87 -100.36 -21.12
CA VAL J 196 -24.07 -99.63 -20.76
C VAL J 196 -24.65 -100.25 -19.51
N THR J 197 -24.99 -99.42 -18.52
CA THR J 197 -25.79 -99.86 -17.39
C THR J 197 -27.07 -99.05 -17.32
N HIS J 198 -28.14 -99.69 -16.85
CA HIS J 198 -29.45 -99.07 -16.88
C HIS J 198 -30.37 -99.90 -16.01
N GLN J 199 -31.40 -99.25 -15.44
CA GLN J 199 -32.28 -99.97 -14.52
C GLN J 199 -32.92 -101.20 -15.17
N GLY J 200 -33.09 -101.19 -16.48
CA GLY J 200 -33.65 -102.30 -17.22
C GLY J 200 -32.70 -103.43 -17.54
N LEU J 201 -31.42 -103.31 -17.18
CA LEU J 201 -30.40 -104.32 -17.44
C LEU J 201 -29.98 -104.91 -16.11
N SER J 202 -30.07 -106.24 -15.99
CA SER J 202 -29.67 -106.90 -14.75
C SER J 202 -28.15 -106.93 -14.62
N SER J 203 -27.43 -106.87 -15.73
CA SER J 203 -25.99 -106.74 -15.74
C SER J 203 -25.63 -105.83 -16.91
N PRO J 204 -24.47 -105.19 -16.87
CA PRO J 204 -24.11 -104.27 -17.95
C PRO J 204 -24.01 -104.97 -19.30
N VAL J 205 -24.39 -104.23 -20.34
CA VAL J 205 -24.34 -104.69 -21.73
C VAL J 205 -23.18 -103.98 -22.42
N THR J 206 -22.42 -104.75 -23.20
CA THR J 206 -21.27 -104.23 -23.93
C THR J 206 -21.41 -104.54 -25.41
N LYS J 207 -21.26 -103.52 -26.25
CA LYS J 207 -21.15 -103.67 -27.69
C LYS J 207 -19.75 -103.22 -28.10
N SER J 208 -19.11 -103.98 -28.98
CA SER J 208 -17.72 -103.71 -29.33
C SER J 208 -17.46 -104.01 -30.80
N PHE J 209 -16.32 -103.51 -31.28
CA PHE J 209 -15.82 -103.86 -32.61
C PHE J 209 -14.30 -103.84 -32.56
N ASN J 210 -13.69 -104.58 -33.48
CA ASN J 210 -12.24 -104.61 -33.63
C ASN J 210 -11.85 -103.70 -34.80
N ARG J 211 -10.92 -102.79 -34.54
CA ARG J 211 -10.50 -101.85 -35.58
C ARG J 211 -10.07 -102.63 -36.80
N GLY J 212 -10.69 -102.33 -37.94
CA GLY J 212 -10.44 -103.05 -39.17
C GLY J 212 -11.32 -104.28 -39.31
N GLU K 1 3.22 -43.93 -9.95
CA GLU K 1 2.65 -44.70 -11.10
C GLU K 1 1.16 -45.00 -10.89
N VAL K 2 0.40 -45.12 -11.99
CA VAL K 2 -1.03 -45.50 -12.04
C VAL K 2 -1.25 -46.51 -13.17
N GLN K 3 -2.34 -47.28 -13.12
CA GLN K 3 -2.54 -48.40 -14.04
C GLN K 3 -3.97 -48.52 -14.56
N LEU K 4 -4.10 -49.04 -15.77
CA LEU K 4 -5.35 -49.40 -16.44
C LEU K 4 -5.20 -50.83 -16.97
N VAL K 5 -6.27 -51.61 -17.02
CA VAL K 5 -6.21 -53.06 -17.25
C VAL K 5 -7.36 -53.53 -18.13
N GLU K 6 -7.14 -53.56 -19.45
CA GLU K 6 -8.14 -53.98 -20.43
C GLU K 6 -8.39 -55.49 -20.37
N SER K 7 -9.61 -55.93 -20.65
CA SER K 7 -10.05 -57.32 -20.58
C SER K 7 -11.20 -57.63 -21.53
N GLY K 8 -11.27 -58.89 -21.95
CA GLY K 8 -12.30 -59.45 -22.81
C GLY K 8 -11.86 -59.71 -24.26
N GLY K 9 -10.78 -59.09 -24.72
CA GLY K 9 -10.31 -59.22 -26.10
C GLY K 9 -9.85 -60.63 -26.48
N GLY K 10 -10.10 -61.06 -27.71
CA GLY K 10 -9.74 -62.36 -28.25
C GLY K 10 -10.12 -62.53 -29.71
N LEU K 11 -10.28 -63.77 -30.17
CA LEU K 11 -10.84 -64.07 -31.49
C LEU K 11 -12.35 -63.78 -31.56
N VAL K 12 -12.81 -63.32 -32.71
CA VAL K 12 -14.19 -62.95 -33.05
C VAL K 12 -14.46 -63.34 -34.51
N LYS K 13 -15.72 -63.41 -34.93
CA LYS K 13 -16.12 -63.61 -36.34
C LYS K 13 -16.81 -62.37 -36.90
N ALA K 14 -16.62 -62.07 -38.19
CA ALA K 14 -17.25 -60.92 -38.85
C ALA K 14 -18.79 -60.95 -38.70
N GLY K 15 -19.40 -59.81 -38.37
CA GLY K 15 -20.83 -59.73 -38.05
C GLY K 15 -21.24 -60.39 -36.72
N GLY K 16 -20.29 -61.01 -35.99
CA GLY K 16 -20.42 -61.37 -34.58
C GLY K 16 -20.16 -60.17 -33.65
N SER K 17 -20.31 -60.37 -32.34
CA SER K 17 -20.25 -59.29 -31.34
C SER K 17 -19.46 -59.66 -30.09
N LEU K 18 -18.79 -58.68 -29.50
CA LEU K 18 -17.91 -58.82 -28.33
C LEU K 18 -18.05 -57.58 -27.44
N ILE K 19 -17.69 -57.65 -26.16
CA ILE K 19 -17.63 -56.49 -25.25
C ILE K 19 -16.26 -56.41 -24.59
N LEU K 20 -15.55 -55.29 -24.72
CA LEU K 20 -14.34 -55.05 -23.94
C LEU K 20 -14.67 -54.35 -22.63
N SER K 21 -13.74 -54.41 -21.68
CA SER K 21 -13.80 -53.60 -20.47
C SER K 21 -12.42 -53.17 -20.01
N CYS K 22 -12.33 -52.12 -19.23
CA CYS K 22 -11.09 -51.63 -18.66
C CYS K 22 -11.30 -51.38 -17.18
N GLY K 23 -10.52 -52.03 -16.32
CA GLY K 23 -10.39 -51.67 -14.92
C GLY K 23 -9.25 -50.69 -14.69
N VAL K 24 -9.11 -50.17 -13.48
CA VAL K 24 -7.98 -49.29 -13.10
C VAL K 24 -7.40 -49.63 -11.73
N SER K 25 -6.20 -49.16 -11.45
CA SER K 25 -5.55 -49.25 -10.14
C SER K 25 -4.75 -48.00 -9.79
N ASN K 26 -4.62 -47.75 -8.49
CA ASN K 26 -4.00 -46.57 -7.90
C ASN K 26 -4.77 -45.24 -8.09
N PHE K 27 -5.91 -45.23 -8.77
CA PHE K 27 -6.71 -44.02 -9.02
C PHE K 27 -8.21 -44.32 -9.21
N ARG K 28 -9.04 -43.29 -9.15
CA ARG K 28 -10.50 -43.36 -9.38
C ARG K 28 -10.87 -42.74 -10.74
N ILE K 29 -11.69 -43.40 -11.55
CA ILE K 29 -12.12 -42.85 -12.85
C ILE K 29 -13.20 -41.79 -12.74
N SER K 30 -13.84 -41.65 -11.58
CA SER K 30 -14.94 -40.72 -11.34
C SER K 30 -14.62 -39.24 -11.64
N ALA K 31 -13.33 -38.88 -11.66
CA ALA K 31 -12.85 -37.55 -12.04
C ALA K 31 -12.62 -37.35 -13.55
N HIS K 32 -12.51 -38.41 -14.34
CA HIS K 32 -11.91 -38.41 -15.67
C HIS K 32 -12.88 -38.73 -16.80
N THR K 33 -12.70 -38.08 -17.94
CA THR K 33 -13.21 -38.54 -19.23
C THR K 33 -12.39 -39.74 -19.66
N MET K 34 -13.04 -40.85 -20.03
CA MET K 34 -12.37 -42.12 -20.35
C MET K 34 -12.52 -42.50 -21.81
N ASN K 35 -11.41 -42.92 -22.44
CA ASN K 35 -11.29 -43.04 -23.89
C ASN K 35 -10.84 -44.44 -24.32
N TRP K 36 -11.38 -44.90 -25.45
CA TRP K 36 -10.90 -46.08 -26.16
C TRP K 36 -10.15 -45.66 -27.42
N VAL K 37 -8.99 -46.27 -27.64
CA VAL K 37 -8.07 -46.08 -28.76
C VAL K 37 -7.74 -47.45 -29.33
N ARG K 38 -7.38 -47.57 -30.61
CA ARG K 38 -6.87 -48.83 -31.15
C ARG K 38 -5.64 -48.63 -32.04
N ARG K 39 -4.80 -49.64 -32.17
CA ARG K 39 -3.72 -49.69 -33.17
C ARG K 39 -4.04 -50.81 -34.15
N VAL K 40 -4.39 -50.46 -35.37
CA VAL K 40 -4.72 -51.44 -36.41
C VAL K 40 -3.45 -52.18 -36.90
N PRO K 41 -3.56 -53.33 -37.58
CA PRO K 41 -2.40 -54.02 -38.19
C PRO K 41 -1.53 -53.13 -39.09
N GLY K 42 -2.10 -52.09 -39.69
CA GLY K 42 -1.37 -51.04 -40.43
C GLY K 42 -0.47 -50.11 -39.60
N GLY K 43 -0.47 -50.22 -38.27
CA GLY K 43 0.47 -49.54 -37.37
C GLY K 43 0.04 -48.15 -36.84
N GLY K 44 -1.02 -47.53 -37.36
CA GLY K 44 -1.48 -46.21 -36.90
C GLY K 44 -2.43 -46.26 -35.71
N LEU K 45 -2.39 -45.27 -34.81
CA LEU K 45 -3.41 -45.09 -33.77
C LEU K 45 -4.69 -44.47 -34.34
N GLU K 46 -5.82 -45.09 -34.03
CA GLU K 46 -7.17 -44.57 -34.23
C GLU K 46 -7.83 -44.32 -32.89
N TRP K 47 -8.39 -43.13 -32.64
CA TRP K 47 -9.36 -42.97 -31.55
C TRP K 47 -10.65 -43.73 -31.88
N VAL K 48 -11.36 -44.24 -30.87
CA VAL K 48 -12.50 -45.16 -31.03
C VAL K 48 -13.76 -44.63 -30.36
N ALA K 49 -13.68 -44.24 -29.09
CA ALA K 49 -14.79 -43.66 -28.34
C ALA K 49 -14.31 -42.86 -27.13
N SER K 50 -15.17 -42.02 -26.58
CA SER K 50 -14.98 -41.50 -25.23
C SER K 50 -16.28 -41.26 -24.49
N ILE K 51 -16.21 -41.27 -23.17
CA ILE K 51 -17.31 -40.95 -22.28
C ILE K 51 -16.86 -39.98 -21.19
N SER K 52 -17.58 -38.87 -21.07
CA SER K 52 -17.24 -37.77 -20.19
C SER K 52 -17.26 -38.15 -18.72
N THR K 53 -16.62 -37.32 -17.90
CA THR K 53 -16.93 -37.22 -16.48
C THR K 53 -18.44 -37.09 -16.29
N SER K 54 -18.98 -37.61 -15.19
CA SER K 54 -20.41 -37.69 -14.90
C SER K 54 -21.25 -38.48 -15.92
N SER K 55 -20.63 -39.25 -16.82
CA SER K 55 -21.34 -40.04 -17.87
C SER K 55 -22.26 -39.22 -18.79
N THR K 56 -22.05 -37.92 -18.88
CA THR K 56 -22.95 -36.97 -19.57
C THR K 56 -22.95 -37.20 -21.07
N TYR K 57 -21.78 -37.06 -21.70
CA TYR K 57 -21.62 -37.09 -23.15
C TYR K 57 -20.77 -38.28 -23.58
N ARG K 58 -21.29 -39.03 -24.55
CA ARG K 58 -20.63 -40.16 -25.23
C ARG K 58 -20.35 -39.77 -26.67
N ASP K 59 -19.13 -39.98 -27.14
CA ASP K 59 -18.71 -39.70 -28.52
C ASP K 59 -17.88 -40.86 -29.11
N TYR K 60 -17.79 -40.91 -30.43
CA TYR K 60 -17.24 -42.02 -31.19
C TYR K 60 -16.46 -41.53 -32.41
N ALA K 61 -15.47 -42.30 -32.87
CA ALA K 61 -14.92 -42.13 -34.21
C ALA K 61 -15.90 -42.70 -35.26
N ASP K 62 -15.97 -42.07 -36.43
CA ASP K 62 -17.05 -42.28 -37.39
C ASP K 62 -17.09 -43.68 -38.03
N ALA K 63 -15.99 -44.44 -37.97
CA ALA K 63 -15.96 -45.84 -38.37
C ALA K 63 -16.72 -46.79 -37.42
N VAL K 64 -16.89 -46.40 -36.15
CA VAL K 64 -17.52 -47.22 -35.10
C VAL K 64 -18.79 -46.59 -34.50
N LYS K 65 -18.99 -45.28 -34.68
CA LYS K 65 -20.20 -44.53 -34.34
C LYS K 65 -21.45 -45.29 -34.82
N GLY K 66 -22.45 -45.42 -33.96
CA GLY K 66 -23.67 -46.20 -34.18
C GLY K 66 -23.52 -47.71 -33.98
N ARG K 67 -22.39 -48.31 -34.35
CA ARG K 67 -22.12 -49.76 -34.20
C ARG K 67 -21.70 -50.13 -32.78
N PHE K 68 -20.80 -49.34 -32.20
CA PHE K 68 -20.30 -49.52 -30.84
C PHE K 68 -21.14 -48.74 -29.83
N THR K 69 -21.10 -49.15 -28.56
CA THR K 69 -21.57 -48.36 -27.41
C THR K 69 -20.53 -48.33 -26.31
N VAL K 70 -20.09 -47.14 -25.90
CA VAL K 70 -19.25 -46.95 -24.71
C VAL K 70 -20.13 -46.83 -23.46
N SER K 71 -19.64 -47.30 -22.33
CA SER K 71 -20.34 -47.34 -21.04
C SER K 71 -19.37 -47.16 -19.87
N ARG K 72 -19.86 -46.76 -18.69
CA ARG K 72 -19.00 -46.66 -17.50
C ARG K 72 -19.69 -46.99 -16.17
N ASP K 73 -18.87 -47.22 -15.17
CA ASP K 73 -19.18 -47.50 -13.77
C ASP K 73 -18.22 -46.73 -12.87
N ASP K 74 -18.63 -45.55 -12.41
CA ASP K 74 -17.81 -44.64 -11.61
C ASP K 74 -17.50 -45.13 -10.20
N LEU K 75 -18.21 -46.16 -9.72
CA LEU K 75 -18.16 -46.66 -8.35
C LEU K 75 -17.09 -47.75 -8.19
N GLU K 76 -17.19 -48.84 -8.97
CA GLU K 76 -16.17 -49.88 -9.00
C GLU K 76 -14.99 -49.56 -9.93
N ASP K 77 -15.04 -48.44 -10.65
CA ASP K 77 -14.01 -47.94 -11.57
C ASP K 77 -13.78 -48.81 -12.81
N PHE K 78 -14.86 -49.07 -13.56
CA PHE K 78 -14.81 -49.82 -14.81
C PHE K 78 -15.39 -49.04 -15.98
N VAL K 79 -14.84 -49.27 -17.16
CA VAL K 79 -15.30 -48.73 -18.43
C VAL K 79 -15.60 -49.90 -19.35
N TYR K 80 -16.57 -49.79 -20.24
CA TYR K 80 -16.99 -50.87 -21.14
C TYR K 80 -17.09 -50.39 -22.58
N LEU K 81 -17.01 -51.31 -23.54
CA LEU K 81 -17.18 -51.01 -24.96
C LEU K 81 -17.87 -52.19 -25.65
N GLN K 82 -19.18 -52.11 -25.86
CA GLN K 82 -19.89 -53.11 -26.67
C GLN K 82 -19.57 -52.94 -28.14
N MET K 83 -19.27 -54.02 -28.84
CA MET K 83 -18.87 -54.01 -30.24
C MET K 83 -19.82 -54.89 -31.03
N HIS K 84 -20.99 -54.35 -31.36
CA HIS K 84 -22.01 -55.08 -32.12
C HIS K 84 -21.65 -55.15 -33.60
N LYS K 85 -21.77 -56.36 -34.16
CA LYS K 85 -21.58 -56.68 -35.58
C LYS K 85 -20.28 -56.08 -36.12
N MET K 86 -19.17 -56.63 -35.64
CA MET K 86 -17.84 -56.16 -35.97
C MET K 86 -17.49 -56.33 -37.44
N ARG K 87 -16.65 -55.43 -37.95
CA ARG K 87 -16.06 -55.48 -39.28
C ARG K 87 -14.67 -56.11 -39.23
N VAL K 88 -14.14 -56.62 -40.34
CA VAL K 88 -12.79 -57.20 -40.38
C VAL K 88 -11.73 -56.18 -39.96
N GLU K 89 -11.86 -54.91 -40.37
CA GLU K 89 -10.97 -53.80 -39.98
C GLU K 89 -11.16 -53.27 -38.55
N ASP K 90 -12.14 -53.78 -37.79
CA ASP K 90 -12.15 -53.62 -36.33
C ASP K 90 -11.10 -54.51 -35.62
N THR K 91 -10.40 -55.39 -36.34
CA THR K 91 -9.19 -56.08 -35.86
C THR K 91 -8.12 -55.06 -35.46
N ALA K 92 -7.69 -55.07 -34.20
CA ALA K 92 -6.67 -54.16 -33.68
C ALA K 92 -6.21 -54.57 -32.29
N ILE K 93 -5.13 -53.97 -31.78
CA ILE K 93 -4.97 -53.85 -30.32
C ILE K 93 -5.90 -52.73 -29.85
N TYR K 94 -6.73 -52.95 -28.83
CA TYR K 94 -7.66 -51.93 -28.26
C TYR K 94 -7.17 -51.45 -26.89
N TYR K 95 -6.72 -50.20 -26.76
CA TYR K 95 -6.19 -49.65 -25.48
C TYR K 95 -7.28 -48.86 -24.76
N CYS K 96 -7.23 -48.71 -23.44
CA CYS K 96 -8.15 -47.84 -22.66
C CYS K 96 -7.22 -46.82 -22.01
N ALA K 97 -7.39 -45.52 -22.27
CA ALA K 97 -6.50 -44.46 -21.73
C ALA K 97 -7.38 -43.40 -21.10
N ARG K 98 -6.91 -42.67 -20.07
CA ARG K 98 -7.72 -41.67 -19.35
C ARG K 98 -7.36 -40.28 -19.85
N LYS K 99 -8.32 -39.38 -20.14
CA LYS K 99 -7.95 -37.99 -20.44
C LYS K 99 -7.48 -37.39 -19.11
N GLY K 100 -6.34 -36.74 -19.04
CA GLY K 100 -5.80 -36.40 -17.73
C GLY K 100 -4.55 -35.56 -17.69
N SER K 101 -4.31 -35.02 -16.49
CA SER K 101 -3.25 -34.07 -16.14
C SER K 101 -3.10 -34.01 -14.62
N ASP K 102 -1.99 -33.48 -14.09
CA ASP K 102 -1.80 -33.24 -12.65
C ASP K 102 -2.90 -32.32 -12.08
N ARG K 103 -3.16 -31.20 -12.78
CA ARG K 103 -4.37 -30.37 -12.63
C ARG K 103 -5.23 -30.55 -13.87
N LEU K 104 -6.46 -31.01 -13.71
CA LEU K 104 -7.38 -31.28 -14.83
C LEU K 104 -7.91 -29.97 -15.46
N SER K 105 -8.35 -30.02 -16.71
CA SER K 105 -8.96 -28.89 -17.43
C SER K 105 -10.03 -29.36 -18.42
N ASP K 106 -10.87 -28.46 -18.93
CA ASP K 106 -11.83 -28.78 -20.00
C ASP K 106 -11.20 -29.31 -21.30
N ASN K 107 -9.87 -29.31 -21.45
CA ASN K 107 -9.19 -30.04 -22.51
C ASN K 107 -7.75 -30.46 -22.17
N ASP K 108 -7.50 -31.76 -22.05
CA ASP K 108 -6.20 -32.41 -21.76
C ASP K 108 -5.90 -33.62 -22.68
N PRO K 109 -4.64 -34.08 -22.81
CA PRO K 109 -4.26 -35.30 -23.55
C PRO K 109 -4.42 -36.57 -22.69
N PHE K 110 -3.93 -37.72 -23.17
CA PHE K 110 -4.09 -39.02 -22.51
C PHE K 110 -2.86 -39.40 -21.67
N ASP K 111 -2.78 -38.99 -20.41
CA ASP K 111 -1.54 -39.09 -19.63
C ASP K 111 -1.27 -40.47 -18.97
N ALA K 112 -2.22 -41.39 -19.00
CA ALA K 112 -2.02 -42.79 -18.62
C ALA K 112 -2.85 -43.73 -19.52
N TRP K 113 -2.24 -44.86 -19.87
CA TRP K 113 -2.75 -45.89 -20.79
C TRP K 113 -2.55 -47.28 -20.19
N GLY K 114 -3.46 -48.21 -20.46
CA GLY K 114 -3.25 -49.63 -20.15
C GLY K 114 -2.46 -50.35 -21.25
N PRO K 115 -1.90 -51.55 -20.99
CA PRO K 115 -1.05 -52.27 -21.94
C PRO K 115 -1.76 -52.72 -23.22
N GLY K 116 -3.08 -52.57 -23.29
CA GLY K 116 -3.87 -52.91 -24.47
C GLY K 116 -4.22 -54.41 -24.53
N THR K 117 -5.30 -54.73 -25.22
CA THR K 117 -5.77 -56.09 -25.42
C THR K 117 -6.06 -56.35 -26.90
N VAL K 118 -5.65 -57.49 -27.43
CA VAL K 118 -5.80 -57.85 -28.84
C VAL K 118 -7.24 -58.28 -29.15
N VAL K 119 -7.81 -57.81 -30.24
CA VAL K 119 -9.07 -58.30 -30.81
C VAL K 119 -8.81 -58.68 -32.26
N THR K 120 -9.19 -59.88 -32.67
CA THR K 120 -9.09 -60.32 -34.07
C THR K 120 -10.47 -60.66 -34.61
N VAL K 121 -10.91 -59.97 -35.65
CA VAL K 121 -12.18 -60.27 -36.32
C VAL K 121 -11.90 -61.11 -37.57
N SER K 122 -11.95 -62.43 -37.43
CA SER K 122 -11.79 -63.35 -38.56
C SER K 122 -12.90 -63.15 -39.62
N PRO K 123 -12.60 -63.23 -40.92
CA PRO K 123 -13.52 -62.75 -41.96
C PRO K 123 -14.69 -63.70 -42.30
N ALA K 124 -14.68 -64.92 -41.78
CA ALA K 124 -15.69 -65.94 -42.06
C ALA K 124 -16.96 -65.71 -41.21
N SER K 125 -17.90 -64.91 -41.73
CA SER K 125 -19.17 -64.58 -41.04
C SER K 125 -20.10 -65.78 -40.85
N THR K 126 -20.28 -66.59 -41.90
CA THR K 126 -20.96 -67.89 -41.85
C THR K 126 -20.12 -68.96 -42.56
N LYS K 127 -20.13 -70.17 -42.03
CA LYS K 127 -19.47 -71.36 -42.57
C LYS K 127 -20.52 -72.40 -42.96
N GLY K 128 -20.49 -72.85 -44.21
CA GLY K 128 -21.40 -73.88 -44.70
C GLY K 128 -21.01 -75.30 -44.26
N PRO K 129 -21.97 -76.21 -44.05
CA PRO K 129 -21.69 -77.54 -43.54
C PRO K 129 -20.93 -78.45 -44.50
N SER K 130 -20.26 -79.44 -43.91
CA SER K 130 -19.94 -80.72 -44.56
C SER K 130 -21.03 -81.73 -44.16
N VAL K 131 -21.40 -82.64 -45.06
CA VAL K 131 -22.35 -83.72 -44.78
C VAL K 131 -21.73 -85.07 -45.12
N PHE K 132 -21.80 -86.02 -44.19
CA PHE K 132 -21.21 -87.35 -44.27
C PHE K 132 -22.27 -88.44 -44.02
N PRO K 133 -22.21 -89.61 -44.67
CA PRO K 133 -23.24 -90.64 -44.49
C PRO K 133 -22.99 -91.46 -43.23
N LEU K 134 -24.09 -91.80 -42.54
CA LEU K 134 -24.08 -92.78 -41.47
C LEU K 134 -24.66 -94.07 -42.07
N ALA K 135 -23.76 -94.97 -42.53
CA ALA K 135 -24.18 -96.07 -43.38
C ALA K 135 -24.78 -97.21 -42.56
N PRO K 136 -25.94 -97.77 -43.01
CA PRO K 136 -26.57 -98.89 -42.32
C PRO K 136 -25.59 -100.06 -42.41
N SER K 137 -25.25 -100.66 -41.27
CA SER K 137 -24.29 -101.79 -41.22
C SER K 137 -24.75 -102.90 -42.18
N GLY K 146 -35.21 -107.55 -39.87
CA GLY K 146 -35.38 -106.73 -38.68
C GLY K 146 -35.39 -105.26 -39.08
N THR K 147 -34.89 -104.42 -38.18
CA THR K 147 -34.83 -102.98 -38.42
C THR K 147 -33.38 -102.51 -38.48
N ALA K 148 -33.09 -101.63 -39.44
CA ALA K 148 -31.77 -101.04 -39.59
C ALA K 148 -31.84 -99.53 -39.38
N ALA K 149 -30.71 -98.96 -38.97
CA ALA K 149 -30.58 -97.52 -38.75
C ALA K 149 -29.56 -96.93 -39.69
N LEU K 150 -29.89 -95.78 -40.30
CA LEU K 150 -28.96 -95.01 -41.12
C LEU K 150 -29.15 -93.53 -40.83
N GLY K 151 -28.22 -92.71 -41.33
CA GLY K 151 -28.38 -91.27 -41.15
C GLY K 151 -27.30 -90.46 -41.85
N CYS K 152 -27.30 -89.17 -41.54
CA CYS K 152 -26.33 -88.21 -42.04
C CYS K 152 -25.69 -87.49 -40.87
N LEU K 153 -24.39 -87.17 -40.98
CA LEU K 153 -23.64 -86.43 -39.92
C LEU K 153 -23.27 -85.03 -40.44
N VAL K 154 -24.13 -84.03 -40.23
CA VAL K 154 -23.83 -82.62 -40.62
C VAL K 154 -22.70 -82.17 -39.68
N LYS K 155 -21.73 -81.36 -40.13
CA LYS K 155 -20.55 -81.00 -39.30
C LYS K 155 -19.94 -79.65 -39.70
N ASP K 156 -19.11 -79.04 -38.84
CA ASP K 156 -18.37 -77.78 -39.14
C ASP K 156 -19.25 -76.75 -39.87
N TYR K 157 -20.34 -76.27 -39.25
CA TYR K 157 -21.21 -75.20 -39.83
C TYR K 157 -21.44 -74.11 -38.77
N PHE K 158 -21.49 -72.84 -39.17
CA PHE K 158 -21.73 -71.71 -38.27
C PHE K 158 -22.52 -70.60 -38.97
N PRO K 159 -23.45 -69.89 -38.29
CA PRO K 159 -24.07 -70.20 -37.00
C PRO K 159 -25.17 -71.27 -37.14
N GLU K 160 -25.92 -71.57 -36.06
CA GLU K 160 -27.15 -72.33 -36.17
C GLU K 160 -28.21 -71.49 -36.90
N PRO K 161 -29.26 -72.14 -37.43
CA PRO K 161 -29.45 -73.58 -37.39
C PRO K 161 -29.27 -74.26 -38.74
N VAL K 162 -29.27 -75.59 -38.74
CA VAL K 162 -29.39 -76.44 -39.93
C VAL K 162 -30.70 -77.22 -39.85
N THR K 163 -31.44 -77.32 -40.96
CA THR K 163 -32.63 -78.18 -41.05
C THR K 163 -32.31 -79.38 -41.92
N VAL K 164 -32.91 -80.52 -41.58
CA VAL K 164 -32.69 -81.77 -42.30
C VAL K 164 -34.05 -82.38 -42.59
N SER K 165 -34.23 -82.83 -43.82
CA SER K 165 -35.36 -83.68 -44.17
C SER K 165 -34.83 -84.95 -44.83
N TRP K 166 -35.71 -85.92 -45.03
CA TRP K 166 -35.33 -87.17 -45.67
C TRP K 166 -36.24 -87.41 -46.87
N ASN K 167 -35.63 -87.74 -48.00
CA ASN K 167 -36.37 -87.96 -49.24
C ASN K 167 -37.34 -86.81 -49.49
N SER K 168 -36.82 -85.59 -49.37
CA SER K 168 -37.57 -84.37 -49.65
C SER K 168 -38.86 -84.27 -48.84
N GLY K 169 -38.86 -84.87 -47.64
CA GLY K 169 -39.99 -84.79 -46.75
C GLY K 169 -40.97 -85.94 -46.83
N ALA K 170 -40.73 -86.90 -47.72
CA ALA K 170 -41.62 -88.05 -47.84
C ALA K 170 -41.37 -89.08 -46.74
N LEU K 171 -40.16 -89.11 -46.20
CA LEU K 171 -39.80 -90.05 -45.13
C LEU K 171 -39.73 -89.26 -43.82
N THR K 172 -40.76 -89.40 -42.98
CA THR K 172 -40.77 -88.73 -41.69
C THR K 172 -40.81 -89.71 -40.52
N SER K 173 -41.55 -90.79 -40.66
CA SER K 173 -41.64 -91.78 -39.59
C SER K 173 -40.26 -92.34 -39.26
N GLY K 174 -39.98 -92.42 -37.96
CA GLY K 174 -38.71 -92.98 -37.50
C GLY K 174 -37.53 -92.03 -37.56
N VAL K 175 -37.73 -90.76 -37.89
CA VAL K 175 -36.60 -89.83 -38.03
C VAL K 175 -36.34 -89.12 -36.69
N HIS K 176 -35.07 -89.06 -36.31
CA HIS K 176 -34.59 -88.27 -35.18
C HIS K 176 -33.45 -87.38 -35.67
N THR K 177 -33.68 -86.08 -35.66
CA THR K 177 -32.62 -85.09 -35.89
C THR K 177 -32.25 -84.52 -34.53
N PHE K 178 -31.01 -84.67 -34.14
CA PHE K 178 -30.59 -84.37 -32.78
C PHE K 178 -30.23 -82.90 -32.62
N PRO K 179 -30.30 -82.38 -31.39
CA PRO K 179 -29.75 -81.04 -31.14
C PRO K 179 -28.29 -80.97 -31.54
N ALA K 180 -27.90 -79.82 -32.07
CA ALA K 180 -26.50 -79.61 -32.39
C ALA K 180 -25.67 -79.58 -31.11
N VAL K 181 -24.40 -79.93 -31.24
CA VAL K 181 -23.42 -79.76 -30.18
C VAL K 181 -22.41 -78.72 -30.66
N LEU K 182 -21.94 -77.89 -29.73
CA LEU K 182 -20.90 -76.90 -30.00
C LEU K 182 -19.56 -77.53 -29.67
N GLN K 183 -18.71 -77.70 -30.68
CA GLN K 183 -17.38 -78.28 -30.56
C GLN K 183 -16.37 -77.27 -30.00
N SER K 184 -15.27 -77.76 -29.42
CA SER K 184 -14.16 -76.92 -28.92
C SER K 184 -13.42 -76.12 -30.02
N SER K 185 -13.70 -76.36 -31.30
CA SER K 185 -13.30 -75.51 -32.43
C SER K 185 -14.16 -74.24 -32.62
N GLY K 186 -15.28 -74.11 -31.92
CA GLY K 186 -16.24 -73.01 -32.09
C GLY K 186 -17.28 -73.24 -33.19
N LEU K 187 -17.39 -74.45 -33.74
CA LEU K 187 -18.28 -74.82 -34.84
C LEU K 187 -19.28 -75.91 -34.43
N TYR K 188 -20.44 -75.97 -35.09
CA TYR K 188 -21.53 -76.86 -34.66
C TYR K 188 -21.55 -78.15 -35.48
N SER K 189 -22.17 -79.18 -34.88
CA SER K 189 -22.28 -80.51 -35.53
C SER K 189 -23.53 -81.22 -35.01
N LEU K 190 -24.33 -81.78 -35.92
CA LEU K 190 -25.53 -82.54 -35.51
C LEU K 190 -25.69 -83.77 -36.40
N SER K 191 -26.39 -84.78 -35.89
CA SER K 191 -26.65 -85.99 -36.69
C SER K 191 -28.17 -86.18 -36.80
N SER K 192 -28.61 -86.66 -37.97
CA SER K 192 -30.02 -86.98 -38.22
C SER K 192 -30.08 -88.44 -38.61
N VAL K 193 -30.91 -89.24 -37.92
CA VAL K 193 -30.97 -90.67 -38.19
C VAL K 193 -32.41 -91.06 -38.45
N VAL K 194 -32.55 -92.25 -39.01
CA VAL K 194 -33.86 -92.84 -39.26
C VAL K 194 -33.70 -94.35 -39.18
N THR K 195 -34.70 -95.02 -38.62
CA THR K 195 -34.74 -96.48 -38.61
C THR K 195 -35.73 -96.94 -39.68
N VAL K 196 -35.35 -97.98 -40.42
CA VAL K 196 -36.18 -98.47 -41.51
C VAL K 196 -36.09 -99.98 -41.58
N PRO K 197 -37.02 -100.61 -42.29
CA PRO K 197 -36.97 -102.07 -42.48
C PRO K 197 -35.68 -102.47 -43.18
N SER K 198 -35.02 -103.51 -42.65
CA SER K 198 -33.80 -103.99 -43.30
C SER K 198 -34.07 -104.45 -44.72
N SER K 199 -35.29 -104.90 -45.01
CA SER K 199 -35.61 -105.41 -46.35
C SER K 199 -35.58 -104.32 -47.41
N SER K 200 -35.76 -103.06 -47.03
CA SER K 200 -35.79 -101.95 -47.98
C SER K 200 -34.40 -101.42 -48.34
N LEU K 201 -33.34 -101.94 -47.71
CA LEU K 201 -31.99 -101.42 -47.95
C LEU K 201 -31.51 -101.65 -49.39
N GLY K 202 -32.04 -102.63 -50.10
CA GLY K 202 -31.59 -102.86 -51.46
C GLY K 202 -32.29 -102.01 -52.50
N THR K 203 -33.59 -101.75 -52.31
CA THR K 203 -34.42 -101.04 -53.28
C THR K 203 -34.60 -99.57 -52.95
N GLN K 204 -34.99 -99.25 -51.72
CA GLN K 204 -35.35 -97.88 -51.37
C GLN K 204 -34.11 -96.99 -51.29
N THR K 205 -34.18 -95.83 -51.92
CA THR K 205 -33.13 -94.82 -51.84
C THR K 205 -33.42 -93.85 -50.70
N TYR K 206 -32.39 -93.54 -49.93
CA TYR K 206 -32.53 -92.65 -48.78
C TYR K 206 -31.63 -91.44 -48.95
N ILE K 207 -32.24 -90.26 -49.02
CA ILE K 207 -31.54 -89.01 -49.23
C ILE K 207 -31.91 -88.05 -48.10
N CYS K 208 -30.90 -87.53 -47.41
CA CYS K 208 -31.10 -86.52 -46.39
C CYS K 208 -30.85 -85.15 -47.02
N ASN K 209 -31.80 -84.24 -46.84
CA ASN K 209 -31.72 -82.89 -47.40
C ASN K 209 -31.31 -81.93 -46.30
N VAL K 210 -30.06 -81.48 -46.35
CA VAL K 210 -29.46 -80.59 -45.36
C VAL K 210 -29.48 -79.17 -45.91
N ASN K 211 -30.16 -78.25 -45.20
CA ASN K 211 -30.27 -76.86 -45.61
C ASN K 211 -29.64 -75.98 -44.53
N HIS K 212 -28.75 -75.07 -44.89
CA HIS K 212 -28.11 -74.14 -43.98
C HIS K 212 -28.36 -72.73 -44.49
N LYS K 213 -29.49 -72.13 -44.09
CA LYS K 213 -29.90 -70.83 -44.62
C LYS K 213 -28.87 -69.74 -44.40
N PRO K 214 -28.17 -69.63 -43.23
CA PRO K 214 -27.17 -68.59 -42.99
C PRO K 214 -26.02 -68.52 -44.00
N SER K 215 -25.56 -69.68 -44.49
CA SER K 215 -24.58 -69.74 -45.59
C SER K 215 -25.21 -69.93 -46.98
N ASN K 216 -26.54 -70.06 -47.09
CA ASN K 216 -27.23 -70.40 -48.33
C ASN K 216 -26.65 -71.67 -48.95
N THR K 217 -26.40 -72.68 -48.13
CA THR K 217 -25.85 -73.98 -48.53
C THR K 217 -26.93 -75.04 -48.46
N LYS K 218 -27.12 -75.79 -49.55
CA LYS K 218 -28.00 -76.96 -49.58
C LYS K 218 -27.20 -78.16 -50.06
N VAL K 219 -27.29 -79.28 -49.35
CA VAL K 219 -26.63 -80.55 -49.70
C VAL K 219 -27.63 -81.69 -49.63
N ASP K 220 -27.70 -82.47 -50.72
CA ASP K 220 -28.48 -83.71 -50.79
C ASP K 220 -27.50 -84.87 -50.82
N LYS K 221 -27.52 -85.70 -49.79
CA LYS K 221 -26.61 -86.83 -49.67
C LYS K 221 -27.42 -88.13 -49.68
N LYS K 222 -27.02 -89.05 -50.57
CA LYS K 222 -27.61 -90.38 -50.62
C LYS K 222 -26.86 -91.31 -49.68
N VAL K 223 -27.60 -91.99 -48.82
CA VAL K 223 -27.04 -92.90 -47.84
C VAL K 223 -27.35 -94.32 -48.29
N GLU K 224 -26.32 -95.13 -48.45
CA GLU K 224 -26.45 -96.49 -48.94
C GLU K 224 -25.48 -97.39 -48.20
N PRO K 225 -25.71 -98.71 -48.23
CA PRO K 225 -24.78 -99.64 -47.59
C PRO K 225 -23.37 -99.53 -48.16
N LYS K 226 -22.38 -99.89 -47.35
CA LYS K 226 -20.98 -99.81 -47.77
C LYS K 226 -20.65 -100.90 -48.80
C1 NAG L . -49.84 7.20 -25.77
C2 NAG L . -49.24 8.08 -26.92
C3 NAG L . -49.90 9.48 -26.87
C4 NAG L . -51.45 9.31 -27.05
C5 NAG L . -51.97 8.39 -25.91
C6 NAG L . -53.47 8.11 -26.04
C7 NAG L . -46.88 7.50 -27.42
C8 NAG L . -45.44 7.72 -27.09
N2 NAG L . -47.78 8.19 -26.73
O3 NAG L . -49.37 10.30 -27.90
O4 NAG L . -52.11 10.60 -26.93
O5 NAG L . -51.28 7.10 -25.95
O6 NAG L . -53.94 7.23 -25.05
O7 NAG L . -47.21 6.70 -28.31
H2 NAG L . -49.42 7.67 -27.79
H3 NAG L . -49.73 9.89 -26.00
H4 NAG L . -51.64 8.91 -27.92
H5 NAG L . -51.81 8.82 -25.05
H61 NAG L . -53.64 7.73 -26.93
H62 NAG L . -53.96 8.96 -25.98
H81 NAG L . -44.88 7.17 -27.66
H82 NAG L . -45.28 7.50 -26.16
H83 NAG L . -45.21 8.67 -27.25
HN2 NAG L . -47.48 8.77 -26.09
HO3 NAG L . -49.59 11.15 -27.77
HO6 NAG L . -53.31 6.62 -24.88
C1 NAG L . -52.30 11.34 -28.24
C2 NAG L . -53.76 11.91 -28.36
C3 NAG L . -53.91 12.57 -29.75
C4 NAG L . -52.86 13.70 -29.91
C5 NAG L . -51.44 13.07 -29.76
C6 NAG L . -50.33 14.12 -29.85
C7 NAG L . -55.72 10.80 -27.30
C8 NAG L . -56.64 9.61 -27.31
N2 NAG L . -54.75 10.82 -28.23
O3 NAG L . -55.23 13.12 -29.88
O4 NAG L . -52.99 14.30 -31.19
O5 NAG L . -51.33 12.40 -28.43
O6 NAG L . -50.51 15.20 -28.94
O7 NAG L . -55.86 11.71 -26.47
H1 NAG L . -52.18 10.70 -28.97
H2 NAG L . -53.91 12.58 -27.66
H3 NAG L . -53.77 11.90 -30.44
H4 NAG L . -52.99 14.37 -29.21
H5 NAG L . -51.31 12.41 -30.45
H61 NAG L . -50.30 14.47 -30.76
H62 NAG L . -49.47 13.69 -29.66
H81 NAG L . -57.30 9.71 -26.59
H82 NAG L . -56.12 8.80 -27.17
H83 NAG L . -57.11 9.57 -28.17
HN2 NAG L . -54.70 10.13 -28.80
HO3 NAG L . -55.33 13.50 -30.68
HO4 NAG L . -52.52 15.06 -31.21
HO6 NAG L . -49.85 15.78 -29.03
C1 NAG M . -20.00 -35.58 -1.40
C2 NAG M . -20.80 -36.87 -1.62
C3 NAG M . -19.88 -38.04 -1.30
C4 NAG M . -18.58 -37.97 -2.09
C5 NAG M . -17.87 -36.63 -1.90
C6 NAG M . -16.62 -36.52 -2.78
C7 NAG M . -23.10 -37.48 -1.13
C8 NAG M . -24.18 -37.62 -0.05
N2 NAG M . -21.98 -36.89 -0.75
O3 NAG M . -20.55 -39.28 -1.62
O4 NAG M . -17.67 -38.99 -1.58
O5 NAG M . -18.81 -35.56 -2.23
O6 NAG M . -16.08 -35.22 -2.65
O7 NAG M . -23.27 -37.91 -2.27
H1 NAG M . -19.70 -35.57 -0.46
H2 NAG M . -21.07 -36.91 -2.56
H3 NAG M . -19.68 -38.04 -0.35
H4 NAG M . -18.75 -38.11 -3.04
H5 NAG M . -17.61 -36.55 -0.96
H61 NAG M . -15.96 -37.18 -2.49
H62 NAG M . -16.86 -36.69 -3.71
H81 NAG M . -23.83 -38.14 0.70
H82 NAG M . -24.43 -36.73 0.27
H83 NAG M . -24.96 -38.07 -0.42
HN2 NAG M . -21.88 -36.66 0.12
HO3 NAG M . -20.05 -39.96 -1.36
HO6 NAG M . -16.70 -34.61 -2.81
C1 NAG M . -17.53 -40.16 -2.44
C2 NAG M . -16.24 -40.90 -2.07
C3 NAG M . -16.17 -42.23 -2.79
C4 NAG M . -17.44 -43.06 -2.56
C5 NAG M . -18.66 -42.27 -3.01
C6 NAG M . -20.00 -43.02 -2.85
C7 NAG M . -14.24 -39.62 -1.50
C8 NAG M . -13.10 -38.74 -2.01
N2 NAG M . -15.09 -40.07 -2.42
O3 NAG M . -15.01 -42.98 -2.34
O4 NAG M . -17.37 -44.27 -3.37
O5 NAG M . -18.68 -41.04 -2.23
O6 NAG M . -20.30 -43.25 -1.46
O7 NAG M . -14.36 -39.88 -0.30
H1 NAG M . -17.50 -39.89 -3.38
H2 NAG M . -16.25 -41.07 -1.11
H3 NAG M . -16.08 -42.07 -3.75
H4 NAG M . -17.51 -43.27 -1.61
H5 NAG M . -18.55 -42.04 -3.95
H61 NAG M . -20.71 -42.48 -3.24
H62 NAG M . -19.94 -43.87 -3.32
H81 NAG M . -13.47 -37.94 -2.45
H82 NAG M . -12.53 -38.45 -1.27
H83 NAG M . -12.56 -39.24 -2.65
HN2 NAG M . -14.96 -39.83 -3.28
HO3 NAG M . -15.08 -43.10 -1.45
HO6 NAG M . -20.41 -42.48 -1.04
C1 BMA M . -17.29 -45.47 -2.56
C2 BMA M . -18.07 -46.56 -3.28
C3 BMA M . -17.78 -47.93 -2.66
C4 BMA M . -16.29 -48.19 -2.51
C5 BMA M . -15.69 -47.09 -1.64
C6 BMA M . -14.22 -47.28 -1.33
O2 BMA M . -17.69 -46.55 -4.66
O3 BMA M . -18.38 -48.98 -3.48
O4 BMA M . -16.08 -49.48 -1.89
O5 BMA M . -15.88 -45.85 -2.39
O6 BMA M . -13.73 -46.06 -0.66
H1 BMA M . -17.74 -45.30 -1.56
H2 BMA M . -19.14 -46.34 -3.18
H3 BMA M . -18.24 -47.99 -1.66
H4 BMA M . -15.82 -48.15 -3.52
H5 BMA M . -16.24 -47.05 -0.69
H61 BMA M . -14.10 -48.16 -0.68
H62 BMA M . -13.69 -47.47 -2.27
HO2 BMA M . -17.55 -45.62 -4.89
HO4 BMA M . -16.40 -50.13 -2.54
C1 MAN M . -19.47 -49.65 -2.82
C2 MAN M . -19.74 -50.95 -3.57
C3 MAN M . -20.38 -50.66 -4.91
C4 MAN M . -21.69 -49.88 -4.75
C5 MAN M . -21.41 -48.56 -4.02
C6 MAN M . -22.68 -47.75 -3.66
O2 MAN M . -20.61 -51.84 -2.82
O3 MAN M . -20.59 -51.94 -5.51
O4 MAN M . -22.22 -49.59 -6.06
O5 MAN M . -20.65 -48.79 -2.77
O6 MAN M . -23.29 -48.21 -2.44
H1 MAN M . -19.22 -49.86 -1.76
H2 MAN M . -18.77 -51.44 -3.75
H3 MAN M . -19.69 -50.09 -5.55
H4 MAN M . -22.40 -50.48 -4.14
H5 MAN M . -20.80 -47.92 -4.68
H61 MAN M . -22.40 -46.69 -3.59
H62 MAN M . -23.37 -47.85 -4.51
HO2 MAN M . -20.93 -52.53 -3.41
HO3 MAN M . -19.73 -52.40 -5.45
HO4 MAN M . -23.10 -49.99 -6.08
HO6 MAN M . -23.53 -49.14 -2.56
C1 MAN M . -12.44 -46.18 -0.01
C2 MAN M . -12.03 -44.78 0.50
C3 MAN M . -11.80 -43.83 -0.67
C4 MAN M . -10.81 -44.40 -1.70
C5 MAN M . -11.26 -45.80 -2.14
C6 MAN M . -10.28 -46.50 -3.07
O2 MAN M . -10.80 -44.86 1.28
O3 MAN M . -11.27 -42.58 -0.16
O4 MAN M . -10.80 -43.50 -2.84
O5 MAN M . -11.44 -46.68 -0.96
O6 MAN M . -10.79 -47.82 -3.39
H1 MAN M . -12.47 -46.92 0.81
H2 MAN M . -12.84 -44.39 1.13
H3 MAN M . -12.74 -43.60 -1.17
H4 MAN M . -9.82 -44.47 -1.24
H5 MAN M . -12.22 -45.70 -2.67
H61 MAN M . -10.18 -45.89 -3.99
H62 MAN M . -9.31 -46.55 -2.58
HO2 MAN M . -10.26 -44.09 1.09
HO3 MAN M . -10.83 -42.15 -0.92
HO4 MAN M . -9.98 -43.73 -3.34
HO6 MAN M . -10.94 -48.27 -2.54
C1 NAG N . -26.98 -21.64 -16.64
C2 NAG N . -27.47 -22.63 -17.71
C3 NAG N . -27.02 -24.03 -17.26
C4 NAG N . -25.51 -24.06 -17.11
C5 NAG N . -25.02 -23.02 -16.11
C6 NAG N . -23.51 -22.97 -16.02
C7 NAG N . -29.51 -21.83 -18.79
C8 NAG N . -31.02 -21.99 -18.96
N2 NAG N . -28.92 -22.60 -17.88
O3 NAG N . -27.43 -25.03 -18.22
O4 NAG N . -25.14 -25.40 -16.64
O5 NAG N . -25.53 -21.71 -16.51
O6 NAG N . -23.13 -21.82 -15.26
O7 NAG N . -28.86 -21.02 -19.46
H1 NAG N . -27.37 -21.91 -15.78
H2 NAG N . -27.03 -22.43 -18.56
H3 NAG N . -27.44 -24.23 -16.40
H4 NAG N . -25.09 -23.89 -17.98
H5 NAG N . -25.38 -23.25 -15.22
H61 NAG N . -23.13 -22.91 -16.92
H62 NAG N . -23.17 -23.78 -15.59
H81 NAG N . -31.34 -21.39 -19.65
H82 NAG N . -31.46 -21.78 -18.10
H83 NAG N . -31.22 -22.91 -19.21
HN2 NAG N . -29.43 -23.22 -17.44
HO3 NAG N . -26.96 -25.77 -18.09
HO6 NAG N . -23.69 -21.16 -15.42
C1 NAG N . -24.28 -26.09 -17.58
C2 NAG N . -23.79 -27.46 -17.07
C3 NAG N . -22.85 -28.01 -18.16
C4 NAG N . -23.49 -28.02 -19.56
C5 NAG N . -24.17 -26.70 -19.92
C6 NAG N . -25.01 -26.78 -21.20
C7 NAG N . -23.73 -27.50 -14.62
C8 NAG N . -22.89 -27.20 -13.37
N2 NAG N . -23.10 -27.34 -15.78
O3 NAG N . -22.45 -29.37 -17.87
O4 NAG N . -22.42 -28.18 -20.54
O5 NAG N . -25.04 -26.30 -18.81
O6 NAG N . -26.16 -27.59 -20.98
O7 NAG N . -24.90 -27.84 -14.54
H1 NAG N . -23.51 -25.54 -17.78
H2 NAG N . -24.56 -28.07 -16.98
H3 NAG N . -22.05 -27.45 -18.19
H4 NAG N . -24.13 -28.75 -19.63
H5 NAG N . -23.49 -26.02 -20.04
H61 NAG N . -25.29 -25.88 -21.45
H62 NAG N . -24.48 -27.16 -21.92
H81 NAG N . -22.11 -27.79 -13.35
H82 NAG N . -23.43 -27.34 -12.57
H83 NAG N . -22.59 -26.27 -13.39
HN2 NAG N . -22.25 -27.03 -15.78
HO3 NAG N . -21.95 -29.69 -18.55
HO6 NAG N . -26.62 -27.29 -20.28
C1 BMA N . -22.50 -29.43 -21.29
C2 BMA N . -21.61 -29.25 -22.53
C3 BMA N . -21.37 -30.61 -23.23
C4 BMA N . -20.76 -31.59 -22.23
C5 BMA N . -21.71 -31.80 -21.05
C6 BMA N . -21.15 -32.69 -19.94
O2 BMA N . -20.35 -28.66 -22.12
O3 BMA N . -20.48 -30.45 -24.40
O4 BMA N . -20.54 -32.85 -22.91
O5 BMA N . -22.00 -30.49 -20.43
O6 BMA N . -20.06 -32.00 -19.25
H1 BMA N . -23.54 -29.64 -21.59
H2 BMA N . -22.13 -28.58 -23.22
H3 BMA N . -22.31 -31.02 -23.59
H4 BMA N . -19.82 -31.17 -21.85
H5 BMA N . -22.65 -32.26 -21.42
H61 BMA N . -21.97 -32.93 -19.27
H62 BMA N . -20.81 -33.62 -20.42
HO2 BMA N . -20.56 -28.09 -21.37
HO4 BMA N . -21.16 -33.47 -22.49
C1 MAN N . -19.45 -32.83 -18.21
C2 MAN N . -20.31 -32.82 -16.93
C3 MAN N . -20.15 -31.55 -16.08
C4 MAN N . -18.67 -31.26 -15.85
C5 MAN N . -18.00 -31.08 -17.21
C6 MAN N . -16.54 -30.70 -17.13
O2 MAN N . -19.94 -33.97 -16.13
O3 MAN N . -20.80 -31.63 -14.75
O4 MAN N . -18.55 -30.07 -15.04
O5 MAN N . -18.09 -32.36 -17.94
O6 MAN N . -15.89 -31.59 -16.17
H1 MAN N . -19.32 -33.85 -18.58
H2 MAN N . -21.35 -32.91 -17.23
H3 MAN N . -20.59 -30.70 -16.61
H4 MAN N . -18.22 -32.13 -15.35
H5 MAN N . -18.54 -30.29 -17.77
H61 MAN N . -16.47 -29.64 -16.83
H62 MAN N . -16.13 -30.80 -18.14
HO2 MAN N . -20.30 -34.76 -16.53
HO4 MAN N . -19.18 -30.19 -14.32
C1 MAN N . -14.52 -31.79 -16.54
C2 MAN N . -13.92 -32.85 -15.62
C3 MAN N . -13.73 -32.30 -14.21
C4 MAN N . -12.92 -31.00 -14.23
C5 MAN N . -13.60 -29.96 -15.13
C6 MAN N . -12.76 -28.69 -15.27
O2 MAN N . -12.62 -33.24 -16.16
O3 MAN N . -13.01 -33.25 -13.38
O4 MAN N . -12.83 -30.50 -12.88
O5 MAN N . -13.77 -30.53 -16.47
O6 MAN N . -13.42 -27.77 -16.16
H1 MAN N . -14.46 -32.11 -17.58
H2 MAN N . -14.60 -33.71 -15.58
H3 MAN N . -14.70 -32.11 -13.73
H4 MAN N . -11.92 -31.21 -14.65
H5 MAN N . -14.57 -29.69 -14.70
H61 MAN N . -12.62 -28.25 -14.27
H62 MAN N . -11.78 -28.98 -15.66
HO3 MAN N . -13.02 -34.08 -13.88
HO4 MAN N . -12.70 -31.29 -12.33
HO6 MAN N . -13.76 -28.27 -16.90
C1 MAN N . -12.63 -34.43 -17.01
C2 MAN N . -11.17 -34.76 -17.29
C3 MAN N . -10.54 -33.69 -18.17
C4 MAN N . -11.30 -33.58 -19.51
C5 MAN N . -12.74 -33.21 -19.20
C6 MAN N . -13.66 -33.12 -20.44
O2 MAN N . -11.11 -36.04 -17.96
O3 MAN N . -9.17 -34.09 -18.36
O4 MAN N . -10.72 -32.55 -20.34
O5 MAN N . -13.34 -34.20 -18.27
O6 MAN N . -15.00 -32.95 -19.95
H1 MAN N . -13.15 -35.27 -16.52
H2 MAN N . -10.63 -34.81 -16.32
H3 MAN N . -10.55 -32.73 -17.66
H4 MAN N . -11.28 -34.56 -20.00
H5 MAN N . -12.73 -32.22 -18.73
H61 MAN N . -13.34 -32.27 -21.05
H62 MAN N . -13.54 -34.04 -21.02
HO2 MAN N . -10.33 -36.51 -17.67
HO3 MAN N . -8.64 -33.41 -17.92
HO4 MAN N . -10.32 -31.92 -19.73
HO6 MAN N . -15.12 -33.56 -19.21
C1 BMA N . -22.12 -32.23 -14.74
C2 BMA N . -22.59 -32.39 -13.29
C3 BMA N . -23.95 -33.09 -13.32
C4 BMA N . -24.98 -32.42 -14.24
C5 BMA N . -24.40 -32.08 -15.63
C6 BMA N . -25.31 -31.15 -16.42
O2 BMA N . -22.71 -31.09 -12.66
O3 BMA N . -24.49 -33.17 -11.99
O4 BMA N . -26.09 -33.33 -14.43
O5 BMA N . -23.08 -31.42 -15.48
O6 BMA N . -24.73 -30.92 -17.71
H1 BMA N . -22.13 -33.21 -15.23
H2 BMA N . -21.87 -33.02 -12.75
H3 BMA N . -23.81 -34.13 -13.66
H4 BMA N . -25.31 -31.48 -13.77
H5 BMA N . -24.28 -33.01 -16.19
H61 BMA N . -26.30 -31.62 -16.49
H62 BMA N . -25.42 -30.22 -15.85
HO2 BMA N . -23.38 -31.15 -11.96
HO3 BMA N . -25.45 -33.10 -12.10
HO4 BMA N . -26.74 -33.08 -13.77
HO6 BMA N . -23.86 -30.54 -17.57
C1 BMA N . -21.10 -29.85 -25.60
C2 BMA N . -19.97 -29.57 -26.58
C3 BMA N . -20.52 -29.12 -27.94
C4 BMA N . -21.56 -30.11 -28.51
C5 BMA N . -22.67 -30.37 -27.48
C6 BMA N . -23.62 -31.47 -27.95
O2 BMA N . -19.19 -30.77 -26.76
O3 BMA N . -19.40 -29.03 -28.85
O4 BMA N . -22.12 -29.51 -29.71
O5 BMA N . -22.06 -30.79 -26.18
O6 BMA N . -24.59 -31.73 -26.92
H1 BMA N . -21.67 -28.94 -25.36
H2 BMA N . -19.35 -28.77 -26.17
H3 BMA N . -20.97 -28.13 -27.85
H4 BMA N . -21.06 -31.05 -28.73
H5 BMA N . -23.25 -29.45 -27.34
H61 BMA N . -24.10 -31.14 -28.88
H62 BMA N . -23.01 -32.36 -28.17
HO2 BMA N . -19.28 -31.33 -25.99
HO3 BMA N . -18.84 -29.79 -28.65
HO4 BMA N . -22.49 -30.25 -30.21
HO6 BMA N . -24.12 -31.87 -26.10
C1 NAG O . -41.33 -11.52 -26.73
C2 NAG O . -41.30 -12.08 -28.14
C3 NAG O . -42.72 -12.33 -28.66
C4 NAG O . -43.46 -13.21 -27.66
C5 NAG O . -43.41 -12.60 -26.26
C6 NAG O . -44.05 -13.57 -25.26
C7 NAG O . -40.24 -11.39 -30.25
C8 NAG O . -39.02 -12.21 -30.50
N2 NAG O . -40.54 -11.18 -28.97
O3 NAG O . -42.72 -13.00 -29.91
O4 NAG O . -44.83 -13.28 -28.09
O5 NAG O . -42.07 -12.37 -25.86
O6 NAG O . -43.24 -14.74 -25.17
O7 NAG O . -40.92 -10.93 -31.16
H2 NAG O . -40.85 -12.95 -28.12
H3 NAG O . -43.18 -11.48 -28.75
H4 NAG O . -43.06 -14.10 -27.65
H5 NAG O . -43.91 -11.77 -26.25
H61 NAG O . -44.93 -13.82 -25.58
H62 NAG O . -44.11 -13.15 -24.40
H81 NAG O . -38.89 -12.31 -31.46
H82 NAG O . -39.13 -13.10 -30.09
H83 NAG O . -38.24 -11.77 -30.11
HN2 NAG O . -41.39 -10.98 -29.29
HO3 NAG O . -43.45 -13.51 -29.98
HO6 NAG O . -42.38 -14.51 -25.25
C1 NAG O . -45.27 -14.66 -28.06
C2 NAG O . -46.71 -14.73 -28.53
C3 NAG O . -47.18 -16.18 -28.48
C4 NAG O . -46.25 -17.03 -29.32
C5 NAG O . -44.82 -16.87 -28.82
C6 NAG O . -43.86 -17.67 -29.70
C7 NAG O . -47.38 -13.66 -26.42
C8 NAG O . -47.59 -14.82 -25.49
N2 NAG O . -47.58 -13.88 -27.72
O3 NAG O . -48.52 -16.25 -29.01
O4 NAG O . -46.64 -18.40 -29.22
O5 NAG O . -44.43 -15.49 -28.85
O6 NAG O . -43.81 -17.08 -30.99
O7 NAG O . -47.05 -12.56 -26.00
H2 NAG O . -46.75 -14.42 -29.45
H3 NAG O . -47.18 -16.50 -27.57
H4 NAG O . -46.30 -16.74 -30.25
H5 NAG O . -44.76 -17.20 -27.91
H61 NAG O . -44.17 -18.59 -29.77
H62 NAG O . -42.97 -17.65 -29.29
H81 NAG O . -47.62 -14.50 -24.57
H82 NAG O . -46.86 -15.46 -25.59
H83 NAG O . -48.43 -15.27 -25.72
HN2 NAG O . -47.10 -13.15 -27.98
HO3 NAG O . -48.64 -17.04 -29.39
HO4 NAG O . -46.42 -18.82 -29.98
HO6 NAG O . -43.87 -16.19 -30.92
C1 NAG P . -31.76 8.81 -26.59
C2 NAG P . -32.94 9.76 -26.61
C3 NAG P . -33.30 10.02 -28.05
C4 NAG P . -32.18 10.46 -28.97
C5 NAG P . -31.04 9.47 -28.83
C6 NAG P . -29.71 9.97 -29.37
C7 NAG P . -34.53 9.43 -24.69
C8 NAG P . -34.03 10.61 -23.92
N2 NAG P . -34.04 9.13 -25.90
O3 NAG P . -34.68 10.29 -28.40
O4 NAG P . -32.68 10.48 -30.31
O5 NAG P . -30.74 9.24 -27.47
O6 NAG P . -28.95 10.41 -28.24
O7 NAG P . -35.40 8.74 -24.20
H2 NAG P . -32.63 10.70 -26.16
H3 NAG P . -33.29 11.07 -27.74
H4 NAG P . -31.84 11.46 -28.66
H5 NAG P . -31.29 8.53 -29.33
H61 NAG P . -29.84 10.81 -30.06
H62 NAG P . -29.18 9.17 -29.89
H81 NAG P . -33.00 10.50 -23.67
H82 NAG P . -34.16 11.50 -24.48
H83 NAG P . -34.58 10.69 -23.02
HN2 NAG P . -34.44 8.32 -26.36
HO3 NAG P . -35.05 9.52 -28.86
HO4 NAG P . -33.11 9.60 -30.44
HO6 NAG P . -28.54 11.26 -28.45
C1 NAG P . -32.36 11.83 -30.80
C2 NAG P . -32.07 11.74 -32.29
C3 NAG P . -31.78 13.12 -32.86
C4 NAG P . -32.93 14.06 -32.54
C5 NAG P . -33.19 14.07 -31.04
C6 NAG P . -34.47 14.83 -30.73
C7 NAG P . -31.13 9.57 -32.72
C8 NAG P . -32.42 9.21 -33.39
N2 NAG P . -30.95 10.88 -32.51
O3 NAG P . -31.65 13.04 -34.28
O4 NAG P . -32.58 15.37 -33.05
O5 NAG P . -33.43 12.75 -30.56
O6 NAG P . -35.56 14.01 -31.17
O7 NAG P . -30.31 8.74 -32.37
C1 BMA P . -33.62 15.92 -33.89
C2 BMA P . -33.27 17.27 -34.50
C3 BMA P . -34.55 17.82 -35.12
C4 BMA P . -35.07 16.85 -36.17
C5 BMA P . -35.32 15.51 -35.48
C6 BMA P . -35.81 14.45 -36.45
O2 BMA P . -32.27 17.11 -35.50
O3 BMA P . -34.42 19.18 -35.63
O4 BMA P . -36.29 17.35 -36.72
O5 BMA P . -34.12 15.03 -34.90
O6 BMA P . -34.69 13.72 -36.96
C1 MAN P . -34.79 20.21 -34.67
C2 MAN P . -35.81 19.83 -33.62
C3 MAN P . -37.24 19.95 -34.15
C4 MAN P . -37.45 21.33 -34.77
C5 MAN P . -36.37 21.66 -35.78
C6 MAN P . -36.55 23.09 -36.30
O2 MAN P . -35.65 20.63 -32.44
O3 MAN P . -38.17 19.76 -33.10
O4 MAN P . -38.73 21.38 -35.40
O5 MAN P . -35.06 21.51 -35.23
O6 MAN P . -35.91 23.24 -37.57
C1 BMA P . -34.17 14.36 -38.14
C2 BMA P . -32.70 14.04 -38.32
C3 BMA P . -32.17 14.78 -39.54
C4 BMA P . -33.02 14.40 -40.75
C5 BMA P . -34.48 14.72 -40.48
C6 BMA P . -35.36 14.33 -41.65
O2 BMA P . -32.54 12.63 -38.51
O3 BMA P . -30.81 14.41 -39.77
O4 BMA P . -32.57 15.16 -41.88
O5 BMA P . -34.92 14.02 -39.31
O6 BMA P . -36.72 14.67 -41.36
C1 NAG Q . -43.36 -14.14 26.71
C2 NAG Q . -44.83 -14.49 27.13
C3 NAG Q . -45.28 -13.51 28.23
C4 NAG Q . -44.30 -13.63 29.44
C5 NAG Q . -42.87 -13.29 28.94
C6 NAG Q . -41.82 -13.42 30.04
C7 NAG Q . -46.20 -15.37 25.24
C8 NAG Q . -47.06 -15.02 24.07
N2 NAG Q . -45.71 -14.35 25.95
O3 NAG Q . -46.60 -13.83 28.65
O4 NAG Q . -44.70 -12.66 30.44
O5 NAG Q . -42.49 -14.23 27.87
O6 NAG Q . -40.53 -13.05 29.58
O7 NAG Q . -45.96 -16.54 25.54
H2 NAG Q . -44.88 -15.41 27.47
H3 NAG Q . -45.25 -12.60 27.89
H4 NAG Q . -44.34 -14.53 29.81
H5 NAG Q . -42.86 -12.39 28.59
H61 NAG Q . -41.78 -14.33 30.36
H62 NAG Q . -42.06 -12.83 30.78
H81 NAG Q . -47.36 -15.84 23.63
H82 NAG Q . -46.54 -14.48 23.44
H83 NAG Q . -47.83 -14.51 24.38
HN2 NAG Q . -45.92 -13.51 25.68
HO3 NAG Q . -46.72 -13.60 29.50
HO6 NAG Q . -39.94 -13.12 30.24
C1 NAG Q . -44.83 -13.25 31.82
C2 NAG Q . -44.75 -12.12 32.92
C3 NAG Q . -44.76 -12.81 34.31
C4 NAG Q . -46.06 -13.66 34.44
C5 NAG Q . -46.10 -14.73 33.31
C6 NAG Q . -47.38 -15.55 33.33
C7 NAG Q . -43.51 -10.12 32.15
C8 NAG Q . -42.18 -9.44 32.02
N2 NAG Q . -43.53 -11.32 32.73
O3 NAG Q . -44.71 -11.81 35.34
O4 NAG Q . -46.07 -14.30 35.72
O5 NAG Q . -46.03 -14.05 32.00
O6 NAG Q . -47.26 -16.74 32.56
O7 NAG Q . -44.53 -9.60 31.70
H2 NAG Q . -45.55 -11.55 32.85
H3 NAG Q . -43.99 -13.40 34.38
H4 NAG Q . -46.84 -13.08 34.37
H5 NAG Q . -45.33 -15.33 33.40
H61 NAG Q . -48.10 -15.01 32.97
H62 NAG Q . -47.59 -15.78 34.25
H81 NAG Q . -42.29 -8.57 31.60
H82 NAG Q . -41.57 -9.99 31.50
H83 NAG Q . -41.80 -9.31 32.92
HN2 NAG Q . -42.75 -11.67 33.04
HO3 NAG Q . -44.72 -12.21 36.13
HO4 NAG Q . -46.91 -14.42 35.99
HO6 NAG Q . -48.02 -17.19 32.60
C1 NAG R . -38.43 5.15 36.01
C2 NAG R . -39.76 5.73 36.62
C3 NAG R . -39.40 6.50 37.91
C4 NAG R . -38.67 5.54 38.92
C5 NAG R . -37.41 4.97 38.22
C6 NAG R . -36.67 3.93 39.06
C7 NAG R . -41.44 6.31 34.92
C8 NAG R . -41.95 7.36 33.96
N2 NAG R . -40.39 6.63 35.65
O3 NAG R . -40.59 7.02 38.50
O4 NAG R . -38.25 6.35 40.04
O5 NAG R . -37.78 4.29 36.97
O6 NAG R . -35.35 3.71 38.58
O7 NAG R . -41.99 5.20 34.99
H2 NAG R . -40.37 4.99 36.84
H3 NAG R . -38.80 7.24 37.69
H4 NAG R . -39.28 4.83 39.19
H5 NAG R . -36.80 5.70 38.01
H61 NAG R . -37.17 3.09 39.04
H62 NAG R . -36.63 4.26 39.98
H81 NAG R . -42.73 7.02 33.48
H82 NAG R . -41.26 7.59 33.33
H83 NAG R . -42.22 8.16 34.46
HN2 NAG R . -40.03 7.46 35.55
HO3 NAG R . -40.38 7.46 39.24
HO6 NAG R . -34.95 3.12 39.10
C1 NAG R . -38.70 5.82 41.37
C2 NAG R . -37.74 6.33 42.52
C3 NAG R . -38.18 5.66 43.85
C4 NAG R . -39.66 6.01 44.13
C5 NAG R . -40.54 5.49 42.96
C6 NAG R . -42.01 5.86 43.13
C7 NAG R . -35.50 6.81 41.60
C8 NAG R . -34.11 6.30 41.35
N2 NAG R . -36.36 5.99 42.21
O3 NAG R . -37.34 6.13 44.92
O4 NAG R . -40.07 5.36 45.35
O5 NAG R . -40.08 6.11 41.69
O6 NAG R . -42.85 5.13 42.25
O7 NAG R . -35.83 7.95 41.24
H2 NAG R . -37.84 7.30 42.61
H3 NAG R . -38.07 4.69 43.77
H4 NAG R . -39.76 6.97 44.22
H5 NAG R . -40.46 4.53 42.89
H61 NAG R . -42.13 6.81 42.97
H62 NAG R . -42.28 5.66 44.05
H81 NAG R . -33.59 6.99 40.90
H82 NAG R . -34.15 5.50 40.79
H83 NAG R . -33.69 6.07 42.21
HN2 NAG R . -36.05 5.16 42.44
HO3 NAG R . -37.59 5.75 45.68
HO4 NAG R . -40.70 5.85 45.75
HO6 NAG R . -43.69 5.37 42.38
C1 NAG S . -53.88 -26.53 14.12
C2 NAG S . -54.48 -27.45 15.24
C3 NAG S . -55.99 -27.64 14.94
C4 NAG S . -56.70 -26.26 14.91
C5 NAG S . -56.01 -25.37 13.83
C6 NAG S . -56.62 -23.97 13.74
C7 NAG S . -52.98 -29.20 16.17
C8 NAG S . -52.37 -30.55 15.97
N2 NAG S . -53.79 -28.75 15.23
O3 NAG S . -56.56 -28.46 15.96
O4 NAG S . -58.06 -26.49 14.48
O5 NAG S . -54.56 -25.25 14.12
O6 NAG S . -56.50 -23.21 14.94
O7 NAG S . -52.75 -28.54 17.20
H2 NAG S . -54.36 -27.02 16.11
H3 NAG S . -56.09 -28.07 14.08
H4 NAG S . -56.67 -25.83 15.79
H5 NAG S . -56.10 -25.81 12.97
H61 NAG S . -57.57 -24.07 13.53
H62 NAG S . -56.19 -23.49 13.01
H81 NAG S . -51.71 -30.73 16.67
H82 NAG S . -51.93 -30.59 15.10
H83 NAG S . -53.06 -31.23 16.01
HN2 NAG S . -53.92 -29.28 14.50
HO3 NAG S . -57.29 -28.07 16.28
HO6 NAG S . -56.87 -22.42 14.83
C1 NAG S . -59.09 -25.95 15.42
C2 NAG S . -60.49 -25.94 14.73
C3 NAG S . -61.51 -25.26 15.68
C4 NAG S . -61.55 -26.05 17.02
C5 NAG S . -60.12 -26.06 17.64
C6 NAG S . -60.08 -26.88 18.94
C7 NAG S . -60.39 -25.80 12.26
C8 NAG S . -60.27 -24.91 11.06
N2 NAG S . -60.39 -25.22 13.45
O3 NAG S . -62.82 -25.26 15.07
O4 NAG S . -62.48 -25.43 17.91
O5 NAG S . -59.17 -26.66 16.69
O6 NAG S . -58.91 -26.55 19.70
O7 NAG S . -60.53 -27.03 12.14
H2 NAG S . -60.78 -26.86 14.57
H3 NAG S . -61.23 -24.34 15.85
H4 NAG S . -61.83 -26.97 16.84
H5 NAG S . -59.85 -25.14 17.84
H61 NAG S . -60.05 -27.82 18.71
H62 NAG S . -60.87 -26.68 19.46
H81 NAG S . -60.28 -25.46 10.24
H82 NAG S . -59.42 -24.42 11.10
H83 NAG S . -61.01 -24.28 11.04
HN2 NAG S . -60.29 -24.31 13.49
HO3 NAG S . -63.39 -24.88 15.61
HO4 NAG S . -62.84 -26.05 18.45
HO6 NAG S . -58.91 -27.05 20.44
C1 NAG T . -50.82 -33.89 -4.65
C2 NAG T . -50.28 -35.36 -4.56
C3 NAG T . -50.15 -35.92 -6.00
C4 NAG T . -51.55 -35.88 -6.70
C5 NAG T . -52.04 -34.40 -6.71
C6 NAG T . -53.44 -34.29 -7.30
C7 NAG T . -48.78 -35.72 -2.62
C8 NAG T . -47.38 -35.64 -2.08
N2 NAG T . -48.96 -35.36 -3.89
O3 NAG T . -49.65 -37.26 -5.95
O4 NAG T . -51.44 -36.33 -8.07
O5 NAG T . -52.10 -33.88 -5.32
O6 NAG T . -53.93 -32.95 -7.25
O7 NAG T . -49.72 -36.10 -1.90
H2 NAG T . -50.90 -35.91 -4.06
H3 NAG T . -49.52 -35.37 -6.52
H4 NAG T . -52.17 -36.44 -6.21
H5 NAG T . -51.43 -33.85 -7.23
H61 NAG T . -54.05 -34.86 -6.80
H62 NAG T . -53.42 -34.58 -8.23
H81 NAG T . -47.38 -35.92 -1.15
H82 NAG T . -47.05 -34.72 -2.15
H83 NAG T . -46.80 -36.23 -2.61
HN2 NAG T . -48.24 -35.09 -4.36
HO3 NAG T . -49.29 -37.48 -6.74
HO6 NAG T . -53.68 -32.57 -6.49
C1 NAG T . -51.68 -37.82 -8.27
C2 NAG T . -52.64 -38.07 -9.49
C3 NAG T . -52.91 -39.60 -9.58
C4 NAG T . -51.56 -40.35 -9.76
C5 NAG T . -50.64 -40.02 -8.54
C6 NAG T . -49.27 -40.69 -8.66
C7 NAG T . -54.42 -36.47 -10.14
C8 NAG T . -55.75 -35.86 -9.77
N2 NAG T . -53.91 -37.37 -9.28
O3 NAG T . -53.77 -39.88 -10.69
O4 NAG T . -51.79 -41.75 -9.84
O5 NAG T . -50.44 -38.57 -8.44
O6 NAG T . -48.62 -40.39 -9.90
O7 NAG T . -53.84 -36.17 -11.19
H2 NAG T . -52.21 -37.77 -10.31
H3 NAG T . -53.33 -39.91 -8.75
H4 NAG T . -51.13 -40.04 -10.59
H5 NAG T . -51.08 -40.34 -7.73
H61 NAG T . -49.38 -41.66 -8.59
H62 NAG T . -48.71 -40.38 -7.92
H81 NAG T . -56.01 -35.22 -10.47
H82 NAG T . -55.66 -35.39 -8.93
H83 NAG T . -56.43 -36.55 -9.70
HN2 NAG T . -54.40 -37.56 -8.53
HO3 NAG T . -53.93 -40.75 -10.74
HO4 NAG T . -51.08 -42.16 -10.17
HO6 NAG T . -47.83 -40.79 -9.92
C1 NAG U . -36.53 -36.61 4.05
C2 NAG U . -37.00 -37.28 2.77
C3 NAG U . -37.56 -38.65 3.11
C4 NAG U . -36.50 -39.47 3.84
C5 NAG U . -36.06 -38.70 5.08
C6 NAG U . -34.99 -39.45 5.85
C7 NAG U . -37.78 -35.66 1.11
C8 NAG U . -38.40 -34.29 1.25
N2 NAG U . -38.03 -36.50 2.12
O3 NAG U . -37.95 -39.32 1.91
O4 NAG U . -37.06 -40.72 4.23
O5 NAG U . -35.57 -37.42 4.71
O6 NAG U . -33.70 -39.18 5.29
O7 NAG U . -37.11 -35.96 0.15
H2 NAG U . -36.24 -37.39 2.17
H3 NAG U . -38.33 -38.55 3.69
H4 NAG U . -35.73 -39.61 3.25
H5 NAG U . -36.84 -38.59 5.66
H61 NAG U . -35.16 -40.41 5.81
H62 NAG U . -35.00 -39.17 6.79
H81 NAG U . -38.17 -33.75 0.48
H82 NAG U . -38.05 -33.87 2.06
H83 NAG U . -39.36 -34.38 1.31
HN2 NAG U . -38.30 -35.95 2.80
HO3 NAG U . -38.35 -40.09 2.11
HO6 NAG U . -33.72 -38.43 4.82
C1 NAG U . -36.50 -41.77 3.42
C2 NAG U . -36.80 -43.12 4.04
C3 NAG U . -36.22 -44.23 3.17
C4 NAG U . -36.79 -44.11 1.77
C5 NAG U . -36.49 -42.73 1.22
C6 NAG U . -37.09 -42.53 -0.16
C7 NAG U . -36.97 -43.03 6.47
C8 NAG U . -37.90 -44.16 6.80
N2 NAG U . -36.23 -43.20 5.38
O3 NAG U . -36.57 -45.50 3.72
O4 NAG U . -36.20 -45.11 0.93
O5 NAG U . -37.02 -41.73 2.09
O6 NAG U . -38.50 -42.31 -0.02
O7 NAG U . -36.91 -42.01 7.14
H2 NAG U . -37.78 -43.23 4.10
H3 NAG U . -35.26 -44.14 3.14
H4 NAG U . -37.76 -44.23 1.79
H5 NAG U . -35.51 -42.60 1.17
H61 NAG U . -36.94 -43.33 -0.70
H62 NAG U . -36.68 -41.77 -0.60
H81 NAG U . -38.39 -43.94 7.62
H82 NAG U . -37.38 -44.97 6.95
H83 NAG U . -38.53 -44.29 6.07
HN2 NAG U . -36.09 -42.29 5.30
HO3 NAG U . -37.13 -45.92 3.16
HO6 NAG U . -38.66 -41.90 0.75
C1 BMA U . -37.22 -45.97 0.42
C2 BMA U . -36.59 -47.15 -0.32
C3 BMA U . -37.68 -48.03 -0.91
C4 BMA U . -38.55 -48.50 0.24
C5 BMA U . -39.12 -47.28 0.95
C6 BMA U . -40.08 -47.68 2.08
O2 BMA U . -35.81 -47.92 0.61
O3 BMA U . -37.13 -49.17 -1.60
O4 BMA U . -39.62 -49.31 -0.27
O5 BMA U . -38.05 -46.49 1.45
O6 BMA U . -39.42 -47.69 3.35
H2 BMA U . -35.94 -46.74 -1.11
H3 BMA U . -38.34 -47.48 -1.57
H4 BMA U . -37.93 -49.06 0.95
H5 BMA U . -39.70 -46.68 0.22
H61 BMA U . -40.50 -48.67 1.84
H62 BMA U . -40.90 -46.96 2.06
HO2 BMA U . -36.15 -47.67 1.50
HO4 BMA U . -39.60 -50.12 0.26
C1 MAN U . -36.24 -48.73 -2.65
C2 MAN U . -36.96 -47.81 -3.63
C3 MAN U . -38.03 -48.61 -4.38
C4 MAN U . -37.33 -49.75 -5.10
C5 MAN U . -36.60 -50.60 -4.07
C6 MAN U . -35.91 -51.77 -4.76
O2 MAN U . -36.02 -47.29 -4.56
O3 MAN U . -38.69 -47.78 -5.34
O4 MAN U . -38.30 -50.54 -5.81
O5 MAN U . -35.65 -49.79 -3.39
O6 MAN U . -36.79 -52.38 -5.71
H2 MAN U . -37.41 -46.97 -3.14
H3 MAN U . -38.78 -49.01 -3.69
H4 MAN U . -36.58 -49.32 -5.79
H5 MAN U . -37.34 -51.01 -3.36
H61 MAN U . -35.60 -52.49 -3.99
H62 MAN U . -35.01 -51.38 -5.24
HO2 MAN U . -36.48 -47.04 -5.37
HO3 MAN U . -38.98 -48.38 -6.05
HO4 MAN U . -37.86 -50.80 -6.64
HO6 MAN U . -36.32 -53.10 -6.13
C1 BMA U . -38.86 -49.00 3.59
C2 BMA U . -37.84 -48.89 4.72
C3 BMA U . -37.19 -50.24 4.95
C4 BMA U . -38.30 -51.22 5.32
C5 BMA U . -39.30 -51.25 4.17
C6 BMA U . -40.43 -52.24 4.47
O2 BMA U . -38.50 -48.45 5.91
O3 BMA U . -36.26 -50.15 6.04
O4 BMA U . -37.74 -52.52 5.52
O5 BMA U . -39.85 -49.95 3.98
O6 BMA U . -41.35 -52.25 3.38
H2 BMA U . -37.07 -48.16 4.41
H3 BMA U . -36.66 -50.59 4.07
H4 BMA U . -38.81 -50.86 6.23
H5 BMA U . -38.79 -51.59 3.26
H61 BMA U . -40.91 -51.93 5.41
H62 BMA U . -39.97 -53.23 4.63
HO2 BMA U . -39.44 -48.66 5.85
HO3 BMA U . -36.65 -49.54 6.66
HO4 BMA U . -36.83 -52.37 5.80
HO6 BMA U . -41.28 -51.40 2.92
C1 NAG V . -64.21 4.05 18.02
C2 NAG V . -64.43 4.78 19.40
C3 NAG V . -65.06 3.76 20.39
C4 NAG V . -66.41 3.25 19.81
C5 NAG V . -66.13 2.58 18.43
C6 NAG V . -67.41 2.12 17.75
C7 NAG V . -62.75 6.54 19.83
C8 NAG V . -61.39 6.86 20.38
N2 NAG V . -63.14 5.27 19.90
O3 NAG V . -65.27 4.40 21.65
O4 NAG V . -66.99 2.24 20.68
O5 NAG V . -65.48 3.55 17.52
O6 NAG V . -67.16 1.57 16.47
O7 NAG V . -63.46 7.42 19.33
H2 NAG V . -65.04 5.53 19.28
H3 NAG V . -64.45 3.01 20.51
H4 NAG V . -67.03 3.99 19.70
H5 NAG V . -65.53 1.82 18.56
H61 NAG V . -68.02 2.87 17.66
H62 NAG V . -67.83 1.43 18.31
H81 NAG V . -61.21 7.82 20.26
H82 NAG V . -60.71 6.35 19.90
H83 NAG V . -61.36 6.64 21.33
HN2 NAG V . -62.57 4.66 20.28
HO3 NAG V . -65.45 3.80 22.27
HO6 NAG V . -66.50 2.02 16.07
C1 NAG V . -67.94 2.78 21.73
C2 NAG V . -69.24 1.91 21.80
C3 NAG V . -70.22 2.56 22.81
C4 NAG V . -69.52 2.65 24.21
C5 NAG V . -68.23 3.50 24.06
C6 NAG V . -67.45 3.61 25.37
C7 NAG V . -70.16 0.73 19.81
C8 NAG V . -70.84 0.85 18.47
N2 NAG V . -69.90 1.85 20.47
O3 NAG V . -71.42 1.79 22.91
O4 NAG V . -70.42 3.26 25.14
O5 NAG V . -67.34 2.88 23.04
O6 NAG V . -67.18 2.33 25.95
O7 NAG V . -69.89 -0.39 20.29
H1 NAG V . -68.21 3.68 21.46
H2 NAG V . -69.03 1.01 22.10
H3 NAG V . -70.44 3.47 22.52
H4 NAG V . -69.29 1.75 24.51
H5 NAG V . -68.47 4.41 23.76
H61 NAG V . -67.97 4.13 26.00
H62 NAG V . -66.60 4.06 25.21
H81 NAG V . -70.97 -0.04 18.10
H82 NAG V . -70.28 1.38 17.88
H83 NAG V . -71.70 1.30 18.59
HN2 NAG V . -70.13 2.65 20.08
HO3 NAG V . -71.97 2.15 23.50
HO4 NAG V . -70.10 3.14 25.97
HO6 NAG V . -66.73 2.44 26.71
C1 NAG W . -22.63 20.09 -18.42
C2 NAG W . -23.32 20.48 -19.74
C3 NAG W . -22.29 21.24 -20.59
C4 NAG W . -21.67 22.40 -19.82
C5 NAG W . -21.09 21.97 -18.49
C6 NAG W . -20.57 23.16 -17.68
C7 NAG W . -24.88 19.33 -21.20
C8 NAG W . -25.13 18.07 -22.04
N2 NAG W . -23.79 19.29 -20.45
O3 NAG W . -22.93 21.74 -21.77
O4 NAG W . -20.56 22.94 -20.60
O5 NAG W . -22.13 21.28 -17.72
O6 NAG W . -20.15 22.71 -16.39
O7 NAG W . -25.62 20.31 -21.24
H1 NAG W . -21.86 19.54 -18.66
H2 NAG W . -24.07 21.08 -19.54
H3 NAG W . -21.58 20.61 -20.85
H4 NAG W . -22.35 23.10 -19.67
H5 NAG W . -20.35 21.36 -18.65
H61 NAG W . -19.81 23.57 -18.14
H62 NAG W . -21.29 23.82 -17.58
H81 NAG W . -24.38 17.93 -22.65
H82 NAG W . -25.23 17.30 -21.45
H83 NAG W . -25.95 18.20 -22.56
HN2 NAG W . -23.23 18.58 -20.51
HO3 NAG W . -22.32 22.11 -22.31
HO6 NAG W . -20.80 22.25 -16.00
C1 NAG W . -20.85 24.19 -21.29
C2 NAG W . -19.52 24.87 -21.65
C3 NAG W . -19.77 26.08 -22.54
C4 NAG W . -20.62 25.69 -23.76
C5 NAG W . -21.93 25.08 -23.31
C6 NAG W . -22.87 24.68 -24.46
C7 NAG W . -17.65 24.79 -20.08
C8 NAG W . -17.08 25.30 -18.74
N2 NAG W . -18.83 25.28 -20.43
O3 NAG W . -18.50 26.62 -22.98
O4 NAG W . -20.92 26.90 -24.52
O5 NAG W . -21.61 23.91 -22.50
O6 NAG W . -22.32 23.62 -25.24
O7 NAG W . -17.06 23.96 -20.75
H1 NAG W . -21.37 24.77 -20.71
H2 NAG W . -18.96 24.23 -22.14
H3 NAG W . -20.25 26.76 -22.03
H4 NAG W . -20.12 25.05 -24.30
H5 NAG W . -22.39 25.73 -22.74
H61 NAG W . -23.73 24.38 -24.07
H62 NAG W . -23.03 25.46 -25.03
H81 NAG W . -17.69 25.07 -18.02
H82 NAG W . -16.21 24.87 -18.58
H83 NAG W . -16.97 26.26 -18.79
HN2 NAG W . -19.24 25.88 -19.87
HO3 NAG W . -18.05 26.00 -23.42
HO6 NAG W . -22.24 22.89 -24.74
C1 BMA W . -20.30 26.90 -25.83
C2 BMA W . -21.27 27.58 -26.80
C3 BMA W . -20.58 27.90 -28.11
C4 BMA W . -19.25 28.62 -27.92
C5 BMA W . -18.35 27.73 -27.06
C6 BMA W . -16.95 28.28 -26.86
O2 BMA W . -21.74 28.79 -26.17
O3 BMA W . -21.46 28.72 -28.94
O4 BMA W . -18.63 28.85 -29.20
O5 BMA W . -19.03 27.61 -25.76
O6 BMA W . -16.28 27.44 -25.86
H1 BMA W . -20.13 25.86 -26.18
H2 BMA W . -22.11 26.89 -26.98
H3 BMA W . -20.39 26.96 -28.67
H4 BMA W . -19.44 29.56 -27.37
H5 BMA W . -18.27 26.74 -27.53
H61 BMA W . -16.43 28.27 -27.82
H62 BMA W . -17.04 29.32 -26.52
HO2 BMA W . -21.82 28.58 -25.23
HO4 BMA W . -19.21 29.50 -29.65
C1 MAN W . -21.92 28.03 -30.12
C2 MAN W . -22.47 29.07 -31.09
C3 MAN W . -23.78 29.63 -30.57
C4 MAN W . -24.82 28.53 -30.37
C5 MAN W . -24.28 27.49 -29.37
C6 MAN W . -25.18 26.25 -29.20
O2 MAN W . -22.68 28.52 -32.42
O3 MAN W . -24.19 30.58 -31.57
O4 MAN W . -26.02 29.11 -29.82
O5 MAN W . -22.93 27.02 -29.77
O6 MAN W . -24.95 25.26 -30.23
H1 MAN W . -21.10 27.45 -30.60
H2 MAN W . -21.73 29.89 -31.14
H3 MAN W . -23.62 30.16 -29.62
H4 MAN W . -25.01 28.03 -31.33
H5 MAN W . -24.21 27.98 -28.39
H61 MAN W . -24.98 25.84 -28.20
H62 MAN W . -26.22 26.61 -29.22
HO2 MAN W . -23.23 29.13 -32.92
HO3 MAN W . -23.42 31.16 -31.70
HO4 MAN W . -26.72 28.90 -30.46
HO6 MAN W . -25.13 25.68 -31.07
C1 MAN W . -14.83 27.61 -25.77
C2 MAN W . -14.31 26.76 -24.59
C3 MAN W . -14.86 27.31 -23.27
C4 MAN W . -14.60 28.81 -23.09
C5 MAN W . -15.10 29.58 -24.31
C6 MAN W . -14.77 31.07 -24.28
O2 MAN W . -12.85 26.81 -24.53
O3 MAN W . -14.23 26.58 -22.17
O4 MAN W . -15.30 29.25 -21.90
O5 MAN W . -14.51 29.03 -25.56
O6 MAN W . -15.27 31.68 -25.50
H1 MAN W . -14.33 27.33 -26.72
H2 MAN W . -14.66 25.73 -24.73
H3 MAN W . -15.93 27.12 -23.20
H4 MAN W . -13.51 28.97 -22.99
H5 MAN W . -16.19 29.48 -24.35
H61 MAN W . -15.25 31.52 -23.40
H62 MAN W . -13.69 31.18 -24.18
HO2 MAN W . -12.58 26.84 -23.61
HO3 MAN W . -14.33 27.15 -21.39
HO4 MAN W . -14.89 30.10 -21.66
HO6 MAN W . -14.88 31.20 -26.24
C1 NAG X . -38.07 21.61 -3.11
C2 NAG X . -39.00 22.64 -3.77
C3 NAG X . -38.28 23.17 -5.00
C4 NAG X . -36.94 23.79 -4.59
C5 NAG X . -36.05 22.78 -3.88
C6 NAG X . -34.77 23.41 -3.37
C7 NAG X . -41.34 22.10 -3.34
C8 NAG X . -42.67 21.59 -3.91
N2 NAG X . -40.29 22.06 -4.14
O3 NAG X . -39.08 24.17 -5.66
O4 NAG X . -36.27 24.24 -5.81
O5 NAG X . -36.80 22.23 -2.74
O6 NAG X . -34.11 22.48 -2.50
O7 NAG X . -41.26 22.52 -2.19
H1 NAG X . -37.87 20.91 -3.77
H2 NAG X . -39.14 23.38 -3.14
H3 NAG X . -38.11 22.43 -5.61
H4 NAG X . -37.10 24.55 -4.00
H5 NAG X . -35.84 22.05 -4.49
H61 NAG X . -34.98 24.23 -2.87
H62 NAG X . -34.19 23.62 -4.12
H81 NAG X . -43.37 21.67 -3.24
H82 NAG X . -42.56 20.64 -4.17
H83 NAG X . -42.91 22.12 -4.70
HN2 NAG X . -40.41 21.79 -5.00
HO3 NAG X . -38.56 24.63 -6.23
HO6 NAG X . -34.72 22.01 -2.04
C1 NAG X . -36.05 25.68 -5.82
C2 NAG X . -35.26 26.18 -7.04
C3 NAG X . -35.06 27.69 -6.83
C4 NAG X . -36.37 28.43 -6.56
C5 NAG X . -37.24 27.76 -5.50
C6 NAG X . -38.64 28.35 -5.39
C7 NAG X . -33.80 24.38 -7.90
C8 NAG X . -32.44 23.71 -7.80
N2 NAG X . -33.97 25.47 -7.16
O3 NAG X . -34.45 28.30 -8.00
O4 NAG X . -36.04 29.74 -6.02
O5 NAG X . -37.35 26.34 -5.82
O6 NAG X . -39.41 28.03 -6.56
O7 NAG X . -34.70 23.93 -8.61
H1 NAG X . -35.57 25.93 -5.01
H2 NAG X . -35.78 26.02 -7.85
H3 NAG X . -34.46 27.82 -6.07
H4 NAG X . -36.88 28.52 -7.38
H5 NAG X . -36.80 27.85 -4.63
H61 NAG X . -39.09 27.98 -4.60
H62 NAG X . -38.58 29.32 -5.29
H81 NAG X . -31.74 24.33 -8.08
H82 NAG X . -32.41 22.92 -8.39
H83 NAG X . -32.28 23.43 -6.88
HN2 NAG X . -33.29 25.73 -6.61
HO3 NAG X . -34.42 29.18 -7.89
HO6 NAG X . -39.40 27.15 -6.67
C1 BMA X . -36.44 30.85 -6.87
C2 BMA X . -36.42 32.11 -6.00
C3 BMA X . -36.52 33.38 -6.86
C4 BMA X . -35.38 33.39 -7.88
C5 BMA X . -35.47 32.16 -8.77
C6 BMA X . -34.32 32.02 -9.77
O2 BMA X . -35.21 32.12 -5.21
O3 BMA X . -36.47 34.60 -6.02
O4 BMA X . -35.48 34.58 -8.68
O5 BMA X . -35.47 30.95 -7.94
O6 BMA X . -33.07 31.69 -9.06
H1 BMA X . -37.44 30.68 -7.29
H2 BMA X . -37.30 32.07 -5.33
H3 BMA X . -37.47 33.40 -7.40
H4 BMA X . -34.41 33.35 -7.34
H5 BMA X . -36.42 32.21 -9.35
H61 BMA X . -34.59 31.24 -10.50
H62 BMA X . -34.24 32.98 -10.31
HO2 BMA X . -34.99 31.19 -5.03
HO4 BMA X . -36.43 34.67 -8.89
C1 MAN X . -31.94 31.59 -9.94
C2 MAN X . -31.91 30.23 -10.67
C3 MAN X . -31.39 29.07 -9.79
C4 MAN X . -30.07 29.46 -9.14
C5 MAN X . -30.31 30.71 -8.29
C6 MAN X . -29.09 31.16 -7.51
O2 MAN X . -31.06 30.35 -11.84
O3 MAN X . -31.17 27.80 -10.54
O4 MAN X . -29.60 28.36 -8.33
O5 MAN X . -30.70 31.81 -9.19
O6 MAN X . -27.95 31.17 -8.42
H1 MAN X . -31.95 32.40 -10.67
H2 MAN X . -32.92 30.00 -10.97
H3 MAN X . -32.13 28.86 -9.01
H4 MAN X . -29.35 29.71 -9.94
H5 MAN X . -31.12 30.50 -7.58
H61 MAN X . -28.95 30.47 -6.67
H62 MAN X . -29.31 32.16 -7.11
HO2 MAN X . -31.53 30.86 -12.51
HO4 MAN X . -29.70 27.57 -8.90
C1 MAN X . -27.02 32.18 -8.03
C2 MAN X . -25.92 32.27 -9.08
C3 MAN X . -25.01 31.06 -9.02
C4 MAN X . -24.45 30.85 -7.61
C5 MAN X . -25.60 30.70 -6.61
C6 MAN X . -25.10 30.62 -5.17
O2 MAN X . -25.13 33.48 -8.82
O3 MAN X . -23.88 31.23 -9.92
O4 MAN X . -23.65 29.65 -7.63
O5 MAN X . -26.47 31.89 -6.69
O6 MAN X . -26.21 30.52 -4.26
H1 MAN X . -27.54 33.13 -7.92
H2 MAN X . -26.39 32.33 -10.07
H3 MAN X . -25.55 30.16 -9.34
H4 MAN X . -23.85 31.73 -7.34
H5 MAN X . -26.17 29.80 -6.83
H61 MAN X . -24.44 29.72 -5.09
H62 MAN X . -24.48 31.51 -4.97
HO3 MAN X . -24.11 31.99 -10.48
HO4 MAN X . -23.18 29.67 -8.46
HO6 MAN X . -26.87 31.15 -4.56
C1 MAN X . -25.53 34.67 -9.56
C2 MAN X . -24.47 35.72 -9.28
C3 MAN X . -24.53 36.17 -7.83
C4 MAN X . -25.92 36.76 -7.51
C5 MAN X . -26.97 35.68 -7.76
C6 MAN X . -28.41 36.12 -7.55
O2 MAN X . -24.70 36.85 -10.15
O3 MAN X . -23.50 37.15 -7.66
O4 MAN X . -26.00 37.18 -6.13
O5 MAN X . -26.86 35.17 -9.15
O6 MAN X . -29.26 35.05 -8.00
H1 MAN X . -25.61 34.46 -10.64
H2 MAN X . -23.48 35.28 -9.48
H3 MAN X . -24.32 35.33 -7.17
H4 MAN X . -26.12 37.60 -8.20
H5 MAN X . -26.77 34.86 -7.05
H61 MAN X . -28.57 36.33 -6.48
H62 MAN X . -28.58 37.04 -8.12
HO2 MAN X . -23.86 37.23 -10.42
HO3 MAN X . -22.86 36.75 -7.05
HO4 MAN X . -25.37 36.61 -5.66
HO6 MAN X . -28.89 34.73 -8.83
C1 BMA X . -32.19 27.46 -11.51
C2 BMA X . -31.75 26.23 -12.30
C3 BMA X . -32.83 25.95 -13.34
C4 BMA X . -34.24 25.83 -12.76
C5 BMA X . -34.57 26.98 -11.80
C6 BMA X . -35.85 26.70 -11.00
O2 BMA X . -31.58 25.09 -11.43
O3 BMA X . -32.51 24.73 -14.06
O4 BMA X . -35.19 25.88 -13.86
O5 BMA X . -33.47 27.17 -10.84
O6 BMA X . -36.12 27.83 -10.16
H1 BMA X . -32.41 28.28 -12.20
H2 BMA X . -30.81 26.47 -12.81
H3 BMA X . -32.82 26.76 -14.10
H4 BMA X . -34.32 24.88 -12.21
H5 BMA X . -34.73 27.90 -12.38
H61 BMA X . -36.66 26.51 -11.71
H62 BMA X . -35.68 25.78 -10.42
HO2 BMA X . -31.75 24.28 -11.92
HO3 BMA X . -33.37 24.33 -14.27
HO4 BMA X . -35.36 24.96 -14.09
HO6 BMA X . -35.36 27.96 -9.59
C1 BMA X . -37.70 34.91 -5.28
C2 BMA X . -37.36 36.06 -4.32
C3 BMA X . -38.61 36.59 -3.63
C4 BMA X . -39.71 37.00 -4.63
C5 BMA X . -40.02 35.83 -5.58
C6 BMA X . -40.98 36.25 -6.70
O2 BMA X . -36.72 37.12 -5.07
O3 BMA X . -38.22 37.75 -2.87
O4 BMA X . -40.90 37.34 -3.88
O5 BMA X . -38.75 35.35 -6.21
O6 BMA X . -41.17 35.14 -7.61
H1 BMA X . -38.11 34.04 -4.75
H2 BMA X . -36.67 35.67 -3.55
H3 BMA X . -39.01 35.85 -2.94
H4 BMA X . -39.35 37.85 -5.23
H5 BMA X . -40.48 35.01 -5.01
H61 BMA X . -41.93 36.56 -6.24
H62 BMA X . -40.54 37.12 -7.21
HO2 BMA X . -36.31 36.76 -5.86
HO3 BMA X . -37.59 38.24 -3.43
HO4 BMA X . -41.43 37.89 -4.47
HO6 BMA X . -40.31 34.82 -7.86
C1 NAG Y . -56.34 17.59 4.67
C2 NAG Y . -57.08 18.92 4.67
C3 NAG Y . -58.51 18.75 4.18
C4 NAG Y . -58.49 18.07 2.82
C5 NAG Y . -57.70 16.78 2.87
C6 NAG Y . -57.58 16.18 1.47
C7 NAG Y . -57.46 20.66 6.37
C8 NAG Y . -56.53 21.82 6.13
N2 NAG Y . -56.99 19.48 6.01
O3 NAG Y . -59.17 20.01 4.03
O4 NAG Y . -59.84 17.79 2.46
O5 NAG Y . -56.39 17.00 3.37
O6 NAG Y . -56.77 17.04 0.67
O7 NAG Y . -58.56 20.81 6.86
H2 NAG Y . -56.61 19.53 4.06
H3 NAG Y . -59.01 18.20 4.81
H4 NAG Y . -58.08 18.68 2.16
H5 NAG Y . -58.16 16.13 3.44
H61 NAG Y . -58.46 16.11 1.07
H62 NAG Y . -57.17 15.30 1.52
H81 NAG Y . -56.96 22.65 6.41
H82 NAG Y . -56.32 21.88 5.17
H83 NAG Y . -55.70 21.69 6.63
HN2 NAG Y . -57.88 19.21 6.01
HO3 NAG Y . -59.65 20.00 3.29
HO6 NAG Y . -56.15 17.43 1.18
C1 NAG Y . -60.07 18.20 1.10
C2 NAG Y . -61.52 17.90 0.73
C3 NAG Y . -61.77 18.32 -0.70
C4 NAG Y . -61.41 19.79 -0.86
C5 NAG Y . -59.97 20.03 -0.43
C6 NAG Y . -59.62 21.50 -0.53
C7 NAG Y . -60.95 15.51 0.72
C8 NAG Y . -60.51 15.27 -0.71
N2 NAG Y . -61.84 16.49 0.91
O3 NAG Y . -63.16 18.13 -1.03
O4 NAG Y . -61.58 20.19 -2.23
O5 NAG Y . -59.78 19.58 0.90
O6 NAG Y . -60.36 22.21 0.47
O7 NAG Y . -60.53 14.84 1.65
H2 NAG Y . -62.10 18.43 1.31
H3 NAG Y . -61.23 17.79 -1.31
H4 NAG Y . -62.01 20.33 -0.30
H5 NAG Y . -59.38 19.52 -1.03
H61 NAG Y . -59.85 21.84 -1.41
H62 NAG Y . -58.66 21.62 -0.36
H81 NAG Y . -60.04 14.42 -0.75
H82 NAG Y . -59.92 15.99 -0.98
H83 NAG Y . -61.30 15.24 -1.29
HN2 NAG Y . -61.64 16.57 1.81
HO3 NAG Y . -63.31 18.37 -1.87
HO4 NAG Y . -61.80 21.04 -2.27
HO6 NAG Y . -60.41 21.73 1.21
C1 NAG Z . 40.52 -13.94 -20.44
C2 NAG Z . 39.93 -12.48 -20.41
C3 NAG Z . 39.03 -12.29 -21.66
C4 NAG Z . 39.88 -12.53 -22.94
C5 NAG Z . 40.47 -13.98 -22.89
C6 NAG Z . 41.38 -14.28 -24.07
C7 NAG Z . 39.56 -11.74 -18.06
C8 NAG Z . 38.58 -11.63 -16.93
N2 NAG Z . 39.11 -12.29 -19.20
O3 NAG Z . 38.50 -10.96 -21.68
O4 NAG Z . 39.05 -12.38 -24.09
O5 NAG Z . 41.28 -14.14 -21.67
O6 NAG Z . 41.67 -15.66 -24.16
O7 NAG Z . 40.72 -11.34 -17.95
H2 NAG Z . 40.65 -11.83 -20.43
H3 NAG Z . 38.30 -12.94 -21.64
H4 NAG Z . 40.61 -11.88 -22.97
H5 NAG Z . 39.73 -14.62 -22.88
H61 NAG Z . 42.21 -13.78 -23.98
H62 NAG Z . 40.94 -13.99 -24.90
H81 NAG Z . 39.02 -11.22 -16.17
H82 NAG Z . 38.28 -12.52 -16.68
H83 NAG Z . 37.82 -11.09 -17.20
HN2 NAG Z . 38.24 -12.57 -19.22
HO3 NAG Z . 38.37 -10.70 -22.51
HO4 NAG Z . 39.54 -12.08 -24.77
HO6 NAG Z . 42.20 -15.82 -24.86
C1 NAG AA . 48.56 32.11 -7.99
C2 NAG AA . 48.43 33.41 -7.08
C3 NAG AA . 47.88 34.57 -7.97
C4 NAG AA . 48.84 34.81 -9.16
C5 NAG AA . 48.94 33.50 -9.98
C6 NAG AA . 49.90 33.63 -11.17
C7 NAG AA . 47.76 33.26 -4.71
C8 NAG AA . 46.66 32.96 -3.74
N2 NAG AA . 47.48 33.15 -6.00
O3 NAG AA . 47.79 35.77 -7.17
O4 NAG AA . 48.33 35.86 -9.97
O5 NAG AA . 49.43 32.40 -9.12
O6 NAG AA . 49.69 32.59 -12.11
O7 NAG AA . 48.87 33.63 -4.31
H2 NAG AA . 49.31 33.66 -6.72
H3 NAG AA . 47.00 34.34 -8.30
H4 NAG AA . 49.72 35.05 -8.82
H5 NAG AA . 48.06 33.26 -10.32
H61 NAG AA . 50.82 33.58 -10.84
H62 NAG AA . 49.76 34.49 -11.60
H81 NAG AA . 46.86 33.39 -2.87
H82 NAG AA . 46.59 31.99 -3.62
H83 NAG AA . 45.81 33.31 -4.08
HN2 NAG AA . 46.64 32.88 -6.24
HO3 NAG AA . 47.48 36.44 -7.68
HO4 NAG AA . 49.00 36.27 -10.39
HO6 NAG AA . 50.26 32.69 -12.80
C1 NAG BA . 67.45 24.96 15.09
C2 NAG BA . 66.53 24.50 13.89
C3 NAG BA . 66.89 23.01 13.55
C4 NAG BA . 68.39 22.92 13.18
C5 NAG BA . 69.24 23.42 14.40
C6 NAG BA . 70.73 23.42 14.10
C7 NAG BA . 64.16 25.12 13.55
C8 NAG BA . 62.76 25.11 14.12
N2 NAG BA . 65.12 24.58 14.29
O3 NAG BA . 66.09 22.56 12.44
O4 NAG BA . 68.72 21.56 12.88
O5 NAG BA . 68.85 24.81 14.72
O6 NAG BA . 71.48 23.48 15.31
O7 NAG BA . 64.37 25.59 12.44
H2 NAG BA . 66.69 25.06 13.11
H3 NAG BA . 66.71 22.46 14.32
H4 NAG BA . 68.58 23.48 12.41
H5 NAG BA . 69.06 22.85 15.17
H61 NAG BA . 70.95 24.19 13.55
H62 NAG BA . 70.97 22.61 13.61
H81 NAG BA . 62.11 25.01 13.39
H82 NAG BA . 62.60 25.95 14.58
H83 NAG BA . 62.66 24.37 14.75
HN2 NAG BA . 64.89 24.24 15.11
HO3 NAG BA . 66.57 22.01 11.94
HO4 NAG BA . 69.43 21.54 12.33
HO6 NAG BA . 72.36 23.48 15.11
C1 NAG CA . 12.51 -26.54 -9.31
C2 NAG CA . 11.29 -27.30 -9.97
C3 NAG CA . 11.25 -28.74 -9.41
C4 NAG CA . 12.60 -29.45 -9.72
C5 NAG CA . 13.76 -28.64 -9.07
C6 NAG CA . 15.13 -29.22 -9.38
C7 NAG CA . 9.48 -25.67 -10.47
C8 NAG CA . 8.21 -25.03 -10.01
N2 NAG CA . 10.04 -26.58 -9.66
O3 NAG CA . 10.17 -29.47 -10.02
O4 NAG CA . 12.57 -30.77 -9.19
O5 NAG CA . 13.75 -27.25 -9.60
O6 NAG CA . 16.08 -28.88 -8.37
O7 NAG CA . 10.00 -25.36 -11.56
H2 NAG CA . 11.43 -27.33 -10.95
H3 NAG CA . 11.12 -28.72 -8.44
H4 NAG CA . 12.73 -29.49 -10.68
H5 NAG CA . 13.63 -28.62 -8.10
H61 NAG CA . 15.44 -28.89 -10.24
H62 NAG CA . 15.06 -30.20 -9.43
H81 NAG CA . 7.90 -24.39 -10.67
H82 NAG CA . 8.36 -24.57 -9.16
H83 NAG CA . 7.53 -25.72 -9.87
HN2 NAG CA . 9.62 -26.77 -8.87
HO3 NAG CA . 10.15 -30.30 -9.70
HO4 NAG CA . 13.09 -31.30 -9.68
HO6 NAG CA . 16.87 -29.24 -8.57
C1 NAG DA . -26.15 -5.42 -26.45
C2 NAG DA . -25.38 -6.77 -26.68
C3 NAG DA . -23.87 -6.47 -26.85
C4 NAG DA . -23.67 -5.50 -28.05
C5 NAG DA . -24.48 -4.21 -27.77
C6 NAG DA . -24.39 -3.20 -28.92
C7 NAG DA . -26.17 -8.85 -25.59
C8 NAG DA . -26.30 -9.61 -24.30
N2 NAG DA . -25.59 -7.65 -25.53
O3 NAG DA . -23.16 -7.70 -27.09
O4 NAG DA . -22.28 -5.21 -28.20
O5 NAG DA . -25.90 -4.53 -27.57
O6 NAG DA . -23.13 -2.54 -28.96
O7 NAG DA . -26.59 -9.32 -26.65
H2 NAG DA . -25.71 -7.21 -27.49
H3 NAG DA . -23.53 -6.05 -26.04
H4 NAG DA . -24.00 -5.93 -28.86
H5 NAG DA . -24.14 -3.79 -26.96
H61 NAG DA . -25.10 -2.54 -28.81
H62 NAG DA . -24.54 -3.67 -29.76
H81 NAG DA . -26.75 -10.46 -24.48
H82 NAG DA . -26.81 -9.09 -23.66
H83 NAG DA . -25.41 -9.78 -23.94
HN2 NAG DA . -25.30 -7.37 -24.71
HO3 NAG DA . -22.29 -7.52 -27.18
HO4 NAG DA . -22.13 -4.38 -27.92
HO6 NAG DA . -22.99 -2.23 -29.77
C1 NAG EA . 8.46 0.60 -29.59
C2 NAG EA . 8.22 1.56 -30.76
C3 NAG EA . 9.55 1.96 -31.38
C4 NAG EA . 10.43 2.56 -30.30
C5 NAG EA . 10.60 1.57 -29.15
C6 NAG EA . 11.44 2.20 -28.04
C7 NAG EA . 6.07 1.06 -31.78
C8 NAG EA . 5.30 -0.13 -32.28
N2 NAG EA . 7.39 0.94 -31.79
O3 NAG EA . 9.32 2.92 -32.40
O4 NAG EA . 11.71 2.88 -30.85
O5 NAG EA . 9.32 1.20 -28.63
O6 NAG EA . 10.74 3.31 -27.48
O7 NAG EA . 5.51 2.07 -31.40
H2 NAG EA . 7.78 2.35 -30.42
H3 NAG EA . 9.98 1.17 -31.76
H4 NAG EA . 10.02 3.38 -29.97
H5 NAG EA . 11.05 0.77 -29.48
H61 NAG EA . 12.29 2.51 -28.42
H62 NAG EA . 11.62 1.53 -27.35
H81 NAG EA . 4.35 0.06 -32.24
H82 NAG EA . 5.51 -0.90 -31.72
H83 NAG EA . 5.56 -0.31 -33.20
HN2 NAG EA . 7.62 0.05 -31.87
HO3 NAG EA . 10.10 3.16 -32.77
HO4 NAG EA . 12.06 3.57 -30.42
HO6 NAG EA . 9.86 3.19 -27.60
C1 NAG FA . 28.33 -37.59 3.99
C2 NAG FA . 27.69 -37.53 2.61
C3 NAG FA . 26.84 -38.79 2.40
C4 NAG FA . 27.72 -40.01 2.59
C5 NAG FA . 28.38 -39.97 3.98
C6 NAG FA . 29.30 -41.17 4.17
C7 NAG FA . 26.14 -35.75 3.37
C8 NAG FA . 25.03 -36.55 3.98
N2 NAG FA . 26.87 -36.35 2.42
O3 NAG FA . 26.31 -38.79 1.07
O4 NAG FA . 26.93 -41.20 2.48
O5 NAG FA . 29.12 -38.77 4.13
O6 NAG FA . 29.72 -41.22 5.54
O7 NAG FA . 26.38 -34.61 3.75
H2 NAG FA . 28.39 -37.53 1.94
H3 NAG FA . 26.11 -38.82 3.04
H4 NAG FA . 28.42 -40.03 1.91
H5 NAG FA . 27.68 -40.01 4.65
H61 NAG FA . 30.08 -41.07 3.60
H62 NAG FA . 28.83 -41.98 3.94
H81 NAG FA . 24.47 -35.97 4.54
H82 NAG FA . 25.40 -37.27 4.53
H83 NAG FA . 24.48 -36.94 3.27
HN2 NAG FA . 27.59 -35.77 2.47
HO3 NAG FA . 25.83 -39.53 0.95
HO4 NAG FA . 27.43 -41.86 2.16
HO6 NAG FA . 30.25 -41.91 5.66
C1 NAG GA . 19.89 10.95 -20.90
C2 NAG GA . 19.38 12.37 -21.10
C3 NAG GA . 18.59 12.46 -22.41
C4 NAG GA . 19.46 11.97 -23.55
C5 NAG GA . 19.96 10.56 -23.26
C6 NAG GA . 20.91 10.07 -24.35
C7 NAG GA . 17.63 12.04 -19.42
C8 NAG GA . 17.74 11.93 -17.93
N2 NAG GA . 18.55 12.81 -20.00
O3 NAG GA . 18.20 13.82 -22.64
O4 NAG GA . 18.69 11.97 -24.76
O5 NAG GA . 20.66 10.53 -22.03
O6 NAG GA . 21.28 8.72 -24.06
O7 NAG GA . 16.75 11.48 -20.04
H2 NAG GA . 20.15 12.97 -21.19
H3 NAG GA . 17.80 11.90 -22.34
H4 NAG GA . 20.22 12.57 -23.66
H5 NAG GA . 19.20 9.96 -23.21
H61 NAG GA . 21.70 10.64 -24.37
H62 NAG GA . 20.45 10.11 -25.21
H81 NAG GA . 17.19 11.19 -17.61
H82 NAG GA . 17.42 12.76 -17.52
H83 NAG GA . 18.67 11.77 -17.67
HN2 NAG GA . 19.21 12.84 -19.35
HO3 NAG GA . 17.75 13.87 -23.40
HO4 NAG GA . 19.23 12.12 -25.45
HO6 NAG GA . 21.24 8.58 -23.19
C1 NAG HA . 14.53 52.66 26.88
C2 NAG HA . 13.95 51.67 27.97
C3 NAG HA . 12.48 52.09 28.27
C4 NAG HA . 12.48 53.55 28.78
C5 NAG HA . 13.10 54.47 27.69
C6 NAG HA . 13.20 55.93 28.13
C7 NAG HA . 14.91 49.40 27.68
C8 NAG HA . 14.76 48.04 27.05
N2 NAG HA . 13.96 50.29 27.44
O3 NAG HA . 11.94 51.21 29.28
O4 NAG HA . 11.13 53.95 29.05
O5 NAG HA . 14.47 54.03 27.38
O6 NAG HA . 13.50 56.79 27.04
O7 NAG HA . 15.91 49.68 28.36
H2 NAG HA . 14.49 51.71 28.77
H3 NAG HA . 11.95 52.02 27.47
H4 NAG HA . 13.01 53.62 29.60
H5 NAG HA . 12.56 54.42 26.89
H61 NAG HA . 13.90 56.02 28.81
H62 NAG HA . 12.35 56.20 28.53
H81 NAG HA . 15.52 47.48 27.30
H82 NAG HA . 14.72 48.13 26.08
H83 NAG HA . 13.94 47.63 27.37
HN2 NAG HA . 13.26 50.03 26.92
HO3 NAG HA . 11.40 51.68 29.81
HO4 NAG HA . 11.13 54.55 29.71
HO6 NAG HA . 13.54 57.62 27.32
C1 NAG IA . 24.65 25.48 65.62
C2 NAG IA . 24.96 24.15 66.39
C3 NAG IA . 23.92 23.99 67.55
C4 NAG IA . 24.01 25.22 68.48
C5 NAG IA . 23.73 26.51 67.65
C6 NAG IA . 23.83 27.77 68.49
C7 NAG IA . 25.76 22.12 65.21
C8 NAG IA . 25.44 21.01 64.25
N2 NAG IA . 24.81 23.01 65.48
O3 NAG IA . 24.20 22.80 68.29
O4 NAG IA . 23.06 25.09 69.53
O5 NAG IA . 24.70 26.61 66.54
O6 NAG IA . 23.19 28.87 67.84
O7 NAG IA . 26.87 22.18 65.76
H2 NAG IA . 25.86 24.17 66.76
H3 NAG IA . 23.02 23.94 67.16
H4 NAG IA . 24.91 25.28 68.86
H5 NAG IA . 22.82 26.45 67.28
H61 NAG IA . 24.77 27.99 68.63
H62 NAG IA . 23.41 27.63 69.36
H81 NAG IA . 26.06 20.28 64.38
H82 NAG IA . 25.52 21.35 63.34
H83 NAG IA . 24.53 20.71 64.41
HN2 NAG IA . 24.01 22.90 65.05
HO3 NAG IA . 23.61 22.71 68.94
HO4 NAG IA . 23.33 25.54 70.25
HO6 NAG IA . 23.27 29.60 68.35
C1 NAG JA . 53.77 20.56 57.37
C2 NAG JA . 52.38 21.24 57.09
C3 NAG JA . 52.59 22.36 56.03
C4 NAG JA . 53.63 23.38 56.55
C5 NAG JA . 54.97 22.64 56.85
C6 NAG JA . 56.03 23.57 57.44
C7 NAG JA . 50.19 20.08 56.97
C8 NAG JA . 49.37 19.01 56.33
N2 NAG JA . 51.44 20.23 56.57
O3 NAG JA . 51.35 23.02 55.76
O4 NAG JA . 53.83 24.40 55.58
O5 NAG JA . 54.72 21.56 57.83
O6 NAG JA . 57.33 23.00 57.31
O7 NAG JA . 49.71 20.80 57.86
H2 NAG JA . 52.03 21.63 57.91
H3 NAG JA . 52.94 21.96 55.20
H4 NAG JA . 53.30 23.79 57.38
H5 NAG JA . 55.30 22.25 56.01
H61 NAG JA . 55.83 23.72 58.38
H62 NAG JA . 56.00 24.42 56.96
H81 NAG JA . 48.43 19.29 56.28
H82 NAG JA . 49.43 18.19 56.86
H83 NAG JA . 49.70 18.84 55.42
HN2 NAG JA . 51.74 19.68 55.91
HO3 NAG JA . 51.49 23.88 55.60
HO4 NAG JA . 54.10 25.15 55.98
HO6 NAG JA . 57.93 23.55 57.66
C1 NAG KA . -1.15 37.07 2.83
C2 NAG KA . -2.47 37.35 2.00
C3 NAG KA . -2.07 37.59 0.52
C4 NAG KA . -1.09 38.80 0.45
C5 NAG KA . 0.16 38.47 1.31
C6 NAG KA . 1.16 39.63 1.35
C7 NAG KA . -4.37 36.10 3.02
C8 NAG KA . -5.20 34.86 3.00
N2 NAG KA . -3.38 36.20 2.12
O3 NAG KA . -3.25 37.88 -0.25
O4 NAG KA . -0.71 39.01 -0.91
O5 NAG KA . -0.24 38.20 2.71
O6 NAG KA . 2.48 39.17 1.60
O7 NAG KA . -4.58 37.00 3.84
H2 NAG KA . -2.91 38.15 2.35
H3 NAG KA . -1.65 36.79 0.17
H4 NAG KA . -1.53 39.59 0.79
H5 NAG KA . 0.60 37.68 0.94
H61 NAG KA . 0.90 40.26 2.05
H62 NAG KA . 1.14 40.09 0.48
H81 NAG KA . -5.88 34.90 3.70
H82 NAG KA . -4.62 34.08 3.17
H83 NAG KA . -5.63 34.76 2.13
HN2 NAG KA . -3.26 35.50 1.54
HO3 NAG KA . -3.03 38.02 -1.10
HO4 NAG KA . -0.52 39.86 -1.04
HO6 NAG KA . 3.04 39.85 1.62
C1 NAG LA . -44.20 21.68 14.85
C2 NAG LA . -43.60 22.85 13.99
C3 NAG LA . -42.48 23.54 14.80
C4 NAG LA . -43.07 24.07 16.14
C5 NAG LA . -43.68 22.87 16.92
C6 NAG LA . -44.34 23.29 18.23
C7 NAG LA . -43.47 22.64 11.53
C8 NAG LA . -42.78 21.98 10.36
N2 NAG LA . -43.04 22.30 12.74
O3 NAG LA . -41.93 24.63 14.04
O4 NAG LA . -42.04 24.70 16.90
O5 NAG LA . -44.70 22.21 16.11
O6 NAG LA . -43.37 23.62 19.23
O7 NAG LA . -44.38 23.45 11.35
H2 NAG LA . -44.30 23.50 13.79
H3 NAG LA . -41.77 22.89 15.00
H4 NAG LA . -43.78 24.72 15.95
H5 NAG LA . -42.97 22.23 17.12
H61 NAG LA . -44.90 22.57 18.55
H62 NAG LA . -44.89 24.08 18.06
H81 NAG LA . -43.18 22.29 9.53
H82 NAG LA . -42.88 21.00 10.44
H83 NAG LA . -41.83 22.21 10.38
HN2 NAG LA . -42.36 21.70 12.81
HO3 NAG LA . -41.29 25.03 14.52
HO4 NAG LA . -41.82 24.18 17.59
HO6 NAG LA . -43.75 24.14 19.84
C1 NAG MA . -18.07 37.51 32.46
C2 NAG MA . -19.00 37.82 33.63
C3 NAG MA . -18.30 38.71 34.63
C4 NAG MA . -17.00 38.05 35.08
C5 NAG MA . -16.14 37.73 33.86
C6 NAG MA . -14.87 37.01 34.29
C7 NAG MA . -21.30 37.80 32.86
C8 NAG MA . -22.12 38.37 31.74
N2 NAG MA . -20.21 38.48 33.17
O3 NAG MA . -19.14 38.92 35.77
O4 NAG MA . -16.28 38.92 35.96
O5 NAG MA . -16.86 36.90 32.94
O6 NAG MA . -15.21 35.74 34.84
O7 NAG MA . -21.62 36.77 33.44
H2 NAG MA . -19.24 36.99 34.08
H3 NAG MA . -18.09 39.57 34.22
H4 NAG MA . -17.22 37.22 35.54
H5 NAG MA . -15.89 38.56 33.42
H61 NAG MA . -14.42 37.54 34.97
H62 NAG MA . -14.28 36.89 33.52
H81 NAG MA . -22.90 37.80 31.58
H82 NAG MA . -21.58 38.42 30.93
H83 NAG MA . -22.42 39.26 31.98
HN2 NAG MA . -20.00 39.07 32.51
HO3 NAG MA . -18.72 39.44 36.36
HO4 NAG MA . -15.82 38.43 36.53
HO6 NAG MA . -15.96 35.44 34.46
C1 NAG NA . 20.21 39.83 -6.40
C2 NAG NA . 18.89 40.52 -6.08
C3 NAG NA . 18.18 40.88 -7.38
C4 NAG NA . 19.11 41.72 -8.24
C5 NAG NA . 20.42 40.98 -8.47
C6 NAG NA . 21.38 41.83 -9.29
C7 NAG NA . 17.93 38.39 -5.28
C8 NAG NA . 17.42 37.78 -6.56
N2 NAG NA . 18.02 39.72 -5.24
O3 NAG NA . 16.99 41.62 -7.09
O4 NAG NA . 18.48 41.99 -9.50
O5 NAG NA . 21.03 40.65 -7.23
O6 NAG NA . 22.51 41.03 -9.69
O7 NAG NA . 18.23 37.69 -4.33
H2 NAG NA . 19.09 41.35 -5.61
H3 NAG NA . 17.95 40.07 -7.86
H4 NAG NA . 19.29 42.57 -7.78
H5 NAG NA . 20.23 40.15 -8.96
H61 NAG NA . 21.69 42.58 -8.76
H62 NAG NA . 20.93 42.17 -10.09
H81 NAG NA . 17.23 36.84 -6.42
H82 NAG NA . 18.10 37.89 -7.26
H83 NAG NA . 16.60 38.24 -6.84
HN2 NAG NA . 18.60 39.75 -4.51
HO3 NAG NA . 16.57 41.82 -7.85
HO4 NAG NA . 18.76 42.77 -9.81
HO6 NAG NA . 23.06 41.53 -10.16
C1 NAG OA . -4.56 31.55 42.22
C2 NAG OA . -5.20 30.79 43.39
C3 NAG OA . -6.59 31.35 43.66
C4 NAG OA . -6.50 32.84 43.91
C5 NAG OA . -5.81 33.53 42.74
C6 NAG OA . -5.61 35.02 42.99
C7 NAG OA . -5.65 28.86 41.94
C8 NAG OA . -4.71 27.86 41.35
N2 NAG OA . -5.28 29.37 43.11
O3 NAG OA . -7.15 30.70 44.81
O4 NAG OA . -7.81 33.38 44.10
O5 NAG OA . -4.53 32.95 42.50
O6 NAG OA . -5.03 35.62 41.83
O7 NAG OA . -6.69 29.19 41.38
H2 NAG OA . -4.66 30.94 44.18
H3 NAG OA . -7.16 31.19 42.89
H4 NAG OA . -5.97 33.00 44.72
H5 NAG OA . -6.36 33.42 41.94
H61 NAG OA . -5.02 35.14 43.76
H62 NAG OA . -6.49 35.43 43.18
H81 NAG OA . -4.93 27.72 40.41
H82 NAG OA . -4.81 27.01 41.83
H83 NAG OA . -3.79 28.17 41.43
HN2 NAG OA . -4.38 29.18 43.12
HO3 NAG OA . -7.96 31.02 44.97
HO4 NAG OA . -7.78 34.08 44.63
HO6 NAG OA . -4.52 35.02 41.42
C1 NAG PA . -50.91 11.89 25.08
C2 NAG PA . -52.12 11.01 25.36
C3 NAG PA . -53.34 11.89 25.61
C4 NAG PA . -53.04 12.85 26.75
C5 NAG PA . -51.79 13.66 26.42
C6 NAG PA . -51.41 14.59 27.58
C7 NAG PA . -52.19 10.38 22.98
C8 NAG PA . -53.21 11.31 22.37
N2 NAG PA . -52.37 10.08 24.27
O3 NAG PA . -54.46 11.07 25.95
O4 NAG PA . -54.17 13.70 26.94
O5 NAG PA . -50.70 12.79 26.17
O6 NAG PA . -52.40 15.59 27.78
O7 NAG PA . -51.26 9.93 22.35
H2 NAG PA . -51.95 10.50 26.17
H3 NAG PA . -53.54 12.41 24.80
H4 NAG PA . -52.89 12.33 27.57
H5 NAG PA . -51.96 14.21 25.63
H61 NAG PA . -50.55 15.02 27.38
H62 NAG PA . -51.32 14.07 28.40
H81 NAG PA . -53.16 11.24 21.39
H82 NAG PA . -53.02 12.23 22.64
H83 NAG PA . -54.10 11.05 22.67
HN2 NAG PA . -51.49 9.82 24.35
HO3 NAG PA . -55.00 11.51 26.49
HO4 NAG PA . -54.04 14.46 26.48
HO6 NAG PA . -52.16 16.13 28.45
C1 NAG QA . -9.39 -39.71 34.22
C2 NAG QA . -8.29 -39.87 35.35
C3 NAG QA . -7.42 -41.12 35.02
C4 NAG QA . -8.34 -42.37 34.96
C5 NAG QA . -9.41 -42.14 33.85
C6 NAG QA . -10.40 -43.30 33.76
C7 NAG QA . -7.52 -37.70 36.30
C8 NAG QA . -6.60 -36.53 36.17
N2 NAG QA . -7.45 -38.66 35.38
O3 NAG QA . -6.44 -41.29 36.05
O4 NAG QA . -7.54 -43.51 34.65
O5 NAG QA . -10.20 -40.93 34.16
O6 NAG QA . -11.17 -43.24 32.57
O7 NAG QA . -8.36 -37.75 37.22
H2 NAG QA . -8.73 -39.99 36.21
H3 NAG QA . -6.98 -40.99 34.16
H4 NAG QA . -8.78 -42.49 35.82
H5 NAG QA . -8.97 -42.03 32.98
H61 NAG QA . -11.00 -43.27 34.54
H62 NAG QA . -9.91 -44.14 33.78
H81 NAG QA . -7.07 -35.71 36.40
H82 NAG QA . -6.27 -36.47 35.25
H83 NAG QA . -5.84 -36.65 36.78
HN2 NAG QA . -6.83 -38.57 34.71
HO3 NAG QA . -6.30 -42.16 36.18
HO4 NAG QA . -7.92 -44.24 35.01
HO6 NAG QA . -11.73 -43.92 32.55
C1 NAG RA . -37.57 -30.36 18.44
C2 NAG RA . -37.65 -29.98 19.97
C3 NAG RA . -36.33 -30.39 20.65
C4 NAG RA . -36.09 -31.91 20.46
C5 NAG RA . -36.06 -32.22 18.94
C6 NAG RA . -35.88 -33.70 18.64
C7 NAG RA . -38.92 -27.98 20.68
C8 NAG RA . -38.97 -26.49 20.73
N2 NAG RA . -37.86 -28.54 20.11
O3 NAG RA . -36.40 -30.08 22.05
O4 NAG RA . -34.86 -32.29 21.09
O5 NAG RA . -37.31 -31.79 18.31
O6 NAG RA . -34.55 -34.15 18.88
O7 NAG RA . -39.84 -28.67 21.16
H2 NAG RA . -38.40 -30.47 20.39
H3 NAG RA . -35.59 -29.89 20.25
H4 NAG RA . -36.83 -32.41 20.87
H5 NAG RA . -35.31 -31.73 18.53
H61 NAG RA . -36.11 -33.87 17.70
H62 NAG RA . -36.50 -34.21 19.21
H81 NAG RA . -39.78 -26.21 21.19
H82 NAG RA . -38.97 -26.13 19.82
H83 NAG RA . -38.18 -26.15 21.21
HN2 NAG RA . -37.22 -27.98 19.77
HO3 NAG RA . -35.87 -30.63 22.50
HO4 NAG RA . -34.20 -32.22 20.50
HO6 NAG RA . -34.49 -35.02 18.70
C1 NAG SA . 15.02 -26.17 60.52
C2 NAG SA . 15.23 -26.78 59.08
C3 NAG SA . 14.18 -27.90 58.87
C4 NAG SA . 14.35 -28.97 59.98
C5 NAG SA . 14.17 -28.31 61.36
C6 NAG SA . 14.39 -29.28 62.53
C7 NAG SA . 16.04 -25.04 57.50
C8 NAG SA . 15.66 -24.02 56.47
N2 NAG SA . 15.05 -25.74 58.06
O3 NAG SA . 14.37 -28.50 57.58
O4 NAG SA . 13.37 -30.00 59.80
O5 NAG SA . 15.15 -27.22 61.52
O6 NAG SA . 13.94 -28.71 63.75
O7 NAG SA . 17.22 -25.22 57.82
H2 NAG SA . 16.14 -27.16 59.01
H3 NAG SA . 13.29 -27.52 58.92
H4 NAG SA . 15.24 -29.37 59.92
H5 NAG SA . 13.27 -27.93 61.43
H61 NAG SA . 15.34 -29.48 62.59
H62 NAG SA . 13.89 -30.09 62.35
H81 NAG SA . 16.47 -23.57 56.14
H82 NAG SA . 15.07 -23.35 56.87
H83 NAG SA . 15.20 -24.45 55.73
HN2 NAG SA . 14.20 -25.56 57.78
HO3 NAG SA . 14.11 -29.35 57.60
HO4 NAG SA . 13.66 -30.76 60.14
HO6 NAG SA . 14.09 -29.30 64.41
C1 NAG TA . 2.52 8.77 62.53
C2 NAG TA . 1.41 7.65 62.50
C3 NAG TA . 0.12 8.23 63.14
C4 NAG TA . 0.42 8.67 64.59
C5 NAG TA . 1.55 9.74 64.57
C6 NAG TA . 1.96 10.17 65.97
C7 NAG TA . 1.28 5.97 60.69
C8 NAG TA . 1.03 5.70 59.24
N2 NAG TA . 1.19 7.22 61.12
O3 NAG TA . -0.91 7.22 63.14
O4 NAG TA . -0.76 9.23 65.17
O5 NAG TA . 2.75 9.19 63.90
O6 NAG TA . 2.69 11.39 65.95
O7 NAG TA . 1.57 5.04 61.47
H2 NAG TA . 1.72 6.89 63.04
H3 NAG TA . -0.18 8.99 62.61
H4 NAG TA . 0.71 7.90 65.12
H5 NAG TA . 1.24 10.52 64.07
H61 NAG TA . 2.51 9.47 66.37
H62 NAG TA . 1.16 10.29 66.51
H81 NAG TA . 1.07 4.75 59.08
H82 NAG TA . 1.71 6.16 58.71
H83 NAG TA . 0.15 6.04 59.00
HN2 NAG TA . 0.98 7.87 60.50
HO3 NAG TA . -1.65 7.54 63.49
HO4 NAG TA . -0.76 9.08 66.05
HO6 NAG TA . 2.92 11.62 66.78
C1 NAG UA . 47.38 -37.50 26.39
C2 NAG UA . 48.18 -37.30 25.04
C3 NAG UA . 48.00 -38.58 24.16
C4 NAG UA . 48.51 -39.81 24.95
C5 NAG UA . 47.71 -39.94 26.28
C6 NAG UA . 48.17 -41.11 27.13
C7 NAG UA . 48.33 -35.09 23.93
C8 NAG UA . 47.60 -34.01 23.19
N2 NAG UA . 47.63 -36.16 24.31
O3 NAG UA . 48.74 -38.44 22.95
O4 NAG UA . 48.33 -40.99 24.15
O5 NAG UA . 47.87 -38.69 27.07
O6 NAG UA . 47.21 -41.44 28.12
O7 NAG UA . 49.54 -35.00 24.15
H2 NAG UA . 49.14 -37.16 25.22
H3 NAG UA . 47.05 -38.70 23.95
H4 NAG UA . 49.46 -39.70 25.15
H5 NAG UA . 46.76 -40.06 26.06
H61 NAG UA . 49.01 -40.87 27.57
H62 NAG UA . 48.32 -41.88 26.55
H81 NAG UA . 48.25 -33.47 22.69
H82 NAG UA . 47.13 -33.44 23.83
H83 NAG UA . 46.96 -34.41 22.56
HN2 NAG UA . 46.74 -36.17 24.11
HO3 NAG UA . 49.08 -39.24 22.71
HO4 NAG UA . 48.96 -41.58 24.35
HO6 NAG UA . 47.49 -42.13 28.60
C1 NAG VA . 66.97 -15.28 34.37
C2 NAG VA . 65.61 -16.05 34.61
C3 NAG VA . 65.10 -15.68 36.04
C4 NAG VA . 66.17 -16.07 37.09
C5 NAG VA . 67.48 -15.31 36.78
C6 NAG VA . 68.62 -15.68 37.73
C7 NAG VA . 63.83 -16.46 32.92
C8 NAG VA . 62.89 -15.85 31.94
N2 NAG VA . 64.62 -15.63 33.61
O3 NAG VA . 63.88 -16.39 36.31
O4 NAG VA . 65.70 -15.72 38.40
O5 NAG VA . 67.93 -15.65 35.41
O6 NAG VA . 69.65 -14.71 37.69
O7 NAG VA . 63.89 -17.69 33.09
H2 NAG VA . 65.76 -17.02 34.57
H3 NAG VA . 64.93 -14.72 36.08
H4 NAG VA . 66.33 -17.04 37.06
H5 NAG VA . 67.32 -14.36 36.83
H61 NAG VA . 68.98 -16.55 37.47
H62 NAG VA . 68.27 -15.73 38.63
H81 NAG VA . 62.07 -16.40 31.90
H82 NAG VA . 63.30 -15.83 31.05
H83 NAG VA . 62.66 -14.95 32.22
HN2 NAG VA . 64.54 -14.73 33.45
HO3 NAG VA . 63.58 -16.17 37.13
HO4 NAG VA . 66.03 -16.29 39.00
HO6 NAG VA . 70.30 -14.94 38.25
C1 NAG WA . -9.99 -8.15 50.08
C2 NAG WA . -11.56 -8.29 50.20
C3 NAG WA . -12.08 -7.11 51.05
C4 NAG WA . -11.42 -7.15 52.45
C5 NAG WA . -9.87 -7.06 52.27
C6 NAG WA . -9.12 -7.15 53.60
C7 NAG WA . -12.44 -9.35 48.12
C8 NAG WA . -13.02 -9.14 46.76
N2 NAG WA . -12.15 -8.26 48.84
O3 NAG WA . -13.52 -7.22 51.19
O4 NAG WA . -11.89 -6.06 53.23
O5 NAG WA . -9.40 -8.15 51.41
O6 NAG WA . -7.86 -6.51 53.53
O7 NAG WA . -12.22 -10.48 48.56
H2 NAG WA . -11.78 -9.13 50.63
H3 NAG WA . -11.88 -6.26 50.61
H4 NAG WA . -11.65 -7.99 52.89
H5 NAG WA . -9.66 -6.20 51.85
H61 NAG WA . -8.99 -8.09 53.82
H62 NAG WA . -9.66 -6.73 54.30
H81 NAG WA . -13.19 -10.00 46.34
H82 NAG WA . -12.41 -8.63 46.21
H83 NAG WA . -13.87 -8.65 46.84
HN2 NAG WA . -12.32 -7.45 48.47
HO3 NAG WA . -13.82 -6.54 51.68
HO4 NAG WA . -11.89 -6.29 54.09
HO6 NAG WA . -7.44 -6.57 54.31
C1 NAG XA . 10.57 -36.27 29.30
C2 NAG XA . 9.86 -36.16 27.89
C3 NAG XA . 9.16 -37.52 27.59
C4 NAG XA . 10.22 -38.64 27.59
C5 NAG XA . 10.92 -38.68 28.98
C6 NAG XA . 12.02 -39.73 29.04
C7 NAG XA . 9.08 -33.84 27.49
C8 NAG XA . 7.97 -32.84 27.62
N2 NAG XA . 8.87 -35.08 27.94
O3 NAG XA . 8.52 -37.45 26.31
O4 NAG XA . 9.58 -39.90 27.33
O5 NAG XA . 11.54 -37.37 29.25
O6 NAG XA . 12.42 -39.97 30.39
O7 NAG XA . 10.17 -33.52 26.99
H2 NAG XA . 10.52 -35.98 27.19
H3 NAG XA . 8.49 -37.70 28.28
H4 NAG XA . 10.89 -38.47 26.89
H5 NAG XA . 10.26 -38.87 29.67
H61 NAG XA . 12.79 -39.42 28.52
H62 NAG XA . 11.69 -40.57 28.65
H81 NAG XA . 8.25 -32.00 27.22
H82 NAG XA . 7.77 -32.70 28.56
H83 NAG XA . 7.19 -33.17 27.15
HN2 NAG XA . 8.05 -35.26 28.30
HO3 NAG XA . 8.12 -38.22 26.14
HO4 NAG XA . 10.15 -40.45 26.91
HO6 NAG XA . 13.07 -40.60 30.39
#